data_5NTD
#
_entry.id   5NTD
#
_cell.length_a   87.260
_cell.length_b   143.450
_cell.length_c   268.030
_cell.angle_alpha   90.00
_cell.angle_beta   95.54
_cell.angle_gamma   90.00
#
_symmetry.space_group_name_H-M   'P 1 21 1'
#
loop_
_entity.id
_entity.type
_entity.pdbx_description
1 polymer 'leucyl aminopeptidase'
2 non-polymer '4-(2-HYDROXYETHYL)-1-PIPERAZINE ETHANESULFONIC ACID'
3 non-polymer 'SULFATE ION'
4 non-polymer 'MANGANESE (II) ION'
5 non-polymer '2-(3-AMINO-2-HYDROXY-4-PHENYL-BUTYRYLAMINO)-4-METHYL-PENTANOIC ACID'
6 non-polymer 'BICARBONATE ION'
7 water water
#
_entity_poly.entity_id   1
_entity_poly.type   'polypeptide(L)'
_entity_poly.pdbx_seq_one_letter_code
;MPTLPKAEAKELSAFVQSCVEYKTNVCFTDVAAYESNQKGVLSSGLAVLVGTHKQLRDPAVQRLPFYNPAVAEAIERVKE
GGTYGVLVEGLANAAGSKFVRVVVGEVPTKASRNNCPARPDVVTALVTAALDEVKEPNTTVDVFVLSNAVLPIAAAVARC
GKHNFSAKDGAAAAAYNSGKVSRLQVVFPEPPAIPPKDLEAVATSTQLCQRLVDAPPNLLTTATFTEIAQGYAKALGFDV
DVICGDDLCERGYGGIYSVGKAAFEAPRLVTLLYTPKGTPVKKVSLVGKGIVYDCGGLALKPADYMKLMKHDMGGAAAVF
CGFLTAVRLQQPVQLSCTLCLAENAIGPKSYRNDDIIVMKSGKTVEVINTDAEGRIVLGDGVFHATNELSFTPDVVIDMA
TLTGAQGIATGRHHAGLYVNEEGAEAAMLRAGRESGETCFPVLYCPEYHEPEFKSNHADMTNLMERRDNAGVSCAGYFIT
THLSPKFTGAHIHVDLAYPVFNSNGATGFGPALLTEYFRKL
;
_entity_poly.pdbx_strand_id   A,B,D,C,E,F,G,H,I,J,K,L
#
loop_
_chem_comp.id
_chem_comp.type
_chem_comp.name
_chem_comp.formula
BCT non-polymer 'BICARBONATE ION' 'C H O3 -1'
BES non-polymer '2-(3-AMINO-2-HYDROXY-4-PHENYL-BUTYRYLAMINO)-4-METHYL-PENTANOIC ACID' 'C16 H24 N2 O4'
EPE non-polymer '4-(2-HYDROXYETHYL)-1-PIPERAZINE ETHANESULFONIC ACID' 'C8 H18 N2 O4 S'
MN non-polymer 'MANGANESE (II) ION' 'Mn 2'
SO4 non-polymer 'SULFATE ION' 'O4 S -2'
#
# COMPACT_ATOMS: atom_id res chain seq x y z
N THR A 3 -36.01 -24.75 -36.67
CA THR A 3 -34.67 -24.15 -36.82
C THR A 3 -34.29 -23.20 -35.68
N LEU A 4 -33.02 -23.27 -35.31
CA LEU A 4 -32.34 -22.19 -34.56
C LEU A 4 -31.79 -21.17 -35.52
N PRO A 5 -31.65 -19.92 -35.06
CA PRO A 5 -30.93 -18.94 -35.88
C PRO A 5 -29.50 -19.42 -36.12
N LYS A 6 -28.99 -19.11 -37.29
CA LYS A 6 -27.64 -19.53 -37.72
C LYS A 6 -26.59 -19.15 -36.66
N ALA A 7 -26.65 -17.92 -36.18
CA ALA A 7 -25.64 -17.42 -35.23
C ALA A 7 -25.64 -18.21 -33.95
N GLU A 8 -26.82 -18.65 -33.54
CA GLU A 8 -26.98 -19.45 -32.30
C GLU A 8 -26.45 -20.85 -32.50
N ALA A 9 -26.80 -21.44 -33.63
CA ALA A 9 -26.24 -22.77 -34.00
C ALA A 9 -24.69 -22.76 -34.07
N LYS A 10 -24.11 -21.74 -34.67
CA LYS A 10 -22.61 -21.61 -34.75
C LYS A 10 -22.02 -21.53 -33.34
N GLU A 11 -22.65 -20.74 -32.49
CA GLU A 11 -22.24 -20.61 -31.06
C GLU A 11 -22.29 -21.95 -30.30
N LEU A 12 -23.35 -22.70 -30.53
CA LEU A 12 -23.52 -24.01 -29.89
C LEU A 12 -22.47 -25.00 -30.33
N SER A 13 -22.20 -25.04 -31.62
CA SER A 13 -21.11 -25.90 -32.15
C SER A 13 -19.77 -25.58 -31.54
N ALA A 14 -19.49 -24.31 -31.47
CA ALA A 14 -18.21 -23.89 -30.90
C ALA A 14 -18.14 -24.32 -29.43
N PHE A 15 -19.25 -24.18 -28.73
CA PHE A 15 -19.30 -24.51 -27.31
C PHE A 15 -19.10 -26.03 -27.12
N VAL A 16 -19.74 -26.79 -27.98
CA VAL A 16 -19.56 -28.24 -27.97
C VAL A 16 -18.07 -28.57 -28.09
N GLN A 17 -17.46 -27.97 -29.09
CA GLN A 17 -16.03 -28.20 -29.37
C GLN A 17 -15.16 -27.83 -28.17
N SER A 18 -15.48 -26.73 -27.52
CA SER A 18 -14.75 -26.29 -26.32
C SER A 18 -14.79 -27.33 -25.22
N CYS A 19 -15.89 -28.03 -25.12
CA CYS A 19 -16.04 -29.08 -24.09
C CYS A 19 -15.34 -30.37 -24.49
N VAL A 20 -15.52 -30.76 -25.74
CA VAL A 20 -14.91 -32.00 -26.27
C VAL A 20 -13.36 -31.94 -26.21
N GLU A 21 -12.83 -30.76 -26.46
CA GLU A 21 -11.38 -30.55 -26.51
CA GLU A 21 -11.38 -30.54 -26.52
C GLU A 21 -10.81 -29.97 -25.23
N TYR A 22 -11.64 -29.88 -24.19
CA TYR A 22 -11.21 -29.28 -22.91
C TYR A 22 -9.92 -29.97 -22.37
N LYS A 23 -8.95 -29.15 -22.06
CA LYS A 23 -7.69 -29.57 -21.44
C LYS A 23 -7.47 -28.78 -20.16
N THR A 24 -6.97 -29.44 -19.13
CA THR A 24 -6.81 -28.80 -17.81
C THR A 24 -5.67 -27.79 -17.80
N ASN A 25 -5.74 -26.89 -16.87
CA ASN A 25 -4.68 -25.91 -16.62
C ASN A 25 -3.70 -26.34 -15.51
N VAL A 26 -3.95 -27.50 -14.92
CA VAL A 26 -3.17 -27.98 -13.77
C VAL A 26 -2.18 -29.08 -14.17
N CYS A 27 -0.96 -28.97 -13.67
CA CYS A 27 0.03 -30.06 -13.77
C CYS A 27 0.58 -30.36 -12.39
N PHE A 28 1.26 -31.48 -12.29
CA PHE A 28 1.72 -32.00 -10.98
C PHE A 28 3.16 -32.46 -11.03
N THR A 29 3.86 -32.14 -9.96
CA THR A 29 5.22 -32.61 -9.79
C THR A 29 5.55 -32.73 -8.29
N ASP A 30 6.81 -32.88 -7.98
CA ASP A 30 7.28 -32.93 -6.60
C ASP A 30 8.54 -32.09 -6.41
N VAL A 31 8.88 -31.81 -5.15
CA VAL A 31 9.92 -30.84 -4.82
C VAL A 31 11.32 -31.17 -5.46
N ALA A 32 11.73 -32.42 -5.32
CA ALA A 32 13.00 -32.89 -5.92
C ALA A 32 12.98 -32.82 -7.44
N ALA A 33 11.91 -33.29 -8.04
CA ALA A 33 11.80 -33.20 -9.53
C ALA A 33 11.80 -31.72 -10.02
N TYR A 34 11.16 -30.86 -9.24
CA TYR A 34 11.08 -29.43 -9.50
C TYR A 34 12.48 -28.81 -9.46
N GLU A 35 13.21 -29.12 -8.40
CA GLU A 35 14.60 -28.65 -8.22
C GLU A 35 15.44 -29.06 -9.42
N SER A 36 15.22 -30.28 -9.84
CA SER A 36 15.94 -30.87 -10.97
C SER A 36 15.58 -30.23 -12.31
N ASN A 37 14.31 -29.96 -12.52
CA ASN A 37 13.85 -29.37 -13.81
C ASN A 37 13.91 -27.83 -13.91
N GLN A 38 13.81 -27.15 -12.78
CA GLN A 38 13.73 -25.66 -12.74
C GLN A 38 14.84 -25.00 -11.96
N LYS A 39 15.59 -25.80 -11.24
CA LYS A 39 16.93 -25.37 -10.69
C LYS A 39 16.80 -24.11 -9.84
N GLY A 40 15.73 -24.05 -9.09
CA GLY A 40 15.45 -22.90 -8.19
C GLY A 40 14.78 -21.70 -8.81
N VAL A 41 14.45 -21.80 -10.07
CA VAL A 41 13.83 -20.67 -10.79
C VAL A 41 12.32 -20.87 -10.71
N LEU A 42 11.65 -19.95 -10.05
CA LEU A 42 10.19 -19.97 -10.01
C LEU A 42 9.57 -19.81 -11.40
N SER A 43 8.41 -20.41 -11.59
CA SER A 43 7.70 -20.36 -12.86
C SER A 43 7.17 -18.95 -13.22
N SER A 44 6.93 -18.16 -12.20
CA SER A 44 6.40 -16.79 -12.36
C SER A 44 6.59 -15.96 -11.11
N GLY A 45 6.03 -14.75 -11.14
CA GLY A 45 6.15 -13.80 -10.01
C GLY A 45 5.20 -14.07 -8.85
N LEU A 46 4.48 -15.16 -8.92
CA LEU A 46 3.64 -15.59 -7.78
C LEU A 46 3.95 -17.03 -7.38
N ALA A 47 4.11 -17.25 -6.09
CA ALA A 47 4.21 -18.63 -5.55
C ALA A 47 3.29 -18.79 -4.35
N VAL A 48 2.72 -19.97 -4.26
CA VAL A 48 1.78 -20.28 -3.19
C VAL A 48 2.32 -21.44 -2.35
N LEU A 49 2.20 -21.28 -1.05
CA LEU A 49 2.58 -22.32 -0.11
C LEU A 49 1.45 -22.65 0.81
N VAL A 50 1.00 -23.89 0.74
CA VAL A 50 -0.14 -24.31 1.56
C VAL A 50 0.10 -25.57 2.39
N GLY A 51 -0.19 -25.47 3.67
CA GLY A 51 -0.07 -26.60 4.57
C GLY A 51 -0.63 -26.31 5.94
N THR A 52 -0.60 -27.34 6.77
CA THR A 52 -1.05 -27.19 8.17
C THR A 52 -0.07 -26.36 8.99
N HIS A 53 -0.52 -25.90 10.15
CA HIS A 53 0.32 -25.14 11.09
C HIS A 53 1.66 -25.85 11.31
N LYS A 54 1.57 -27.13 11.57
CA LYS A 54 2.74 -27.94 11.82
C LYS A 54 3.56 -28.15 10.56
N GLN A 55 2.93 -28.52 9.47
CA GLN A 55 3.67 -28.79 8.20
C GLN A 55 4.48 -27.55 7.77
N LEU A 56 3.87 -26.39 7.94
CA LEU A 56 4.49 -25.09 7.61
C LEU A 56 5.78 -24.80 8.42
N ARG A 57 5.89 -25.43 9.58
CA ARG A 57 7.06 -25.28 10.48
C ARG A 57 8.08 -26.42 10.37
N ASP A 58 7.83 -27.36 9.49
CA ASP A 58 8.79 -28.46 9.23
C ASP A 58 10.08 -27.87 8.65
N PRO A 59 11.25 -28.38 9.08
CA PRO A 59 12.55 -27.87 8.60
C PRO A 59 12.70 -27.92 7.08
N ALA A 60 12.08 -28.91 6.46
CA ALA A 60 12.10 -29.05 4.97
C ALA A 60 11.59 -27.79 4.21
N VAL A 61 10.68 -27.07 4.84
CA VAL A 61 10.07 -25.84 4.26
C VAL A 61 11.13 -24.78 4.00
N GLN A 62 12.04 -24.65 4.93
CA GLN A 62 13.21 -23.73 4.80
C GLN A 62 14.05 -23.95 3.54
N ARG A 63 14.07 -25.17 3.06
CA ARG A 63 14.85 -25.56 1.87
C ARG A 63 14.12 -25.26 0.58
N LEU A 64 12.91 -24.74 0.67
CA LEU A 64 12.13 -24.42 -0.54
C LEU A 64 12.73 -23.17 -1.20
N PRO A 65 12.74 -23.13 -2.52
CA PRO A 65 13.47 -22.10 -3.28
C PRO A 65 13.04 -20.67 -3.08
N PHE A 66 11.81 -20.45 -2.59
CA PHE A 66 11.30 -19.09 -2.27
C PHE A 66 11.38 -18.68 -0.81
N TYR A 67 11.86 -19.57 0.03
CA TYR A 67 11.87 -19.29 1.46
C TYR A 67 12.86 -18.19 1.80
N ASN A 68 12.46 -17.31 2.71
CA ASN A 68 13.35 -16.33 3.32
C ASN A 68 12.73 -15.84 4.61
N PRO A 69 13.34 -14.89 5.29
CA PRO A 69 12.74 -14.48 6.58
C PRO A 69 11.32 -13.86 6.52
N ALA A 70 11.01 -13.24 5.39
CA ALA A 70 9.67 -12.62 5.21
C ALA A 70 8.60 -13.72 5.15
N VAL A 71 8.93 -14.77 4.41
CA VAL A 71 8.09 -15.96 4.31
C VAL A 71 7.93 -16.61 5.68
N ALA A 72 9.01 -16.67 6.44
CA ALA A 72 8.93 -17.17 7.84
C ALA A 72 7.97 -16.34 8.66
N GLU A 73 8.02 -15.04 8.45
CA GLU A 73 7.12 -14.13 9.17
C GLU A 73 5.67 -14.32 8.71
N ALA A 74 5.50 -14.54 7.41
CA ALA A 74 4.16 -14.85 6.87
C ALA A 74 3.54 -16.06 7.59
N ILE A 75 4.38 -17.05 7.83
CA ILE A 75 3.96 -18.28 8.50
C ILE A 75 3.52 -17.99 9.94
N GLU A 76 4.19 -17.04 10.59
CA GLU A 76 3.78 -16.62 11.96
C GLU A 76 2.49 -15.84 11.95
N ARG A 77 2.31 -15.02 10.93
CA ARG A 77 1.20 -14.06 10.90
C ARG A 77 -0.11 -14.57 10.30
N VAL A 78 -0.01 -15.58 9.47
CA VAL A 78 -1.17 -16.16 8.79
C VAL A 78 -2.12 -16.77 9.83
N LYS A 79 -3.40 -16.58 9.58
CA LYS A 79 -4.49 -17.14 10.39
C LYS A 79 -4.94 -18.49 9.82
N GLU A 80 -5.35 -19.38 10.71
CA GLU A 80 -5.90 -20.70 10.30
C GLU A 80 -7.08 -20.51 9.33
N GLY A 81 -7.02 -21.20 8.20
CA GLY A 81 -8.00 -20.99 7.13
C GLY A 81 -7.83 -19.71 6.32
N GLY A 82 -6.78 -18.97 6.60
CA GLY A 82 -6.53 -17.68 5.91
C GLY A 82 -5.23 -17.68 5.12
N THR A 83 -5.01 -16.57 4.41
CA THR A 83 -3.77 -16.39 3.64
C THR A 83 -3.02 -15.18 4.13
N TYR A 84 -1.75 -15.14 3.76
CA TYR A 84 -0.86 -14.00 4.07
C TYR A 84 0.22 -13.94 3.00
N GLY A 85 0.31 -12.78 2.36
CA GLY A 85 1.26 -12.54 1.26
C GLY A 85 2.42 -11.60 1.59
N VAL A 86 3.57 -11.95 1.05
CA VAL A 86 4.81 -11.15 1.22
C VAL A 86 5.51 -11.06 -0.12
N LEU A 87 6.14 -9.89 -0.34
CA LEU A 87 7.13 -9.71 -1.42
C LEU A 87 8.54 -10.19 -1.08
N VAL A 88 9.15 -10.82 -2.05
CA VAL A 88 10.52 -11.26 -1.92
C VAL A 88 11.28 -10.71 -3.10
N GLU A 89 12.28 -9.90 -2.75
CA GLU A 89 13.24 -9.33 -3.68
C GLU A 89 14.26 -10.35 -4.07
N GLY A 90 14.59 -10.28 -5.34
CA GLY A 90 15.73 -11.04 -5.89
C GLY A 90 15.58 -12.54 -5.74
N LEU A 91 14.41 -13.00 -6.12
CA LEU A 91 14.20 -14.40 -6.35
C LEU A 91 14.11 -14.69 -7.83
N ALA A 92 14.94 -15.62 -8.26
CA ALA A 92 14.98 -16.01 -9.66
C ALA A 92 13.60 -16.50 -10.07
N ASN A 93 13.12 -16.00 -11.18
CA ASN A 93 11.84 -16.47 -11.72
C ASN A 93 11.77 -16.29 -13.23
N ALA A 94 11.00 -17.16 -13.89
CA ALA A 94 10.92 -17.19 -15.37
C ALA A 94 10.34 -15.92 -16.00
N ALA A 95 9.54 -15.20 -15.23
CA ALA A 95 8.92 -13.93 -15.71
C ALA A 95 9.83 -12.71 -15.52
N GLY A 96 10.97 -12.91 -14.89
CA GLY A 96 11.95 -11.85 -14.66
C GLY A 96 11.51 -10.71 -13.77
N SER A 97 10.77 -11.04 -12.74
CA SER A 97 10.01 -10.06 -11.97
C SER A 97 10.98 -9.64 -10.86
N LYS A 98 11.08 -8.34 -10.59
CA LYS A 98 11.99 -7.87 -9.52
C LYS A 98 11.57 -8.44 -8.17
N PHE A 99 10.25 -8.43 -7.95
CA PHE A 99 9.65 -9.04 -6.76
C PHE A 99 8.80 -10.26 -7.09
N VAL A 100 8.92 -11.26 -6.23
CA VAL A 100 8.04 -12.41 -6.28
C VAL A 100 7.10 -12.23 -5.09
N ARG A 101 5.82 -12.41 -5.33
CA ARG A 101 4.81 -12.48 -4.25
C ARG A 101 4.67 -13.95 -3.80
N VAL A 102 4.85 -14.18 -2.51
CA VAL A 102 4.66 -15.48 -1.92
C VAL A 102 3.44 -15.40 -1.01
N VAL A 103 2.47 -16.23 -1.31
CA VAL A 103 1.23 -16.32 -0.49
C VAL A 103 1.18 -17.60 0.29
N VAL A 104 1.18 -17.45 1.60
CA VAL A 104 1.12 -18.60 2.51
C VAL A 104 -0.34 -18.81 2.92
N GLY A 105 -0.74 -20.06 2.96
CA GLY A 105 -2.09 -20.45 3.45
C GLY A 105 -2.02 -21.57 4.45
N GLU A 106 -2.70 -21.38 5.58
CA GLU A 106 -2.75 -22.40 6.67
C GLU A 106 -4.04 -23.25 6.62
N VAL A 107 -3.84 -24.53 6.42
CA VAL A 107 -4.90 -25.52 6.40
C VAL A 107 -5.17 -26.03 7.83
N PRO A 108 -6.44 -26.06 8.26
CA PRO A 108 -6.70 -26.63 9.58
C PRO A 108 -6.41 -28.10 9.63
N THR A 109 -6.14 -28.55 10.84
CA THR A 109 -5.92 -29.97 11.11
C THR A 109 -7.25 -30.63 11.62
N LYS A 110 -8.13 -29.82 12.21
CA LYS A 110 -9.46 -30.25 12.68
C LYS A 110 -10.18 -30.91 11.50
N ALA A 111 -10.68 -32.11 11.73
CA ALA A 111 -11.46 -32.86 10.75
C ALA A 111 -12.26 -33.91 11.46
N SER A 112 -13.57 -33.84 11.36
CA SER A 112 -14.47 -34.78 12.04
C SER A 112 -14.34 -36.11 11.32
N ARG A 113 -14.88 -37.15 11.93
CA ARG A 113 -14.88 -38.52 11.33
C ARG A 113 -15.63 -38.63 10.01
N ASN A 114 -16.46 -37.65 9.70
CA ASN A 114 -17.19 -37.64 8.40
C ASN A 114 -16.54 -36.79 7.32
N ASN A 115 -15.33 -36.34 7.61
CA ASN A 115 -14.62 -35.45 6.71
C ASN A 115 -13.33 -36.07 6.20
N CYS A 116 -12.79 -35.45 5.17
CA CYS A 116 -11.47 -35.78 4.64
C CYS A 116 -10.40 -35.12 5.52
N PRO A 117 -9.50 -35.92 6.15
CA PRO A 117 -8.49 -35.38 7.10
C PRO A 117 -7.60 -34.30 6.52
N ALA A 118 -7.37 -34.39 5.22
CA ALA A 118 -6.52 -33.38 4.51
C ALA A 118 -7.21 -32.03 4.30
N ARG A 119 -8.48 -31.96 4.63
CA ARG A 119 -9.26 -30.74 4.49
C ARG A 119 -9.04 -30.03 3.15
N PRO A 120 -9.26 -30.75 2.04
CA PRO A 120 -9.15 -30.15 0.70
C PRO A 120 -10.14 -29.03 0.44
N ASP A 121 -11.24 -28.99 1.19
CA ASP A 121 -12.15 -27.83 1.14
C ASP A 121 -11.40 -26.52 1.40
N VAL A 122 -10.56 -26.51 2.41
CA VAL A 122 -9.78 -25.29 2.76
C VAL A 122 -8.62 -25.06 1.76
N VAL A 123 -7.99 -26.13 1.33
CA VAL A 123 -6.97 -26.04 0.30
C VAL A 123 -7.51 -25.24 -0.91
N THR A 124 -8.68 -25.64 -1.37
CA THR A 124 -9.33 -24.97 -2.50
C THR A 124 -9.50 -23.47 -2.23
N ALA A 125 -10.03 -23.18 -1.07
CA ALA A 125 -10.31 -21.77 -0.70
C ALA A 125 -9.01 -20.95 -0.64
N LEU A 126 -7.98 -21.54 -0.08
CA LEU A 126 -6.68 -20.83 0.09
C LEU A 126 -6.05 -20.49 -1.28
N VAL A 127 -6.04 -21.47 -2.16
CA VAL A 127 -5.42 -21.29 -3.48
C VAL A 127 -6.27 -20.32 -4.30
N THR A 128 -7.58 -20.42 -4.16
CA THR A 128 -8.49 -19.46 -4.80
C THR A 128 -8.12 -18.04 -4.39
N ALA A 129 -8.00 -17.83 -3.10
CA ALA A 129 -7.69 -16.51 -2.58
C ALA A 129 -6.30 -16.02 -3.07
N ALA A 130 -5.33 -16.90 -3.00
CA ALA A 130 -3.96 -16.60 -3.42
C ALA A 130 -3.89 -16.21 -4.91
N LEU A 131 -4.66 -16.90 -5.74
CA LEU A 131 -4.68 -16.62 -7.19
C LEU A 131 -5.33 -15.30 -7.56
N ASP A 132 -6.04 -14.71 -6.62
CA ASP A 132 -6.55 -13.34 -6.77
C ASP A 132 -5.41 -12.30 -6.80
N GLU A 133 -4.22 -12.67 -6.38
CA GLU A 133 -3.04 -11.77 -6.44
C GLU A 133 -2.27 -11.85 -7.75
N VAL A 134 -2.73 -12.70 -8.66
CA VAL A 134 -2.05 -12.87 -9.93
C VAL A 134 -2.16 -11.51 -10.65
N LYS A 135 -1.03 -11.05 -11.14
CA LYS A 135 -0.95 -9.73 -11.80
C LYS A 135 -1.43 -9.79 -13.24
N GLU A 136 -0.93 -10.79 -13.94
CA GLU A 136 -1.23 -10.97 -15.37
C GLU A 136 -1.78 -12.40 -15.47
N PRO A 137 -2.75 -12.65 -16.36
CA PRO A 137 -3.12 -14.02 -16.66
C PRO A 137 -2.23 -14.59 -17.77
N ASN A 138 -2.37 -15.88 -18.05
CA ASN A 138 -1.41 -16.67 -18.95
C ASN A 138 0.02 -16.94 -18.37
N THR A 139 0.10 -16.94 -17.05
CA THR A 139 1.31 -17.30 -16.31
C THR A 139 1.13 -18.68 -15.70
N THR A 140 2.24 -19.27 -15.27
CA THR A 140 2.26 -20.51 -14.49
C THR A 140 2.58 -20.20 -13.03
N VAL A 141 1.68 -20.61 -12.14
CA VAL A 141 1.82 -20.36 -10.69
C VAL A 141 2.21 -21.67 -9.99
N ASP A 142 3.29 -21.62 -9.25
CA ASP A 142 3.77 -22.78 -8.51
C ASP A 142 2.98 -22.82 -7.20
N VAL A 143 2.32 -23.94 -7.01
CA VAL A 143 1.55 -24.18 -5.78
C VAL A 143 2.21 -25.31 -5.01
N PHE A 144 2.94 -24.92 -3.99
CA PHE A 144 3.65 -25.88 -3.16
C PHE A 144 2.71 -26.32 -2.05
N VAL A 145 2.41 -27.62 -2.06
CA VAL A 145 1.52 -28.19 -1.05
C VAL A 145 2.37 -29.06 -0.15
N LEU A 146 2.13 -28.95 1.14
CA LEU A 146 2.87 -29.77 2.13
C LEU A 146 2.19 -31.12 2.51
N SER A 147 1.00 -31.35 1.99
CA SER A 147 0.31 -32.64 2.14
C SER A 147 0.75 -33.55 1.03
N ASN A 148 0.77 -34.84 1.34
CA ASN A 148 0.91 -35.90 0.33
C ASN A 148 -0.37 -36.64 -0.03
N ALA A 149 -1.49 -36.05 0.36
CA ALA A 149 -2.78 -36.62 0.00
C ALA A 149 -3.10 -36.21 -1.43
N VAL A 150 -2.50 -36.91 -2.36
CA VAL A 150 -2.45 -36.42 -3.76
C VAL A 150 -3.79 -36.32 -4.47
N LEU A 151 -4.64 -37.31 -4.30
CA LEU A 151 -5.91 -37.31 -5.04
C LEU A 151 -6.84 -36.16 -4.57
N PRO A 152 -7.09 -36.06 -3.26
CA PRO A 152 -7.95 -34.96 -2.84
C PRO A 152 -7.41 -33.59 -3.13
N ILE A 153 -6.08 -33.45 -3.04
CA ILE A 153 -5.43 -32.16 -3.37
C ILE A 153 -5.56 -31.86 -4.86
N ALA A 154 -5.39 -32.87 -5.69
CA ALA A 154 -5.51 -32.68 -7.14
C ALA A 154 -6.88 -32.14 -7.52
N ALA A 155 -7.91 -32.76 -7.00
CA ALA A 155 -9.29 -32.32 -7.25
C ALA A 155 -9.55 -30.94 -6.64
N ALA A 156 -9.02 -30.73 -5.44
CA ALA A 156 -9.16 -29.44 -4.74
C ALA A 156 -8.58 -28.26 -5.54
N VAL A 157 -7.41 -28.47 -6.13
CA VAL A 157 -6.77 -27.45 -6.92
C VAL A 157 -7.46 -27.31 -8.27
N ALA A 158 -7.85 -28.43 -8.83
CA ALA A 158 -8.64 -28.40 -10.09
C ALA A 158 -9.90 -27.48 -10.00
N ARG A 159 -10.55 -27.52 -8.85
CA ARG A 159 -11.83 -26.79 -8.68
C ARG A 159 -11.66 -25.37 -8.17
N CYS A 160 -10.41 -25.00 -7.90
CA CYS A 160 -10.12 -23.70 -7.29
C CYS A 160 -9.96 -22.61 -8.35
N GLY A 161 -10.01 -21.38 -7.87
CA GLY A 161 -9.72 -20.21 -8.68
C GLY A 161 -10.83 -19.90 -9.66
N LYS A 162 -10.47 -19.12 -10.66
CA LYS A 162 -11.38 -18.73 -11.70
C LYS A 162 -11.75 -19.90 -12.58
N HIS A 163 -12.99 -19.92 -13.02
CA HIS A 163 -13.54 -21.10 -13.71
C HIS A 163 -13.21 -21.04 -15.19
N ASN A 164 -12.98 -22.21 -15.77
CA ASN A 164 -12.72 -22.31 -17.20
C ASN A 164 -13.90 -21.84 -18.03
N PHE A 165 -15.12 -21.99 -17.51
CA PHE A 165 -16.28 -21.40 -18.17
C PHE A 165 -16.40 -19.91 -17.84
N SER A 166 -16.47 -19.10 -18.87
CA SER A 166 -16.64 -17.66 -18.72
C SER A 166 -17.28 -17.01 -19.94
N ALA A 167 -18.09 -16.02 -19.66
CA ALA A 167 -18.69 -15.14 -20.67
C ALA A 167 -18.27 -13.68 -20.50
N LYS A 168 -17.34 -13.44 -19.60
CA LYS A 168 -16.83 -12.09 -19.34
C LYS A 168 -15.88 -11.61 -20.45
N ASP A 169 -15.92 -10.30 -20.69
CA ASP A 169 -14.88 -9.58 -21.49
C ASP A 169 -14.57 -10.27 -22.82
N GLY A 170 -15.61 -10.51 -23.61
CA GLY A 170 -15.46 -11.06 -24.96
C GLY A 170 -15.28 -12.56 -25.06
N ALA A 171 -15.21 -13.25 -23.92
CA ALA A 171 -15.00 -14.71 -23.91
C ALA A 171 -16.05 -15.48 -24.68
N ALA A 172 -17.23 -14.91 -24.80
CA ALA A 172 -18.30 -15.50 -25.66
C ALA A 172 -17.86 -15.72 -27.10
N ALA A 173 -16.97 -14.85 -27.57
CA ALA A 173 -16.42 -15.01 -28.93
C ALA A 173 -15.33 -16.06 -29.01
N ALA A 174 -14.88 -16.50 -27.85
CA ALA A 174 -13.83 -17.57 -27.76
C ALA A 174 -14.40 -18.86 -27.20
N ALA A 175 -15.63 -19.15 -27.61
CA ALA A 175 -16.36 -20.36 -27.18
C ALA A 175 -16.44 -20.52 -25.63
N TYR A 176 -16.51 -19.39 -24.96
CA TYR A 176 -16.69 -19.33 -23.52
C TYR A 176 -15.53 -19.98 -22.73
N ASN A 177 -14.36 -19.98 -23.34
CA ASN A 177 -13.11 -20.35 -22.66
C ASN A 177 -12.58 -19.11 -21.97
N SER A 178 -12.44 -19.18 -20.67
CA SER A 178 -11.98 -18.05 -19.90
C SER A 178 -10.57 -17.67 -20.28
N GLY A 179 -10.33 -16.37 -20.35
CA GLY A 179 -8.96 -15.84 -20.51
C GLY A 179 -8.30 -15.45 -19.19
N LYS A 180 -9.00 -15.69 -18.10
CA LYS A 180 -8.59 -15.29 -16.74
C LYS A 180 -7.96 -16.40 -15.88
N VAL A 181 -7.82 -17.57 -16.47
CA VAL A 181 -7.33 -18.74 -15.73
C VAL A 181 -5.80 -18.79 -15.77
N SER A 182 -5.17 -19.07 -14.63
CA SER A 182 -3.71 -19.29 -14.55
C SER A 182 -3.35 -20.78 -14.71
N ARG A 183 -2.26 -21.09 -15.41
CA ARG A 183 -1.70 -22.46 -15.40
C ARG A 183 -1.16 -22.71 -13.97
N LEU A 184 -1.47 -23.85 -13.40
CA LEU A 184 -1.08 -24.15 -11.99
C LEU A 184 -0.19 -25.38 -11.91
N GLN A 185 0.96 -25.23 -11.27
CA GLN A 185 1.90 -26.34 -11.09
C GLN A 185 1.93 -26.72 -9.64
N VAL A 186 1.31 -27.86 -9.37
CA VAL A 186 1.22 -28.35 -7.99
C VAL A 186 2.47 -29.13 -7.68
N VAL A 187 3.12 -28.71 -6.63
CA VAL A 187 4.39 -29.32 -6.21
C VAL A 187 4.23 -30.02 -4.88
N PHE A 188 4.10 -31.34 -4.96
CA PHE A 188 4.02 -32.18 -3.74
C PHE A 188 5.39 -32.34 -3.07
N PRO A 189 5.43 -32.70 -1.77
CA PRO A 189 6.73 -32.94 -1.11
C PRO A 189 7.48 -34.14 -1.70
N GLU A 190 6.74 -35.20 -1.98
CA GLU A 190 7.27 -36.47 -2.49
C GLU A 190 6.65 -36.83 -3.82
N PRO A 191 7.30 -37.71 -4.59
CA PRO A 191 6.74 -38.07 -5.89
C PRO A 191 5.37 -38.66 -5.64
N PRO A 192 4.35 -38.24 -6.40
CA PRO A 192 3.03 -38.62 -6.01
C PRO A 192 2.81 -40.11 -6.22
N ALA A 193 2.14 -40.71 -5.24
CA ALA A 193 1.77 -42.13 -5.32
C ALA A 193 0.96 -42.44 -6.60
N ILE A 194 0.16 -41.47 -7.04
CA ILE A 194 -0.55 -41.58 -8.30
C ILE A 194 0.22 -40.75 -9.32
N PRO A 195 0.50 -41.32 -10.51
CA PRO A 195 1.32 -40.60 -11.47
C PRO A 195 0.74 -39.22 -11.87
N PRO A 196 1.59 -38.21 -12.11
CA PRO A 196 1.15 -36.90 -12.56
C PRO A 196 0.15 -36.87 -13.74
N LYS A 197 0.38 -37.65 -14.78
CA LYS A 197 -0.55 -37.67 -15.94
C LYS A 197 -1.93 -38.24 -15.53
N ASP A 198 -1.94 -39.16 -14.58
CA ASP A 198 -3.19 -39.68 -14.00
C ASP A 198 -3.93 -38.59 -13.18
N LEU A 199 -3.16 -37.85 -12.41
CA LEU A 199 -3.72 -36.72 -11.63
C LEU A 199 -4.26 -35.65 -12.58
N GLU A 200 -3.59 -35.45 -13.69
CA GLU A 200 -4.10 -34.53 -14.71
C GLU A 200 -5.47 -34.97 -15.21
N ALA A 201 -5.60 -36.25 -15.46
CA ALA A 201 -6.86 -36.78 -16.01
C ALA A 201 -8.03 -36.51 -15.02
N VAL A 202 -7.74 -36.69 -13.74
CA VAL A 202 -8.70 -36.44 -12.65
C VAL A 202 -9.08 -34.97 -12.63
N ALA A 203 -8.06 -34.13 -12.66
CA ALA A 203 -8.27 -32.67 -12.63
C ALA A 203 -9.07 -32.21 -13.84
N THR A 204 -8.75 -32.81 -14.97
CA THR A 204 -9.45 -32.51 -16.22
C THR A 204 -10.96 -32.83 -16.10
N SER A 205 -11.25 -33.97 -15.52
CA SER A 205 -12.66 -34.40 -15.32
C SER A 205 -13.41 -33.51 -14.31
N THR A 206 -12.73 -33.11 -13.25
CA THR A 206 -13.29 -32.17 -12.29
C THR A 206 -13.70 -30.87 -13.00
N GLN A 207 -12.81 -30.38 -13.83
CA GLN A 207 -13.01 -29.11 -14.53
C GLN A 207 -14.01 -29.19 -15.69
N LEU A 208 -14.02 -30.30 -16.41
CA LEU A 208 -15.02 -30.51 -17.46
C LEU A 208 -16.41 -30.58 -16.86
N CYS A 209 -16.48 -31.30 -15.75
CA CYS A 209 -17.71 -31.36 -14.95
C CYS A 209 -18.17 -29.94 -14.51
N GLN A 210 -17.23 -29.20 -13.98
CA GLN A 210 -17.45 -27.80 -13.59
C GLN A 210 -17.97 -26.95 -14.78
N ARG A 211 -17.34 -27.15 -15.92
CA ARG A 211 -17.71 -26.42 -17.12
C ARG A 211 -19.17 -26.68 -17.53
N LEU A 212 -19.52 -27.95 -17.60
CA LEU A 212 -20.87 -28.38 -18.01
C LEU A 212 -21.96 -27.83 -17.05
N VAL A 213 -21.65 -27.86 -15.76
CA VAL A 213 -22.57 -27.40 -14.74
C VAL A 213 -22.73 -25.87 -14.76
N ASP A 214 -21.61 -25.18 -14.78
CA ASP A 214 -21.57 -23.71 -14.90
C ASP A 214 -22.32 -23.20 -16.14
N ALA A 215 -22.21 -23.95 -17.22
CA ALA A 215 -22.72 -23.48 -18.53
C ALA A 215 -24.22 -23.23 -18.40
N PRO A 216 -24.67 -22.07 -18.87
CA PRO A 216 -26.11 -21.83 -18.84
C PRO A 216 -26.84 -22.74 -19.84
N PRO A 217 -28.15 -22.92 -19.63
CA PRO A 217 -28.89 -23.85 -20.49
C PRO A 217 -29.08 -23.41 -21.92
N ASN A 218 -28.85 -22.13 -22.22
CA ASN A 218 -28.83 -21.68 -23.64
C ASN A 218 -27.63 -22.24 -24.42
N LEU A 219 -26.62 -22.69 -23.69
CA LEU A 219 -25.44 -23.34 -24.28
C LEU A 219 -25.41 -24.85 -24.09
N LEU A 220 -25.67 -25.26 -22.86
CA LEU A 220 -25.75 -26.68 -22.55
C LEU A 220 -27.20 -27.17 -22.53
N THR A 221 -27.56 -27.73 -23.66
CA THR A 221 -28.91 -28.21 -23.93
C THR A 221 -28.89 -29.73 -23.96
N THR A 222 -30.06 -30.34 -24.10
CA THR A 222 -30.10 -31.80 -24.21
C THR A 222 -29.30 -32.24 -25.43
N ALA A 223 -29.36 -31.43 -26.49
CA ALA A 223 -28.68 -31.75 -27.76
C ALA A 223 -27.17 -31.55 -27.64
N THR A 224 -26.75 -30.44 -27.06
CA THR A 224 -25.29 -30.18 -27.01
C THR A 224 -24.60 -31.12 -26.05
N PHE A 225 -25.30 -31.48 -24.98
CA PHE A 225 -24.73 -32.45 -24.01
C PHE A 225 -24.53 -33.76 -24.75
N THR A 226 -25.52 -34.12 -25.52
CA THR A 226 -25.45 -35.36 -26.34
C THR A 226 -24.28 -35.32 -27.32
N GLU A 227 -24.15 -34.21 -28.01
CA GLU A 227 -23.06 -34.03 -28.99
C GLU A 227 -21.70 -34.11 -28.32
N ILE A 228 -21.61 -33.56 -27.13
CA ILE A 228 -20.36 -33.61 -26.35
C ILE A 228 -19.98 -35.07 -26.05
N ALA A 229 -20.97 -35.84 -25.64
CA ALA A 229 -20.77 -37.25 -25.32
C ALA A 229 -20.31 -38.01 -26.56
N GLN A 230 -20.96 -37.70 -27.66
CA GLN A 230 -20.62 -38.32 -28.95
C GLN A 230 -19.19 -38.00 -29.33
N GLY A 231 -18.81 -36.75 -29.12
CA GLY A 231 -17.44 -36.27 -29.47
C GLY A 231 -16.38 -37.03 -28.69
N TYR A 232 -16.62 -37.20 -27.39
CA TYR A 232 -15.73 -38.02 -26.53
C TYR A 232 -15.72 -39.49 -26.96
N ALA A 233 -16.88 -39.99 -27.33
CA ALA A 233 -16.97 -41.37 -27.85
C ALA A 233 -16.08 -41.58 -29.12
N LYS A 234 -16.12 -40.65 -30.08
CA LYS A 234 -15.30 -40.79 -31.31
C LYS A 234 -13.82 -40.73 -30.89
N ALA A 235 -13.49 -39.79 -30.05
CA ALA A 235 -12.11 -39.57 -29.66
C ALA A 235 -11.51 -40.72 -28.87
N LEU A 236 -12.26 -41.23 -27.90
CA LEU A 236 -11.71 -42.25 -26.95
C LEU A 236 -12.07 -43.67 -27.31
N GLY A 237 -12.93 -43.82 -28.29
CA GLY A 237 -13.33 -45.14 -28.79
C GLY A 237 -14.26 -45.97 -27.91
N PHE A 238 -15.18 -45.32 -27.20
CA PHE A 238 -16.22 -46.07 -26.44
C PHE A 238 -17.55 -45.97 -27.15
N ASP A 239 -18.48 -46.81 -26.77
CA ASP A 239 -19.79 -46.92 -27.47
C ASP A 239 -20.78 -45.92 -26.95
N VAL A 240 -21.63 -45.45 -27.84
CA VAL A 240 -22.67 -44.46 -27.48
C VAL A 240 -23.98 -44.83 -28.14
N ASP A 241 -25.02 -44.89 -27.31
CA ASP A 241 -26.40 -45.23 -27.74
C ASP A 241 -27.32 -44.10 -27.32
N VAL A 242 -28.08 -43.60 -28.27
CA VAL A 242 -28.95 -42.44 -28.05
C VAL A 242 -30.39 -42.78 -28.39
N ILE A 243 -31.26 -42.64 -27.41
CA ILE A 243 -32.71 -42.74 -27.68
C ILE A 243 -33.30 -41.33 -27.54
N CYS A 244 -33.83 -40.83 -28.63
CA CYS A 244 -34.13 -39.42 -28.78
C CYS A 244 -35.60 -39.11 -29.00
N GLY A 245 -36.07 -38.12 -28.25
CA GLY A 245 -37.39 -37.51 -28.50
C GLY A 245 -38.55 -38.45 -28.53
N ASP A 246 -39.31 -38.40 -29.60
CA ASP A 246 -40.52 -39.25 -29.72
C ASP A 246 -40.21 -40.76 -29.67
N ASP A 247 -39.01 -41.15 -30.04
CA ASP A 247 -38.61 -42.56 -29.96
C ASP A 247 -38.65 -43.06 -28.53
N LEU A 248 -38.45 -42.16 -27.59
CA LEU A 248 -38.56 -42.52 -26.17
C LEU A 248 -40.00 -42.99 -25.86
N CYS A 249 -40.96 -42.25 -26.37
CA CYS A 249 -42.37 -42.60 -26.22
C CYS A 249 -42.65 -43.93 -26.91
N GLU A 250 -42.23 -44.07 -28.16
CA GLU A 250 -42.51 -45.32 -28.94
C GLU A 250 -41.94 -46.55 -28.24
N ARG A 251 -40.79 -46.36 -27.60
CA ARG A 251 -40.08 -47.48 -26.94
C ARG A 251 -40.42 -47.66 -25.46
N GLY A 252 -41.44 -46.94 -24.99
CA GLY A 252 -41.98 -47.17 -23.61
C GLY A 252 -41.31 -46.40 -22.48
N TYR A 253 -40.47 -45.46 -22.84
CA TYR A 253 -39.74 -44.64 -21.84
C TYR A 253 -40.58 -43.45 -21.48
N GLY A 254 -41.72 -43.73 -20.88
CA GLY A 254 -42.75 -42.71 -20.61
C GLY A 254 -42.32 -41.63 -19.61
N GLY A 255 -41.44 -42.01 -18.70
CA GLY A 255 -40.99 -41.10 -17.64
C GLY A 255 -40.17 -39.95 -18.24
N ILE A 256 -39.03 -40.29 -18.83
CA ILE A 256 -38.15 -39.27 -19.41
C ILE A 256 -38.83 -38.56 -20.58
N TYR A 257 -39.62 -39.31 -21.34
CA TYR A 257 -40.38 -38.68 -22.45
C TYR A 257 -41.33 -37.59 -21.92
N SER A 258 -42.12 -37.95 -20.92
CA SER A 258 -43.16 -37.05 -20.41
C SER A 258 -42.56 -35.79 -19.77
N VAL A 259 -41.49 -35.98 -19.03
CA VAL A 259 -40.80 -34.86 -18.39
C VAL A 259 -40.25 -33.89 -19.42
N GLY A 260 -39.66 -34.44 -20.46
CA GLY A 260 -38.91 -33.64 -21.43
C GLY A 260 -39.63 -33.12 -22.65
N LYS A 261 -40.84 -33.61 -22.88
CA LYS A 261 -41.53 -33.36 -24.18
C LYS A 261 -42.01 -31.94 -24.42
N ALA A 262 -42.15 -31.17 -23.36
CA ALA A 262 -42.63 -29.77 -23.50
C ALA A 262 -41.54 -28.84 -24.02
N ALA A 263 -40.29 -29.28 -23.88
CA ALA A 263 -39.12 -28.44 -24.17
C ALA A 263 -38.88 -28.23 -25.66
N PHE A 264 -38.16 -27.16 -25.94
CA PHE A 264 -37.73 -26.85 -27.32
C PHE A 264 -36.82 -27.96 -27.88
N GLU A 265 -35.85 -28.37 -27.08
CA GLU A 265 -34.93 -29.47 -27.44
C GLU A 265 -35.44 -30.78 -26.85
N ALA A 266 -35.40 -31.83 -27.65
CA ALA A 266 -35.98 -33.11 -27.27
C ALA A 266 -35.19 -33.80 -26.15
N PRO A 267 -35.86 -34.60 -25.33
CA PRO A 267 -35.16 -35.36 -24.35
C PRO A 267 -34.41 -36.49 -25.01
N ARG A 268 -33.38 -36.95 -24.33
CA ARG A 268 -32.56 -38.05 -24.78
C ARG A 268 -32.15 -38.91 -23.63
N LEU A 269 -32.22 -40.20 -23.87
CA LEU A 269 -31.55 -41.19 -23.02
C LEU A 269 -30.26 -41.64 -23.74
N VAL A 270 -29.14 -41.23 -23.16
CA VAL A 270 -27.82 -41.46 -23.75
C VAL A 270 -27.04 -42.43 -22.91
N THR A 271 -26.72 -43.57 -23.48
CA THR A 271 -25.96 -44.60 -22.77
C THR A 271 -24.58 -44.81 -23.41
N LEU A 272 -23.57 -44.75 -22.56
CA LEU A 272 -22.16 -44.94 -22.95
C LEU A 272 -21.66 -46.23 -22.36
N LEU A 273 -20.87 -46.96 -23.13
CA LEU A 273 -20.29 -48.26 -22.68
C LEU A 273 -18.79 -48.29 -22.75
N TYR A 274 -18.22 -48.76 -21.67
CA TYR A 274 -16.77 -49.03 -21.60
C TYR A 274 -16.52 -50.39 -21.00
N THR A 275 -15.83 -51.22 -21.76
CA THR A 275 -15.43 -52.56 -21.29
C THR A 275 -13.91 -52.67 -21.36
N PRO A 276 -13.25 -52.91 -20.22
CA PRO A 276 -11.78 -52.94 -20.20
C PRO A 276 -11.29 -54.21 -20.89
N LYS A 277 -10.05 -54.17 -21.37
CA LYS A 277 -9.52 -55.27 -22.23
C LYS A 277 -9.30 -56.52 -21.37
N GLY A 278 -9.68 -57.68 -21.87
CA GLY A 278 -9.27 -59.00 -21.25
C GLY A 278 -10.19 -59.68 -20.20
N THR A 279 -9.69 -60.10 -19.03
CA THR A 279 -10.55 -60.90 -18.07
C THR A 279 -11.74 -60.01 -17.60
N PRO A 280 -12.91 -60.63 -17.41
CA PRO A 280 -14.07 -59.86 -16.88
C PRO A 280 -13.87 -59.49 -15.42
N VAL A 281 -14.38 -58.31 -15.05
CA VAL A 281 -14.21 -57.61 -13.74
C VAL A 281 -15.49 -57.06 -13.05
N LYS A 282 -15.40 -56.29 -11.95
CA LYS A 282 -16.66 -55.57 -11.46
C LYS A 282 -17.49 -54.90 -12.60
N LYS A 283 -18.81 -55.12 -12.64
CA LYS A 283 -19.71 -54.42 -13.60
C LYS A 283 -20.60 -53.34 -12.89
N VAL A 284 -20.43 -52.09 -13.30
CA VAL A 284 -21.09 -50.95 -12.66
C VAL A 284 -21.85 -50.12 -13.67
N SER A 285 -23.14 -49.87 -13.38
CA SER A 285 -23.97 -49.00 -14.21
C SER A 285 -24.18 -47.67 -13.50
N LEU A 286 -23.83 -46.62 -14.22
CA LEU A 286 -23.99 -45.25 -13.73
C LEU A 286 -25.20 -44.65 -14.39
N VAL A 287 -25.98 -43.93 -13.61
CA VAL A 287 -27.16 -43.25 -14.11
C VAL A 287 -27.19 -41.84 -13.57
N GLY A 288 -27.30 -40.87 -14.46
CA GLY A 288 -27.23 -39.45 -14.03
C GLY A 288 -28.44 -38.63 -14.39
N LYS A 289 -28.88 -37.82 -13.45
CA LYS A 289 -29.99 -36.83 -13.71
C LYS A 289 -29.42 -35.71 -14.53
N GLY A 290 -29.84 -35.67 -15.77
CA GLY A 290 -29.38 -34.62 -16.70
C GLY A 290 -30.44 -33.60 -17.06
N ILE A 291 -31.00 -32.99 -16.04
CA ILE A 291 -32.02 -31.94 -16.26
C ILE A 291 -31.28 -30.62 -16.54
N VAL A 292 -31.16 -30.32 -17.81
CA VAL A 292 -30.38 -29.14 -18.31
C VAL A 292 -30.90 -27.83 -17.74
N TYR A 293 -32.22 -27.81 -17.52
CA TYR A 293 -32.87 -26.76 -16.74
C TYR A 293 -34.16 -27.26 -16.15
N ASP A 294 -34.38 -26.92 -14.89
CA ASP A 294 -35.57 -27.34 -14.12
C ASP A 294 -36.38 -26.06 -13.82
N CYS A 295 -37.32 -25.72 -14.70
CA CYS A 295 -38.24 -24.61 -14.41
C CYS A 295 -39.34 -25.02 -13.40
N GLY A 296 -39.43 -26.31 -13.15
CA GLY A 296 -40.53 -26.89 -12.36
C GLY A 296 -41.68 -27.52 -13.18
N GLY A 297 -41.71 -27.17 -14.46
CA GLY A 297 -42.82 -27.55 -15.34
C GLY A 297 -44.06 -26.76 -14.91
N LEU A 298 -45.23 -27.36 -15.06
CA LEU A 298 -46.48 -26.70 -14.69
C LEU A 298 -46.51 -26.28 -13.21
N ALA A 299 -45.84 -27.08 -12.38
CA ALA A 299 -45.54 -26.74 -11.00
C ALA A 299 -44.33 -25.77 -10.98
N LEU A 300 -44.58 -24.59 -11.50
CA LEU A 300 -43.53 -23.61 -11.77
C LEU A 300 -42.83 -23.11 -10.50
N LYS A 301 -41.50 -23.11 -10.55
CA LYS A 301 -40.70 -22.57 -9.46
C LYS A 301 -40.78 -21.04 -9.42
N PRO A 302 -40.82 -20.44 -8.22
CA PRO A 302 -40.54 -19.00 -8.14
C PRO A 302 -39.11 -18.70 -8.65
N ALA A 303 -38.89 -17.47 -9.09
CA ALA A 303 -37.62 -17.09 -9.76
C ALA A 303 -36.36 -17.29 -8.92
N ASP A 304 -36.45 -16.98 -7.64
CA ASP A 304 -35.31 -17.14 -6.70
C ASP A 304 -34.89 -18.64 -6.53
N TYR A 305 -35.84 -19.55 -6.58
CA TYR A 305 -35.53 -21.01 -6.58
C TYR A 305 -35.12 -21.52 -7.97
N MET A 306 -35.67 -20.91 -9.03
CA MET A 306 -35.40 -21.34 -10.42
C MET A 306 -33.99 -20.98 -10.85
N LYS A 307 -33.50 -19.88 -10.30
CA LYS A 307 -32.12 -19.47 -10.50
C LYS A 307 -31.20 -20.61 -10.07
N LEU A 308 -30.19 -20.87 -10.86
CA LEU A 308 -29.21 -21.99 -10.56
C LEU A 308 -29.73 -23.41 -10.83
N MET A 309 -30.90 -23.52 -11.41
CA MET A 309 -31.39 -24.82 -11.93
C MET A 309 -30.71 -25.28 -13.24
N LYS A 310 -29.82 -24.45 -13.79
CA LYS A 310 -28.83 -24.90 -14.82
C LYS A 310 -27.87 -25.94 -14.22
N HIS A 311 -27.75 -25.93 -12.88
CA HIS A 311 -26.98 -26.94 -12.13
C HIS A 311 -27.68 -28.31 -12.04
N ASP A 312 -28.89 -28.41 -12.55
CA ASP A 312 -29.72 -29.61 -12.34
C ASP A 312 -29.30 -30.80 -13.20
N MET A 313 -28.27 -30.57 -14.01
CA MET A 313 -27.62 -31.65 -14.77
C MET A 313 -26.27 -32.05 -14.10
N GLY A 314 -26.07 -31.60 -12.88
CA GLY A 314 -24.85 -31.89 -12.14
C GLY A 314 -24.56 -33.37 -11.93
N GLY A 315 -25.60 -34.15 -11.79
CA GLY A 315 -25.45 -35.62 -11.59
C GLY A 315 -25.06 -36.31 -12.88
N ALA A 316 -25.64 -35.84 -13.97
CA ALA A 316 -25.25 -36.34 -15.32
C ALA A 316 -23.79 -36.00 -15.68
N ALA A 317 -23.41 -34.79 -15.37
CA ALA A 317 -22.02 -34.37 -15.55
C ALA A 317 -21.08 -35.21 -14.70
N ALA A 318 -21.50 -35.50 -13.49
CA ALA A 318 -20.65 -36.24 -12.55
C ALA A 318 -20.37 -37.62 -13.05
N VAL A 319 -21.41 -38.32 -13.42
CA VAL A 319 -21.25 -39.70 -13.96
C VAL A 319 -20.53 -39.69 -15.32
N PHE A 320 -20.84 -38.71 -16.13
CA PHE A 320 -20.21 -38.59 -17.45
C PHE A 320 -18.71 -38.46 -17.28
N CYS A 321 -18.30 -37.58 -16.42
CA CYS A 321 -16.86 -37.28 -16.27
C CYS A 321 -16.12 -38.39 -15.51
N GLY A 322 -16.81 -39.01 -14.57
CA GLY A 322 -16.25 -40.18 -13.86
C GLY A 322 -16.00 -41.30 -14.85
N PHE A 323 -16.95 -41.45 -15.75
CA PHE A 323 -16.85 -42.39 -16.85
C PHE A 323 -15.62 -42.06 -17.73
N LEU A 324 -15.49 -40.80 -18.09
CA LEU A 324 -14.33 -40.36 -18.91
C LEU A 324 -12.99 -40.68 -18.25
N THR A 325 -12.92 -40.43 -16.96
CA THR A 325 -11.71 -40.71 -16.22
C THR A 325 -11.38 -42.20 -16.26
N ALA A 326 -12.39 -43.01 -16.08
CA ALA A 326 -12.20 -44.45 -16.11
C ALA A 326 -11.66 -44.90 -17.46
N VAL A 327 -12.19 -44.30 -18.54
CA VAL A 327 -11.76 -44.68 -19.89
C VAL A 327 -10.32 -44.20 -20.12
N ARG A 328 -10.06 -42.96 -19.75
CA ARG A 328 -8.73 -42.37 -19.97
C ARG A 328 -7.63 -43.08 -19.18
N LEU A 329 -7.92 -43.46 -17.95
CA LEU A 329 -6.97 -44.20 -17.09
C LEU A 329 -7.05 -45.70 -17.25
N GLN A 330 -7.93 -46.15 -18.11
CA GLN A 330 -8.17 -47.60 -18.32
C GLN A 330 -8.36 -48.34 -17.00
N GLN A 331 -9.22 -47.80 -16.15
CA GLN A 331 -9.57 -48.49 -14.89
C GLN A 331 -10.24 -49.81 -15.23
N PRO A 332 -9.95 -50.86 -14.45
CA PRO A 332 -10.49 -52.18 -14.74
C PRO A 332 -11.92 -52.43 -14.22
N VAL A 333 -12.82 -51.54 -14.58
CA VAL A 333 -14.25 -51.67 -14.30
C VAL A 333 -15.04 -51.61 -15.58
N GLN A 334 -15.97 -52.52 -15.73
CA GLN A 334 -16.88 -52.47 -16.85
C GLN A 334 -17.96 -51.48 -16.47
N LEU A 335 -18.19 -50.51 -17.34
CA LEU A 335 -19.13 -49.40 -17.07
C LEU A 335 -20.14 -49.21 -18.12
N SER A 336 -21.36 -48.95 -17.67
CA SER A 336 -22.36 -48.22 -18.49
C SER A 336 -22.57 -46.87 -17.81
N CYS A 337 -22.84 -45.87 -18.62
CA CYS A 337 -23.15 -44.53 -18.15
C CYS A 337 -24.36 -44.03 -18.91
N THR A 338 -25.48 -43.93 -18.19
CA THR A 338 -26.74 -43.51 -18.78
C THR A 338 -27.08 -42.08 -18.34
N LEU A 339 -27.13 -41.19 -19.32
CA LEU A 339 -27.45 -39.80 -19.08
C LEU A 339 -28.94 -39.57 -19.38
N CYS A 340 -29.66 -39.15 -18.36
CA CYS A 340 -31.11 -38.89 -18.49
C CYS A 340 -31.31 -37.41 -18.79
N LEU A 341 -31.30 -37.10 -20.07
CA LEU A 341 -31.29 -35.72 -20.52
C LEU A 341 -32.67 -35.22 -20.88
N ALA A 342 -33.04 -34.13 -20.24
CA ALA A 342 -34.29 -33.44 -20.52
C ALA A 342 -34.25 -32.02 -19.99
N GLU A 343 -35.00 -31.13 -20.62
CA GLU A 343 -35.36 -29.88 -19.98
C GLU A 343 -36.78 -30.00 -19.45
N ASN A 344 -36.95 -29.65 -18.19
CA ASN A 344 -38.28 -29.58 -17.54
C ASN A 344 -38.86 -28.20 -17.83
N ALA A 345 -39.61 -28.15 -18.91
CA ALA A 345 -40.11 -26.92 -19.49
C ALA A 345 -41.58 -26.72 -19.22
N ILE A 346 -42.03 -25.52 -19.50
CA ILE A 346 -43.43 -25.16 -19.31
C ILE A 346 -44.01 -24.70 -20.66
N GLY A 347 -45.17 -25.26 -20.99
CA GLY A 347 -45.84 -24.97 -22.24
C GLY A 347 -47.02 -25.88 -22.48
N PRO A 348 -47.62 -25.80 -23.67
CA PRO A 348 -48.80 -26.59 -24.02
C PRO A 348 -48.59 -28.09 -23.95
N LYS A 349 -47.37 -28.54 -24.18
CA LYS A 349 -47.08 -29.99 -24.14
C LYS A 349 -46.62 -30.49 -22.80
N SER A 350 -46.63 -29.61 -21.83
CA SER A 350 -46.20 -29.97 -20.47
C SER A 350 -46.95 -31.18 -19.92
N TYR A 351 -46.20 -32.11 -19.36
CA TYR A 351 -46.81 -33.14 -18.56
C TYR A 351 -47.44 -32.45 -17.34
N ARG A 352 -48.55 -33.01 -16.89
CA ARG A 352 -49.42 -32.29 -15.93
C ARG A 352 -49.40 -32.86 -14.54
N ASN A 353 -49.77 -32.01 -13.61
CA ASN A 353 -50.10 -32.43 -12.23
C ASN A 353 -51.48 -33.11 -12.23
N ASP A 354 -51.46 -34.42 -12.39
CA ASP A 354 -52.65 -35.33 -12.66
C ASP A 354 -52.36 -36.38 -13.69
N ASP A 355 -51.46 -36.10 -14.60
CA ASP A 355 -51.14 -37.06 -15.65
C ASP A 355 -50.64 -38.37 -15.04
N ILE A 356 -50.89 -39.45 -15.77
CA ILE A 356 -50.40 -40.75 -15.39
C ILE A 356 -49.41 -41.24 -16.45
N ILE A 357 -48.22 -41.54 -15.98
CA ILE A 357 -47.11 -41.98 -16.82
C ILE A 357 -46.95 -43.51 -16.78
N VAL A 358 -46.78 -44.10 -17.94
CA VAL A 358 -46.39 -45.51 -18.00
C VAL A 358 -44.85 -45.55 -18.14
N MET A 359 -44.20 -45.88 -17.05
CA MET A 359 -42.73 -45.92 -16.99
C MET A 359 -42.22 -47.12 -17.82
N LYS A 360 -40.96 -47.08 -18.17
CA LYS A 360 -40.32 -48.19 -18.92
C LYS A 360 -40.39 -49.47 -18.12
N SER A 361 -40.32 -49.35 -16.79
CA SER A 361 -40.49 -50.47 -15.89
C SER A 361 -41.84 -51.17 -15.98
N GLY A 362 -42.80 -50.53 -16.60
CA GLY A 362 -44.20 -51.05 -16.69
C GLY A 362 -45.10 -50.57 -15.57
N LYS A 363 -44.49 -49.99 -14.57
CA LYS A 363 -45.23 -49.38 -13.49
C LYS A 363 -45.74 -48.02 -13.87
N THR A 364 -46.92 -47.70 -13.33
CA THR A 364 -47.56 -46.43 -13.61
C THR A 364 -47.35 -45.45 -12.45
N VAL A 365 -47.15 -44.20 -12.84
CA VAL A 365 -46.84 -43.13 -11.92
C VAL A 365 -47.82 -41.97 -12.11
N GLU A 366 -48.54 -41.66 -11.05
CA GLU A 366 -49.44 -40.50 -11.03
C GLU A 366 -48.63 -39.30 -10.64
N VAL A 367 -48.63 -38.32 -11.52
CA VAL A 367 -47.82 -37.13 -11.27
C VAL A 367 -48.60 -36.16 -10.37
N ILE A 368 -48.16 -36.08 -9.14
CA ILE A 368 -48.72 -35.14 -8.15
C ILE A 368 -48.12 -33.73 -8.38
N ASN A 369 -46.85 -33.71 -8.70
CA ASN A 369 -46.09 -32.50 -8.84
C ASN A 369 -45.03 -32.66 -9.91
N THR A 370 -45.12 -31.82 -10.94
CA THR A 370 -44.21 -31.90 -12.09
C THR A 370 -42.79 -31.48 -11.78
N ASP A 371 -42.62 -30.81 -10.67
CA ASP A 371 -41.28 -30.35 -10.20
C ASP A 371 -40.46 -31.42 -9.44
N ALA A 372 -41.12 -32.54 -9.19
CA ALA A 372 -40.47 -33.82 -8.83
C ALA A 372 -40.21 -34.70 -10.09
N GLU A 373 -39.46 -34.12 -10.98
CA GLU A 373 -39.19 -34.67 -12.33
C GLU A 373 -37.99 -35.63 -12.34
N GLY A 374 -37.06 -35.36 -11.45
CA GLY A 374 -35.77 -36.06 -11.44
C GLY A 374 -35.94 -37.53 -11.16
N ARG A 375 -36.75 -37.83 -10.16
CA ARG A 375 -36.95 -39.21 -9.76
C ARG A 375 -37.63 -40.02 -10.88
N ILE A 376 -38.45 -39.34 -11.66
CA ILE A 376 -39.12 -39.95 -12.80
C ILE A 376 -38.14 -40.31 -13.91
N VAL A 377 -37.35 -39.35 -14.25
CA VAL A 377 -36.35 -39.47 -15.29
C VAL A 377 -35.32 -40.59 -14.90
N LEU A 378 -34.97 -40.60 -13.62
CA LEU A 378 -34.04 -41.60 -13.08
C LEU A 378 -34.64 -42.99 -13.03
N GLY A 379 -35.94 -43.03 -12.82
CA GLY A 379 -36.68 -44.32 -12.84
C GLY A 379 -36.54 -45.05 -14.18
N ASP A 380 -36.67 -44.28 -15.25
CA ASP A 380 -36.44 -44.80 -16.61
C ASP A 380 -34.97 -45.13 -16.83
N GLY A 381 -34.10 -44.30 -16.29
CA GLY A 381 -32.65 -44.52 -16.34
C GLY A 381 -32.18 -45.82 -15.70
N VAL A 382 -32.58 -46.04 -14.46
CA VAL A 382 -32.13 -47.23 -13.74
C VAL A 382 -32.76 -48.49 -14.32
N PHE A 383 -33.98 -48.38 -14.83
CA PHE A 383 -34.63 -49.57 -15.44
C PHE A 383 -33.88 -49.93 -16.71
N HIS A 384 -33.57 -48.91 -17.48
CA HIS A 384 -32.76 -49.08 -18.70
C HIS A 384 -31.44 -49.81 -18.39
N ALA A 385 -30.75 -49.32 -17.38
CA ALA A 385 -29.45 -49.88 -17.01
C ALA A 385 -29.56 -51.33 -16.52
N THR A 386 -30.60 -51.62 -15.77
CA THR A 386 -30.74 -52.91 -15.12
C THR A 386 -31.50 -53.93 -15.93
N ASN A 387 -32.09 -53.49 -17.03
CA ASN A 387 -32.89 -54.39 -17.86
C ASN A 387 -32.54 -54.46 -19.32
N GLU A 388 -32.00 -53.39 -19.87
CA GLU A 388 -31.91 -53.25 -21.35
C GLU A 388 -30.52 -53.33 -21.94
N LEU A 389 -29.54 -53.53 -21.11
CA LEU A 389 -28.14 -53.58 -21.57
C LEU A 389 -27.72 -55.01 -21.86
N SER A 390 -26.57 -55.16 -22.49
CA SER A 390 -26.04 -56.51 -22.83
C SER A 390 -25.49 -57.23 -21.61
N PHE A 391 -25.35 -56.52 -20.51
CA PHE A 391 -24.93 -57.15 -19.24
C PHE A 391 -25.88 -56.69 -18.15
N THR A 392 -25.82 -57.38 -17.02
CA THR A 392 -26.51 -56.96 -15.84
C THR A 392 -25.48 -56.46 -14.83
N PRO A 393 -25.63 -55.21 -14.32
CA PRO A 393 -24.62 -54.70 -13.43
C PRO A 393 -24.67 -55.30 -12.06
N ASP A 394 -23.51 -55.30 -11.43
CA ASP A 394 -23.35 -55.73 -10.02
C ASP A 394 -23.75 -54.61 -9.10
N VAL A 395 -23.52 -53.39 -9.58
CA VAL A 395 -23.75 -52.19 -8.79
C VAL A 395 -24.37 -51.16 -9.71
N VAL A 396 -25.40 -50.50 -9.20
CA VAL A 396 -25.99 -49.33 -9.87
C VAL A 396 -25.74 -48.14 -9.00
N ILE A 397 -25.16 -47.13 -9.62
CA ILE A 397 -24.97 -45.83 -8.96
C ILE A 397 -25.74 -44.76 -9.72
N ASP A 398 -26.67 -44.13 -9.04
CA ASP A 398 -27.35 -42.98 -9.66
C ASP A 398 -26.93 -41.75 -8.91
N MET A 399 -26.72 -40.69 -9.67
CA MET A 399 -26.31 -39.39 -9.10
C MET A 399 -27.24 -38.33 -9.62
N ALA A 400 -27.67 -37.47 -8.72
CA ALA A 400 -28.72 -36.50 -9.02
C ALA A 400 -28.79 -35.34 -8.07
N THR A 401 -29.04 -34.18 -8.62
CA THR A 401 -29.30 -32.99 -7.86
C THR A 401 -30.81 -33.01 -7.50
N LEU A 402 -31.16 -33.87 -6.56
CA LEU A 402 -32.54 -34.36 -6.51
C LEU A 402 -33.51 -33.60 -5.60
N THR A 403 -33.06 -33.25 -4.41
CA THR A 403 -33.95 -32.68 -3.41
C THR A 403 -33.37 -31.51 -2.65
N GLY A 404 -34.23 -30.56 -2.34
CA GLY A 404 -33.90 -29.50 -1.37
C GLY A 404 -33.68 -30.05 0.01
N ALA A 405 -34.41 -31.10 0.32
CA ALA A 405 -34.23 -31.85 1.58
C ALA A 405 -32.75 -32.27 1.82
N GLN A 406 -32.06 -32.58 0.76
CA GLN A 406 -30.66 -32.99 0.87
C GLN A 406 -29.81 -31.95 1.62
N GLY A 407 -29.99 -30.69 1.25
CA GLY A 407 -29.26 -29.60 1.88
C GLY A 407 -29.60 -29.48 3.35
N ILE A 408 -30.89 -29.57 3.62
CA ILE A 408 -31.37 -29.57 4.99
C ILE A 408 -30.78 -30.73 5.83
N ALA A 409 -30.74 -31.90 5.22
CA ALA A 409 -30.36 -33.15 5.92
C ALA A 409 -28.84 -33.29 6.12
N THR A 410 -28.12 -33.25 5.03
CA THR A 410 -26.65 -33.49 5.01
C THR A 410 -25.77 -32.30 4.66
N GLY A 411 -26.39 -31.22 4.21
CA GLY A 411 -25.69 -29.93 4.03
C GLY A 411 -24.97 -29.72 2.70
N ARG A 412 -24.18 -28.68 2.65
CA ARG A 412 -23.63 -28.22 1.38
C ARG A 412 -22.43 -28.93 0.90
N HIS A 413 -21.77 -29.61 1.82
CA HIS A 413 -20.51 -30.33 1.49
C HIS A 413 -20.60 -31.84 1.42
N HIS A 414 -21.70 -32.38 1.88
CA HIS A 414 -21.88 -33.85 1.91
C HIS A 414 -23.09 -34.28 1.11
N ALA A 415 -22.84 -35.04 0.07
CA ALA A 415 -23.90 -35.64 -0.71
C ALA A 415 -24.59 -36.71 0.12
N GLY A 416 -25.90 -36.82 -0.02
CA GLY A 416 -26.68 -37.80 0.72
C GLY A 416 -26.68 -39.13 0.02
N LEU A 417 -26.44 -40.18 0.79
CA LEU A 417 -26.46 -41.59 0.26
C LEU A 417 -27.64 -42.41 0.77
N TYR A 418 -28.40 -42.91 -0.18
CA TYR A 418 -29.47 -43.86 0.09
C TYR A 418 -29.05 -45.14 -0.59
N VAL A 419 -28.77 -46.13 0.23
CA VAL A 419 -28.07 -47.36 -0.25
C VAL A 419 -28.70 -48.64 0.32
N ASN A 420 -28.94 -49.60 -0.55
CA ASN A 420 -29.64 -50.83 -0.12
C ASN A 420 -28.76 -51.85 0.63
N GLU A 421 -27.46 -51.62 0.67
CA GLU A 421 -26.51 -52.53 1.31
C GLU A 421 -25.54 -51.76 2.12
N GLU A 422 -25.29 -52.17 3.35
CA GLU A 422 -24.35 -51.49 4.25
C GLU A 422 -22.92 -51.43 3.62
N GLY A 423 -22.48 -52.51 3.00
CA GLY A 423 -21.11 -52.64 2.44
C GLY A 423 -20.81 -51.59 1.37
N ALA A 424 -21.73 -51.47 0.42
CA ALA A 424 -21.61 -50.51 -0.68
C ALA A 424 -21.61 -49.10 -0.10
N GLU A 425 -22.42 -48.90 0.90
CA GLU A 425 -22.55 -47.57 1.53
C GLU A 425 -21.24 -47.16 2.17
N ALA A 426 -20.68 -48.09 2.92
CA ALA A 426 -19.41 -47.85 3.62
C ALA A 426 -18.28 -47.56 2.61
N ALA A 427 -18.31 -48.26 1.51
CA ALA A 427 -17.32 -48.13 0.47
C ALA A 427 -17.41 -46.73 -0.17
N MET A 428 -18.62 -46.31 -0.45
CA MET A 428 -18.82 -44.97 -1.05
C MET A 428 -18.44 -43.88 -0.06
N LEU A 429 -18.75 -44.07 1.19
CA LEU A 429 -18.35 -43.11 2.24
C LEU A 429 -16.83 -42.97 2.35
N ARG A 430 -16.17 -44.11 2.32
CA ARG A 430 -14.74 -44.13 2.35
C ARG A 430 -14.17 -43.41 1.12
N ALA A 431 -14.74 -43.67 -0.04
CA ALA A 431 -14.31 -43.00 -1.27
C ALA A 431 -14.48 -41.48 -1.15
N GLY A 432 -15.54 -41.08 -0.50
CA GLY A 432 -15.77 -39.66 -0.22
C GLY A 432 -14.71 -39.04 0.66
N ARG A 433 -14.35 -39.75 1.71
CA ARG A 433 -13.35 -39.26 2.69
C ARG A 433 -11.94 -39.19 2.07
N GLU A 434 -11.63 -40.17 1.24
CA GLU A 434 -10.35 -40.25 0.53
C GLU A 434 -10.27 -39.21 -0.59
N SER A 435 -11.32 -39.12 -1.40
CA SER A 435 -11.37 -38.17 -2.53
C SER A 435 -11.56 -36.70 -2.11
N GLY A 436 -12.09 -36.49 -0.91
CA GLY A 436 -12.52 -35.14 -0.46
C GLY A 436 -13.95 -34.77 -0.87
N GLU A 437 -14.51 -35.53 -1.78
CA GLU A 437 -15.88 -35.34 -2.26
C GLU A 437 -16.85 -36.12 -1.32
N THR A 438 -17.01 -35.55 -0.14
CA THR A 438 -17.56 -36.23 0.99
C THR A 438 -19.07 -36.51 0.82
N CYS A 439 -19.47 -37.62 1.42
CA CYS A 439 -20.86 -38.05 1.51
C CYS A 439 -21.30 -38.33 2.95
N PHE A 440 -22.59 -38.52 3.12
CA PHE A 440 -23.16 -38.93 4.41
C PHE A 440 -24.48 -39.66 4.17
N PRO A 441 -24.73 -40.75 4.93
CA PRO A 441 -25.91 -41.50 4.65
C PRO A 441 -27.18 -40.80 5.08
N VAL A 442 -28.22 -41.08 4.34
CA VAL A 442 -29.60 -40.84 4.81
C VAL A 442 -30.31 -42.14 5.08
N LEU A 443 -31.38 -42.05 5.86
CA LEU A 443 -32.15 -43.21 6.32
C LEU A 443 -32.55 -44.12 5.15
N TYR A 444 -32.16 -45.37 5.27
CA TYR A 444 -32.66 -46.44 4.39
C TYR A 444 -33.70 -47.27 5.20
N CYS A 445 -34.96 -47.15 4.80
CA CYS A 445 -36.07 -47.80 5.48
C CYS A 445 -37.29 -47.87 4.56
N PRO A 446 -37.19 -48.65 3.49
CA PRO A 446 -38.23 -48.77 2.49
C PRO A 446 -39.65 -49.07 3.03
N GLU A 447 -39.72 -49.88 4.08
CA GLU A 447 -41.02 -50.16 4.71
C GLU A 447 -41.73 -48.88 5.21
N TYR A 448 -40.96 -47.85 5.53
CA TYR A 448 -41.55 -46.57 5.93
C TYR A 448 -41.73 -45.58 4.80
N HIS A 449 -40.97 -45.73 3.75
CA HIS A 449 -41.05 -44.82 2.59
C HIS A 449 -42.22 -45.18 1.67
N GLU A 450 -42.38 -46.48 1.48
CA GLU A 450 -43.38 -47.03 0.54
C GLU A 450 -44.80 -46.46 0.68
N PRO A 451 -45.35 -46.39 1.92
CA PRO A 451 -46.71 -45.88 2.08
C PRO A 451 -46.92 -44.43 1.65
N GLU A 452 -45.83 -43.67 1.60
CA GLU A 452 -45.93 -42.24 1.17
C GLU A 452 -46.32 -42.05 -0.27
N PHE A 453 -46.20 -43.11 -1.06
CA PHE A 453 -46.45 -43.01 -2.52
C PHE A 453 -47.74 -43.64 -3.01
N LYS A 454 -48.65 -43.93 -2.10
CA LYS A 454 -49.93 -44.60 -2.45
C LYS A 454 -50.71 -43.69 -3.39
N SER A 455 -51.28 -44.29 -4.40
CA SER A 455 -52.10 -43.58 -5.42
C SER A 455 -53.47 -44.26 -5.55
N ASN A 456 -54.49 -43.47 -5.77
CA ASN A 456 -55.83 -44.00 -6.04
C ASN A 456 -55.90 -44.83 -7.33
N HIS A 457 -55.22 -44.36 -8.35
CA HIS A 457 -55.41 -44.88 -9.71
C HIS A 457 -54.17 -45.48 -10.40
N ALA A 458 -53.01 -45.16 -9.90
CA ALA A 458 -51.74 -45.63 -10.50
C ALA A 458 -51.02 -46.47 -9.50
N ASP A 459 -49.93 -47.10 -9.94
CA ASP A 459 -49.14 -47.96 -9.02
C ASP A 459 -48.56 -47.15 -7.90
N MET A 460 -48.19 -45.94 -8.25
CA MET A 460 -47.61 -45.01 -7.27
C MET A 460 -47.78 -43.57 -7.72
N THR A 461 -47.58 -42.67 -6.77
CA THR A 461 -47.40 -41.24 -7.07
C THR A 461 -45.89 -40.96 -7.24
N ASN A 462 -45.57 -39.75 -7.67
CA ASN A 462 -44.19 -39.27 -7.69
C ASN A 462 -43.83 -38.37 -6.54
N LEU A 463 -44.72 -38.23 -5.58
CA LEU A 463 -44.49 -37.33 -4.44
C LEU A 463 -45.13 -37.84 -3.18
N MET A 464 -44.39 -37.70 -2.11
CA MET A 464 -44.84 -38.13 -0.78
C MET A 464 -46.09 -37.38 -0.33
N GLU A 465 -47.03 -38.12 0.23
CA GLU A 465 -48.20 -37.53 0.91
C GLU A 465 -47.76 -36.58 2.02
N ARG A 466 -46.79 -37.01 2.80
CA ARG A 466 -46.19 -36.19 3.86
C ARG A 466 -44.71 -35.90 3.54
N ARG A 467 -44.38 -34.63 3.38
CA ARG A 467 -43.03 -34.21 2.95
C ARG A 467 -42.03 -34.09 4.08
N ASP A 468 -42.54 -34.19 5.30
CA ASP A 468 -41.71 -34.21 6.50
C ASP A 468 -41.45 -35.63 7.04
N ASN A 469 -41.25 -36.56 6.14
CA ASN A 469 -40.99 -37.97 6.49
C ASN A 469 -39.84 -38.59 5.68
N ALA A 470 -38.66 -38.03 5.91
CA ALA A 470 -37.39 -38.48 5.28
C ALA A 470 -37.46 -38.29 3.77
N GLY A 471 -37.43 -37.03 3.40
CA GLY A 471 -37.57 -36.63 1.99
C GLY A 471 -36.45 -37.03 1.05
N VAL A 472 -35.24 -37.02 1.56
CA VAL A 472 -34.08 -37.49 0.72
C VAL A 472 -34.26 -38.99 0.44
N SER A 473 -34.63 -39.70 1.48
CA SER A 473 -34.79 -41.15 1.44
C SER A 473 -35.94 -41.58 0.55
N CYS A 474 -37.04 -40.91 0.70
CA CYS A 474 -38.24 -41.21 -0.12
C CYS A 474 -37.98 -41.04 -1.63
N ALA A 475 -37.26 -40.00 -1.99
CA ALA A 475 -36.97 -39.78 -3.40
C ALA A 475 -36.13 -40.95 -3.95
N GLY A 476 -35.22 -41.39 -3.12
CA GLY A 476 -34.38 -42.57 -3.44
C GLY A 476 -35.22 -43.81 -3.60
N TYR A 477 -36.11 -43.99 -2.63
CA TYR A 477 -37.06 -45.13 -2.66
C TYR A 477 -37.84 -45.19 -3.98
N PHE A 478 -38.37 -44.06 -4.41
CA PHE A 478 -39.10 -43.98 -5.66
C PHE A 478 -38.30 -44.59 -6.80
N ILE A 479 -37.05 -44.16 -6.88
CA ILE A 479 -36.15 -44.64 -7.94
C ILE A 479 -35.97 -46.18 -7.88
N THR A 480 -35.86 -46.72 -6.69
CA THR A 480 -35.69 -48.19 -6.50
C THR A 480 -36.86 -49.02 -7.00
N THR A 481 -38.05 -48.46 -6.97
CA THR A 481 -39.25 -49.16 -7.46
C THR A 481 -39.16 -49.47 -8.95
N HIS A 482 -38.28 -48.77 -9.65
CA HIS A 482 -38.11 -48.97 -11.11
C HIS A 482 -36.85 -49.76 -11.51
N LEU A 483 -36.17 -50.31 -10.52
CA LEU A 483 -35.09 -51.26 -10.79
C LEU A 483 -35.70 -52.54 -11.38
N SER A 484 -35.03 -53.10 -12.35
CA SER A 484 -35.45 -54.38 -12.94
C SER A 484 -35.39 -55.49 -11.91
N PRO A 485 -36.36 -56.42 -11.95
CA PRO A 485 -36.27 -57.64 -11.10
C PRO A 485 -35.01 -58.49 -11.41
N LYS A 486 -34.48 -58.36 -12.62
CA LYS A 486 -33.22 -59.02 -13.03
C LYS A 486 -32.00 -58.57 -12.22
N PHE A 487 -32.13 -57.42 -11.58
CA PHE A 487 -31.05 -56.87 -10.78
C PHE A 487 -31.19 -57.27 -9.33
N THR A 488 -30.12 -57.79 -8.77
CA THR A 488 -30.06 -58.23 -7.36
C THR A 488 -28.83 -57.72 -6.63
N GLY A 489 -28.22 -56.70 -7.19
CA GLY A 489 -26.98 -56.13 -6.63
C GLY A 489 -27.16 -54.93 -5.72
N ALA A 490 -26.09 -54.17 -5.59
CA ALA A 490 -26.05 -53.01 -4.71
C ALA A 490 -26.49 -51.75 -5.46
N HIS A 491 -27.34 -50.97 -4.83
CA HIS A 491 -27.83 -49.73 -5.43
C HIS A 491 -27.45 -48.59 -4.55
N ILE A 492 -26.67 -47.68 -5.12
CA ILE A 492 -26.22 -46.48 -4.43
C ILE A 492 -26.87 -45.25 -5.06
N HIS A 493 -27.70 -44.58 -4.30
CA HIS A 493 -28.32 -43.32 -4.75
C HIS A 493 -27.60 -42.18 -4.09
N VAL A 494 -27.10 -41.30 -4.93
CA VAL A 494 -26.34 -40.12 -4.48
C VAL A 494 -27.10 -38.84 -4.78
N ASP A 495 -27.52 -38.20 -3.73
CA ASP A 495 -28.27 -36.91 -3.82
C ASP A 495 -27.23 -35.83 -3.58
N LEU A 496 -26.89 -35.14 -4.65
CA LEU A 496 -25.82 -34.12 -4.60
C LEU A 496 -26.33 -32.74 -5.01
N ALA A 497 -27.57 -32.46 -4.68
CA ALA A 497 -28.24 -31.15 -4.96
C ALA A 497 -27.38 -29.93 -4.63
N TYR A 498 -26.82 -29.91 -3.45
CA TYR A 498 -25.96 -28.79 -3.01
C TYR A 498 -24.43 -28.92 -3.21
N PRO A 499 -23.84 -30.14 -3.07
CA PRO A 499 -22.39 -30.20 -3.22
C PRO A 499 -21.84 -29.88 -4.60
N VAL A 500 -22.71 -29.89 -5.59
CA VAL A 500 -22.29 -29.55 -6.96
C VAL A 500 -22.01 -28.06 -7.21
N PHE A 501 -22.30 -27.22 -6.24
CA PHE A 501 -22.06 -25.79 -6.39
C PHE A 501 -21.71 -25.10 -5.09
N ASN A 502 -21.10 -23.96 -5.23
CA ASN A 502 -20.94 -23.03 -4.12
C ASN A 502 -21.18 -21.61 -4.65
N SER A 503 -20.84 -20.59 -3.88
CA SER A 503 -21.16 -19.21 -4.27
C SER A 503 -20.34 -18.71 -5.48
N ASN A 504 -19.27 -19.41 -5.81
CA ASN A 504 -18.51 -19.17 -7.07
C ASN A 504 -18.97 -19.94 -8.28
N GLY A 505 -19.94 -20.82 -8.08
CA GLY A 505 -20.45 -21.63 -9.21
C GLY A 505 -20.20 -23.10 -8.97
N ALA A 506 -20.07 -23.84 -10.05
CA ALA A 506 -19.95 -25.30 -9.98
C ALA A 506 -18.65 -25.70 -9.31
N THR A 507 -18.71 -26.81 -8.61
CA THR A 507 -17.57 -27.39 -7.89
C THR A 507 -16.87 -28.53 -8.62
N GLY A 508 -17.53 -29.09 -9.61
CA GLY A 508 -17.07 -30.31 -10.24
C GLY A 508 -17.08 -31.53 -9.29
N PHE A 509 -17.95 -31.50 -8.30
CA PHE A 509 -18.15 -32.62 -7.36
C PHE A 509 -18.77 -33.80 -8.08
N GLY A 510 -18.20 -34.97 -7.81
CA GLY A 510 -18.76 -36.26 -8.26
C GLY A 510 -17.82 -37.19 -8.98
N PRO A 511 -17.13 -36.70 -10.01
CA PRO A 511 -16.22 -37.57 -10.75
C PRO A 511 -15.10 -38.20 -9.94
N ALA A 512 -14.45 -37.42 -9.11
CA ALA A 512 -13.33 -37.91 -8.32
C ALA A 512 -13.81 -38.94 -7.29
N LEU A 513 -15.00 -38.68 -6.76
CA LEU A 513 -15.68 -39.62 -5.86
C LEU A 513 -15.80 -40.99 -6.52
N LEU A 514 -16.29 -40.98 -7.74
CA LEU A 514 -16.43 -42.19 -8.52
C LEU A 514 -15.07 -42.86 -8.81
N THR A 515 -14.10 -42.05 -9.20
CA THR A 515 -12.77 -42.59 -9.53
C THR A 515 -12.20 -43.35 -8.35
N GLU A 516 -12.30 -42.74 -7.19
CA GLU A 516 -11.80 -43.34 -5.95
C GLU A 516 -12.60 -44.60 -5.58
N TYR A 517 -13.92 -44.55 -5.78
CA TYR A 517 -14.77 -45.70 -5.51
C TYR A 517 -14.40 -46.88 -6.42
N PHE A 518 -14.25 -46.59 -7.69
CA PHE A 518 -13.79 -47.61 -8.67
C PHE A 518 -12.43 -48.22 -8.30
N ARG A 519 -11.55 -47.38 -7.83
CA ARG A 519 -10.21 -47.81 -7.43
C ARG A 519 -10.16 -48.92 -6.40
N LYS A 520 -11.05 -48.85 -5.44
CA LYS A 520 -11.08 -49.79 -4.30
C LYS A 520 -12.08 -50.93 -4.45
N LEU A 521 -12.68 -51.07 -5.61
N LEU A 521 -12.66 -51.08 -5.62
CA LEU A 521 -13.67 -52.15 -5.84
CA LEU A 521 -13.65 -52.16 -5.85
C LEU A 521 -12.97 -53.50 -5.82
C LEU A 521 -13.05 -53.56 -5.75
N THR B 3 -49.87 -18.26 -38.32
CA THR B 3 -51.15 -18.16 -39.04
C THR B 3 -52.26 -17.88 -38.00
N LEU B 4 -52.84 -16.70 -38.10
CA LEU B 4 -54.03 -16.29 -37.31
C LEU B 4 -55.31 -16.65 -38.02
N PRO B 5 -56.41 -16.85 -37.27
CA PRO B 5 -57.71 -16.98 -37.91
C PRO B 5 -58.07 -15.72 -38.69
N LYS B 6 -58.74 -15.90 -39.79
CA LYS B 6 -59.07 -14.79 -40.73
C LYS B 6 -59.79 -13.67 -40.01
N ALA B 7 -60.75 -14.05 -39.17
CA ALA B 7 -61.55 -13.04 -38.42
C ALA B 7 -60.69 -12.19 -37.49
N GLU B 8 -59.70 -12.82 -36.89
CA GLU B 8 -58.77 -12.11 -35.99
C GLU B 8 -57.84 -11.19 -36.78
N ALA B 9 -57.31 -11.69 -37.88
CA ALA B 9 -56.50 -10.84 -38.79
C ALA B 9 -57.27 -9.60 -39.30
N LYS B 10 -58.53 -9.79 -39.69
CA LYS B 10 -59.37 -8.66 -40.16
C LYS B 10 -59.52 -7.62 -39.05
N GLU B 11 -59.78 -8.11 -37.85
CA GLU B 11 -59.92 -7.24 -36.67
C GLU B 11 -58.64 -6.43 -36.38
N LEU B 12 -57.50 -7.09 -36.51
CA LEU B 12 -56.21 -6.44 -36.29
C LEU B 12 -55.94 -5.35 -37.33
N SER B 13 -56.20 -5.64 -38.58
CA SER B 13 -56.09 -4.62 -39.67
C SER B 13 -56.95 -3.41 -39.42
N ALA B 14 -58.18 -3.65 -39.03
CA ALA B 14 -59.11 -2.56 -38.76
C ALA B 14 -58.60 -1.73 -37.59
N PHE B 15 -58.06 -2.41 -36.59
CA PHE B 15 -57.54 -1.71 -35.39
C PHE B 15 -56.31 -0.86 -35.73
N VAL B 16 -55.43 -1.43 -36.54
CA VAL B 16 -54.25 -0.68 -37.08
C VAL B 16 -54.75 0.62 -37.74
N GLN B 17 -55.72 0.47 -38.64
CA GLN B 17 -56.27 1.60 -39.42
C GLN B 17 -56.87 2.65 -38.49
N SER B 18 -57.59 2.19 -37.46
CA SER B 18 -58.17 3.12 -36.43
C SER B 18 -57.10 3.98 -35.77
N CYS B 19 -55.94 3.39 -35.58
CA CYS B 19 -54.81 4.12 -34.91
C CYS B 19 -54.07 5.04 -35.88
N VAL B 20 -53.80 4.53 -37.06
CA VAL B 20 -53.13 5.32 -38.12
C VAL B 20 -53.94 6.57 -38.51
N GLU B 21 -55.24 6.44 -38.50
CA GLU B 21 -56.16 7.51 -38.93
CA GLU B 21 -56.15 7.54 -38.89
C GLU B 21 -56.77 8.29 -37.76
N TYR B 22 -56.29 8.01 -36.57
CA TYR B 22 -56.87 8.64 -35.37
C TYR B 22 -56.84 10.16 -35.50
N LYS B 23 -58.00 10.76 -35.29
CA LYS B 23 -58.16 12.23 -35.24
C LYS B 23 -58.77 12.59 -33.87
N THR B 24 -58.30 13.68 -33.29
CA THR B 24 -58.76 14.08 -31.95
C THR B 24 -60.21 14.60 -31.97
N ASN B 25 -60.85 14.50 -30.82
CA ASN B 25 -62.18 15.05 -30.59
C ASN B 25 -62.17 16.49 -30.03
N VAL B 26 -60.98 17.03 -29.84
CA VAL B 26 -60.81 18.34 -29.17
C VAL B 26 -60.43 19.41 -30.19
N CYS B 27 -61.08 20.56 -30.08
CA CYS B 27 -60.63 21.77 -30.81
C CYS B 27 -60.47 22.90 -29.83
N PHE B 28 -59.81 23.94 -30.29
CA PHE B 28 -59.45 25.06 -29.42
C PHE B 28 -59.81 26.40 -30.05
N THR B 29 -60.31 27.28 -29.21
CA THR B 29 -60.61 28.63 -29.64
C THR B 29 -60.50 29.55 -28.43
N ASP B 30 -60.98 30.78 -28.60
CA ASP B 30 -60.97 31.76 -27.49
C ASP B 30 -62.30 32.48 -27.43
N VAL B 31 -62.54 33.17 -26.33
CA VAL B 31 -63.86 33.74 -26.04
C VAL B 31 -64.35 34.67 -27.18
N ALA B 32 -63.48 35.57 -27.62
CA ALA B 32 -63.86 36.57 -28.63
C ALA B 32 -64.14 35.86 -29.94
N ALA B 33 -63.29 34.93 -30.30
CA ALA B 33 -63.48 34.22 -31.58
C ALA B 33 -64.78 33.43 -31.54
N TYR B 34 -65.09 32.91 -30.36
CA TYR B 34 -66.31 32.11 -30.11
C TYR B 34 -67.57 32.97 -30.26
N GLU B 35 -67.55 34.11 -29.59
CA GLU B 35 -68.62 35.16 -29.72
C GLU B 35 -68.84 35.51 -31.20
N SER B 36 -67.75 35.68 -31.90
CA SER B 36 -67.77 36.00 -33.33
C SER B 36 -68.34 34.87 -34.21
N ASN B 37 -67.94 33.65 -33.95
CA ASN B 37 -68.36 32.49 -34.79
C ASN B 37 -69.70 31.88 -34.44
N GLN B 38 -70.08 32.00 -33.18
CA GLN B 38 -71.30 31.32 -32.66
C GLN B 38 -72.37 32.28 -32.16
N LYS B 39 -71.99 33.54 -32.01
CA LYS B 39 -72.97 34.67 -31.76
C LYS B 39 -73.84 34.35 -30.56
N GLY B 40 -73.23 33.80 -29.51
CA GLY B 40 -73.97 33.46 -28.24
C GLY B 40 -74.80 32.18 -28.22
N VAL B 41 -74.72 31.41 -29.29
CA VAL B 41 -75.43 30.15 -29.34
C VAL B 41 -74.46 29.01 -28.91
N LEU B 42 -74.78 28.39 -27.79
CA LEU B 42 -73.98 27.24 -27.28
C LEU B 42 -73.99 26.09 -28.27
N SER B 43 -72.89 25.36 -28.28
CA SER B 43 -72.73 24.21 -29.18
C SER B 43 -73.73 23.06 -28.89
N SER B 44 -74.16 22.97 -27.65
CA SER B 44 -75.04 21.89 -27.19
C SER B 44 -75.68 22.25 -25.86
N GLY B 45 -76.41 21.28 -25.30
CA GLY B 45 -77.11 21.45 -23.98
C GLY B 45 -76.25 21.35 -22.75
N LEU B 46 -74.95 21.28 -22.96
CA LEU B 46 -74.01 21.23 -21.83
C LEU B 46 -72.87 22.20 -22.04
N ALA B 47 -72.57 22.95 -20.99
CA ALA B 47 -71.40 23.84 -21.00
C ALA B 47 -70.65 23.68 -19.71
N VAL B 48 -69.34 23.78 -19.82
CA VAL B 48 -68.46 23.59 -18.68
C VAL B 48 -67.65 24.84 -18.47
N LEU B 49 -67.54 25.24 -17.22
CA LEU B 49 -66.74 26.37 -16.85
C LEU B 49 -65.74 25.98 -15.76
N VAL B 50 -64.46 26.06 -16.07
CA VAL B 50 -63.42 25.66 -15.08
C VAL B 50 -62.38 26.73 -14.85
N GLY B 51 -62.15 27.00 -13.58
CA GLY B 51 -61.11 27.93 -13.18
C GLY B 51 -60.91 27.96 -11.70
N THR B 52 -59.95 28.76 -11.27
CA THR B 52 -59.65 28.90 -9.84
C THR B 52 -60.74 29.72 -9.16
N HIS B 53 -60.73 29.69 -7.85
CA HIS B 53 -61.68 30.45 -7.01
C HIS B 53 -61.71 31.93 -7.41
N LYS B 54 -60.52 32.48 -7.59
CA LYS B 54 -60.35 33.89 -8.01
C LYS B 54 -60.76 34.09 -9.46
N GLN B 55 -60.29 33.24 -10.35
CA GLN B 55 -60.65 33.41 -11.79
C GLN B 55 -62.16 33.38 -12.02
N LEU B 56 -62.82 32.49 -11.29
CA LEU B 56 -64.29 32.33 -11.41
C LEU B 56 -65.07 33.60 -11.00
N ARG B 57 -64.42 34.43 -10.18
CA ARG B 57 -65.01 35.70 -9.68
C ARG B 57 -64.55 36.95 -10.45
N ASP B 58 -63.75 36.74 -11.49
CA ASP B 58 -63.33 37.84 -12.37
C ASP B 58 -64.58 38.39 -13.08
N PRO B 59 -64.68 39.72 -13.21
CA PRO B 59 -65.83 40.34 -13.88
C PRO B 59 -66.08 39.81 -15.30
N ALA B 60 -65.02 39.46 -16.00
CA ALA B 60 -65.13 38.95 -17.40
C ALA B 60 -66.03 37.71 -17.53
N VAL B 61 -66.09 36.93 -16.45
CA VAL B 61 -66.92 35.70 -16.37
C VAL B 61 -68.41 36.03 -16.57
N GLN B 62 -68.85 37.15 -15.98
CA GLN B 62 -70.25 37.68 -16.15
C GLN B 62 -70.64 37.92 -17.63
N ARG B 63 -69.66 38.18 -18.46
CA ARG B 63 -69.85 38.45 -19.88
C ARG B 63 -69.88 37.17 -20.72
N LEU B 64 -69.73 36.02 -20.09
CA LEU B 64 -69.84 34.74 -20.84
C LEU B 64 -71.32 34.42 -21.21
N PRO B 65 -71.56 33.82 -22.37
CA PRO B 65 -72.91 33.72 -22.95
C PRO B 65 -73.90 32.92 -22.14
N PHE B 66 -73.40 32.07 -21.25
CA PHE B 66 -74.27 31.20 -20.43
C PHE B 66 -74.46 31.73 -19.02
N TYR B 67 -73.80 32.82 -18.69
CA TYR B 67 -73.80 33.32 -17.29
C TYR B 67 -75.16 33.87 -16.92
N ASN B 68 -75.57 33.57 -15.71
CA ASN B 68 -76.80 34.12 -15.13
C ASN B 68 -76.74 33.95 -13.62
N PRO B 69 -77.79 34.32 -12.90
CA PRO B 69 -77.67 34.23 -11.42
C PRO B 69 -77.48 32.82 -10.85
N ALA B 70 -77.99 31.82 -11.57
CA ALA B 70 -77.87 30.40 -11.12
C ALA B 70 -76.40 29.97 -11.20
N VAL B 71 -75.78 30.35 -12.29
CA VAL B 71 -74.34 30.10 -12.51
C VAL B 71 -73.52 30.82 -11.45
N ALA B 72 -73.92 32.02 -11.12
CA ALA B 72 -73.26 32.76 -10.00
C ALA B 72 -73.37 31.98 -8.71
N GLU B 73 -74.55 31.41 -8.50
CA GLU B 73 -74.77 30.61 -7.26
C GLU B 73 -73.95 29.31 -7.29
N ALA B 74 -73.83 28.72 -8.47
CA ALA B 74 -72.96 27.55 -8.67
C ALA B 74 -71.54 27.87 -8.25
N ILE B 75 -71.09 29.06 -8.61
CA ILE B 75 -69.75 29.52 -8.25
C ILE B 75 -69.59 29.64 -6.73
N GLU B 76 -70.65 30.04 -6.05
CA GLU B 76 -70.61 30.13 -4.55
C GLU B 76 -70.62 28.77 -3.89
N ARG B 77 -71.37 27.87 -4.50
CA ARG B 77 -71.63 26.54 -3.87
C ARG B 77 -70.60 25.45 -4.18
N VAL B 78 -69.90 25.59 -5.28
CA VAL B 78 -68.89 24.61 -5.73
C VAL B 78 -67.76 24.52 -4.70
N LYS B 79 -67.32 23.29 -4.49
CA LYS B 79 -66.19 22.98 -3.59
C LYS B 79 -64.88 22.93 -4.38
N GLU B 80 -63.80 23.31 -3.73
CA GLU B 80 -62.46 23.25 -4.37
C GLU B 80 -62.20 21.81 -4.83
N GLY B 81 -61.79 21.65 -6.08
CA GLY B 81 -61.58 20.33 -6.67
C GLY B 81 -62.86 19.60 -7.04
N GLY B 82 -63.99 20.25 -6.85
CA GLY B 82 -65.31 19.66 -7.15
C GLY B 82 -66.06 20.39 -8.26
N THR B 83 -67.22 19.84 -8.59
CA THR B 83 -68.11 20.43 -9.60
C THR B 83 -69.47 20.74 -9.02
N TYR B 84 -70.20 21.59 -9.74
CA TYR B 84 -71.57 22.00 -9.36
C TYR B 84 -72.32 22.46 -10.57
N GLY B 85 -73.48 21.86 -10.79
CA GLY B 85 -74.24 21.99 -12.03
C GLY B 85 -75.57 22.71 -11.80
N VAL B 86 -75.90 23.57 -12.73
CA VAL B 86 -77.18 24.31 -12.72
C VAL B 86 -77.81 24.37 -14.10
N LEU B 87 -79.14 24.30 -14.10
CA LEU B 87 -79.91 24.44 -15.36
C LEU B 87 -80.12 25.92 -15.67
N VAL B 88 -80.01 26.24 -16.93
CA VAL B 88 -80.38 27.55 -17.44
C VAL B 88 -81.40 27.40 -18.55
N GLU B 89 -82.60 27.91 -18.29
CA GLU B 89 -83.72 27.82 -19.24
C GLU B 89 -83.60 28.84 -20.37
N GLY B 90 -83.93 28.37 -21.56
CA GLY B 90 -84.02 29.24 -22.77
C GLY B 90 -82.73 29.91 -23.16
N LEU B 91 -81.66 29.15 -23.07
CA LEU B 91 -80.37 29.61 -23.53
C LEU B 91 -80.24 29.04 -24.90
N ALA B 92 -79.99 29.90 -25.85
CA ALA B 92 -79.81 29.46 -27.24
C ALA B 92 -78.71 28.39 -27.32
N ASN B 93 -79.01 27.30 -27.99
CA ASN B 93 -78.02 26.23 -28.22
C ASN B 93 -78.33 25.40 -29.44
N ALA B 94 -77.30 24.88 -30.06
CA ALA B 94 -77.41 24.23 -31.38
C ALA B 94 -78.16 22.92 -31.36
N ALA B 95 -78.24 22.31 -30.20
CA ALA B 95 -79.06 21.09 -30.03
C ALA B 95 -80.54 21.36 -29.74
N GLY B 96 -80.90 22.61 -29.60
CA GLY B 96 -82.31 22.98 -29.34
C GLY B 96 -82.89 22.42 -28.03
N SER B 97 -82.10 22.46 -26.99
CA SER B 97 -82.42 21.84 -25.72
C SER B 97 -83.15 22.92 -24.89
N LYS B 98 -84.23 22.54 -24.23
CA LYS B 98 -85.06 23.53 -23.47
C LYS B 98 -84.19 24.14 -22.37
N PHE B 99 -83.40 23.27 -21.77
CA PHE B 99 -82.45 23.69 -20.74
C PHE B 99 -81.03 23.41 -21.17
N VAL B 100 -80.14 24.29 -20.76
CA VAL B 100 -78.72 24.07 -20.85
C VAL B 100 -78.22 23.81 -19.44
N ARG B 101 -77.48 22.72 -19.30
CA ARG B 101 -76.82 22.44 -18.03
C ARG B 101 -75.44 23.11 -18.07
N VAL B 102 -75.17 23.90 -17.05
CA VAL B 102 -73.85 24.52 -16.89
C VAL B 102 -73.17 23.92 -15.69
N VAL B 103 -72.00 23.33 -15.92
CA VAL B 103 -71.22 22.70 -14.83
C VAL B 103 -69.98 23.51 -14.52
N VAL B 104 -69.93 23.98 -13.30
CA VAL B 104 -68.82 24.78 -12.83
C VAL B 104 -67.86 23.88 -12.07
N GLY B 105 -66.57 24.09 -12.30
CA GLY B 105 -65.50 23.36 -11.59
C GLY B 105 -64.41 24.27 -11.08
N GLU B 106 -64.06 24.10 -9.82
CA GLU B 106 -63.05 24.95 -9.15
C GLU B 106 -61.69 24.25 -9.06
N VAL B 107 -60.72 24.85 -9.71
CA VAL B 107 -59.33 24.39 -9.71
C VAL B 107 -58.57 24.99 -8.52
N PRO B 108 -57.85 24.17 -7.75
CA PRO B 108 -57.05 24.73 -6.67
C PRO B 108 -55.91 25.57 -7.20
N THR B 109 -55.46 26.46 -6.33
CA THR B 109 -54.34 27.33 -6.63
C THR B 109 -53.05 26.76 -5.96
N LYS B 110 -53.22 25.98 -4.89
CA LYS B 110 -52.12 25.25 -4.25
C LYS B 110 -51.35 24.45 -5.30
N ALA B 111 -50.04 24.61 -5.29
CA ALA B 111 -49.16 23.85 -6.16
C ALA B 111 -47.72 23.93 -5.64
N SER B 112 -47.15 22.80 -5.29
CA SER B 112 -45.81 22.71 -4.69
C SER B 112 -44.79 23.03 -5.78
N ARG B 113 -43.54 23.25 -5.40
CA ARG B 113 -42.46 23.55 -6.34
C ARG B 113 -42.15 22.43 -7.33
N ASN B 114 -42.64 21.23 -7.07
CA ASN B 114 -42.49 20.11 -8.02
C ASN B 114 -43.68 19.87 -8.92
N ASN B 115 -44.62 20.79 -8.89
CA ASN B 115 -45.88 20.63 -9.63
C ASN B 115 -46.07 21.73 -10.64
N CYS B 116 -47.06 21.52 -11.49
CA CYS B 116 -47.50 22.49 -12.50
C CYS B 116 -48.47 23.45 -11.86
N PRO B 117 -48.15 24.77 -11.84
CA PRO B 117 -48.98 25.77 -11.13
C PRO B 117 -50.43 25.80 -11.59
N ALA B 118 -50.65 25.46 -12.84
CA ALA B 118 -52.03 25.46 -13.42
C ALA B 118 -52.88 24.27 -12.98
N ARG B 119 -52.25 23.34 -12.27
CA ARG B 119 -52.92 22.15 -11.76
C ARG B 119 -53.81 21.49 -12.81
N PRO B 120 -53.24 21.16 -13.97
CA PRO B 120 -53.99 20.45 -15.01
C PRO B 120 -54.51 19.07 -14.58
N ASP B 121 -53.89 18.48 -13.55
CA ASP B 121 -54.43 17.25 -12.94
C ASP B 121 -55.91 17.42 -12.50
N VAL B 122 -56.21 18.53 -11.88
CA VAL B 122 -57.59 18.80 -11.41
C VAL B 122 -58.48 19.22 -12.58
N VAL B 123 -57.92 19.95 -13.52
CA VAL B 123 -58.68 20.35 -14.73
C VAL B 123 -59.24 19.08 -15.40
N THR B 124 -58.39 18.10 -15.59
CA THR B 124 -58.80 16.83 -16.19
C THR B 124 -59.96 16.23 -15.41
N ALA B 125 -59.79 16.16 -14.10
CA ALA B 125 -60.78 15.48 -13.22
C ALA B 125 -62.14 16.23 -13.25
N LEU B 126 -62.08 17.55 -13.21
CA LEU B 126 -63.30 18.37 -13.31
C LEU B 126 -64.06 18.16 -14.62
N VAL B 127 -63.34 18.20 -15.71
CA VAL B 127 -64.01 18.07 -17.03
C VAL B 127 -64.56 16.66 -17.17
N THR B 128 -63.79 15.70 -16.69
CA THR B 128 -64.24 14.29 -16.72
C THR B 128 -65.58 14.15 -15.99
N ALA B 129 -65.64 14.70 -14.80
CA ALA B 129 -66.85 14.67 -14.00
C ALA B 129 -68.04 15.38 -14.72
N ALA B 130 -67.75 16.57 -15.25
CA ALA B 130 -68.76 17.35 -15.96
C ALA B 130 -69.31 16.62 -17.18
N LEU B 131 -68.44 15.95 -17.91
CA LEU B 131 -68.88 15.21 -19.12
C LEU B 131 -69.76 13.98 -18.83
N ASP B 132 -69.77 13.55 -17.58
CA ASP B 132 -70.71 12.53 -17.14
C ASP B 132 -72.16 13.01 -17.20
N GLU B 133 -72.37 14.32 -17.31
CA GLU B 133 -73.73 14.90 -17.45
C GLU B 133 -74.22 15.05 -18.91
N VAL B 134 -73.42 14.61 -19.85
CA VAL B 134 -73.82 14.60 -21.26
C VAL B 134 -75.08 13.73 -21.41
N LYS B 135 -76.09 14.29 -22.07
CA LYS B 135 -77.42 13.66 -22.24
C LYS B 135 -77.50 12.75 -23.48
N GLU B 136 -76.90 13.19 -24.56
CA GLU B 136 -76.94 12.46 -25.84
C GLU B 136 -75.53 12.40 -26.46
N PRO B 137 -75.34 11.53 -27.45
CA PRO B 137 -74.03 11.39 -28.05
C PRO B 137 -73.85 12.22 -29.33
N ASN B 138 -72.63 12.20 -29.85
CA ASN B 138 -72.28 12.97 -31.07
C ASN B 138 -72.54 14.48 -30.90
N THR B 139 -72.37 14.99 -29.68
CA THR B 139 -72.54 16.45 -29.41
C THR B 139 -71.17 17.10 -29.21
N THR B 140 -71.18 18.42 -29.30
CA THR B 140 -70.03 19.24 -29.02
C THR B 140 -70.27 19.96 -27.70
N VAL B 141 -69.35 19.80 -26.77
CA VAL B 141 -69.44 20.45 -25.45
C VAL B 141 -68.44 21.59 -25.37
N ASP B 142 -68.93 22.75 -25.00
CA ASP B 142 -68.10 23.94 -24.85
C ASP B 142 -67.47 23.90 -23.48
N VAL B 143 -66.15 23.92 -23.48
CA VAL B 143 -65.42 23.91 -22.23
C VAL B 143 -64.68 25.23 -22.10
N PHE B 144 -65.21 26.05 -21.23
CA PHE B 144 -64.66 27.39 -21.00
C PHE B 144 -63.66 27.28 -19.89
N VAL B 145 -62.41 27.54 -20.23
CA VAL B 145 -61.32 27.49 -19.23
C VAL B 145 -60.87 28.92 -18.96
N LEU B 146 -60.66 29.23 -17.70
CA LEU B 146 -60.20 30.58 -17.30
C LEU B 146 -58.68 30.73 -17.18
N SER B 147 -57.95 29.63 -17.33
CA SER B 147 -56.48 29.68 -17.40
C SER B 147 -56.04 29.90 -18.84
N ASN B 148 -54.91 30.58 -18.98
CA ASN B 148 -54.25 30.74 -20.29
C ASN B 148 -53.02 29.86 -20.45
N ALA B 149 -52.88 28.88 -19.57
CA ALA B 149 -51.76 27.93 -19.63
C ALA B 149 -52.07 26.87 -20.70
N VAL B 150 -51.92 27.25 -21.94
CA VAL B 150 -52.60 26.55 -23.03
C VAL B 150 -52.12 25.13 -23.25
N LEU B 151 -50.82 24.92 -23.17
CA LEU B 151 -50.27 23.57 -23.42
C LEU B 151 -50.71 22.54 -22.35
N PRO B 152 -50.49 22.83 -21.06
CA PRO B 152 -50.94 21.86 -20.06
C PRO B 152 -52.45 21.65 -20.06
N ILE B 153 -53.21 22.70 -20.34
CA ILE B 153 -54.68 22.55 -20.42
C ILE B 153 -55.06 21.69 -21.63
N ALA B 154 -54.39 21.90 -22.74
CA ALA B 154 -54.69 21.13 -23.97
C ALA B 154 -54.52 19.64 -23.74
N ALA B 155 -53.39 19.28 -23.15
CA ALA B 155 -53.12 17.87 -22.81
C ALA B 155 -54.12 17.35 -21.74
N ALA B 156 -54.43 18.19 -20.77
CA ALA B 156 -55.34 17.83 -19.68
C ALA B 156 -56.72 17.48 -20.20
N VAL B 157 -57.19 18.25 -21.16
CA VAL B 157 -58.52 18.03 -21.73
C VAL B 157 -58.48 16.87 -22.69
N ALA B 158 -57.41 16.77 -23.44
CA ALA B 158 -57.19 15.61 -24.33
C ALA B 158 -57.33 14.26 -23.56
N ARG B 159 -56.81 14.24 -22.34
CA ARG B 159 -56.77 13.01 -21.55
C ARG B 159 -57.91 12.90 -20.55
N CYS B 160 -58.93 13.73 -20.71
CA CYS B 160 -60.10 13.68 -19.83
C CYS B 160 -61.25 12.92 -20.49
N GLY B 161 -62.22 12.60 -19.64
CA GLY B 161 -63.47 11.99 -20.09
C GLY B 161 -63.32 10.57 -20.54
N LYS B 162 -64.32 10.14 -21.29
CA LYS B 162 -64.34 8.80 -21.86
C LYS B 162 -63.25 8.63 -22.91
N HIS B 163 -62.68 7.45 -22.94
CA HIS B 163 -61.51 7.21 -23.78
C HIS B 163 -61.93 6.84 -25.20
N ASN B 164 -61.12 7.27 -26.15
CA ASN B 164 -61.37 6.92 -27.54
C ASN B 164 -61.32 5.42 -27.77
N PHE B 165 -60.49 4.72 -27.01
CA PHE B 165 -60.50 3.26 -27.07
C PHE B 165 -61.68 2.72 -26.29
N SER B 166 -62.47 1.91 -26.95
CA SER B 166 -63.61 1.21 -26.29
C SER B 166 -64.03 -0.07 -26.99
N ALA B 167 -64.43 -1.03 -26.18
CA ALA B 167 -65.00 -2.28 -26.66
C ALA B 167 -66.47 -2.46 -26.20
N LYS B 168 -67.00 -1.41 -25.58
CA LYS B 168 -68.37 -1.45 -25.06
C LYS B 168 -69.41 -1.32 -26.19
N ASP B 169 -70.53 -2.02 -26.02
CA ASP B 169 -71.77 -1.78 -26.80
C ASP B 169 -71.55 -1.79 -28.30
N GLY B 170 -70.93 -2.85 -28.79
CA GLY B 170 -70.72 -3.05 -30.23
C GLY B 170 -69.54 -2.32 -30.84
N ALA B 171 -68.83 -1.53 -30.05
CA ALA B 171 -67.65 -0.77 -30.54
C ALA B 171 -66.56 -1.64 -31.17
N ALA B 172 -66.48 -2.91 -30.76
CA ALA B 172 -65.56 -3.87 -31.38
C ALA B 172 -65.78 -4.01 -32.88
N ALA B 173 -67.04 -3.85 -33.30
CA ALA B 173 -67.38 -3.89 -34.73
C ALA B 173 -67.05 -2.57 -35.47
N ALA B 174 -66.75 -1.55 -34.71
CA ALA B 174 -66.31 -0.25 -35.26
C ALA B 174 -64.82 0.06 -35.00
N ALA B 175 -64.02 -0.99 -35.08
CA ALA B 175 -62.54 -0.91 -34.86
C ALA B 175 -62.15 -0.30 -33.49
N TYR B 176 -63.01 -0.53 -32.51
CA TYR B 176 -62.78 -0.11 -31.12
C TYR B 176 -62.69 1.39 -30.96
N ASN B 177 -63.37 2.11 -31.87
CA ASN B 177 -63.56 3.58 -31.74
C ASN B 177 -64.79 3.81 -30.89
N SER B 178 -64.61 4.46 -29.77
CA SER B 178 -65.71 4.66 -28.83
C SER B 178 -66.82 5.51 -29.48
N GLY B 179 -68.06 5.13 -29.20
CA GLY B 179 -69.22 5.95 -29.59
C GLY B 179 -69.71 6.86 -28.48
N LYS B 180 -69.01 6.83 -27.36
CA LYS B 180 -69.36 7.57 -26.15
C LYS B 180 -68.61 8.89 -25.93
N VAL B 181 -67.75 9.22 -26.86
CA VAL B 181 -66.90 10.39 -26.72
C VAL B 181 -67.65 11.60 -27.25
N SER B 182 -67.57 12.69 -26.51
CA SER B 182 -68.08 13.98 -26.96
C SER B 182 -66.99 14.80 -27.68
N ARG B 183 -67.36 15.52 -28.75
CA ARG B 183 -66.49 16.54 -29.36
C ARG B 183 -66.36 17.69 -28.26
N LEU B 184 -65.14 18.16 -28.02
CA LEU B 184 -64.89 19.15 -26.96
C LEU B 184 -64.29 20.40 -27.57
N GLN B 185 -64.91 21.55 -27.29
CA GLN B 185 -64.39 22.83 -27.76
C GLN B 185 -63.89 23.59 -26.58
N VAL B 186 -62.58 23.67 -26.49
CA VAL B 186 -61.94 24.38 -25.41
C VAL B 186 -61.88 25.86 -25.77
N VAL B 187 -62.42 26.67 -24.89
CA VAL B 187 -62.51 28.12 -25.09
C VAL B 187 -61.65 28.84 -24.07
N PHE B 188 -60.46 29.24 -24.53
CA PHE B 188 -59.53 30.04 -23.67
C PHE B 188 -60.00 31.48 -23.55
N PRO B 189 -59.54 32.20 -22.51
CA PRO B 189 -59.93 33.62 -22.39
C PRO B 189 -59.37 34.47 -23.54
N GLU B 190 -58.12 34.21 -23.89
CA GLU B 190 -57.39 34.96 -24.92
C GLU B 190 -56.99 34.04 -26.04
N PRO B 191 -56.74 34.59 -27.24
CA PRO B 191 -56.23 33.74 -28.30
C PRO B 191 -54.99 33.00 -27.80
N PRO B 192 -54.90 31.70 -28.03
CA PRO B 192 -53.84 30.95 -27.39
C PRO B 192 -52.46 31.28 -27.96
N ALA B 193 -51.48 31.37 -27.05
CA ALA B 193 -50.08 31.65 -27.45
C ALA B 193 -49.55 30.61 -28.45
N ILE B 194 -50.06 29.41 -28.33
CA ILE B 194 -49.75 28.35 -29.30
C ILE B 194 -50.95 28.24 -30.20
N PRO B 195 -50.75 28.21 -31.52
CA PRO B 195 -51.93 28.13 -32.43
C PRO B 195 -52.85 26.93 -32.19
N PRO B 196 -54.17 27.10 -32.37
CA PRO B 196 -55.10 26.00 -32.20
C PRO B 196 -54.73 24.71 -32.92
N LYS B 197 -54.31 24.79 -34.17
CA LYS B 197 -54.00 23.57 -34.97
C LYS B 197 -52.78 22.82 -34.37
N ASP B 198 -51.88 23.59 -33.76
CA ASP B 198 -50.75 23.02 -33.01
C ASP B 198 -51.20 22.34 -31.72
N LEU B 199 -52.10 23.00 -31.02
CA LEU B 199 -52.71 22.40 -29.81
C LEU B 199 -53.47 21.10 -30.18
N GLU B 200 -54.15 21.10 -31.31
CA GLU B 200 -54.82 19.87 -31.78
C GLU B 200 -53.85 18.75 -31.98
N ALA B 201 -52.71 19.07 -32.56
CA ALA B 201 -51.70 18.04 -32.80
C ALA B 201 -51.23 17.40 -31.48
N VAL B 202 -51.04 18.23 -30.48
CA VAL B 202 -50.62 17.80 -29.15
C VAL B 202 -51.70 16.91 -28.53
N ALA B 203 -52.93 17.40 -28.57
CA ALA B 203 -54.05 16.64 -28.04
C ALA B 203 -54.19 15.30 -28.75
N THR B 204 -53.97 15.31 -30.05
CA THR B 204 -54.05 14.10 -30.87
C THR B 204 -53.05 13.07 -30.40
N SER B 205 -51.85 13.55 -30.12
CA SER B 205 -50.75 12.66 -29.70
C SER B 205 -51.01 12.10 -28.29
N THR B 206 -51.54 12.94 -27.42
CA THR B 206 -51.94 12.50 -26.08
C THR B 206 -52.94 11.33 -26.19
N GLN B 207 -53.90 11.50 -27.09
CA GLN B 207 -55.02 10.53 -27.23
C GLN B 207 -54.64 9.29 -28.00
N LEU B 208 -53.79 9.46 -29.00
CA LEU B 208 -53.25 8.28 -29.69
C LEU B 208 -52.42 7.42 -28.70
N CYS B 209 -51.61 8.09 -27.91
CA CYS B 209 -50.80 7.44 -26.88
C CYS B 209 -51.70 6.70 -25.90
N GLN B 210 -52.72 7.39 -25.45
CA GLN B 210 -53.76 6.77 -24.61
C GLN B 210 -54.36 5.52 -25.27
N ARG B 211 -54.67 5.63 -26.56
CA ARG B 211 -55.31 4.54 -27.32
C ARG B 211 -54.43 3.31 -27.33
N LEU B 212 -53.16 3.51 -27.66
CA LEU B 212 -52.19 2.43 -27.77
C LEU B 212 -51.98 1.71 -26.41
N VAL B 213 -51.94 2.51 -25.35
CA VAL B 213 -51.75 2.00 -24.02
C VAL B 213 -53.00 1.24 -23.50
N ASP B 214 -54.15 1.87 -23.64
CA ASP B 214 -55.45 1.25 -23.29
C ASP B 214 -55.68 -0.07 -24.04
N ALA B 215 -55.24 -0.13 -25.28
CA ALA B 215 -55.54 -1.28 -26.14
C ALA B 215 -55.00 -2.57 -25.52
N PRO B 216 -55.79 -3.63 -25.51
CA PRO B 216 -55.30 -4.86 -24.94
C PRO B 216 -54.29 -5.49 -25.87
N PRO B 217 -53.48 -6.42 -25.35
CA PRO B 217 -52.44 -6.99 -26.17
C PRO B 217 -52.92 -7.88 -27.29
N ASN B 218 -54.16 -8.31 -27.24
CA ASN B 218 -54.73 -9.09 -28.37
C ASN B 218 -54.98 -8.21 -29.61
N LEU B 219 -55.01 -6.89 -29.40
CA LEU B 219 -55.12 -5.91 -30.48
C LEU B 219 -53.80 -5.21 -30.79
N LEU B 220 -53.14 -4.75 -29.74
CA LEU B 220 -51.83 -4.11 -29.86
C LEU B 220 -50.71 -5.11 -29.57
N THR B 221 -50.21 -5.66 -30.65
CA THR B 221 -49.15 -6.64 -30.63
C THR B 221 -47.85 -6.02 -31.14
N THR B 222 -46.77 -6.78 -31.09
CA THR B 222 -45.51 -6.29 -31.63
C THR B 222 -45.72 -5.94 -33.13
N ALA B 223 -46.52 -6.76 -33.80
CA ALA B 223 -46.77 -6.62 -35.26
C ALA B 223 -47.67 -5.46 -35.57
N THR B 224 -48.76 -5.31 -34.83
CA THR B 224 -49.67 -4.20 -35.12
C THR B 224 -49.07 -2.84 -34.74
N PHE B 225 -48.31 -2.79 -33.65
CA PHE B 225 -47.60 -1.55 -33.27
C PHE B 225 -46.62 -1.14 -34.40
N THR B 226 -45.92 -2.12 -34.92
CA THR B 226 -45.03 -1.90 -36.06
C THR B 226 -45.79 -1.38 -37.30
N GLU B 227 -46.91 -2.02 -37.60
CA GLU B 227 -47.72 -1.61 -38.77
C GLU B 227 -48.22 -0.18 -38.60
N ILE B 228 -48.57 0.18 -37.36
CA ILE B 228 -49.06 1.51 -37.07
C ILE B 228 -47.96 2.54 -37.35
N ALA B 229 -46.77 2.22 -36.89
CA ALA B 229 -45.62 3.08 -37.14
C ALA B 229 -45.36 3.24 -38.65
N GLN B 230 -45.42 2.13 -39.36
CA GLN B 230 -45.26 2.12 -40.82
C GLN B 230 -46.30 2.98 -41.51
N GLY B 231 -47.53 2.86 -41.04
CA GLY B 231 -48.64 3.67 -41.60
C GLY B 231 -48.37 5.14 -41.47
N TYR B 232 -47.95 5.55 -40.28
CA TYR B 232 -47.63 6.97 -40.03
C TYR B 232 -46.42 7.39 -40.87
N ALA B 233 -45.48 6.49 -41.04
CA ALA B 233 -44.32 6.78 -41.89
C ALA B 233 -44.73 7.08 -43.35
N LYS B 234 -45.62 6.26 -43.91
CA LYS B 234 -46.11 6.48 -45.31
C LYS B 234 -46.80 7.85 -45.35
N ALA B 235 -47.68 8.08 -44.40
CA ALA B 235 -48.53 9.28 -44.40
C ALA B 235 -47.76 10.58 -44.21
N LEU B 236 -46.84 10.59 -43.27
CA LEU B 236 -46.10 11.82 -42.91
C LEU B 236 -44.73 11.93 -43.56
N GLY B 237 -44.32 10.90 -44.25
CA GLY B 237 -43.04 10.92 -45.00
C GLY B 237 -41.75 10.88 -44.17
N PHE B 238 -41.75 10.15 -43.04
CA PHE B 238 -40.49 9.90 -42.30
C PHE B 238 -40.01 8.49 -42.54
N ASP B 239 -38.75 8.25 -42.20
CA ASP B 239 -38.10 6.93 -42.47
C ASP B 239 -38.40 5.93 -41.35
N VAL B 240 -38.48 4.68 -41.74
CA VAL B 240 -38.74 3.60 -40.80
C VAL B 240 -37.82 2.45 -41.12
N ASP B 241 -37.17 1.95 -40.09
CA ASP B 241 -36.28 0.77 -40.17
C ASP B 241 -36.78 -0.28 -39.17
N VAL B 242 -36.94 -1.48 -39.64
CA VAL B 242 -37.43 -2.57 -38.82
C VAL B 242 -36.45 -3.73 -38.80
N ILE B 243 -36.04 -4.12 -37.62
CA ILE B 243 -35.26 -5.36 -37.44
C ILE B 243 -36.17 -6.35 -36.70
N CYS B 244 -36.48 -7.45 -37.37
CA CYS B 244 -37.55 -8.35 -36.96
C CYS B 244 -37.11 -9.75 -36.62
N GLY B 245 -37.62 -10.23 -35.50
CA GLY B 245 -37.54 -11.67 -35.15
C GLY B 245 -36.15 -12.25 -35.11
N ASP B 246 -35.96 -13.32 -35.82
CA ASP B 246 -34.66 -14.01 -35.83
C ASP B 246 -33.52 -13.13 -36.36
N ASP B 247 -33.83 -12.15 -37.19
CA ASP B 247 -32.79 -11.20 -37.68
C ASP B 247 -32.14 -10.42 -36.53
N LEU B 248 -32.89 -10.25 -35.44
CA LEU B 248 -32.32 -9.62 -34.25
C LEU B 248 -31.17 -10.48 -33.73
N CYS B 249 -31.41 -11.77 -33.68
CA CYS B 249 -30.39 -12.73 -33.21
C CYS B 249 -29.18 -12.73 -34.13
N GLU B 250 -29.44 -12.83 -35.44
CA GLU B 250 -28.34 -12.84 -36.45
C GLU B 250 -27.49 -11.57 -36.39
N ARG B 251 -28.12 -10.46 -36.11
CA ARG B 251 -27.44 -9.15 -36.05
C ARG B 251 -26.94 -8.72 -34.67
N GLY B 252 -26.97 -9.64 -33.71
CA GLY B 252 -26.32 -9.43 -32.41
C GLY B 252 -27.15 -8.74 -31.36
N TYR B 253 -28.43 -8.58 -31.62
CA TYR B 253 -29.35 -7.93 -30.70
C TYR B 253 -29.92 -8.99 -29.74
N GLY B 254 -29.02 -9.55 -28.96
CA GLY B 254 -29.36 -10.65 -28.05
C GLY B 254 -30.34 -10.34 -26.94
N GLY B 255 -30.34 -9.09 -26.50
CA GLY B 255 -31.22 -8.65 -25.40
C GLY B 255 -32.71 -8.68 -25.79
N ILE B 256 -33.06 -7.86 -26.78
CA ILE B 256 -34.43 -7.82 -27.27
C ILE B 256 -34.85 -9.15 -27.91
N TYR B 257 -33.93 -9.80 -28.60
CA TYR B 257 -34.23 -11.12 -29.17
C TYR B 257 -34.63 -12.12 -28.04
N SER B 258 -33.80 -12.20 -27.02
CA SER B 258 -33.98 -13.20 -25.98
C SER B 258 -35.28 -12.98 -25.18
N VAL B 259 -35.55 -11.71 -24.89
CA VAL B 259 -36.75 -11.34 -24.19
C VAL B 259 -38.01 -11.73 -24.98
N GLY B 260 -37.96 -11.45 -26.26
CA GLY B 260 -39.16 -11.55 -27.12
C GLY B 260 -39.40 -12.84 -27.83
N LYS B 261 -38.41 -13.72 -27.81
CA LYS B 261 -38.46 -14.89 -28.69
C LYS B 261 -39.50 -15.97 -28.33
N ALA B 262 -39.94 -15.98 -27.09
CA ALA B 262 -40.93 -16.97 -26.64
C ALA B 262 -42.34 -16.68 -27.15
N ALA B 263 -42.57 -15.44 -27.51
CA ALA B 263 -43.89 -14.96 -27.88
C ALA B 263 -44.37 -15.44 -29.25
N PHE B 264 -45.68 -15.39 -29.39
CA PHE B 264 -46.34 -15.77 -30.63
C PHE B 264 -45.94 -14.83 -31.77
N GLU B 265 -45.98 -13.54 -31.48
CA GLU B 265 -45.54 -12.48 -32.42
C GLU B 265 -44.09 -12.10 -32.14
N ALA B 266 -43.31 -11.98 -33.19
CA ALA B 266 -41.86 -11.78 -33.08
C ALA B 266 -41.50 -10.40 -32.55
N PRO B 267 -40.36 -10.28 -31.85
CA PRO B 267 -39.94 -9.00 -31.37
C PRO B 267 -39.42 -8.19 -32.54
N ARG B 268 -39.47 -6.90 -32.38
CA ARG B 268 -39.01 -5.95 -33.40
C ARG B 268 -38.33 -4.77 -32.78
N LEU B 269 -37.21 -4.42 -33.39
CA LEU B 269 -36.54 -3.13 -33.11
C LEU B 269 -36.86 -2.16 -34.25
N VAL B 270 -37.69 -1.20 -33.92
CA VAL B 270 -38.27 -0.29 -34.92
C VAL B 270 -37.70 1.09 -34.71
N THR B 271 -36.95 1.56 -35.69
CA THR B 271 -36.37 2.89 -35.62
C THR B 271 -36.98 3.83 -36.68
N LEU B 272 -37.42 4.97 -36.21
CA LEU B 272 -37.99 6.02 -37.03
C LEU B 272 -37.03 7.20 -37.06
N LEU B 273 -36.92 7.84 -38.23
CA LEU B 273 -36.04 9.04 -38.41
C LEU B 273 -36.79 10.23 -38.94
N TYR B 274 -36.52 11.35 -38.30
CA TYR B 274 -37.02 12.64 -38.75
C TYR B 274 -35.90 13.66 -38.72
N THR B 275 -35.66 14.27 -39.88
CA THR B 275 -34.65 15.34 -40.00
C THR B 275 -35.35 16.57 -40.51
N PRO B 276 -35.31 17.67 -39.74
CA PRO B 276 -36.00 18.88 -40.17
C PRO B 276 -35.30 19.57 -41.34
N LYS B 277 -36.02 20.44 -42.00
CA LYS B 277 -35.51 21.24 -43.17
C LYS B 277 -34.31 22.10 -42.81
N GLY B 278 -34.33 22.75 -41.66
CA GLY B 278 -33.18 23.60 -41.31
C GLY B 278 -32.01 22.86 -40.67
N THR B 279 -31.08 23.65 -40.15
CA THR B 279 -30.11 23.14 -39.19
C THR B 279 -30.85 22.83 -37.90
N PRO B 280 -30.74 21.60 -37.42
CA PRO B 280 -31.41 21.27 -36.18
C PRO B 280 -30.80 21.93 -34.98
N VAL B 281 -31.65 22.31 -34.03
CA VAL B 281 -31.14 22.89 -32.75
C VAL B 281 -30.44 21.83 -31.90
N LYS B 282 -30.76 20.56 -32.15
CA LYS B 282 -30.21 19.41 -31.39
C LYS B 282 -30.48 18.12 -32.13
N LYS B 283 -29.62 17.14 -31.88
CA LYS B 283 -29.88 15.77 -32.33
C LYS B 283 -30.24 14.94 -31.11
N VAL B 284 -31.46 14.41 -31.15
CA VAL B 284 -32.01 13.63 -30.03
C VAL B 284 -32.46 12.26 -30.47
N SER B 285 -32.01 11.23 -29.74
CA SER B 285 -32.44 9.85 -29.94
C SER B 285 -33.38 9.44 -28.81
N LEU B 286 -34.56 9.01 -29.21
CA LEU B 286 -35.61 8.52 -28.29
C LEU B 286 -35.61 7.01 -28.34
N VAL B 287 -35.74 6.41 -27.16
CA VAL B 287 -35.79 4.94 -27.04
C VAL B 287 -36.91 4.60 -26.10
N GLY B 288 -37.83 3.78 -26.56
CA GLY B 288 -39.00 3.40 -25.75
C GLY B 288 -39.13 1.90 -25.47
N LYS B 289 -39.46 1.58 -24.22
CA LYS B 289 -39.78 0.21 -23.81
C LYS B 289 -41.18 -0.12 -24.38
N GLY B 290 -41.19 -1.01 -25.35
CA GLY B 290 -42.43 -1.42 -26.01
C GLY B 290 -42.82 -2.86 -25.69
N ILE B 291 -42.94 -3.15 -24.39
CA ILE B 291 -43.36 -4.49 -23.97
C ILE B 291 -44.90 -4.52 -24.03
N VAL B 292 -45.38 -5.09 -25.13
CA VAL B 292 -46.83 -5.13 -25.43
C VAL B 292 -47.61 -5.87 -24.33
N TYR B 293 -46.93 -6.85 -23.73
CA TYR B 293 -47.42 -7.50 -22.51
C TYR B 293 -46.27 -8.14 -21.76
N ASP B 294 -46.27 -7.90 -20.46
CA ASP B 294 -45.23 -8.37 -19.54
C ASP B 294 -45.89 -9.42 -18.63
N CYS B 295 -45.84 -10.69 -19.03
CA CYS B 295 -46.30 -11.79 -18.14
C CYS B 295 -45.26 -12.15 -17.06
N GLY B 296 -44.06 -11.61 -17.21
CA GLY B 296 -42.91 -11.92 -16.35
C GLY B 296 -41.92 -12.89 -16.93
N GLY B 297 -42.36 -13.58 -17.99
CA GLY B 297 -41.61 -14.70 -18.56
C GLY B 297 -41.64 -15.87 -17.56
N LEU B 298 -40.58 -16.65 -17.54
CA LEU B 298 -40.47 -17.79 -16.62
C LEU B 298 -40.61 -17.38 -15.14
N ALA B 299 -40.16 -16.17 -14.85
CA ALA B 299 -40.41 -15.46 -13.57
C ALA B 299 -41.82 -14.89 -13.58
N LEU B 300 -42.78 -15.79 -13.60
CA LEU B 300 -44.19 -15.44 -13.89
C LEU B 300 -44.81 -14.54 -12.82
N LYS B 301 -45.44 -13.48 -13.25
CA LYS B 301 -46.17 -12.59 -12.33
C LYS B 301 -47.45 -13.24 -11.81
N PRO B 302 -47.80 -12.96 -10.55
CA PRO B 302 -49.14 -13.33 -10.08
C PRO B 302 -50.14 -12.53 -10.85
N ALA B 303 -51.35 -13.05 -10.94
CA ALA B 303 -52.39 -12.46 -11.81
C ALA B 303 -52.73 -10.98 -11.49
N ASP B 304 -52.78 -10.64 -10.21
CA ASP B 304 -53.08 -9.25 -9.74
C ASP B 304 -52.00 -8.23 -10.20
N TYR B 305 -50.75 -8.66 -10.24
CA TYR B 305 -49.65 -7.82 -10.81
C TYR B 305 -49.58 -7.86 -12.32
N MET B 306 -49.98 -8.98 -12.90
CA MET B 306 -49.96 -9.14 -14.36
C MET B 306 -51.05 -8.29 -15.06
N LYS B 307 -52.16 -8.11 -14.38
CA LYS B 307 -53.27 -7.25 -14.88
C LYS B 307 -52.67 -5.85 -15.11
N LEU B 308 -53.07 -5.24 -16.19
CA LEU B 308 -52.55 -3.89 -16.56
C LEU B 308 -51.08 -3.86 -17.12
N MET B 309 -50.47 -5.03 -17.32
CA MET B 309 -49.18 -5.08 -18.03
C MET B 309 -49.31 -4.87 -19.56
N LYS B 310 -50.53 -4.73 -20.07
CA LYS B 310 -50.78 -4.16 -21.40
C LYS B 310 -50.29 -2.69 -21.49
N HIS B 311 -50.19 -2.06 -20.32
CA HIS B 311 -49.57 -0.72 -20.20
C HIS B 311 -48.04 -0.69 -20.35
N ASP B 312 -47.41 -1.86 -20.48
CA ASP B 312 -45.94 -1.97 -20.40
C ASP B 312 -45.26 -1.49 -21.67
N MET B 313 -46.08 -1.09 -22.65
CA MET B 313 -45.57 -0.40 -23.86
C MET B 313 -45.79 1.12 -23.78
N GLY B 314 -46.11 1.60 -22.60
CA GLY B 314 -46.38 3.05 -22.39
C GLY B 314 -45.24 4.00 -22.72
N GLY B 315 -44.02 3.54 -22.51
CA GLY B 315 -42.82 4.30 -22.86
C GLY B 315 -42.60 4.37 -24.37
N ALA B 316 -42.87 3.27 -25.04
CA ALA B 316 -42.81 3.22 -26.52
C ALA B 316 -43.89 4.13 -27.16
N ALA B 317 -45.07 4.06 -26.61
CA ALA B 317 -46.15 4.91 -27.06
C ALA B 317 -45.79 6.38 -26.86
N ALA B 318 -45.20 6.68 -25.71
CA ALA B 318 -44.84 8.07 -25.36
C ALA B 318 -43.83 8.64 -26.38
N VAL B 319 -42.78 7.91 -26.64
CA VAL B 319 -41.74 8.37 -27.57
C VAL B 319 -42.25 8.38 -29.02
N PHE B 320 -43.03 7.37 -29.36
CA PHE B 320 -43.66 7.32 -30.67
C PHE B 320 -44.52 8.59 -30.92
N CYS B 321 -45.36 8.92 -29.98
CA CYS B 321 -46.30 10.01 -30.17
C CYS B 321 -45.62 11.38 -30.09
N GLY B 322 -44.64 11.47 -29.22
CA GLY B 322 -43.81 12.72 -29.11
C GLY B 322 -43.08 12.98 -30.41
N PHE B 323 -42.58 11.90 -30.98
CA PHE B 323 -42.01 11.90 -32.33
C PHE B 323 -43.03 12.37 -33.37
N LEU B 324 -44.23 11.81 -33.35
CA LEU B 324 -45.29 12.24 -34.32
C LEU B 324 -45.57 13.72 -34.21
N THR B 325 -45.65 14.22 -32.99
CA THR B 325 -45.93 15.63 -32.78
C THR B 325 -44.83 16.48 -33.38
N ALA B 326 -43.58 16.08 -33.16
CA ALA B 326 -42.45 16.79 -33.69
C ALA B 326 -42.52 16.85 -35.22
N VAL B 327 -42.89 15.75 -35.84
CA VAL B 327 -42.99 15.70 -37.30
C VAL B 327 -44.15 16.60 -37.78
N ARG B 328 -45.28 16.46 -37.13
CA ARG B 328 -46.49 17.20 -37.55
C ARG B 328 -46.34 18.70 -37.36
N LEU B 329 -45.71 19.12 -36.29
CA LEU B 329 -45.42 20.53 -36.04
C LEU B 329 -44.09 21.03 -36.65
N GLN B 330 -43.38 20.13 -37.30
CA GLN B 330 -42.08 20.43 -37.88
C GLN B 330 -41.14 21.14 -36.88
N GLN B 331 -41.05 20.58 -35.70
CA GLN B 331 -40.15 21.09 -34.67
C GLN B 331 -38.71 20.93 -35.20
N PRO B 332 -37.82 21.90 -34.90
CA PRO B 332 -36.46 21.90 -35.48
C PRO B 332 -35.46 21.00 -34.75
N VAL B 333 -35.86 19.78 -34.49
CA VAL B 333 -35.02 18.79 -33.79
C VAL B 333 -34.84 17.62 -34.68
N GLN B 334 -33.60 17.18 -34.84
CA GLN B 334 -33.35 15.94 -35.54
C GLN B 334 -33.59 14.78 -34.56
N LEU B 335 -34.45 13.83 -34.96
CA LEU B 335 -34.92 12.77 -34.06
C LEU B 335 -34.73 11.41 -34.64
N SER B 336 -34.27 10.51 -33.79
CA SER B 336 -34.51 9.08 -33.99
C SER B 336 -35.49 8.65 -32.91
N CYS B 337 -36.31 7.68 -33.25
CA CYS B 337 -37.23 7.07 -32.29
C CYS B 337 -37.18 5.57 -32.45
N THR B 338 -36.60 4.92 -31.45
CA THR B 338 -36.39 3.47 -31.48
C THR B 338 -37.38 2.79 -30.51
N LEU B 339 -38.25 1.97 -31.08
CA LEU B 339 -39.27 1.24 -30.32
C LEU B 339 -38.75 -0.17 -30.08
N CYS B 340 -38.63 -0.51 -28.81
CA CYS B 340 -38.14 -1.84 -28.41
C CYS B 340 -39.35 -2.73 -28.17
N LEU B 341 -39.78 -3.39 -29.22
CA LEU B 341 -41.06 -4.12 -29.22
C LEU B 341 -40.87 -5.60 -28.99
N ALA B 342 -41.50 -6.08 -27.95
CA ALA B 342 -41.51 -7.50 -27.61
C ALA B 342 -42.67 -7.78 -26.68
N GLU B 343 -43.13 -9.01 -26.74
CA GLU B 343 -43.94 -9.56 -25.67
C GLU B 343 -43.05 -10.43 -24.82
N ASN B 344 -43.13 -10.22 -23.52
CA ASN B 344 -42.42 -11.06 -22.53
C ASN B 344 -43.35 -12.23 -22.19
N ALA B 345 -43.15 -13.30 -22.91
CA ALA B 345 -44.06 -14.44 -22.91
C ALA B 345 -43.47 -15.63 -22.15
N ILE B 346 -44.33 -16.59 -21.87
CA ILE B 346 -43.91 -17.80 -21.20
C ILE B 346 -44.19 -19.00 -22.11
N GLY B 347 -43.19 -19.84 -22.23
CA GLY B 347 -43.28 -21.03 -23.07
C GLY B 347 -41.95 -21.73 -23.25
N PRO B 348 -41.91 -22.73 -24.15
CA PRO B 348 -40.72 -23.55 -24.35
C PRO B 348 -39.49 -22.77 -24.86
N LYS B 349 -39.73 -21.67 -25.56
CA LYS B 349 -38.64 -20.83 -26.11
C LYS B 349 -38.26 -19.68 -25.13
N SER B 350 -38.85 -19.67 -23.93
CA SER B 350 -38.57 -18.60 -22.93
C SER B 350 -37.11 -18.47 -22.57
N TYR B 351 -36.61 -17.26 -22.58
CA TYR B 351 -35.27 -17.03 -22.02
C TYR B 351 -35.39 -17.34 -20.53
N ARG B 352 -34.30 -17.81 -19.95
CA ARG B 352 -34.34 -18.40 -18.64
C ARG B 352 -33.69 -17.59 -17.58
N ASN B 353 -34.11 -17.89 -16.35
CA ASN B 353 -33.43 -17.42 -15.14
C ASN B 353 -32.16 -18.28 -14.95
N ASP B 354 -31.04 -17.76 -15.49
CA ASP B 354 -29.72 -18.47 -15.65
C ASP B 354 -29.08 -18.24 -17.01
N ASP B 355 -29.89 -17.99 -18.00
CA ASP B 355 -29.39 -17.79 -19.35
C ASP B 355 -28.43 -16.59 -19.37
N ILE B 356 -27.45 -16.67 -20.25
CA ILE B 356 -26.50 -15.56 -20.44
C ILE B 356 -26.70 -14.99 -21.85
N ILE B 357 -26.99 -13.70 -21.87
CA ILE B 357 -27.29 -12.97 -23.11
C ILE B 357 -26.06 -12.23 -23.60
N VAL B 358 -25.81 -12.32 -24.91
CA VAL B 358 -24.83 -11.43 -25.54
C VAL B 358 -25.57 -10.23 -26.11
N MET B 359 -25.45 -9.09 -25.42
CA MET B 359 -26.11 -7.86 -25.82
C MET B 359 -25.46 -7.31 -27.09
N LYS B 360 -26.19 -6.46 -27.78
CA LYS B 360 -25.66 -5.77 -28.97
C LYS B 360 -24.39 -4.97 -28.64
N SER B 361 -24.35 -4.45 -27.44
CA SER B 361 -23.18 -3.73 -26.93
C SER B 361 -21.92 -4.61 -26.83
N GLY B 362 -22.08 -5.93 -26.91
CA GLY B 362 -20.97 -6.88 -26.74
C GLY B 362 -20.82 -7.37 -25.30
N LYS B 363 -21.46 -6.66 -24.41
CA LYS B 363 -21.45 -7.07 -22.98
C LYS B 363 -22.42 -8.21 -22.74
N THR B 364 -22.04 -9.08 -21.82
CA THR B 364 -22.85 -10.24 -21.48
C THR B 364 -23.62 -10.00 -20.19
N VAL B 365 -24.83 -10.50 -20.19
CA VAL B 365 -25.81 -10.29 -19.13
C VAL B 365 -26.33 -11.63 -18.66
N GLU B 366 -26.10 -11.89 -17.39
CA GLU B 366 -26.63 -13.08 -16.74
C GLU B 366 -28.02 -12.73 -16.29
N VAL B 367 -28.98 -13.50 -16.78
CA VAL B 367 -30.40 -13.26 -16.42
C VAL B 367 -30.73 -13.91 -15.07
N ILE B 368 -30.85 -13.10 -14.06
CA ILE B 368 -31.24 -13.53 -12.71
C ILE B 368 -32.75 -13.69 -12.65
N ASN B 369 -33.43 -12.77 -13.30
CA ASN B 369 -34.90 -12.71 -13.28
C ASN B 369 -35.46 -12.20 -14.61
N THR B 370 -36.24 -13.04 -15.26
CA THR B 370 -36.76 -12.74 -16.60
C THR B 370 -37.79 -11.63 -16.61
N ASP B 371 -38.31 -11.30 -15.44
CA ASP B 371 -39.29 -10.21 -15.28
C ASP B 371 -38.67 -8.81 -15.24
N ALA B 372 -37.34 -8.78 -15.15
CA ALA B 372 -36.55 -7.55 -15.37
C ALA B 372 -36.09 -7.49 -16.83
N GLU B 373 -37.09 -7.47 -17.70
CA GLU B 373 -36.93 -7.59 -19.15
C GLU B 373 -36.70 -6.23 -19.82
N GLY B 374 -37.29 -5.23 -19.22
CA GLY B 374 -37.33 -3.89 -19.79
C GLY B 374 -35.95 -3.28 -19.96
N ARG B 375 -35.16 -3.42 -18.93
CA ARG B 375 -33.79 -2.88 -18.94
C ARG B 375 -32.91 -3.57 -20.01
N ILE B 376 -33.17 -4.84 -20.25
CA ILE B 376 -32.46 -5.62 -21.26
C ILE B 376 -32.79 -5.11 -22.67
N VAL B 377 -34.06 -4.99 -22.91
CA VAL B 377 -34.59 -4.57 -24.17
C VAL B 377 -34.10 -3.13 -24.49
N LEU B 378 -34.15 -2.28 -23.46
CA LEU B 378 -33.68 -0.91 -23.57
C LEU B 378 -32.14 -0.82 -23.78
N GLY B 379 -31.44 -1.78 -23.21
CA GLY B 379 -29.97 -1.86 -23.38
C GLY B 379 -29.61 -2.00 -24.86
N ASP B 380 -30.34 -2.86 -25.54
CA ASP B 380 -30.16 -3.00 -26.99
C ASP B 380 -30.63 -1.72 -27.75
N GLY B 381 -31.71 -1.14 -27.28
CA GLY B 381 -32.26 0.08 -27.84
C GLY B 381 -31.31 1.26 -27.80
N VAL B 382 -30.74 1.51 -26.63
CA VAL B 382 -29.82 2.67 -26.47
C VAL B 382 -28.49 2.42 -27.16
N PHE B 383 -28.04 1.19 -27.21
CA PHE B 383 -26.82 0.90 -27.97
C PHE B 383 -27.07 1.15 -29.45
N HIS B 384 -28.18 0.66 -29.93
CA HIS B 384 -28.58 0.89 -31.31
C HIS B 384 -28.58 2.39 -31.67
N ALA B 385 -29.22 3.17 -30.82
CA ALA B 385 -29.35 4.63 -31.03
C ALA B 385 -28.00 5.34 -31.01
N THR B 386 -27.14 4.90 -30.13
CA THR B 386 -25.83 5.57 -29.92
C THR B 386 -24.68 5.02 -30.77
N ASN B 387 -24.91 3.90 -31.43
CA ASN B 387 -23.86 3.27 -32.21
C ASN B 387 -24.19 2.97 -33.65
N GLU B 388 -25.46 2.76 -33.96
CA GLU B 388 -25.83 2.18 -35.28
C GLU B 388 -26.58 3.09 -36.22
N LEU B 389 -26.79 4.33 -35.82
CA LEU B 389 -27.48 5.28 -36.70
C LEU B 389 -26.51 6.11 -37.55
N SER B 390 -27.08 6.84 -38.50
CA SER B 390 -26.26 7.68 -39.43
C SER B 390 -25.78 8.95 -38.77
N PHE B 391 -26.28 9.25 -37.60
CA PHE B 391 -25.74 10.35 -36.77
C PHE B 391 -25.53 9.87 -35.32
N THR B 392 -24.82 10.66 -34.55
CA THR B 392 -24.61 10.38 -33.13
C THR B 392 -25.43 11.42 -32.40
N PRO B 393 -26.35 10.99 -31.54
CA PRO B 393 -27.12 11.99 -30.84
C PRO B 393 -26.37 12.77 -29.79
N ASP B 394 -26.86 13.97 -29.55
CA ASP B 394 -26.39 14.83 -28.45
C ASP B 394 -27.02 14.42 -27.14
N VAL B 395 -28.26 13.94 -27.26
CA VAL B 395 -29.09 13.58 -26.10
C VAL B 395 -29.81 12.28 -26.40
N VAL B 396 -29.78 11.38 -25.44
CA VAL B 396 -30.56 10.14 -25.50
C VAL B 396 -31.60 10.20 -24.43
N ILE B 397 -32.84 10.00 -24.83
CA ILE B 397 -33.97 9.92 -23.88
C ILE B 397 -34.59 8.54 -24.01
N ASP B 398 -34.54 7.78 -22.94
CA ASP B 398 -35.29 6.53 -22.92
C ASP B 398 -36.48 6.69 -21.98
N MET B 399 -37.61 6.12 -22.39
CA MET B 399 -38.85 6.18 -21.60
C MET B 399 -39.39 4.79 -21.45
N ALA B 400 -39.75 4.44 -20.24
CA ALA B 400 -40.10 3.05 -19.90
C ALA B 400 -40.90 2.90 -18.64
N THR B 401 -41.86 1.99 -18.71
CA THR B 401 -42.66 1.61 -17.56
C THR B 401 -41.85 0.56 -16.79
N LEU B 402 -40.82 1.02 -16.11
CA LEU B 402 -39.70 0.13 -15.82
C LEU B 402 -39.72 -0.57 -14.45
N THR B 403 -40.08 0.14 -13.40
CA THR B 403 -40.01 -0.43 -12.05
C THR B 403 -41.21 -0.11 -11.18
N GLY B 404 -41.60 -1.08 -10.36
CA GLY B 404 -42.55 -0.83 -9.26
C GLY B 404 -41.96 0.14 -8.24
N ALA B 405 -40.64 0.10 -8.09
CA ALA B 405 -39.94 1.05 -7.24
C ALA B 405 -40.26 2.51 -7.60
N GLN B 406 -40.51 2.77 -8.88
CA GLN B 406 -40.81 4.14 -9.32
C GLN B 406 -42.01 4.72 -8.57
N GLY B 407 -43.07 3.94 -8.46
CA GLY B 407 -44.27 4.36 -7.76
C GLY B 407 -44.01 4.62 -6.28
N ILE B 408 -43.29 3.72 -5.68
CA ILE B 408 -42.87 3.87 -4.28
C ILE B 408 -42.02 5.14 -4.07
N ALA B 409 -41.11 5.40 -5.01
CA ALA B 409 -40.16 6.51 -4.88
C ALA B 409 -40.77 7.89 -5.21
N THR B 410 -41.28 8.02 -6.41
CA THR B 410 -41.80 9.32 -6.94
C THR B 410 -43.32 9.41 -7.15
N GLY B 411 -44.00 8.30 -7.03
CA GLY B 411 -45.47 8.28 -6.96
C GLY B 411 -46.17 8.19 -8.29
N ARG B 412 -47.48 8.38 -8.24
CA ARG B 412 -48.34 8.15 -9.40
C ARG B 412 -48.38 9.23 -10.45
N HIS B 413 -47.96 10.43 -10.06
CA HIS B 413 -48.04 11.62 -10.96
C HIS B 413 -46.70 12.13 -11.45
N HIS B 414 -45.63 11.64 -10.87
CA HIS B 414 -44.26 12.08 -11.24
C HIS B 414 -43.43 10.93 -11.74
N ALA B 415 -43.06 11.01 -13.00
CA ALA B 415 -42.11 10.08 -13.59
C ALA B 415 -40.73 10.31 -12.97
N GLY B 416 -40.03 9.23 -12.72
CA GLY B 416 -38.70 9.30 -12.14
C GLY B 416 -37.65 9.57 -13.21
N LEU B 417 -36.74 10.47 -12.91
CA LEU B 417 -35.60 10.78 -13.80
C LEU B 417 -34.24 10.37 -13.27
N TYR B 418 -33.57 9.55 -14.05
CA TYR B 418 -32.19 9.14 -13.79
C TYR B 418 -31.37 9.72 -14.93
N VAL B 419 -30.55 10.72 -14.60
CA VAL B 419 -29.90 11.57 -15.63
C VAL B 419 -28.42 11.77 -15.32
N ASN B 420 -27.59 11.60 -16.33
CA ASN B 420 -26.13 11.72 -16.13
C ASN B 420 -25.57 13.17 -16.06
N GLU B 421 -26.41 14.16 -16.32
CA GLU B 421 -26.02 15.57 -16.31
C GLU B 421 -27.07 16.40 -15.64
N GLU B 422 -26.65 17.29 -14.77
CA GLU B 422 -27.59 18.16 -14.06
C GLU B 422 -28.43 19.05 -15.00
N GLY B 423 -27.80 19.56 -16.02
CA GLY B 423 -28.45 20.50 -16.96
C GLY B 423 -29.64 19.89 -17.69
N ALA B 424 -29.41 18.71 -18.23
CA ALA B 424 -30.46 17.98 -18.95
C ALA B 424 -31.60 17.64 -17.99
N GLU B 425 -31.23 17.28 -16.78
CA GLU B 425 -32.22 16.92 -15.78
C GLU B 425 -33.13 18.11 -15.47
N ALA B 426 -32.51 19.25 -15.22
CA ALA B 426 -33.25 20.50 -14.88
C ALA B 426 -34.16 20.92 -16.02
N ALA B 427 -33.67 20.76 -17.24
CA ALA B 427 -34.47 21.03 -18.44
C ALA B 427 -35.71 20.12 -18.55
N MET B 428 -35.52 18.83 -18.32
CA MET B 428 -36.66 17.89 -18.37
C MET B 428 -37.66 18.17 -17.24
N LEU B 429 -37.14 18.49 -16.06
CA LEU B 429 -38.01 18.88 -14.93
C LEU B 429 -38.85 20.11 -15.24
N ARG B 430 -38.21 21.07 -15.86
CA ARG B 430 -38.91 22.33 -16.32
C ARG B 430 -40.00 21.98 -17.31
N ALA B 431 -39.66 21.12 -18.26
CA ALA B 431 -40.62 20.67 -19.27
C ALA B 431 -41.83 19.95 -18.63
N GLY B 432 -41.56 19.20 -17.59
CA GLY B 432 -42.63 18.54 -16.84
C GLY B 432 -43.59 19.51 -16.14
N ARG B 433 -43.00 20.53 -15.53
CA ARG B 433 -43.80 21.55 -14.79
C ARG B 433 -44.62 22.42 -15.73
N GLU B 434 -44.05 22.72 -16.88
CA GLU B 434 -44.75 23.50 -17.94
C GLU B 434 -45.84 22.67 -18.63
N SER B 435 -45.50 21.45 -19.02
CA SER B 435 -46.44 20.57 -19.74
C SER B 435 -47.54 20.00 -18.85
N GLY B 436 -47.31 19.99 -17.57
CA GLY B 436 -48.18 19.26 -16.60
C GLY B 436 -47.80 17.79 -16.40
N GLU B 437 -46.96 17.28 -17.30
CA GLU B 437 -46.53 15.87 -17.27
C GLU B 437 -45.26 15.82 -16.40
N THR B 438 -45.50 15.91 -15.10
CA THR B 438 -44.49 16.19 -14.13
C THR B 438 -43.54 15.02 -13.90
N CYS B 439 -42.31 15.37 -13.58
CA CYS B 439 -41.22 14.44 -13.26
C CYS B 439 -40.57 14.81 -11.92
N PHE B 440 -39.76 13.89 -11.43
CA PHE B 440 -38.95 14.13 -10.23
C PHE B 440 -37.69 13.28 -10.27
N PRO B 441 -36.55 13.81 -9.83
CA PRO B 441 -35.33 13.02 -10.01
C PRO B 441 -35.19 11.90 -8.99
N VAL B 442 -34.55 10.84 -9.44
CA VAL B 442 -34.07 9.79 -8.54
C VAL B 442 -32.55 9.82 -8.50
N LEU B 443 -32.01 9.23 -7.45
CA LEU B 443 -30.55 9.27 -7.18
C LEU B 443 -29.74 8.85 -8.39
N TYR B 444 -28.81 9.71 -8.79
CA TYR B 444 -27.78 9.36 -9.77
C TYR B 444 -26.47 9.20 -9.02
N CYS B 445 -26.02 7.94 -8.95
CA CYS B 445 -24.79 7.61 -8.23
C CYS B 445 -24.24 6.25 -8.71
N PRO B 446 -23.74 6.19 -9.96
CA PRO B 446 -23.29 4.96 -10.59
C PRO B 446 -22.27 4.16 -9.76
N GLU B 447 -21.42 4.85 -9.03
CA GLU B 447 -20.46 4.17 -8.19
C GLU B 447 -21.12 3.26 -7.13
N TYR B 448 -22.32 3.60 -6.70
CA TYR B 448 -23.06 2.79 -5.76
C TYR B 448 -24.00 1.78 -6.42
N HIS B 449 -24.41 2.04 -7.65
CA HIS B 449 -25.30 1.11 -8.38
C HIS B 449 -24.56 -0.05 -8.98
N GLU B 450 -23.40 0.26 -9.53
CA GLU B 450 -22.53 -0.73 -10.24
C GLU B 450 -22.29 -2.07 -9.49
N PRO B 451 -21.89 -2.05 -8.21
CA PRO B 451 -21.65 -3.29 -7.48
C PRO B 451 -22.86 -4.22 -7.31
N GLU B 452 -24.05 -3.67 -7.43
CA GLU B 452 -25.27 -4.48 -7.35
C GLU B 452 -25.45 -5.49 -8.50
N PHE B 453 -24.71 -5.30 -9.57
CA PHE B 453 -24.85 -6.14 -10.77
C PHE B 453 -23.72 -7.13 -11.02
N LYS B 454 -22.93 -7.40 -10.00
CA LYS B 454 -21.76 -8.32 -10.13
C LYS B 454 -22.27 -9.72 -10.46
N SER B 455 -21.62 -10.37 -11.40
CA SER B 455 -21.94 -11.73 -11.86
C SER B 455 -20.71 -12.60 -11.79
N ASN B 456 -20.88 -13.85 -11.41
CA ASN B 456 -19.78 -14.82 -11.42
C ASN B 456 -19.23 -15.07 -12.83
N HIS B 457 -20.12 -15.12 -13.81
CA HIS B 457 -19.76 -15.62 -15.16
C HIS B 457 -19.93 -14.68 -16.32
N ALA B 458 -20.75 -13.66 -16.13
CA ALA B 458 -21.05 -12.70 -17.19
C ALA B 458 -20.51 -11.37 -16.77
N ASP B 459 -20.50 -10.43 -17.70
CA ASP B 459 -20.08 -9.05 -17.37
C ASP B 459 -20.95 -8.43 -16.28
N MET B 460 -22.23 -8.75 -16.32
CA MET B 460 -23.18 -8.26 -15.34
C MET B 460 -24.40 -9.15 -15.22
N THR B 461 -25.13 -8.97 -14.14
CA THR B 461 -26.49 -9.52 -14.02
C THR B 461 -27.50 -8.46 -14.49
N ASN B 462 -28.75 -8.88 -14.58
CA ASN B 462 -29.87 -7.95 -14.90
C ASN B 462 -30.68 -7.55 -13.69
N LEU B 463 -30.22 -7.94 -12.53
CA LEU B 463 -30.94 -7.64 -11.30
C LEU B 463 -30.03 -7.43 -10.14
N MET B 464 -30.37 -6.45 -9.34
CA MET B 464 -29.60 -6.08 -8.15
C MET B 464 -29.58 -7.21 -7.15
N GLU B 465 -28.43 -7.43 -6.57
CA GLU B 465 -28.26 -8.37 -5.46
C GLU B 465 -29.16 -7.92 -4.30
N ARG B 466 -29.17 -6.63 -4.04
CA ARG B 466 -30.00 -6.02 -2.97
C ARG B 466 -31.01 -5.06 -3.58
N ARG B 467 -32.27 -5.38 -3.44
CA ARG B 467 -33.36 -4.64 -4.12
CA ARG B 467 -33.36 -4.64 -4.12
C ARG B 467 -33.76 -3.38 -3.36
N ASP B 468 -33.24 -3.24 -2.16
CA ASP B 468 -33.48 -2.06 -1.32
C ASP B 468 -32.32 -1.04 -1.35
N ASN B 469 -31.72 -0.89 -2.53
CA ASN B 469 -30.62 0.02 -2.74
C ASN B 469 -30.79 0.89 -3.99
N ALA B 470 -31.82 1.71 -3.96
CA ALA B 470 -32.15 2.68 -5.05
C ALA B 470 -32.53 1.94 -6.34
N GLY B 471 -33.69 1.30 -6.29
CA GLY B 471 -34.13 0.42 -7.37
C GLY B 471 -34.47 1.12 -8.67
N VAL B 472 -35.02 2.33 -8.59
CA VAL B 472 -35.30 3.09 -9.82
C VAL B 472 -33.97 3.43 -10.50
N SER B 473 -33.04 3.88 -9.68
CA SER B 473 -31.70 4.30 -10.13
C SER B 473 -30.87 3.15 -10.72
N CYS B 474 -30.87 2.03 -10.03
CA CYS B 474 -30.14 0.84 -10.50
C CYS B 474 -30.61 0.34 -11.88
N ALA B 475 -31.94 0.36 -12.11
CA ALA B 475 -32.47 -0.07 -13.42
C ALA B 475 -31.98 0.86 -14.53
N GLY B 476 -31.98 2.14 -14.21
CA GLY B 476 -31.38 3.14 -15.09
C GLY B 476 -29.88 2.88 -15.34
N TYR B 477 -29.14 2.62 -14.26
CA TYR B 477 -27.72 2.32 -14.36
C TYR B 477 -27.47 1.20 -15.35
N PHE B 478 -28.23 0.13 -15.21
CA PHE B 478 -28.09 -1.03 -16.10
C PHE B 478 -28.11 -0.60 -17.55
N ILE B 479 -29.09 0.22 -17.87
CA ILE B 479 -29.27 0.71 -19.26
C ILE B 479 -28.03 1.44 -19.74
N THR B 480 -27.47 2.26 -18.86
CA THR B 480 -26.28 3.09 -19.21
C THR B 480 -25.06 2.26 -19.59
N THR B 481 -24.94 1.08 -19.01
CA THR B 481 -23.81 0.20 -19.30
C THR B 481 -23.79 -0.24 -20.75
N HIS B 482 -24.91 -0.09 -21.43
CA HIS B 482 -25.03 -0.45 -22.86
C HIS B 482 -25.03 0.74 -23.84
N LEU B 483 -24.79 1.90 -23.33
CA LEU B 483 -24.52 3.07 -24.19
C LEU B 483 -23.22 2.85 -24.94
N SER B 484 -23.19 3.22 -26.20
CA SER B 484 -21.94 3.15 -26.99
C SER B 484 -20.89 4.04 -26.39
N PRO B 485 -19.63 3.61 -26.39
CA PRO B 485 -18.50 4.52 -26.08
C PRO B 485 -18.36 5.73 -27.02
N LYS B 486 -18.85 5.61 -28.23
CA LYS B 486 -18.97 6.74 -29.17
C LYS B 486 -19.83 7.92 -28.62
N PHE B 487 -20.67 7.63 -27.64
CA PHE B 487 -21.65 8.62 -27.13
C PHE B 487 -21.04 9.27 -25.90
N THR B 488 -21.05 10.58 -25.89
CA THR B 488 -20.55 11.37 -24.76
C THR B 488 -21.52 12.46 -24.33
N GLY B 489 -22.77 12.32 -24.73
CA GLY B 489 -23.80 13.34 -24.46
C GLY B 489 -24.63 13.06 -23.24
N ALA B 490 -25.77 13.73 -23.19
CA ALA B 490 -26.64 13.66 -22.03
C ALA B 490 -27.56 12.46 -22.21
N HIS B 491 -27.75 11.73 -21.13
CA HIS B 491 -28.70 10.60 -21.11
C HIS B 491 -29.76 10.81 -20.06
N ILE B 492 -30.99 10.83 -20.53
CA ILE B 492 -32.15 11.01 -19.66
C ILE B 492 -32.97 9.72 -19.66
N HIS B 493 -32.99 9.08 -18.52
CA HIS B 493 -33.84 7.91 -18.32
C HIS B 493 -35.10 8.33 -17.58
N VAL B 494 -36.23 8.05 -18.21
CA VAL B 494 -37.54 8.36 -17.66
C VAL B 494 -38.30 7.06 -17.28
N ASP B 495 -38.48 6.86 -16.00
CA ASP B 495 -39.25 5.72 -15.49
C ASP B 495 -40.68 6.22 -15.23
N LEU B 496 -41.58 5.81 -16.08
CA LEU B 496 -42.98 6.28 -16.03
C LEU B 496 -43.99 5.15 -15.80
N ALA B 497 -43.55 4.16 -15.03
CA ALA B 497 -44.39 2.98 -14.70
C ALA B 497 -45.84 3.34 -14.31
N TYR B 498 -45.96 4.26 -13.37
CA TYR B 498 -47.26 4.68 -12.86
C TYR B 498 -47.94 5.90 -13.55
N PRO B 499 -47.18 6.91 -13.98
CA PRO B 499 -47.86 8.06 -14.56
C PRO B 499 -48.59 7.82 -15.89
N VAL B 500 -48.31 6.71 -16.53
CA VAL B 500 -49.00 6.33 -17.76
C VAL B 500 -50.44 5.86 -17.59
N PHE B 501 -50.88 5.70 -16.36
CA PHE B 501 -52.24 5.21 -16.11
C PHE B 501 -52.83 5.72 -14.81
N ASN B 502 -54.14 5.67 -14.76
CA ASN B 502 -54.89 5.87 -13.52
C ASN B 502 -56.06 4.91 -13.51
N SER B 503 -57.00 5.10 -12.61
CA SER B 503 -58.07 4.12 -12.42
C SER B 503 -59.04 4.05 -13.59
N ASN B 504 -58.99 5.07 -14.44
CA ASN B 504 -59.77 5.08 -15.71
C ASN B 504 -59.04 4.54 -16.93
N GLY B 505 -57.76 4.23 -16.75
CA GLY B 505 -56.99 3.67 -17.83
C GLY B 505 -55.83 4.58 -18.15
N ALA B 506 -55.42 4.53 -19.41
CA ALA B 506 -54.20 5.24 -19.84
C ALA B 506 -54.41 6.75 -19.75
N THR B 507 -53.33 7.45 -19.46
CA THR B 507 -53.32 8.88 -19.31
C THR B 507 -52.75 9.62 -20.52
N GLY B 508 -52.08 8.90 -21.37
CA GLY B 508 -51.34 9.52 -22.47
C GLY B 508 -50.17 10.38 -22.03
N PHE B 509 -49.63 10.09 -20.86
CA PHE B 509 -48.46 10.77 -20.31
C PHE B 509 -47.22 10.47 -21.13
N GLY B 510 -46.48 11.51 -21.43
CA GLY B 510 -45.15 11.39 -22.08
C GLY B 510 -44.93 12.26 -23.30
N PRO B 511 -45.86 12.20 -24.27
CA PRO B 511 -45.63 12.95 -25.50
C PRO B 511 -45.54 14.46 -25.30
N ALA B 512 -46.43 15.01 -24.50
CA ALA B 512 -46.45 16.45 -24.30
C ALA B 512 -45.19 16.90 -23.58
N LEU B 513 -44.74 16.05 -22.68
CA LEU B 513 -43.48 16.30 -21.94
C LEU B 513 -42.36 16.49 -22.94
N LEU B 514 -42.29 15.57 -23.88
CA LEU B 514 -41.25 15.61 -24.92
C LEU B 514 -41.40 16.86 -25.79
N THR B 515 -42.62 17.15 -26.19
CA THR B 515 -42.90 18.30 -27.04
C THR B 515 -42.39 19.57 -26.38
N GLU B 516 -42.71 19.73 -25.11
CA GLU B 516 -42.27 20.89 -24.33
C GLU B 516 -40.76 20.91 -24.15
N TYR B 517 -40.19 19.77 -23.87
CA TYR B 517 -38.70 19.66 -23.78
C TYR B 517 -38.02 20.10 -25.12
N PHE B 518 -38.50 19.58 -26.21
CA PHE B 518 -37.97 19.92 -27.53
C PHE B 518 -38.08 21.42 -27.83
N ARG B 519 -39.20 21.98 -27.46
CA ARG B 519 -39.51 23.38 -27.74
C ARG B 519 -38.48 24.34 -27.09
N LYS B 520 -37.90 23.98 -25.94
CA LYS B 520 -36.94 24.86 -25.22
C LYS B 520 -35.49 24.51 -25.45
N LEU B 521 -35.21 23.61 -26.37
CA LEU B 521 -33.82 23.13 -26.55
C LEU B 521 -32.89 24.25 -27.01
N THR C 3 -48.49 -33.57 -34.80
CA THR C 3 -48.97 -34.92 -34.47
C THR C 3 -48.36 -35.50 -33.16
N LEU C 4 -49.03 -36.54 -32.75
CA LEU C 4 -48.68 -37.33 -31.59
C LEU C 4 -47.83 -38.53 -31.97
N PRO C 5 -47.02 -39.02 -31.03
CA PRO C 5 -46.35 -40.26 -31.29
C PRO C 5 -47.36 -41.38 -31.52
N LYS C 6 -47.01 -42.32 -32.40
CA LYS C 6 -47.88 -43.46 -32.76
C LYS C 6 -48.40 -44.22 -31.52
N ALA C 7 -47.51 -44.50 -30.59
CA ALA C 7 -47.87 -45.28 -29.38
C ALA C 7 -48.91 -44.53 -28.51
N GLU C 8 -48.78 -43.21 -28.48
CA GLU C 8 -49.73 -42.37 -27.72
C GLU C 8 -51.09 -42.34 -28.41
N ALA C 9 -51.07 -42.15 -29.71
CA ALA C 9 -52.33 -42.19 -30.51
C ALA C 9 -53.08 -43.54 -30.40
N LYS C 10 -52.36 -44.64 -30.45
CA LYS C 10 -52.96 -45.98 -30.23
C LYS C 10 -53.64 -46.06 -28.84
N GLU C 11 -52.91 -45.61 -27.83
CA GLU C 11 -53.42 -45.58 -26.44
C GLU C 11 -54.71 -44.74 -26.30
N LEU C 12 -54.73 -43.60 -26.95
CA LEU C 12 -55.90 -42.72 -26.95
C LEU C 12 -57.13 -43.37 -27.61
N SER C 13 -56.92 -43.98 -28.76
CA SER C 13 -58.00 -44.75 -29.44
C SER C 13 -58.56 -45.82 -28.57
N ALA C 14 -57.68 -46.57 -27.94
CA ALA C 14 -58.12 -47.68 -27.08
C ALA C 14 -58.92 -47.14 -25.90
N PHE C 15 -58.49 -46.01 -25.38
CA PHE C 15 -59.18 -45.39 -24.24
C PHE C 15 -60.58 -44.91 -24.69
N VAL C 16 -60.62 -44.29 -25.85
CA VAL C 16 -61.91 -43.82 -26.43
C VAL C 16 -62.89 -45.00 -26.49
N GLN C 17 -62.40 -46.09 -27.07
CA GLN C 17 -63.19 -47.31 -27.22
C GLN C 17 -63.67 -47.84 -25.85
N SER C 18 -62.80 -47.82 -24.87
CA SER C 18 -63.18 -48.25 -23.50
C SER C 18 -64.33 -47.45 -22.92
N CYS C 19 -64.39 -46.18 -23.27
CA CYS C 19 -65.46 -45.31 -22.79
C CYS C 19 -66.77 -45.49 -23.59
N VAL C 20 -66.63 -45.54 -24.90
CA VAL C 20 -67.77 -45.75 -25.80
C VAL C 20 -68.51 -47.09 -25.52
N GLU C 21 -67.74 -48.11 -25.18
CA GLU C 21 -68.27 -49.46 -24.93
C GLU C 21 -68.43 -49.79 -23.48
N TYR C 22 -68.27 -48.80 -22.63
CA TYR C 22 -68.36 -49.02 -21.17
C TYR C 22 -69.72 -49.68 -20.78
N LYS C 23 -69.62 -50.77 -20.04
CA LYS C 23 -70.77 -51.50 -19.48
C LYS C 23 -70.60 -51.60 -17.96
N THR C 24 -71.69 -51.45 -17.23
CA THR C 24 -71.63 -51.44 -15.76
C THR C 24 -71.35 -52.80 -15.20
N ASN C 25 -70.79 -52.82 -14.01
CA ASN C 25 -70.58 -54.06 -13.21
C ASN C 25 -71.75 -54.37 -12.27
N VAL C 26 -72.77 -53.52 -12.27
CA VAL C 26 -73.88 -53.63 -11.29
C VAL C 26 -75.15 -54.17 -11.97
N CYS C 27 -75.79 -55.11 -11.31
CA CYS C 27 -77.12 -55.56 -11.73
C CYS C 27 -78.05 -55.51 -10.50
N PHE C 28 -79.35 -55.59 -10.78
CA PHE C 28 -80.38 -55.37 -9.75
C PHE C 28 -81.42 -56.45 -9.78
N THR C 29 -81.78 -56.90 -8.60
CA THR C 29 -82.87 -57.85 -8.48
C THR C 29 -83.57 -57.62 -7.14
N ASP C 30 -84.41 -58.56 -6.76
CA ASP C 30 -85.10 -58.50 -5.47
C ASP C 30 -85.07 -59.86 -4.79
N VAL C 31 -85.39 -59.88 -3.51
CA VAL C 31 -85.16 -61.08 -2.65
C VAL C 31 -85.89 -62.32 -3.20
N ALA C 32 -87.16 -62.15 -3.55
CA ALA C 32 -87.99 -63.25 -4.07
C ALA C 32 -87.44 -63.76 -5.42
N ALA C 33 -87.13 -62.85 -6.30
CA ALA C 33 -86.53 -63.25 -7.62
C ALA C 33 -85.17 -63.99 -7.43
N TYR C 34 -84.42 -63.53 -6.45
CA TYR C 34 -83.10 -64.08 -6.09
C TYR C 34 -83.25 -65.51 -5.56
N GLU C 35 -84.18 -65.69 -4.61
CA GLU C 35 -84.55 -67.04 -4.05
C GLU C 35 -84.94 -67.99 -5.21
N SER C 36 -85.71 -67.47 -6.13
CA SER C 36 -86.17 -68.22 -7.31
C SER C 36 -85.05 -68.59 -8.27
N ASN C 37 -84.16 -67.65 -8.55
CA ASN C 37 -83.08 -67.88 -9.55
C ASN C 37 -81.83 -68.56 -9.01
N GLN C 38 -81.58 -68.39 -7.72
CA GLN C 38 -80.34 -68.90 -7.10
C GLN C 38 -80.56 -69.94 -6.02
N LYS C 39 -81.80 -70.07 -5.60
CA LYS C 39 -82.24 -71.21 -4.75
C LYS C 39 -81.39 -71.31 -3.47
N GLY C 40 -81.10 -70.16 -2.88
CA GLY C 40 -80.30 -70.08 -1.62
C GLY C 40 -78.78 -70.21 -1.78
N VAL C 41 -78.29 -70.27 -3.02
CA VAL C 41 -76.84 -70.36 -3.29
C VAL C 41 -76.29 -68.97 -3.52
N LEU C 42 -75.44 -68.53 -2.61
CA LEU C 42 -74.78 -67.21 -2.74
C LEU C 42 -73.90 -67.15 -3.98
N SER C 43 -73.81 -65.97 -4.56
CA SER C 43 -73.04 -65.75 -5.79
C SER C 43 -71.51 -65.94 -5.58
N SER C 44 -71.05 -65.74 -4.35
CA SER C 44 -69.65 -65.86 -4.01
C SER C 44 -69.47 -65.99 -2.52
N GLY C 45 -68.21 -66.00 -2.10
CA GLY C 45 -67.86 -66.12 -0.66
C GLY C 45 -68.02 -64.87 0.14
N LEU C 46 -68.56 -63.85 -0.47
CA LEU C 46 -68.85 -62.58 0.23
C LEU C 46 -70.29 -62.17 0.02
N ALA C 47 -70.92 -61.79 1.09
CA ALA C 47 -72.24 -61.14 1.02
C ALA C 47 -72.28 -59.91 1.90
N VAL C 48 -73.00 -58.92 1.41
CA VAL C 48 -73.12 -57.63 2.12
C VAL C 48 -74.59 -57.39 2.47
N LEU C 49 -74.81 -56.90 3.67
CA LEU C 49 -76.12 -56.54 4.14
C LEU C 49 -76.09 -55.12 4.67
N VAL C 50 -76.85 -54.23 4.02
CA VAL C 50 -76.88 -52.81 4.46
C VAL C 50 -78.27 -52.28 4.69
N GLY C 51 -78.45 -51.70 5.85
CA GLY C 51 -79.72 -51.09 6.23
C GLY C 51 -79.62 -50.28 7.50
N THR C 52 -80.70 -49.62 7.83
CA THR C 52 -80.79 -48.88 9.09
C THR C 52 -80.83 -49.80 10.29
N HIS C 53 -80.61 -49.23 11.46
CA HIS C 53 -80.68 -49.97 12.74
C HIS C 53 -81.99 -50.77 12.81
N LYS C 54 -83.08 -50.10 12.50
CA LYS C 54 -84.40 -50.67 12.57
C LYS C 54 -84.60 -51.72 11.45
N GLN C 55 -84.23 -51.37 10.23
CA GLN C 55 -84.40 -52.30 9.09
C GLN C 55 -83.66 -53.63 9.28
N LEU C 56 -82.48 -53.52 9.85
CA LEU C 56 -81.64 -54.68 10.21
C LEU C 56 -82.28 -55.65 11.25
N ARG C 57 -83.22 -55.11 12.05
CA ARG C 57 -83.95 -55.89 13.08
C ARG C 57 -85.34 -56.34 12.65
N ASP C 58 -85.68 -56.03 11.43
CA ASP C 58 -86.97 -56.47 10.85
C ASP C 58 -86.94 -58.02 10.75
N PRO C 59 -88.09 -58.68 11.05
CA PRO C 59 -88.15 -60.14 10.99
C PRO C 59 -87.81 -60.72 9.62
N ALA C 60 -88.11 -59.99 8.58
CA ALA C 60 -87.79 -60.42 7.20
C ALA C 60 -86.31 -60.71 6.93
N VAL C 61 -85.45 -60.01 7.67
CA VAL C 61 -83.98 -60.18 7.61
C VAL C 61 -83.55 -61.64 7.97
N GLN C 62 -84.22 -62.20 8.98
CA GLN C 62 -84.03 -63.63 9.40
C GLN C 62 -84.22 -64.63 8.27
N ARG C 63 -85.02 -64.28 7.30
CA ARG C 63 -85.37 -65.13 6.17
C ARG C 63 -84.37 -65.04 5.05
N LEU C 64 -83.38 -64.19 5.21
CA LEU C 64 -82.32 -64.08 4.17
C LEU C 64 -81.38 -65.29 4.19
N PRO C 65 -80.93 -65.75 3.01
CA PRO C 65 -80.30 -67.06 2.87
C PRO C 65 -79.02 -67.24 3.66
N PHE C 66 -78.42 -66.13 4.06
CA PHE C 66 -77.12 -66.14 4.80
C PHE C 66 -77.29 -65.95 6.30
N TYR C 67 -78.51 -65.74 6.74
CA TYR C 67 -78.74 -65.31 8.12
C TYR C 67 -78.50 -66.46 9.07
N ASN C 68 -77.89 -66.16 10.21
CA ASN C 68 -77.68 -67.14 11.27
C ASN C 68 -77.33 -66.39 12.54
N PRO C 69 -76.99 -67.09 13.64
CA PRO C 69 -76.78 -66.33 14.89
C PRO C 69 -75.57 -65.39 14.89
N ALA C 70 -74.57 -65.73 14.08
CA ALA C 70 -73.36 -64.89 13.97
C ALA C 70 -73.73 -63.50 13.31
N VAL C 71 -74.53 -63.61 12.26
CA VAL C 71 -75.03 -62.45 11.57
C VAL C 71 -75.87 -61.59 12.51
N ALA C 72 -76.69 -62.26 13.31
CA ALA C 72 -77.46 -61.57 14.34
C ALA C 72 -76.55 -60.80 15.28
N GLU C 73 -75.46 -61.43 15.66
CA GLU C 73 -74.45 -60.78 16.58
C GLU C 73 -73.77 -59.61 15.87
N ALA C 74 -73.51 -59.77 14.59
CA ALA C 74 -72.93 -58.70 13.77
C ALA C 74 -73.84 -57.47 13.83
N ILE C 75 -75.13 -57.73 13.75
CA ILE C 75 -76.14 -56.66 13.79
C ILE C 75 -76.10 -55.94 15.16
N GLU C 76 -75.84 -56.68 16.21
CA GLU C 76 -75.69 -56.06 17.57
C GLU C 76 -74.42 -55.25 17.71
N ARG C 77 -73.37 -55.74 17.11
CA ARG C 77 -72.02 -55.20 17.34
C ARG C 77 -71.62 -54.07 16.39
N VAL C 78 -72.24 -54.03 15.23
CA VAL C 78 -71.95 -52.99 14.23
C VAL C 78 -72.28 -51.61 14.79
N LYS C 79 -71.43 -50.67 14.43
CA LYS C 79 -71.62 -49.26 14.78
C LYS C 79 -72.33 -48.53 13.67
N GLU C 80 -73.10 -47.53 14.05
CA GLU C 80 -73.75 -46.65 13.06
C GLU C 80 -72.68 -46.08 12.10
N GLY C 81 -72.92 -46.21 10.82
CA GLY C 81 -72.00 -45.72 9.80
C GLY C 81 -70.81 -46.61 9.59
N GLY C 82 -70.80 -47.72 10.30
CA GLY C 82 -69.68 -48.69 10.24
C GLY C 82 -70.09 -50.05 9.70
N THR C 83 -69.10 -50.91 9.56
CA THR C 83 -69.30 -52.29 9.15
C THR C 83 -68.80 -53.30 10.18
N TYR C 84 -69.30 -54.52 10.06
CA TYR C 84 -68.94 -55.66 10.93
C TYR C 84 -69.13 -56.95 10.17
N GLY C 85 -68.07 -57.70 10.11
CA GLY C 85 -68.01 -58.94 9.34
C GLY C 85 -67.96 -60.22 10.22
N VAL C 86 -68.66 -61.23 9.74
CA VAL C 86 -68.66 -62.55 10.36
C VAL C 86 -68.59 -63.65 9.33
N LEU C 87 -67.92 -64.72 9.71
CA LEU C 87 -67.87 -65.95 8.89
C LEU C 87 -69.10 -66.80 9.16
N VAL C 88 -69.61 -67.38 8.09
CA VAL C 88 -70.63 -68.40 8.18
C VAL C 88 -70.20 -69.67 7.46
N GLU C 89 -70.08 -70.74 8.23
CA GLU C 89 -69.60 -72.06 7.72
C GLU C 89 -70.70 -72.83 7.01
N GLY C 90 -70.32 -73.44 5.89
CA GLY C 90 -71.20 -74.35 5.12
C GLY C 90 -72.45 -73.69 4.60
N LEU C 91 -72.28 -72.48 4.10
CA LEU C 91 -73.32 -71.79 3.37
C LEU C 91 -73.06 -72.06 1.92
N ALA C 92 -74.07 -72.55 1.25
CA ALA C 92 -73.94 -72.81 -0.17
C ALA C 92 -73.54 -71.53 -0.90
N ASN C 93 -72.54 -71.65 -1.75
CA ASN C 93 -72.13 -70.52 -2.59
C ASN C 93 -71.44 -70.96 -3.88
N ALA C 94 -71.58 -70.15 -4.91
CA ALA C 94 -71.12 -70.53 -6.28
C ALA C 94 -69.62 -70.68 -6.39
N ALA C 95 -68.90 -70.05 -5.50
CA ALA C 95 -67.42 -70.14 -5.48
C ALA C 95 -66.92 -71.35 -4.68
N GLY C 96 -67.82 -72.07 -4.07
CA GLY C 96 -67.47 -73.28 -3.29
C GLY C 96 -66.57 -73.05 -2.08
N SER C 97 -66.81 -71.97 -1.40
CA SER C 97 -65.93 -71.46 -0.34
C SER C 97 -66.42 -72.13 0.93
N LYS C 98 -65.51 -72.63 1.75
CA LYS C 98 -65.93 -73.33 3.01
C LYS C 98 -66.66 -72.35 3.91
N PHE C 99 -66.16 -71.12 3.95
CA PHE C 99 -66.81 -70.06 4.70
C PHE C 99 -67.29 -68.97 3.75
N VAL C 100 -68.42 -68.40 4.09
CA VAL C 100 -68.89 -67.16 3.48
C VAL C 100 -68.72 -66.05 4.49
N ARG C 101 -68.14 -64.95 4.04
CA ARG C 101 -68.01 -63.73 4.90
C ARG C 101 -69.25 -62.88 4.66
N VAL C 102 -69.90 -62.55 5.74
CA VAL C 102 -71.08 -61.65 5.69
C VAL C 102 -70.72 -60.35 6.37
N VAL C 103 -70.77 -59.28 5.61
CA VAL C 103 -70.46 -57.93 6.13
C VAL C 103 -71.75 -57.11 6.29
N VAL C 104 -72.02 -56.75 7.53
CA VAL C 104 -73.18 -55.95 7.88
C VAL C 104 -72.75 -54.50 7.98
N GLY C 105 -73.58 -53.62 7.42
CA GLY C 105 -73.38 -52.16 7.54
C GLY C 105 -74.64 -51.44 7.95
N GLU C 106 -74.48 -50.55 8.93
CA GLU C 106 -75.59 -49.78 9.50
C GLU C 106 -75.64 -48.36 8.93
N VAL C 107 -76.75 -48.09 8.26
CA VAL C 107 -77.06 -46.80 7.70
C VAL C 107 -77.77 -45.92 8.77
N PRO C 108 -77.30 -44.71 8.98
CA PRO C 108 -78.06 -43.84 9.88
C PRO C 108 -79.46 -43.48 9.35
N THR C 109 -80.35 -43.18 10.28
CA THR C 109 -81.68 -42.62 9.89
C THR C 109 -81.69 -41.09 9.93
N LYS C 110 -80.83 -40.50 10.75
CA LYS C 110 -80.66 -39.05 10.82
C LYS C 110 -80.49 -38.53 9.37
N ALA C 111 -81.30 -37.54 9.02
CA ALA C 111 -81.23 -36.86 7.71
C ALA C 111 -81.94 -35.53 7.78
N SER C 112 -81.21 -34.45 7.57
CA SER C 112 -81.72 -33.09 7.69
C SER C 112 -82.65 -32.84 6.50
N ARG C 113 -83.42 -31.77 6.57
CA ARG C 113 -84.38 -31.38 5.48
C ARG C 113 -83.69 -31.07 4.14
N ASN C 114 -82.39 -30.86 4.16
CA ASN C 114 -81.62 -30.67 2.90
C ASN C 114 -80.92 -31.93 2.36
N ASN C 115 -81.21 -33.06 2.98
CA ASN C 115 -80.57 -34.33 2.63
C ASN C 115 -81.57 -35.37 2.09
N CYS C 116 -81.02 -36.40 1.50
CA CYS C 116 -81.78 -37.56 1.05
C CYS C 116 -82.03 -38.48 2.26
N PRO C 117 -83.29 -38.77 2.58
CA PRO C 117 -83.63 -39.56 3.78
C PRO C 117 -83.03 -40.96 3.84
N ALA C 118 -82.84 -41.55 2.66
CA ALA C 118 -82.20 -42.87 2.54
C ALA C 118 -80.65 -42.88 2.77
N ARG C 119 -80.07 -41.70 2.91
CA ARG C 119 -78.62 -41.53 3.24
C ARG C 119 -77.74 -42.40 2.36
N PRO C 120 -77.89 -42.26 1.04
CA PRO C 120 -77.10 -43.05 0.12
C PRO C 120 -75.61 -42.75 0.22
N ASP C 121 -75.27 -41.61 0.78
CA ASP C 121 -73.87 -41.27 1.06
C ASP C 121 -73.20 -42.36 1.94
N VAL C 122 -73.92 -42.80 2.95
CA VAL C 122 -73.38 -43.82 3.85
C VAL C 122 -73.44 -45.19 3.19
N VAL C 123 -74.51 -45.43 2.44
CA VAL C 123 -74.65 -46.70 1.70
C VAL C 123 -73.37 -46.94 0.86
N THR C 124 -72.99 -45.93 0.13
CA THR C 124 -71.78 -45.99 -0.72
C THR C 124 -70.56 -46.36 0.14
N ALA C 125 -70.40 -45.66 1.23
CA ALA C 125 -69.24 -45.85 2.09
C ALA C 125 -69.19 -47.29 2.69
N LEU C 126 -70.35 -47.75 3.12
CA LEU C 126 -70.45 -49.09 3.71
C LEU C 126 -70.10 -50.20 2.71
N VAL C 127 -70.66 -50.10 1.53
CA VAL C 127 -70.40 -51.12 0.52
C VAL C 127 -68.90 -51.05 0.09
N THR C 128 -68.39 -49.83 -0.02
CA THR C 128 -66.97 -49.63 -0.37
C THR C 128 -66.09 -50.38 0.64
N ALA C 129 -66.38 -50.18 1.89
CA ALA C 129 -65.64 -50.82 2.96
C ALA C 129 -65.77 -52.36 2.93
N ALA C 130 -66.98 -52.82 2.78
CA ALA C 130 -67.27 -54.26 2.68
C ALA C 130 -66.53 -54.95 1.51
N LEU C 131 -66.47 -54.27 0.37
CA LEU C 131 -65.81 -54.81 -0.81
C LEU C 131 -64.29 -54.93 -0.67
N ASP C 132 -63.75 -54.27 0.33
CA ASP C 132 -62.32 -54.42 0.65
C ASP C 132 -62.02 -55.81 1.21
N GLU C 133 -63.05 -56.55 1.58
CA GLU C 133 -62.90 -57.96 2.05
C GLU C 133 -62.97 -59.01 0.94
N VAL C 134 -63.13 -58.56 -0.28
CA VAL C 134 -63.13 -59.46 -1.43
C VAL C 134 -61.78 -60.18 -1.44
N LYS C 135 -61.83 -61.50 -1.58
CA LYS C 135 -60.64 -62.35 -1.60
C LYS C 135 -60.00 -62.51 -2.97
N GLU C 136 -60.84 -62.73 -3.96
CA GLU C 136 -60.41 -63.03 -5.35
C GLU C 136 -61.11 -62.11 -6.31
N PRO C 137 -60.61 -62.01 -7.55
CA PRO C 137 -61.22 -61.11 -8.50
C PRO C 137 -62.22 -61.83 -9.43
N ASN C 138 -62.89 -61.04 -10.25
CA ASN C 138 -63.91 -61.54 -11.22
C ASN C 138 -65.05 -62.31 -10.51
N THR C 139 -65.38 -61.90 -9.28
CA THR C 139 -66.47 -62.53 -8.52
C THR C 139 -67.68 -61.62 -8.52
N THR C 140 -68.82 -62.21 -8.19
CA THR C 140 -70.06 -61.49 -8.05
C THR C 140 -70.35 -61.44 -6.56
N VAL C 141 -70.56 -60.22 -6.06
CA VAL C 141 -70.90 -59.99 -4.65
C VAL C 141 -72.39 -59.59 -4.51
N ASP C 142 -73.09 -60.33 -3.65
CA ASP C 142 -74.52 -60.07 -3.41
C ASP C 142 -74.62 -58.96 -2.37
N VAL C 143 -75.23 -57.87 -2.77
CA VAL C 143 -75.42 -56.72 -1.89
C VAL C 143 -76.92 -56.60 -1.58
N PHE C 144 -77.25 -57.04 -0.38
CA PHE C 144 -78.62 -57.03 0.08
C PHE C 144 -78.87 -55.70 0.77
N VAL C 145 -79.75 -54.92 0.17
CA VAL C 145 -80.11 -53.61 0.71
C VAL C 145 -81.51 -53.71 1.27
N LEU C 146 -81.70 -53.13 2.45
CA LEU C 146 -83.01 -53.16 3.11
C LEU C 146 -83.90 -51.94 2.80
N SER C 147 -83.36 -50.98 2.08
CA SER C 147 -84.12 -49.82 1.61
C SER C 147 -84.74 -50.18 0.27
N ASN C 148 -85.91 -49.59 0.03
CA ASN C 148 -86.54 -49.64 -1.31
C ASN C 148 -86.41 -48.36 -2.10
N ALA C 149 -85.53 -47.50 -1.65
CA ALA C 149 -85.30 -46.23 -2.34
C ALA C 149 -84.36 -46.51 -3.53
N VAL C 150 -84.95 -47.04 -4.58
CA VAL C 150 -84.15 -47.75 -5.61
C VAL C 150 -83.21 -46.86 -6.41
N LEU C 151 -83.66 -45.67 -6.77
CA LEU C 151 -82.83 -44.78 -7.58
C LEU C 151 -81.57 -44.31 -6.81
N PRO C 152 -81.76 -43.73 -5.63
CA PRO C 152 -80.55 -43.28 -4.93
C PRO C 152 -79.60 -44.43 -4.54
N ILE C 153 -80.17 -45.57 -4.19
CA ILE C 153 -79.34 -46.74 -3.89
C ILE C 153 -78.58 -47.23 -5.14
N ALA C 154 -79.25 -47.22 -6.27
CA ALA C 154 -78.60 -47.63 -7.53
C ALA C 154 -77.35 -46.79 -7.85
N ALA C 155 -77.52 -45.49 -7.76
CA ALA C 155 -76.43 -44.56 -7.99
C ALA C 155 -75.33 -44.69 -6.90
N ALA C 156 -75.78 -44.89 -5.65
CA ALA C 156 -74.87 -45.05 -4.51
C ALA C 156 -73.95 -46.26 -4.67
N VAL C 157 -74.52 -47.34 -5.16
CA VAL C 157 -73.76 -48.58 -5.37
C VAL C 157 -72.89 -48.48 -6.65
N ALA C 158 -73.43 -47.84 -7.67
CA ALA C 158 -72.69 -47.56 -8.89
C ALA C 158 -71.37 -46.80 -8.61
N ARG C 159 -71.43 -45.88 -7.66
CA ARG C 159 -70.26 -45.03 -7.36
C ARG C 159 -69.34 -45.60 -6.29
N CYS C 160 -69.72 -46.72 -5.73
CA CYS C 160 -68.96 -47.31 -4.61
C CYS C 160 -67.84 -48.24 -5.08
N GLY C 161 -66.99 -48.55 -4.14
CA GLY C 161 -65.89 -49.52 -4.36
C GLY C 161 -64.79 -49.02 -5.28
N LYS C 162 -64.04 -49.95 -5.80
CA LYS C 162 -62.93 -49.65 -6.72
C LYS C 162 -63.46 -49.11 -8.02
N HIS C 163 -62.75 -48.15 -8.58
CA HIS C 163 -63.24 -47.45 -9.77
C HIS C 163 -62.92 -48.23 -11.05
N ASN C 164 -63.82 -48.13 -12.02
CA ASN C 164 -63.60 -48.76 -13.29
C ASN C 164 -62.38 -48.21 -14.01
N PHE C 165 -62.09 -46.95 -13.80
CA PHE C 165 -60.82 -46.40 -14.29
C PHE C 165 -59.65 -46.80 -13.42
N SER C 166 -58.65 -47.39 -14.03
CA SER C 166 -57.41 -47.76 -13.33
C SER C 166 -56.23 -47.87 -14.25
N ALA C 167 -55.08 -47.50 -13.71
CA ALA C 167 -53.78 -47.66 -14.36
C ALA C 167 -52.83 -48.60 -13.57
N LYS C 168 -53.36 -49.22 -12.54
CA LYS C 168 -52.59 -50.11 -11.68
C LYS C 168 -52.35 -51.49 -12.34
N ASP C 169 -51.20 -52.05 -12.07
CA ASP C 169 -50.88 -53.49 -12.35
C ASP C 169 -51.20 -53.90 -13.78
N GLY C 170 -50.64 -53.18 -14.73
CA GLY C 170 -50.81 -53.50 -16.15
C GLY C 170 -52.11 -53.09 -16.81
N ALA C 171 -53.03 -52.50 -16.05
CA ALA C 171 -54.32 -52.03 -16.61
C ALA C 171 -54.21 -51.04 -17.78
N ALA C 172 -53.11 -50.29 -17.81
CA ALA C 172 -52.80 -49.42 -18.98
C ALA C 172 -52.79 -50.16 -20.33
N ALA C 173 -52.40 -51.44 -20.28
CA ALA C 173 -52.40 -52.29 -21.47
C ALA C 173 -53.78 -52.82 -21.83
N ALA C 174 -54.72 -52.67 -20.90
CA ALA C 174 -56.11 -53.09 -21.11
C ALA C 174 -57.05 -51.88 -21.20
N ALA C 175 -56.56 -50.83 -21.84
CA ALA C 175 -57.32 -49.56 -22.05
C ALA C 175 -57.85 -48.93 -20.74
N TYR C 176 -57.08 -49.14 -19.67
CA TYR C 176 -57.36 -48.56 -18.33
C TYR C 176 -58.70 -49.01 -17.75
N ASN C 177 -59.12 -50.21 -18.14
CA ASN C 177 -60.23 -50.93 -17.49
C ASN C 177 -59.69 -51.69 -16.30
N SER C 178 -60.19 -51.36 -15.13
CA SER C 178 -59.69 -51.95 -13.91
C SER C 178 -59.95 -53.43 -13.91
N GLY C 179 -58.98 -54.20 -13.41
CA GLY C 179 -59.16 -55.63 -13.14
C GLY C 179 -59.50 -55.95 -11.69
N LYS C 180 -59.66 -54.88 -10.91
CA LYS C 180 -59.97 -54.97 -9.47
C LYS C 180 -61.44 -54.79 -9.07
N VAL C 181 -62.29 -54.63 -10.07
CA VAL C 181 -63.69 -54.36 -9.82
C VAL C 181 -64.44 -55.69 -9.64
N SER C 182 -65.29 -55.76 -8.64
CA SER C 182 -66.23 -56.89 -8.48
C SER C 182 -67.58 -56.64 -9.19
N ARG C 183 -68.14 -57.67 -9.80
CA ARG C 183 -69.55 -57.62 -10.26
C ARG C 183 -70.42 -57.51 -8.97
N LEU C 184 -71.38 -56.60 -8.97
CA LEU C 184 -72.24 -56.38 -7.80
C LEU C 184 -73.70 -56.65 -8.15
N GLN C 185 -74.31 -57.52 -7.37
CA GLN C 185 -75.76 -57.83 -7.52
C GLN C 185 -76.53 -57.24 -6.37
N VAL C 186 -77.24 -56.15 -6.66
CA VAL C 186 -78.01 -55.46 -5.65
C VAL C 186 -79.34 -56.16 -5.52
N VAL C 187 -79.61 -56.55 -4.33
CA VAL C 187 -80.85 -57.27 -4.02
C VAL C 187 -81.75 -56.44 -3.13
N PHE C 188 -82.75 -55.85 -3.76
CA PHE C 188 -83.78 -55.07 -3.02
C PHE C 188 -84.75 -55.98 -2.29
N PRO C 189 -85.41 -55.47 -1.25
CA PRO C 189 -86.47 -56.30 -0.62
C PRO C 189 -87.62 -56.69 -1.54
N GLU C 190 -88.05 -55.73 -2.32
CA GLU C 190 -89.19 -55.91 -3.26
C GLU C 190 -88.75 -55.67 -4.66
N PRO C 191 -89.51 -56.17 -5.63
CA PRO C 191 -89.23 -55.79 -7.00
C PRO C 191 -89.16 -54.28 -7.13
N PRO C 192 -88.10 -53.78 -7.75
CA PRO C 192 -87.93 -52.34 -7.77
C PRO C 192 -88.99 -51.61 -8.59
N ALA C 193 -89.43 -50.48 -8.05
CA ALA C 193 -90.40 -49.59 -8.74
C ALA C 193 -89.92 -49.14 -10.13
N ILE C 194 -88.61 -49.00 -10.26
CA ILE C 194 -87.97 -48.73 -11.54
C ILE C 194 -87.35 -50.04 -12.03
N PRO C 195 -87.57 -50.41 -13.31
CA PRO C 195 -87.12 -51.72 -13.76
C PRO C 195 -85.61 -51.89 -13.64
N PRO C 196 -85.13 -53.11 -13.32
CA PRO C 196 -83.69 -53.36 -13.25
C PRO C 196 -82.84 -52.85 -14.44
N LYS C 197 -83.28 -53.04 -15.67
CA LYS C 197 -82.50 -52.59 -16.85
C LYS C 197 -82.40 -51.04 -16.90
N ASP C 198 -83.45 -50.38 -16.43
CA ASP C 198 -83.42 -48.92 -16.28
C ASP C 198 -82.43 -48.47 -15.18
N LEU C 199 -82.42 -49.21 -14.08
CA LEU C 199 -81.47 -48.95 -12.99
C LEU C 199 -80.04 -49.20 -13.49
N GLU C 200 -79.87 -50.22 -14.31
CA GLU C 200 -78.56 -50.45 -14.92
C GLU C 200 -78.09 -49.25 -15.75
N ALA C 201 -79.00 -48.68 -16.50
CA ALA C 201 -78.67 -47.57 -17.38
C ALA C 201 -78.18 -46.38 -16.55
N VAL C 202 -78.86 -46.16 -15.44
CA VAL C 202 -78.49 -45.10 -14.47
C VAL C 202 -77.10 -45.35 -13.89
N ALA C 203 -76.90 -46.57 -13.43
CA ALA C 203 -75.63 -46.97 -12.84
C ALA C 203 -74.50 -46.85 -13.85
N THR C 204 -74.80 -47.22 -15.08
CA THR C 204 -73.85 -47.12 -16.17
C THR C 204 -73.41 -45.68 -16.40
N SER C 205 -74.37 -44.79 -16.41
CA SER C 205 -74.11 -43.36 -16.58
C SER C 205 -73.30 -42.75 -15.39
N THR C 206 -73.62 -43.17 -14.18
CA THR C 206 -72.85 -42.76 -13.01
C THR C 206 -71.36 -43.16 -13.18
N GLN C 207 -71.16 -44.38 -13.65
CA GLN C 207 -69.82 -44.96 -13.75
C GLN C 207 -69.04 -44.45 -14.95
N LEU C 208 -69.73 -44.20 -16.03
CA LEU C 208 -69.11 -43.59 -17.18
C LEU C 208 -68.64 -42.18 -16.80
N CYS C 209 -69.52 -41.46 -16.14
CA CYS C 209 -69.22 -40.11 -15.65
C CYS C 209 -67.95 -40.16 -14.76
N GLN C 210 -67.97 -41.09 -13.81
CA GLN C 210 -66.84 -41.34 -12.94
C GLN C 210 -65.54 -41.62 -13.72
N ARG C 211 -65.65 -42.45 -14.74
CA ARG C 211 -64.53 -42.80 -15.61
C ARG C 211 -63.91 -41.57 -16.30
N LEU C 212 -64.77 -40.75 -16.90
CA LEU C 212 -64.35 -39.56 -17.63
C LEU C 212 -63.65 -38.56 -16.69
N VAL C 213 -64.18 -38.43 -15.50
CA VAL C 213 -63.67 -37.50 -14.52
C VAL C 213 -62.33 -37.98 -13.94
N ASP C 214 -62.31 -39.23 -13.51
CA ASP C 214 -61.09 -39.91 -13.01
C ASP C 214 -59.95 -39.89 -14.02
N ALA C 215 -60.29 -40.00 -15.29
CA ALA C 215 -59.28 -40.11 -16.34
C ALA C 215 -58.37 -38.89 -16.33
N PRO C 216 -57.04 -39.12 -16.42
CA PRO C 216 -56.13 -38.00 -16.46
C PRO C 216 -56.20 -37.31 -17.81
N PRO C 217 -55.78 -36.04 -17.85
CA PRO C 217 -55.94 -35.28 -19.10
C PRO C 217 -55.07 -35.76 -20.25
N ASN C 218 -54.06 -36.57 -19.97
CA ASN C 218 -53.27 -37.20 -21.06
C ASN C 218 -54.08 -38.26 -21.84
N LEU C 219 -55.15 -38.73 -21.22
CA LEU C 219 -56.12 -39.66 -21.86
C LEU C 219 -57.40 -38.99 -22.30
N LEU C 220 -57.97 -38.22 -21.40
CA LEU C 220 -59.17 -37.48 -21.69
C LEU C 220 -58.83 -36.06 -22.07
N THR C 221 -58.82 -35.87 -23.36
CA THR C 221 -58.50 -34.58 -23.96
C THR C 221 -59.75 -33.98 -24.56
N THR C 222 -59.61 -32.77 -25.07
CA THR C 222 -60.72 -32.17 -25.82
C THR C 222 -61.10 -33.07 -27.00
N ALA C 223 -60.10 -33.66 -27.63
CA ALA C 223 -60.31 -34.52 -28.83
C ALA C 223 -60.92 -35.87 -28.48
N THR C 224 -60.40 -36.51 -27.45
CA THR C 224 -60.92 -37.82 -27.08
C THR C 224 -62.34 -37.74 -26.50
N PHE C 225 -62.60 -36.69 -25.75
CA PHE C 225 -63.95 -36.45 -25.22
C PHE C 225 -64.92 -36.31 -26.41
N THR C 226 -64.50 -35.53 -27.40
CA THR C 226 -65.31 -35.33 -28.61
C THR C 226 -65.54 -36.68 -29.36
N GLU C 227 -64.49 -37.47 -29.51
CA GLU C 227 -64.60 -38.78 -30.16
C GLU C 227 -65.54 -39.70 -29.40
N ILE C 228 -65.48 -39.63 -28.08
CA ILE C 228 -66.38 -40.46 -27.24
C ILE C 228 -67.85 -40.10 -27.52
N ALA C 229 -68.11 -38.82 -27.56
CA ALA C 229 -69.46 -38.31 -27.83
C ALA C 229 -69.93 -38.77 -29.20
N GLN C 230 -69.03 -38.68 -30.17
CA GLN C 230 -69.32 -39.14 -31.54
C GLN C 230 -69.62 -40.63 -31.60
N GLY C 231 -68.85 -41.39 -30.87
CA GLY C 231 -69.05 -42.85 -30.77
C GLY C 231 -70.44 -43.18 -30.23
N TYR C 232 -70.85 -42.50 -29.16
CA TYR C 232 -72.20 -42.70 -28.60
C TYR C 232 -73.29 -42.24 -29.59
N ALA C 233 -73.02 -41.15 -30.28
CA ALA C 233 -73.95 -40.68 -31.31
C ALA C 233 -74.21 -41.72 -32.41
N LYS C 234 -73.16 -42.35 -32.89
CA LYS C 234 -73.28 -43.39 -33.92
C LYS C 234 -74.09 -44.56 -33.35
N ALA C 235 -73.72 -44.99 -32.16
CA ALA C 235 -74.34 -46.18 -31.53
C ALA C 235 -75.81 -46.00 -31.20
N LEU C 236 -76.15 -44.85 -30.66
CA LEU C 236 -77.53 -44.61 -30.15
C LEU C 236 -78.40 -43.83 -31.11
N GLY C 237 -77.80 -43.32 -32.15
CA GLY C 237 -78.55 -42.59 -33.19
C GLY C 237 -79.03 -41.19 -32.85
N PHE C 238 -78.26 -40.44 -32.08
CA PHE C 238 -78.58 -39.00 -31.86
C PHE C 238 -77.64 -38.13 -32.67
N ASP C 239 -77.99 -36.85 -32.79
CA ASP C 239 -77.23 -35.91 -33.63
C ASP C 239 -76.05 -35.26 -32.85
N VAL C 240 -74.98 -35.00 -33.60
CA VAL C 240 -73.78 -34.41 -33.01
C VAL C 240 -73.27 -33.32 -33.93
N ASP C 241 -73.07 -32.15 -33.34
CA ASP C 241 -72.52 -30.97 -34.03
C ASP C 241 -71.22 -30.54 -33.30
N VAL C 242 -70.16 -30.38 -34.05
CA VAL C 242 -68.87 -30.02 -33.51
C VAL C 242 -68.36 -28.74 -34.15
N ILE C 243 -68.08 -27.75 -33.32
CA ILE C 243 -67.38 -26.53 -33.79
C ILE C 243 -66.00 -26.50 -33.19
N CYS C 244 -65.00 -26.62 -34.05
CA CYS C 244 -63.64 -27.00 -33.65
C CYS C 244 -62.62 -25.91 -33.91
N GLY C 245 -61.80 -25.65 -32.90
CA GLY C 245 -60.55 -24.90 -33.04
C GLY C 245 -60.76 -23.54 -33.63
N ASP C 246 -60.02 -23.25 -34.70
CA ASP C 246 -60.10 -21.90 -35.30
C ASP C 246 -61.48 -21.53 -35.84
N ASP C 247 -62.29 -22.53 -36.19
CA ASP C 247 -63.69 -22.28 -36.61
C ASP C 247 -64.50 -21.60 -35.51
N LEU C 248 -64.13 -21.82 -34.27
CA LEU C 248 -64.78 -21.12 -33.14
C LEU C 248 -64.55 -19.61 -33.25
N CYS C 249 -63.32 -19.26 -33.53
CA CYS C 249 -62.96 -17.87 -33.73
C CYS C 249 -63.71 -17.28 -34.94
N GLU C 250 -63.65 -17.97 -36.07
CA GLU C 250 -64.32 -17.48 -37.32
C GLU C 250 -65.82 -17.26 -37.12
N ARG C 251 -66.42 -18.13 -36.31
CA ARG C 251 -67.85 -18.07 -36.05
C ARG C 251 -68.29 -17.25 -34.83
N GLY C 252 -67.35 -16.52 -34.25
CA GLY C 252 -67.66 -15.51 -33.19
C GLY C 252 -67.71 -16.05 -31.77
N TYR C 253 -67.27 -17.29 -31.59
CA TYR C 253 -67.22 -17.92 -30.25
C TYR C 253 -65.93 -17.57 -29.52
N GLY C 254 -65.79 -16.29 -29.26
CA GLY C 254 -64.54 -15.73 -28.73
C GLY C 254 -64.15 -16.20 -27.33
N GLY C 255 -65.17 -16.54 -26.54
CA GLY C 255 -64.95 -17.00 -25.18
C GLY C 255 -64.24 -18.34 -25.12
N ILE C 256 -64.90 -19.35 -25.64
CA ILE C 256 -64.31 -20.70 -25.65
C ILE C 256 -63.03 -20.78 -26.52
N TYR C 257 -63.03 -20.06 -27.64
CA TYR C 257 -61.83 -19.98 -28.49
C TYR C 257 -60.61 -19.42 -27.71
N SER C 258 -60.81 -18.29 -27.07
CA SER C 258 -59.74 -17.63 -26.32
C SER C 258 -59.21 -18.45 -25.15
N VAL C 259 -60.10 -19.06 -24.43
CA VAL C 259 -59.74 -19.91 -23.29
C VAL C 259 -58.90 -21.12 -23.73
N GLY C 260 -59.34 -21.72 -24.83
CA GLY C 260 -58.78 -23.01 -25.29
C GLY C 260 -57.60 -22.97 -26.24
N LYS C 261 -57.35 -21.80 -26.80
CA LYS C 261 -56.43 -21.71 -27.97
C LYS C 261 -54.94 -21.96 -27.67
N ALA C 262 -54.56 -21.80 -26.43
CA ALA C 262 -53.15 -22.01 -26.04
C ALA C 262 -52.75 -23.49 -26.02
N ALA C 263 -53.77 -24.34 -25.94
CA ALA C 263 -53.55 -25.77 -25.68
C ALA C 263 -53.07 -26.51 -26.88
N PHE C 264 -52.49 -27.65 -26.62
CA PHE C 264 -52.04 -28.56 -27.68
C PHE C 264 -53.22 -29.06 -28.51
N GLU C 265 -54.27 -29.51 -27.83
CA GLU C 265 -55.50 -29.97 -28.49
C GLU C 265 -56.48 -28.80 -28.56
N ALA C 266 -57.12 -28.66 -29.71
CA ALA C 266 -58.01 -27.51 -29.96
C ALA C 266 -59.29 -27.57 -29.15
N PRO C 267 -59.85 -26.41 -28.81
CA PRO C 267 -61.13 -26.41 -28.13
C PRO C 267 -62.23 -26.79 -29.07
N ARG C 268 -63.29 -27.30 -28.50
CA ARG C 268 -64.47 -27.71 -29.27
C ARG C 268 -65.75 -27.39 -28.53
N LEU C 269 -66.69 -26.89 -29.29
CA LEU C 269 -68.07 -26.74 -28.82
C LEU C 269 -68.89 -27.86 -29.44
N VAL C 270 -69.26 -28.80 -28.61
CA VAL C 270 -69.89 -30.03 -29.04
C VAL C 270 -71.33 -30.04 -28.59
N THR C 271 -72.24 -30.06 -29.55
CA THR C 271 -73.68 -30.06 -29.24
C THR C 271 -74.34 -31.34 -29.72
N LEU C 272 -75.04 -31.97 -28.80
CA LEU C 272 -75.77 -33.23 -29.03
C LEU C 272 -77.24 -32.96 -28.95
N LEU C 273 -77.98 -33.60 -29.82
CA LEU C 273 -79.46 -33.43 -29.89
C LEU C 273 -80.22 -34.72 -29.80
N TYR C 274 -81.23 -34.69 -28.96
CA TYR C 274 -82.16 -35.81 -28.80
C TYR C 274 -83.57 -35.23 -28.80
N THR C 275 -84.36 -35.73 -29.73
CA THR C 275 -85.79 -35.41 -29.79
C THR C 275 -86.57 -36.70 -29.65
N PRO C 276 -87.43 -36.81 -28.61
CA PRO C 276 -88.20 -38.03 -28.45
C PRO C 276 -89.33 -38.16 -29.49
N LYS C 277 -89.85 -39.37 -29.61
CA LYS C 277 -91.06 -39.62 -30.45
C LYS C 277 -92.18 -38.82 -29.75
N GLY C 278 -92.95 -38.05 -30.50
CA GLY C 278 -94.12 -37.27 -29.98
C GLY C 278 -94.00 -35.78 -29.70
N THR C 279 -94.87 -35.28 -28.80
CA THR C 279 -94.70 -34.00 -28.06
C THR C 279 -93.91 -34.13 -26.70
N PRO C 280 -92.79 -33.42 -26.60
CA PRO C 280 -91.94 -33.53 -25.42
C PRO C 280 -92.60 -32.81 -24.26
N VAL C 281 -92.41 -33.31 -23.05
CA VAL C 281 -92.98 -32.64 -21.86
C VAL C 281 -92.29 -31.29 -21.60
N LYS C 282 -91.07 -31.15 -22.10
CA LYS C 282 -90.26 -29.93 -21.96
C LYS C 282 -89.09 -29.95 -22.95
N LYS C 283 -88.66 -28.77 -23.32
CA LYS C 283 -87.44 -28.60 -24.09
C LYS C 283 -86.36 -28.04 -23.17
N VAL C 284 -85.31 -28.83 -23.01
CA VAL C 284 -84.24 -28.53 -22.04
C VAL C 284 -82.90 -28.53 -22.76
N SER C 285 -82.16 -27.46 -22.55
CA SER C 285 -80.77 -27.34 -23.05
C SER C 285 -79.80 -27.47 -21.91
N LEU C 286 -78.94 -28.45 -22.06
CA LEU C 286 -77.87 -28.71 -21.08
C LEU C 286 -76.56 -28.12 -21.59
N VAL C 287 -75.82 -27.51 -20.68
CA VAL C 287 -74.52 -26.90 -21.02
C VAL C 287 -73.52 -27.23 -19.95
N GLY C 288 -72.41 -27.82 -20.35
CA GLY C 288 -71.44 -28.35 -19.39
C GLY C 288 -70.04 -27.78 -19.55
N LYS C 289 -69.42 -27.43 -18.40
CA LYS C 289 -68.03 -26.94 -18.38
C LYS C 289 -67.13 -28.15 -18.59
N GLY C 290 -66.52 -28.21 -19.76
CA GLY C 290 -65.64 -29.31 -20.14
C GLY C 290 -64.18 -28.91 -20.20
N ILE C 291 -63.70 -28.37 -19.10
CA ILE C 291 -62.30 -28.01 -19.00
C ILE C 291 -61.54 -29.27 -18.61
N VAL C 292 -60.97 -29.89 -19.61
CA VAL C 292 -60.22 -31.17 -19.46
C VAL C 292 -59.05 -31.08 -18.50
N TYR C 293 -58.46 -29.89 -18.47
CA TYR C 293 -57.52 -29.51 -17.44
C TYR C 293 -57.46 -28.00 -17.29
N ASP C 294 -57.43 -27.56 -16.04
CA ASP C 294 -57.42 -26.14 -15.65
C ASP C 294 -56.06 -25.91 -14.96
N CYS C 295 -55.07 -25.51 -15.74
CA CYS C 295 -53.77 -25.07 -15.13
C CYS C 295 -53.83 -23.63 -14.58
N GLY C 296 -54.91 -22.92 -14.92
CA GLY C 296 -55.11 -21.52 -14.59
C GLY C 296 -54.85 -20.55 -15.72
N GLY C 297 -54.24 -21.07 -16.74
CA GLY C 297 -53.69 -20.23 -17.82
C GLY C 297 -52.54 -19.35 -17.25
N LEU C 298 -52.39 -18.16 -17.81
CA LEU C 298 -51.35 -17.22 -17.39
C LEU C 298 -51.42 -16.92 -15.87
N ALA C 299 -52.63 -16.91 -15.38
CA ALA C 299 -52.94 -16.88 -13.93
C ALA C 299 -52.74 -18.29 -13.33
N LEU C 300 -51.51 -18.72 -13.37
CA LEU C 300 -51.14 -20.11 -13.10
C LEU C 300 -51.47 -20.52 -11.66
N LYS C 301 -52.09 -21.67 -11.52
CA LYS C 301 -52.35 -22.24 -10.20
C LYS C 301 -51.10 -22.79 -9.56
N PRO C 302 -50.98 -22.66 -8.21
CA PRO C 302 -49.96 -23.44 -7.52
C PRO C 302 -50.25 -24.93 -7.67
N ALA C 303 -49.22 -25.75 -7.55
CA ALA C 303 -49.34 -27.19 -7.85
C ALA C 303 -50.39 -27.92 -7.01
N ASP C 304 -50.48 -27.58 -5.73
CA ASP C 304 -51.44 -28.21 -4.78
C ASP C 304 -52.91 -27.93 -5.18
N TYR C 305 -53.17 -26.76 -5.73
CA TYR C 305 -54.50 -26.43 -6.28
C TYR C 305 -54.70 -26.99 -7.68
N MET C 306 -53.64 -27.08 -8.45
CA MET C 306 -53.71 -27.58 -9.84
C MET C 306 -53.99 -29.08 -9.89
N LYS C 307 -53.48 -29.79 -8.90
CA LYS C 307 -53.75 -31.22 -8.73
C LYS C 307 -55.29 -31.41 -8.66
N LEU C 308 -55.77 -32.43 -9.34
CA LEU C 308 -57.24 -32.68 -9.40
C LEU C 308 -58.05 -31.74 -10.30
N MET C 309 -57.39 -30.85 -11.02
CA MET C 309 -58.05 -30.09 -12.07
C MET C 309 -58.36 -30.89 -13.36
N LYS C 310 -57.93 -32.15 -13.42
CA LYS C 310 -58.50 -33.13 -14.38
C LYS C 310 -60.03 -33.35 -14.14
N HIS C 311 -60.48 -33.06 -12.92
CA HIS C 311 -61.94 -33.07 -12.55
C HIS C 311 -62.72 -31.88 -13.11
N ASP C 312 -62.04 -30.98 -13.80
CA ASP C 312 -62.65 -29.70 -14.20
C ASP C 312 -63.56 -29.86 -15.40
N MET C 313 -63.66 -31.08 -15.89
CA MET C 313 -64.65 -31.43 -16.92
C MET C 313 -65.87 -32.19 -16.32
N GLY C 314 -65.96 -32.17 -15.01
CA GLY C 314 -67.02 -32.89 -14.27
C GLY C 314 -68.45 -32.47 -14.61
N GLY C 315 -68.62 -31.20 -14.91
CA GLY C 315 -69.90 -30.69 -15.36
C GLY C 315 -70.27 -31.17 -16.75
N ALA C 316 -69.30 -31.17 -17.64
CA ALA C 316 -69.50 -31.73 -19.02
C ALA C 316 -69.83 -33.23 -18.98
N ALA C 317 -69.12 -33.96 -18.16
CA ALA C 317 -69.36 -35.37 -17.99
C ALA C 317 -70.78 -35.59 -17.43
N ALA C 318 -71.17 -34.74 -16.50
CA ALA C 318 -72.49 -34.87 -15.84
C ALA C 318 -73.64 -34.70 -16.86
N VAL C 319 -73.57 -33.62 -17.63
CA VAL C 319 -74.60 -33.37 -18.65
C VAL C 319 -74.55 -34.40 -19.78
N PHE C 320 -73.35 -34.78 -20.16
CA PHE C 320 -73.18 -35.80 -21.19
C PHE C 320 -73.86 -37.11 -20.81
N CYS C 321 -73.56 -37.59 -19.61
CA CYS C 321 -74.08 -38.86 -19.15
C CYS C 321 -75.59 -38.82 -18.79
N GLY C 322 -76.05 -37.70 -18.28
CA GLY C 322 -77.48 -37.46 -18.05
C GLY C 322 -78.24 -37.51 -19.39
N PHE C 323 -77.63 -36.91 -20.41
CA PHE C 323 -78.12 -36.97 -21.79
C PHE C 323 -78.19 -38.41 -22.27
N LEU C 324 -77.11 -39.16 -22.06
CA LEU C 324 -77.09 -40.58 -22.48
C LEU C 324 -78.21 -41.37 -21.84
N THR C 325 -78.42 -41.16 -20.56
CA THR C 325 -79.48 -41.89 -19.85
C THR C 325 -80.84 -41.57 -20.45
N ALA C 326 -81.07 -40.30 -20.74
CA ALA C 326 -82.32 -39.86 -21.34
C ALA C 326 -82.56 -40.53 -22.68
N VAL C 327 -81.50 -40.68 -23.46
CA VAL C 327 -81.60 -41.35 -24.77
C VAL C 327 -81.87 -42.84 -24.56
N ARG C 328 -81.09 -43.45 -23.68
CA ARG C 328 -81.19 -44.91 -23.48
C ARG C 328 -82.54 -45.30 -22.91
N LEU C 329 -83.07 -44.51 -21.99
CA LEU C 329 -84.41 -44.79 -21.39
C LEU C 329 -85.55 -44.16 -22.15
N GLN C 330 -85.22 -43.48 -23.23
CA GLN C 330 -86.21 -42.74 -24.05
C GLN C 330 -87.13 -41.84 -23.23
N GLN C 331 -86.53 -41.04 -22.37
CA GLN C 331 -87.29 -40.08 -21.56
C GLN C 331 -87.92 -39.06 -22.48
N PRO C 332 -89.15 -38.58 -22.18
CA PRO C 332 -89.90 -37.73 -23.10
C PRO C 332 -89.55 -36.24 -23.00
N VAL C 333 -88.26 -35.97 -23.03
CA VAL C 333 -87.74 -34.62 -22.95
C VAL C 333 -86.92 -34.35 -24.20
N GLN C 334 -87.16 -33.22 -24.81
CA GLN C 334 -86.31 -32.81 -25.92
C GLN C 334 -85.08 -32.14 -25.33
N LEU C 335 -83.92 -32.63 -25.73
CA LEU C 335 -82.63 -32.23 -25.14
C LEU C 335 -81.64 -31.76 -26.15
N SER C 336 -80.98 -30.67 -25.83
CA SER C 336 -79.66 -30.36 -26.37
C SER C 336 -78.65 -30.52 -25.23
N CYS C 337 -77.45 -30.94 -25.60
CA CYS C 337 -76.35 -31.07 -24.67
C CYS C 337 -75.11 -30.48 -25.29
N THR C 338 -74.70 -29.34 -24.77
CA THR C 338 -73.57 -28.61 -25.30
C THR C 338 -72.35 -28.75 -24.34
N LEU C 339 -71.30 -29.38 -24.86
CA LEU C 339 -70.07 -29.59 -24.13
C LEU C 339 -69.08 -28.52 -24.51
N CYS C 340 -68.70 -27.73 -23.52
CA CYS C 340 -67.75 -26.62 -23.72
C CYS C 340 -66.35 -27.16 -23.41
N LEU C 341 -65.73 -27.70 -24.43
CA LEU C 341 -64.46 -28.43 -24.27
C LEU C 341 -63.26 -27.56 -24.60
N ALA C 342 -62.39 -27.46 -23.61
CA ALA C 342 -61.12 -26.75 -23.76
C ALA C 342 -60.16 -27.21 -22.68
N GLU C 343 -58.88 -27.09 -22.97
CA GLU C 343 -57.87 -27.11 -21.94
C GLU C 343 -57.43 -25.68 -21.72
N ASN C 344 -57.42 -25.28 -20.45
CA ASN C 344 -56.91 -23.96 -20.02
C ASN C 344 -55.42 -24.10 -19.79
N ALA C 345 -54.69 -23.82 -20.85
CA ALA C 345 -53.25 -24.09 -20.93
C ALA C 345 -52.43 -22.81 -20.80
N ILE C 346 -51.14 -23.00 -20.61
CA ILE C 346 -50.22 -21.91 -20.50
C ILE C 346 -49.18 -22.03 -21.61
N GLY C 347 -48.97 -20.92 -22.28
CA GLY C 347 -48.02 -20.84 -23.39
C GLY C 347 -48.13 -19.55 -24.17
N PRO C 348 -47.44 -19.48 -25.32
CA PRO C 348 -47.34 -18.24 -26.07
C PRO C 348 -48.68 -17.76 -26.62
N LYS C 349 -49.58 -18.69 -26.85
CA LYS C 349 -50.93 -18.34 -27.36
C LYS C 349 -51.98 -18.14 -26.26
N SER C 350 -51.53 -18.16 -25.01
CA SER C 350 -52.43 -17.94 -23.88
C SER C 350 -53.21 -16.64 -24.01
N TYR C 351 -54.51 -16.71 -23.80
CA TYR C 351 -55.27 -15.50 -23.57
C TYR C 351 -54.75 -14.86 -22.28
N ARG C 352 -54.82 -13.54 -22.23
CA ARG C 352 -54.11 -12.78 -21.19
C ARG C 352 -54.99 -12.14 -20.16
N ASN C 353 -54.37 -11.89 -19.02
CA ASN C 353 -54.94 -11.01 -18.01
C ASN C 353 -54.81 -9.57 -18.47
N ASP C 354 -55.85 -9.09 -19.15
CA ASP C 354 -55.93 -7.77 -19.89
C ASP C 354 -56.62 -7.89 -21.24
N ASP C 355 -56.58 -9.08 -21.83
CA ASP C 355 -57.21 -9.30 -23.13
C ASP C 355 -58.70 -9.03 -23.05
N ILE C 356 -59.25 -8.55 -24.16
CA ILE C 356 -60.68 -8.30 -24.27
C ILE C 356 -61.25 -9.27 -25.28
N ILE C 357 -62.22 -10.03 -24.81
CA ILE C 357 -62.90 -11.06 -25.63
C ILE C 357 -64.20 -10.53 -26.20
N VAL C 358 -64.44 -10.84 -27.47
CA VAL C 358 -65.78 -10.66 -28.05
C VAL C 358 -66.51 -12.02 -27.97
N MET C 359 -67.44 -12.09 -27.06
CA MET C 359 -68.23 -13.31 -26.83
C MET C 359 -69.21 -13.52 -27.99
N LYS C 360 -69.68 -14.74 -28.11
CA LYS C 360 -70.69 -15.09 -29.13
C LYS C 360 -71.97 -14.29 -28.94
N SER C 361 -72.27 -13.98 -27.69
CA SER C 361 -73.37 -13.06 -27.37
C SER C 361 -73.25 -11.64 -27.93
N GLY C 362 -72.06 -11.26 -28.39
CA GLY C 362 -71.76 -9.89 -28.85
C GLY C 362 -71.23 -8.97 -27.74
N LYS C 363 -71.37 -9.43 -26.52
CA LYS C 363 -70.85 -8.69 -25.38
C LYS C 363 -69.36 -8.93 -25.23
N THR C 364 -68.68 -7.88 -24.79
CA THR C 364 -67.23 -7.91 -24.60
C THR C 364 -66.88 -8.13 -23.14
N VAL C 365 -65.87 -8.93 -22.96
CA VAL C 365 -65.41 -9.34 -21.65
C VAL C 365 -63.93 -9.00 -21.48
N GLU C 366 -63.64 -8.18 -20.49
CA GLU C 366 -62.26 -7.87 -20.12
C GLU C 366 -61.79 -8.98 -19.17
N VAL C 367 -60.71 -9.65 -19.54
CA VAL C 367 -60.18 -10.75 -18.75
C VAL C 367 -59.28 -10.21 -17.64
N ILE C 368 -59.79 -10.21 -16.42
CA ILE C 368 -59.04 -9.80 -15.23
C ILE C 368 -58.14 -10.95 -14.78
N ASN C 369 -58.68 -12.16 -14.90
CA ASN C 369 -58.00 -13.37 -14.43
C ASN C 369 -58.34 -14.55 -15.29
N THR C 370 -57.32 -15.11 -15.91
CA THR C 370 -57.50 -16.22 -16.87
C THR C 370 -57.97 -17.52 -16.22
N ASP C 371 -57.82 -17.59 -14.90
CA ASP C 371 -58.23 -18.79 -14.13
C ASP C 371 -59.73 -18.85 -13.82
N ALA C 372 -60.40 -17.75 -14.12
CA ALA C 372 -61.87 -17.67 -14.19
C ALA C 372 -62.33 -17.91 -15.64
N GLU C 373 -61.98 -19.09 -16.13
CA GLU C 373 -62.16 -19.50 -17.52
C GLU C 373 -63.52 -20.14 -17.76
N GLY C 374 -64.00 -20.79 -16.72
CA GLY C 374 -65.21 -21.61 -16.82
C GLY C 374 -66.43 -20.78 -17.20
N ARG C 375 -66.56 -19.67 -16.53
CA ARG C 375 -67.72 -18.79 -16.76
C ARG C 375 -67.71 -18.24 -18.21
N ILE C 376 -66.52 -18.03 -18.73
CA ILE C 376 -66.34 -17.54 -20.09
C ILE C 376 -66.81 -18.62 -21.11
N VAL C 377 -66.30 -19.82 -20.91
CA VAL C 377 -66.61 -20.92 -21.83
C VAL C 377 -68.13 -21.20 -21.76
N LEU C 378 -68.67 -21.13 -20.57
CA LEU C 378 -70.11 -21.35 -20.36
C LEU C 378 -70.98 -20.22 -20.95
N GLY C 379 -70.45 -19.02 -20.94
CA GLY C 379 -71.13 -17.88 -21.58
C GLY C 379 -71.40 -18.15 -23.06
N ASP C 380 -70.39 -18.67 -23.73
CA ASP C 380 -70.55 -19.06 -25.14
C ASP C 380 -71.50 -20.25 -25.29
N GLY C 381 -71.37 -21.19 -24.36
CA GLY C 381 -72.24 -22.37 -24.32
C GLY C 381 -73.74 -22.05 -24.20
N VAL C 382 -74.08 -21.23 -23.22
CA VAL C 382 -75.50 -20.87 -22.97
C VAL C 382 -76.06 -19.96 -24.07
N PHE C 383 -75.21 -19.13 -24.63
CA PHE C 383 -75.67 -18.33 -25.79
C PHE C 383 -75.94 -19.22 -26.98
N HIS C 384 -75.03 -20.15 -27.22
CA HIS C 384 -75.21 -21.12 -28.28
C HIS C 384 -76.59 -21.85 -28.12
N ALA C 385 -76.81 -22.35 -26.92
CA ALA C 385 -78.03 -23.15 -26.63
C ALA C 385 -79.29 -22.32 -26.80
N THR C 386 -79.22 -21.06 -26.40
CA THR C 386 -80.41 -20.20 -26.37
C THR C 386 -80.63 -19.40 -27.62
N ASN C 387 -79.66 -19.42 -28.52
CA ASN C 387 -79.76 -18.61 -29.75
C ASN C 387 -79.54 -19.33 -31.06
N GLU C 388 -78.78 -20.41 -31.03
CA GLU C 388 -78.27 -21.01 -32.28
C GLU C 388 -78.83 -22.36 -32.64
N LEU C 389 -79.73 -22.86 -31.82
CA LEU C 389 -80.29 -24.19 -32.09
C LEU C 389 -81.59 -24.07 -32.90
N SER C 390 -82.07 -25.21 -33.36
CA SER C 390 -83.32 -25.26 -34.14
C SER C 390 -84.57 -25.10 -33.29
N PHE C 391 -84.41 -25.14 -31.98
CA PHE C 391 -85.49 -24.81 -31.04
C PHE C 391 -84.97 -23.85 -29.97
N THR C 392 -85.88 -23.25 -29.25
CA THR C 392 -85.57 -22.41 -28.08
C THR C 392 -85.97 -23.16 -26.82
N PRO C 393 -85.03 -23.37 -25.90
CA PRO C 393 -85.36 -24.20 -24.75
C PRO C 393 -86.27 -23.50 -23.76
N ASP C 394 -87.04 -24.30 -23.06
CA ASP C 394 -87.86 -23.83 -21.92
C ASP C 394 -87.02 -23.66 -20.68
N VAL C 395 -86.00 -24.49 -20.58
CA VAL C 395 -85.11 -24.54 -19.40
C VAL C 395 -83.68 -24.72 -19.88
N VAL C 396 -82.79 -23.96 -19.30
CA VAL C 396 -81.36 -24.11 -19.53
C VAL C 396 -80.75 -24.53 -18.23
N ILE C 397 -80.00 -25.62 -18.30
CA ILE C 397 -79.26 -26.13 -17.13
C ILE C 397 -77.78 -26.15 -17.49
N ASP C 398 -77.00 -25.36 -16.78
CA ASP C 398 -75.55 -25.43 -16.93
C ASP C 398 -74.98 -26.08 -15.68
N MET C 399 -74.03 -26.96 -15.91
CA MET C 399 -73.34 -27.65 -14.82
C MET C 399 -71.86 -27.42 -14.98
N ALA C 400 -71.22 -27.07 -13.88
CA ALA C 400 -69.81 -26.69 -13.90
C ALA C 400 -69.10 -26.80 -12.57
N THR C 401 -67.85 -27.23 -12.63
CA THR C 401 -66.98 -27.24 -11.48
C THR C 401 -66.37 -25.85 -11.36
N LEU C 402 -67.17 -24.91 -10.91
CA LEU C 402 -66.93 -23.51 -11.24
C LEU C 402 -66.11 -22.69 -10.24
N THR C 403 -66.39 -22.84 -8.96
CA THR C 403 -65.76 -22.01 -7.95
C THR C 403 -65.33 -22.74 -6.70
N GLY C 404 -64.23 -22.29 -6.13
CA GLY C 404 -63.80 -22.72 -4.80
C GLY C 404 -64.78 -22.24 -3.73
N ALA C 405 -65.37 -21.09 -3.99
CA ALA C 405 -66.44 -20.56 -3.16
C ALA C 405 -67.58 -21.56 -2.91
N GLN C 406 -67.85 -22.41 -3.89
CA GLN C 406 -68.92 -23.38 -3.78
C GLN C 406 -68.73 -24.28 -2.58
N GLY C 407 -67.52 -24.76 -2.42
CA GLY C 407 -67.19 -25.64 -1.28
C GLY C 407 -67.35 -24.93 0.04
N ILE C 408 -66.86 -23.73 0.06
CA ILE C 408 -67.02 -22.86 1.26
C ILE C 408 -68.49 -22.59 1.61
N ALA C 409 -69.28 -22.36 0.57
CA ALA C 409 -70.70 -21.98 0.75
C ALA C 409 -71.61 -23.17 1.08
N THR C 410 -71.61 -24.15 0.20
CA THR C 410 -72.55 -25.32 0.27
C THR C 410 -71.91 -26.69 0.58
N GLY C 411 -70.59 -26.73 0.54
CA GLY C 411 -69.85 -27.91 1.01
C GLY C 411 -69.63 -29.01 0.00
N ARG C 412 -69.14 -30.12 0.50
CA ARG C 412 -68.66 -31.19 -0.38
C ARG C 412 -69.70 -32.07 -0.97
N HIS C 413 -70.86 -32.05 -0.37
CA HIS C 413 -71.96 -32.96 -0.78
C HIS C 413 -73.10 -32.29 -1.50
N HIS C 414 -73.15 -30.97 -1.45
CA HIS C 414 -74.26 -30.21 -2.01
C HIS C 414 -73.77 -29.28 -3.06
N ALA C 415 -74.18 -29.54 -4.29
CA ALA C 415 -73.94 -28.62 -5.39
C ALA C 415 -74.74 -27.32 -5.15
N GLY C 416 -74.13 -26.21 -5.49
CA GLY C 416 -74.77 -24.89 -5.33
C GLY C 416 -75.65 -24.56 -6.53
N LEU C 417 -76.87 -24.08 -6.24
CA LEU C 417 -77.83 -23.67 -7.28
C LEU C 417 -78.08 -22.18 -7.34
N TYR C 418 -77.83 -21.62 -8.50
CA TYR C 418 -78.13 -20.22 -8.78
C TYR C 418 -79.20 -20.26 -9.88
N VAL C 419 -80.42 -19.86 -9.53
CA VAL C 419 -81.60 -20.11 -10.36
C VAL C 419 -82.49 -18.86 -10.44
N ASN C 420 -82.88 -18.53 -11.65
CA ASN C 420 -83.65 -17.32 -11.88
C ASN C 420 -85.16 -17.44 -11.52
N GLU C 421 -85.63 -18.62 -11.22
CA GLU C 421 -87.04 -18.88 -10.88
C GLU C 421 -87.16 -19.80 -9.70
N GLU C 422 -88.00 -19.45 -8.76
CA GLU C 422 -88.19 -20.27 -7.55
C GLU C 422 -88.66 -21.71 -7.85
N GLY C 423 -89.57 -21.84 -8.79
CA GLY C 423 -90.18 -23.13 -9.18
C GLY C 423 -89.17 -24.16 -9.69
N ALA C 424 -88.34 -23.71 -10.63
CA ALA C 424 -87.26 -24.53 -11.17
C ALA C 424 -86.25 -24.94 -10.07
N GLU C 425 -85.95 -23.99 -9.21
CA GLU C 425 -85.03 -24.22 -8.11
C GLU C 425 -85.54 -25.33 -7.18
N ALA C 426 -86.79 -25.18 -6.80
CA ALA C 426 -87.43 -26.16 -5.90
C ALA C 426 -87.47 -27.56 -6.53
N ALA C 427 -87.72 -27.60 -7.81
CA ALA C 427 -87.79 -28.86 -8.55
C ALA C 427 -86.41 -29.54 -8.59
N MET C 428 -85.38 -28.75 -8.84
CA MET C 428 -84.01 -29.30 -8.85
C MET C 428 -83.60 -29.77 -7.44
N LEU C 429 -83.96 -29.01 -6.43
CA LEU C 429 -83.70 -29.41 -5.04
C LEU C 429 -84.37 -30.73 -4.66
N ARG C 430 -85.63 -30.85 -5.05
CA ARG C 430 -86.41 -32.10 -4.89
C ARG C 430 -85.69 -33.25 -5.59
N ALA C 431 -85.27 -33.02 -6.82
CA ALA C 431 -84.53 -34.05 -7.60
C ALA C 431 -83.23 -34.47 -6.90
N GLY C 432 -82.58 -33.52 -6.28
CA GLY C 432 -81.38 -33.79 -5.50
C GLY C 432 -81.64 -34.67 -4.29
N ARG C 433 -82.70 -34.37 -3.58
CA ARG C 433 -83.11 -35.15 -2.38
C ARG C 433 -83.56 -36.56 -2.72
N GLU C 434 -84.26 -36.69 -3.83
CA GLU C 434 -84.74 -38.00 -4.33
C GLU C 434 -83.59 -38.85 -4.89
N SER C 435 -82.76 -38.23 -5.73
CA SER C 435 -81.62 -38.94 -6.36
C SER C 435 -80.46 -39.24 -5.42
N GLY C 436 -80.40 -38.50 -4.32
CA GLY C 436 -79.21 -38.51 -3.43
C GLY C 436 -78.09 -37.54 -3.82
N GLU C 437 -78.18 -37.04 -5.04
CA GLU C 437 -77.19 -36.09 -5.58
C GLU C 437 -77.65 -34.66 -5.20
N THR C 438 -77.46 -34.37 -3.92
CA THR C 438 -78.06 -33.25 -3.27
C THR C 438 -77.52 -31.91 -3.74
N CYS C 439 -78.39 -30.91 -3.67
CA CYS C 439 -78.08 -29.51 -3.96
C CYS C 439 -78.54 -28.60 -2.84
N PHE C 440 -78.09 -27.37 -2.93
CA PHE C 440 -78.54 -26.31 -2.04
C PHE C 440 -78.44 -24.97 -2.76
N PRO C 441 -79.41 -24.07 -2.54
CA PRO C 441 -79.35 -22.81 -3.25
C PRO C 441 -78.32 -21.84 -2.73
N VAL C 442 -77.82 -21.06 -3.67
CA VAL C 442 -77.04 -19.85 -3.30
C VAL C 442 -77.83 -18.62 -3.69
N LEU C 443 -77.45 -17.50 -3.10
CA LEU C 443 -78.14 -16.24 -3.28
C LEU C 443 -78.35 -15.88 -4.76
N TYR C 444 -79.61 -15.69 -5.13
CA TYR C 444 -79.97 -15.09 -6.41
C TYR C 444 -80.37 -13.62 -6.16
N CYS C 445 -79.52 -12.73 -6.61
CA CYS C 445 -79.72 -11.27 -6.43
C CYS C 445 -78.93 -10.45 -7.46
N PRO C 446 -79.26 -10.57 -8.75
CA PRO C 446 -78.54 -9.94 -9.85
C PRO C 446 -78.27 -8.47 -9.67
N GLU C 447 -79.19 -7.74 -9.04
CA GLU C 447 -78.97 -6.30 -8.77
C GLU C 447 -77.74 -6.05 -7.90
N TYR C 448 -77.37 -7.01 -7.06
CA TYR C 448 -76.15 -6.92 -6.25
C TYR C 448 -74.90 -7.57 -6.88
N HIS C 449 -75.09 -8.48 -7.80
CA HIS C 449 -73.95 -9.13 -8.51
C HIS C 449 -73.40 -8.32 -9.68
N GLU C 450 -74.31 -7.73 -10.39
CA GLU C 450 -74.00 -6.89 -11.56
C GLU C 450 -72.87 -5.84 -11.39
N PRO C 451 -72.93 -5.01 -10.35
CA PRO C 451 -71.86 -3.99 -10.15
C PRO C 451 -70.44 -4.51 -9.93
N GLU C 452 -70.33 -5.74 -9.50
CA GLU C 452 -69.01 -6.37 -9.34
C GLU C 452 -68.21 -6.56 -10.63
N PHE C 453 -68.89 -6.49 -11.76
CA PHE C 453 -68.29 -6.80 -13.06
C PHE C 453 -68.08 -5.57 -13.95
N LYS C 454 -68.11 -4.38 -13.37
CA LYS C 454 -67.91 -3.13 -14.11
C LYS C 454 -66.49 -3.13 -14.70
N SER C 455 -66.38 -2.70 -15.94
CA SER C 455 -65.14 -2.59 -16.67
C SER C 455 -65.00 -1.18 -17.24
N ASN C 456 -63.78 -0.68 -17.27
CA ASN C 456 -63.49 0.60 -17.93
C ASN C 456 -63.73 0.56 -19.45
N HIS C 457 -63.36 -0.54 -20.08
CA HIS C 457 -63.29 -0.59 -21.55
C HIS C 457 -64.14 -1.63 -22.25
N ALA C 458 -64.57 -2.63 -21.50
CA ALA C 458 -65.40 -3.70 -22.06
C ALA C 458 -66.79 -3.63 -21.41
N ASP C 459 -67.73 -4.40 -21.94
CA ASP C 459 -69.09 -4.47 -21.32
C ASP C 459 -69.03 -4.96 -19.90
N MET C 460 -68.11 -5.90 -19.66
CA MET C 460 -67.94 -6.47 -18.32
C MET C 460 -66.55 -7.06 -18.15
N THR C 461 -66.19 -7.30 -16.91
CA THR C 461 -65.04 -8.12 -16.57
C THR C 461 -65.48 -9.56 -16.40
N ASN C 462 -64.52 -10.46 -16.25
CA ASN C 462 -64.81 -11.82 -15.91
C ASN C 462 -64.59 -12.16 -14.43
N LEU C 463 -64.33 -11.15 -13.62
CA LEU C 463 -64.05 -11.38 -12.21
C LEU C 463 -64.52 -10.24 -11.37
N MET C 464 -65.07 -10.58 -10.24
CA MET C 464 -65.60 -9.62 -9.28
C MET C 464 -64.51 -8.72 -8.72
N GLU C 465 -64.81 -7.44 -8.63
CA GLU C 465 -63.95 -6.47 -7.95
C GLU C 465 -63.74 -6.90 -6.49
N ARG C 466 -64.81 -7.31 -5.84
CA ARG C 466 -64.76 -7.80 -4.46
C ARG C 466 -65.15 -9.28 -4.40
N ARG C 467 -64.23 -10.10 -3.98
CA ARG C 467 -64.40 -11.57 -4.03
C ARG C 467 -65.16 -12.12 -2.84
N ASP C 468 -65.38 -11.26 -1.87
CA ASP C 468 -66.18 -11.60 -0.68
C ASP C 468 -67.64 -11.10 -0.73
N ASN C 469 -68.21 -11.17 -1.91
CA ASN C 469 -69.56 -10.72 -2.16
C ASN C 469 -70.39 -11.72 -2.98
N ALA C 470 -70.58 -12.88 -2.39
CA ALA C 470 -71.40 -13.99 -2.97
C ALA C 470 -70.76 -14.50 -4.25
N GLY C 471 -69.64 -15.17 -4.06
CA GLY C 471 -68.82 -15.62 -5.18
C GLY C 471 -69.43 -16.72 -6.06
N VAL C 472 -70.15 -17.64 -5.44
CA VAL C 472 -70.85 -18.66 -6.22
C VAL C 472 -71.90 -18.00 -7.12
N SER C 473 -72.61 -17.07 -6.52
CA SER C 473 -73.72 -16.35 -7.18
C SER C 473 -73.22 -15.48 -8.35
N CYS C 474 -72.15 -14.76 -8.09
CA CYS C 474 -71.57 -13.85 -9.08
C CYS C 474 -71.07 -14.57 -10.32
N ALA C 475 -70.49 -15.75 -10.13
CA ALA C 475 -70.03 -16.54 -11.27
C ALA C 475 -71.24 -16.97 -12.12
N GLY C 476 -72.31 -17.34 -11.41
CA GLY C 476 -73.59 -17.65 -12.09
C GLY C 476 -74.14 -16.44 -12.85
N TYR C 477 -74.14 -15.31 -12.17
CA TYR C 477 -74.59 -14.05 -12.80
C TYR C 477 -73.87 -13.76 -14.12
N PHE C 478 -72.55 -13.91 -14.10
CA PHE C 478 -71.74 -13.71 -15.32
C PHE C 478 -72.31 -14.51 -16.51
N ILE C 479 -72.57 -15.77 -16.24
CA ILE C 479 -73.11 -16.67 -17.25
C ILE C 479 -74.44 -16.15 -17.82
N THR C 480 -75.29 -15.67 -16.94
CA THR C 480 -76.64 -15.20 -17.34
C THR C 480 -76.62 -14.00 -18.28
N THR C 481 -75.58 -13.16 -18.16
CA THR C 481 -75.43 -12.00 -19.06
C THR C 481 -75.28 -12.42 -20.54
N HIS C 482 -74.91 -13.68 -20.77
CA HIS C 482 -74.73 -14.20 -22.15
C HIS C 482 -75.88 -15.09 -22.66
N LEU C 483 -76.95 -15.17 -21.89
CA LEU C 483 -78.18 -15.79 -22.37
C LEU C 483 -78.71 -14.93 -23.52
N SER C 484 -79.21 -15.58 -24.56
CA SER C 484 -79.89 -14.86 -25.66
C SER C 484 -81.12 -14.13 -25.14
N PRO C 485 -81.41 -12.94 -25.70
CA PRO C 485 -82.70 -12.26 -25.43
C PRO C 485 -83.92 -13.07 -25.88
N LYS C 486 -83.72 -13.96 -26.84
CA LYS C 486 -84.78 -14.88 -27.29
C LYS C 486 -85.28 -15.82 -26.17
N PHE C 487 -84.46 -15.99 -25.16
CA PHE C 487 -84.75 -16.94 -24.09
C PHE C 487 -85.43 -16.21 -22.95
N THR C 488 -86.55 -16.76 -22.52
CA THR C 488 -87.35 -16.20 -21.43
C THR C 488 -87.73 -17.24 -20.38
N GLY C 489 -87.04 -18.36 -20.40
CA GLY C 489 -87.37 -19.49 -19.53
C GLY C 489 -86.53 -19.55 -18.27
N ALA C 490 -86.50 -20.72 -17.70
CA ALA C 490 -85.85 -20.95 -16.41
C ALA C 490 -84.39 -21.30 -16.66
N HIS C 491 -83.53 -20.70 -15.87
CA HIS C 491 -82.09 -20.98 -15.96
C HIS C 491 -81.56 -21.49 -14.63
N ILE C 492 -81.02 -22.69 -14.67
CA ILE C 492 -80.51 -23.35 -13.50
C ILE C 492 -79.01 -23.53 -13.66
N HIS C 493 -78.28 -22.80 -12.83
CA HIS C 493 -76.83 -22.93 -12.78
C HIS C 493 -76.44 -23.82 -11.62
N VAL C 494 -75.76 -24.88 -11.95
CA VAL C 494 -75.28 -25.89 -10.96
C VAL C 494 -73.76 -25.84 -10.80
N ASP C 495 -73.32 -25.36 -9.64
CA ASP C 495 -71.91 -25.29 -9.32
C ASP C 495 -71.62 -26.57 -8.53
N LEU C 496 -70.91 -27.49 -9.17
CA LEU C 496 -70.61 -28.78 -8.53
C LEU C 496 -69.09 -29.05 -8.39
N ALA C 497 -68.36 -27.98 -8.10
CA ALA C 497 -66.88 -28.06 -7.96
C ALA C 497 -66.43 -29.21 -7.06
N TYR C 498 -67.06 -29.34 -5.91
CA TYR C 498 -66.67 -30.35 -4.91
C TYR C 498 -67.47 -31.67 -4.91
N PRO C 499 -68.77 -31.62 -5.19
CA PRO C 499 -69.49 -32.89 -5.20
C PRO C 499 -69.12 -33.92 -6.26
N VAL C 500 -68.40 -33.47 -7.29
CA VAL C 500 -67.89 -34.40 -8.33
C VAL C 500 -66.74 -35.33 -7.90
N PHE C 501 -66.19 -35.11 -6.73
CA PHE C 501 -65.09 -35.96 -6.23
C PHE C 501 -65.06 -36.12 -4.73
N ASN C 502 -64.37 -37.13 -4.31
CA ASN C 502 -64.01 -37.31 -2.91
C ASN C 502 -62.58 -37.83 -2.85
N SER C 503 -62.16 -38.31 -1.69
CA SER C 503 -60.79 -38.74 -1.51
C SER C 503 -60.42 -40.03 -2.29
N ASN C 504 -61.41 -40.76 -2.77
CA ASN C 504 -61.21 -41.90 -3.66
C ASN C 504 -61.24 -41.58 -5.15
N GLY C 505 -61.56 -40.34 -5.46
CA GLY C 505 -61.66 -39.91 -6.84
C GLY C 505 -63.04 -39.44 -7.19
N ALA C 506 -63.37 -39.58 -8.45
CA ALA C 506 -64.66 -39.06 -8.99
C ALA C 506 -65.82 -39.81 -8.34
N THR C 507 -66.92 -39.10 -8.19
CA THR C 507 -68.18 -39.63 -7.61
C THR C 507 -69.23 -39.99 -8.65
N GLY C 508 -69.06 -39.48 -9.86
CA GLY C 508 -70.12 -39.58 -10.90
C GLY C 508 -71.37 -38.77 -10.59
N PHE C 509 -71.21 -37.73 -9.79
CA PHE C 509 -72.31 -36.85 -9.39
C PHE C 509 -72.78 -36.06 -10.60
N GLY C 510 -74.09 -36.00 -10.75
CA GLY C 510 -74.72 -35.15 -11.74
C GLY C 510 -75.75 -35.84 -12.63
N PRO C 511 -75.37 -36.97 -13.24
CA PRO C 511 -76.28 -37.59 -14.20
C PRO C 511 -77.60 -38.08 -13.59
N ALA C 512 -77.53 -38.70 -12.43
CA ALA C 512 -78.74 -39.18 -11.75
C ALA C 512 -79.65 -38.03 -11.30
N LEU C 513 -79.02 -36.94 -10.87
CA LEU C 513 -79.73 -35.71 -10.55
C LEU C 513 -80.59 -35.27 -11.73
N LEU C 514 -79.97 -35.22 -12.88
CA LEU C 514 -80.66 -34.83 -14.10
C LEU C 514 -81.80 -35.82 -14.47
N THR C 515 -81.48 -37.09 -14.38
CA THR C 515 -82.44 -38.14 -14.71
C THR C 515 -83.71 -38.00 -13.85
N GLU C 516 -83.52 -37.81 -12.56
CA GLU C 516 -84.61 -37.57 -11.62
C GLU C 516 -85.34 -36.26 -11.92
N TYR C 517 -84.61 -35.21 -12.22
CA TYR C 517 -85.23 -33.90 -12.60
C TYR C 517 -86.14 -34.06 -13.83
N PHE C 518 -85.62 -34.73 -14.85
CA PHE C 518 -86.36 -34.98 -16.10
C PHE C 518 -87.62 -35.81 -15.85
N ARG C 519 -87.50 -36.79 -14.99
CA ARG C 519 -88.62 -37.67 -14.58
C ARG C 519 -89.85 -36.93 -14.10
N LYS C 520 -89.65 -35.84 -13.39
CA LYS C 520 -90.76 -35.12 -12.73
C LYS C 520 -91.20 -33.89 -13.50
N LEU C 521 -90.69 -33.68 -14.68
CA LEU C 521 -91.01 -32.44 -15.44
C LEU C 521 -92.50 -32.28 -15.84
N LEU D 4 -37.12 -5.35 37.75
CA LEU D 4 -36.00 -6.12 37.09
C LEU D 4 -35.20 -6.92 38.08
N PRO D 5 -34.71 -8.09 37.66
CA PRO D 5 -33.74 -8.79 38.47
C PRO D 5 -32.50 -7.93 38.74
N LYS D 6 -31.96 -8.06 39.95
CA LYS D 6 -30.82 -7.25 40.42
C LYS D 6 -29.65 -7.33 39.42
N ALA D 7 -29.34 -8.52 38.95
CA ALA D 7 -28.20 -8.71 38.00
C ALA D 7 -28.41 -7.95 36.70
N GLU D 8 -29.64 -7.88 36.26
CA GLU D 8 -29.99 -7.17 35.03
C GLU D 8 -29.89 -5.67 35.24
N ALA D 9 -30.45 -5.19 36.34
CA ALA D 9 -30.33 -3.75 36.69
C ALA D 9 -28.84 -3.30 36.78
N LYS D 10 -28.00 -4.15 37.41
CA LYS D 10 -26.54 -3.83 37.56
C LYS D 10 -25.87 -3.71 36.17
N GLU D 11 -26.23 -4.64 35.29
CA GLU D 11 -25.77 -4.63 33.89
C GLU D 11 -26.19 -3.36 33.14
N LEU D 12 -27.43 -2.96 33.33
CA LEU D 12 -27.96 -1.76 32.65
C LEU D 12 -27.26 -0.50 33.12
N SER D 13 -27.03 -0.38 34.44
CA SER D 13 -26.27 0.76 35.00
C SER D 13 -24.89 0.86 34.44
N ALA D 14 -24.23 -0.28 34.39
CA ALA D 14 -22.88 -0.32 33.84
C ALA D 14 -22.89 0.11 32.37
N PHE D 15 -23.90 -0.33 31.64
CA PHE D 15 -23.99 -0.01 30.21
C PHE D 15 -24.25 1.49 30.02
N VAL D 16 -25.15 2.02 30.81
CA VAL D 16 -25.38 3.48 30.84
C VAL D 16 -24.05 4.24 31.02
N GLN D 17 -23.32 3.86 32.05
CA GLN D 17 -22.05 4.47 32.37
C GLN D 17 -21.08 4.38 31.17
N SER D 18 -21.01 3.22 30.53
CA SER D 18 -20.13 3.01 29.37
C SER D 18 -20.43 3.99 28.24
N CYS D 19 -21.69 4.33 28.10
CA CYS D 19 -22.09 5.29 27.08
C CYS D 19 -21.81 6.73 27.50
N VAL D 20 -22.16 7.04 28.74
CA VAL D 20 -21.97 8.44 29.28
C VAL D 20 -20.48 8.84 29.27
N GLU D 21 -19.63 7.88 29.55
CA GLU D 21 -18.17 8.10 29.65
CA GLU D 21 -18.17 8.10 29.66
C GLU D 21 -17.42 7.70 28.39
N TYR D 22 -18.15 7.37 27.33
CA TYR D 22 -17.51 6.94 26.09
C TYR D 22 -16.47 7.98 25.61
N LYS D 23 -15.28 7.49 25.34
CA LYS D 23 -14.15 8.27 24.73
C LYS D 23 -13.67 7.56 23.44
N THR D 24 -13.38 8.33 22.42
CA THR D 24 -13.01 7.78 21.12
C THR D 24 -11.62 7.14 21.12
N ASN D 25 -11.41 6.20 20.21
CA ASN D 25 -10.10 5.56 20.01
C ASN D 25 -9.24 6.28 18.95
N VAL D 26 -9.78 7.36 18.37
CA VAL D 26 -9.14 8.03 17.22
C VAL D 26 -8.55 9.35 17.64
N CYS D 27 -7.34 9.59 17.19
CA CYS D 27 -6.73 10.92 17.34
C CYS D 27 -6.26 11.39 15.98
N PHE D 28 -5.96 12.68 15.90
CA PHE D 28 -5.61 13.31 14.63
C PHE D 28 -4.34 14.15 14.75
N THR D 29 -3.52 14.06 13.72
CA THR D 29 -2.33 14.88 13.63
C THR D 29 -2.01 15.11 12.16
N ASP D 30 -0.82 15.63 11.90
CA ASP D 30 -0.34 15.85 10.53
C ASP D 30 1.11 15.44 10.40
N VAL D 31 1.57 15.29 9.17
CA VAL D 31 2.84 14.61 8.87
C VAL D 31 4.01 15.29 9.58
N ALA D 32 4.06 16.61 9.46
CA ALA D 32 5.14 17.39 10.09
C ALA D 32 5.08 17.25 11.64
N ALA D 33 3.90 17.37 12.21
CA ALA D 33 3.78 17.24 13.67
C ALA D 33 4.18 15.84 14.13
N TYR D 34 3.85 14.87 13.29
CA TYR D 34 4.18 13.44 13.55
C TYR D 34 5.69 13.19 13.53
N GLU D 35 6.35 13.69 12.49
CA GLU D 35 7.84 13.66 12.36
C GLU D 35 8.47 14.27 13.63
N SER D 36 7.91 15.38 14.04
CA SER D 36 8.39 16.11 15.21
C SER D 36 8.19 15.33 16.52
N ASN D 37 7.03 14.72 16.69
CA ASN D 37 6.70 14.02 17.97
C ASN D 37 7.18 12.57 18.07
N GLN D 38 7.31 11.92 16.93
CA GLN D 38 7.68 10.48 16.89
C GLN D 38 9.01 10.19 16.19
N LYS D 39 9.54 11.19 15.52
CA LYS D 39 10.95 11.15 15.06
C LYS D 39 11.19 9.90 14.18
N GLY D 40 10.21 9.59 13.34
CA GLY D 40 10.31 8.42 12.39
C GLY D 40 10.01 7.04 12.97
N VAL D 41 9.61 7.01 14.24
CA VAL D 41 9.29 5.74 14.90
C VAL D 41 7.78 5.50 14.78
N LEU D 42 7.42 4.46 14.05
CA LEU D 42 6.02 4.06 13.92
C LEU D 42 5.42 3.68 15.28
N SER D 43 4.12 3.98 15.43
CA SER D 43 3.38 3.71 16.66
C SER D 43 3.26 2.18 16.96
N SER D 44 3.28 1.37 15.91
CA SER D 44 3.18 -0.10 16.05
C SER D 44 3.69 -0.80 14.81
N GLY D 45 3.52 -2.13 14.78
CA GLY D 45 3.91 -2.97 13.63
C GLY D 45 3.00 -2.92 12.41
N LEU D 46 2.00 -2.03 12.45
CA LEU D 46 1.12 -1.83 11.31
C LEU D 46 1.05 -0.37 10.97
N ALA D 47 1.17 -0.10 9.68
CA ALA D 47 0.88 1.26 9.17
C ALA D 47 -0.01 1.19 7.93
N VAL D 48 -0.89 2.18 7.82
CA VAL D 48 -1.86 2.22 6.74
C VAL D 48 -1.65 3.50 5.96
N LEU D 49 -1.70 3.35 4.64
CA LEU D 49 -1.57 4.49 3.74
C LEU D 49 -2.73 4.48 2.77
N VAL D 50 -3.52 5.52 2.83
CA VAL D 50 -4.69 5.63 1.97
C VAL D 50 -4.80 6.91 1.17
N GLY D 51 -5.01 6.76 -0.11
CA GLY D 51 -5.19 7.93 -1.00
C GLY D 51 -5.59 7.53 -2.41
N THR D 52 -5.81 8.54 -3.24
CA THR D 52 -6.15 8.31 -4.64
C THR D 52 -4.93 7.85 -5.42
N HIS D 53 -5.17 7.32 -6.61
CA HIS D 53 -4.09 6.85 -7.53
C HIS D 53 -3.01 7.92 -7.69
N LYS D 54 -3.47 9.14 -7.91
CA LYS D 54 -2.59 10.25 -8.10
C LYS D 54 -1.93 10.71 -6.81
N GLN D 55 -2.70 10.85 -5.75
CA GLN D 55 -2.09 11.22 -4.44
C GLN D 55 -0.99 10.25 -3.98
N LEU D 56 -1.21 8.97 -4.20
CA LEU D 56 -0.25 7.92 -3.84
C LEU D 56 1.09 8.07 -4.58
N ARG D 57 1.06 8.76 -5.71
CA ARG D 57 2.24 8.95 -6.58
C ARG D 57 2.90 10.32 -6.41
N ASP D 58 2.36 11.12 -5.51
CA ASP D 58 2.94 12.43 -5.21
C ASP D 58 4.32 12.23 -4.59
N PRO D 59 5.31 13.07 -4.97
CA PRO D 59 6.69 12.96 -4.42
C PRO D 59 6.76 13.03 -2.90
N ALA D 60 5.84 13.75 -2.29
CA ALA D 60 5.75 13.82 -0.80
C ALA D 60 5.59 12.47 -0.08
N VAL D 61 4.96 11.53 -0.77
CA VAL D 61 4.72 10.15 -0.25
C VAL D 61 6.05 9.41 0.03
N GLN D 62 7.01 9.58 -0.88
CA GLN D 62 8.39 9.07 -0.70
C GLN D 62 9.07 9.49 0.60
N ARG D 63 8.69 10.62 1.12
CA ARG D 63 9.31 11.13 2.35
C ARG D 63 8.61 10.64 3.60
N LEU D 64 7.61 9.79 3.44
CA LEU D 64 6.93 9.22 4.62
C LEU D 64 7.83 8.16 5.28
N PRO D 65 7.79 8.07 6.60
CA PRO D 65 8.79 7.31 7.34
C PRO D 65 8.84 5.81 7.07
N PHE D 66 7.76 5.27 6.53
CA PHE D 66 7.67 3.83 6.24
C PHE D 66 7.90 3.50 4.77
N TYR D 67 8.11 4.52 3.95
CA TYR D 67 8.25 4.32 2.51
C TYR D 67 9.55 3.59 2.17
N ASN D 68 9.46 2.66 1.26
CA ASN D 68 10.62 1.97 0.71
C ASN D 68 10.22 1.33 -0.62
N PRO D 69 11.09 0.56 -1.27
CA PRO D 69 10.72 0.09 -2.62
C PRO D 69 9.56 -0.93 -2.65
N ALA D 70 9.38 -1.65 -1.54
CA ALA D 70 8.26 -2.61 -1.40
C ALA D 70 6.89 -1.86 -1.36
N VAL D 71 6.86 -0.80 -0.56
CA VAL D 71 5.73 0.09 -0.52
C VAL D 71 5.44 0.69 -1.91
N ALA D 72 6.49 1.10 -2.61
CA ALA D 72 6.33 1.63 -3.99
C ALA D 72 5.67 0.58 -4.87
N GLU D 73 6.10 -0.66 -4.68
CA GLU D 73 5.55 -1.78 -5.48
C GLU D 73 4.08 -2.01 -5.08
N ALA D 74 3.79 -1.86 -3.79
CA ALA D 74 2.39 -1.99 -3.30
C ALA D 74 1.49 -0.99 -4.00
N ILE D 75 2.01 0.22 -4.16
CA ILE D 75 1.31 1.29 -4.86
C ILE D 75 1.02 0.92 -6.33
N GLU D 76 1.96 0.26 -6.97
CA GLU D 76 1.73 -0.23 -8.37
C GLU D 76 0.70 -1.35 -8.44
N ARG D 77 0.74 -2.22 -7.43
CA ARG D 77 -0.02 -3.47 -7.48
C ARG D 77 -1.45 -3.35 -6.94
N VAL D 78 -1.69 -2.39 -6.08
CA VAL D 78 -2.99 -2.21 -5.43
C VAL D 78 -4.04 -1.87 -6.51
N LYS D 79 -5.22 -2.44 -6.32
CA LYS D 79 -6.37 -2.20 -7.18
C LYS D 79 -7.20 -1.04 -6.61
N GLU D 80 -7.82 -0.28 -7.50
CA GLU D 80 -8.77 0.76 -7.08
C GLU D 80 -9.87 0.18 -6.16
N GLY D 81 -10.07 0.83 -5.02
CA GLY D 81 -10.98 0.33 -3.99
C GLY D 81 -10.50 -0.86 -3.19
N GLY D 82 -9.27 -1.26 -3.44
CA GLY D 82 -8.67 -2.42 -2.76
C GLY D 82 -7.46 -2.07 -1.93
N THR D 83 -6.92 -3.09 -1.27
CA THR D 83 -5.74 -2.92 -0.41
C THR D 83 -4.63 -3.85 -0.90
N TYR D 84 -3.42 -3.53 -0.48
CA TYR D 84 -2.21 -4.35 -0.75
C TYR D 84 -1.21 -4.12 0.34
N GLY D 85 -0.81 -5.21 0.94
CA GLY D 85 0.07 -5.20 2.11
C GLY D 85 1.46 -5.75 1.81
N VAL D 86 2.44 -5.10 2.41
CA VAL D 86 3.86 -5.53 2.30
C VAL D 86 4.51 -5.46 3.66
N LEU D 87 5.39 -6.41 3.88
CA LEU D 87 6.33 -6.36 5.01
C LEU D 87 7.56 -5.48 4.74
N VAL D 88 7.92 -4.72 5.74
CA VAL D 88 9.13 -3.93 5.69
C VAL D 88 9.95 -4.35 6.90
N GLU D 89 11.10 -4.93 6.59
CA GLU D 89 12.09 -5.28 7.61
C GLU D 89 12.87 -4.06 8.07
N GLY D 90 13.04 -3.99 9.39
CA GLY D 90 13.85 -2.93 10.02
C GLY D 90 13.29 -1.53 9.83
N LEU D 91 12.00 -1.37 10.10
CA LEU D 91 11.40 -0.03 10.33
C LEU D 91 11.20 0.19 11.81
N ALA D 92 11.77 1.28 12.29
CA ALA D 92 11.68 1.58 13.72
C ALA D 92 10.21 1.62 14.05
N ASN D 93 9.84 0.96 15.14
CA ASN D 93 8.49 1.06 15.65
C ASN D 93 8.41 0.86 17.16
N ALA D 94 7.42 1.47 17.79
CA ALA D 94 7.28 1.44 19.27
C ALA D 94 7.04 0.05 19.85
N ALA D 95 6.51 -0.85 19.03
CA ALA D 95 6.23 -2.23 19.48
C ALA D 95 7.44 -3.14 19.31
N GLY D 96 8.50 -2.63 18.73
CA GLY D 96 9.75 -3.39 18.54
C GLY D 96 9.67 -4.62 17.62
N SER D 97 8.91 -4.47 16.56
CA SER D 97 8.49 -5.60 15.74
C SER D 97 9.57 -5.71 14.66
N LYS D 98 10.05 -6.92 14.38
CA LYS D 98 11.15 -7.11 13.37
C LYS D 98 10.68 -6.66 11.98
N PHE D 99 9.40 -6.98 11.68
CA PHE D 99 8.70 -6.46 10.50
C PHE D 99 7.54 -5.53 10.80
N VAL D 100 7.40 -4.54 9.95
CA VAL D 100 6.23 -3.66 9.97
C VAL D 100 5.44 -4.02 8.72
N ARG D 101 4.14 -4.22 8.91
CA ARG D 101 3.25 -4.41 7.77
C ARG D 101 2.72 -3.04 7.37
N VAL D 102 2.90 -2.73 6.11
CA VAL D 102 2.34 -1.50 5.52
C VAL D 102 1.25 -1.88 4.54
N VAL D 103 0.05 -1.39 4.82
CA VAL D 103 -1.11 -1.64 3.95
C VAL D 103 -1.47 -0.39 3.19
N VAL D 104 -1.38 -0.51 1.87
CA VAL D 104 -1.76 0.56 0.96
C VAL D 104 -3.21 0.34 0.50
N GLY D 105 -3.97 1.42 0.46
CA GLY D 105 -5.34 1.42 -0.07
C GLY D 105 -5.59 2.55 -1.03
N GLU D 106 -6.13 2.20 -2.19
CA GLU D 106 -6.43 3.19 -3.26
C GLU D 106 -7.90 3.62 -3.25
N VAL D 107 -8.09 4.90 -3.04
CA VAL D 107 -9.41 5.54 -3.08
C VAL D 107 -9.74 5.99 -4.51
N PRO D 108 -10.95 5.67 -4.98
CA PRO D 108 -11.30 6.17 -6.28
C PRO D 108 -11.46 7.69 -6.31
N THR D 109 -11.29 8.28 -7.49
CA THR D 109 -11.61 9.70 -7.68
C THR D 109 -13.03 9.86 -8.24
N LYS D 110 -13.56 8.84 -8.92
CA LYS D 110 -14.95 8.83 -9.45
C LYS D 110 -15.88 9.20 -8.30
N ALA D 111 -16.72 10.20 -8.55
CA ALA D 111 -17.73 10.65 -7.60
C ALA D 111 -18.77 11.43 -8.33
N SER D 112 -20.01 10.96 -8.28
CA SER D 112 -21.14 11.57 -8.97
C SER D 112 -21.48 12.89 -8.25
N ARG D 113 -22.29 13.72 -8.90
CA ARG D 113 -22.70 15.00 -8.33
C ARG D 113 -23.50 14.87 -7.04
N ASN D 114 -23.98 13.68 -6.73
CA ASN D 114 -24.72 13.44 -5.46
C ASN D 114 -23.88 12.81 -4.37
N ASN D 115 -22.59 12.74 -4.62
CA ASN D 115 -21.66 12.10 -3.69
C ASN D 115 -20.61 13.07 -3.15
N CYS D 116 -19.93 12.63 -2.12
CA CYS D 116 -18.79 13.34 -1.51
C CYS D 116 -17.54 13.05 -2.34
N PRO D 117 -16.92 14.08 -2.95
CA PRO D 117 -15.75 13.88 -3.84
C PRO D 117 -14.57 13.14 -3.23
N ALA D 118 -14.41 13.28 -1.92
CA ALA D 118 -13.34 12.54 -1.20
C ALA D 118 -13.61 11.03 -1.01
N ARG D 119 -14.81 10.60 -1.35
CA ARG D 119 -15.20 9.18 -1.27
C ARG D 119 -14.81 8.55 0.08
N PRO D 120 -15.23 9.18 1.19
CA PRO D 120 -15.02 8.60 2.50
C PRO D 120 -15.64 7.21 2.72
N ASP D 121 -16.65 6.87 1.93
CA ASP D 121 -17.19 5.49 1.92
C ASP D 121 -16.09 4.45 1.69
N VAL D 122 -15.21 4.71 0.71
CA VAL D 122 -14.13 3.78 0.39
C VAL D 122 -13.00 3.88 1.42
N VAL D 123 -12.75 5.08 1.90
CA VAL D 123 -11.76 5.27 2.98
C VAL D 123 -12.08 4.35 4.17
N THR D 124 -13.33 4.39 4.61
CA THR D 124 -13.79 3.53 5.69
C THR D 124 -13.49 2.06 5.38
N ALA D 125 -13.87 1.64 4.18
CA ALA D 125 -13.73 0.23 3.82
C ALA D 125 -12.25 -0.20 3.76
N LEU D 126 -11.42 0.65 3.20
CA LEU D 126 -9.98 0.38 3.10
C LEU D 126 -9.34 0.25 4.49
N VAL D 127 -9.65 1.15 5.37
CA VAL D 127 -9.06 1.09 6.71
C VAL D 127 -9.60 -0.11 7.49
N THR D 128 -10.88 -0.38 7.33
CA THR D 128 -11.49 -1.57 7.95
C THR D 128 -10.72 -2.83 7.52
N ALA D 129 -10.49 -2.94 6.23
CA ALA D 129 -9.77 -4.11 5.69
C ALA D 129 -8.35 -4.18 6.25
N ALA D 130 -7.68 -3.05 6.24
CA ALA D 130 -6.28 -2.96 6.73
C ALA D 130 -6.18 -3.35 8.20
N LEU D 131 -7.15 -2.94 9.00
CA LEU D 131 -7.13 -3.22 10.44
C LEU D 131 -7.38 -4.69 10.77
N ASP D 132 -7.86 -5.44 9.80
CA ASP D 132 -7.95 -6.90 9.93
C ASP D 132 -6.56 -7.57 10.03
N GLU D 133 -5.52 -6.86 9.64
CA GLU D 133 -4.12 -7.38 9.75
C GLU D 133 -3.47 -7.08 11.10
N VAL D 134 -4.19 -6.45 12.01
CA VAL D 134 -3.66 -6.15 13.35
C VAL D 134 -3.33 -7.49 14.02
N LYS D 135 -2.12 -7.60 14.55
CA LYS D 135 -1.58 -8.84 15.17
C LYS D 135 -1.96 -8.96 16.65
N GLU D 136 -1.85 -7.86 17.36
CA GLU D 136 -2.05 -7.82 18.82
C GLU D 136 -3.01 -6.70 19.19
N PRO D 137 -3.56 -6.74 20.42
CA PRO D 137 -4.50 -5.71 20.81
C PRO D 137 -3.83 -4.58 21.62
N ASN D 138 -4.63 -3.57 21.91
CA ASN D 138 -4.17 -2.36 22.66
C ASN D 138 -2.98 -1.68 21.95
N THR D 139 -2.96 -1.71 20.62
CA THR D 139 -1.90 -1.03 19.83
C THR D 139 -2.46 0.22 19.21
N THR D 140 -1.56 1.10 18.81
CA THR D 140 -1.89 2.30 18.07
C THR D 140 -1.45 2.10 16.62
N VAL D 141 -2.38 2.30 15.69
CA VAL D 141 -2.12 2.13 14.25
C VAL D 141 -2.10 3.50 13.59
N ASP D 142 -1.02 3.77 12.87
CA ASP D 142 -0.88 5.05 12.16
C ASP D 142 -1.60 4.91 10.85
N VAL D 143 -2.55 5.80 10.64
CA VAL D 143 -3.30 5.84 9.40
C VAL D 143 -2.96 7.12 8.67
N PHE D 144 -2.12 6.97 7.66
CA PHE D 144 -1.71 8.12 6.85
C PHE D 144 -2.68 8.31 5.74
N VAL D 145 -3.35 9.44 5.75
CA VAL D 145 -4.33 9.76 4.71
C VAL D 145 -3.77 10.87 3.85
N LEU D 146 -3.93 10.74 2.55
CA LEU D 146 -3.41 11.74 1.59
C LEU D 146 -4.42 12.81 1.20
N SER D 147 -5.65 12.66 1.64
CA SER D 147 -6.68 13.69 1.47
C SER D 147 -6.60 14.68 2.64
N ASN D 148 -6.94 15.93 2.35
CA ASN D 148 -7.11 16.98 3.40
C ASN D 148 -8.55 17.31 3.71
N ALA D 149 -9.45 16.43 3.27
CA ALA D 149 -10.90 16.62 3.51
C ALA D 149 -11.17 16.11 4.92
N VAL D 150 -10.83 16.94 5.89
CA VAL D 150 -10.64 16.45 7.29
C VAL D 150 -11.90 15.96 7.94
N LEU D 151 -12.98 16.67 7.75
CA LEU D 151 -14.26 16.28 8.41
C LEU D 151 -14.82 14.93 7.91
N PRO D 152 -15.00 14.77 6.60
CA PRO D 152 -15.45 13.46 6.15
C PRO D 152 -14.51 12.33 6.47
N ILE D 153 -13.20 12.57 6.40
CA ILE D 153 -12.23 11.54 6.74
C ILE D 153 -12.33 11.19 8.21
N ALA D 154 -12.50 12.19 9.05
CA ALA D 154 -12.60 11.95 10.51
C ALA D 154 -13.76 11.03 10.86
N ALA D 155 -14.91 11.33 10.29
CA ALA D 155 -16.11 10.48 10.48
C ALA D 155 -15.91 9.08 9.86
N ALA D 156 -15.26 9.05 8.69
CA ALA D 156 -15.02 7.80 7.96
C ALA D 156 -14.17 6.83 8.77
N VAL D 157 -13.14 7.37 9.41
CA VAL D 157 -12.25 6.56 10.22
C VAL D 157 -12.91 6.20 11.55
N ALA D 158 -13.64 7.14 12.10
CA ALA D 158 -14.42 6.89 13.34
C ALA D 158 -15.37 5.66 13.19
N ARG D 159 -15.96 5.53 12.02
CA ARG D 159 -16.96 4.45 11.79
C ARG D 159 -16.34 3.14 11.26
N CYS D 160 -15.02 3.14 11.05
CA CYS D 160 -14.37 1.99 10.44
C CYS D 160 -13.94 0.96 11.49
N GLY D 161 -13.58 -0.20 10.99
CA GLY D 161 -13.02 -1.26 11.80
C GLY D 161 -14.00 -1.89 12.77
N LYS D 162 -13.46 -2.55 13.77
CA LYS D 162 -14.25 -3.20 14.84
C LYS D 162 -14.95 -2.17 15.71
N HIS D 163 -16.16 -2.50 16.10
CA HIS D 163 -17.05 -1.53 16.79
C HIS D 163 -16.77 -1.50 18.28
N ASN D 164 -16.89 -0.34 18.86
CA ASN D 164 -16.69 -0.18 20.29
C ASN D 164 -17.72 -0.99 21.09
N PHE D 165 -18.92 -1.19 20.52
CA PHE D 165 -19.89 -2.09 21.16
C PHE D 165 -19.55 -3.53 20.86
N SER D 166 -19.40 -4.33 21.89
CA SER D 166 -19.16 -5.76 21.72
C SER D 166 -19.62 -6.57 22.92
N ALA D 167 -20.07 -7.78 22.62
CA ALA D 167 -20.40 -8.79 23.64
C ALA D 167 -19.58 -10.04 23.51
N LYS D 168 -18.58 -9.97 22.66
CA LYS D 168 -17.67 -11.13 22.42
C LYS D 168 -16.63 -11.31 23.54
N ASP D 169 -16.31 -12.58 23.80
CA ASP D 169 -15.15 -12.95 24.63
C ASP D 169 -15.09 -12.20 25.95
N GLY D 170 -16.16 -12.29 26.71
CA GLY D 170 -16.23 -11.71 28.08
C GLY D 170 -16.47 -10.22 28.17
N ALA D 171 -16.57 -9.55 27.04
CA ALA D 171 -16.84 -8.10 27.03
C ALA D 171 -18.11 -7.69 27.75
N ALA D 172 -19.09 -8.59 27.84
CA ALA D 172 -20.30 -8.35 28.63
C ALA D 172 -20.01 -8.01 30.11
N ALA D 173 -18.92 -8.58 30.62
CA ALA D 173 -18.46 -8.27 31.99
C ALA D 173 -17.73 -6.94 32.10
N ALA D 174 -17.36 -6.38 30.95
CA ALA D 174 -16.69 -5.06 30.88
C ALA D 174 -17.61 -3.98 30.31
N ALA D 175 -18.88 -4.06 30.66
CA ALA D 175 -19.93 -3.11 30.19
C ALA D 175 -20.01 -2.99 28.64
N TYR D 176 -19.70 -4.10 27.98
CA TYR D 176 -19.81 -4.21 26.52
C TYR D 176 -18.90 -3.24 25.77
N ASN D 177 -17.78 -2.89 26.40
CA ASN D 177 -16.69 -2.18 25.76
C ASN D 177 -15.79 -3.17 25.10
N SER D 178 -15.66 -3.07 23.79
CA SER D 178 -14.86 -4.05 23.04
C SER D 178 -13.41 -4.01 23.44
N GLY D 179 -12.80 -5.17 23.53
CA GLY D 179 -11.34 -5.29 23.74
C GLY D 179 -10.56 -5.46 22.45
N LYS D 180 -11.29 -5.45 21.33
CA LYS D 180 -10.72 -5.70 19.97
C LYS D 180 -10.46 -4.45 19.15
N VAL D 181 -10.71 -3.29 19.73
CA VAL D 181 -10.55 -2.02 19.00
C VAL D 181 -9.09 -1.54 19.11
N SER D 182 -8.54 -1.12 17.99
CA SER D 182 -7.21 -0.50 17.94
C SER D 182 -7.29 1.02 18.09
N ARG D 183 -6.34 1.62 18.82
CA ARG D 183 -6.20 3.08 18.84
C ARG D 183 -5.74 3.47 17.40
N LEU D 184 -6.33 4.51 16.86
CA LEU D 184 -6.02 4.94 15.47
C LEU D 184 -5.54 6.36 15.44
N GLN D 185 -4.37 6.54 14.84
CA GLN D 185 -3.80 7.90 14.71
C GLN D 185 -3.83 8.30 13.27
N VAL D 186 -4.72 9.22 12.97
CA VAL D 186 -4.91 9.69 11.61
C VAL D 186 -3.94 10.82 11.36
N VAL D 187 -3.16 10.65 10.31
CA VAL D 187 -2.10 11.59 9.99
C VAL D 187 -2.41 12.24 8.65
N PHE D 188 -2.93 13.44 8.73
CA PHE D 188 -3.20 14.25 7.53
C PHE D 188 -1.91 14.80 6.92
N PRO D 189 -1.93 15.16 5.64
CA PRO D 189 -0.73 15.77 5.04
C PRO D 189 -0.37 17.15 5.64
N GLU D 190 -1.39 17.96 5.86
CA GLU D 190 -1.24 19.33 6.41
C GLU D 190 -1.99 19.45 7.73
N PRO D 191 -1.62 20.44 8.56
CA PRO D 191 -2.34 20.60 9.81
C PRO D 191 -3.79 20.80 9.48
N PRO D 192 -4.69 20.12 10.19
CA PRO D 192 -6.07 20.10 9.73
C PRO D 192 -6.74 21.44 9.93
N ALA D 193 -7.51 21.84 8.93
CA ALA D 193 -8.26 23.10 8.98
C ALA D 193 -9.17 23.16 10.21
N ILE D 194 -9.65 22.00 10.65
CA ILE D 194 -10.43 21.88 11.87
C ILE D 194 -9.50 21.30 12.93
N PRO D 195 -9.46 21.89 14.13
CA PRO D 195 -8.47 21.43 15.11
C PRO D 195 -8.64 19.96 15.46
N PRO D 196 -7.54 19.24 15.71
CA PRO D 196 -7.62 17.85 16.17
C PRO D 196 -8.60 17.53 17.29
N LYS D 197 -8.65 18.34 18.35
CA LYS D 197 -9.60 18.08 19.48
C LYS D 197 -11.08 18.22 19.00
N ASP D 198 -11.32 19.11 18.07
CA ASP D 198 -12.64 19.26 17.44
C ASP D 198 -13.00 18.01 16.58
N LEU D 199 -12.02 17.53 15.84
CA LEU D 199 -12.18 16.30 15.07
C LEU D 199 -12.43 15.10 16.00
N GLU D 200 -11.75 15.08 17.13
CA GLU D 200 -12.02 14.04 18.12
C GLU D 200 -13.46 14.06 18.57
N ALA D 201 -13.97 15.24 18.81
CA ALA D 201 -15.36 15.38 19.29
C ALA D 201 -16.37 14.79 18.27
N VAL D 202 -16.11 15.09 16.99
CA VAL D 202 -16.91 14.56 15.88
C VAL D 202 -16.82 13.03 15.85
N ALA D 203 -15.60 12.51 15.89
CA ALA D 203 -15.38 11.09 15.87
C ALA D 203 -16.05 10.41 17.05
N THR D 204 -16.00 11.07 18.18
CA THR D 204 -16.60 10.54 19.40
C THR D 204 -18.12 10.39 19.23
N SER D 205 -18.71 11.40 18.65
CA SER D 205 -20.17 11.43 18.43
C SER D 205 -20.57 10.37 17.39
N THR D 206 -19.78 10.20 16.36
CA THR D 206 -20.02 9.12 15.36
C THR D 206 -20.05 7.77 16.06
N GLN D 207 -19.08 7.56 16.92
CA GLN D 207 -18.91 6.27 17.62
C GLN D 207 -19.92 6.05 18.75
N LEU D 208 -20.31 7.11 19.44
CA LEU D 208 -21.36 7.00 20.47
C LEU D 208 -22.68 6.64 19.81
N CYS D 209 -22.93 7.33 18.71
CA CYS D 209 -24.12 7.06 17.88
C CYS D 209 -24.12 5.58 17.40
N GLN D 210 -23.00 5.15 16.91
CA GLN D 210 -22.79 3.76 16.55
C GLN D 210 -23.09 2.81 17.73
N ARG D 211 -22.56 3.16 18.89
CA ARG D 211 -22.71 2.33 20.08
C ARG D 211 -24.19 2.14 20.43
N LEU D 212 -24.92 3.25 20.43
CA LEU D 212 -26.33 3.26 20.83
C LEU D 212 -27.18 2.42 19.86
N VAL D 213 -26.85 2.55 18.59
CA VAL D 213 -27.57 1.86 17.54
C VAL D 213 -27.27 0.35 17.54
N ASP D 214 -25.99 0.02 17.61
CA ASP D 214 -25.54 -1.38 17.75
C ASP D 214 -26.16 -2.07 18.96
N ALA D 215 -26.27 -1.35 20.05
CA ALA D 215 -26.67 -1.95 21.33
C ALA D 215 -28.04 -2.62 21.19
N PRO D 216 -28.17 -3.83 21.71
CA PRO D 216 -29.44 -4.50 21.59
C PRO D 216 -30.44 -3.86 22.53
N PRO D 217 -31.73 -4.07 22.27
CA PRO D 217 -32.75 -3.42 23.09
C PRO D 217 -32.84 -3.92 24.54
N ASN D 218 -32.25 -5.06 24.85
CA ASN D 218 -32.17 -5.48 26.25
C ASN D 218 -31.19 -4.58 27.08
N LEU D 219 -30.31 -3.86 26.39
CA LEU D 219 -29.37 -2.90 27.00
C LEU D 219 -29.76 -1.47 26.80
N LEU D 220 -30.11 -1.13 25.57
CA LEU D 220 -30.62 0.21 25.25
C LEU D 220 -32.15 0.23 25.21
N THR D 221 -32.70 0.62 26.33
CA THR D 221 -34.14 0.71 26.52
C THR D 221 -34.58 2.17 26.55
N THR D 222 -35.89 2.41 26.63
CA THR D 222 -36.38 3.77 26.74
C THR D 222 -35.77 4.41 27.99
N ALA D 223 -35.62 3.62 29.03
CA ALA D 223 -35.10 4.11 30.33
C ALA D 223 -33.61 4.35 30.31
N THR D 224 -32.84 3.43 29.75
CA THR D 224 -31.35 3.62 29.72
C THR D 224 -30.96 4.73 28.76
N PHE D 225 -31.67 4.86 27.67
CA PHE D 225 -31.42 5.95 26.71
C PHE D 225 -31.65 7.30 27.44
N THR D 226 -32.75 7.37 28.17
CA THR D 226 -33.06 8.57 28.98
C THR D 226 -31.95 8.86 30.02
N GLU D 227 -31.52 7.82 30.72
CA GLU D 227 -30.46 7.96 31.72
C GLU D 227 -29.17 8.46 31.10
N ILE D 228 -28.88 7.97 29.90
CA ILE D 228 -27.66 8.37 29.18
C ILE D 228 -27.72 9.85 28.86
N ALA D 229 -28.87 10.28 28.40
CA ALA D 229 -29.10 11.71 28.09
C ALA D 229 -28.95 12.57 29.38
N GLN D 230 -29.52 12.09 30.48
CA GLN D 230 -29.41 12.77 31.78
C GLN D 230 -27.93 12.86 32.24
N GLY D 231 -27.19 11.78 32.06
CA GLY D 231 -25.75 11.73 32.40
C GLY D 231 -24.96 12.78 31.65
N TYR D 232 -25.21 12.89 30.35
CA TYR D 232 -24.54 13.92 29.52
C TYR D 232 -25.00 15.32 29.94
N ALA D 233 -26.26 15.46 30.29
CA ALA D 233 -26.76 16.75 30.77
C ALA D 233 -26.01 17.22 32.06
N LYS D 234 -25.82 16.33 33.00
CA LYS D 234 -25.10 16.67 34.23
C LYS D 234 -23.66 17.06 33.87
N ALA D 235 -23.01 16.24 33.07
CA ALA D 235 -21.58 16.42 32.72
C ALA D 235 -21.30 17.69 31.93
N LEU D 236 -22.15 17.97 30.94
CA LEU D 236 -21.91 19.11 30.03
C LEU D 236 -22.72 20.37 30.37
N GLY D 237 -23.61 20.26 31.34
CA GLY D 237 -24.40 21.41 31.82
C GLY D 237 -25.48 21.93 30.90
N PHE D 238 -26.14 21.04 30.15
CA PHE D 238 -27.33 21.47 29.38
C PHE D 238 -28.61 21.00 30.08
N ASP D 239 -29.74 21.56 29.66
CA ASP D 239 -31.07 21.26 30.29
C ASP D 239 -31.71 19.99 29.73
N VAL D 240 -32.39 19.27 30.60
CA VAL D 240 -33.10 18.06 30.20
C VAL D 240 -34.50 18.05 30.81
N ASP D 241 -35.47 17.80 29.95
CA ASP D 241 -36.90 17.70 30.33
C ASP D 241 -37.38 16.30 29.89
N VAL D 242 -38.01 15.60 30.81
CA VAL D 242 -38.52 14.27 30.56
C VAL D 242 -40.02 14.18 30.86
N ILE D 243 -40.81 13.78 29.87
CA ILE D 243 -42.23 13.48 30.08
C ILE D 243 -42.38 11.97 29.93
N CYS D 244 -42.76 11.32 31.00
CA CYS D 244 -42.63 9.88 31.14
C CYS D 244 -43.96 9.16 31.32
N GLY D 245 -44.10 8.07 30.57
CA GLY D 245 -45.19 7.08 30.78
C GLY D 245 -46.57 7.67 30.76
N ASP D 246 -47.32 7.41 31.81
CA ASP D 246 -48.74 7.83 31.88
C ASP D 246 -48.90 9.35 31.85
N ASP D 247 -47.86 10.07 32.26
CA ASP D 247 -47.89 11.55 32.16
C ASP D 247 -48.04 12.04 30.72
N LEU D 248 -47.56 11.23 29.78
CA LEU D 248 -47.72 11.55 28.34
C LEU D 248 -49.19 11.59 28.01
N CYS D 249 -49.90 10.59 28.50
CA CYS D 249 -51.35 10.51 28.31
C CYS D 249 -52.05 11.70 28.97
N GLU D 250 -51.74 11.95 30.24
CA GLU D 250 -52.39 13.08 31.01
C GLU D 250 -52.18 14.41 30.33
N ARG D 251 -51.00 14.57 29.73
CA ARG D 251 -50.62 15.82 29.08
C ARG D 251 -50.94 15.90 27.57
N GLY D 252 -51.67 14.93 27.05
CA GLY D 252 -52.26 15.01 25.67
C GLY D 252 -51.37 14.48 24.58
N TYR D 253 -50.27 13.83 24.96
CA TYR D 253 -49.30 13.27 23.99
C TYR D 253 -49.73 11.87 23.56
N GLY D 254 -50.89 11.82 22.91
CA GLY D 254 -51.60 10.54 22.63
C GLY D 254 -50.87 9.64 21.65
N GLY D 255 -50.10 10.26 20.78
CA GLY D 255 -49.32 9.52 19.78
C GLY D 255 -48.23 8.67 20.40
N ILE D 256 -47.27 9.31 21.02
CA ILE D 256 -46.13 8.59 21.65
C ILE D 256 -46.61 7.72 22.81
N TYR D 257 -47.58 8.19 23.54
CA TYR D 257 -48.20 7.37 24.63
C TYR D 257 -48.76 6.06 24.07
N SER D 258 -49.61 6.18 23.06
CA SER D 258 -50.31 4.99 22.48
C SER D 258 -49.33 3.97 21.87
N VAL D 259 -48.35 4.47 21.15
CA VAL D 259 -47.33 3.62 20.55
C VAL D 259 -46.55 2.86 21.61
N GLY D 260 -46.18 3.56 22.66
CA GLY D 260 -45.25 3.01 23.67
C GLY D 260 -45.84 2.28 24.85
N LYS D 261 -47.14 2.39 25.03
CA LYS D 261 -47.78 1.95 26.30
C LYS D 261 -47.85 0.44 26.56
N ALA D 262 -47.73 -0.34 25.50
CA ALA D 262 -47.73 -1.82 25.64
C ALA D 262 -46.45 -2.37 26.22
N ALA D 263 -45.38 -1.58 26.11
CA ALA D 263 -44.03 -2.06 26.44
C ALA D 263 -43.78 -2.20 27.93
N PHE D 264 -42.78 -3.01 28.24
CA PHE D 264 -42.34 -3.19 29.62
C PHE D 264 -41.81 -1.88 30.22
N GLU D 265 -40.97 -1.19 29.47
CA GLU D 265 -40.43 0.13 29.87
C GLU D 265 -41.31 1.22 29.26
N ALA D 266 -41.62 2.21 30.06
CA ALA D 266 -42.51 3.29 29.64
C ALA D 266 -41.92 4.19 28.53
N PRO D 267 -42.78 4.75 27.67
CA PRO D 267 -42.28 5.69 26.69
C PRO D 267 -41.90 7.00 27.37
N ARG D 268 -41.01 7.73 26.73
CA ARG D 268 -40.56 9.03 27.21
C ARG D 268 -40.38 10.00 26.08
N LEU D 269 -40.85 11.21 26.31
CA LEU D 269 -40.51 12.35 25.47
C LEU D 269 -39.42 13.17 26.20
N VAL D 270 -38.20 13.10 25.66
CA VAL D 270 -37.03 13.67 26.29
C VAL D 270 -36.55 14.87 25.47
N THR D 271 -36.63 16.06 26.06
CA THR D 271 -36.18 17.29 25.38
C THR D 271 -34.93 17.89 26.06
N LEU D 272 -33.89 18.10 25.26
CA LEU D 272 -32.64 18.69 25.70
C LEU D 272 -32.53 20.06 25.12
N LEU D 273 -31.99 20.99 25.93
CA LEU D 273 -31.80 22.41 25.50
C LEU D 273 -30.37 22.88 25.61
N TYR D 274 -29.92 23.52 24.55
CA TYR D 274 -28.62 24.17 24.54
C TYR D 274 -28.77 25.55 23.94
N THR D 275 -28.34 26.55 24.72
CA THR D 275 -28.33 27.95 24.26
C THR D 275 -26.91 28.43 24.36
N PRO D 276 -26.30 28.82 23.22
CA PRO D 276 -24.93 29.31 23.27
C PRO D 276 -24.80 30.66 23.99
N LYS D 277 -23.56 30.98 24.40
CA LYS D 277 -23.20 32.32 24.92
C LYS D 277 -23.37 33.27 23.74
N GLY D 278 -24.02 34.40 23.97
CA GLY D 278 -24.20 35.37 22.85
C GLY D 278 -25.25 34.95 21.83
N THR D 279 -25.33 35.69 20.74
CA THR D 279 -26.46 35.60 19.82
C THR D 279 -26.36 34.40 18.88
N PRO D 280 -27.37 33.53 18.88
CA PRO D 280 -27.31 32.37 17.99
C PRO D 280 -27.51 32.73 16.53
N VAL D 281 -26.81 32.03 15.65
CA VAL D 281 -26.99 32.27 14.19
C VAL D 281 -28.35 31.77 13.72
N LYS D 282 -28.92 30.86 14.49
CA LYS D 282 -30.22 30.22 14.18
C LYS D 282 -30.78 29.52 15.40
N LYS D 283 -32.09 29.40 15.43
CA LYS D 283 -32.74 28.51 16.40
C LYS D 283 -33.28 27.23 15.68
N VAL D 284 -32.75 26.09 16.11
CA VAL D 284 -33.04 24.82 15.44
C VAL D 284 -33.55 23.82 16.44
N SER D 285 -34.69 23.23 16.09
CA SER D 285 -35.26 22.11 16.91
C SER D 285 -35.05 20.77 16.20
N LEU D 286 -34.40 19.87 16.90
CA LEU D 286 -34.13 18.52 16.42
C LEU D 286 -35.13 17.58 17.04
N VAL D 287 -35.66 16.67 16.23
CA VAL D 287 -36.62 15.65 16.70
C VAL D 287 -36.23 14.30 16.14
N GLY D 288 -36.07 13.33 17.02
CA GLY D 288 -35.55 12.01 16.60
C GLY D 288 -36.49 10.89 16.94
N LYS D 289 -36.66 9.98 15.97
CA LYS D 289 -37.41 8.73 16.20
C LYS D 289 -36.53 7.84 17.06
N GLY D 290 -36.96 7.66 18.28
CA GLY D 290 -36.25 6.79 19.23
C GLY D 290 -37.00 5.49 19.56
N ILE D 291 -37.32 4.71 18.52
CA ILE D 291 -37.98 3.43 18.74
C ILE D 291 -36.89 2.40 19.05
N VAL D 292 -36.74 2.14 20.34
CA VAL D 292 -35.67 1.23 20.86
C VAL D 292 -35.78 -0.18 20.30
N TYR D 293 -37.01 -0.58 20.05
CA TYR D 293 -37.30 -1.77 19.24
C TYR D 293 -38.68 -1.67 18.60
N ASP D 294 -38.75 -2.04 17.33
CA ASP D 294 -39.96 -2.00 16.50
C ASP D 294 -40.34 -3.46 16.17
N CYS D 295 -41.16 -4.06 17.03
CA CYS D 295 -41.72 -5.41 16.71
C CYS D 295 -42.86 -5.34 15.69
N GLY D 296 -43.34 -4.14 15.44
CA GLY D 296 -44.52 -3.88 14.61
C GLY D 296 -45.79 -3.59 15.38
N GLY D 297 -45.76 -3.93 16.64
CA GLY D 297 -46.97 -3.94 17.49
C GLY D 297 -47.91 -5.09 17.07
N LEU D 298 -49.21 -4.86 17.20
CA LEU D 298 -50.23 -5.85 16.77
C LEU D 298 -50.08 -6.25 15.29
N ALA D 299 -49.64 -5.30 14.49
CA ALA D 299 -49.18 -5.51 13.10
C ALA D 299 -47.76 -6.08 13.11
N LEU D 300 -47.67 -7.28 13.63
CA LEU D 300 -46.39 -7.91 13.95
C LEU D 300 -45.53 -8.17 12.71
N LYS D 301 -44.26 -7.79 12.81
CA LYS D 301 -43.29 -8.06 11.74
C LYS D 301 -42.92 -9.53 11.71
N PRO D 302 -42.70 -10.09 10.50
CA PRO D 302 -42.02 -11.39 10.44
C PRO D 302 -40.60 -11.26 10.99
N ALA D 303 -40.05 -12.37 11.46
CA ALA D 303 -38.76 -12.35 12.16
C ALA D 303 -37.60 -11.76 11.35
N ASP D 304 -37.55 -12.07 10.07
CA ASP D 304 -36.47 -11.57 9.15
C ASP D 304 -36.50 -10.03 9.01
N TYR D 305 -37.69 -9.44 9.01
CA TYR D 305 -37.82 -7.98 9.02
C TYR D 305 -37.63 -7.38 10.42
N MET D 306 -38.00 -8.12 11.44
CA MET D 306 -37.89 -7.64 12.84
C MET D 306 -36.43 -7.59 13.34
N LYS D 307 -35.61 -8.50 12.83
CA LYS D 307 -34.14 -8.49 13.06
C LYS D 307 -33.63 -7.11 12.63
N LEU D 308 -32.75 -6.55 13.42
CA LEU D 308 -32.17 -5.23 13.12
C LEU D 308 -33.09 -4.03 13.45
N MET D 309 -34.26 -4.26 14.01
CA MET D 309 -35.14 -3.16 14.47
C MET D 309 -34.67 -2.53 15.81
N LYS D 310 -33.62 -3.09 16.40
CA LYS D 310 -32.83 -2.35 17.42
C LYS D 310 -32.20 -1.07 16.84
N HIS D 311 -32.02 -1.04 15.51
CA HIS D 311 -31.57 0.16 14.80
C HIS D 311 -32.64 1.27 14.69
N ASP D 312 -33.86 1.01 15.16
CA ASP D 312 -35.02 1.89 14.93
C ASP D 312 -34.98 3.14 15.80
N MET D 313 -33.96 3.23 16.63
CA MET D 313 -33.65 4.47 17.39
C MET D 313 -32.48 5.25 16.78
N GLY D 314 -32.10 4.88 15.57
CA GLY D 314 -30.97 5.53 14.85
C GLY D 314 -31.11 7.03 14.63
N GLY D 315 -32.34 7.47 14.41
CA GLY D 315 -32.64 8.89 14.24
C GLY D 315 -32.46 9.65 15.56
N ALA D 316 -32.92 9.05 16.64
CA ALA D 316 -32.75 9.65 17.99
C ALA D 316 -31.29 9.72 18.38
N ALA D 317 -30.56 8.64 18.13
CA ALA D 317 -29.13 8.64 18.35
C ALA D 317 -28.42 9.73 17.52
N ALA D 318 -28.86 9.89 16.28
CA ALA D 318 -28.24 10.86 15.37
C ALA D 318 -28.41 12.30 15.92
N VAL D 319 -29.63 12.67 16.24
CA VAL D 319 -29.90 14.00 16.75
C VAL D 319 -29.27 14.22 18.13
N PHE D 320 -29.31 13.19 18.94
CA PHE D 320 -28.70 13.23 20.27
C PHE D 320 -27.22 13.53 20.17
N CYS D 321 -26.52 12.76 19.36
CA CYS D 321 -25.06 12.92 19.22
C CYS D 321 -24.66 14.22 18.47
N GLY D 322 -25.43 14.61 17.48
CA GLY D 322 -25.24 15.91 16.79
C GLY D 322 -25.40 17.08 17.78
N PHE D 323 -26.36 16.94 18.64
CA PHE D 323 -26.57 17.87 19.79
C PHE D 323 -25.33 17.89 20.71
N LEU D 324 -24.83 16.73 21.08
CA LEU D 324 -23.66 16.65 21.93
C LEU D 324 -22.48 17.38 21.30
N THR D 325 -22.28 17.17 20.00
CA THR D 325 -21.15 17.75 19.34
C THR D 325 -21.29 19.26 19.40
N ALA D 326 -22.50 19.73 19.18
CA ALA D 326 -22.75 21.17 19.19
C ALA D 326 -22.41 21.78 20.57
N VAL D 327 -22.76 21.06 21.61
CA VAL D 327 -22.48 21.51 23.00
C VAL D 327 -20.98 21.44 23.25
N ARG D 328 -20.38 20.33 22.89
CA ARG D 328 -18.93 20.14 23.13
C ARG D 328 -18.07 21.15 22.36
N LEU D 329 -18.43 21.45 21.13
CA LEU D 329 -17.70 22.44 20.32
C LEU D 329 -18.23 23.85 20.45
N GLN D 330 -19.25 24.02 21.27
CA GLN D 330 -19.90 25.33 21.49
C GLN D 330 -20.25 26.01 20.19
N GLN D 331 -20.91 25.27 19.31
CA GLN D 331 -21.38 25.85 18.05
C GLN D 331 -22.42 26.91 18.38
N PRO D 332 -22.47 27.99 17.59
CA PRO D 332 -23.34 29.10 17.88
C PRO D 332 -24.76 28.93 17.36
N VAL D 333 -25.36 27.80 17.69
CA VAL D 333 -26.76 27.49 17.31
C VAL D 333 -27.55 27.18 18.55
N GLN D 334 -28.70 27.79 18.66
CA GLN D 334 -29.59 27.46 19.77
C GLN D 334 -30.35 26.20 19.36
N LEU D 335 -30.30 25.20 20.22
CA LEU D 335 -30.82 23.86 19.91
C LEU D 335 -31.76 23.33 20.92
N SER D 336 -32.84 22.77 20.43
CA SER D 336 -33.63 21.77 21.24
C SER D 336 -33.39 20.44 20.56
N CYS D 337 -33.39 19.40 21.35
CA CYS D 337 -33.27 18.05 20.84
C CYS D 337 -34.29 17.19 21.56
N THR D 338 -35.32 16.80 20.82
CA THR D 338 -36.43 16.00 21.40
C THR D 338 -36.32 14.55 20.94
N LEU D 339 -36.12 13.66 21.90
CA LEU D 339 -36.03 12.23 21.67
C LEU D 339 -37.39 11.60 21.92
N CYS D 340 -37.95 11.00 20.86
CA CYS D 340 -39.26 10.31 20.93
C CYS D 340 -39.01 8.83 21.24
N LEU D 341 -38.96 8.52 22.52
CA LEU D 341 -38.55 7.22 22.99
C LEU D 341 -39.72 6.33 23.33
N ALA D 342 -39.73 5.16 22.67
CA ALA D 342 -40.74 4.15 22.91
C ALA D 342 -40.26 2.84 22.39
N GLU D 343 -40.72 1.78 23.00
CA GLU D 343 -40.67 0.47 22.35
C GLU D 343 -42.08 0.21 21.75
N ASN D 344 -42.10 -0.17 20.49
CA ASN D 344 -43.33 -0.66 19.80
C ASN D 344 -43.51 -2.17 20.06
N ALA D 345 -44.26 -2.44 21.10
CA ALA D 345 -44.35 -3.77 21.70
C ALA D 345 -45.69 -4.39 21.40
N ILE D 346 -45.77 -5.68 21.67
CA ILE D 346 -46.99 -6.42 21.45
C ILE D 346 -47.44 -7.02 22.79
N GLY D 347 -48.72 -6.87 23.06
CA GLY D 347 -49.32 -7.36 24.30
C GLY D 347 -50.71 -6.81 24.52
N PRO D 348 -51.29 -7.07 25.68
CA PRO D 348 -52.65 -6.68 25.99
C PRO D 348 -52.91 -5.20 25.94
N LYS D 349 -51.90 -4.40 26.22
CA LYS D 349 -52.05 -2.93 26.15
C LYS D 349 -51.73 -2.31 24.81
N SER D 350 -51.46 -3.15 23.82
CA SER D 350 -51.10 -2.68 22.47
C SER D 350 -52.14 -1.75 21.89
N TYR D 351 -51.70 -0.63 21.38
CA TYR D 351 -52.57 0.18 20.57
C TYR D 351 -52.94 -0.68 19.34
N ARG D 352 -54.14 -0.47 18.83
CA ARG D 352 -54.71 -1.38 17.86
C ARG D 352 -54.83 -0.82 16.48
N ASN D 353 -54.90 -1.75 15.54
CA ASN D 353 -55.28 -1.45 14.14
C ASN D 353 -56.79 -1.21 14.13
N ASP D 354 -57.18 0.05 14.27
CA ASP D 354 -58.60 0.57 14.45
C ASP D 354 -58.70 1.66 15.51
N ASP D 355 -57.78 1.64 16.47
CA ASP D 355 -57.78 2.66 17.51
C ASP D 355 -57.66 4.06 16.90
N ILE D 356 -58.27 5.01 17.57
CA ILE D 356 -58.18 6.42 17.18
C ILE D 356 -57.41 7.19 18.26
N ILE D 357 -56.34 7.81 17.83
CA ILE D 357 -55.42 8.56 18.73
C ILE D 357 -55.74 10.05 18.68
N VAL D 358 -55.78 10.66 19.86
CA VAL D 358 -55.82 12.14 19.94
C VAL D 358 -54.34 12.62 20.12
N MET D 359 -53.80 13.14 19.05
CA MET D 359 -52.41 13.64 19.05
C MET D 359 -52.31 14.89 19.93
N LYS D 360 -51.10 15.21 20.35
CA LYS D 360 -50.84 16.46 21.07
C LYS D 360 -51.26 17.66 20.23
N SER D 361 -51.13 17.57 18.92
CA SER D 361 -51.56 18.64 18.02
C SER D 361 -53.08 18.91 18.08
N GLY D 362 -53.83 18.02 18.70
CA GLY D 362 -55.31 18.09 18.71
C GLY D 362 -55.97 17.34 17.55
N LYS D 363 -55.17 16.99 16.55
CA LYS D 363 -55.68 16.19 15.43
C LYS D 363 -55.79 14.72 15.79
N THR D 364 -56.79 14.08 15.23
CA THR D 364 -57.06 12.67 15.51
C THR D 364 -56.56 11.79 14.36
N VAL D 365 -56.00 10.66 14.75
CA VAL D 365 -55.35 9.72 13.85
C VAL D 365 -55.93 8.33 14.00
N GLU D 366 -56.50 7.86 12.91
CA GLU D 366 -57.02 6.50 12.87
C GLU D 366 -55.87 5.58 12.52
N VAL D 367 -55.62 4.62 13.38
CA VAL D 367 -54.46 3.71 13.21
C VAL D 367 -54.87 2.56 12.31
N ILE D 368 -54.41 2.61 11.08
CA ILE D 368 -54.66 1.57 10.08
C ILE D 368 -53.66 0.43 10.34
N ASN D 369 -52.46 0.80 10.69
CA ASN D 369 -51.36 -0.15 10.89
C ASN D 369 -50.43 0.32 12.00
N THR D 370 -50.32 -0.49 13.02
CA THR D 370 -49.50 -0.15 14.21
C THR D 370 -48.00 -0.16 13.94
N ASP D 371 -47.60 -0.76 12.83
CA ASP D 371 -46.16 -0.80 12.42
C ASP D 371 -45.67 0.48 11.72
N ALA D 372 -46.62 1.36 11.43
CA ALA D 372 -46.35 2.77 11.04
C ALA D 372 -46.40 3.69 12.28
N GLU D 373 -45.53 3.36 13.21
CA GLU D 373 -45.51 3.94 14.57
C GLU D 373 -44.65 5.19 14.63
N GLY D 374 -43.64 5.19 13.78
CA GLY D 374 -42.64 6.25 13.77
C GLY D 374 -43.22 7.62 13.49
N ARG D 375 -44.06 7.67 12.48
CA ARG D 375 -44.64 8.93 12.05
C ARG D 375 -45.57 9.50 13.14
N ILE D 376 -46.17 8.60 13.90
CA ILE D 376 -47.07 9.01 15.01
C ILE D 376 -46.26 9.64 16.16
N VAL D 377 -45.21 8.96 16.51
CA VAL D 377 -44.30 9.35 17.61
C VAL D 377 -43.64 10.70 17.26
N LEU D 378 -43.24 10.82 16.01
CA LEU D 378 -42.67 12.05 15.49
C LEU D 378 -43.67 13.21 15.44
N GLY D 379 -44.91 12.88 15.18
CA GLY D 379 -45.99 13.90 15.13
C GLY D 379 -46.10 14.62 16.45
N ASP D 380 -46.06 13.84 17.51
CA ASP D 380 -46.04 14.41 18.87
C ASP D 380 -44.71 15.17 19.15
N GLY D 381 -43.61 14.62 18.68
CA GLY D 381 -42.29 15.26 18.77
C GLY D 381 -42.20 16.65 18.13
N VAL D 382 -42.61 16.75 16.87
CA VAL D 382 -42.53 18.01 16.16
C VAL D 382 -43.54 19.05 16.68
N PHE D 383 -44.70 18.60 17.09
CA PHE D 383 -45.66 19.51 17.72
C PHE D 383 -45.09 20.07 19.04
N HIS D 384 -44.52 19.19 19.83
CA HIS D 384 -43.85 19.60 21.06
C HIS D 384 -42.78 20.67 20.79
N ALA D 385 -41.93 20.40 19.82
CA ALA D 385 -40.83 21.32 19.48
C ALA D 385 -41.33 22.66 18.97
N THR D 386 -42.38 22.64 18.18
CA THR D 386 -42.87 23.85 17.54
C THR D 386 -43.91 24.62 18.35
N ASN D 387 -44.37 24.02 19.42
CA ASN D 387 -45.45 24.63 20.21
C ASN D 387 -45.19 24.78 21.68
N GLU D 388 -44.40 23.89 22.25
CA GLU D 388 -44.33 23.78 23.72
C GLU D 388 -43.03 24.27 24.34
N LEU D 389 -42.12 24.76 23.52
CA LEU D 389 -40.82 25.20 24.06
C LEU D 389 -40.84 26.68 24.39
N SER D 390 -39.78 27.14 25.07
CA SER D 390 -39.65 28.59 25.43
C SER D 390 -39.26 29.46 24.24
N PHE D 391 -38.88 28.85 23.14
CA PHE D 391 -38.67 29.57 21.86
C PHE D 391 -39.41 28.84 20.73
N THR D 392 -39.55 29.53 19.63
CA THR D 392 -40.09 28.94 18.40
C THR D 392 -38.91 28.77 17.42
N PRO D 393 -38.69 27.56 16.88
CA PRO D 393 -37.52 27.36 16.04
C PRO D 393 -37.69 27.95 14.67
N ASP D 394 -36.57 28.34 14.10
CA ASP D 394 -36.52 28.76 12.71
C ASP D 394 -36.57 27.55 11.77
N VAL D 395 -35.99 26.47 12.24
CA VAL D 395 -35.82 25.25 11.46
C VAL D 395 -36.11 24.06 12.34
N VAL D 396 -36.90 23.14 11.81
CA VAL D 396 -37.15 21.86 12.48
C VAL D 396 -36.55 20.78 11.64
N ILE D 397 -35.71 19.98 12.26
CA ILE D 397 -35.12 18.81 11.61
C ILE D 397 -35.55 17.58 12.34
N ASP D 398 -36.23 16.70 11.65
CA ASP D 398 -36.55 15.40 12.26
C ASP D 398 -35.75 14.36 11.51
N MET D 399 -35.27 13.40 12.27
CA MET D 399 -34.48 12.29 11.75
C MET D 399 -35.07 10.98 12.24
N ALA D 400 -35.23 10.06 11.31
CA ALA D 400 -35.94 8.80 11.60
C ALA D 400 -35.62 7.69 10.64
N THR D 401 -35.52 6.50 11.20
CA THR D 401 -35.42 5.28 10.42
C THR D 401 -36.84 4.86 10.02
N LEU D 402 -37.39 5.58 9.07
CA LEU D 402 -38.87 5.65 8.98
C LEU D 402 -39.55 4.68 8.03
N THR D 403 -38.98 4.47 6.86
CA THR D 403 -39.63 3.65 5.82
C THR D 403 -38.71 2.72 5.08
N GLY D 404 -39.22 1.54 4.75
CA GLY D 404 -38.56 0.62 3.83
C GLY D 404 -38.48 1.24 2.45
N ALA D 405 -39.47 2.04 2.13
CA ALA D 405 -39.48 2.82 0.88
C ALA D 405 -38.18 3.64 0.67
N GLN D 406 -37.62 4.11 1.76
CA GLN D 406 -36.40 4.94 1.69
C GLN D 406 -35.26 4.23 0.97
N GLY D 407 -35.04 2.99 1.35
CA GLY D 407 -34.04 2.16 0.71
C GLY D 407 -34.29 1.97 -0.77
N ILE D 408 -35.54 1.69 -1.08
CA ILE D 408 -35.97 1.52 -2.47
C ILE D 408 -35.75 2.79 -3.30
N ALA D 409 -36.05 3.91 -2.68
CA ALA D 409 -36.05 5.22 -3.36
C ALA D 409 -34.63 5.81 -3.52
N THR D 410 -33.96 5.98 -2.40
CA THR D 410 -32.62 6.65 -2.35
C THR D 410 -31.44 5.76 -1.95
N GLY D 411 -31.72 4.55 -1.52
CA GLY D 411 -30.67 3.54 -1.33
C GLY D 411 -30.00 3.49 0.02
N ARG D 412 -28.94 2.70 0.08
CA ARG D 412 -28.30 2.38 1.35
C ARG D 412 -27.39 3.47 1.90
N HIS D 413 -26.94 4.37 1.02
CA HIS D 413 -25.96 5.41 1.40
C HIS D 413 -26.49 6.85 1.49
N HIS D 414 -27.68 7.05 1.00
CA HIS D 414 -28.28 8.38 0.91
C HIS D 414 -29.57 8.43 1.65
N ALA D 415 -29.59 9.21 2.70
CA ALA D 415 -30.81 9.46 3.45
C ALA D 415 -31.75 10.30 2.58
N GLY D 416 -33.03 10.02 2.69
CA GLY D 416 -34.05 10.72 1.92
C GLY D 416 -34.47 12.00 2.61
N LEU D 417 -34.56 13.09 1.85
CA LEU D 417 -34.99 14.39 2.38
C LEU D 417 -36.34 14.81 1.86
N TYR D 418 -37.25 15.03 2.77
CA TYR D 418 -38.57 15.63 2.47
C TYR D 418 -38.58 17.01 3.15
N VAL D 419 -38.58 18.07 2.33
CA VAL D 419 -38.29 19.41 2.84
C VAL D 419 -39.24 20.43 2.24
N ASN D 420 -39.79 21.27 3.11
CA ASN D 420 -40.81 22.26 2.66
C ASN D 420 -40.24 23.51 1.96
N GLU D 421 -38.94 23.67 1.96
CA GLU D 421 -38.27 24.83 1.31
C GLU D 421 -37.07 24.39 0.53
N GLU D 422 -36.92 24.90 -0.68
CA GLU D 422 -35.79 24.55 -1.57
C GLU D 422 -34.42 24.91 -0.92
N GLY D 423 -34.37 26.06 -0.27
CA GLY D 423 -33.12 26.56 0.35
C GLY D 423 -32.55 25.65 1.43
N ALA D 424 -33.40 25.28 2.36
CA ALA D 424 -33.02 24.37 3.47
C ALA D 424 -32.60 23.00 2.93
N GLU D 425 -33.33 22.57 1.91
CA GLU D 425 -33.01 21.28 1.24
C GLU D 425 -31.59 21.30 0.64
N ALA D 426 -31.33 22.34 -0.11
CA ALA D 426 -29.99 22.51 -0.81
C ALA D 426 -28.86 22.60 0.23
N ALA D 427 -29.14 23.26 1.34
CA ALA D 427 -28.17 23.38 2.43
C ALA D 427 -27.88 22.01 3.07
N MET D 428 -28.92 21.24 3.32
CA MET D 428 -28.72 19.91 3.91
C MET D 428 -27.99 18.96 2.94
N LEU D 429 -28.34 19.07 1.68
CA LEU D 429 -27.65 18.30 0.64
C LEU D 429 -26.15 18.63 0.55
N ARG D 430 -25.87 19.92 0.57
CA ARG D 430 -24.46 20.43 0.64
C ARG D 430 -23.74 19.86 1.87
N ALA D 431 -24.41 19.92 3.02
CA ALA D 431 -23.83 19.35 4.26
C ALA D 431 -23.56 17.84 4.14
N GLY D 432 -24.46 17.14 3.45
CA GLY D 432 -24.24 15.70 3.19
C GLY D 432 -23.03 15.40 2.33
N ARG D 433 -22.87 16.19 1.28
CA ARG D 433 -21.73 16.04 0.37
C ARG D 433 -20.38 16.38 1.05
N GLU D 434 -20.41 17.38 1.90
CA GLU D 434 -19.22 17.82 2.62
C GLU D 434 -18.85 16.84 3.72
N SER D 435 -19.85 16.44 4.48
CA SER D 435 -19.63 15.53 5.63
C SER D 435 -19.40 14.10 5.22
N GLY D 436 -19.82 13.76 4.02
CA GLY D 436 -19.81 12.36 3.55
C GLY D 436 -21.09 11.59 3.88
N GLU D 437 -21.87 12.15 4.81
CA GLU D 437 -23.12 11.54 5.25
C GLU D 437 -24.25 11.99 4.30
N THR D 438 -24.21 11.40 3.12
CA THR D 438 -24.92 11.91 1.94
C THR D 438 -26.42 11.72 2.05
N CYS D 439 -27.11 12.65 1.42
CA CYS D 439 -28.56 12.68 1.32
C CYS D 439 -29.02 12.85 -0.11
N PHE D 440 -30.32 12.62 -0.32
CA PHE D 440 -30.94 12.86 -1.62
C PHE D 440 -32.39 13.20 -1.42
N PRO D 441 -32.92 14.15 -2.20
CA PRO D 441 -34.33 14.52 -1.97
C PRO D 441 -35.34 13.49 -2.47
N VAL D 442 -36.44 13.43 -1.75
CA VAL D 442 -37.62 12.79 -2.24
C VAL D 442 -38.69 13.83 -2.56
N LEU D 443 -39.64 13.42 -3.38
CA LEU D 443 -40.72 14.30 -3.84
C LEU D 443 -41.41 15.06 -2.70
N TYR D 444 -41.43 16.39 -2.82
CA TYR D 444 -42.25 17.24 -1.96
C TYR D 444 -43.44 17.73 -2.78
N CYS D 445 -44.62 17.22 -2.44
CA CYS D 445 -45.87 17.52 -3.16
C CYS D 445 -47.08 17.22 -2.30
N PRO D 446 -47.27 18.00 -1.21
CA PRO D 446 -48.33 17.80 -0.23
C PRO D 446 -49.73 17.65 -0.83
N GLU D 447 -50.00 18.39 -1.89
CA GLU D 447 -51.30 18.28 -2.56
C GLU D 447 -51.59 16.86 -3.06
N TYR D 448 -50.56 16.11 -3.37
CA TYR D 448 -50.73 14.71 -3.80
C TYR D 448 -50.62 13.69 -2.65
N HIS D 449 -49.99 14.06 -1.56
CA HIS D 449 -49.83 13.14 -0.40
C HIS D 449 -51.06 13.14 0.48
N GLU D 450 -51.58 14.33 0.68
CA GLU D 450 -52.76 14.56 1.54
C GLU D 450 -53.97 13.62 1.35
N PRO D 451 -54.44 13.41 0.10
CA PRO D 451 -55.58 12.49 -0.13
C PRO D 451 -55.35 11.02 0.32
N GLU D 452 -54.09 10.61 0.41
CA GLU D 452 -53.77 9.23 0.83
C GLU D 452 -54.13 8.90 2.27
N PHE D 453 -54.32 9.95 3.05
CA PHE D 453 -54.58 9.79 4.50
C PHE D 453 -56.03 10.05 4.91
N LYS D 454 -56.96 10.06 3.94
CA LYS D 454 -58.41 10.28 4.22
C LYS D 454 -58.95 9.16 5.15
N SER D 455 -59.71 9.55 6.16
CA SER D 455 -60.29 8.64 7.14
C SER D 455 -61.79 8.88 7.23
N ASN D 456 -62.56 7.83 7.42
CA ASN D 456 -63.99 7.96 7.64
C ASN D 456 -64.36 8.71 8.93
N HIS D 457 -63.59 8.46 9.97
CA HIS D 457 -63.95 8.92 11.32
C HIS D 457 -63.00 9.85 12.06
N ALA D 458 -61.75 9.85 11.63
CA ALA D 458 -60.71 10.67 12.26
C ALA D 458 -60.27 11.72 11.27
N ASP D 459 -59.45 12.64 11.73
CA ASP D 459 -58.90 13.69 10.84
C ASP D 459 -58.07 13.06 9.76
N MET D 460 -57.36 12.01 10.13
CA MET D 460 -56.47 11.32 9.19
C MET D 460 -56.19 9.92 9.62
N THR D 461 -55.71 9.13 8.68
CA THR D 461 -55.13 7.81 9.00
C THR D 461 -53.64 7.97 9.21
N ASN D 462 -53.00 6.90 9.67
CA ASN D 462 -51.53 6.84 9.77
C ASN D 462 -50.86 6.05 8.64
N LEU D 463 -51.63 5.69 7.63
CA LEU D 463 -51.10 4.93 6.51
C LEU D 463 -51.82 5.25 5.23
N MET D 464 -51.05 5.35 4.18
CA MET D 464 -51.55 5.60 2.84
C MET D 464 -52.50 4.52 2.35
N GLU D 465 -53.61 4.94 1.75
CA GLU D 465 -54.54 4.03 1.03
C GLU D 465 -53.77 3.27 -0.07
N ARG D 466 -52.92 3.98 -0.79
CA ARG D 466 -52.08 3.40 -1.85
C ARG D 466 -50.60 3.56 -1.47
N ARG D 467 -49.92 2.43 -1.28
CA ARG D 467 -48.53 2.43 -0.81
C ARG D 467 -47.50 2.65 -1.91
N ASP D 468 -47.98 2.61 -3.14
CA ASP D 468 -47.14 2.87 -4.32
C ASP D 468 -47.28 4.31 -4.86
N ASN D 469 -47.40 5.25 -3.96
CA ASN D 469 -47.59 6.67 -4.29
C ASN D 469 -46.69 7.61 -3.44
N ALA D 470 -45.39 7.41 -3.62
CA ALA D 470 -44.33 8.22 -2.96
C ALA D 470 -44.36 8.01 -1.47
N GLY D 471 -43.99 6.82 -1.08
CA GLY D 471 -44.07 6.39 0.32
C GLY D 471 -43.12 7.06 1.31
N VAL D 472 -41.95 7.42 0.85
CA VAL D 472 -41.04 8.21 1.70
C VAL D 472 -41.64 9.60 1.99
N SER D 473 -42.16 10.20 0.91
CA SER D 473 -42.75 11.52 0.96
C SER D 473 -44.01 11.57 1.84
N CYS D 474 -44.88 10.60 1.65
CA CYS D 474 -46.14 10.53 2.40
C CYS D 474 -45.92 10.42 3.90
N ALA D 475 -44.93 9.64 4.28
CA ALA D 475 -44.62 9.51 5.71
C ALA D 475 -44.19 10.87 6.26
N GLY D 476 -43.39 11.55 5.47
CA GLY D 476 -42.97 12.90 5.82
C GLY D 476 -44.18 13.83 5.95
N TYR D 477 -45.04 13.75 4.96
CA TYR D 477 -46.27 14.60 4.94
C TYR D 477 -47.06 14.42 6.23
N PHE D 478 -47.21 13.19 6.65
CA PHE D 478 -47.96 12.88 7.90
C PHE D 478 -47.42 13.72 9.06
N ILE D 479 -46.11 13.70 9.17
CA ILE D 479 -45.43 14.39 10.27
C ILE D 479 -45.76 15.89 10.22
N THR D 480 -45.76 16.46 9.01
CA THR D 480 -45.98 17.91 8.81
C THR D 480 -47.35 18.37 9.27
N THR D 481 -48.34 17.48 9.17
CA THR D 481 -49.70 17.79 9.62
C THR D 481 -49.76 18.13 11.12
N HIS D 482 -48.73 17.72 11.86
CA HIS D 482 -48.68 17.94 13.33
C HIS D 482 -47.72 19.05 13.77
N LEU D 483 -47.20 19.78 12.80
CA LEU D 483 -46.45 21.00 13.09
C LEU D 483 -47.43 22.03 13.65
N SER D 484 -46.99 22.75 14.67
CA SER D 484 -47.79 23.87 15.23
C SER D 484 -48.04 24.94 14.17
N PRO D 485 -49.24 25.53 14.16
CA PRO D 485 -49.48 26.73 13.33
C PRO D 485 -48.56 27.93 13.67
N LYS D 486 -48.06 27.97 14.90
CA LYS D 486 -47.06 28.97 15.32
C LYS D 486 -45.76 28.93 14.52
N PHE D 487 -45.52 27.78 13.90
CA PHE D 487 -44.27 27.56 13.19
C PHE D 487 -44.46 27.90 11.73
N THR D 488 -43.55 28.70 11.21
CA THR D 488 -43.60 29.12 9.79
C THR D 488 -42.25 28.98 9.10
N GLY D 489 -41.38 28.23 9.71
CA GLY D 489 -40.02 28.08 9.22
C GLY D 489 -39.80 26.86 8.32
N ALA D 490 -38.54 26.46 8.22
CA ALA D 490 -38.14 25.37 7.33
C ALA D 490 -38.22 24.06 8.08
N HIS D 491 -38.75 23.06 7.41
CA HIS D 491 -38.86 21.73 8.01
C HIS D 491 -38.13 20.74 7.15
N ILE D 492 -37.17 20.08 7.75
CA ILE D 492 -36.34 19.08 7.05
C ILE D 492 -36.60 17.71 7.67
N HIS D 493 -37.24 16.84 6.89
CA HIS D 493 -37.48 15.45 7.32
C HIS D 493 -36.44 14.56 6.69
N VAL D 494 -35.70 13.88 7.54
CA VAL D 494 -34.61 13.01 7.13
C VAL D 494 -34.97 11.55 7.42
N ASP D 495 -35.19 10.81 6.35
CA ASP D 495 -35.50 9.37 6.44
C ASP D 495 -34.16 8.64 6.24
N LEU D 496 -33.66 8.10 7.32
CA LEU D 496 -32.34 7.43 7.28
C LEU D 496 -32.40 5.93 7.67
N ALA D 497 -33.50 5.30 7.29
CA ALA D 497 -33.77 3.85 7.59
C ALA D 497 -32.55 2.96 7.29
N TYR D 498 -32.00 3.09 6.10
CA TYR D 498 -30.84 2.29 5.70
C TYR D 498 -29.42 2.87 5.97
N PRO D 499 -29.21 4.19 5.80
CA PRO D 499 -27.86 4.69 6.01
C PRO D 499 -27.28 4.57 7.40
N VAL D 500 -28.12 4.30 8.37
CA VAL D 500 -27.66 4.07 9.77
C VAL D 500 -26.97 2.73 10.01
N PHE D 501 -26.99 1.85 9.04
CA PHE D 501 -26.35 0.52 9.21
C PHE D 501 -25.82 -0.08 7.93
N ASN D 502 -24.94 -1.02 8.11
CA ASN D 502 -24.45 -1.84 7.02
C ASN D 502 -24.27 -3.25 7.54
N SER D 503 -23.62 -4.12 6.77
CA SER D 503 -23.51 -5.53 7.17
C SER D 503 -22.64 -5.77 8.39
N ASN D 504 -21.85 -4.79 8.77
CA ASN D 504 -21.08 -4.83 10.04
C ASN D 504 -21.79 -4.22 11.26
N GLY D 505 -22.94 -3.62 11.03
CA GLY D 505 -23.70 -3.00 12.10
C GLY D 505 -23.89 -1.51 11.85
N ALA D 506 -24.02 -0.78 12.91
CA ALA D 506 -24.32 0.65 12.85
C ALA D 506 -23.18 1.42 12.21
N THR D 507 -23.53 2.47 11.50
CA THR D 507 -22.59 3.33 10.82
C THR D 507 -22.30 4.65 11.55
N GLY D 508 -23.15 5.00 12.51
CA GLY D 508 -23.06 6.31 13.17
C GLY D 508 -23.39 7.47 12.26
N PHE D 509 -24.19 7.19 11.25
CA PHE D 509 -24.65 8.20 10.28
C PHE D 509 -25.62 9.16 10.95
N GLY D 510 -25.41 10.43 10.68
CA GLY D 510 -26.31 11.49 11.11
C GLY D 510 -25.67 12.65 11.86
N PRO D 511 -24.93 12.36 12.91
CA PRO D 511 -24.36 13.47 13.70
C PRO D 511 -23.45 14.41 12.94
N ALA D 512 -22.56 13.86 12.16
CA ALA D 512 -21.62 14.68 11.38
C ALA D 512 -22.35 15.53 10.35
N LEU D 513 -23.40 14.95 9.78
CA LEU D 513 -24.26 15.67 8.84
C LEU D 513 -24.76 16.92 9.50
N LEU D 514 -25.31 16.75 10.70
CA LEU D 514 -25.86 17.87 11.47
C LEU D 514 -24.76 18.91 11.81
N THR D 515 -23.63 18.42 12.25
CA THR D 515 -22.52 19.29 12.62
C THR D 515 -22.13 20.19 11.43
N GLU D 516 -21.99 19.57 10.26
CA GLU D 516 -21.66 20.30 9.05
C GLU D 516 -22.77 21.29 8.64
N TYR D 517 -24.01 20.84 8.77
CA TYR D 517 -25.15 21.72 8.48
C TYR D 517 -25.11 22.97 9.39
N PHE D 518 -24.91 22.73 10.66
CA PHE D 518 -24.85 23.82 11.67
C PHE D 518 -23.70 24.81 11.37
N ARG D 519 -22.58 24.25 10.94
CA ARG D 519 -21.37 25.02 10.58
C ARG D 519 -21.64 26.09 9.54
N LYS D 520 -22.49 25.81 8.57
CA LYS D 520 -22.69 26.74 7.44
C LYS D 520 -23.89 27.60 7.59
N LEU D 521 -24.50 27.58 8.77
CA LEU D 521 -25.78 28.29 8.94
C LEU D 521 -25.65 29.82 8.85
N THR E 3 -51.77 -14.65 40.05
CA THR E 3 -52.77 -15.53 40.75
C THR E 3 -53.81 -16.10 39.79
N LEU E 4 -54.08 -17.38 39.95
CA LEU E 4 -55.08 -18.12 39.15
C LEU E 4 -56.46 -18.14 39.82
N PRO E 5 -57.56 -18.22 39.02
CA PRO E 5 -58.83 -18.56 39.59
C PRO E 5 -58.81 -19.88 40.38
N LYS E 6 -59.55 -19.90 41.49
CA LYS E 6 -59.56 -21.07 42.41
C LYS E 6 -59.89 -22.32 41.64
N ALA E 7 -60.90 -22.26 40.77
CA ALA E 7 -61.36 -23.48 40.01
C ALA E 7 -60.24 -24.03 39.10
N GLU E 8 -59.47 -23.14 38.52
CA GLU E 8 -58.31 -23.53 37.70
C GLU E 8 -57.22 -24.15 38.55
N ALA E 9 -56.90 -23.52 39.67
CA ALA E 9 -55.87 -24.08 40.59
C ALA E 9 -56.25 -25.49 41.08
N LYS E 10 -57.52 -25.70 41.41
CA LYS E 10 -58.00 -27.03 41.89
C LYS E 10 -57.79 -28.06 40.78
N GLU E 11 -58.16 -27.67 39.56
CA GLU E 11 -57.99 -28.54 38.39
C GLU E 11 -56.52 -28.92 38.14
N LEU E 12 -55.64 -27.95 38.29
CA LEU E 12 -54.19 -28.18 38.12
C LEU E 12 -53.63 -29.14 39.18
N SER E 13 -54.03 -28.94 40.44
CA SER E 13 -53.66 -29.90 41.52
C SER E 13 -54.11 -31.31 41.24
N ALA E 14 -55.33 -31.44 40.81
CA ALA E 14 -55.89 -32.76 40.52
C ALA E 14 -55.11 -33.41 39.37
N PHE E 15 -54.75 -32.59 38.39
CA PHE E 15 -54.01 -33.09 37.22
C PHE E 15 -52.60 -33.54 37.63
N VAL E 16 -51.98 -32.74 38.46
CA VAL E 16 -50.66 -33.11 39.04
C VAL E 16 -50.76 -34.50 39.70
N GLN E 17 -51.77 -34.64 40.55
CA GLN E 17 -51.97 -35.89 41.28
C GLN E 17 -52.20 -37.06 40.33
N SER E 18 -52.97 -36.84 39.28
CA SER E 18 -53.23 -37.88 38.28
C SER E 18 -51.92 -38.37 37.64
N CYS E 19 -50.97 -37.46 37.46
CA CYS E 19 -49.67 -37.83 36.86
C CYS E 19 -48.74 -38.51 37.88
N VAL E 20 -48.68 -37.95 39.08
CA VAL E 20 -47.82 -38.51 40.15
C VAL E 20 -48.23 -39.96 40.51
N GLU E 21 -49.53 -40.20 40.48
CA GLU E 21 -50.10 -41.52 40.88
C GLU E 21 -50.41 -42.44 39.70
N TYR E 22 -49.98 -42.03 38.51
CA TYR E 22 -50.31 -42.78 37.30
C TYR E 22 -49.85 -44.22 37.42
N LYS E 23 -50.76 -45.12 37.12
CA LYS E 23 -50.50 -46.57 37.09
C LYS E 23 -50.91 -47.11 35.72
N THR E 24 -50.14 -48.01 35.16
CA THR E 24 -50.41 -48.53 33.83
C THR E 24 -51.60 -49.46 33.79
N ASN E 25 -52.17 -49.59 32.61
CA ASN E 25 -53.28 -50.54 32.34
C ASN E 25 -52.82 -51.88 31.80
N VAL E 26 -51.51 -52.03 31.65
CA VAL E 26 -50.93 -53.23 31.02
C VAL E 26 -50.28 -54.14 32.05
N CYS E 27 -50.55 -55.42 31.91
CA CYS E 27 -49.82 -56.44 32.68
C CYS E 27 -49.30 -57.50 31.72
N PHE E 28 -48.39 -58.31 32.23
CA PHE E 28 -47.65 -59.27 31.38
C PHE E 28 -47.62 -60.64 32.00
N THR E 29 -47.78 -61.64 31.15
CA THR E 29 -47.68 -63.02 31.59
C THR E 29 -47.25 -63.86 30.41
N ASP E 30 -47.34 -65.17 30.57
CA ASP E 30 -46.98 -66.11 29.48
C ASP E 30 -48.02 -67.20 29.36
N VAL E 31 -47.98 -67.94 28.26
CA VAL E 31 -49.05 -68.87 27.90
C VAL E 31 -49.30 -69.93 28.99
N ALA E 32 -48.21 -70.52 29.47
CA ALA E 32 -48.29 -71.61 30.50
C ALA E 32 -48.83 -71.04 31.81
N ALA E 33 -48.32 -69.88 32.20
CA ALA E 33 -48.82 -69.26 33.44
C ALA E 33 -50.31 -68.91 33.33
N TYR E 34 -50.69 -68.48 32.13
CA TYR E 34 -52.07 -68.09 31.81
C TYR E 34 -53.02 -69.31 31.90
N GLU E 35 -52.64 -70.41 31.24
CA GLU E 35 -53.37 -71.72 31.32
C GLU E 35 -53.53 -72.16 32.80
N SER E 36 -52.48 -72.01 33.56
CA SER E 36 -52.47 -72.32 34.99
C SER E 36 -53.39 -71.42 35.83
N ASN E 37 -53.36 -70.13 35.58
CA ASN E 37 -54.15 -69.15 36.40
C ASN E 37 -55.60 -68.96 35.98
N GLN E 38 -55.88 -69.18 34.71
CA GLN E 38 -57.20 -68.90 34.15
C GLN E 38 -57.91 -70.10 33.57
N LYS E 39 -57.17 -71.17 33.43
CA LYS E 39 -57.74 -72.51 33.13
C LYS E 39 -58.63 -72.49 31.90
N GLY E 40 -58.17 -71.79 30.89
CA GLY E 40 -58.91 -71.68 29.60
C GLY E 40 -60.09 -70.70 29.55
N VAL E 41 -60.27 -69.95 30.62
CA VAL E 41 -61.32 -68.92 30.66
C VAL E 41 -60.68 -67.59 30.23
N LEU E 42 -61.13 -67.08 29.10
CA LEU E 42 -60.69 -65.74 28.62
C LEU E 42 -61.09 -64.63 29.59
N SER E 43 -60.27 -63.60 29.64
CA SER E 43 -60.47 -62.47 30.55
C SER E 43 -61.75 -61.67 30.20
N SER E 44 -62.14 -61.71 28.94
CA SER E 44 -63.27 -60.95 28.44
C SER E 44 -63.71 -61.47 27.10
N GLY E 45 -64.67 -60.75 26.51
CA GLY E 45 -65.21 -61.09 25.17
C GLY E 45 -64.39 -60.71 23.96
N LEU E 46 -63.18 -60.23 24.21
CA LEU E 46 -62.26 -59.91 23.12
C LEU E 46 -60.89 -60.53 23.39
N ALA E 47 -60.35 -61.16 22.37
CA ALA E 47 -58.98 -61.66 22.43
C ALA E 47 -58.27 -61.26 21.17
N VAL E 48 -57.01 -60.91 21.35
CA VAL E 48 -56.16 -60.47 20.23
C VAL E 48 -54.99 -61.42 20.08
N LEU E 49 -54.73 -61.80 18.84
CA LEU E 49 -53.60 -62.65 18.52
C LEU E 49 -52.71 -61.95 17.47
N VAL E 50 -51.48 -61.61 17.85
CA VAL E 50 -50.57 -60.91 16.90
C VAL E 50 -49.24 -61.63 16.73
N GLY E 51 -48.90 -61.83 15.49
CA GLY E 51 -47.62 -62.38 15.15
C GLY E 51 -47.31 -62.31 13.66
N THR E 52 -46.14 -62.79 13.30
CA THR E 52 -45.75 -62.88 11.86
C THR E 52 -46.50 -63.97 11.15
N HIS E 53 -46.45 -63.93 9.83
CA HIS E 53 -47.08 -64.95 8.98
C HIS E 53 -46.68 -66.37 9.43
N LYS E 54 -45.38 -66.55 9.67
CA LYS E 54 -44.80 -67.85 10.08
C LYS E 54 -45.16 -68.18 11.52
N GLN E 55 -45.04 -67.21 12.41
CA GLN E 55 -45.42 -67.47 13.83
C GLN E 55 -46.90 -67.90 14.00
N LEU E 56 -47.76 -67.26 13.24
CA LEU E 56 -49.22 -67.55 13.25
C LEU E 56 -49.54 -68.98 12.80
N ARG E 57 -48.61 -69.57 12.05
CA ARG E 57 -48.75 -70.96 11.52
C ARG E 57 -47.96 -72.02 12.32
N ASP E 58 -47.32 -71.58 13.38
CA ASP E 58 -46.66 -72.51 14.31
C ASP E 58 -47.72 -73.42 14.96
N PRO E 59 -47.42 -74.72 15.10
CA PRO E 59 -48.35 -75.66 15.74
C PRO E 59 -48.79 -75.25 17.14
N ALA E 60 -47.91 -74.59 17.87
CA ALA E 60 -48.25 -74.12 19.25
C ALA E 60 -49.52 -73.22 19.33
N VAL E 61 -49.75 -72.51 18.24
CA VAL E 61 -50.91 -71.58 18.12
C VAL E 61 -52.25 -72.35 18.26
N GLN E 62 -52.29 -73.53 17.66
CA GLN E 62 -53.44 -74.46 17.78
C GLN E 62 -53.82 -74.82 19.23
N ARG E 63 -52.86 -74.76 20.12
CA ARG E 63 -53.08 -75.10 21.54
C ARG E 63 -53.53 -73.90 22.36
N LEU E 64 -53.72 -72.76 21.71
CA LEU E 64 -54.21 -71.58 22.42
C LEU E 64 -55.71 -71.73 22.73
N PRO E 65 -56.15 -71.25 23.90
CA PRO E 65 -57.52 -71.53 24.40
C PRO E 65 -58.68 -71.08 23.53
N PHE E 66 -58.43 -70.11 22.66
CA PHE E 66 -59.48 -69.54 21.80
C PHE E 66 -59.44 -70.10 20.39
N TYR E 67 -58.48 -70.97 20.10
CA TYR E 67 -58.26 -71.43 18.73
C TYR E 67 -59.38 -72.35 18.31
N ASN E 68 -59.83 -72.18 17.08
CA ASN E 68 -60.80 -73.08 16.46
C ASN E 68 -60.77 -72.86 14.97
N PRO E 69 -61.68 -73.45 14.20
CA PRO E 69 -61.45 -73.38 12.71
C PRO E 69 -61.68 -72.01 12.12
N ALA E 70 -62.50 -71.21 12.80
CA ALA E 70 -62.75 -69.84 12.38
C ALA E 70 -61.49 -68.98 12.53
N VAL E 71 -60.83 -69.16 13.66
CA VAL E 71 -59.54 -68.51 13.90
C VAL E 71 -58.49 -68.93 12.86
N ALA E 72 -58.50 -70.21 12.52
CA ALA E 72 -57.60 -70.72 11.48
C ALA E 72 -57.87 -70.05 10.16
N GLU E 73 -59.14 -69.85 9.88
CA GLU E 73 -59.53 -69.14 8.66
C GLU E 73 -59.10 -67.65 8.72
N ALA E 74 -59.20 -67.04 9.90
CA ALA E 74 -58.78 -65.65 10.09
C ALA E 74 -57.30 -65.52 9.72
N ILE E 75 -56.53 -66.51 10.12
CA ILE E 75 -55.09 -66.55 9.84
C ILE E 75 -54.84 -66.61 8.32
N GLU E 76 -55.68 -67.34 7.61
CA GLU E 76 -55.57 -67.40 6.13
C GLU E 76 -55.92 -66.09 5.47
N ARG E 77 -56.93 -65.44 6.03
CA ARG E 77 -57.58 -64.28 5.36
C ARG E 77 -56.95 -62.94 5.68
N VAL E 78 -56.31 -62.87 6.83
CA VAL E 78 -55.67 -61.63 7.30
C VAL E 78 -54.56 -61.20 6.33
N LYS E 79 -54.50 -59.90 6.12
CA LYS E 79 -53.49 -59.25 5.25
C LYS E 79 -52.30 -58.78 6.12
N GLU E 80 -51.11 -58.83 5.55
CA GLU E 80 -49.90 -58.34 6.23
C GLU E 80 -50.11 -56.89 6.66
N GLY E 81 -49.82 -56.61 7.93
CA GLY E 81 -50.09 -55.30 8.51
C GLY E 81 -51.55 -54.99 8.83
N GLY E 82 -52.42 -55.95 8.59
CA GLY E 82 -53.86 -55.79 8.82
C GLY E 82 -54.40 -56.72 9.90
N THR E 83 -55.68 -56.55 10.17
CA THR E 83 -56.38 -57.37 11.14
C THR E 83 -57.54 -58.10 10.48
N TYR E 84 -58.01 -59.12 11.18
CA TYR E 84 -59.17 -59.91 10.77
C TYR E 84 -59.80 -60.53 12.00
N GLY E 85 -61.08 -60.28 12.16
CA GLY E 85 -61.84 -60.70 13.33
C GLY E 85 -62.86 -61.77 13.02
N VAL E 86 -62.97 -62.70 13.96
CA VAL E 86 -63.96 -63.79 13.91
C VAL E 86 -64.60 -64.03 15.27
N LEU E 87 -65.89 -64.37 15.23
CA LEU E 87 -66.64 -64.73 16.44
C LEU E 87 -66.43 -66.20 16.76
N VAL E 88 -66.31 -66.48 18.01
CA VAL E 88 -66.32 -67.84 18.48
C VAL E 88 -67.40 -67.98 19.58
N GLU E 89 -68.40 -68.80 19.28
CA GLU E 89 -69.52 -69.04 20.20
C GLU E 89 -69.17 -69.99 21.33
N GLY E 90 -69.63 -69.64 22.52
CA GLY E 90 -69.52 -70.49 23.73
C GLY E 90 -68.09 -70.77 24.15
N LEU E 91 -67.26 -69.76 24.05
CA LEU E 91 -65.91 -69.84 24.58
C LEU E 91 -66.03 -69.28 25.97
N ALA E 92 -65.56 -70.05 26.93
CA ALA E 92 -65.59 -69.57 28.32
C ALA E 92 -64.87 -68.22 28.42
N ASN E 93 -65.51 -67.26 29.05
CA ASN E 93 -64.88 -65.98 29.34
C ASN E 93 -65.46 -65.30 30.58
N ALA E 94 -64.63 -64.54 31.26
CA ALA E 94 -64.97 -63.94 32.57
C ALA E 94 -66.08 -62.88 32.50
N ALA E 95 -66.31 -62.30 31.34
CA ALA E 95 -67.45 -61.36 31.12
C ALA E 95 -68.79 -62.05 30.77
N GLY E 96 -68.75 -63.37 30.62
CA GLY E 96 -69.96 -64.14 30.29
C GLY E 96 -70.62 -63.73 28.96
N SER E 97 -69.80 -63.50 27.95
CA SER E 97 -70.24 -63.00 26.67
C SER E 97 -70.58 -64.21 25.81
N LYS E 98 -71.69 -64.15 25.11
CA LYS E 98 -72.19 -65.30 24.31
C LYS E 98 -71.10 -65.66 23.29
N PHE E 99 -70.55 -64.61 22.71
CA PHE E 99 -69.50 -64.76 21.72
C PHE E 99 -68.27 -64.08 22.21
N VAL E 100 -67.15 -64.66 21.82
CA VAL E 100 -65.84 -64.04 21.97
C VAL E 100 -65.35 -63.66 20.59
N ARG E 101 -64.94 -62.40 20.48
CA ARG E 101 -64.38 -61.91 19.21
C ARG E 101 -62.87 -62.12 19.32
N VAL E 102 -62.33 -62.80 18.33
CA VAL E 102 -60.88 -63.02 18.22
C VAL E 102 -60.36 -62.25 17.04
N VAL E 103 -59.46 -61.32 17.32
CA VAL E 103 -58.87 -60.47 16.26
C VAL E 103 -57.46 -60.89 16.01
N VAL E 104 -57.23 -61.36 14.81
CA VAL E 104 -55.87 -61.75 14.39
C VAL E 104 -55.21 -60.57 13.68
N GLY E 105 -53.94 -60.35 14.00
CA GLY E 105 -53.12 -59.34 13.30
C GLY E 105 -51.76 -59.90 12.86
N GLU E 106 -51.43 -59.66 11.60
CA GLU E 106 -50.20 -60.15 11.00
C GLU E 106 -49.14 -59.04 10.98
N VAL E 107 -48.06 -59.32 11.66
CA VAL E 107 -46.86 -58.47 11.72
C VAL E 107 -45.91 -58.82 10.56
N PRO E 108 -45.44 -57.79 9.80
CA PRO E 108 -44.45 -58.11 8.76
C PRO E 108 -43.14 -58.59 9.33
N THR E 109 -42.41 -59.39 8.53
CA THR E 109 -41.02 -59.75 8.92
C THR E 109 -40.01 -58.78 8.26
N LYS E 110 -40.41 -58.11 7.18
CA LYS E 110 -39.58 -57.08 6.48
C LYS E 110 -39.15 -56.05 7.51
N ALA E 111 -37.87 -55.83 7.58
CA ALA E 111 -37.29 -54.84 8.50
C ALA E 111 -35.89 -54.49 7.99
N SER E 112 -35.68 -53.24 7.65
CA SER E 112 -34.40 -52.76 7.11
C SER E 112 -33.39 -52.75 8.25
N ARG E 113 -32.12 -52.60 7.90
CA ARG E 113 -31.02 -52.55 8.91
C ARG E 113 -31.12 -51.42 9.90
N ASN E 114 -31.96 -50.42 9.60
CA ASN E 114 -32.17 -49.28 10.51
C ASN E 114 -33.43 -49.40 11.35
N ASN E 115 -34.04 -50.58 11.31
CA ASN E 115 -35.27 -50.81 12.03
C ASN E 115 -35.16 -51.94 13.08
N CYS E 116 -36.18 -52.03 13.93
CA CYS E 116 -36.34 -53.09 14.93
C CYS E 116 -36.93 -54.30 14.25
N PRO E 117 -36.19 -55.45 14.21
CA PRO E 117 -36.68 -56.65 13.50
C PRO E 117 -38.06 -57.15 13.91
N ALA E 118 -38.42 -56.91 15.16
CA ALA E 118 -39.75 -57.31 15.68
C ALA E 118 -40.90 -56.41 15.19
N ARG E 119 -40.58 -55.33 14.51
CA ARG E 119 -41.56 -54.39 13.97
C ARG E 119 -42.66 -54.00 14.96
N PRO E 120 -42.28 -53.51 16.14
CA PRO E 120 -43.24 -53.12 17.13
C PRO E 120 -44.13 -51.98 16.67
N ASP E 121 -43.68 -51.24 15.68
CA ASP E 121 -44.54 -50.20 15.03
C ASP E 121 -45.88 -50.79 14.55
N VAL E 122 -45.80 -51.94 13.90
CA VAL E 122 -46.99 -52.60 13.40
C VAL E 122 -47.78 -53.27 14.57
N VAL E 123 -47.05 -53.82 15.52
CA VAL E 123 -47.70 -54.43 16.69
C VAL E 123 -48.64 -53.40 17.32
N THR E 124 -48.13 -52.21 17.55
CA THR E 124 -48.92 -51.11 18.12
C THR E 124 -50.18 -50.82 17.27
N ALA E 125 -49.99 -50.72 15.98
CA ALA E 125 -51.11 -50.43 15.05
C ALA E 125 -52.17 -51.54 15.06
N LEU E 126 -51.71 -52.77 15.07
CA LEU E 126 -52.62 -53.93 15.06
C LEU E 126 -53.48 -53.99 16.34
N VAL E 127 -52.83 -53.83 17.47
CA VAL E 127 -53.53 -53.89 18.75
C VAL E 127 -54.50 -52.69 18.87
N THR E 128 -54.07 -51.55 18.40
CA THR E 128 -54.91 -50.33 18.37
C THR E 128 -56.17 -50.62 17.62
N ALA E 129 -56.01 -51.18 16.44
CA ALA E 129 -57.15 -51.50 15.58
C ALA E 129 -58.09 -52.51 16.26
N ALA E 130 -57.50 -53.55 16.81
CA ALA E 130 -58.24 -54.64 17.46
C ALA E 130 -59.05 -54.11 18.65
N LEU E 131 -58.47 -53.20 19.40
CA LEU E 131 -59.14 -52.63 20.58
C LEU E 131 -60.35 -51.75 20.25
N ASP E 132 -60.44 -51.35 19.00
CA ASP E 132 -61.62 -50.64 18.52
C ASP E 132 -62.87 -51.52 18.51
N GLU E 133 -62.67 -52.82 18.62
CA GLU E 133 -63.79 -53.79 18.70
C GLU E 133 -64.27 -54.07 20.15
N VAL E 134 -63.67 -53.41 21.12
CA VAL E 134 -64.11 -53.55 22.51
C VAL E 134 -65.56 -53.06 22.62
N LYS E 135 -66.38 -53.89 23.24
CA LYS E 135 -67.84 -53.66 23.38
C LYS E 135 -68.23 -52.84 24.61
N GLU E 136 -67.61 -53.16 25.73
CA GLU E 136 -67.93 -52.53 27.01
C GLU E 136 -66.62 -52.06 27.69
N PRO E 137 -66.73 -51.17 28.70
CA PRO E 137 -65.52 -50.62 29.31
C PRO E 137 -65.17 -51.38 30.59
N ASN E 138 -64.05 -50.99 31.19
CA ASN E 138 -63.56 -51.65 32.42
C ASN E 138 -63.38 -53.19 32.23
N THR E 139 -63.00 -53.60 31.02
CA THR E 139 -62.70 -55.01 30.75
C THR E 139 -61.17 -55.21 30.64
N THR E 140 -60.79 -56.47 30.74
CA THR E 140 -59.42 -56.91 30.49
C THR E 140 -59.39 -57.64 29.15
N VAL E 141 -58.51 -57.19 28.27
CA VAL E 141 -58.33 -57.82 26.95
C VAL E 141 -57.03 -58.62 26.92
N ASP E 142 -57.16 -59.89 26.54
CA ASP E 142 -55.98 -60.76 26.43
C ASP E 142 -55.35 -60.50 25.09
N VAL E 143 -54.10 -60.10 25.14
CA VAL E 143 -53.31 -59.87 23.91
C VAL E 143 -52.20 -60.92 23.84
N PHE E 144 -52.43 -61.88 22.98
CA PHE E 144 -51.50 -62.99 22.79
C PHE E 144 -50.52 -62.58 21.71
N VAL E 145 -49.26 -62.43 22.09
CA VAL E 145 -48.21 -62.09 21.16
C VAL E 145 -47.34 -63.29 20.93
N LEU E 146 -46.99 -63.52 19.69
CA LEU E 146 -46.15 -64.67 19.32
C LEU E 146 -44.65 -64.35 19.29
N SER E 147 -44.29 -63.10 19.47
CA SER E 147 -42.89 -62.68 19.58
C SER E 147 -42.45 -62.77 21.02
N ASN E 148 -41.17 -63.06 21.22
CA ASN E 148 -40.55 -63.03 22.56
C ASN E 148 -39.69 -61.81 22.77
N ALA E 149 -39.83 -60.84 21.89
CA ALA E 149 -39.04 -59.60 21.98
C ALA E 149 -39.71 -58.71 23.01
N VAL E 150 -39.49 -59.02 24.26
CA VAL E 150 -40.39 -58.56 25.32
C VAL E 150 -40.37 -57.06 25.54
N LEU E 151 -39.21 -56.47 25.50
CA LEU E 151 -39.10 -55.02 25.76
C LEU E 151 -39.80 -54.19 24.67
N PRO E 152 -39.45 -54.42 23.38
CA PRO E 152 -40.12 -53.59 22.38
C PRO E 152 -41.62 -53.82 22.33
N ILE E 153 -42.04 -55.06 22.57
CA ILE E 153 -43.48 -55.38 22.59
C ILE E 153 -44.17 -54.71 23.77
N ALA E 154 -43.51 -54.70 24.91
CA ALA E 154 -44.07 -54.02 26.10
C ALA E 154 -44.35 -52.55 25.84
N ALA E 155 -43.36 -51.85 25.32
CA ALA E 155 -43.52 -50.43 24.96
C ALA E 155 -44.58 -50.23 23.85
N ALA E 156 -44.56 -51.14 22.88
CA ALA E 156 -45.50 -51.07 21.74
C ALA E 156 -46.95 -51.14 22.18
N VAL E 157 -47.20 -52.02 23.13
CA VAL E 157 -48.55 -52.21 23.66
C VAL E 157 -48.90 -51.06 24.58
N ALA E 158 -47.93 -50.61 25.34
CA ALA E 158 -48.14 -49.48 26.26
C ALA E 158 -48.64 -48.25 25.49
N ARG E 159 -48.12 -48.06 24.29
CA ARG E 159 -48.41 -46.83 23.50
C ARG E 159 -49.64 -47.00 22.61
N CYS E 160 -50.21 -48.18 22.59
CA CYS E 160 -51.30 -48.49 21.68
C CYS E 160 -52.64 -48.12 22.26
N GLY E 161 -53.62 -48.10 21.38
CA GLY E 161 -55.01 -47.91 21.78
C GLY E 161 -55.33 -46.52 22.26
N LYS E 162 -56.43 -46.40 22.97
CA LYS E 162 -56.88 -45.13 23.52
C LYS E 162 -55.94 -44.64 24.59
N HIS E 163 -55.75 -43.34 24.63
CA HIS E 163 -54.73 -42.74 25.52
C HIS E 163 -55.28 -42.50 26.91
N ASN E 164 -54.43 -42.67 27.90
CA ASN E 164 -54.82 -42.44 29.30
C ASN E 164 -55.22 -40.99 29.55
N PHE E 165 -54.63 -40.08 28.81
CA PHE E 165 -55.09 -38.69 28.84
C PHE E 165 -56.35 -38.51 28.00
N SER E 166 -57.38 -37.99 28.63
CA SER E 166 -58.62 -37.66 27.92
C SER E 166 -59.41 -36.57 28.61
N ALA E 167 -60.05 -35.79 27.79
CA ALA E 167 -61.01 -34.75 28.24
C ALA E 167 -62.43 -35.01 27.71
N LYS E 168 -62.62 -36.16 27.09
CA LYS E 168 -63.92 -36.53 26.55
C LYS E 168 -64.93 -36.97 27.64
N ASP E 169 -66.19 -36.65 27.41
CA ASP E 169 -67.34 -37.25 28.16
C ASP E 169 -67.20 -37.17 29.68
N GLY E 170 -66.96 -35.97 30.17
CA GLY E 170 -66.82 -35.70 31.60
C GLY E 170 -65.49 -36.06 32.27
N ALA E 171 -64.55 -36.63 31.51
CA ALA E 171 -63.24 -37.01 32.06
C ALA E 171 -62.47 -35.85 32.71
N ALA E 172 -62.75 -34.62 32.29
CA ALA E 172 -62.19 -33.42 32.94
C ALA E 172 -62.49 -33.35 34.44
N ALA E 173 -63.64 -33.87 34.82
CA ALA E 173 -64.03 -33.97 36.24
C ALA E 173 -63.35 -35.11 36.98
N ALA E 174 -62.72 -36.01 36.23
CA ALA E 174 -61.96 -37.11 36.81
C ALA E 174 -60.43 -36.95 36.59
N ALA E 175 -59.99 -35.71 36.70
CA ALA E 175 -58.55 -35.34 36.52
C ALA E 175 -57.96 -35.81 35.17
N TYR E 176 -58.81 -35.83 34.17
CA TYR E 176 -58.41 -36.17 32.79
C TYR E 176 -57.82 -37.59 32.65
N ASN E 177 -58.26 -38.47 33.53
CA ASN E 177 -58.05 -39.91 33.40
C ASN E 177 -59.13 -40.49 32.51
N SER E 178 -58.74 -41.08 31.41
CA SER E 178 -59.71 -41.61 30.44
C SER E 178 -60.50 -42.74 31.07
N GLY E 179 -61.79 -42.77 30.77
CA GLY E 179 -62.65 -43.94 31.10
C GLY E 179 -62.80 -44.95 29.97
N LYS E 180 -62.11 -44.68 28.88
CA LYS E 180 -62.18 -45.50 27.63
C LYS E 180 -61.07 -46.51 27.43
N VAL E 181 -60.17 -46.58 28.39
CA VAL E 181 -59.01 -47.44 28.29
C VAL E 181 -59.37 -48.82 28.78
N SER E 182 -58.95 -49.83 28.04
CA SER E 182 -59.07 -51.24 28.46
C SER E 182 -57.83 -51.72 29.21
N ARG E 183 -58.02 -52.54 30.25
CA ARG E 183 -56.89 -53.26 30.89
C ARG E 183 -56.39 -54.25 29.79
N LEU E 184 -55.07 -54.31 29.61
CA LEU E 184 -54.46 -55.20 28.61
C LEU E 184 -53.54 -56.23 29.26
N GLN E 185 -53.80 -57.50 28.96
CA GLN E 185 -52.95 -58.57 29.47
C GLN E 185 -52.20 -59.15 28.31
N VAL E 186 -50.90 -58.86 28.32
CA VAL E 186 -50.01 -59.35 27.26
C VAL E 186 -49.57 -60.75 27.65
N VAL E 187 -49.80 -61.68 26.75
CA VAL E 187 -49.44 -63.08 26.96
C VAL E 187 -48.34 -63.51 26.00
N PHE E 188 -47.11 -63.53 26.51
CA PHE E 188 -45.94 -63.99 25.72
C PHE E 188 -45.93 -65.52 25.60
N PRO E 189 -45.22 -66.07 24.62
CA PRO E 189 -45.18 -67.53 24.48
C PRO E 189 -44.46 -68.18 25.64
N GLU E 190 -43.37 -67.54 26.06
CA GLU E 190 -42.49 -68.04 27.12
C GLU E 190 -42.44 -67.04 28.24
N PRO E 191 -42.07 -67.50 29.45
CA PRO E 191 -41.91 -66.53 30.54
C PRO E 191 -40.94 -65.47 30.07
N PRO E 192 -41.28 -64.20 30.27
CA PRO E 192 -40.43 -63.16 29.69
C PRO E 192 -39.05 -63.08 30.34
N ALA E 193 -38.05 -62.88 29.50
CA ALA E 193 -36.66 -62.72 29.97
C ALA E 193 -36.53 -61.58 30.98
N ILE E 194 -37.34 -60.56 30.81
CA ILE E 194 -37.41 -59.44 31.74
C ILE E 194 -38.65 -59.71 32.59
N PRO E 195 -38.55 -59.61 33.92
CA PRO E 195 -39.71 -59.89 34.77
C PRO E 195 -40.93 -59.00 34.50
N PRO E 196 -42.14 -59.55 34.63
CA PRO E 196 -43.36 -58.81 34.35
C PRO E 196 -43.46 -57.48 35.05
N LYS E 197 -43.10 -57.44 36.33
CA LYS E 197 -43.18 -56.17 37.10
C LYS E 197 -42.22 -55.11 36.51
N ASP E 198 -41.08 -55.55 36.00
CA ASP E 198 -40.11 -54.65 35.32
C ASP E 198 -40.68 -54.14 33.98
N LEU E 199 -41.33 -55.05 33.26
CA LEU E 199 -42.04 -54.68 32.03
C LEU E 199 -43.16 -53.67 32.35
N GLU E 200 -43.85 -53.86 33.46
CA GLU E 200 -44.88 -52.89 33.87
C GLU E 200 -44.29 -51.51 34.06
N ALA E 201 -43.14 -51.48 34.70
CA ALA E 201 -42.50 -50.20 35.01
C ALA E 201 -42.17 -49.44 33.69
N VAL E 202 -41.68 -50.18 32.72
CA VAL E 202 -41.38 -49.64 31.36
C VAL E 202 -42.65 -49.09 30.69
N ALA E 203 -43.69 -49.91 30.70
CA ALA E 203 -44.98 -49.53 30.13
C ALA E 203 -45.55 -48.32 30.83
N THR E 204 -45.38 -48.29 32.13
CA THR E 204 -45.86 -47.14 32.94
C THR E 204 -45.16 -45.85 32.47
N SER E 205 -43.86 -45.94 32.27
CA SER E 205 -43.07 -44.76 31.87
C SER E 205 -43.42 -44.31 30.44
N THR E 206 -43.64 -45.28 29.55
CA THR E 206 -44.11 -44.94 28.22
C THR E 206 -45.42 -44.14 28.27
N GLN E 207 -46.34 -44.60 29.11
CA GLN E 207 -47.66 -44.00 29.22
C GLN E 207 -47.68 -42.70 29.98
N LEU E 208 -46.85 -42.59 31.00
CA LEU E 208 -46.73 -41.33 31.71
C LEU E 208 -46.19 -40.25 30.77
N CYS E 209 -45.19 -40.64 30.03
CA CYS E 209 -44.57 -39.77 29.02
C CYS E 209 -45.61 -39.31 27.98
N GLN E 210 -46.35 -40.27 27.48
CA GLN E 210 -47.51 -40.01 26.64
C GLN E 210 -48.50 -39.00 27.26
N ARG E 211 -48.80 -39.23 28.52
CA ARG E 211 -49.76 -38.37 29.26
C ARG E 211 -49.29 -36.93 29.32
N LEU E 212 -48.02 -36.77 29.70
CA LEU E 212 -47.40 -35.42 29.81
C LEU E 212 -47.39 -34.66 28.46
N VAL E 213 -47.10 -35.41 27.41
CA VAL E 213 -47.02 -34.84 26.08
C VAL E 213 -48.40 -34.48 25.51
N ASP E 214 -49.31 -35.42 25.62
CA ASP E 214 -50.72 -35.22 25.22
C ASP E 214 -51.39 -34.06 25.97
N ALA E 215 -51.01 -33.88 27.22
CA ALA E 215 -51.66 -32.87 28.04
C ALA E 215 -51.50 -31.48 27.42
N PRO E 216 -52.59 -30.70 27.36
CA PRO E 216 -52.48 -29.36 26.82
C PRO E 216 -51.74 -28.46 27.81
N PRO E 217 -51.19 -27.36 27.32
CA PRO E 217 -50.39 -26.50 28.17
C PRO E 217 -51.17 -25.78 29.25
N ASN E 218 -52.49 -25.75 29.16
CA ASN E 218 -53.30 -25.17 30.26
C ASN E 218 -53.30 -26.08 31.50
N LEU E 219 -52.94 -27.34 31.31
CA LEU E 219 -52.79 -28.33 32.40
C LEU E 219 -51.33 -28.63 32.74
N LEU E 220 -50.54 -28.89 31.71
CA LEU E 220 -49.11 -29.09 31.88
C LEU E 220 -48.34 -27.80 31.62
N THR E 221 -48.04 -27.16 32.73
CA THR E 221 -47.31 -25.88 32.74
C THR E 221 -45.90 -26.09 33.28
N THR E 222 -45.10 -25.02 33.27
CA THR E 222 -43.76 -25.11 33.88
C THR E 222 -43.88 -25.48 35.37
N ALA E 223 -44.93 -24.97 36.00
CA ALA E 223 -45.18 -25.21 37.43
C ALA E 223 -45.70 -26.59 37.73
N THR E 224 -46.67 -27.07 36.96
CA THR E 224 -47.23 -28.39 37.23
C THR E 224 -46.25 -29.49 36.88
N PHE E 225 -45.46 -29.28 35.84
CA PHE E 225 -44.41 -30.27 35.48
C PHE E 225 -43.44 -30.38 36.67
N THR E 226 -43.06 -29.24 37.19
CA THR E 226 -42.16 -29.19 38.33
C THR E 226 -42.78 -29.89 39.57
N GLU E 227 -44.04 -29.61 39.83
CA GLU E 227 -44.77 -30.27 40.95
C GLU E 227 -44.84 -31.79 40.78
N ILE E 228 -45.03 -32.21 39.53
CA ILE E 228 -45.06 -33.64 39.22
C ILE E 228 -43.71 -34.30 39.53
N ALA E 229 -42.65 -33.64 39.11
CA ALA E 229 -41.29 -34.14 39.41
C ALA E 229 -41.05 -34.22 40.94
N GLN E 230 -41.48 -33.17 41.64
CA GLN E 230 -41.35 -33.12 43.10
C GLN E 230 -42.12 -34.27 43.77
N GLY E 231 -43.30 -34.53 43.26
CA GLY E 231 -44.16 -35.62 43.78
C GLY E 231 -43.49 -36.96 43.66
N TYR E 232 -42.92 -37.21 42.50
CA TYR E 232 -42.16 -38.45 42.28
C TYR E 232 -40.90 -38.49 43.18
N ALA E 233 -40.27 -37.36 43.35
CA ALA E 233 -39.11 -37.28 44.26
C ALA E 233 -39.47 -37.69 45.70
N LYS E 234 -40.60 -37.19 46.23
CA LYS E 234 -41.07 -37.56 47.61
C LYS E 234 -41.37 -39.06 47.65
N ALA E 235 -42.07 -39.53 46.65
CA ALA E 235 -42.50 -40.95 46.60
C ALA E 235 -41.38 -41.97 46.46
N LEU E 236 -40.46 -41.68 45.56
CA LEU E 236 -39.35 -42.64 45.26
C LEU E 236 -38.03 -42.34 45.98
N GLY E 237 -37.95 -41.20 46.64
CA GLY E 237 -36.75 -40.84 47.42
C GLY E 237 -35.51 -40.38 46.67
N PHE E 238 -35.69 -39.69 45.55
CA PHE E 238 -34.53 -39.10 44.83
C PHE E 238 -34.50 -37.61 45.05
N ASP E 239 -33.38 -36.99 44.74
CA ASP E 239 -33.16 -35.55 45.01
C ASP E 239 -33.70 -34.68 43.90
N VAL E 240 -34.17 -33.52 44.28
CA VAL E 240 -34.69 -32.55 43.32
C VAL E 240 -34.17 -31.16 43.66
N ASP E 241 -33.64 -30.50 42.64
CA ASP E 241 -33.15 -29.11 42.73
C ASP E 241 -33.90 -28.27 41.70
N VAL E 242 -34.42 -27.15 42.16
CA VAL E 242 -35.22 -26.26 41.31
C VAL E 242 -34.64 -24.87 41.33
N ILE E 243 -34.30 -24.37 40.15
CA ILE E 243 -33.93 -22.96 40.01
C ILE E 243 -35.05 -22.29 39.25
N CYS E 244 -35.70 -21.34 39.90
CA CYS E 244 -36.96 -20.80 39.43
C CYS E 244 -36.91 -19.34 39.09
N GLY E 245 -37.50 -19.01 37.96
CA GLY E 245 -37.88 -17.62 37.59
C GLY E 245 -36.74 -16.66 37.62
N ASP E 246 -36.90 -15.56 38.33
CA ASP E 246 -35.85 -14.52 38.39
C ASP E 246 -34.51 -14.99 38.99
N ASP E 247 -34.54 -16.04 39.80
CA ASP E 247 -33.29 -16.64 40.30
C ASP E 247 -32.41 -17.19 39.18
N LEU E 248 -33.04 -17.56 38.08
CA LEU E 248 -32.27 -18.01 36.88
C LEU E 248 -31.41 -16.88 36.37
N CYS E 249 -32.02 -15.71 36.31
CA CYS E 249 -31.31 -14.51 35.89
C CYS E 249 -30.17 -14.17 36.87
N GLU E 250 -30.49 -14.14 38.15
CA GLU E 250 -29.48 -13.79 39.21
C GLU E 250 -28.29 -14.73 39.17
N ARG E 251 -28.57 -15.98 38.87
CA ARG E 251 -27.53 -17.01 38.85
C ARG E 251 -26.86 -17.26 37.49
N GLY E 252 -27.13 -16.39 36.54
CA GLY E 252 -26.40 -16.40 35.24
C GLY E 252 -26.92 -17.35 34.18
N TYR E 253 -28.11 -17.91 34.42
CA TYR E 253 -28.80 -18.77 33.45
C TYR E 253 -29.62 -17.92 32.45
N GLY E 254 -28.89 -17.09 31.69
CA GLY E 254 -29.49 -16.12 30.79
C GLY E 254 -30.32 -16.72 29.64
N GLY E 255 -29.95 -17.91 29.23
CA GLY E 255 -30.64 -18.57 28.11
C GLY E 255 -32.05 -18.97 28.46
N ILE E 256 -32.18 -19.88 29.42
CA ILE E 256 -33.51 -20.34 29.86
C ILE E 256 -34.33 -19.21 30.48
N TYR E 257 -33.69 -18.32 31.22
CA TYR E 257 -34.37 -17.15 31.74
C TYR E 257 -34.99 -16.31 30.61
N SER E 258 -34.17 -15.96 29.65
CA SER E 258 -34.62 -15.06 28.56
C SER E 258 -35.77 -15.67 27.74
N VAL E 259 -35.64 -16.93 27.44
CA VAL E 259 -36.65 -17.66 26.65
C VAL E 259 -38.00 -17.70 27.40
N GLY E 260 -37.91 -17.96 28.70
CA GLY E 260 -39.11 -18.20 29.54
C GLY E 260 -39.76 -17.02 30.22
N LYS E 261 -39.08 -15.89 30.23
CA LYS E 261 -39.49 -14.77 31.10
C LYS E 261 -40.79 -14.03 30.70
N ALA E 262 -41.17 -14.17 29.45
CA ALA E 262 -42.40 -13.50 28.96
C ALA E 262 -43.68 -14.19 29.45
N ALA E 263 -43.54 -15.45 29.82
CA ALA E 263 -44.69 -16.32 30.11
C ALA E 263 -45.35 -16.00 31.44
N PHE E 264 -46.58 -16.45 31.55
CA PHE E 264 -47.36 -16.30 32.77
C PHE E 264 -46.73 -17.10 33.92
N GLU E 265 -46.37 -18.34 33.63
CA GLU E 265 -45.69 -19.18 34.60
C GLU E 265 -44.16 -19.06 34.38
N ALA E 266 -43.42 -18.95 35.46
CA ALA E 266 -41.98 -18.75 35.40
C ALA E 266 -41.22 -19.99 34.86
N PRO E 267 -40.09 -19.76 34.17
CA PRO E 267 -39.26 -20.88 33.77
C PRO E 267 -38.56 -21.49 34.97
N ARG E 268 -38.19 -22.73 34.81
CA ARG E 268 -37.52 -23.49 35.86
C ARG E 268 -36.50 -24.43 35.28
N LEU E 269 -35.35 -24.45 35.92
CA LEU E 269 -34.36 -25.45 35.67
C LEU E 269 -34.45 -26.45 36.79
N VAL E 270 -34.95 -27.63 36.46
CA VAL E 270 -35.21 -28.68 37.43
C VAL E 270 -34.25 -29.84 37.26
N THR E 271 -33.43 -30.08 38.27
CA THR E 271 -32.46 -31.16 38.22
C THR E 271 -32.79 -32.24 39.25
N LEU E 272 -32.86 -33.46 38.77
CA LEU E 272 -33.13 -34.66 39.59
C LEU E 272 -31.86 -35.49 39.66
N LEU E 273 -31.60 -36.06 40.82
CA LEU E 273 -30.41 -36.94 41.04
C LEU E 273 -30.77 -38.31 41.58
N TYR E 274 -30.16 -39.28 40.95
CA TYR E 274 -30.26 -40.65 41.38
C TYR E 274 -28.86 -41.27 41.39
N THR E 275 -28.49 -41.79 42.56
CA THR E 275 -27.24 -42.52 42.72
C THR E 275 -27.58 -43.93 43.21
N PRO E 276 -27.21 -44.96 42.45
CA PRO E 276 -27.51 -46.31 42.87
C PRO E 276 -26.67 -46.77 44.08
N LYS E 277 -27.13 -47.82 44.75
CA LYS E 277 -26.44 -48.40 45.95
C LYS E 277 -25.02 -48.88 45.61
N GLY E 278 -24.79 -49.49 44.46
CA GLY E 278 -23.44 -49.97 44.15
C GLY E 278 -22.51 -48.91 43.54
N THR E 279 -21.35 -49.41 43.07
CA THR E 279 -20.45 -48.65 42.16
C THR E 279 -21.20 -48.56 40.79
N PRO E 280 -21.50 -47.33 40.30
CA PRO E 280 -22.28 -47.21 39.06
C PRO E 280 -21.45 -47.64 37.86
N VAL E 281 -22.11 -48.24 36.88
CA VAL E 281 -21.41 -48.64 35.64
C VAL E 281 -21.01 -47.41 34.81
N LYS E 282 -21.69 -46.29 35.06
CA LYS E 282 -21.51 -45.05 34.33
C LYS E 282 -22.16 -43.91 35.04
N LYS E 283 -21.64 -42.72 34.81
CA LYS E 283 -22.31 -41.48 35.24
C LYS E 283 -22.89 -40.75 34.01
N VAL E 284 -24.21 -40.60 34.00
CA VAL E 284 -24.92 -40.06 32.83
C VAL E 284 -25.78 -38.91 33.24
N SER E 285 -25.63 -37.81 32.51
CA SER E 285 -26.46 -36.60 32.70
C SER E 285 -27.42 -36.45 31.54
N LEU E 286 -28.69 -36.39 31.91
CA LEU E 286 -29.78 -36.25 30.96
C LEU E 286 -30.24 -34.82 30.98
N VAL E 287 -30.50 -34.27 29.79
CA VAL E 287 -30.98 -32.91 29.66
C VAL E 287 -32.12 -32.89 28.66
N GLY E 288 -33.26 -32.35 29.07
CA GLY E 288 -34.48 -32.39 28.26
C GLY E 288 -35.08 -31.03 27.96
N LYS E 289 -35.44 -30.82 26.70
CA LYS E 289 -36.14 -29.59 26.26
C LYS E 289 -37.57 -29.69 26.78
N GLY E 290 -37.87 -28.85 27.76
CA GLY E 290 -39.20 -28.81 28.37
C GLY E 290 -39.98 -27.56 28.03
N ILE E 291 -40.13 -27.31 26.75
CA ILE E 291 -40.94 -26.17 26.29
C ILE E 291 -42.40 -26.57 26.30
N VAL E 292 -43.07 -26.19 27.36
CA VAL E 292 -44.48 -26.59 27.63
C VAL E 292 -45.42 -26.11 26.52
N TYR E 293 -45.06 -24.97 25.95
CA TYR E 293 -45.66 -24.49 24.70
C TYR E 293 -44.69 -23.56 23.98
N ASP E 294 -44.61 -23.76 22.68
CA ASP E 294 -43.73 -22.98 21.78
C ASP E 294 -44.62 -22.16 20.84
N CYS E 295 -44.95 -20.93 21.24
CA CYS E 295 -45.69 -20.03 20.32
C CYS E 295 -44.77 -19.38 19.29
N GLY E 296 -43.47 -19.52 19.50
CA GLY E 296 -42.44 -18.91 18.65
C GLY E 296 -41.81 -17.69 19.27
N GLY E 297 -42.47 -17.18 20.30
CA GLY E 297 -42.12 -15.88 20.88
C GLY E 297 -42.46 -14.77 19.89
N LEU E 298 -41.68 -13.71 19.90
CA LEU E 298 -41.88 -12.57 18.96
C LEU E 298 -41.85 -13.03 17.48
N ALA E 299 -41.06 -14.04 17.22
CA ALA E 299 -41.02 -14.77 15.92
C ALA E 299 -42.20 -15.75 15.89
N LEU E 300 -43.36 -15.18 15.88
CA LEU E 300 -44.61 -15.91 16.12
C LEU E 300 -44.88 -16.94 15.02
N LYS E 301 -45.21 -18.15 15.43
CA LYS E 301 -45.59 -19.19 14.51
C LYS E 301 -46.97 -18.91 13.93
N PRO E 302 -47.19 -19.27 12.64
CA PRO E 302 -48.57 -19.35 12.15
C PRO E 302 -49.33 -20.44 12.89
N ALA E 303 -50.64 -20.31 12.92
CA ALA E 303 -51.50 -21.20 13.75
C ALA E 303 -51.38 -22.70 13.45
N ASP E 304 -51.26 -23.03 12.18
CA ASP E 304 -51.12 -24.43 11.72
C ASP E 304 -49.82 -25.07 12.23
N TYR E 305 -48.75 -24.29 12.31
CA TYR E 305 -47.47 -24.80 12.89
C TYR E 305 -47.50 -24.76 14.40
N MET E 306 -48.23 -23.81 14.97
CA MET E 306 -48.31 -23.63 16.44
C MET E 306 -49.13 -24.72 17.11
N LYS E 307 -50.14 -25.23 16.38
CA LYS E 307 -50.91 -26.42 16.81
C LYS E 307 -49.93 -27.59 17.06
N LEU E 308 -50.14 -28.29 18.14
CA LEU E 308 -49.24 -29.41 18.54
C LEU E 308 -47.88 -29.01 19.16
N MET E 309 -47.65 -27.73 19.38
CA MET E 309 -46.45 -27.29 20.14
C MET E 309 -46.58 -27.52 21.68
N LYS E 310 -47.73 -28.01 22.13
CA LYS E 310 -47.81 -28.65 23.47
C LYS E 310 -46.88 -29.88 23.57
N HIS E 311 -46.54 -30.46 22.41
CA HIS E 311 -45.61 -31.59 22.32
C HIS E 311 -44.14 -31.16 22.49
N ASP E 312 -43.90 -29.85 22.62
CA ASP E 312 -42.52 -29.30 22.61
C ASP E 312 -41.77 -29.56 23.93
N MET E 313 -42.46 -30.21 24.87
CA MET E 313 -41.81 -30.74 26.10
C MET E 313 -41.58 -32.24 26.05
N GLY E 314 -41.72 -32.80 24.88
CA GLY E 314 -41.53 -34.25 24.66
C GLY E 314 -40.15 -34.81 25.05
N GLY E 315 -39.13 -34.01 24.88
CA GLY E 315 -37.76 -34.37 25.27
C GLY E 315 -37.55 -34.38 26.78
N ALA E 316 -38.12 -33.39 27.45
CA ALA E 316 -38.17 -33.37 28.93
C ALA E 316 -38.96 -34.54 29.52
N ALA E 317 -40.10 -34.83 28.93
CA ALA E 317 -40.90 -35.98 29.36
C ALA E 317 -40.12 -37.28 29.16
N ALA E 318 -39.44 -37.38 28.02
CA ALA E 318 -38.66 -38.59 27.71
C ALA E 318 -37.56 -38.83 28.74
N VAL E 319 -36.77 -37.82 29.01
CA VAL E 319 -35.68 -37.97 30.02
C VAL E 319 -36.24 -38.15 31.45
N PHE E 320 -37.31 -37.44 31.74
CA PHE E 320 -37.95 -37.56 33.04
C PHE E 320 -38.40 -38.99 33.29
N CYS E 321 -39.08 -39.55 32.33
CA CYS E 321 -39.65 -40.90 32.49
C CYS E 321 -38.60 -42.00 32.40
N GLY E 322 -37.60 -41.80 31.57
CA GLY E 322 -36.44 -42.73 31.53
C GLY E 322 -35.74 -42.75 32.89
N PHE E 323 -35.60 -41.57 33.48
CA PHE E 323 -35.06 -41.40 34.83
C PHE E 323 -35.92 -42.14 35.86
N LEU E 324 -37.22 -41.99 35.77
CA LEU E 324 -38.12 -42.73 36.67
C LEU E 324 -37.96 -44.24 36.56
N THR E 325 -37.87 -44.73 35.34
CA THR E 325 -37.70 -46.17 35.14
C THR E 325 -36.41 -46.67 35.78
N ALA E 326 -35.35 -45.90 35.60
CA ALA E 326 -34.06 -46.24 36.20
C ALA E 326 -34.14 -46.32 37.72
N VAL E 327 -34.87 -45.40 38.31
CA VAL E 327 -35.05 -45.36 39.80
C VAL E 327 -35.90 -46.55 40.23
N ARG E 328 -36.99 -46.76 39.54
CA ARG E 328 -37.91 -47.83 39.90
C ARG E 328 -37.30 -49.21 39.76
N LEU E 329 -36.54 -49.41 38.70
CA LEU E 329 -35.86 -50.70 38.49
C LEU E 329 -34.47 -50.78 39.13
N GLN E 330 -34.09 -49.72 39.80
CA GLN E 330 -32.74 -49.60 40.41
C GLN E 330 -31.61 -49.98 39.45
N GLN E 331 -31.63 -49.39 38.26
CA GLN E 331 -30.57 -49.63 37.27
C GLN E 331 -29.29 -49.06 37.83
N PRO E 332 -28.14 -49.72 37.56
CA PRO E 332 -26.88 -49.32 38.16
C PRO E 332 -26.16 -48.19 37.42
N VAL E 333 -26.90 -47.12 37.16
CA VAL E 333 -26.35 -45.92 36.50
C VAL E 333 -26.58 -44.74 37.41
N GLN E 334 -25.55 -43.96 37.60
CA GLN E 334 -25.70 -42.71 38.31
C GLN E 334 -26.24 -41.67 37.32
N LEU E 335 -27.35 -41.02 37.67
CA LEU E 335 -28.07 -40.14 36.78
C LEU E 335 -28.34 -38.81 37.35
N SER E 336 -28.15 -37.80 36.51
CA SER E 336 -28.81 -36.51 36.70
C SER E 336 -29.80 -36.37 35.57
N CYS E 337 -30.87 -35.64 35.86
CA CYS E 337 -31.89 -35.37 34.89
C CYS E 337 -32.30 -33.94 35.04
N THR E 338 -31.92 -33.14 34.05
CA THR E 338 -32.16 -31.70 34.08
C THR E 338 -33.27 -31.33 33.07
N LEU E 339 -34.37 -30.82 33.62
CA LEU E 339 -35.53 -30.42 32.82
C LEU E 339 -35.42 -28.95 32.58
N CYS E 340 -35.35 -28.58 31.32
CA CYS E 340 -35.30 -27.16 30.91
C CYS E 340 -36.71 -26.66 30.61
N LEU E 341 -37.37 -26.17 31.67
CA LEU E 341 -38.80 -25.86 31.61
C LEU E 341 -39.01 -24.38 31.37
N ALA E 342 -39.73 -24.11 30.30
CA ALA E 342 -40.16 -22.75 29.97
C ALA E 342 -41.35 -22.81 29.01
N GLU E 343 -42.14 -21.77 29.05
CA GLU E 343 -43.05 -21.48 27.93
C GLU E 343 -42.43 -20.39 27.11
N ASN E 344 -42.36 -20.62 25.81
CA ASN E 344 -41.93 -19.59 24.84
C ASN E 344 -43.16 -18.78 24.45
N ALA E 345 -43.33 -17.70 25.17
CA ALA E 345 -44.54 -16.87 25.12
C ALA E 345 -44.29 -15.56 24.39
N ILE E 346 -45.38 -14.88 24.10
CA ILE E 346 -45.32 -13.59 23.42
C ILE E 346 -45.99 -12.53 24.29
N GLY E 347 -45.31 -11.41 24.41
CA GLY E 347 -45.75 -10.31 25.26
C GLY E 347 -44.67 -9.25 25.47
N PRO E 348 -44.94 -8.29 26.36
CA PRO E 348 -44.03 -7.18 26.58
C PRO E 348 -42.65 -7.58 27.11
N LYS E 349 -42.59 -8.67 27.85
CA LYS E 349 -41.31 -9.16 28.39
C LYS E 349 -40.61 -10.15 27.48
N SER E 350 -41.15 -10.36 26.28
CA SER E 350 -40.52 -11.28 25.30
C SER E 350 -39.05 -10.93 25.03
N TYR E 351 -38.19 -11.94 25.09
CA TYR E 351 -36.87 -11.78 24.52
C TYR E 351 -37.04 -11.51 23.02
N ARG E 352 -36.13 -10.72 22.47
CA ARG E 352 -36.28 -10.17 21.15
C ARG E 352 -35.38 -10.73 20.10
N ASN E 353 -35.83 -10.59 18.86
CA ASN E 353 -34.99 -10.84 17.69
C ASN E 353 -34.04 -9.63 17.56
N ASP E 354 -32.85 -9.78 18.14
CA ASP E 354 -31.77 -8.73 18.31
C ASP E 354 -31.13 -8.79 19.67
N ASP E 355 -31.88 -9.27 20.66
CA ASP E 355 -31.38 -9.31 22.03
C ASP E 355 -30.12 -10.17 22.08
N ILE E 356 -29.24 -9.83 23.01
CA ILE E 356 -28.01 -10.60 23.24
C ILE E 356 -28.08 -11.21 24.63
N ILE E 357 -27.97 -12.51 24.66
CA ILE E 357 -28.06 -13.30 25.90
C ILE E 357 -26.68 -13.63 26.43
N VAL E 358 -26.49 -13.49 27.73
CA VAL E 358 -25.33 -14.04 28.39
C VAL E 358 -25.72 -15.40 28.94
N MET E 359 -25.21 -16.45 28.30
CA MET E 359 -25.50 -17.83 28.70
C MET E 359 -24.77 -18.15 30.00
N LYS E 360 -25.24 -19.20 30.66
CA LYS E 360 -24.57 -19.70 31.88
C LYS E 360 -23.11 -20.08 31.57
N SER E 361 -22.87 -20.56 30.37
CA SER E 361 -21.52 -20.89 29.90
C SER E 361 -20.58 -19.72 29.84
N GLY E 362 -21.11 -18.51 29.94
CA GLY E 362 -20.32 -17.26 29.76
C GLY E 362 -20.24 -16.77 28.31
N LYS E 363 -20.66 -17.61 27.38
CA LYS E 363 -20.74 -17.23 25.98
C LYS E 363 -21.98 -16.43 25.69
N THR E 364 -21.83 -15.47 24.79
CA THR E 364 -22.93 -14.59 24.42
C THR E 364 -23.58 -15.03 23.09
N VAL E 365 -24.90 -14.92 23.06
CA VAL E 365 -25.73 -15.41 21.98
C VAL E 365 -26.60 -14.28 21.48
N GLU E 366 -26.41 -13.93 20.20
CA GLU E 366 -27.25 -12.97 19.53
C GLU E 366 -28.50 -13.71 19.02
N VAL E 367 -29.67 -13.27 19.46
CA VAL E 367 -30.93 -13.93 19.09
C VAL E 367 -31.42 -13.40 17.74
N ILE E 368 -31.24 -14.22 16.71
CA ILE E 368 -31.67 -13.90 15.36
C ILE E 368 -33.16 -14.20 15.26
N ASN E 369 -33.56 -15.28 15.91
CA ASN E 369 -34.94 -15.76 15.82
C ASN E 369 -35.36 -16.42 17.13
N THR E 370 -36.39 -15.85 17.74
CA THR E 370 -36.84 -16.30 19.06
C THR E 370 -37.47 -17.68 19.04
N ASP E 371 -37.82 -18.14 17.85
CA ASP E 371 -38.43 -19.47 17.67
C ASP E 371 -37.44 -20.63 17.62
N ALA E 372 -36.17 -20.26 17.60
CA ALA E 372 -35.05 -21.17 17.88
C ALA E 372 -34.65 -21.10 19.36
N GLU E 373 -35.62 -21.41 20.20
CA GLU E 373 -35.53 -21.26 21.65
C GLU E 373 -34.92 -22.48 22.33
N GLY E 374 -35.15 -23.61 21.74
CA GLY E 374 -34.82 -24.89 22.34
C GLY E 374 -33.35 -25.04 22.56
N ARG E 375 -32.60 -24.70 21.53
CA ARG E 375 -31.13 -24.82 21.59
C ARG E 375 -30.54 -23.91 22.68
N ILE E 376 -31.19 -22.80 22.90
CA ILE E 376 -30.78 -21.84 23.94
C ILE E 376 -30.99 -22.37 25.35
N VAL E 377 -32.16 -22.86 25.55
CA VAL E 377 -32.59 -23.48 26.80
C VAL E 377 -31.69 -24.70 27.11
N LEU E 378 -31.45 -25.50 26.09
CA LEU E 378 -30.60 -26.67 26.23
C LEU E 378 -29.12 -26.31 26.50
N GLY E 379 -28.70 -25.19 25.95
CA GLY E 379 -27.32 -24.68 26.18
C GLY E 379 -27.05 -24.46 27.66
N ASP E 380 -28.04 -23.87 28.32
CA ASP E 380 -27.97 -23.66 29.76
C ASP E 380 -28.05 -25.01 30.49
N GLY E 381 -28.91 -25.88 29.99
CA GLY E 381 -29.08 -27.23 30.55
C GLY E 381 -27.82 -28.05 30.56
N VAL E 382 -27.16 -28.14 29.41
CA VAL E 382 -25.95 -28.97 29.28
C VAL E 382 -24.76 -28.36 30.05
N PHE E 383 -24.71 -27.05 30.10
CA PHE E 383 -23.65 -26.41 30.88
C PHE E 383 -23.87 -26.70 32.36
N HIS E 384 -25.10 -26.58 32.80
CA HIS E 384 -25.47 -26.92 34.17
C HIS E 384 -25.03 -28.35 34.53
N ALA E 385 -25.38 -29.27 33.67
CA ALA E 385 -25.08 -30.68 33.90
C ALA E 385 -23.59 -30.95 33.93
N THR E 386 -22.85 -30.29 33.06
CA THR E 386 -21.41 -30.57 32.89
C THR E 386 -20.52 -29.72 33.77
N ASN E 387 -21.09 -28.72 34.41
CA ASN E 387 -20.30 -27.81 35.23
C ASN E 387 -20.74 -27.63 36.68
N GLU E 388 -22.01 -27.79 36.94
CA GLU E 388 -22.58 -27.32 38.24
C GLU E 388 -23.02 -28.43 39.19
N LEU E 389 -22.85 -29.67 38.79
CA LEU E 389 -23.28 -30.79 39.63
C LEU E 389 -22.14 -31.26 40.54
N SER E 390 -22.49 -32.13 41.48
CA SER E 390 -21.49 -32.71 42.41
C SER E 390 -20.60 -33.78 41.75
N PHE E 391 -20.95 -34.19 40.54
CA PHE E 391 -20.10 -35.09 39.74
C PHE E 391 -20.00 -34.56 38.32
N THR E 392 -19.06 -35.11 37.57
CA THR E 392 -18.91 -34.79 36.15
C THR E 392 -19.32 -36.01 35.39
N PRO E 393 -20.31 -35.86 34.47
CA PRO E 393 -20.77 -37.05 33.77
C PRO E 393 -19.81 -37.56 32.74
N ASP E 394 -19.89 -38.86 32.53
CA ASP E 394 -19.15 -39.53 31.47
C ASP E 394 -19.83 -39.34 30.13
N VAL E 395 -21.15 -39.24 30.20
CA VAL E 395 -22.01 -39.14 29.02
C VAL E 395 -23.08 -38.13 29.27
N VAL E 396 -23.29 -37.24 28.31
CA VAL E 396 -24.41 -36.29 28.35
C VAL E 396 -25.36 -36.64 27.22
N ILE E 397 -26.61 -36.82 27.57
CA ILE E 397 -27.67 -37.08 26.59
C ILE E 397 -28.66 -35.96 26.71
N ASP E 398 -28.83 -35.23 25.62
CA ASP E 398 -29.92 -34.25 25.56
C ASP E 398 -30.96 -34.74 24.57
N MET E 399 -32.21 -34.53 24.94
CA MET E 399 -33.37 -34.97 24.13
C MET E 399 -34.27 -33.80 23.96
N ALA E 400 -34.68 -33.57 22.71
CA ALA E 400 -35.43 -32.35 22.35
C ALA E 400 -36.22 -32.46 21.09
N THR E 401 -37.39 -31.86 21.09
CA THR E 401 -38.23 -31.71 19.91
C THR E 401 -37.77 -30.49 19.14
N LEU E 402 -36.63 -30.62 18.51
CA LEU E 402 -35.79 -29.43 18.25
C LEU E 402 -35.96 -28.76 16.92
N THR E 403 -36.06 -29.55 15.87
CA THR E 403 -36.12 -28.97 14.51
C THR E 403 -37.13 -29.63 13.60
N GLY E 404 -37.75 -28.82 12.75
CA GLY E 404 -38.57 -29.33 11.63
C GLY E 404 -37.69 -30.09 10.65
N ALA E 405 -36.44 -29.65 10.52
CA ALA E 405 -35.43 -30.35 9.72
C ALA E 405 -35.29 -31.85 10.07
N GLN E 406 -35.51 -32.18 11.31
CA GLN E 406 -35.44 -33.58 11.76
C GLN E 406 -36.38 -34.47 10.99
N GLY E 407 -37.62 -34.03 10.86
CA GLY E 407 -38.60 -34.79 10.11
C GLY E 407 -38.20 -34.96 8.66
N ILE E 408 -37.74 -33.89 8.08
CA ILE E 408 -37.27 -33.91 6.67
C ILE E 408 -36.07 -34.86 6.48
N ALA E 409 -35.21 -34.86 7.46
CA ALA E 409 -33.96 -35.64 7.39
C ALA E 409 -34.11 -37.14 7.69
N THR E 410 -34.61 -37.42 8.87
CA THR E 410 -34.74 -38.80 9.39
C THR E 410 -36.17 -39.34 9.54
N GLY E 411 -37.16 -38.47 9.38
CA GLY E 411 -38.57 -38.89 9.28
C GLY E 411 -39.34 -39.00 10.59
N ARG E 412 -40.53 -39.56 10.48
CA ARG E 412 -41.47 -39.59 11.59
C ARG E 412 -41.16 -40.65 12.68
N HIS E 413 -40.37 -41.66 12.33
CA HIS E 413 -40.13 -42.82 13.22
C HIS E 413 -38.73 -42.92 13.77
N HIS E 414 -37.82 -42.14 13.22
CA HIS E 414 -36.41 -42.20 13.62
C HIS E 414 -35.94 -40.86 14.14
N ALA E 415 -35.63 -40.81 15.42
CA ALA E 415 -35.06 -39.62 16.03
C ALA E 415 -33.64 -39.43 15.45
N GLY E 416 -33.28 -38.18 15.24
CA GLY E 416 -31.96 -37.86 14.70
C GLY E 416 -30.92 -37.80 15.80
N LEU E 417 -29.77 -38.41 15.56
CA LEU E 417 -28.64 -38.38 16.50
C LEU E 417 -27.43 -37.58 16.01
N TYR E 418 -27.06 -36.61 16.80
CA TYR E 418 -25.86 -35.82 16.57
C TYR E 418 -24.94 -36.12 17.75
N VAL E 419 -23.85 -36.80 17.46
CA VAL E 419 -23.02 -37.44 18.50
C VAL E 419 -21.53 -37.22 18.23
N ASN E 420 -20.82 -36.82 19.26
CA ASN E 420 -19.38 -36.49 19.10
C ASN E 420 -18.45 -37.71 19.03
N GLU E 421 -18.96 -38.89 19.29
CA GLU E 421 -18.16 -40.13 19.33
C GLU E 421 -18.87 -41.26 18.63
N GLU E 422 -18.17 -42.00 17.78
CA GLU E 422 -18.76 -43.11 17.01
C GLU E 422 -19.35 -44.19 17.96
N GLY E 423 -18.64 -44.49 19.04
CA GLY E 423 -19.01 -45.56 19.98
C GLY E 423 -20.35 -45.33 20.69
N ALA E 424 -20.50 -44.15 21.25
CA ALA E 424 -21.76 -43.73 21.88
C ALA E 424 -22.91 -43.70 20.88
N GLU E 425 -22.63 -43.24 19.67
CA GLU E 425 -23.64 -43.22 18.60
C GLU E 425 -24.15 -44.62 18.31
N ALA E 426 -23.20 -45.53 18.11
CA ALA E 426 -23.52 -46.92 17.72
C ALA E 426 -24.34 -47.58 18.85
N ALA E 427 -23.97 -47.26 20.08
CA ALA E 427 -24.66 -47.79 21.25
C ALA E 427 -26.12 -47.29 21.30
N MET E 428 -26.33 -46.02 21.07
CA MET E 428 -27.69 -45.44 21.07
C MET E 428 -28.52 -45.97 19.88
N LEU E 429 -27.90 -46.10 18.74
CA LEU E 429 -28.57 -46.76 17.61
C LEU E 429 -29.03 -48.19 17.91
N ARG E 430 -28.13 -48.94 18.53
CA ARG E 430 -28.41 -50.32 18.94
C ARG E 430 -29.61 -50.31 19.91
N ALA E 431 -29.58 -49.40 20.86
CA ALA E 431 -30.67 -49.27 21.85
C ALA E 431 -32.00 -48.92 21.21
N GLY E 432 -31.94 -48.11 20.17
CA GLY E 432 -33.12 -47.84 19.34
C GLY E 432 -33.69 -49.04 18.60
N ARG E 433 -32.82 -49.83 18.00
CA ARG E 433 -33.23 -51.06 17.29
CA ARG E 433 -33.23 -51.07 17.28
C ARG E 433 -33.78 -52.15 18.23
N GLU E 434 -33.18 -52.27 19.41
CA GLU E 434 -33.62 -53.23 20.45
C GLU E 434 -34.94 -52.79 21.11
N SER E 435 -35.01 -51.52 21.49
CA SER E 435 -36.20 -50.95 22.15
C SER E 435 -37.40 -50.70 21.23
N GLY E 436 -37.14 -50.63 19.94
CA GLY E 436 -38.15 -50.21 18.94
C GLY E 436 -38.26 -48.69 18.74
N GLU E 437 -37.66 -47.94 19.66
CA GLU E 437 -37.67 -46.49 19.62
C GLU E 437 -36.45 -46.04 18.79
N THR E 438 -36.61 -46.21 17.49
CA THR E 438 -35.52 -46.17 16.55
C THR E 438 -34.94 -44.75 16.37
N CYS E 439 -33.66 -44.74 16.07
CA CYS E 439 -32.88 -43.53 15.77
C CYS E 439 -32.08 -43.69 14.49
N PHE E 440 -31.58 -42.57 14.01
CA PHE E 440 -30.70 -42.54 12.81
C PHE E 440 -29.76 -41.35 12.90
N PRO E 441 -28.49 -41.52 12.53
CA PRO E 441 -27.58 -40.40 12.69
C PRO E 441 -27.78 -39.28 11.69
N VAL E 442 -27.51 -38.08 12.16
CA VAL E 442 -27.32 -36.95 11.27
C VAL E 442 -25.86 -36.52 11.29
N LEU E 443 -25.46 -35.81 10.24
CA LEU E 443 -24.05 -35.43 10.00
C LEU E 443 -23.44 -34.78 11.21
N TYR E 444 -22.32 -35.33 11.65
CA TYR E 444 -21.47 -34.71 12.67
C TYR E 444 -20.22 -34.15 11.98
N CYS E 445 -20.17 -32.84 11.91
CA CYS E 445 -19.08 -32.12 11.18
C CYS E 445 -18.94 -30.68 11.66
N PRO E 446 -18.55 -30.48 12.94
CA PRO E 446 -18.50 -29.19 13.58
C PRO E 446 -17.77 -28.11 12.79
N GLU E 447 -16.73 -28.53 12.07
CA GLU E 447 -15.96 -27.57 11.25
C GLU E 447 -16.84 -26.90 10.18
N TYR E 448 -17.86 -27.60 9.72
CA TYR E 448 -18.82 -27.04 8.75
C TYR E 448 -20.04 -26.36 9.36
N HIS E 449 -20.37 -26.69 10.60
CA HIS E 449 -21.51 -26.07 11.31
C HIS E 449 -21.17 -24.74 11.90
N GLU E 450 -19.97 -24.70 12.48
CA GLU E 450 -19.47 -23.52 13.23
C GLU E 450 -19.59 -22.18 12.49
N PRO E 451 -19.16 -22.10 11.22
CA PRO E 451 -19.29 -20.80 10.49
C PRO E 451 -20.73 -20.27 10.30
N GLU E 452 -21.70 -21.16 10.37
CA GLU E 452 -23.10 -20.72 10.25
C GLU E 452 -23.60 -19.82 11.37
N PHE E 453 -22.88 -19.81 12.48
CA PHE E 453 -23.33 -19.07 13.68
C PHE E 453 -22.52 -17.81 13.97
N LYS E 454 -21.79 -17.30 12.96
CA LYS E 454 -20.98 -16.08 13.10
C LYS E 454 -21.92 -14.92 13.43
N SER E 455 -21.51 -14.12 14.40
CA SER E 455 -22.22 -12.90 14.82
C SER E 455 -21.28 -11.69 14.76
N ASN E 456 -21.83 -10.55 14.40
CA ASN E 456 -21.07 -9.30 14.44
C ASN E 456 -20.63 -8.90 15.87
N HIS E 457 -21.52 -9.12 16.82
CA HIS E 457 -21.37 -8.55 18.16
C HIS E 457 -21.28 -9.50 19.31
N ALA E 458 -21.74 -10.71 19.09
CA ALA E 458 -21.79 -11.72 20.17
C ALA E 458 -20.91 -12.83 19.76
N ASP E 459 -20.68 -13.76 20.67
CA ASP E 459 -19.84 -14.94 20.36
C ASP E 459 -20.44 -15.76 19.28
N MET E 460 -21.75 -15.83 19.28
CA MET E 460 -22.49 -16.59 18.27
C MET E 460 -23.91 -16.08 18.12
N THR E 461 -24.53 -16.48 17.03
CA THR E 461 -25.99 -16.34 16.86
C THR E 461 -26.65 -17.64 17.35
N ASN E 462 -27.97 -17.61 17.38
CA ASN E 462 -28.76 -18.83 17.65
C ASN E 462 -29.39 -19.44 16.41
N LEU E 463 -29.04 -18.93 15.24
CA LEU E 463 -29.61 -19.44 14.01
C LEU E 463 -28.62 -19.35 12.87
N MET E 464 -28.64 -20.38 12.06
CA MET E 464 -27.76 -20.49 10.90
C MET E 464 -28.04 -19.39 9.90
N GLU E 465 -26.97 -18.83 9.37
CA GLU E 465 -27.06 -17.91 8.23
C GLU E 465 -27.74 -18.59 7.04
N ARG E 466 -27.36 -19.84 6.77
CA ARG E 466 -27.96 -20.65 5.71
C ARG E 466 -28.64 -21.86 6.30
N ARG E 467 -29.94 -21.93 6.10
CA ARG E 467 -30.78 -22.96 6.73
C ARG E 467 -30.80 -24.27 5.97
N ASP E 468 -30.23 -24.24 4.78
CA ASP E 468 -30.06 -25.46 3.95
C ASP E 468 -28.66 -26.10 4.02
N ASN E 469 -28.10 -26.06 5.21
CA ASN E 469 -26.77 -26.60 5.48
C ASN E 469 -26.73 -27.46 6.76
N ALA E 470 -27.47 -28.56 6.69
CA ALA E 470 -27.51 -29.60 7.77
C ALA E 470 -28.11 -29.00 9.04
N GLY E 471 -29.40 -28.72 8.95
CA GLY E 471 -30.11 -28.03 10.02
C GLY E 471 -30.25 -28.80 11.31
N VAL E 472 -30.40 -30.10 11.22
CA VAL E 472 -30.50 -30.92 12.44
C VAL E 472 -29.15 -30.85 13.17
N SER E 473 -28.11 -31.00 12.40
CA SER E 473 -26.74 -31.01 12.89
C SER E 473 -26.34 -29.67 13.52
N CYS E 474 -26.68 -28.60 12.83
CA CYS E 474 -26.30 -27.27 13.30
C CYS E 474 -26.93 -26.91 14.63
N ALA E 475 -28.18 -27.29 14.81
CA ALA E 475 -28.87 -27.08 16.10
C ALA E 475 -28.17 -27.85 17.25
N GLY E 476 -27.75 -29.06 16.92
CA GLY E 476 -26.90 -29.86 17.84
C GLY E 476 -25.58 -29.18 18.16
N TYR E 477 -24.94 -28.72 17.10
CA TYR E 477 -23.66 -28.01 17.25
C TYR E 477 -23.79 -26.84 18.23
N PHE E 478 -24.84 -26.05 18.06
CA PHE E 478 -25.07 -24.89 18.94
C PHE E 478 -24.99 -25.30 20.42
N ILE E 479 -25.70 -26.36 20.71
CA ILE E 479 -25.77 -26.91 22.08
C ILE E 479 -24.37 -27.27 22.59
N THR E 480 -23.57 -27.90 21.74
CA THR E 480 -22.21 -28.34 22.14
C THR E 480 -21.29 -27.18 22.54
N THR E 481 -21.51 -26.01 21.96
CA THR E 481 -20.69 -24.84 22.28
C THR E 481 -20.84 -24.45 23.74
N HIS E 482 -21.90 -24.92 24.38
CA HIS E 482 -22.17 -24.58 25.82
C HIS E 482 -21.85 -25.71 26.82
N LEU E 483 -21.22 -26.75 26.32
CA LEU E 483 -20.66 -27.79 27.19
C LEU E 483 -19.51 -27.19 28.00
N SER E 484 -19.42 -27.55 29.27
CA SER E 484 -18.30 -27.13 30.11
C SER E 484 -16.98 -27.67 29.58
N PRO E 485 -15.87 -26.91 29.70
CA PRO E 485 -14.54 -27.43 29.39
C PRO E 485 -14.12 -28.57 30.30
N LYS E 486 -14.70 -28.62 31.48
CA LYS E 486 -14.51 -29.78 32.40
C LYS E 486 -14.95 -31.12 31.84
N PHE E 487 -15.82 -31.06 30.84
CA PHE E 487 -16.41 -32.27 30.28
C PHE E 487 -15.62 -32.72 29.06
N THR E 488 -15.24 -33.99 29.05
CA THR E 488 -14.45 -34.57 27.96
C THR E 488 -15.04 -35.89 27.47
N GLY E 489 -16.29 -36.11 27.82
CA GLY E 489 -16.96 -37.39 27.52
C GLY E 489 -17.81 -37.36 26.27
N ALA E 490 -18.72 -38.31 26.19
CA ALA E 490 -19.54 -38.51 25.01
C ALA E 490 -20.79 -37.67 25.14
N HIS E 491 -21.13 -37.00 24.05
CA HIS E 491 -22.35 -36.17 24.01
C HIS E 491 -23.28 -36.65 22.91
N ILE E 492 -24.47 -37.03 23.33
CA ILE E 492 -25.50 -37.59 22.43
C ILE E 492 -26.67 -36.62 22.38
N HIS E 493 -26.84 -35.99 21.23
CA HIS E 493 -27.97 -35.09 21.01
C HIS E 493 -29.04 -35.87 20.25
N VAL E 494 -30.21 -35.95 20.85
CA VAL E 494 -31.38 -36.65 20.25
C VAL E 494 -32.47 -35.68 19.86
N ASP E 495 -32.67 -35.55 18.56
CA ASP E 495 -33.70 -34.67 17.99
C ASP E 495 -34.89 -35.57 17.72
N LEU E 496 -35.91 -35.43 18.55
CA LEU E 496 -37.09 -36.27 18.44
C LEU E 496 -38.38 -35.47 18.20
N ALA E 497 -38.25 -34.41 17.42
CA ALA E 497 -39.38 -33.53 17.02
C ALA E 497 -40.64 -34.32 16.56
N TYR E 498 -40.45 -35.25 15.67
CA TYR E 498 -41.56 -36.01 15.12
C TYR E 498 -41.88 -37.38 15.79
N PRO E 499 -40.86 -38.14 16.23
CA PRO E 499 -41.18 -39.43 16.80
C PRO E 499 -41.97 -39.43 18.10
N VAL E 500 -42.04 -38.27 18.74
CA VAL E 500 -42.86 -38.11 19.96
C VAL E 500 -44.38 -38.09 19.74
N PHE E 501 -44.83 -38.07 18.49
CA PHE E 501 -46.26 -38.01 18.20
C PHE E 501 -46.63 -38.66 16.88
N ASN E 502 -47.89 -39.03 16.78
CA ASN E 502 -48.46 -39.44 15.52
C ASN E 502 -49.87 -38.83 15.44
N SER E 503 -50.68 -39.29 14.50
CA SER E 503 -51.98 -38.68 14.28
C SER E 503 -52.98 -38.95 15.41
N ASN E 504 -52.68 -39.90 16.26
CA ASN E 504 -53.46 -40.14 17.51
C ASN E 504 -52.97 -39.41 18.76
N GLY E 505 -51.85 -38.72 18.63
CA GLY E 505 -51.28 -37.96 19.75
C GLY E 505 -49.91 -38.46 20.11
N ALA E 506 -49.56 -38.30 21.37
CA ALA E 506 -48.22 -38.64 21.84
C ALA E 506 -47.98 -40.13 21.71
N THR E 507 -46.74 -40.48 21.46
CA THR E 507 -46.28 -41.89 21.35
C THR E 507 -45.57 -42.42 22.60
N GLY E 508 -45.15 -41.52 23.49
CA GLY E 508 -44.33 -41.89 24.63
C GLY E 508 -42.94 -42.37 24.22
N PHE E 509 -42.48 -41.91 23.07
CA PHE E 509 -41.12 -42.22 22.56
C PHE E 509 -40.06 -41.57 23.44
N GLY E 510 -39.07 -42.35 23.78
CA GLY E 510 -37.87 -41.84 24.44
C GLY E 510 -37.44 -42.62 25.67
N PRO E 511 -38.37 -42.84 26.62
CA PRO E 511 -37.97 -43.50 27.89
C PRO E 511 -37.46 -44.91 27.72
N ALA E 512 -38.11 -45.71 26.90
CA ALA E 512 -37.68 -47.09 26.66
C ALA E 512 -36.31 -47.15 25.94
N LEU E 513 -36.12 -46.20 25.04
CA LEU E 513 -34.79 -46.01 24.37
C LEU E 513 -33.69 -45.86 25.41
N LEU E 514 -33.92 -44.95 26.34
CA LEU E 514 -32.98 -44.71 27.44
C LEU E 514 -32.76 -45.94 28.33
N THR E 515 -33.85 -46.58 28.67
CA THR E 515 -33.78 -47.76 29.53
C THR E 515 -32.89 -48.81 28.89
N GLU E 516 -33.13 -49.06 27.62
CA GLU E 516 -32.33 -50.05 26.85
C GLU E 516 -30.86 -49.60 26.75
N TYR E 517 -30.65 -48.31 26.53
CA TYR E 517 -29.29 -47.75 26.43
C TYR E 517 -28.53 -47.98 27.77
N PHE E 518 -29.18 -47.62 28.86
CA PHE E 518 -28.63 -47.83 30.23
C PHE E 518 -28.32 -49.31 30.52
N ARG E 519 -29.19 -50.18 30.08
CA ARG E 519 -29.02 -51.63 30.26
C ARG E 519 -27.68 -52.13 29.72
N LYS E 520 -27.23 -51.60 28.60
CA LYS E 520 -26.06 -52.15 27.87
C LYS E 520 -24.79 -51.35 28.14
N LEU E 521 -24.84 -50.42 29.07
CA LEU E 521 -23.67 -49.61 29.33
C LEU E 521 -22.46 -50.43 29.82
N THR F 3 -55.77 1.73 37.57
CA THR F 3 -55.60 0.94 36.30
C THR F 3 -55.35 1.88 35.10
N LEU F 4 -56.31 2.72 34.70
CA LEU F 4 -56.14 3.64 33.55
C LEU F 4 -55.69 5.03 33.93
N PRO F 5 -54.99 5.74 33.02
CA PRO F 5 -54.78 7.16 33.25
C PRO F 5 -56.12 7.94 33.41
N LYS F 6 -56.10 8.94 34.29
CA LYS F 6 -57.31 9.74 34.64
C LYS F 6 -57.95 10.33 33.36
N ALA F 7 -57.14 10.86 32.47
CA ALA F 7 -57.68 11.49 31.22
C ALA F 7 -58.39 10.47 30.32
N GLU F 8 -57.88 9.25 30.31
CA GLU F 8 -58.50 8.17 29.52
C GLU F 8 -59.82 7.72 30.16
N ALA F 9 -59.81 7.54 31.47
CA ALA F 9 -61.06 7.21 32.22
C ALA F 9 -62.16 8.26 32.03
N LYS F 10 -61.78 9.52 32.07
CA LYS F 10 -62.76 10.62 31.86
C LYS F 10 -63.37 10.52 30.45
N GLU F 11 -62.50 10.33 29.48
CA GLU F 11 -62.94 10.13 28.06
C GLU F 11 -63.90 8.94 27.88
N LEU F 12 -63.59 7.84 28.54
CA LEU F 12 -64.47 6.67 28.49
C LEU F 12 -65.85 6.91 29.11
N SER F 13 -65.88 7.55 30.28
CA SER F 13 -67.17 7.95 30.91
C SER F 13 -68.00 8.80 29.99
N ALA F 14 -67.36 9.77 29.39
CA ALA F 14 -68.08 10.70 28.52
C ALA F 14 -68.65 9.94 27.33
N PHE F 15 -67.87 8.99 26.84
CA PHE F 15 -68.31 8.19 25.69
C PHE F 15 -69.49 7.31 26.07
N VAL F 16 -69.40 6.73 27.25
CA VAL F 16 -70.52 5.92 27.80
C VAL F 16 -71.80 6.75 27.81
N GLN F 17 -71.68 7.93 28.40
CA GLN F 17 -72.81 8.84 28.50
C GLN F 17 -73.38 9.20 27.12
N SER F 18 -72.50 9.46 26.17
CA SER F 18 -72.93 9.77 24.78
C SER F 18 -73.78 8.66 24.17
N CYS F 19 -73.47 7.43 24.54
CA CYS F 19 -74.23 6.27 24.02
C CYS F 19 -75.53 6.06 24.79
N VAL F 20 -75.46 6.15 26.10
CA VAL F 20 -76.65 6.01 26.96
C VAL F 20 -77.73 7.07 26.65
N GLU F 21 -77.29 8.27 26.32
CA GLU F 21 -78.20 9.38 26.04
C GLU F 21 -78.44 9.64 24.57
N TYR F 22 -77.98 8.71 23.73
CA TYR F 22 -78.06 8.93 22.27
C TYR F 22 -79.52 9.17 21.84
N LYS F 23 -79.73 10.25 21.09
CA LYS F 23 -81.04 10.57 20.48
C LYS F 23 -80.84 10.74 18.96
N THR F 24 -81.81 10.29 18.20
CA THR F 24 -81.68 10.29 16.74
C THR F 24 -81.83 11.67 16.16
N ASN F 25 -81.30 11.84 14.97
CA ASN F 25 -81.45 13.09 14.19
C ASN F 25 -82.62 13.06 13.21
N VAL F 26 -83.34 11.96 13.19
CA VAL F 26 -84.39 11.74 12.20
C VAL F 26 -85.78 11.87 12.84
N CYS F 27 -86.66 12.56 12.14
CA CYS F 27 -88.09 12.56 12.52
C CYS F 27 -88.92 12.21 11.29
N PHE F 28 -90.18 11.89 11.53
CA PHE F 28 -91.07 11.42 10.48
C PHE F 28 -92.39 12.16 10.48
N THR F 29 -92.86 12.44 9.29
CA THR F 29 -94.18 13.04 9.12
C THR F 29 -94.72 12.63 7.77
N ASP F 30 -95.76 13.31 7.34
CA ASP F 30 -96.40 13.02 6.04
C ASP F 30 -96.77 14.31 5.35
N VAL F 31 -97.04 14.23 4.06
CA VAL F 31 -97.19 15.42 3.22
C VAL F 31 -98.27 16.38 3.72
N ALA F 32 -99.44 15.84 4.03
CA ALA F 32 -100.59 16.66 4.53
C ALA F 32 -100.25 17.31 5.87
N ALA F 33 -99.66 16.53 6.77
CA ALA F 33 -99.29 17.09 8.11
C ALA F 33 -98.24 18.19 7.93
N TYR F 34 -97.35 17.98 6.97
CA TYR F 34 -96.26 18.91 6.65
C TYR F 34 -96.80 20.25 6.11
N GLU F 35 -97.71 20.15 5.13
CA GLU F 35 -98.45 21.35 4.56
C GLU F 35 -99.14 22.11 5.70
N SER F 36 -99.75 21.36 6.60
CA SER F 36 -100.45 21.93 7.76
C SER F 36 -99.50 22.62 8.74
N ASN F 37 -98.37 22.00 9.05
CA ASN F 37 -97.44 22.54 10.09
C ASN F 37 -96.43 23.57 9.58
N GLN F 38 -96.10 23.49 8.31
CA GLN F 38 -95.05 24.34 7.73
C GLN F 38 -95.55 25.27 6.62
N LYS F 39 -96.76 25.02 6.17
CA LYS F 39 -97.51 25.97 5.30
C LYS F 39 -96.67 26.33 4.05
N GLY F 40 -96.02 25.32 3.49
CA GLY F 40 -95.19 25.51 2.25
C GLY F 40 -93.78 26.10 2.44
N VAL F 41 -93.39 26.29 3.69
CA VAL F 41 -92.04 26.80 4.01
C VAL F 41 -91.11 25.60 4.27
N LEU F 42 -90.13 25.45 3.40
CA LEU F 42 -89.12 24.38 3.56
C LEU F 42 -88.30 24.58 4.83
N SER F 43 -87.87 23.47 5.41
CA SER F 43 -87.11 23.48 6.65
C SER F 43 -85.74 24.15 6.50
N SER F 44 -85.21 24.10 5.28
CA SER F 44 -83.88 24.62 4.99
C SER F 44 -83.70 24.80 3.52
N GLY F 45 -82.48 25.17 3.13
CA GLY F 45 -82.13 25.37 1.69
C GLY F 45 -81.89 24.10 0.86
N LEU F 46 -82.14 22.94 1.47
CA LEU F 46 -82.00 21.67 0.76
C LEU F 46 -83.24 20.85 0.94
N ALA F 47 -83.72 20.33 -0.15
CA ALA F 47 -84.80 19.35 -0.12
C ALA F 47 -84.45 18.17 -1.00
N VAL F 48 -84.86 16.99 -0.52
CA VAL F 48 -84.56 15.72 -1.23
C VAL F 48 -85.85 15.07 -1.61
N LEU F 49 -85.91 14.60 -2.84
CA LEU F 49 -87.07 13.87 -3.33
C LEU F 49 -86.64 12.52 -3.89
N VAL F 50 -87.13 11.44 -3.27
CA VAL F 50 -86.71 10.08 -3.66
C VAL F 50 -87.85 9.12 -3.92
N GLY F 51 -87.80 8.49 -5.08
CA GLY F 51 -88.84 7.55 -5.46
C GLY F 51 -88.50 6.81 -6.73
N THR F 52 -89.35 5.88 -7.10
CA THR F 52 -89.18 5.13 -8.35
C THR F 52 -89.50 6.02 -9.57
N HIS F 53 -89.10 5.54 -10.73
CA HIS F 53 -89.35 6.23 -12.01
C HIS F 53 -90.85 6.59 -12.16
N LYS F 54 -91.70 5.61 -11.84
CA LYS F 54 -93.19 5.77 -11.91
C LYS F 54 -93.68 6.69 -10.79
N GLN F 55 -93.23 6.49 -9.57
CA GLN F 55 -93.68 7.34 -8.46
C GLN F 55 -93.37 8.82 -8.70
N LEU F 56 -92.20 9.07 -9.25
CA LEU F 56 -91.70 10.46 -9.53
C LEU F 56 -92.59 11.17 -10.56
N ARG F 57 -93.32 10.40 -11.34
CA ARG F 57 -94.19 10.92 -12.39
C ARG F 57 -95.69 10.90 -12.00
N ASP F 58 -95.98 10.50 -10.77
CA ASP F 58 -97.34 10.57 -10.24
C ASP F 58 -97.75 12.06 -10.18
N PRO F 59 -99.00 12.38 -10.58
CA PRO F 59 -99.52 13.76 -10.50
C PRO F 59 -99.37 14.42 -9.11
N ALA F 60 -99.49 13.63 -8.05
CA ALA F 60 -99.35 14.15 -6.66
C ALA F 60 -98.02 14.87 -6.39
N VAL F 61 -96.98 14.46 -7.11
CA VAL F 61 -95.62 15.03 -6.99
C VAL F 61 -95.63 16.53 -7.35
N GLN F 62 -96.39 16.87 -8.40
CA GLN F 62 -96.61 18.30 -8.82
C GLN F 62 -97.14 19.21 -7.72
N ARG F 63 -97.85 18.64 -6.78
CA ARG F 63 -98.43 19.43 -5.68
C ARG F 63 -97.49 19.57 -4.48
N LEU F 64 -96.26 19.07 -4.63
CA LEU F 64 -95.27 19.22 -3.54
C LEU F 64 -94.75 20.66 -3.53
N PRO F 65 -94.50 21.22 -2.34
CA PRO F 65 -94.21 22.65 -2.19
C PRO F 65 -93.01 23.20 -2.94
N PHE F 66 -92.09 22.31 -3.32
CA PHE F 66 -90.83 22.70 -4.01
C PHE F 66 -90.87 22.43 -5.49
N TYR F 67 -91.97 21.85 -5.95
CA TYR F 67 -92.06 21.45 -7.36
C TYR F 67 -92.14 22.65 -8.29
N ASN F 68 -91.42 22.57 -9.39
CA ASN F 68 -91.48 23.58 -10.44
C ASN F 68 -90.91 22.96 -11.72
N PRO F 69 -90.80 23.72 -12.81
CA PRO F 69 -90.35 23.08 -14.05
C PRO F 69 -88.92 22.54 -14.02
N ALA F 70 -88.10 23.12 -13.18
CA ALA F 70 -86.68 22.67 -13.06
C ALA F 70 -86.66 21.29 -12.43
N VAL F 71 -87.48 21.14 -11.42
CA VAL F 71 -87.63 19.88 -10.71
C VAL F 71 -88.17 18.82 -11.67
N ALA F 72 -89.11 19.23 -12.49
CA ALA F 72 -89.64 18.34 -13.55
C ALA F 72 -88.53 17.90 -14.48
N GLU F 73 -87.67 18.82 -14.82
CA GLU F 73 -86.53 18.52 -15.69
C GLU F 73 -85.50 17.56 -14.96
N ALA F 74 -85.31 17.79 -13.67
CA ALA F 74 -84.47 16.91 -12.85
C ALA F 74 -84.99 15.45 -12.92
N ILE F 75 -86.30 15.31 -12.87
CA ILE F 75 -86.96 14.00 -12.95
C ILE F 75 -86.69 13.35 -14.32
N GLU F 76 -86.63 14.14 -15.38
CA GLU F 76 -86.28 13.61 -16.73
C GLU F 76 -84.83 13.21 -16.87
N ARG F 77 -83.98 13.99 -16.23
CA ARG F 77 -82.52 13.86 -16.42
C ARG F 77 -81.81 12.88 -15.46
N VAL F 78 -82.41 12.63 -14.31
CA VAL F 78 -81.87 11.74 -13.30
C VAL F 78 -81.77 10.30 -13.87
N LYS F 79 -80.68 9.65 -13.52
CA LYS F 79 -80.44 8.25 -13.88
C LYS F 79 -80.91 7.33 -12.74
N GLU F 80 -81.36 6.15 -13.12
CA GLU F 80 -81.72 5.12 -12.14
C GLU F 80 -80.57 4.86 -11.18
N GLY F 81 -80.86 4.89 -9.90
CA GLY F 81 -79.83 4.75 -8.84
C GLY F 81 -78.95 5.96 -8.64
N GLY F 82 -79.25 7.02 -9.35
CA GLY F 82 -78.46 8.27 -9.29
C GLY F 82 -79.28 9.45 -8.75
N THR F 83 -78.59 10.57 -8.62
CA THR F 83 -79.20 11.82 -8.18
C THR F 83 -79.02 12.90 -9.23
N TYR F 84 -79.85 13.94 -9.09
CA TYR F 84 -79.81 15.13 -9.97
C TYR F 84 -80.38 16.31 -9.21
N GLY F 85 -79.58 17.35 -9.12
CA GLY F 85 -79.89 18.55 -8.29
C GLY F 85 -80.20 19.76 -9.16
N VAL F 86 -81.18 20.53 -8.71
CA VAL F 86 -81.57 21.81 -9.36
C VAL F 86 -81.85 22.87 -8.33
N LEU F 87 -81.46 24.09 -8.69
CA LEU F 87 -81.77 25.26 -7.86
C LEU F 87 -83.18 25.75 -8.16
N VAL F 88 -83.86 26.14 -7.10
CA VAL F 88 -85.17 26.84 -7.22
C VAL F 88 -85.08 28.18 -6.47
N GLU F 89 -85.20 29.24 -7.23
CA GLU F 89 -85.10 30.62 -6.69
C GLU F 89 -86.39 31.05 -6.00
N GLY F 90 -86.23 31.69 -4.86
CA GLY F 90 -87.36 32.33 -4.12
C GLY F 90 -88.41 31.35 -3.62
N LEU F 91 -87.92 30.21 -3.12
CA LEU F 91 -88.79 29.24 -2.47
C LEU F 91 -88.67 29.52 -1.03
N ALA F 92 -89.79 29.73 -0.40
CA ALA F 92 -89.81 30.02 1.04
C ALA F 92 -89.10 28.92 1.77
N ASN F 93 -88.19 29.29 2.63
CA ASN F 93 -87.54 28.32 3.51
C ASN F 93 -87.06 28.94 4.82
N ALA F 94 -87.01 28.12 5.86
CA ALA F 94 -86.73 28.60 7.23
C ALA F 94 -85.31 29.14 7.42
N ALA F 95 -84.40 28.72 6.56
CA ALA F 95 -83.00 29.26 6.59
C ALA F 95 -82.80 30.55 5.79
N GLY F 96 -83.85 30.98 5.13
CA GLY F 96 -83.82 32.25 4.37
C GLY F 96 -82.82 32.27 3.22
N SER F 97 -82.76 31.16 2.52
CA SER F 97 -81.73 30.94 1.49
C SER F 97 -82.31 31.44 0.18
N LYS F 98 -81.52 32.17 -0.58
CA LYS F 98 -82.00 32.79 -1.85
C LYS F 98 -82.46 31.68 -2.79
N PHE F 99 -81.67 30.63 -2.79
CA PHE F 99 -81.99 29.44 -3.58
C PHE F 99 -82.18 28.23 -2.68
N VAL F 100 -83.09 27.38 -3.10
CA VAL F 100 -83.24 26.06 -2.49
C VAL F 100 -82.76 25.06 -3.50
N ARG F 101 -81.90 24.16 -3.02
CA ARG F 101 -81.40 23.06 -3.89
C ARG F 101 -82.34 21.91 -3.67
N VAL F 102 -82.87 21.42 -4.76
CA VAL F 102 -83.73 20.22 -4.73
C VAL F 102 -82.95 19.08 -5.41
N VAL F 103 -82.72 18.02 -4.66
CA VAL F 103 -82.02 16.83 -5.19
C VAL F 103 -83.00 15.71 -5.38
N VAL F 104 -83.14 15.32 -6.64
CA VAL F 104 -84.02 14.18 -7.00
C VAL F 104 -83.16 12.90 -7.06
N GLY F 105 -83.71 11.81 -6.53
CA GLY F 105 -83.08 10.50 -6.60
C GLY F 105 -84.06 9.43 -7.08
N GLU F 106 -83.64 8.67 -8.09
CA GLU F 106 -84.48 7.59 -8.66
C GLU F 106 -84.10 6.20 -8.08
N VAL F 107 -85.08 5.60 -7.45
CA VAL F 107 -84.96 4.27 -6.87
C VAL F 107 -85.37 3.24 -7.92
N PRO F 108 -84.56 2.18 -8.09
CA PRO F 108 -84.99 1.15 -9.02
C PRO F 108 -86.21 0.39 -8.53
N THR F 109 -86.96 -0.18 -9.46
CA THR F 109 -88.04 -1.12 -9.10
C THR F 109 -87.57 -2.59 -9.15
N LYS F 110 -86.54 -2.88 -9.93
CA LYS F 110 -85.91 -4.20 -9.98
C LYS F 110 -85.60 -4.66 -8.55
N ALA F 111 -86.07 -5.84 -8.21
CA ALA F 111 -85.81 -6.46 -6.90
C ALA F 111 -86.06 -7.95 -7.00
N SER F 112 -85.03 -8.74 -6.75
CA SER F 112 -85.10 -10.19 -6.85
C SER F 112 -85.94 -10.70 -5.70
N ARG F 113 -86.30 -11.97 -5.75
CA ARG F 113 -87.11 -12.61 -4.70
C ARG F 113 -86.43 -12.68 -3.34
N ASN F 114 -85.12 -12.45 -3.32
CA ASN F 114 -84.37 -12.43 -2.04
C ASN F 114 -84.13 -11.03 -1.49
N ASN F 115 -84.74 -10.06 -2.12
CA ASN F 115 -84.53 -8.67 -1.76
C ASN F 115 -85.81 -8.00 -1.24
N CYS F 116 -85.63 -6.84 -0.63
CA CYS F 116 -86.74 -5.96 -0.23
C CYS F 116 -87.23 -5.16 -1.46
N PRO F 117 -88.52 -5.29 -1.86
CA PRO F 117 -89.05 -4.65 -3.07
C PRO F 117 -88.90 -3.12 -3.10
N ALA F 118 -88.90 -2.51 -1.92
CA ALA F 118 -88.74 -1.05 -1.80
C ALA F 118 -87.29 -0.56 -2.06
N ARG F 119 -86.38 -1.52 -2.16
CA ARG F 119 -84.95 -1.22 -2.40
C ARG F 119 -84.39 -0.12 -1.49
N PRO F 120 -84.50 -0.30 -0.18
CA PRO F 120 -84.00 0.69 0.76
C PRO F 120 -82.50 0.87 0.67
N ASP F 121 -81.82 -0.13 0.12
CA ASP F 121 -80.37 -0.03 -0.11
C ASP F 121 -80.05 1.21 -0.96
N VAL F 122 -80.86 1.42 -1.98
CA VAL F 122 -80.64 2.54 -2.90
C VAL F 122 -81.13 3.83 -2.26
N VAL F 123 -82.23 3.74 -1.54
CA VAL F 123 -82.76 4.92 -0.79
C VAL F 123 -81.62 5.51 0.08
N THR F 124 -80.95 4.65 0.84
CA THR F 124 -79.83 5.06 1.71
C THR F 124 -78.74 5.78 0.89
N ALA F 125 -78.37 5.17 -0.21
CA ALA F 125 -77.29 5.71 -1.08
C ALA F 125 -77.68 7.07 -1.67
N LEU F 126 -78.91 7.16 -2.13
CA LEU F 126 -79.41 8.42 -2.72
C LEU F 126 -79.42 9.57 -1.71
N VAL F 127 -79.92 9.30 -0.53
CA VAL F 127 -80.02 10.35 0.49
C VAL F 127 -78.61 10.73 0.97
N THR F 128 -77.76 9.72 1.11
CA THR F 128 -76.34 9.96 1.46
C THR F 128 -75.72 10.94 0.45
N ALA F 129 -75.90 10.65 -0.82
CA ALA F 129 -75.34 11.49 -1.89
C ALA F 129 -75.92 12.93 -1.82
N ALA F 130 -77.21 13.01 -1.67
CA ALA F 130 -77.93 14.30 -1.61
C ALA F 130 -77.48 15.16 -0.43
N LEU F 131 -77.25 14.52 0.70
CA LEU F 131 -76.79 15.24 1.91
C LEU F 131 -75.39 15.80 1.81
N ASP F 132 -74.64 15.32 0.83
CA ASP F 132 -73.32 15.90 0.55
C ASP F 132 -73.44 17.34 0.02
N GLU F 133 -74.64 17.74 -0.40
CA GLU F 133 -74.89 19.12 -0.90
C GLU F 133 -75.31 20.10 0.20
N VAL F 134 -75.36 19.62 1.43
CA VAL F 134 -75.66 20.48 2.56
C VAL F 134 -74.61 21.58 2.64
N LYS F 135 -75.08 22.83 2.74
CA LYS F 135 -74.21 24.06 2.74
C LYS F 135 -73.72 24.42 4.15
N GLU F 136 -74.61 24.34 5.12
CA GLU F 136 -74.31 24.74 6.52
C GLU F 136 -74.71 23.63 7.48
N PRO F 137 -74.22 23.68 8.73
CA PRO F 137 -74.56 22.63 9.67
C PRO F 137 -75.76 23.01 10.55
N ASN F 138 -76.19 22.05 11.37
CA ASN F 138 -77.33 22.22 12.30
C ASN F 138 -78.61 22.65 11.57
N THR F 139 -78.76 22.16 10.35
CA THR F 139 -79.99 22.39 9.56
C THR F 139 -80.85 21.15 9.57
N THR F 140 -82.10 21.36 9.21
CA THR F 140 -83.07 20.30 9.01
C THR F 140 -83.31 20.15 7.52
N VAL F 141 -83.12 18.94 7.02
CA VAL F 141 -83.32 18.62 5.59
C VAL F 141 -84.60 17.81 5.40
N ASP F 142 -85.46 18.29 4.52
CA ASP F 142 -86.72 17.63 4.26
C ASP F 142 -86.44 16.56 3.25
N VAL F 143 -86.74 15.34 3.63
CA VAL F 143 -86.57 14.18 2.71
C VAL F 143 -87.95 13.62 2.36
N PHE F 144 -88.36 13.95 1.16
CA PHE F 144 -89.67 13.54 0.68
C PHE F 144 -89.50 12.20 0.01
N VAL F 145 -90.15 11.20 0.58
CA VAL F 145 -90.09 9.84 0.02
C VAL F 145 -91.42 9.48 -0.55
N LEU F 146 -91.40 8.89 -1.72
CA LEU F 146 -92.66 8.52 -2.43
C LEU F 146 -93.13 7.08 -2.13
N SER F 147 -92.33 6.34 -1.39
CA SER F 147 -92.72 5.00 -0.91
C SER F 147 -93.43 5.11 0.41
N ASN F 148 -94.37 4.21 0.65
CA ASN F 148 -95.04 4.07 1.94
C ASN F 148 -94.55 2.87 2.73
N ALA F 149 -93.43 2.32 2.31
CA ALA F 149 -92.81 1.20 3.03
C ALA F 149 -92.05 1.76 4.26
N VAL F 150 -92.79 2.08 5.29
CA VAL F 150 -92.28 2.99 6.31
C VAL F 150 -91.11 2.44 7.12
N LEU F 151 -91.18 1.19 7.48
CA LEU F 151 -90.12 0.58 8.34
C LEU F 151 -88.77 0.47 7.63
N PRO F 152 -88.73 -0.16 6.44
CA PRO F 152 -87.47 -0.15 5.74
C PRO F 152 -86.91 1.22 5.39
N ILE F 153 -87.79 2.15 5.05
CA ILE F 153 -87.34 3.51 4.74
C ILE F 153 -86.79 4.18 5.99
N ALA F 154 -87.45 3.97 7.10
CA ALA F 154 -86.98 4.58 8.36
C ALA F 154 -85.57 4.16 8.71
N ALA F 155 -85.32 2.87 8.62
CA ALA F 155 -83.97 2.33 8.89
C ALA F 155 -82.97 2.78 7.85
N ALA F 156 -83.41 2.83 6.61
CA ALA F 156 -82.56 3.25 5.49
C ALA F 156 -82.06 4.67 5.65
N VAL F 157 -82.95 5.54 6.08
CA VAL F 157 -82.59 6.95 6.30
C VAL F 157 -81.75 7.10 7.58
N ALA F 158 -82.10 6.32 8.59
CA ALA F 158 -81.33 6.30 9.85
C ALA F 158 -79.86 5.98 9.61
N ARG F 159 -79.61 5.08 8.68
CA ARG F 159 -78.22 4.60 8.42
C ARG F 159 -77.48 5.42 7.34
N CYS F 160 -78.16 6.39 6.76
CA CYS F 160 -77.60 7.14 5.67
C CYS F 160 -76.78 8.33 6.17
N GLY F 161 -76.03 8.90 5.24
CA GLY F 161 -75.29 10.14 5.47
C GLY F 161 -74.14 10.00 6.44
N LYS F 162 -73.73 11.11 7.01
CA LYS F 162 -72.64 11.14 7.95
C LYS F 162 -73.02 10.46 9.25
N HIS F 163 -72.07 9.79 9.86
CA HIS F 163 -72.33 9.00 11.05
C HIS F 163 -72.28 9.83 12.33
N ASN F 164 -73.13 9.46 13.28
CA ASN F 164 -73.16 10.14 14.56
C ASN F 164 -71.87 9.99 15.32
N PHE F 165 -71.19 8.87 15.11
CA PHE F 165 -69.83 8.70 15.68
C PHE F 165 -68.81 9.44 14.83
N SER F 166 -68.05 10.31 15.49
CA SER F 166 -66.97 11.02 14.82
C SER F 166 -65.89 11.48 15.77
N ALA F 167 -64.67 11.47 15.25
CA ALA F 167 -63.48 12.01 15.95
C ALA F 167 -62.86 13.15 15.17
N LYS F 168 -63.52 13.58 14.11
CA LYS F 168 -63.01 14.66 13.28
C LYS F 168 -63.20 16.06 13.95
N ASP F 169 -62.26 16.95 13.68
CA ASP F 169 -62.41 18.41 13.95
C ASP F 169 -62.85 18.71 15.37
N GLY F 170 -62.14 18.17 16.34
CA GLY F 170 -62.41 18.40 17.77
C GLY F 170 -63.54 17.61 18.40
N ALA F 171 -64.24 16.79 17.63
CA ALA F 171 -65.38 16.00 18.16
C ALA F 171 -65.02 15.10 19.32
N ALA F 172 -63.75 14.71 19.38
CA ALA F 172 -63.25 13.95 20.54
C ALA F 172 -63.49 14.65 21.87
N ALA F 173 -63.44 15.97 21.84
CA ALA F 173 -63.71 16.79 23.07
C ALA F 173 -65.22 16.88 23.37
N ALA F 174 -66.05 16.49 22.40
CA ALA F 174 -67.52 16.46 22.54
C ALA F 174 -68.08 15.04 22.65
N ALA F 175 -67.33 14.21 23.33
CA ALA F 175 -67.68 12.76 23.52
C ALA F 175 -67.93 12.00 22.18
N TYR F 176 -67.26 12.44 21.15
CA TYR F 176 -67.30 11.81 19.83
C TYR F 176 -68.71 11.85 19.20
N ASN F 177 -69.45 12.88 19.56
CA ASN F 177 -70.71 13.21 18.86
C ASN F 177 -70.38 14.08 17.66
N SER F 178 -70.73 13.63 16.48
CA SER F 178 -70.42 14.35 15.25
C SER F 178 -71.13 15.70 15.23
N GLY F 179 -70.42 16.72 14.75
CA GLY F 179 -71.02 18.02 14.47
C GLY F 179 -71.45 18.19 13.00
N LYS F 180 -71.22 17.14 12.22
CA LYS F 180 -71.49 17.14 10.78
C LYS F 180 -72.83 16.53 10.33
N VAL F 181 -73.61 16.12 11.30
CA VAL F 181 -74.87 15.43 11.01
C VAL F 181 -75.98 16.47 10.82
N SER F 182 -76.78 16.28 9.78
CA SER F 182 -78.00 17.07 9.57
C SER F 182 -79.25 16.44 10.22
N ARG F 183 -80.11 17.25 10.80
CA ARG F 183 -81.45 16.77 11.23
C ARG F 183 -82.19 16.39 9.93
N LEU F 184 -82.84 15.24 9.91
CA LEU F 184 -83.58 14.79 8.72
C LEU F 184 -85.07 14.61 9.00
N GLN F 185 -85.91 15.24 8.18
CA GLN F 185 -87.36 15.10 8.33
C GLN F 185 -87.90 14.34 7.16
N VAL F 186 -88.28 13.11 7.44
CA VAL F 186 -88.77 12.22 6.40
C VAL F 186 -90.25 12.49 6.24
N VAL F 187 -90.62 12.78 5.01
CA VAL F 187 -92.00 13.12 4.68
C VAL F 187 -92.62 12.04 3.78
N PHE F 188 -93.39 11.17 4.40
CA PHE F 188 -94.09 10.09 3.67
C PHE F 188 -95.30 10.64 2.94
N PRO F 189 -95.77 9.95 1.90
CA PRO F 189 -96.98 10.45 1.19
C PRO F 189 -98.23 10.45 2.09
N GLU F 190 -98.37 9.39 2.88
CA GLU F 190 -99.51 9.22 3.78
C GLU F 190 -99.04 9.18 5.19
N PRO F 191 -99.92 9.50 6.16
CA PRO F 191 -99.57 9.20 7.53
C PRO F 191 -99.05 7.75 7.68
N PRO F 192 -97.92 7.59 8.35
CA PRO F 192 -97.31 6.27 8.36
C PRO F 192 -98.08 5.25 9.17
N ALA F 193 -98.17 4.05 8.61
CA ALA F 193 -98.87 2.93 9.29
C ALA F 193 -98.31 2.66 10.69
N ILE F 194 -97.02 2.93 10.83
CA ILE F 194 -96.36 2.84 12.14
C ILE F 194 -96.19 4.27 12.63
N PRO F 195 -96.61 4.58 13.85
CA PRO F 195 -96.51 5.96 14.35
C PRO F 195 -95.10 6.55 14.27
N PRO F 196 -95.00 7.85 13.97
CA PRO F 196 -93.71 8.54 13.93
C PRO F 196 -92.78 8.32 15.11
N LYS F 197 -93.30 8.37 16.33
CA LYS F 197 -92.46 8.18 17.53
C LYS F 197 -91.89 6.72 17.58
N ASP F 198 -92.67 5.77 17.08
CA ASP F 198 -92.22 4.37 16.95
C ASP F 198 -91.12 4.24 15.89
N LEU F 199 -91.31 4.95 14.79
CA LEU F 199 -90.27 5.00 13.75
C LEU F 199 -88.98 5.64 14.30
N GLU F 200 -89.14 6.67 15.11
CA GLU F 200 -87.98 7.30 15.74
C GLU F 200 -87.22 6.31 16.59
N ALA F 201 -87.95 5.49 17.32
CA ALA F 201 -87.31 4.53 18.20
C ALA F 201 -86.45 3.52 17.37
N VAL F 202 -86.99 3.13 16.24
CA VAL F 202 -86.31 2.21 15.31
C VAL F 202 -85.05 2.89 14.77
N ALA F 203 -85.21 4.10 14.29
CA ALA F 203 -84.09 4.85 13.74
C ALA F 203 -83.01 5.08 14.79
N THR F 204 -83.44 5.33 16.01
CA THR F 204 -82.54 5.52 17.15
C THR F 204 -81.69 4.26 17.40
N SER F 205 -82.35 3.12 17.36
CA SER F 205 -81.66 1.83 17.55
C SER F 205 -80.69 1.49 16.40
N THR F 206 -81.08 1.80 15.18
CA THR F 206 -80.18 1.65 14.02
C THR F 206 -78.91 2.46 14.22
N GLN F 207 -79.08 3.68 14.67
CA GLN F 207 -77.97 4.63 14.84
C GLN F 207 -77.12 4.39 16.07
N LEU F 208 -77.74 3.95 17.15
CA LEU F 208 -76.97 3.55 18.35
C LEU F 208 -76.10 2.34 18.01
N CYS F 209 -76.72 1.38 17.32
CA CYS F 209 -76.00 0.20 16.84
C CYS F 209 -74.79 0.62 15.98
N GLN F 210 -75.05 1.52 15.06
CA GLN F 210 -74.02 2.07 14.20
C GLN F 210 -72.90 2.72 15.03
N ARG F 211 -73.30 3.47 16.04
CA ARG F 211 -72.36 4.16 16.90
C ARG F 211 -71.43 3.19 17.63
N LEU F 212 -72.01 2.17 18.22
CA LEU F 212 -71.26 1.15 18.96
C LEU F 212 -70.24 0.40 18.05
N VAL F 213 -70.69 0.09 16.86
CA VAL F 213 -69.89 -0.65 15.89
C VAL F 213 -68.75 0.21 15.33
N ASP F 214 -69.10 1.41 14.90
CA ASP F 214 -68.11 2.43 14.44
C ASP F 214 -67.03 2.72 15.51
N ALA F 215 -67.43 2.75 16.76
CA ALA F 215 -66.52 3.18 17.82
C ALA F 215 -65.30 2.29 17.85
N PRO F 216 -64.12 2.89 17.98
CA PRO F 216 -62.93 2.10 18.08
C PRO F 216 -62.83 1.40 19.42
N PRO F 217 -62.05 0.32 19.49
CA PRO F 217 -62.00 -0.43 20.73
C PRO F 217 -61.36 0.28 21.91
N ASN F 218 -60.63 1.35 21.65
CA ASN F 218 -60.09 2.17 22.77
C ASN F 218 -61.22 2.95 23.50
N LEU F 219 -62.36 3.08 22.85
CA LEU F 219 -63.57 3.69 23.45
C LEU F 219 -64.65 2.66 23.85
N LEU F 220 -64.95 1.74 22.94
CA LEU F 220 -65.89 0.67 23.22
C LEU F 220 -65.15 -0.59 23.63
N THR F 221 -65.09 -0.78 24.92
CA THR F 221 -64.41 -1.89 25.54
C THR F 221 -65.43 -2.84 26.14
N THR F 222 -64.95 -3.97 26.68
CA THR F 222 -65.86 -4.87 27.37
C THR F 222 -66.54 -4.13 28.55
N ALA F 223 -65.79 -3.26 29.20
CA ALA F 223 -66.28 -2.49 30.36
C ALA F 223 -67.25 -1.38 29.97
N THR F 224 -66.90 -0.60 28.96
CA THR F 224 -67.79 0.49 28.57
C THR F 224 -69.08 -0.04 27.93
N PHE F 225 -69.00 -1.13 27.21
CA PHE F 225 -70.23 -1.72 26.61
C PHE F 225 -71.15 -2.14 27.77
N THR F 226 -70.56 -2.78 28.76
CA THR F 226 -71.30 -3.21 29.95
C THR F 226 -71.95 -2.02 30.67
N GLU F 227 -71.19 -0.95 30.83
CA GLU F 227 -71.71 0.28 31.46
C GLU F 227 -72.85 0.89 30.68
N ILE F 228 -72.72 0.86 29.37
CA ILE F 228 -73.80 1.36 28.48
C ILE F 228 -75.08 0.57 28.72
N ALA F 229 -74.94 -0.72 28.79
CA ALA F 229 -76.11 -1.60 29.00
C ALA F 229 -76.73 -1.31 30.36
N GLN F 230 -75.88 -1.17 31.37
CA GLN F 230 -76.35 -0.81 32.73
C GLN F 230 -77.08 0.53 32.75
N GLY F 231 -76.55 1.48 32.02
CA GLY F 231 -77.18 2.82 31.91
C GLY F 231 -78.59 2.73 31.34
N TYR F 232 -78.74 2.00 30.25
CA TYR F 232 -80.08 1.79 29.65
C TYR F 232 -80.97 1.02 30.62
N ALA F 233 -80.40 0.08 31.36
CA ALA F 233 -81.18 -0.67 32.35
C ALA F 233 -81.79 0.24 33.44
N LYS F 234 -80.98 1.16 33.96
CA LYS F 234 -81.49 2.15 34.99
C LYS F 234 -82.58 3.00 34.34
N ALA F 235 -82.31 3.50 33.15
CA ALA F 235 -83.22 4.45 32.48
C ALA F 235 -84.56 3.82 32.08
N LEU F 236 -84.52 2.61 31.53
CA LEU F 236 -85.74 1.97 30.98
C LEU F 236 -86.35 0.94 31.92
N GLY F 237 -85.67 0.64 33.00
CA GLY F 237 -86.20 -0.25 34.04
C GLY F 237 -86.22 -1.73 33.74
N PHE F 238 -85.23 -2.20 32.99
CA PHE F 238 -85.13 -3.67 32.74
C PHE F 238 -84.02 -4.23 33.59
N ASP F 239 -83.99 -5.55 33.71
CA ASP F 239 -83.00 -6.25 34.58
C ASP F 239 -81.68 -6.51 33.85
N VAL F 240 -80.60 -6.40 34.60
CA VAL F 240 -79.24 -6.63 34.05
C VAL F 240 -78.47 -7.53 35.00
N ASP F 241 -77.89 -8.56 34.43
CA ASP F 241 -77.04 -9.54 35.15
C ASP F 241 -75.67 -9.56 34.48
N VAL F 242 -74.62 -9.42 35.27
CA VAL F 242 -73.26 -9.37 34.76
C VAL F 242 -72.41 -10.41 35.44
N ILE F 243 -71.81 -11.28 34.62
CA ILE F 243 -70.81 -12.22 35.14
C ILE F 243 -69.47 -11.79 34.57
N CYS F 244 -68.56 -11.42 35.45
CA CYS F 244 -67.36 -10.67 35.08
C CYS F 244 -66.06 -11.38 35.41
N GLY F 245 -65.17 -11.36 34.44
CA GLY F 245 -63.78 -11.74 34.63
C GLY F 245 -63.57 -13.13 35.20
N ASP F 246 -62.79 -13.20 36.26
CA ASP F 246 -62.48 -14.50 36.90
C ASP F 246 -63.72 -15.26 37.42
N ASP F 247 -64.80 -14.54 37.69
CA ASP F 247 -66.08 -15.22 38.07
C ASP F 247 -66.61 -16.11 36.99
N LEU F 248 -66.29 -15.78 35.73
CA LEU F 248 -66.67 -16.63 34.60
C LEU F 248 -66.00 -17.99 34.72
N CYS F 249 -64.74 -17.96 35.04
CA CYS F 249 -63.98 -19.20 35.28
C CYS F 249 -64.57 -19.97 36.46
N GLU F 250 -64.76 -19.30 37.60
CA GLU F 250 -65.29 -19.99 38.85
C GLU F 250 -66.65 -20.62 38.62
N ARG F 251 -67.43 -19.98 37.77
CA ARG F 251 -68.79 -20.47 37.46
C ARG F 251 -68.91 -21.39 36.24
N GLY F 252 -67.78 -21.82 35.70
CA GLY F 252 -67.76 -22.87 34.62
C GLY F 252 -67.90 -22.34 33.19
N TYR F 253 -67.83 -21.03 33.02
CA TYR F 253 -67.97 -20.40 31.68
C TYR F 253 -66.58 -20.36 31.01
N GLY F 254 -66.06 -21.54 30.75
CA GLY F 254 -64.68 -21.70 30.28
C GLY F 254 -64.42 -21.11 28.89
N GLY F 255 -65.46 -21.09 28.07
CA GLY F 255 -65.33 -20.60 26.70
C GLY F 255 -65.08 -19.10 26.63
N ILE F 256 -66.02 -18.33 27.12
CA ILE F 256 -65.88 -16.88 27.15
C ILE F 256 -64.71 -16.42 28.07
N TYR F 257 -64.52 -17.11 29.18
CA TYR F 257 -63.38 -16.82 30.05
C TYR F 257 -62.06 -16.99 29.31
N SER F 258 -61.88 -18.14 28.68
CA SER F 258 -60.61 -18.46 28.00
C SER F 258 -60.31 -17.49 26.85
N VAL F 259 -61.32 -17.17 26.07
CA VAL F 259 -61.17 -16.25 24.95
C VAL F 259 -60.74 -14.88 25.44
N GLY F 260 -61.38 -14.43 26.51
CA GLY F 260 -61.25 -13.02 26.97
C GLY F 260 -60.19 -12.72 27.99
N LYS F 261 -59.58 -13.76 28.55
CA LYS F 261 -58.71 -13.59 29.74
C LYS F 261 -57.36 -12.91 29.50
N ALA F 262 -56.91 -12.92 28.26
CA ALA F 262 -55.60 -12.29 27.94
C ALA F 262 -55.68 -10.76 27.91
N ALA F 263 -56.89 -10.26 27.73
CA ALA F 263 -57.11 -8.84 27.49
C ALA F 263 -56.89 -7.98 28.72
N PHE F 264 -56.66 -6.71 28.46
CA PHE F 264 -56.55 -5.70 29.50
C PHE F 264 -57.88 -5.56 30.30
N GLU F 265 -58.99 -5.43 29.58
CA GLU F 265 -60.34 -5.38 30.19
C GLU F 265 -60.93 -6.80 30.23
N ALA F 266 -61.52 -7.14 31.36
CA ALA F 266 -62.01 -8.48 31.60
C ALA F 266 -63.24 -8.81 30.71
N PRO F 267 -63.40 -10.09 30.36
CA PRO F 267 -64.60 -10.48 29.66
C PRO F 267 -65.81 -10.44 30.57
N ARG F 268 -66.98 -10.26 29.96
CA ARG F 268 -68.25 -10.23 30.69
C ARG F 268 -69.31 -10.92 29.91
N LEU F 269 -70.08 -11.70 30.63
CA LEU F 269 -71.36 -12.25 30.12
C LEU F 269 -72.48 -11.42 30.72
N VAL F 270 -73.08 -10.61 29.87
CA VAL F 270 -74.08 -9.64 30.28
C VAL F 270 -75.45 -10.09 29.77
N THR F 271 -76.35 -10.38 30.71
CA THR F 271 -77.72 -10.76 30.35
C THR F 271 -78.75 -9.70 30.79
N LEU F 272 -79.55 -9.27 29.83
CA LEU F 272 -80.61 -8.32 30.04
C LEU F 272 -81.96 -9.06 29.93
N LEU F 273 -82.91 -8.68 30.78
CA LEU F 273 -84.29 -9.27 30.79
C LEU F 273 -85.40 -8.23 30.66
N TYR F 274 -86.32 -8.56 29.78
CA TYR F 274 -87.52 -7.77 29.56
C TYR F 274 -88.71 -8.70 29.50
N THR F 275 -89.64 -8.48 30.41
CA THR F 275 -90.91 -9.22 30.43
C THR F 275 -92.03 -8.22 30.26
N PRO F 276 -92.86 -8.37 29.21
CA PRO F 276 -93.92 -7.40 28.98
C PRO F 276 -95.05 -7.56 29.98
N LYS F 277 -95.87 -6.51 30.08
CA LYS F 277 -97.01 -6.49 31.03
C LYS F 277 -98.01 -7.62 30.74
N GLY F 278 -98.29 -7.92 29.49
CA GLY F 278 -99.29 -8.96 29.20
C GLY F 278 -98.73 -10.37 29.21
N THR F 279 -99.56 -11.30 28.73
CA THR F 279 -99.14 -12.66 28.34
C THR F 279 -98.25 -12.48 27.04
N PRO F 280 -96.95 -12.88 27.07
CA PRO F 280 -96.12 -12.69 25.89
C PRO F 280 -96.54 -13.58 24.74
N VAL F 281 -96.42 -13.08 23.53
CA VAL F 281 -96.70 -13.92 22.32
C VAL F 281 -95.63 -15.03 22.09
N LYS F 282 -94.42 -14.81 22.62
CA LYS F 282 -93.31 -15.79 22.62
C LYS F 282 -92.28 -15.43 23.65
N LYS F 283 -91.51 -16.43 24.01
CA LYS F 283 -90.28 -16.22 24.79
C LYS F 283 -89.05 -16.42 23.89
N VAL F 284 -88.27 -15.35 23.75
CA VAL F 284 -87.13 -15.33 22.83
C VAL F 284 -85.87 -14.93 23.56
N SER F 285 -84.84 -15.74 23.40
CA SER F 285 -83.49 -15.45 23.95
C SER F 285 -82.56 -15.03 22.83
N LEU F 286 -82.00 -13.85 23.00
CA LEU F 286 -81.05 -13.27 22.07
C LEU F 286 -79.66 -13.43 22.60
N VAL F 287 -78.72 -13.80 21.72
CA VAL F 287 -77.30 -13.99 22.12
C VAL F 287 -76.42 -13.35 21.08
N GLY F 288 -75.55 -12.45 21.51
CA GLY F 288 -74.74 -11.68 20.60
C GLY F 288 -73.26 -11.79 20.81
N LYS F 289 -72.53 -11.91 19.71
CA LYS F 289 -71.03 -12.00 19.73
C LYS F 289 -70.55 -10.60 19.96
N GLY F 290 -70.02 -10.38 21.14
CA GLY F 290 -69.51 -9.05 21.50
C GLY F 290 -68.00 -8.96 21.62
N ILE F 291 -67.34 -9.32 20.53
CA ILE F 291 -65.87 -9.28 20.49
C ILE F 291 -65.50 -7.86 20.13
N VAL F 292 -65.15 -7.11 21.15
CA VAL F 292 -64.86 -5.65 21.02
C VAL F 292 -63.69 -5.41 20.09
N TYR F 293 -62.78 -6.37 20.09
CA TYR F 293 -61.71 -6.43 19.09
C TYR F 293 -61.18 -7.84 18.96
N ASP F 294 -60.99 -8.25 17.72
CA ASP F 294 -60.54 -9.62 17.35
C ASP F 294 -59.16 -9.48 16.71
N CYS F 295 -58.12 -9.56 17.53
CA CYS F 295 -56.74 -9.55 16.97
C CYS F 295 -56.35 -10.95 16.42
N GLY F 296 -57.19 -11.94 16.73
CA GLY F 296 -56.94 -13.34 16.40
C GLY F 296 -56.45 -14.20 17.54
N GLY F 297 -56.00 -13.51 18.56
CA GLY F 297 -55.27 -14.15 19.69
C GLY F 297 -53.89 -14.62 19.20
N LEU F 298 -53.43 -15.73 19.76
CA LEU F 298 -52.13 -16.31 19.36
C LEU F 298 -52.07 -16.62 17.86
N ALA F 299 -53.23 -16.96 17.31
CA ALA F 299 -53.45 -17.10 15.87
C ALA F 299 -53.66 -15.69 15.27
N LEU F 300 -52.60 -14.92 15.33
CA LEU F 300 -52.65 -13.48 15.05
C LEU F 300 -53.02 -13.16 13.62
N LYS F 301 -53.95 -12.24 13.45
CA LYS F 301 -54.34 -11.79 12.11
C LYS F 301 -53.27 -10.92 11.51
N PRO F 302 -53.05 -11.01 10.20
CA PRO F 302 -52.32 -9.96 9.51
C PRO F 302 -53.07 -8.62 9.62
N ALA F 303 -52.32 -7.52 9.47
CA ALA F 303 -52.87 -6.18 9.76
C ALA F 303 -54.07 -5.79 8.89
N ASP F 304 -54.02 -6.15 7.63
CA ASP F 304 -55.10 -5.83 6.67
C ASP F 304 -56.43 -6.54 7.04
N TYR F 305 -56.34 -7.73 7.57
CA TYR F 305 -57.54 -8.45 8.08
C TYR F 305 -57.95 -7.98 9.47
N MET F 306 -56.98 -7.56 10.27
CA MET F 306 -57.24 -7.10 11.67
C MET F 306 -57.93 -5.75 11.71
N LYS F 307 -57.64 -4.94 10.71
CA LYS F 307 -58.33 -3.66 10.49
C LYS F 307 -59.85 -3.94 10.38
N LEU F 308 -60.63 -3.10 11.02
CA LEU F 308 -62.12 -3.29 11.02
C LEU F 308 -62.65 -4.41 11.93
N MET F 309 -61.78 -5.06 12.70
CA MET F 309 -62.23 -6.03 13.73
C MET F 309 -62.81 -5.36 15.00
N LYS F 310 -62.78 -4.03 15.05
CA LYS F 310 -63.66 -3.26 15.98
C LYS F 310 -65.15 -3.54 15.67
N HIS F 311 -65.44 -3.96 14.43
CA HIS F 311 -66.81 -4.34 14.03
C HIS F 311 -67.26 -5.70 14.58
N ASP F 312 -66.35 -6.38 15.29
CA ASP F 312 -66.57 -7.78 15.69
C ASP F 312 -67.56 -7.93 16.86
N MET F 313 -68.05 -6.79 17.33
CA MET F 313 -69.12 -6.74 18.33
C MET F 313 -70.47 -6.37 17.69
N GLY F 314 -70.50 -6.40 16.36
CA GLY F 314 -71.70 -6.02 15.60
C GLY F 314 -72.95 -6.84 15.94
N GLY F 315 -72.75 -8.11 16.24
CA GLY F 315 -73.85 -8.99 16.62
C GLY F 315 -74.39 -8.63 17.98
N ALA F 316 -73.48 -8.32 18.91
CA ALA F 316 -73.88 -7.89 20.28
C ALA F 316 -74.61 -6.53 20.24
N ALA F 317 -74.11 -5.62 19.44
CA ALA F 317 -74.80 -4.36 19.20
C ALA F 317 -76.20 -4.57 18.60
N ALA F 318 -76.29 -5.50 17.66
CA ALA F 318 -77.56 -5.79 16.97
C ALA F 318 -78.65 -6.30 17.92
N VAL F 319 -78.30 -7.30 18.70
CA VAL F 319 -79.24 -7.84 19.69
C VAL F 319 -79.52 -6.83 20.81
N PHE F 320 -78.50 -6.11 21.22
CA PHE F 320 -78.68 -5.08 22.27
C PHE F 320 -79.70 -4.04 21.85
N CYS F 321 -79.54 -3.53 20.65
CA CYS F 321 -80.41 -2.43 20.16
C CYS F 321 -81.79 -2.94 19.79
N GLY F 322 -81.89 -4.15 19.26
CA GLY F 322 -83.18 -4.79 18.98
C GLY F 322 -83.94 -4.94 20.30
N PHE F 323 -83.21 -5.34 21.32
CA PHE F 323 -83.76 -5.46 22.68
C PHE F 323 -84.29 -4.08 23.18
N LEU F 324 -83.48 -3.05 22.98
CA LEU F 324 -83.90 -1.70 23.39
C LEU F 324 -85.19 -1.28 22.71
N THR F 325 -85.28 -1.55 21.42
CA THR F 325 -86.44 -1.16 20.68
C THR F 325 -87.67 -1.87 21.25
N ALA F 326 -87.54 -3.15 21.53
CA ALA F 326 -88.63 -3.95 22.08
C ALA F 326 -89.10 -3.38 23.42
N VAL F 327 -88.15 -2.95 24.25
CA VAL F 327 -88.48 -2.32 25.56
C VAL F 327 -89.15 -0.94 25.35
N ARG F 328 -88.56 -0.13 24.48
CA ARG F 328 -89.09 1.21 24.22
C ARG F 328 -90.49 1.19 23.60
N LEU F 329 -90.73 0.29 22.69
CA LEU F 329 -92.07 0.15 22.04
C LEU F 329 -92.99 -0.80 22.76
N GLN F 330 -92.51 -1.36 23.85
CA GLN F 330 -93.27 -2.35 24.65
C GLN F 330 -93.87 -3.45 23.77
N GLN F 331 -93.03 -4.02 22.93
CA GLN F 331 -93.46 -5.16 22.12
C GLN F 331 -93.79 -6.32 23.05
N PRO F 332 -94.80 -7.13 22.70
CA PRO F 332 -95.28 -8.18 23.59
C PRO F 332 -94.49 -9.50 23.49
N VAL F 333 -93.18 -9.39 23.57
CA VAL F 333 -92.28 -10.54 23.53
C VAL F 333 -91.46 -10.56 24.80
N GLN F 334 -91.39 -11.71 25.44
CA GLN F 334 -90.52 -11.85 26.57
C GLN F 334 -89.12 -12.12 26.03
N LEU F 335 -88.16 -11.31 26.47
CA LEU F 335 -86.79 -11.33 25.92
C LEU F 335 -85.74 -11.47 26.96
N SER F 336 -84.77 -12.33 26.65
CA SER F 336 -83.43 -12.23 27.28
C SER F 336 -82.47 -11.80 26.18
N CYS F 337 -81.45 -11.07 26.57
CA CYS F 337 -80.42 -10.59 25.65
C CYS F 337 -79.09 -10.76 26.32
N THR F 338 -78.36 -11.73 25.84
CA THR F 338 -77.06 -12.11 26.43
C THR F 338 -75.92 -11.61 25.53
N LEU F 339 -75.12 -10.72 26.08
CA LEU F 339 -73.99 -10.13 25.35
C LEU F 339 -72.75 -10.87 25.78
N CYS F 340 -72.09 -11.48 24.80
CA CYS F 340 -70.85 -12.23 25.05
C CYS F 340 -69.66 -11.33 24.78
N LEU F 341 -69.25 -10.64 25.83
CA LEU F 341 -68.25 -9.56 25.72
C LEU F 341 -66.87 -10.03 26.08
N ALA F 342 -65.98 -9.83 25.13
CA ALA F 342 -64.56 -10.14 25.31
C ALA F 342 -63.74 -9.44 24.27
N GLU F 343 -62.50 -9.16 24.61
CA GLU F 343 -61.50 -8.81 23.61
C GLU F 343 -60.65 -10.07 23.40
N ASN F 344 -60.46 -10.44 22.14
CA ASN F 344 -59.57 -11.54 21.75
C ASN F 344 -58.18 -10.96 21.58
N ALA F 345 -57.44 -11.03 22.66
CA ALA F 345 -56.15 -10.34 22.77
C ALA F 345 -54.99 -11.30 22.67
N ILE F 346 -53.82 -10.73 22.53
CA ILE F 346 -52.59 -11.52 22.48
C ILE F 346 -51.66 -11.11 23.62
N GLY F 347 -51.15 -12.11 24.31
CA GLY F 347 -50.26 -11.89 25.45
C GLY F 347 -49.97 -13.18 26.20
N PRO F 348 -49.28 -13.06 27.35
CA PRO F 348 -48.90 -14.20 28.14
C PRO F 348 -50.07 -15.04 28.64
N LYS F 349 -51.22 -14.42 28.85
CA LYS F 349 -52.42 -15.16 29.32
C LYS F 349 -53.33 -15.67 28.21
N SER F 350 -52.87 -15.51 26.97
CA SER F 350 -53.62 -15.98 25.77
C SER F 350 -53.99 -17.45 25.85
N TYR F 351 -55.25 -17.77 25.61
CA TYR F 351 -55.65 -19.16 25.39
C TYR F 351 -54.91 -19.60 24.11
N ARG F 352 -54.54 -20.86 24.10
CA ARG F 352 -53.59 -21.34 23.10
C ARG F 352 -54.22 -22.20 22.04
N ASN F 353 -53.50 -22.29 20.94
CA ASN F 353 -53.76 -23.30 19.90
C ASN F 353 -53.21 -24.64 20.41
N ASP F 354 -54.09 -25.40 21.05
CA ASP F 354 -53.80 -26.70 21.77
C ASP F 354 -54.55 -26.81 23.11
N ASP F 355 -54.91 -25.66 23.68
CA ASP F 355 -55.58 -25.64 24.96
C ASP F 355 -56.92 -26.34 24.81
N ILE F 356 -57.35 -26.93 25.91
CA ILE F 356 -58.65 -27.61 25.98
C ILE F 356 -59.53 -26.86 26.99
N ILE F 357 -60.68 -26.43 26.49
CA ILE F 357 -61.62 -25.65 27.25
C ILE F 357 -62.74 -26.55 27.78
N VAL F 358 -63.10 -26.35 29.03
CA VAL F 358 -64.35 -26.92 29.58
C VAL F 358 -65.44 -25.85 29.47
N MET F 359 -66.32 -26.04 28.49
CA MET F 359 -67.42 -25.10 28.24
C MET F 359 -68.44 -25.17 29.38
N LYS F 360 -69.26 -24.15 29.48
CA LYS F 360 -70.37 -24.15 30.44
C LYS F 360 -71.31 -25.33 30.23
N SER F 361 -71.48 -25.70 28.98
CA SER F 361 -72.29 -26.87 28.63
C SER F 361 -71.76 -28.20 29.22
N GLY F 362 -70.53 -28.20 29.70
CA GLY F 362 -69.84 -29.42 30.15
C GLY F 362 -69.03 -30.14 29.08
N LYS F 363 -69.24 -29.73 27.84
CA LYS F 363 -68.49 -30.27 26.73
C LYS F 363 -67.14 -29.62 26.62
N THR F 364 -66.16 -30.43 26.22
CA THR F 364 -64.77 -29.97 26.09
C THR F 364 -64.44 -29.66 24.65
N VAL F 365 -63.70 -28.58 24.49
CA VAL F 365 -63.34 -28.03 23.18
C VAL F 365 -61.85 -27.89 23.05
N GLU F 366 -61.30 -28.59 22.09
CA GLU F 366 -59.87 -28.46 21.76
C GLU F 366 -59.70 -27.29 20.82
N VAL F 367 -58.89 -26.33 21.23
CA VAL F 367 -58.70 -25.11 20.46
C VAL F 367 -57.63 -25.33 19.38
N ILE F 368 -58.08 -25.44 18.15
CA ILE F 368 -57.21 -25.63 16.99
C ILE F 368 -56.71 -24.29 16.54
N ASN F 369 -57.58 -23.32 16.61
CA ASN F 369 -57.26 -21.96 16.21
C ASN F 369 -57.97 -20.93 17.07
N THR F 370 -57.19 -20.09 17.73
CA THR F 370 -57.71 -19.07 18.65
C THR F 370 -58.48 -17.96 17.98
N ASP F 371 -58.32 -17.84 16.66
CA ASP F 371 -59.06 -16.86 15.85
C ASP F 371 -60.50 -17.25 15.45
N ALA F 372 -60.82 -18.50 15.75
CA ALA F 372 -62.21 -19.00 15.80
C ALA F 372 -62.77 -18.91 17.24
N GLU F 373 -62.76 -17.69 17.75
CA GLU F 373 -63.14 -17.34 19.12
C GLU F 373 -64.66 -17.16 19.30
N GLY F 374 -65.32 -16.71 18.24
CA GLY F 374 -66.70 -16.27 18.29
C GLY F 374 -67.62 -17.39 18.61
N ARG F 375 -67.39 -18.50 17.95
CA ARG F 375 -68.23 -19.68 18.16
C ARG F 375 -68.10 -20.22 19.61
N ILE F 376 -66.92 -20.07 20.18
CA ILE F 376 -66.66 -20.49 21.57
C ILE F 376 -67.45 -19.64 22.55
N VAL F 377 -67.34 -18.37 22.35
CA VAL F 377 -67.99 -17.35 23.20
C VAL F 377 -69.52 -17.52 23.12
N LEU F 378 -69.99 -17.77 21.90
CA LEU F 378 -71.42 -17.98 21.66
C LEU F 378 -71.91 -19.30 22.24
N GLY F 379 -71.01 -20.27 22.30
CA GLY F 379 -71.37 -21.56 22.89
C GLY F 379 -71.77 -21.39 24.36
N ASP F 380 -70.99 -20.61 25.07
CA ASP F 380 -71.28 -20.28 26.47
C ASP F 380 -72.55 -19.40 26.57
N GLY F 381 -72.70 -18.48 25.63
CA GLY F 381 -73.89 -17.64 25.54
C GLY F 381 -75.19 -18.40 25.37
N VAL F 382 -75.24 -19.30 24.40
CA VAL F 382 -76.48 -20.05 24.11
C VAL F 382 -76.80 -21.08 25.19
N PHE F 383 -75.76 -21.65 25.78
CA PHE F 383 -76.00 -22.55 26.91
C PHE F 383 -76.59 -21.76 28.07
N HIS F 384 -76.00 -20.62 28.34
CA HIS F 384 -76.51 -19.74 29.40
C HIS F 384 -78.01 -19.43 29.20
N ALA F 385 -78.35 -19.02 27.99
CA ALA F 385 -79.72 -18.63 27.67
C ALA F 385 -80.67 -19.78 27.80
N THR F 386 -80.23 -20.95 27.39
CA THR F 386 -81.12 -22.14 27.32
C THR F 386 -81.13 -22.97 28.58
N ASN F 387 -80.22 -22.68 29.48
CA ASN F 387 -80.11 -23.48 30.74
C ASN F 387 -80.18 -22.70 32.02
N GLU F 388 -79.76 -21.46 32.03
CA GLU F 388 -79.50 -20.76 33.30
C GLU F 388 -80.46 -19.64 33.64
N LEU F 389 -81.44 -19.42 32.78
CA LEU F 389 -82.38 -18.33 33.02
C LEU F 389 -83.61 -18.82 33.80
N SER F 390 -84.42 -17.87 34.23
CA SER F 390 -85.67 -18.19 34.97
C SER F 390 -86.79 -18.71 34.07
N PHE F 391 -86.61 -18.60 32.76
CA PHE F 391 -87.51 -19.24 31.79
C PHE F 391 -86.69 -19.99 30.74
N THR F 392 -87.37 -20.85 29.99
CA THR F 392 -86.77 -21.54 28.86
C THR F 392 -87.33 -20.94 27.60
N PRO F 393 -86.47 -20.42 26.71
CA PRO F 393 -87.01 -19.78 25.52
C PRO F 393 -87.61 -20.73 24.52
N ASP F 394 -88.55 -20.20 23.76
CA ASP F 394 -89.17 -20.90 22.61
C ASP F 394 -88.25 -20.82 21.40
N VAL F 395 -87.52 -19.72 21.32
CA VAL F 395 -86.68 -19.39 20.20
C VAL F 395 -85.40 -18.80 20.70
N VAL F 396 -84.30 -19.27 20.14
CA VAL F 396 -82.97 -18.68 20.42
C VAL F 396 -82.46 -18.10 19.14
N ILE F 397 -82.07 -16.83 19.21
CA ILE F 397 -81.48 -16.13 18.10
C ILE F 397 -80.10 -15.67 18.49
N ASP F 398 -79.10 -16.17 17.79
CA ASP F 398 -77.75 -15.65 18.02
C ASP F 398 -77.36 -14.88 16.77
N MET F 399 -76.68 -13.78 17.02
CA MET F 399 -76.19 -12.89 15.94
C MET F 399 -74.71 -12.62 16.16
N ALA F 400 -73.95 -12.75 15.08
CA ALA F 400 -72.49 -12.73 15.17
C ALA F 400 -71.83 -12.41 13.86
N THR F 401 -70.78 -11.63 13.95
CA THR F 401 -69.89 -11.36 12.83
C THR F 401 -68.89 -12.51 12.77
N LEU F 402 -69.37 -13.64 12.30
CA LEU F 402 -68.70 -14.92 12.66
C LEU F 402 -67.65 -15.46 11.69
N THR F 403 -67.92 -15.38 10.41
CA THR F 403 -67.05 -15.99 9.40
C THR F 403 -66.81 -15.15 8.18
N GLY F 404 -65.59 -15.21 7.69
CA GLY F 404 -65.27 -14.68 6.36
C GLY F 404 -66.02 -15.45 5.27
N ALA F 405 -66.21 -16.74 5.49
CA ALA F 405 -67.04 -17.56 4.62
C ALA F 405 -68.42 -16.92 4.33
N GLN F 406 -68.96 -16.22 5.31
CA GLN F 406 -70.31 -15.59 5.13
C GLN F 406 -70.37 -14.67 3.91
N GLY F 407 -69.34 -13.84 3.80
CA GLY F 407 -69.24 -12.93 2.67
C GLY F 407 -69.13 -13.64 1.35
N ILE F 408 -68.31 -14.67 1.37
CA ILE F 408 -68.13 -15.53 0.17
C ILE F 408 -69.47 -16.20 -0.23
N ALA F 409 -70.19 -16.65 0.77
CA ALA F 409 -71.41 -17.44 0.56
C ALA F 409 -72.64 -16.61 0.18
N THR F 410 -72.98 -15.69 1.06
CA THR F 410 -74.20 -14.85 0.92
C THR F 410 -73.98 -13.36 0.64
N GLY F 411 -72.74 -12.92 0.73
CA GLY F 411 -72.36 -11.56 0.27
C GLY F 411 -72.49 -10.44 1.29
N ARG F 412 -72.33 -9.24 0.81
CA ARG F 412 -72.25 -8.07 1.70
C ARG F 412 -73.55 -7.57 2.26
N HIS F 413 -74.64 -7.92 1.61
CA HIS F 413 -75.97 -7.37 1.95
C HIS F 413 -76.90 -8.36 2.60
N HIS F 414 -76.54 -9.63 2.56
CA HIS F 414 -77.40 -10.67 3.10
C HIS F 414 -76.69 -11.42 4.19
N ALA F 415 -77.23 -11.32 5.39
CA ALA F 415 -76.74 -12.14 6.51
C ALA F 415 -77.11 -13.59 6.27
N GLY F 416 -76.20 -14.48 6.64
CA GLY F 416 -76.40 -15.91 6.48
C GLY F 416 -77.19 -16.48 7.64
N LEU F 417 -78.19 -17.29 7.32
CA LEU F 417 -79.01 -17.98 8.32
C LEU F 417 -78.78 -19.50 8.37
N TYR F 418 -78.43 -19.96 9.54
CA TYR F 418 -78.32 -21.39 9.84
C TYR F 418 -79.38 -21.67 10.89
N VAL F 419 -80.39 -22.41 10.49
CA VAL F 419 -81.64 -22.56 11.28
C VAL F 419 -82.09 -24.01 11.36
N ASN F 420 -82.40 -24.44 12.57
CA ASN F 420 -82.81 -25.84 12.78
C ASN F 420 -84.29 -26.18 12.34
N GLU F 421 -85.08 -25.19 12.01
CA GLU F 421 -86.49 -25.37 11.62
C GLU F 421 -86.80 -24.53 10.43
N GLU F 422 -87.45 -25.11 9.45
CA GLU F 422 -87.85 -24.39 8.24
C GLU F 422 -88.76 -23.16 8.51
N GLY F 423 -89.69 -23.31 9.45
CA GLY F 423 -90.67 -22.25 9.80
C GLY F 423 -90.01 -20.97 10.33
N ALA F 424 -89.12 -21.16 11.27
CA ALA F 424 -88.37 -20.04 11.87
C ALA F 424 -87.49 -19.37 10.82
N GLU F 425 -86.94 -20.18 9.97
CA GLU F 425 -86.10 -19.66 8.91
C GLU F 425 -86.88 -18.74 7.95
N ALA F 426 -88.01 -19.24 7.50
CA ALA F 426 -88.89 -18.52 6.57
C ALA F 426 -89.38 -17.20 7.19
N ALA F 427 -89.70 -17.25 8.46
CA ALA F 427 -90.12 -16.05 9.22
C ALA F 427 -89.01 -15.01 9.30
N MET F 428 -87.78 -15.44 9.61
CA MET F 428 -86.64 -14.50 9.64
C MET F 428 -86.34 -13.93 8.24
N LEU F 429 -86.43 -14.76 7.22
CA LEU F 429 -86.25 -14.30 5.83
C LEU F 429 -87.28 -13.27 5.42
N ARG F 430 -88.53 -13.54 5.79
CA ARG F 430 -89.64 -12.57 5.59
C ARG F 430 -89.31 -11.25 6.31
N ALA F 431 -88.86 -11.34 7.55
CA ALA F 431 -88.53 -10.15 8.35
C ALA F 431 -87.40 -9.36 7.71
N GLY F 432 -86.48 -10.07 7.11
CA GLY F 432 -85.39 -9.41 6.34
C GLY F 432 -85.87 -8.67 5.11
N ARG F 433 -86.77 -9.29 4.37
CA ARG F 433 -87.34 -8.66 3.14
C ARG F 433 -88.22 -7.45 3.47
N GLU F 434 -88.96 -7.53 4.56
CA GLU F 434 -89.82 -6.43 5.03
C GLU F 434 -89.01 -5.28 5.62
N SER F 435 -88.06 -5.62 6.48
CA SER F 435 -87.20 -4.61 7.14
C SER F 435 -86.16 -3.98 6.24
N GLY F 436 -85.85 -4.67 5.16
CA GLY F 436 -84.69 -4.29 4.30
C GLY F 436 -83.33 -4.88 4.73
N GLU F 437 -83.29 -5.41 5.94
CA GLU F 437 -82.08 -5.99 6.53
C GLU F 437 -82.09 -7.48 6.15
N THR F 438 -81.77 -7.69 4.88
CA THR F 438 -81.98 -8.94 4.20
C THR F 438 -81.06 -10.05 4.66
N CYS F 439 -81.59 -11.25 4.60
CA CYS F 439 -80.88 -12.49 4.94
C CYS F 439 -81.00 -13.51 3.84
N PHE F 440 -80.23 -14.56 3.97
CA PHE F 440 -80.29 -15.69 3.04
C PHE F 440 -79.81 -16.95 3.74
N PRO F 441 -80.47 -18.08 3.49
CA PRO F 441 -80.05 -19.27 4.23
C PRO F 441 -78.75 -19.87 3.77
N VAL F 442 -78.07 -20.45 4.71
CA VAL F 442 -76.97 -21.37 4.40
C VAL F 442 -77.36 -22.78 4.76
N LEU F 443 -76.64 -23.72 4.18
CA LEU F 443 -76.92 -25.15 4.36
C LEU F 443 -77.07 -25.55 5.82
N TYR F 444 -78.23 -26.13 6.16
CA TYR F 444 -78.45 -26.82 7.45
C TYR F 444 -78.36 -28.35 7.18
N CYS F 445 -77.30 -28.95 7.67
CA CYS F 445 -77.05 -30.38 7.48
C CYS F 445 -76.06 -30.90 8.53
N PRO F 446 -76.48 -30.89 9.80
CA PRO F 446 -75.64 -31.30 10.93
C PRO F 446 -74.90 -32.64 10.75
N GLU F 447 -75.54 -33.61 10.14
CA GLU F 447 -74.87 -34.91 9.90
C GLU F 447 -73.58 -34.77 9.08
N TYR F 448 -73.51 -33.74 8.25
CA TYR F 448 -72.28 -33.47 7.45
C TYR F 448 -71.31 -32.50 8.12
N HIS F 449 -71.81 -31.68 9.03
CA HIS F 449 -70.95 -30.71 9.77
C HIS F 449 -70.22 -31.35 10.92
N GLU F 450 -70.93 -32.20 11.62
CA GLU F 450 -70.43 -32.88 12.82
C GLU F 450 -69.03 -33.54 12.68
N PRO F 451 -68.79 -34.33 11.61
CA PRO F 451 -67.50 -35.01 11.48
C PRO F 451 -66.29 -34.08 11.29
N GLU F 452 -66.55 -32.84 10.89
CA GLU F 452 -65.49 -31.85 10.79
C GLU F 452 -64.84 -31.44 12.11
N PHE F 453 -65.51 -31.71 13.22
CA PHE F 453 -65.04 -31.27 14.54
C PHE F 453 -64.50 -32.37 15.43
N LYS F 454 -64.17 -33.52 14.85
CA LYS F 454 -63.63 -34.66 15.62
C LYS F 454 -62.28 -34.23 16.26
N SER F 455 -62.11 -34.61 17.51
CA SER F 455 -60.90 -34.33 18.27
C SER F 455 -60.37 -35.62 18.89
N ASN F 456 -59.05 -35.72 18.97
CA ASN F 456 -58.41 -36.89 19.61
C ASN F 456 -58.68 -36.98 21.11
N HIS F 457 -58.71 -35.83 21.74
CA HIS F 457 -58.72 -35.77 23.21
C HIS F 457 -59.88 -35.03 23.86
N ALA F 458 -60.54 -34.19 23.11
CA ALA F 458 -61.68 -33.43 23.63
C ALA F 458 -62.96 -33.90 22.92
N ASP F 459 -64.11 -33.42 23.41
CA ASP F 459 -65.41 -33.77 22.78
C ASP F 459 -65.44 -33.26 21.35
N MET F 460 -64.86 -32.09 21.15
CA MET F 460 -64.81 -31.48 19.81
C MET F 460 -63.64 -30.52 19.67
N THR F 461 -63.33 -30.19 18.44
CA THR F 461 -62.46 -29.06 18.16
C THR F 461 -63.33 -27.80 17.95
N ASN F 462 -62.67 -26.66 17.81
CA ASN F 462 -63.34 -25.42 17.44
C ASN F 462 -63.16 -25.00 15.98
N LEU F 463 -62.59 -25.89 15.20
CA LEU F 463 -62.33 -25.60 13.79
C LEU F 463 -62.42 -26.84 12.95
N MET F 464 -63.04 -26.68 11.81
CA MET F 464 -63.21 -27.75 10.83
C MET F 464 -61.87 -28.28 10.32
N GLU F 465 -61.78 -29.58 10.21
CA GLU F 465 -60.62 -30.25 9.57
C GLU F 465 -60.49 -29.77 8.14
N ARG F 466 -61.60 -29.69 7.46
CA ARG F 466 -61.68 -29.19 6.07
C ARG F 466 -62.49 -27.90 6.00
N ARG F 467 -61.85 -26.82 5.61
CA ARG F 467 -62.46 -25.48 5.65
C ARG F 467 -63.32 -25.18 4.43
N ASP F 468 -63.22 -26.06 3.45
CA ASP F 468 -64.01 -25.95 2.22
C ASP F 468 -65.25 -26.87 2.20
N ASN F 469 -65.86 -27.02 3.37
CA ASN F 469 -67.04 -27.85 3.56
C ASN F 469 -68.18 -27.16 4.34
N ALA F 470 -68.70 -26.10 3.74
CA ALA F 470 -69.81 -25.30 4.29
C ALA F 470 -69.40 -24.64 5.59
N GLY F 471 -68.52 -23.66 5.45
CA GLY F 471 -67.92 -22.97 6.60
C GLY F 471 -68.84 -22.09 7.42
N VAL F 472 -69.79 -21.47 6.78
CA VAL F 472 -70.80 -20.68 7.52
C VAL F 472 -71.64 -21.63 8.40
N SER F 473 -72.01 -22.74 7.79
CA SER F 473 -72.87 -23.76 8.41
C SER F 473 -72.18 -24.44 9.59
N CYS F 474 -70.92 -24.79 9.38
CA CYS F 474 -70.14 -25.51 10.40
C CYS F 474 -69.95 -24.68 11.64
N ALA F 475 -69.71 -23.40 11.45
CA ALA F 475 -69.58 -22.49 12.61
C ALA F 475 -70.91 -22.44 13.44
N GLY F 476 -72.01 -22.40 12.71
CA GLY F 476 -73.32 -22.49 13.31
C GLY F 476 -73.48 -23.80 14.06
N TYR F 477 -73.11 -24.88 13.39
CA TYR F 477 -73.23 -26.23 14.01
C TYR F 477 -72.53 -26.26 15.36
N PHE F 478 -71.31 -25.73 15.40
CA PHE F 478 -70.53 -25.72 16.63
C PHE F 478 -71.34 -25.14 17.80
N ILE F 479 -71.94 -24.00 17.52
CA ILE F 479 -72.75 -23.31 18.50
C ILE F 479 -73.89 -24.20 19.03
N THR F 480 -74.54 -24.91 18.11
CA THR F 480 -75.69 -25.77 18.47
C THR F 480 -75.32 -26.87 19.45
N THR F 481 -74.09 -27.34 19.39
CA THR F 481 -73.64 -28.44 20.28
C THR F 481 -73.66 -28.01 21.74
N HIS F 482 -73.72 -26.72 21.97
CA HIS F 482 -73.75 -26.16 23.33
C HIS F 482 -75.12 -25.67 23.80
N LEU F 483 -76.14 -25.95 23.02
CA LEU F 483 -77.52 -25.71 23.45
C LEU F 483 -77.85 -26.69 24.55
N SER F 484 -78.55 -26.21 25.57
CA SER F 484 -79.00 -27.09 26.65
C SER F 484 -79.94 -28.16 26.12
N PRO F 485 -79.83 -29.38 26.64
CA PRO F 485 -80.87 -30.41 26.37
C PRO F 485 -82.31 -30.01 26.77
N LYS F 486 -82.43 -29.10 27.74
CA LYS F 486 -83.72 -28.53 28.15
C LYS F 486 -84.42 -27.75 27.04
N PHE F 487 -83.65 -27.34 26.04
CA PHE F 487 -84.19 -26.53 24.95
C PHE F 487 -84.57 -27.42 23.78
N THR F 488 -85.78 -27.24 23.29
CA THR F 488 -86.32 -28.03 22.18
C THR F 488 -86.96 -27.15 21.10
N GLY F 489 -86.65 -25.87 21.15
CA GLY F 489 -87.29 -24.89 20.27
C GLY F 489 -86.48 -24.58 19.03
N ALA F 490 -86.80 -23.44 18.44
CA ALA F 490 -86.19 -23.02 17.17
C ALA F 490 -84.92 -22.23 17.45
N HIS F 491 -83.89 -22.55 16.72
CA HIS F 491 -82.61 -21.86 16.86
C HIS F 491 -82.24 -21.21 15.53
N ILE F 492 -82.12 -19.91 15.57
CA ILE F 492 -81.74 -19.13 14.43
C ILE F 492 -80.33 -18.54 14.66
N HIS F 493 -79.38 -19.01 13.85
CA HIS F 493 -78.02 -18.46 13.85
C HIS F 493 -77.85 -17.49 12.69
N VAL F 494 -77.51 -16.27 13.04
CA VAL F 494 -77.38 -15.18 12.04
C VAL F 494 -75.91 -14.76 11.94
N ASP F 495 -75.32 -15.04 10.80
CA ASP F 495 -73.92 -14.67 10.52
C ASP F 495 -73.96 -13.40 9.72
N LEU F 496 -73.60 -12.31 10.39
CA LEU F 496 -73.69 -10.97 9.78
C LEU F 496 -72.33 -10.27 9.68
N ALA F 497 -71.29 -11.07 9.47
CA ALA F 497 -69.92 -10.58 9.34
C ALA F 497 -69.80 -9.31 8.43
N TYR F 498 -70.38 -9.39 7.25
CA TYR F 498 -70.29 -8.31 6.29
C TYR F 498 -71.45 -7.26 6.27
N PRO F 499 -72.69 -7.69 6.49
CA PRO F 499 -73.76 -6.72 6.43
C PRO F 499 -73.74 -5.63 7.49
N VAL F 500 -72.96 -5.83 8.55
CA VAL F 500 -72.79 -4.79 9.59
C VAL F 500 -71.97 -3.57 9.19
N PHE F 501 -71.35 -3.58 8.03
CA PHE F 501 -70.51 -2.47 7.59
C PHE F 501 -70.45 -2.31 6.07
N ASN F 502 -70.08 -1.11 5.66
CA ASN F 502 -69.77 -0.84 4.29
C ASN F 502 -68.57 0.08 4.29
N SER F 503 -68.25 0.64 3.16
CA SER F 503 -67.01 1.44 3.03
C SER F 503 -67.07 2.77 3.82
N ASN F 504 -68.25 3.16 4.24
CA ASN F 504 -68.43 4.34 5.11
C ASN F 504 -68.43 4.01 6.57
N GLY F 505 -68.39 2.73 6.89
CA GLY F 505 -68.42 2.29 8.28
C GLY F 505 -69.63 1.44 8.59
N ALA F 506 -70.04 1.45 9.85
CA ALA F 506 -71.14 0.58 10.34
C ALA F 506 -72.45 0.96 9.69
N THR F 507 -73.27 -0.05 9.47
CA THR F 507 -74.59 0.09 8.84
C THR F 507 -75.77 0.08 9.83
N GLY F 508 -75.50 -0.35 11.05
CA GLY F 508 -76.55 -0.57 12.04
C GLY F 508 -77.52 -1.70 11.69
N PHE F 509 -77.03 -2.64 10.91
CA PHE F 509 -77.80 -3.81 10.49
C PHE F 509 -78.03 -4.70 11.69
N GLY F 510 -79.27 -5.14 11.82
CA GLY F 510 -79.65 -6.17 12.80
C GLY F 510 -80.86 -5.84 13.64
N PRO F 511 -80.85 -4.65 14.26
CA PRO F 511 -81.97 -4.31 15.17
C PRO F 511 -83.33 -4.26 14.51
N ALA F 512 -83.41 -3.64 13.36
CA ALA F 512 -84.67 -3.52 12.64
C ALA F 512 -85.19 -4.89 12.18
N LEU F 513 -84.26 -5.73 11.76
CA LEU F 513 -84.57 -7.13 11.41
C LEU F 513 -85.29 -7.79 12.56
N LEU F 514 -84.72 -7.65 13.73
CA LEU F 514 -85.31 -8.25 14.95
C LEU F 514 -86.70 -7.64 15.27
N THR F 515 -86.79 -6.33 15.18
CA THR F 515 -88.02 -5.61 15.49
C THR F 515 -89.14 -6.13 14.59
N GLU F 516 -88.85 -6.25 13.31
CA GLU F 516 -89.80 -6.82 12.32
C GLU F 516 -90.15 -8.29 12.60
N TYR F 517 -89.13 -9.07 12.96
CA TYR F 517 -89.35 -10.47 13.29
C TYR F 517 -90.31 -10.58 14.49
N PHE F 518 -90.01 -9.82 15.52
CA PHE F 518 -90.86 -9.79 16.77
C PHE F 518 -92.31 -9.36 16.46
N ARG F 519 -92.46 -8.39 15.58
CA ARG F 519 -93.76 -7.88 15.14
C ARG F 519 -94.70 -8.96 14.60
N LYS F 520 -94.16 -9.92 13.88
CA LYS F 520 -95.00 -10.96 13.25
C LYS F 520 -95.07 -12.26 14.00
N LEU F 521 -94.56 -12.30 15.21
CA LEU F 521 -94.52 -13.56 15.94
C LEU F 521 -95.93 -14.13 16.21
N PRO G 2 54.83 31.21 7.99
CA PRO G 2 55.51 32.53 7.91
C PRO G 2 54.74 33.72 7.21
N THR G 3 53.38 33.68 7.12
CA THR G 3 52.51 34.83 6.71
C THR G 3 51.94 35.67 7.91
N LEU G 4 52.72 36.66 8.26
CA LEU G 4 52.47 37.53 9.41
C LEU G 4 51.82 38.85 9.03
N PRO G 5 51.10 39.49 9.99
CA PRO G 5 50.64 40.84 9.74
C PRO G 5 51.81 41.78 9.50
N LYS G 6 51.62 42.76 8.62
CA LYS G 6 52.70 43.68 8.19
C LYS G 6 53.35 44.33 9.42
N ALA G 7 52.52 44.80 10.34
CA ALA G 7 53.05 45.51 11.55
C ALA G 7 53.95 44.61 12.40
N GLU G 8 53.59 43.34 12.47
CA GLU G 8 54.40 42.36 13.21
C GLU G 8 55.71 42.07 12.50
N ALA G 9 55.64 41.87 11.20
CA ALA G 9 56.89 41.67 10.38
C ALA G 9 57.86 42.85 10.49
N LYS G 10 57.32 44.06 10.44
CA LYS G 10 58.16 45.29 10.60
C LYS G 10 58.85 45.27 11.96
N GLU G 11 58.07 44.98 12.98
CA GLU G 11 58.61 44.87 14.37
C GLU G 11 59.74 43.83 14.49
N LEU G 12 59.55 42.67 13.86
CA LEU G 12 60.55 41.60 13.91
C LEU G 12 61.84 42.02 13.22
N SER G 13 61.71 42.65 12.06
CA SER G 13 62.90 43.17 11.33
C SER G 13 63.67 44.15 12.17
N ALA G 14 62.95 45.07 12.79
CA ALA G 14 63.62 46.10 13.61
C ALA G 14 64.34 45.44 14.79
N PHE G 15 63.73 44.39 15.32
CA PHE G 15 64.31 43.70 16.49
C PHE G 15 65.56 42.96 16.06
N VAL G 16 65.46 42.32 14.90
CA VAL G 16 66.65 41.63 14.31
C VAL G 16 67.81 42.63 14.25
N GLN G 17 67.51 43.76 13.67
CA GLN G 17 68.51 44.81 13.46
C GLN G 17 69.10 45.27 14.79
N SER G 18 68.24 45.44 15.80
CA SER G 18 68.71 45.87 17.14
C SER G 18 69.74 44.87 17.71
N CYS G 19 69.56 43.59 17.38
CA CYS G 19 70.46 42.56 17.89
C CYS G 19 71.74 42.50 17.06
N VAL G 20 71.59 42.55 15.75
CA VAL G 20 72.79 42.51 14.82
C VAL G 20 73.74 43.69 15.06
N GLU G 21 73.16 44.84 15.38
CA GLU G 21 73.92 46.09 15.58
CA GLU G 21 73.90 46.10 15.56
C GLU G 21 74.19 46.41 17.05
N TYR G 22 73.88 45.47 17.93
CA TYR G 22 74.01 45.72 19.36
C TYR G 22 75.46 46.13 19.70
N LYS G 23 75.58 47.24 20.41
CA LYS G 23 76.86 47.71 20.94
C LYS G 23 76.71 47.90 22.46
N THR G 24 77.75 47.56 23.19
CA THR G 24 77.71 47.62 24.65
C THR G 24 77.73 49.04 25.19
N ASN G 25 77.22 49.20 26.38
CA ASN G 25 77.22 50.46 27.10
C ASN G 25 78.43 50.59 28.03
N VAL G 26 79.28 49.58 28.06
CA VAL G 26 80.40 49.54 29.00
C VAL G 26 81.71 49.84 28.28
N CYS G 27 82.53 50.67 28.92
CA CYS G 27 83.93 50.84 28.48
C CYS G 27 84.86 50.69 29.68
N PHE G 28 86.13 50.54 29.39
CA PHE G 28 87.13 50.16 30.40
C PHE G 28 88.35 51.06 30.30
N THR G 29 88.85 51.43 31.46
CA THR G 29 90.08 52.18 31.55
C THR G 29 90.75 51.87 32.86
N ASP G 30 91.73 52.68 33.21
CA ASP G 30 92.44 52.52 34.52
C ASP G 30 92.68 53.88 35.15
N VAL G 31 93.02 53.89 36.43
CA VAL G 31 93.02 55.11 37.26
C VAL G 31 93.94 56.20 36.71
N ALA G 32 95.15 55.80 36.33
CA ALA G 32 96.13 56.76 35.77
C ALA G 32 95.63 57.30 34.43
N ALA G 33 95.13 56.43 33.56
CA ALA G 33 94.64 56.91 32.24
C ALA G 33 93.47 57.87 32.44
N TYR G 34 92.66 57.55 33.44
CA TYR G 34 91.45 58.35 33.77
C TYR G 34 91.85 59.77 34.28
N GLU G 35 92.77 59.80 35.25
CA GLU G 35 93.41 61.09 35.73
C GLU G 35 93.96 61.92 34.56
N SER G 36 94.62 61.24 33.65
CA SER G 36 95.17 61.86 32.45
C SER G 36 94.11 62.41 31.49
N ASN G 37 93.06 61.65 31.25
CA ASN G 37 92.03 62.06 30.24
C ASN G 37 90.96 63.00 30.76
N GLN G 38 90.69 62.90 32.04
CA GLN G 38 89.53 63.62 32.64
C GLN G 38 89.94 64.63 33.69
N LYS G 39 91.20 64.55 34.10
CA LYS G 39 91.84 65.60 34.92
C LYS G 39 90.99 65.88 36.19
N GLY G 40 90.50 64.81 36.81
CA GLY G 40 89.72 64.93 38.08
C GLY G 40 88.25 65.35 37.92
N VAL G 41 87.78 65.46 36.71
CA VAL G 41 86.37 65.74 36.44
C VAL G 41 85.59 64.42 36.26
N LEU G 42 84.68 64.15 37.18
CA LEU G 42 83.80 62.96 37.09
C LEU G 42 82.92 63.03 35.86
N SER G 43 82.63 61.86 35.32
CA SER G 43 81.81 61.76 34.08
C SER G 43 80.39 62.25 34.31
N SER G 44 79.92 62.16 35.55
CA SER G 44 78.53 62.51 35.90
C SER G 44 78.38 62.73 37.39
N GLY G 45 77.14 62.93 37.82
CA GLY G 45 76.80 63.07 39.25
C GLY G 45 76.73 61.82 40.11
N LEU G 46 77.14 60.70 39.53
CA LEU G 46 77.22 59.45 40.29
C LEU G 46 78.56 58.79 40.07
N ALA G 47 79.15 58.34 41.15
CA ALA G 47 80.36 57.51 41.06
C ALA G 47 80.21 56.32 41.98
N VAL G 48 80.75 55.19 41.52
CA VAL G 48 80.66 53.94 42.28
C VAL G 48 82.06 53.46 42.61
N LEU G 49 82.23 53.02 43.83
CA LEU G 49 83.46 52.45 44.28
C LEU G 49 83.24 51.06 44.87
N VAL G 50 83.81 50.05 44.25
CA VAL G 50 83.59 48.65 44.73
C VAL G 50 84.90 47.91 44.96
N GLY G 51 84.98 47.32 46.13
CA GLY G 51 86.12 46.48 46.46
C GLY G 51 85.94 45.76 47.76
N THR G 52 86.92 44.94 48.11
CA THR G 52 86.88 44.20 49.39
C THR G 52 87.11 45.13 50.55
N HIS G 53 86.82 44.66 51.74
CA HIS G 53 87.06 45.40 53.00
C HIS G 53 88.50 45.94 53.06
N LYS G 54 89.45 45.08 52.70
CA LYS G 54 90.89 45.45 52.69
C LYS G 54 91.22 46.38 51.55
N GLN G 55 90.74 46.08 50.35
CA GLN G 55 91.05 46.95 49.19
C GLN G 55 90.56 48.40 49.37
N LEU G 56 89.39 48.51 49.96
CA LEU G 56 88.77 49.83 50.27
C LEU G 56 89.61 50.68 51.25
N ARG G 57 90.47 50.01 52.02
CA ARG G 57 91.33 50.67 53.03
C ARG G 57 92.78 50.84 52.57
N ASP G 58 93.04 50.47 51.33
CA ASP G 58 94.35 50.70 50.72
C ASP G 58 94.58 52.20 50.61
N PRO G 59 95.82 52.66 50.90
CA PRO G 59 96.14 54.10 50.79
C PRO G 59 95.84 54.71 49.41
N ALA G 60 95.97 53.92 48.36
CA ALA G 60 95.70 54.40 46.98
C ALA G 60 94.31 54.95 46.78
N VAL G 61 93.37 54.42 47.55
CA VAL G 61 91.93 54.82 47.50
C VAL G 61 91.76 56.31 47.82
N GLN G 62 92.52 56.77 48.82
CA GLN G 62 92.59 58.22 49.20
C GLN G 62 92.98 59.18 48.06
N ARG G 63 93.73 58.68 47.11
CA ARG G 63 94.16 59.45 45.94
C ARG G 63 93.10 59.47 44.79
N LEU G 64 91.96 58.82 45.00
CA LEU G 64 90.88 58.83 43.97
C LEU G 64 90.20 60.20 43.96
N PRO G 65 89.83 60.71 42.77
CA PRO G 65 89.34 62.07 42.62
C PRO G 65 88.11 62.46 43.44
N PHE G 66 87.34 61.49 43.86
CA PHE G 66 86.07 61.76 44.59
C PHE G 66 86.24 61.61 46.10
N TYR G 67 87.42 61.20 46.52
CA TYR G 67 87.60 60.78 47.92
C TYR G 67 87.56 62.00 48.81
N ASN G 68 86.90 61.87 49.93
CA ASN G 68 86.89 62.90 50.96
C ASN G 68 86.45 62.25 52.28
N PRO G 69 86.26 63.03 53.35
CA PRO G 69 85.98 62.36 54.63
C PRO G 69 84.62 61.66 54.73
N ALA G 70 83.68 62.10 53.93
CA ALA G 70 82.36 61.44 53.86
C ALA G 70 82.48 60.04 53.24
N VAL G 71 83.26 59.97 52.19
CA VAL G 71 83.56 58.70 51.52
C VAL G 71 84.29 57.75 52.46
N ALA G 72 85.21 58.30 53.22
CA ALA G 72 85.91 57.53 54.25
C ALA G 72 84.91 56.97 55.25
N GLU G 73 83.95 57.78 55.62
CA GLU G 73 82.89 57.33 56.57
C GLU G 73 81.99 56.25 55.91
N ALA G 74 81.73 56.40 54.62
CA ALA G 74 80.95 55.40 53.88
C ALA G 74 81.64 54.05 53.95
N ILE G 75 82.95 54.07 53.81
CA ILE G 75 83.79 52.85 53.89
C ILE G 75 83.70 52.19 55.29
N GLU G 76 83.62 52.99 56.33
CA GLU G 76 83.37 52.45 57.70
C GLU G 76 81.99 51.87 57.90
N ARG G 77 81.01 52.51 57.30
CA ARG G 77 79.58 52.21 57.57
C ARG G 77 78.98 51.11 56.69
N VAL G 78 79.55 50.94 55.51
CA VAL G 78 79.06 49.95 54.54
C VAL G 78 79.16 48.53 55.13
N LYS G 79 78.14 47.75 54.86
CA LYS G 79 78.07 46.33 55.26
C LYS G 79 78.62 45.44 54.12
N GLU G 80 79.22 44.32 54.50
CA GLU G 80 79.70 43.31 53.53
C GLU G 80 78.54 42.83 52.64
N GLY G 81 78.76 42.88 51.35
CA GLY G 81 77.70 42.63 50.37
C GLY G 81 76.68 43.71 50.19
N GLY G 82 76.86 44.83 50.88
CA GLY G 82 75.93 45.98 50.80
C GLY G 82 76.56 47.24 50.20
N THR G 83 75.73 48.25 50.04
CA THR G 83 76.16 49.55 49.56
C THR G 83 75.89 50.65 50.59
N TYR G 84 76.56 51.78 50.39
CA TYR G 84 76.41 52.97 51.24
C TYR G 84 76.80 54.18 50.44
N GLY G 85 75.87 55.12 50.37
CA GLY G 85 76.00 56.32 49.52
C GLY G 85 76.17 57.59 50.34
N VAL G 86 77.03 58.46 49.84
CA VAL G 86 77.26 59.80 50.44
C VAL G 86 77.36 60.88 49.37
N LEU G 87 76.85 62.05 49.73
CA LEU G 87 76.95 63.23 48.83
C LEU G 87 78.27 63.92 49.04
N VAL G 88 78.84 64.37 47.95
CA VAL G 88 80.02 65.22 47.99
C VAL G 88 79.73 66.50 47.20
N GLU G 89 79.72 67.60 47.92
CA GLU G 89 79.42 68.93 47.34
C GLU G 89 80.61 69.53 46.56
N GLY G 90 80.29 70.12 45.43
CA GLY G 90 81.26 70.88 44.60
C GLY G 90 82.40 70.04 44.08
N LEU G 91 82.08 68.81 43.67
CA LEU G 91 83.07 67.96 43.01
C LEU G 91 82.83 68.20 41.55
N ALA G 92 83.90 68.52 40.86
CA ALA G 92 83.83 68.73 39.44
C ALA G 92 83.26 67.51 38.77
N ASN G 93 82.28 67.73 37.93
CA ASN G 93 81.69 66.66 37.10
C ASN G 93 81.09 67.16 35.81
N ALA G 94 81.13 66.32 34.79
CA ALA G 94 80.71 66.73 33.42
C ALA G 94 79.22 67.07 33.28
N ALA G 95 78.39 66.58 34.18
CA ALA G 95 76.95 66.92 34.19
C ALA G 95 76.62 68.22 34.94
N GLY G 96 77.63 68.80 35.55
CA GLY G 96 77.45 70.07 36.32
C GLY G 96 76.49 69.96 37.51
N SER G 97 76.61 68.88 38.25
CA SER G 97 75.68 68.52 39.32
C SER G 97 76.22 69.13 40.60
N LYS G 98 75.35 69.76 41.38
CA LYS G 98 75.77 70.48 42.60
C LYS G 98 76.45 69.50 43.57
N PHE G 99 75.83 68.34 43.64
CA PHE G 99 76.37 67.24 44.43
C PHE G 99 76.67 66.05 43.55
N VAL G 100 77.73 65.35 43.92
CA VAL G 100 78.04 64.03 43.34
C VAL G 100 77.75 63.00 44.41
N ARG G 101 77.00 61.99 44.00
CA ARG G 101 76.68 60.87 44.91
C ARG G 101 77.76 59.84 44.69
N VAL G 102 78.38 59.41 45.77
CA VAL G 102 79.39 58.36 45.74
C VAL G 102 78.85 57.15 46.48
N VAL G 103 78.74 56.04 45.77
CA VAL G 103 78.19 54.79 46.34
C VAL G 103 79.29 53.80 46.50
N VAL G 104 79.55 53.45 47.75
CA VAL G 104 80.58 52.48 48.10
C VAL G 104 79.91 51.09 48.23
N GLY G 105 80.57 50.06 47.70
CA GLY G 105 80.12 48.68 47.83
C GLY G 105 81.22 47.75 48.25
N GLU G 106 80.94 46.96 49.27
CA GLU G 106 81.94 46.03 49.84
C GLU G 106 81.71 44.61 49.29
N VAL G 107 82.74 44.12 48.62
CA VAL G 107 82.79 42.74 48.11
C VAL G 107 83.35 41.79 49.17
N PRO G 108 82.67 40.67 49.47
CA PRO G 108 83.28 39.68 50.36
C PRO G 108 84.56 39.07 49.80
N THR G 109 85.41 38.62 50.70
CA THR G 109 86.59 37.86 50.28
C THR G 109 86.31 36.35 50.39
N LYS G 110 85.37 35.95 51.23
CA LYS G 110 84.92 34.53 51.36
C LYS G 110 84.59 33.99 49.96
N ALA G 111 85.19 32.87 49.63
CA ALA G 111 84.98 32.20 48.33
C ALA G 111 85.45 30.76 48.47
N SER G 112 84.54 29.83 48.32
CA SER G 112 84.84 28.37 48.43
C SER G 112 85.69 27.95 47.23
N ARG G 113 86.25 26.77 47.30
CA ARG G 113 87.06 26.20 46.19
C ARG G 113 86.32 26.02 44.88
N ASN G 114 85.00 26.05 44.91
CA ASN G 114 84.19 25.92 43.66
C ASN G 114 83.73 27.25 43.12
N ASN G 115 84.25 28.33 43.69
CA ASN G 115 83.81 29.69 43.32
C ASN G 115 84.96 30.51 42.75
N CYS G 116 84.60 31.62 42.14
CA CYS G 116 85.54 32.64 41.65
C CYS G 116 85.98 33.54 42.78
N PRO G 117 87.31 33.60 43.10
CA PRO G 117 87.79 34.32 44.30
C PRO G 117 87.45 35.80 44.31
N ALA G 118 87.32 36.37 43.14
CA ALA G 118 86.96 37.79 43.03
C ALA G 118 85.46 38.10 43.31
N ARG G 119 84.67 37.04 43.48
CA ARG G 119 83.23 37.15 43.79
C ARG G 119 82.52 38.16 42.89
N PRO G 120 82.64 37.98 41.56
CA PRO G 120 81.95 38.84 40.64
C PRO G 120 80.42 38.82 40.79
N ASP G 121 79.89 37.75 41.37
CA ASP G 121 78.46 37.68 41.69
C ASP G 121 78.04 38.90 42.54
N VAL G 122 78.85 39.23 43.54
CA VAL G 122 78.54 40.37 44.42
C VAL G 122 78.83 41.72 43.73
N VAL G 123 79.89 41.74 42.95
CA VAL G 123 80.21 42.95 42.17
C VAL G 123 78.99 43.37 41.36
N THR G 124 78.43 42.41 40.63
CA THR G 124 77.21 42.65 39.83
C THR G 124 76.08 43.25 40.69
N ALA G 125 75.83 42.61 41.80
CA ALA G 125 74.71 43.04 42.70
C ALA G 125 74.95 44.46 43.27
N LEU G 126 76.18 44.72 43.68
CA LEU G 126 76.56 46.05 44.20
C LEU G 126 76.38 47.16 43.16
N VAL G 127 76.84 46.93 41.97
CA VAL G 127 76.77 47.96 40.94
C VAL G 127 75.29 48.14 40.55
N THR G 128 74.57 47.04 40.49
CA THR G 128 73.11 47.08 40.15
C THR G 128 72.40 47.99 41.15
N ALA G 129 72.65 47.75 42.41
CA ALA G 129 72.07 48.55 43.48
C ALA G 129 72.47 50.05 43.33
N ALA G 130 73.76 50.29 43.13
CA ALA G 130 74.29 51.66 43.02
C ALA G 130 73.67 52.41 41.86
N LEU G 131 73.48 51.74 40.74
CA LEU G 131 72.89 52.38 39.56
C LEU G 131 71.42 52.75 39.73
N ASP G 132 70.78 52.22 40.75
CA ASP G 132 69.42 52.62 41.11
C ASP G 132 69.37 54.07 41.60
N GLU G 133 70.53 54.64 41.94
CA GLU G 133 70.63 56.05 42.37
C GLU G 133 70.85 57.04 41.21
N VAL G 134 70.88 56.53 39.98
CA VAL G 134 71.02 57.39 38.81
C VAL G 134 69.82 58.34 38.77
N LYS G 135 70.10 59.63 38.65
CA LYS G 135 69.06 60.70 38.69
C LYS G 135 68.51 61.04 37.27
N GLU G 136 69.38 61.01 36.26
CA GLU G 136 69.01 61.34 34.84
C GLU G 136 69.49 60.28 33.89
N PRO G 137 68.95 60.25 32.66
CA PRO G 137 69.36 59.21 31.72
C PRO G 137 70.46 59.72 30.78
N ASN G 138 70.98 58.81 29.96
CA ASN G 138 72.05 59.11 28.98
C ASN G 138 73.28 59.73 29.66
N THR G 139 73.55 59.30 30.88
CA THR G 139 74.76 59.69 31.59
C THR G 139 75.78 58.56 31.57
N THR G 140 77.01 58.93 31.86
CA THR G 140 78.12 58.01 32.03
C THR G 140 78.43 57.92 33.50
N VAL G 141 78.44 56.72 34.03
CA VAL G 141 78.75 56.48 35.46
C VAL G 141 80.13 55.85 35.58
N ASP G 142 80.97 56.45 36.41
CA ASP G 142 82.31 55.95 36.68
C ASP G 142 82.21 54.87 37.74
N VAL G 143 82.63 53.67 37.37
CA VAL G 143 82.67 52.53 38.30
C VAL G 143 84.11 52.19 38.56
N PHE G 144 84.55 52.61 39.73
CA PHE G 144 85.93 52.36 40.17
C PHE G 144 85.96 51.04 40.89
N VAL G 145 86.68 50.10 40.32
CA VAL G 145 86.81 48.76 40.91
C VAL G 145 88.22 48.61 41.42
N LEU G 146 88.35 48.02 42.59
CA LEU G 146 89.65 47.84 43.23
C LEU G 146 90.29 46.48 42.92
N SER G 147 89.56 45.62 42.25
CA SER G 147 90.09 44.32 41.80
C SER G 147 90.72 44.50 40.46
N ASN G 148 91.77 43.71 40.21
CA ASN G 148 92.40 43.63 38.86
C ASN G 148 92.00 42.36 38.11
N ALA G 149 90.96 41.68 38.58
CA ALA G 149 90.49 40.43 37.95
C ALA G 149 89.62 40.84 36.79
N VAL G 150 90.26 41.26 35.72
CA VAL G 150 89.59 42.07 34.69
C VAL G 150 88.48 41.35 33.93
N LEU G 151 88.70 40.10 33.60
CA LEU G 151 87.69 39.34 32.82
C LEU G 151 86.40 39.10 33.62
N PRO G 152 86.49 38.50 34.80
CA PRO G 152 85.26 38.31 35.57
C PRO G 152 84.56 39.61 35.92
N ILE G 153 85.32 40.67 36.18
CA ILE G 153 84.71 41.98 36.48
C ILE G 153 84.04 42.53 35.25
N ALA G 154 84.65 42.37 34.11
CA ALA G 154 84.05 42.88 32.86
C ALA G 154 82.67 42.27 32.61
N ALA G 155 82.61 40.96 32.72
CA ALA G 155 81.35 40.24 32.53
C ALA G 155 80.32 40.62 33.62
N ALA G 156 80.81 40.77 34.84
CA ALA G 156 79.97 41.10 35.99
C ALA G 156 79.30 42.44 35.82
N VAL G 157 80.04 43.40 35.31
CA VAL G 157 79.50 44.74 35.06
C VAL G 157 78.62 44.76 33.82
N ALA G 158 79.02 44.02 32.81
CA ALA G 158 78.19 43.84 31.61
C ALA G 158 76.77 43.34 31.95
N ARG G 159 76.68 42.44 32.91
CA ARG G 159 75.37 41.80 33.25
C ARG G 159 74.57 42.56 34.31
N CYS G 160 75.15 43.63 34.83
CA CYS G 160 74.54 44.35 35.95
C CYS G 160 73.57 45.42 35.46
N GLY G 161 72.80 45.91 36.40
CA GLY G 161 71.92 47.03 36.16
C GLY G 161 70.76 46.71 35.26
N LYS G 162 70.17 47.76 34.72
CA LYS G 162 69.01 47.63 33.84
C LYS G 162 69.42 46.96 32.56
N HIS G 163 68.54 46.14 32.02
CA HIS G 163 68.84 45.33 30.85
C HIS G 163 68.62 46.09 29.55
N ASN G 164 69.47 45.81 28.58
CA ASN G 164 69.37 46.48 27.28
C ASN G 164 68.06 46.14 26.60
N PHE G 165 67.56 44.95 26.87
CA PHE G 165 66.22 44.61 26.38
C PHE G 165 65.16 45.26 27.29
N SER G 166 64.27 46.02 26.67
CA SER G 166 63.13 46.61 27.38
C SER G 166 61.94 46.92 26.47
N ALA G 167 60.76 46.75 27.04
CA ALA G 167 59.50 47.11 26.39
C ALA G 167 58.75 48.20 27.17
N LYS G 168 59.42 48.74 28.18
CA LYS G 168 58.82 49.77 29.01
C LYS G 168 58.79 51.15 28.31
N ASP G 169 57.76 51.93 28.63
CA ASP G 169 57.69 53.36 28.31
C ASP G 169 58.04 53.71 26.85
N GLY G 170 57.35 53.08 25.91
CA GLY G 170 57.55 53.32 24.48
C GLY G 170 58.77 52.69 23.81
N ALA G 171 59.58 51.97 24.58
CA ALA G 171 60.77 51.27 24.02
C ALA G 171 60.45 50.28 22.89
N ALA G 172 59.24 49.74 22.88
CA ALA G 172 58.81 48.89 21.76
C ALA G 172 58.91 49.62 20.39
N ALA G 173 58.72 50.93 20.40
CA ALA G 173 58.82 51.74 19.17
C ALA G 173 60.26 52.03 18.81
N ALA G 174 61.17 51.74 19.73
CA ALA G 174 62.63 51.89 19.49
C ALA G 174 63.35 50.53 19.41
N ALA G 175 62.69 49.58 18.78
CA ALA G 175 63.21 48.21 18.60
C ALA G 175 63.64 47.53 19.94
N TYR G 176 62.93 47.88 21.01
CA TYR G 176 63.10 47.27 22.36
C TYR G 176 64.52 47.50 22.91
N ASN G 177 65.12 48.62 22.49
CA ASN G 177 66.37 49.12 23.09
C ASN G 177 65.98 49.98 24.27
N SER G 178 66.44 49.60 25.44
CA SER G 178 66.07 50.31 26.65
C SER G 178 66.58 51.73 26.58
N GLY G 179 65.78 52.66 27.06
CA GLY G 179 66.22 54.05 27.30
C GLY G 179 66.68 54.32 28.73
N LYS G 180 66.67 53.27 29.54
CA LYS G 180 67.02 53.36 30.97
C LYS G 180 68.44 52.94 31.35
N VAL G 181 69.20 52.56 30.35
CA VAL G 181 70.57 52.06 30.59
C VAL G 181 71.54 53.22 30.67
N SER G 182 72.42 53.17 31.65
CA SER G 182 73.52 54.14 31.78
C SER G 182 74.76 53.64 31.08
N ARG G 183 75.51 54.55 30.44
CA ARG G 183 76.88 54.22 29.97
C ARG G 183 77.73 53.99 31.26
N LEU G 184 78.53 52.92 31.28
CA LEU G 184 79.35 52.60 32.44
C LEU G 184 80.82 52.60 32.07
N GLN G 185 81.58 53.39 32.81
CA GLN G 185 83.05 53.41 32.62
C GLN G 185 83.71 52.72 33.80
N VAL G 186 84.21 51.53 33.54
CA VAL G 186 84.89 50.74 34.55
C VAL G 186 86.36 51.20 34.62
N VAL G 187 86.76 51.58 35.82
CA VAL G 187 88.11 52.11 36.08
C VAL G 187 88.87 51.16 36.97
N PHE G 188 89.73 50.37 36.33
CA PHE G 188 90.60 49.42 37.08
C PHE G 188 91.73 50.16 37.76
N PRO G 189 92.32 49.60 38.80
CA PRO G 189 93.51 50.23 39.42
C PRO G 189 94.72 50.37 38.47
N GLU G 190 94.98 49.32 37.71
CA GLU G 190 96.10 49.25 36.78
C GLU G 190 95.60 49.07 35.37
N PRO G 191 96.44 49.39 34.36
CA PRO G 191 96.04 49.07 32.99
C PRO G 191 95.69 47.58 32.88
N PRO G 192 94.55 47.26 32.29
CA PRO G 192 94.11 45.89 32.37
C PRO G 192 95.01 44.96 31.57
N ALA G 193 95.26 43.80 32.13
CA ALA G 193 96.02 42.74 31.43
C ALA G 193 95.41 42.36 30.07
N ILE G 194 94.11 42.44 29.96
CA ILE G 194 93.40 42.22 28.69
C ILE G 194 93.05 43.60 28.18
N PRO G 195 93.37 43.90 26.90
CA PRO G 195 93.08 45.25 26.40
C PRO G 195 91.59 45.68 26.55
N PRO G 196 91.34 46.97 26.83
CA PRO G 196 89.97 47.50 26.91
C PRO G 196 89.03 47.12 25.76
N LYS G 197 89.48 47.22 24.52
CA LYS G 197 88.59 46.87 23.35
C LYS G 197 88.23 45.36 23.37
N ASP G 198 89.15 44.53 23.85
CA ASP G 198 88.88 43.11 24.02
C ASP G 198 87.83 42.88 25.14
N LEU G 199 87.99 43.62 26.24
CA LEU G 199 87.01 43.57 27.33
C LEU G 199 85.65 44.05 26.85
N GLU G 200 85.65 45.06 26.00
CA GLU G 200 84.37 45.50 25.38
C GLU G 200 83.69 44.42 24.58
N ALA G 201 84.47 43.69 23.82
CA ALA G 201 83.94 42.57 23.01
C ALA G 201 83.28 41.49 23.90
N VAL G 202 83.92 41.20 25.01
CA VAL G 202 83.37 40.24 26.02
C VAL G 202 82.06 40.75 26.62
N ALA G 203 82.10 41.99 27.06
CA ALA G 203 80.91 42.63 27.64
C ALA G 203 79.78 42.69 26.65
N THR G 204 80.13 42.96 25.40
CA THR G 204 79.13 43.00 24.32
C THR G 204 78.43 41.63 24.17
N SER G 205 79.24 40.57 24.18
CA SER G 205 78.70 39.21 24.02
C SER G 205 77.82 38.80 25.23
N THR G 206 78.25 39.17 26.43
CA THR G 206 77.43 38.93 27.62
C THR G 206 76.04 39.59 27.48
N GLN G 207 76.04 40.83 26.99
CA GLN G 207 74.83 41.64 26.86
C GLN G 207 73.97 41.25 25.67
N LEU G 208 74.58 40.85 24.58
CA LEU G 208 73.81 40.30 23.44
C LEU G 208 73.11 39.01 23.87
N CYS G 209 73.86 38.17 24.57
CA CYS G 209 73.35 36.90 25.10
C CYS G 209 72.16 37.17 26.01
N GLN G 210 72.35 38.15 26.88
CA GLN G 210 71.27 38.62 27.77
C GLN G 210 70.05 39.07 27.00
N ARG G 211 70.30 39.80 25.93
CA ARG G 211 69.21 40.37 25.09
C ARG G 211 68.39 39.27 24.48
N LEU G 212 69.08 38.31 23.90
CA LEU G 212 68.43 37.20 23.19
C LEU G 212 67.57 36.36 24.16
N VAL G 213 68.11 36.13 25.35
CA VAL G 213 67.45 35.32 26.36
C VAL G 213 66.24 36.04 26.96
N ASP G 214 66.44 37.30 27.31
CA ASP G 214 65.35 38.20 27.82
C ASP G 214 64.20 38.33 26.83
N ALA G 215 64.54 38.36 25.55
CA ALA G 215 63.55 38.66 24.52
C ALA G 215 62.45 37.62 24.57
N PRO G 216 61.19 38.08 24.49
CA PRO G 216 60.09 37.12 24.46
C PRO G 216 60.01 36.42 23.14
N PRO G 217 59.34 35.25 23.09
CA PRO G 217 59.39 34.44 21.89
C PRO G 217 58.62 35.05 20.74
N ASN G 218 57.79 36.03 21.03
CA ASN G 218 57.09 36.76 19.93
C ASN G 218 58.04 37.64 19.12
N LEU G 219 59.21 37.92 19.71
CA LEU G 219 60.32 38.68 19.04
C LEU G 219 61.45 37.78 18.60
N LEU G 220 61.86 36.91 19.50
CA LEU G 220 62.92 35.94 19.19
C LEU G 220 62.32 34.61 18.86
N THR G 221 62.22 34.39 17.58
CA THR G 221 61.68 33.16 16.99
C THR G 221 62.78 32.34 16.34
N THR G 222 62.45 31.16 15.87
CA THR G 222 63.43 30.35 15.18
C THR G 222 63.96 31.12 13.95
N ALA G 223 63.07 31.88 13.31
CA ALA G 223 63.41 32.66 12.11
C ALA G 223 64.22 33.90 12.46
N THR G 224 63.83 34.65 13.49
CA THR G 224 64.60 35.87 13.80
C THR G 224 65.99 35.54 14.38
N PHE G 225 66.08 34.46 15.13
CA PHE G 225 67.39 34.03 15.67
C PHE G 225 68.31 33.69 14.46
N THR G 226 67.75 32.99 13.50
CA THR G 226 68.49 32.63 12.30
C THR G 226 68.96 33.91 11.55
N GLU G 227 68.05 34.84 11.39
CA GLU G 227 68.38 36.10 10.67
C GLU G 227 69.47 36.86 11.40
N ILE G 228 69.41 36.84 12.71
CA ILE G 228 70.45 37.50 13.52
C ILE G 228 71.81 36.87 13.26
N ALA G 229 71.85 35.54 13.27
CA ALA G 229 73.08 34.81 12.97
C ALA G 229 73.61 35.15 11.56
N GLN G 230 72.71 35.19 10.59
CA GLN G 230 73.06 35.56 9.21
C GLN G 230 73.61 36.99 9.12
N GLY G 231 72.99 37.91 9.84
CA GLY G 231 73.46 39.29 9.92
C GLY G 231 74.90 39.38 10.42
N TYR G 232 75.18 38.67 11.50
CA TYR G 232 76.55 38.64 12.04
C TYR G 232 77.51 37.97 11.06
N ALA G 233 77.04 36.96 10.38
CA ALA G 233 77.86 36.28 9.35
C ALA G 233 78.27 37.24 8.22
N LYS G 234 77.33 38.02 7.72
CA LYS G 234 77.68 39.03 6.66
C LYS G 234 78.71 40.02 7.24
N ALA G 235 78.43 40.52 8.41
CA ALA G 235 79.26 41.60 9.00
C ALA G 235 80.66 41.17 9.32
N LEU G 236 80.80 40.02 9.92
CA LEU G 236 82.11 39.55 10.42
C LEU G 236 82.82 38.58 9.48
N GLY G 237 82.13 38.15 8.44
CA GLY G 237 82.71 37.29 7.41
C GLY G 237 82.95 35.85 7.78
N PHE G 238 82.06 35.27 8.60
CA PHE G 238 82.13 33.82 8.84
C PHE G 238 81.04 33.10 8.07
N ASP G 239 81.16 31.79 7.99
CA ASP G 239 80.24 30.97 7.16
C ASP G 239 78.99 30.57 7.95
N VAL G 240 77.87 30.48 7.24
CA VAL G 240 76.60 30.10 7.85
C VAL G 240 75.89 29.09 6.95
N ASP G 241 75.49 27.99 7.56
CA ASP G 241 74.73 26.92 6.90
C ASP G 241 73.38 26.75 7.65
N VAL G 242 72.30 26.75 6.92
CA VAL G 242 70.97 26.63 7.48
C VAL G 242 70.24 25.47 6.87
N ILE G 243 69.81 24.54 7.70
CA ILE G 243 68.91 23.48 7.27
C ILE G 243 67.55 23.78 7.89
N CYS G 244 66.57 24.02 7.04
CA CYS G 244 65.29 24.61 7.46
C CYS G 244 64.06 23.75 7.24
N GLY G 245 63.23 23.67 8.26
CA GLY G 245 61.88 23.09 8.16
C GLY G 245 61.82 21.69 7.62
N ASP G 246 61.03 21.50 6.59
CA ASP G 246 60.86 20.15 6.01
C ASP G 246 62.14 19.53 5.46
N ASP G 247 63.11 20.37 5.10
CA ASP G 247 64.42 19.85 4.63
C ASP G 247 65.13 19.07 5.72
N LEU G 248 64.81 19.38 6.97
CA LEU G 248 65.37 18.60 8.13
C LEU G 248 64.88 17.17 8.08
N CYS G 249 63.60 17.02 7.80
CA CYS G 249 62.99 15.70 7.62
C CYS G 249 63.60 14.96 6.41
N GLU G 250 63.65 15.63 5.26
CA GLU G 250 64.21 15.00 3.99
C GLU G 250 65.65 14.55 4.19
N ARG G 251 66.40 15.31 4.97
CA ARG G 251 67.83 15.00 5.22
C ARG G 251 68.12 14.17 6.47
N GLY G 252 67.08 13.61 7.08
CA GLY G 252 67.24 12.58 8.15
C GLY G 252 67.41 13.13 9.55
N TYR G 253 67.19 14.43 9.71
CA TYR G 253 67.28 15.09 11.03
C TYR G 253 65.95 14.98 11.79
N GLY G 254 65.59 13.75 12.08
CA GLY G 254 64.27 13.41 12.63
C GLY G 254 64.00 13.99 14.00
N GLY G 255 65.07 14.18 14.76
CA GLY G 255 64.93 14.69 16.14
C GLY G 255 64.49 16.12 16.22
N ILE G 256 65.30 17.00 15.67
CA ILE G 256 64.96 18.41 15.62
C ILE G 256 63.71 18.67 14.77
N TYR G 257 63.56 17.95 13.68
CA TYR G 257 62.35 18.10 12.83
C TYR G 257 61.09 17.79 13.66
N SER G 258 61.10 16.64 14.31
CA SER G 258 59.91 16.17 15.05
C SER G 258 59.55 17.10 16.20
N VAL G 259 60.56 17.58 16.92
CA VAL G 259 60.36 18.51 18.04
C VAL G 259 59.76 19.80 17.57
N GLY G 260 60.30 20.30 16.47
CA GLY G 260 59.92 21.67 15.98
C GLY G 260 58.74 21.81 15.03
N LYS G 261 58.26 20.70 14.52
CA LYS G 261 57.33 20.74 13.34
C LYS G 261 55.92 21.24 13.62
N ALA G 262 55.54 21.18 14.88
CA ALA G 262 54.20 21.68 15.29
C ALA G 262 54.10 23.21 15.29
N ALA G 263 55.24 23.87 15.38
CA ALA G 263 55.29 25.33 15.60
C ALA G 263 54.91 26.13 14.37
N PHE G 264 54.54 27.37 14.61
CA PHE G 264 54.21 28.32 13.56
C PHE G 264 55.46 28.63 12.69
N GLU G 265 56.58 28.90 13.33
CA GLU G 265 57.88 29.10 12.63
C GLU G 265 58.66 27.77 12.59
N ALA G 266 59.23 27.49 11.43
CA ALA G 266 59.88 26.19 11.21
C ALA G 266 61.16 26.03 12.02
N PRO G 267 61.53 24.78 12.34
CA PRO G 267 62.78 24.58 13.03
C PRO G 267 63.92 24.76 12.07
N ARG G 268 65.08 25.07 12.62
CA ARG G 268 66.31 25.23 11.84
C ARG G 268 67.49 24.66 12.57
N LEU G 269 68.32 23.98 11.82
CA LEU G 269 69.67 23.63 12.26
C LEU G 269 70.62 24.61 11.57
N VAL G 270 71.18 25.50 12.38
CA VAL G 270 72.02 26.58 11.91
C VAL G 270 73.48 26.35 12.35
N THR G 271 74.37 26.17 11.38
CA THR G 271 75.76 25.94 11.69
C THR G 271 76.63 27.10 11.18
N LEU G 272 77.44 27.61 12.08
CA LEU G 272 78.36 28.71 11.81
C LEU G 272 79.81 28.17 11.88
N LEU G 273 80.65 28.67 10.97
CA LEU G 273 82.07 28.24 10.91
C LEU G 273 83.02 29.38 10.99
N TYR G 274 84.02 29.19 11.82
CA TYR G 274 85.13 30.11 11.93
C TYR G 274 86.43 29.32 11.92
N THR G 275 87.29 29.66 10.99
CA THR G 275 88.65 29.10 10.93
C THR G 275 89.63 30.25 11.06
N PRO G 276 90.48 30.24 12.10
CA PRO G 276 91.48 31.29 12.23
C PRO G 276 92.62 31.23 11.20
N LYS G 277 93.33 32.35 11.08
CA LYS G 277 94.55 32.47 10.25
C LYS G 277 95.53 31.55 10.93
N GLY G 278 96.19 30.73 10.16
CA GLY G 278 97.26 29.86 10.75
C GLY G 278 96.70 28.65 11.46
N THR G 279 97.58 27.90 12.13
CA THR G 279 97.22 26.59 12.70
C THR G 279 96.44 26.75 14.00
N PRO G 280 95.22 26.20 14.07
CA PRO G 280 94.43 26.32 15.29
C PRO G 280 95.01 25.51 16.41
N VAL G 281 94.90 26.01 17.62
CA VAL G 281 95.38 25.24 18.80
C VAL G 281 94.50 24.01 19.05
N LYS G 282 93.28 24.05 18.51
CA LYS G 282 92.25 23.04 18.72
C LYS G 282 91.12 23.23 17.74
N LYS G 283 90.46 22.14 17.46
CA LYS G 283 89.17 22.19 16.72
C LYS G 283 88.02 21.86 17.68
N VAL G 284 87.12 22.82 17.82
CA VAL G 284 86.03 22.71 18.78
C VAL G 284 84.71 22.93 18.08
N SER G 285 83.78 22.01 18.31
CA SER G 285 82.38 22.13 17.84
C SER G 285 81.47 22.46 19.00
N LEU G 286 80.77 23.56 18.84
CA LEU G 286 79.79 24.01 19.82
C LEU G 286 78.42 23.62 19.33
N VAL G 287 77.58 23.15 20.26
CA VAL G 287 76.18 22.82 19.96
C VAL G 287 75.27 23.40 21.05
N GLY G 288 74.29 24.16 20.65
CA GLY G 288 73.41 24.85 21.59
C GLY G 288 71.94 24.53 21.45
N LYS G 289 71.29 24.30 22.59
CA LYS G 289 69.82 24.07 22.64
C LYS G 289 69.16 25.41 22.41
N GLY G 290 68.54 25.55 21.27
CA GLY G 290 67.87 26.80 20.89
C GLY G 290 66.37 26.70 20.87
N ILE G 291 65.81 26.28 21.98
CA ILE G 291 64.34 26.14 22.08
C ILE G 291 63.81 27.51 22.44
N VAL G 292 63.33 28.20 21.42
CA VAL G 292 62.85 29.60 21.56
C VAL G 292 61.70 29.73 22.56
N TYR G 293 60.90 28.67 22.61
CA TYR G 293 59.89 28.50 23.66
C TYR G 293 59.55 27.03 23.85
N ASP G 294 59.49 26.62 25.12
CA ASP G 294 59.27 25.21 25.53
C ASP G 294 57.91 25.22 26.23
N CYS G 295 56.84 24.99 25.49
CA CYS G 295 55.51 24.79 26.13
C CYS G 295 55.34 23.37 26.73
N GLY G 296 56.27 22.48 26.38
CA GLY G 296 56.23 21.06 26.76
C GLY G 296 55.79 20.12 25.65
N GLY G 297 55.23 20.72 24.60
CA GLY G 297 54.54 19.98 23.56
C GLY G 297 53.26 19.34 24.14
N LEU G 298 52.90 18.19 23.63
CA LEU G 298 51.70 17.48 24.08
C LEU G 298 51.76 17.19 25.61
N ALA G 299 52.97 16.98 26.10
CA ALA G 299 53.28 16.92 27.53
C ALA G 299 53.34 18.34 28.07
N LEU G 300 52.20 18.98 28.03
CA LEU G 300 52.10 20.40 28.31
C LEU G 300 52.54 20.77 29.74
N LYS G 301 53.34 21.80 29.86
CA LYS G 301 53.72 22.34 31.16
C LYS G 301 52.58 23.14 31.80
N PRO G 302 52.48 23.07 33.13
CA PRO G 302 51.61 24.02 33.82
C PRO G 302 52.15 25.41 33.64
N ALA G 303 51.29 26.40 33.78
CA ALA G 303 51.64 27.80 33.44
C ALA G 303 52.82 28.35 34.25
N ASP G 304 52.86 28.04 35.54
CA ASP G 304 53.95 28.53 36.44
C ASP G 304 55.34 27.99 36.01
N TYR G 305 55.39 26.78 35.49
CA TYR G 305 56.64 26.21 34.93
C TYR G 305 56.91 26.71 33.52
N MET G 306 55.87 26.97 32.76
CA MET G 306 56.00 27.42 31.36
C MET G 306 56.52 28.84 31.27
N LYS G 307 56.17 29.66 32.27
CA LYS G 307 56.67 31.06 32.39
C LYS G 307 58.21 30.96 32.44
N LEU G 308 58.85 31.87 31.74
CA LEU G 308 60.33 31.84 31.63
C LEU G 308 60.95 30.74 30.74
N MET G 309 60.14 29.97 30.03
CA MET G 309 60.69 29.06 29.00
C MET G 309 61.13 29.79 27.70
N LYS G 310 60.92 31.11 27.65
CA LYS G 310 61.63 31.96 26.64
C LYS G 310 63.14 31.89 26.86
N HIS G 311 63.54 31.52 28.09
CA HIS G 311 64.95 31.30 28.42
C HIS G 311 65.52 29.98 27.88
N ASP G 312 64.68 29.18 27.23
CA ASP G 312 65.07 27.80 26.84
C ASP G 312 66.00 27.78 25.63
N MET G 313 66.29 28.94 25.10
CA MET G 313 67.32 29.11 24.04
C MET G 313 68.65 29.65 24.62
N GLY G 314 68.75 29.65 25.94
CA GLY G 314 69.92 30.20 26.63
C GLY G 314 71.24 29.54 26.29
N GLY G 315 71.18 28.25 26.01
CA GLY G 315 72.37 27.49 25.56
C GLY G 315 72.79 27.87 24.15
N ALA G 316 71.82 28.07 23.29
CA ALA G 316 72.10 28.53 21.90
C ALA G 316 72.70 29.94 21.90
N ALA G 317 72.14 30.79 22.72
CA ALA G 317 72.64 32.15 22.86
C ALA G 317 74.06 32.13 23.39
N ALA G 318 74.31 31.27 24.37
CA ALA G 318 75.62 31.18 24.97
C ALA G 318 76.71 30.79 23.94
N VAL G 319 76.46 29.71 23.21
CA VAL G 319 77.42 29.26 22.20
C VAL G 319 77.53 30.26 21.04
N PHE G 320 76.41 30.84 20.67
CA PHE G 320 76.40 31.84 19.61
C PHE G 320 77.31 33.00 19.97
N CYS G 321 77.14 33.53 21.16
CA CYS G 321 77.87 34.74 21.57
C CYS G 321 79.34 34.42 21.88
N GLY G 322 79.59 33.25 22.42
CA GLY G 322 80.98 32.80 22.64
C GLY G 322 81.72 32.68 21.32
N PHE G 323 81.01 32.15 20.33
CA PHE G 323 81.47 32.11 18.95
C PHE G 323 81.79 33.52 18.45
N LEU G 324 80.86 34.45 18.64
CA LEU G 324 81.07 35.85 18.16
C LEU G 324 82.31 36.45 18.80
N THR G 325 82.50 36.21 20.08
CA THR G 325 83.67 36.75 20.76
C THR G 325 84.94 36.19 20.15
N ALA G 326 84.95 34.88 19.91
CA ALA G 326 86.11 34.23 19.31
C ALA G 326 86.44 34.85 17.94
N VAL G 327 85.39 35.16 17.16
CA VAL G 327 85.59 35.76 15.82
C VAL G 327 86.11 37.18 15.96
N ARG G 328 85.46 37.94 16.82
CA ARG G 328 85.83 39.34 17.02
C ARG G 328 87.26 39.50 17.58
N LEU G 329 87.65 38.65 18.52
CA LEU G 329 89.01 38.68 19.09
C LEU G 329 90.01 37.80 18.36
N GLN G 330 89.55 37.14 17.30
CA GLN G 330 90.40 36.28 16.47
C GLN G 330 91.16 35.30 17.33
N GLN G 331 90.45 34.64 18.23
CA GLN G 331 91.05 33.58 19.05
C GLN G 331 91.47 32.43 18.12
N PRO G 332 92.59 31.75 18.44
CA PRO G 332 93.17 30.75 17.55
C PRO G 332 92.58 29.37 17.71
N VAL G 333 91.26 29.32 17.68
CA VAL G 333 90.49 28.06 17.77
C VAL G 333 89.63 27.93 16.57
N GLN G 334 89.67 26.76 15.97
CA GLN G 334 88.77 26.50 14.86
C GLN G 334 87.44 26.10 15.48
N LEU G 335 86.37 26.76 15.06
CA LEU G 335 85.05 26.56 15.65
C LEU G 335 83.98 26.26 14.67
N SER G 336 83.14 25.31 15.03
CA SER G 336 81.75 25.23 14.48
C SER G 336 80.81 25.58 15.62
N CYS G 337 79.72 26.19 15.28
CA CYS G 337 78.67 26.55 16.23
C CYS G 337 77.32 26.22 15.64
N THR G 338 76.74 25.16 16.18
CA THR G 338 75.47 24.62 15.66
C THR G 338 74.35 25.00 16.62
N LEU G 339 73.42 25.78 16.11
CA LEU G 339 72.24 26.22 16.85
C LEU G 339 71.06 25.31 16.51
N CYS G 340 70.54 24.65 17.52
CA CYS G 340 69.42 23.73 17.35
C CYS G 340 68.16 24.50 17.66
N LEU G 341 67.62 25.12 16.64
CA LEU G 341 66.50 26.07 16.78
C LEU G 341 65.15 25.41 16.49
N ALA G 342 64.28 25.50 17.48
CA ALA G 342 62.91 24.98 17.37
C ALA G 342 62.06 25.62 18.45
N GLU G 343 60.78 25.75 18.17
CA GLU G 343 59.79 25.97 19.24
C GLU G 343 59.11 24.63 19.50
N ASN G 344 59.05 24.27 20.79
CA ASN G 344 58.34 23.06 21.24
C ASN G 344 56.90 23.45 21.49
N ALA G 345 56.11 23.28 20.46
CA ALA G 345 54.76 23.82 20.37
C ALA G 345 53.73 22.71 20.54
N ILE G 346 52.51 23.15 20.70
CA ILE G 346 51.39 22.19 20.87
C ILE G 346 50.37 22.48 19.77
N GLY G 347 49.95 21.41 19.14
CA GLY G 347 48.99 21.51 18.04
C GLY G 347 48.86 20.21 17.30
N PRO G 348 48.12 20.22 16.20
CA PRO G 348 47.81 18.98 15.44
C PRO G 348 49.04 18.27 14.90
N LYS G 349 50.09 19.02 14.61
CA LYS G 349 51.34 18.42 14.11
C LYS G 349 52.35 18.07 15.20
N SER G 350 51.94 18.18 16.46
CA SER G 350 52.83 17.83 17.58
C SER G 350 53.36 16.42 17.48
N TYR G 351 54.66 16.27 17.67
CA TYR G 351 55.19 14.96 17.91
C TYR G 351 54.59 14.44 19.24
N ARG G 352 54.42 13.14 19.31
CA ARG G 352 53.58 12.55 20.35
C ARG G 352 54.34 11.75 21.38
N ASN G 353 53.70 11.61 22.53
CA ASN G 353 54.15 10.69 23.57
C ASN G 353 53.77 9.28 23.15
N ASP G 354 54.71 8.62 22.51
CA ASP G 354 54.55 7.29 21.77
C ASP G 354 55.25 7.27 20.41
N ASP G 355 55.38 8.43 19.79
CA ASP G 355 55.99 8.51 18.47
C ASP G 355 57.42 7.96 18.54
N ILE G 356 57.86 7.39 17.43
CA ILE G 356 59.24 6.88 17.32
C ILE G 356 59.95 7.73 16.27
N ILE G 357 61.04 8.33 16.70
CA ILE G 357 61.87 9.22 15.85
C ILE G 357 63.08 8.48 15.29
N VAL G 358 63.33 8.71 14.01
CA VAL G 358 64.60 8.24 13.41
C VAL G 358 65.58 9.42 13.44
N MET G 359 66.54 9.34 14.35
CA MET G 359 67.50 10.42 14.55
C MET G 359 68.48 10.46 13.36
N LYS G 360 69.14 11.58 13.19
CA LYS G 360 70.19 11.71 12.16
C LYS G 360 71.30 10.69 12.36
N SER G 361 71.57 10.36 13.60
CA SER G 361 72.52 9.28 13.94
C SER G 361 72.14 7.90 13.40
N GLY G 362 70.89 7.74 12.97
CA GLY G 362 70.33 6.41 12.56
C GLY G 362 69.65 5.65 13.69
N LYS G 363 69.87 6.10 14.91
CA LYS G 363 69.27 5.46 16.08
C LYS G 363 67.87 5.93 16.27
N THR G 364 67.01 5.03 16.74
CA THR G 364 65.58 5.32 16.91
C THR G 364 65.28 5.62 18.36
N VAL G 365 64.43 6.60 18.54
CA VAL G 365 64.08 7.15 19.86
C VAL G 365 62.58 7.09 20.05
N GLU G 366 62.16 6.31 21.03
CA GLU G 366 60.76 6.27 21.44
C GLU G 366 60.51 7.46 22.37
N VAL G 367 59.60 8.32 22.00
CA VAL G 367 59.28 9.51 22.77
C VAL G 367 58.30 9.15 23.90
N ILE G 368 58.81 9.10 25.11
CA ILE G 368 58.02 8.86 26.33
C ILE G 368 57.37 10.14 26.77
N ASN G 369 58.10 11.23 26.63
CA ASN G 369 57.63 12.54 27.07
C ASN G 369 58.17 13.64 26.16
N THR G 370 57.25 14.37 25.55
CA THR G 370 57.60 15.41 24.57
C THR G 370 58.29 16.61 25.18
N ASP G 371 58.18 16.73 26.50
CA ASP G 371 58.80 17.86 27.25
C ASP G 371 60.28 17.65 27.55
N ALA G 372 60.73 16.44 27.25
CA ALA G 372 62.18 16.11 27.15
C ALA G 372 62.68 16.26 25.69
N GLU G 373 62.50 17.46 25.19
CA GLU G 373 62.75 17.81 23.77
C GLU G 373 64.20 18.18 23.50
N GLY G 374 64.83 18.73 24.52
CA GLY G 374 66.14 19.33 24.38
C GLY G 374 67.17 18.31 24.01
N ARG G 375 67.14 17.19 24.69
CA ARG G 375 68.11 16.15 24.46
C ARG G 375 67.98 15.59 23.05
N ILE G 376 66.75 15.58 22.55
CA ILE G 376 66.48 15.07 21.18
C ILE G 376 67.11 15.99 20.12
N VAL G 377 66.83 17.23 20.29
CA VAL G 377 67.30 18.29 19.41
C VAL G 377 68.86 18.32 19.42
N LEU G 378 69.42 18.19 20.60
CA LEU G 378 70.86 18.15 20.78
C LEU G 378 71.48 16.91 20.19
N GLY G 379 70.73 15.82 20.24
CA GLY G 379 71.21 14.55 19.63
C GLY G 379 71.51 14.71 18.14
N ASP G 380 70.62 15.39 17.47
CA ASP G 380 70.81 15.72 16.05
C ASP G 380 71.97 16.74 15.87
N GLY G 381 72.03 17.70 16.77
CA GLY G 381 73.09 18.72 16.78
C GLY G 381 74.50 18.15 16.91
N VAL G 382 74.69 17.27 17.87
CA VAL G 382 76.04 16.69 18.11
C VAL G 382 76.42 15.69 17.04
N PHE G 383 75.43 14.97 16.51
CA PHE G 383 75.71 14.07 15.36
C PHE G 383 76.13 14.89 14.14
N HIS G 384 75.39 15.95 13.90
CA HIS G 384 75.74 16.85 12.82
C HIS G 384 77.20 17.36 12.95
N ALA G 385 77.53 17.84 14.13
CA ALA G 385 78.86 18.41 14.40
C ALA G 385 79.95 17.36 14.24
N THR G 386 79.69 16.16 14.68
CA THR G 386 80.72 15.11 14.73
C THR G 386 80.78 14.25 13.45
N ASN G 387 79.82 14.42 12.58
CA ASN G 387 79.73 13.58 11.38
C ASN G 387 79.61 14.31 10.05
N GLU G 388 79.03 15.49 10.05
CA GLU G 388 78.63 16.13 8.79
C GLU G 388 79.45 17.34 8.39
N LEU G 389 80.44 17.69 9.19
CA LEU G 389 81.24 18.93 8.90
C LEU G 389 82.48 18.57 8.09
N SER G 390 83.14 19.59 7.59
CA SER G 390 84.39 19.40 6.79
C SER G 390 85.60 19.04 7.64
N PHE G 391 85.47 19.15 8.95
CA PHE G 391 86.48 18.65 9.88
C PHE G 391 85.82 17.83 10.97
N THR G 392 86.63 17.09 11.70
CA THR G 392 86.17 16.35 12.88
C THR G 392 86.72 17.06 14.11
N PRO G 393 85.85 17.45 15.07
CA PRO G 393 86.34 18.21 16.19
C PRO G 393 87.10 17.38 17.18
N ASP G 394 87.99 18.05 17.89
CA ASP G 394 88.73 17.45 18.99
C ASP G 394 87.87 17.43 20.23
N VAL G 395 87.04 18.45 20.33
CA VAL G 395 86.21 18.68 21.50
C VAL G 395 84.83 19.09 21.04
N VAL G 396 83.82 18.49 21.64
CA VAL G 396 82.43 18.90 21.43
C VAL G 396 81.89 19.46 22.74
N ILE G 397 81.36 20.67 22.66
CA ILE G 397 80.74 21.32 23.82
C ILE G 397 79.30 21.58 23.48
N ASP G 398 78.40 20.96 24.22
CA ASP G 398 76.99 21.31 24.07
C ASP G 398 76.55 22.08 25.32
N MET G 399 75.74 23.09 25.09
CA MET G 399 75.22 23.93 26.15
C MET G 399 73.71 24.00 26.03
N ALA G 400 73.03 23.80 27.15
CA ALA G 400 71.56 23.64 27.14
C ALA G 400 70.93 23.90 28.48
N THR G 401 69.80 24.57 28.41
CA THR G 401 68.92 24.75 29.59
C THR G 401 68.08 23.48 29.76
N LEU G 402 68.72 22.43 30.19
CA LEU G 402 68.23 21.10 29.88
C LEU G 402 67.29 20.45 30.93
N THR G 403 67.60 20.58 32.20
CA THR G 403 66.87 19.86 33.24
C THR G 403 66.57 20.71 34.44
N GLY G 404 65.39 20.51 35.02
CA GLY G 404 65.09 20.99 36.37
C GLY G 404 66.00 20.35 37.43
N ALA G 405 66.38 19.12 37.19
CA ALA G 405 67.37 18.42 38.04
C ALA G 405 68.68 19.21 38.25
N GLN G 406 69.09 19.97 37.23
CA GLN G 406 70.32 20.75 37.31
C GLN G 406 70.28 21.69 38.50
N GLY G 407 69.17 22.40 38.65
CA GLY G 407 69.01 23.32 39.77
C GLY G 407 69.12 22.60 41.11
N ILE G 408 68.44 21.49 41.18
CA ILE G 408 68.43 20.66 42.40
C ILE G 408 69.81 20.15 42.73
N ALA G 409 70.53 19.77 41.71
CA ALA G 409 71.86 19.18 41.88
C ALA G 409 72.97 20.21 42.17
N THR G 410 73.13 21.13 41.26
CA THR G 410 74.27 22.11 41.29
C THR G 410 73.87 23.57 41.53
N GLY G 411 72.58 23.84 41.51
CA GLY G 411 72.05 25.15 41.99
C GLY G 411 71.99 26.26 40.97
N ARG G 412 71.69 27.45 41.44
CA ARG G 412 71.37 28.58 40.56
C ARG G 412 72.57 29.23 39.91
N HIS G 413 73.76 29.01 40.47
CA HIS G 413 74.98 29.71 40.05
C HIS G 413 76.01 28.86 39.36
N HIS G 414 75.83 27.57 39.45
CA HIS G 414 76.79 26.62 38.89
C HIS G 414 76.12 25.73 37.85
N ALA G 415 76.56 25.87 36.60
CA ALA G 415 76.12 24.99 35.55
C ALA G 415 76.67 23.60 35.81
N GLY G 416 75.88 22.60 35.49
CA GLY G 416 76.30 21.20 35.68
C GLY G 416 77.11 20.72 34.49
N LEU G 417 78.20 20.03 34.78
CA LEU G 417 79.03 19.41 33.75
C LEU G 417 78.99 17.89 33.72
N TYR G 418 78.63 17.35 32.57
CA TYR G 418 78.72 15.90 32.31
C TYR G 418 79.77 15.73 31.21
N VAL G 419 80.88 15.13 31.57
CA VAL G 419 82.05 15.14 30.73
C VAL G 419 82.71 13.76 30.64
N ASN G 420 83.05 13.35 29.43
CA ASN G 420 83.63 12.00 29.24
C ASN G 420 85.13 11.86 29.56
N GLU G 421 85.79 12.96 29.82
CA GLU G 421 87.26 12.97 30.16
C GLU G 421 87.54 13.89 31.31
N GLU G 422 88.31 13.42 32.28
CA GLU G 422 88.65 14.20 33.49
C GLU G 422 89.36 15.52 33.11
N GLY G 423 90.25 15.48 32.12
CA GLY G 423 91.06 16.64 31.71
C GLY G 423 90.23 17.81 31.18
N ALA G 424 89.33 17.49 30.27
CA ALA G 424 88.40 18.50 29.70
C ALA G 424 87.47 19.08 30.79
N GLU G 425 87.03 18.21 31.67
CA GLU G 425 86.18 18.62 32.81
C GLU G 425 86.91 19.65 33.70
N ALA G 426 88.13 19.32 34.06
CA ALA G 426 88.96 20.18 34.95
C ALA G 426 89.24 21.53 34.30
N ALA G 427 89.45 21.49 33.00
CA ALA G 427 89.69 22.72 32.22
C ALA G 427 88.47 23.62 32.19
N MET G 428 87.30 23.03 31.95
CA MET G 428 86.05 23.83 31.96
C MET G 428 85.71 24.37 33.35
N LEU G 429 85.97 23.57 34.36
CA LEU G 429 85.85 24.05 35.76
C LEU G 429 86.76 25.27 36.08
N ARG G 430 88.01 25.15 35.65
CA ARG G 430 89.03 26.24 35.79
C ARG G 430 88.50 27.49 35.07
N ALA G 431 88.01 27.30 33.85
CA ALA G 431 87.45 28.42 33.08
C ALA G 431 86.24 29.09 33.78
N GLY G 432 85.43 28.27 34.42
CA GLY G 432 84.34 28.79 35.22
C GLY G 432 84.78 29.66 36.41
N ARG G 433 85.79 29.18 37.12
CA ARG G 433 86.33 29.91 38.28
C ARG G 433 87.01 31.22 37.89
N GLU G 434 87.70 31.19 36.76
CA GLU G 434 88.40 32.37 36.25
CA GLU G 434 88.41 32.37 36.25
C GLU G 434 87.43 33.41 35.68
N SER G 435 86.47 32.92 34.87
CA SER G 435 85.48 33.81 34.23
C SER G 435 84.42 34.32 35.18
N GLY G 436 84.22 33.62 36.27
CA GLY G 436 83.07 33.89 37.18
C GLY G 436 81.80 33.11 36.84
N GLU G 437 81.76 32.55 35.64
CA GLU G 437 80.59 31.78 35.13
C GLU G 437 80.75 30.33 35.53
N THR G 438 80.53 30.12 36.83
CA THR G 438 80.98 28.91 37.53
C THR G 438 80.19 27.66 37.13
N CYS G 439 80.87 26.53 37.19
CA CYS G 439 80.34 25.21 36.91
C CYS G 439 80.64 24.24 38.05
N PHE G 440 79.98 23.09 37.99
CA PHE G 440 80.28 21.98 38.92
C PHE G 440 79.92 20.66 38.26
N PRO G 441 80.74 19.61 38.47
CA PRO G 441 80.46 18.36 37.78
C PRO G 441 79.27 17.60 38.32
N VAL G 442 78.62 16.89 37.40
CA VAL G 442 77.66 15.87 37.78
C VAL G 442 78.21 14.51 37.41
N LEU G 443 77.65 13.48 38.05
CA LEU G 443 78.13 12.09 37.88
C LEU G 443 78.24 11.69 36.40
N TYR G 444 79.43 11.24 36.03
CA TYR G 444 79.66 10.54 34.77
C TYR G 444 79.82 9.06 35.05
N CYS G 445 78.82 8.32 34.62
CA CYS G 445 78.77 6.86 34.83
C CYS G 445 77.81 6.19 33.83
N PRO G 446 78.15 6.24 32.54
CA PRO G 446 77.30 5.70 31.47
C PRO G 446 76.76 4.30 31.71
N GLU G 447 77.55 3.44 32.32
CA GLU G 447 77.10 2.07 32.60
C GLU G 447 75.87 2.04 33.49
N TYR G 448 75.70 3.05 34.32
CA TYR G 448 74.47 3.18 35.16
C TYR G 448 73.35 4.02 34.54
N HIS G 449 73.69 4.89 33.60
CA HIS G 449 72.68 5.71 32.89
C HIS G 449 71.97 4.93 31.78
N GLU G 450 72.75 4.15 31.08
CA GLU G 450 72.29 3.41 29.90
C GLU G 450 70.99 2.58 30.10
N PRO G 451 70.91 1.80 31.18
CA PRO G 451 69.70 0.96 31.38
C PRO G 451 68.41 1.76 31.57
N GLU G 452 68.53 3.02 31.95
CA GLU G 452 67.35 3.87 32.14
C GLU G 452 66.58 4.18 30.86
N PHE G 453 67.22 3.96 29.73
CA PHE G 453 66.63 4.33 28.45
C PHE G 453 66.18 3.12 27.60
N LYS G 454 66.01 1.96 28.23
CA LYS G 454 65.59 0.74 27.49
C LYS G 454 64.18 0.99 26.91
N SER G 455 63.99 0.55 25.68
CA SER G 455 62.71 0.65 24.97
C SER G 455 62.30 -0.72 24.45
N ASN G 456 61.01 -1.00 24.47
CA ASN G 456 60.48 -2.23 23.84
C ASN G 456 60.70 -2.30 22.31
N HIS G 457 60.54 -1.16 21.66
CA HIS G 457 60.48 -1.13 20.19
C HIS G 457 61.51 -0.29 19.45
N ALA G 458 62.13 0.65 20.15
CA ALA G 458 63.13 1.53 19.55
C ALA G 458 64.46 1.23 20.18
N ASP G 459 65.51 1.84 19.63
CA ASP G 459 66.86 1.68 20.22
C ASP G 459 66.92 2.23 21.64
N MET G 460 66.22 3.30 21.88
CA MET G 460 66.15 3.91 23.20
C MET G 460 64.88 4.73 23.38
N THR G 461 64.58 5.05 24.64
CA THR G 461 63.58 6.10 24.96
C THR G 461 64.31 7.46 25.09
N ASN G 462 63.53 8.52 25.19
CA ASN G 462 64.05 9.84 25.53
C ASN G 462 63.92 10.24 27.00
N LEU G 463 63.48 9.30 27.83
CA LEU G 463 63.26 9.59 29.23
C LEU G 463 63.54 8.40 30.09
N MET G 464 64.17 8.67 31.20
CA MET G 464 64.54 7.63 32.20
C MET G 464 63.31 6.94 32.78
N GLU G 465 63.38 5.63 32.88
CA GLU G 465 62.39 4.83 33.60
C GLU G 465 62.27 5.30 35.06
N ARG G 466 63.41 5.54 35.68
CA ARG G 466 63.47 6.08 37.06
C ARG G 466 64.12 7.48 37.04
N ARG G 467 63.34 8.49 37.43
CA ARG G 467 63.78 9.89 37.35
C ARG G 467 64.63 10.33 38.55
N ASP G 468 64.70 9.47 39.54
CA ASP G 468 65.57 9.70 40.71
C ASP G 468 66.92 8.95 40.66
N ASN G 469 67.49 8.86 39.47
CA ASN G 469 68.75 8.16 39.24
C ASN G 469 69.76 8.97 38.40
N ALA G 470 70.16 10.10 38.97
CA ALA G 470 71.13 11.04 38.35
C ALA G 470 70.55 11.65 37.05
N GLY G 471 69.57 12.52 37.23
CA GLY G 471 68.82 13.08 36.11
C GLY G 471 69.61 14.02 35.20
N VAL G 472 70.50 14.79 35.77
CA VAL G 472 71.33 15.71 34.96
C VAL G 472 72.21 14.83 34.08
N SER G 473 72.77 13.79 34.69
CA SER G 473 73.70 12.90 34.05
C SER G 473 73.05 12.11 32.92
N CYS G 474 71.89 11.55 33.21
CA CYS G 474 71.15 10.72 32.24
C CYS G 474 70.77 11.52 30.99
N ALA G 475 70.38 12.77 31.15
CA ALA G 475 70.07 13.63 29.99
C ALA G 475 71.33 13.82 29.12
N GLY G 476 72.46 13.98 29.79
CA GLY G 476 73.75 14.08 29.10
C GLY G 476 74.06 12.80 28.37
N TYR G 477 73.86 11.70 29.06
CA TYR G 477 74.13 10.36 28.47
C TYR G 477 73.37 10.22 27.15
N PHE G 478 72.09 10.59 27.18
CA PHE G 478 71.23 10.47 25.99
C PHE G 478 71.92 11.12 24.78
N ILE G 479 72.38 12.32 25.02
CA ILE G 479 73.04 13.12 23.96
C ILE G 479 74.26 12.37 23.40
N THR G 480 75.03 11.74 24.28
CA THR G 480 76.25 11.03 23.88
C THR G 480 75.97 9.85 22.94
N THR G 481 74.82 9.22 23.08
CA THR G 481 74.46 8.08 22.23
C THR G 481 74.36 8.47 20.75
N HIS G 482 74.23 9.77 20.50
CA HIS G 482 74.13 10.28 19.13
C HIS G 482 75.40 10.95 18.57
N LEU G 483 76.49 10.82 19.31
CA LEU G 483 77.81 11.22 18.81
C LEU G 483 78.21 10.26 17.70
N SER G 484 78.80 10.80 16.64
CA SER G 484 79.31 9.94 15.55
C SER G 484 80.40 9.01 16.05
N PRO G 485 80.45 7.77 15.54
CA PRO G 485 81.59 6.89 15.79
C PRO G 485 82.95 7.45 15.29
N LYS G 486 82.90 8.34 14.32
CA LYS G 486 84.10 9.06 13.83
C LYS G 486 84.74 9.96 14.90
N PHE G 487 83.97 10.28 15.93
CA PHE G 487 84.46 11.18 16.99
C PHE G 487 85.02 10.36 18.12
N THR G 488 86.23 10.70 18.53
CA THR G 488 86.92 10.03 19.63
C THR G 488 87.50 11.01 20.67
N GLY G 489 87.02 12.24 20.64
CA GLY G 489 87.57 13.30 21.50
C GLY G 489 86.80 13.52 22.77
N ALA G 490 86.96 14.72 23.32
CA ALA G 490 86.34 15.08 24.58
C ALA G 490 84.97 15.66 24.33
N HIS G 491 84.02 15.25 25.15
CA HIS G 491 82.66 15.79 25.07
C HIS G 491 82.25 16.43 26.40
N ILE G 492 81.94 17.70 26.34
CA ILE G 492 81.54 18.47 27.50
C ILE G 492 80.08 18.90 27.35
N HIS G 493 79.23 18.34 28.21
CA HIS G 493 77.84 18.70 28.26
C HIS G 493 77.62 19.67 29.41
N VAL G 494 77.13 20.83 29.08
CA VAL G 494 76.90 21.93 30.05
C VAL G 494 75.38 22.17 30.22
N ASP G 495 74.87 21.81 31.38
CA ASP G 495 73.46 22.00 31.72
C ASP G 495 73.40 23.30 32.49
N LEU G 496 72.87 24.30 31.84
CA LEU G 496 72.81 25.67 32.44
C LEU G 496 71.38 26.21 32.58
N ALA G 497 70.48 25.30 32.89
CA ALA G 497 69.04 25.61 33.07
C ALA G 497 68.83 26.85 33.93
N TYR G 498 69.47 26.88 35.08
CA TYR G 498 69.29 27.97 36.06
C TYR G 498 70.30 29.14 36.01
N PRO G 499 71.57 28.87 35.71
CA PRO G 499 72.49 29.98 35.70
C PRO G 499 72.25 31.06 34.64
N VAL G 500 71.47 30.73 33.62
CA VAL G 500 71.14 31.71 32.56
C VAL G 500 70.20 32.83 32.98
N PHE G 501 69.64 32.74 34.17
CA PHE G 501 68.68 33.77 34.63
C PHE G 501 68.72 33.97 36.15
N ASN G 502 68.20 35.10 36.55
CA ASN G 502 67.90 35.36 37.94
C ASN G 502 66.61 36.17 37.99
N SER G 503 66.30 36.75 39.13
CA SER G 503 65.01 37.39 39.34
C SER G 503 64.85 38.70 38.55
N ASN G 504 65.96 39.21 38.04
CA ASN G 504 65.96 40.35 37.10
C ASN G 504 65.91 39.98 35.63
N GLY G 505 66.00 38.71 35.35
CA GLY G 505 65.98 38.24 33.96
C GLY G 505 67.27 37.52 33.60
N ALA G 506 67.62 37.57 32.32
CA ALA G 506 68.77 36.84 31.79
C ALA G 506 70.07 37.39 32.39
N THR G 507 71.02 36.50 32.57
CA THR G 507 72.34 36.82 33.14
C THR G 507 73.43 36.97 32.07
N GLY G 508 73.18 36.47 30.88
CA GLY G 508 74.19 36.36 29.85
C GLY G 508 75.29 35.37 30.19
N PHE G 509 74.96 34.39 31.02
CA PHE G 509 75.90 33.31 31.39
C PHE G 509 76.20 32.43 30.20
N GLY G 510 77.48 32.13 30.03
CA GLY G 510 77.92 31.14 29.04
C GLY G 510 79.04 31.61 28.12
N PRO G 511 78.84 32.75 27.47
CA PRO G 511 79.85 33.20 26.51
C PRO G 511 81.24 33.45 27.08
N ALA G 512 81.31 34.15 28.20
CA ALA G 512 82.60 34.42 28.86
C ALA G 512 83.28 33.14 29.33
N LEU G 513 82.48 32.20 29.82
CA LEU G 513 82.97 30.85 30.17
C LEU G 513 83.72 30.23 28.99
N LEU G 514 83.08 30.24 27.84
CA LEU G 514 83.68 29.71 26.62
C LEU G 514 84.97 30.49 26.23
N THR G 515 84.89 31.81 26.30
CA THR G 515 86.01 32.63 25.93
C THR G 515 87.23 32.24 26.77
N GLU G 516 87.00 32.09 28.07
CA GLU G 516 88.06 31.76 29.01
C GLU G 516 88.55 30.35 28.74
N TYR G 517 87.63 29.44 28.46
CA TYR G 517 88.00 28.05 28.12
C TYR G 517 88.91 28.03 26.86
N PHE G 518 88.48 28.73 25.83
CA PHE G 518 89.26 28.81 24.57
C PHE G 518 90.69 29.41 24.80
N ARG G 519 90.74 30.41 25.66
CA ARG G 519 91.99 31.10 26.03
C ARG G 519 93.08 30.15 26.55
N LYS G 520 92.69 29.13 27.32
CA LYS G 520 93.63 28.22 27.95
C LYS G 520 93.84 26.90 27.21
N LEU G 521 93.36 26.77 25.98
CA LEU G 521 93.48 25.50 25.25
C LEU G 521 94.92 25.12 24.85
N THR H 3 37.81 27.58 5.88
CA THR H 3 36.40 27.34 5.48
C THR H 3 35.77 26.12 6.14
N LEU H 4 34.49 26.27 6.33
CA LEU H 4 33.63 25.29 7.02
C LEU H 4 32.91 24.38 6.07
N PRO H 5 32.59 23.16 6.53
CA PRO H 5 31.64 22.36 5.79
C PRO H 5 30.31 23.07 5.58
N LYS H 6 29.72 22.86 4.39
CA LYS H 6 28.48 23.55 3.99
C LYS H 6 27.39 23.34 5.05
N ALA H 7 27.23 22.12 5.52
CA ALA H 7 26.16 21.80 6.53
C ALA H 7 26.35 22.60 7.85
N GLU H 8 27.61 22.82 8.23
CA GLU H 8 27.92 23.61 9.43
C GLU H 8 27.65 25.08 9.20
N ALA H 9 28.08 25.59 8.06
CA ALA H 9 27.76 27.01 7.69
C ALA H 9 26.24 27.27 7.65
N LYS H 10 25.47 26.34 7.09
CA LYS H 10 23.98 26.49 7.01
C LYS H 10 23.44 26.58 8.44
N GLU H 11 23.92 25.69 9.28
CA GLU H 11 23.50 25.64 10.72
C GLU H 11 23.81 26.96 11.44
N LEU H 12 24.98 27.51 11.18
CA LEU H 12 25.36 28.77 11.80
C LEU H 12 24.46 29.91 11.35
N SER H 13 24.20 29.97 10.04
CA SER H 13 23.27 31.04 9.50
C SER H 13 21.90 30.96 10.11
N ALA H 14 21.40 29.75 10.20
CA ALA H 14 20.08 29.56 10.82
C ALA H 14 20.10 30.03 12.29
N PHE H 15 21.18 29.72 12.97
CA PHE H 15 21.30 30.07 14.40
C PHE H 15 21.37 31.59 14.56
N VAL H 16 22.13 32.21 13.68
CA VAL H 16 22.21 33.70 13.65
C VAL H 16 20.79 34.26 13.55
N GLN H 17 20.08 33.76 12.57
CA GLN H 17 18.71 34.23 12.27
C GLN H 17 17.80 34.04 13.49
N SER H 18 17.92 32.89 14.15
CA SER H 18 17.15 32.60 15.38
C SER H 18 17.40 33.63 16.48
N CYS H 19 18.60 34.17 16.54
CA CYS H 19 18.93 35.20 17.54
C CYS H 19 18.48 36.59 17.12
N VAL H 20 18.73 36.91 15.86
CA VAL H 20 18.33 38.23 15.32
C VAL H 20 16.80 38.43 15.40
N GLU H 21 16.07 37.36 15.17
CA GLU H 21 14.57 37.43 15.13
C GLU H 21 13.91 37.01 16.43
N TYR H 22 14.74 36.81 17.46
CA TYR H 22 14.21 36.27 18.74
C TYR H 22 13.09 37.17 19.26
N LYS H 23 11.97 36.54 19.58
CA LYS H 23 10.80 37.21 20.21
C LYS H 23 10.48 36.49 21.53
N THR H 24 10.14 37.26 22.55
CA THR H 24 9.89 36.68 23.88
C THR H 24 8.59 35.89 23.93
N ASN H 25 8.54 34.96 24.88
CA ASN H 25 7.32 34.16 25.16
C ASN H 25 6.46 34.80 26.26
N VAL H 26 6.87 35.94 26.78
CA VAL H 26 6.20 36.56 27.93
C VAL H 26 5.41 37.80 27.50
N CYS H 27 4.18 37.90 27.99
CA CYS H 27 3.41 39.15 27.87
C CYS H 27 2.92 39.58 29.25
N PHE H 28 2.46 40.80 29.33
CA PHE H 28 2.11 41.42 30.62
C PHE H 28 0.76 42.09 30.58
N THR H 29 0.02 41.93 31.65
CA THR H 29 -1.24 42.65 31.77
C THR H 29 -1.53 42.85 33.26
N ASP H 30 -2.77 43.22 33.55
CA ASP H 30 -3.20 43.40 34.93
C ASP H 30 -4.59 42.79 35.15
N VAL H 31 -4.95 42.62 36.40
CA VAL H 31 -6.13 41.82 36.77
C VAL H 31 -7.45 42.34 36.11
N ALA H 32 -7.65 43.65 36.21
CA ALA H 32 -8.85 44.29 35.64
C ALA H 32 -8.86 44.15 34.12
N ALA H 33 -7.73 44.40 33.48
CA ALA H 33 -7.67 44.24 32.00
C ALA H 33 -7.93 42.80 31.58
N TYR H 34 -7.43 41.88 32.40
CA TYR H 34 -7.57 40.44 32.17
C TYR H 34 -9.06 40.00 32.28
N GLU H 35 -9.72 40.45 33.35
CA GLU H 35 -11.18 40.24 33.57
C GLU H 35 -11.95 40.77 32.35
N SER H 36 -11.55 41.94 31.90
CA SER H 36 -12.17 42.59 30.74
C SER H 36 -11.95 41.85 29.42
N ASN H 37 -10.75 41.36 29.20
CA ASN H 37 -10.43 40.67 27.90
C ASN H 37 -10.76 39.19 27.83
N GLN H 38 -10.73 38.53 28.98
CA GLN H 38 -10.88 37.07 29.03
C GLN H 38 -12.12 36.62 29.77
N LYS H 39 -12.74 37.55 30.47
CA LYS H 39 -14.12 37.36 31.04
C LYS H 39 -14.16 36.10 31.94
N GLY H 40 -13.11 35.89 32.74
CA GLY H 40 -13.01 34.71 33.63
C GLY H 40 -12.62 33.40 33.01
N VAL H 41 -12.28 33.39 31.73
CA VAL H 41 -11.79 32.17 31.05
C VAL H 41 -10.26 32.13 31.12
N LEU H 42 -9.74 31.16 31.83
CA LEU H 42 -8.26 30.97 31.93
C LEU H 42 -7.65 30.65 30.55
N SER H 43 -6.42 31.06 30.36
CA SER H 43 -5.70 30.85 29.07
C SER H 43 -5.44 29.39 28.77
N SER H 44 -5.35 28.59 29.81
CA SER H 44 -5.04 27.15 29.67
C SER H 44 -5.39 26.41 30.93
N GLY H 45 -5.01 25.14 30.97
CA GLY H 45 -5.21 24.28 32.16
C GLY H 45 -4.24 24.43 33.34
N LEU H 46 -3.34 25.42 33.26
CA LEU H 46 -2.42 25.73 34.39
C LEU H 46 -2.50 27.19 34.70
N ALA H 47 -2.61 27.48 35.98
CA ALA H 47 -2.54 28.87 36.47
C ALA H 47 -1.63 28.90 37.66
N VAL H 48 -0.89 29.98 37.75
CA VAL H 48 0.13 30.14 38.79
C VAL H 48 -0.18 31.39 39.57
N LEU H 49 -0.10 31.26 40.86
CA LEU H 49 -0.32 32.38 41.77
C LEU H 49 0.87 32.55 42.71
N VAL H 50 1.53 33.68 42.61
CA VAL H 50 2.75 33.89 43.39
C VAL H 50 2.75 35.19 44.17
N GLY H 51 3.04 35.07 45.46
CA GLY H 51 3.13 36.26 46.31
C GLY H 51 3.66 35.92 47.68
N THR H 52 3.82 36.96 48.49
CA THR H 52 4.24 36.79 49.88
C THR H 52 3.12 36.20 50.73
N HIS H 53 3.48 35.69 51.90
CA HIS H 53 2.50 35.09 52.85
C HIS H 53 1.32 36.04 53.07
N LYS H 54 1.64 37.30 53.25
CA LYS H 54 0.65 38.29 53.51
C LYS H 54 -0.14 38.63 52.25
N GLN H 55 0.56 38.81 51.15
CA GLN H 55 -0.16 39.15 49.87
C GLN H 55 -1.18 38.08 49.49
N LEU H 56 -0.78 36.84 49.71
CA LEU H 56 -1.64 35.69 49.39
C LEU H 56 -2.96 35.66 50.22
N ARG H 57 -2.95 36.34 51.35
CA ARG H 57 -4.10 36.45 52.29
C ARG H 57 -4.85 37.78 52.18
N ASP H 58 -4.46 38.62 51.25
CA ASP H 58 -5.23 39.83 50.92
C ASP H 58 -6.63 39.42 50.38
N PRO H 59 -7.69 40.11 50.82
CA PRO H 59 -9.06 39.84 50.32
C PRO H 59 -9.21 39.86 48.80
N ALA H 60 -8.43 40.70 48.13
CA ALA H 60 -8.45 40.78 46.62
C ALA H 60 -8.18 39.47 45.91
N VAL H 61 -7.40 38.63 46.56
CA VAL H 61 -7.02 37.30 46.03
C VAL H 61 -8.27 36.44 45.81
N GLN H 62 -9.21 36.55 46.75
CA GLN H 62 -10.53 35.82 46.66
C GLN H 62 -11.33 36.13 45.39
N ARG H 63 -11.11 37.30 44.85
CA ARG H 63 -11.82 37.74 43.64
C ARG H 63 -11.12 37.32 42.35
N LEU H 64 -10.03 36.55 42.47
CA LEU H 64 -9.36 36.04 41.26
C LEU H 64 -10.17 34.89 40.65
N PRO H 65 -10.20 34.80 39.32
CA PRO H 65 -11.13 33.89 38.61
C PRO H 65 -11.00 32.41 38.90
N PHE H 66 -9.86 32.03 39.43
CA PHE H 66 -9.57 30.60 39.72
C PHE H 66 -9.71 30.28 41.20
N TYR H 67 -10.03 31.28 42.01
CA TYR H 67 -10.00 31.10 43.46
C TYR H 67 -11.18 30.26 43.91
N ASN H 68 -10.91 29.32 44.81
CA ASN H 68 -11.96 28.49 45.40
C ASN H 68 -11.41 27.93 46.72
N PRO H 69 -12.18 27.10 47.42
CA PRO H 69 -11.66 26.65 48.73
C PRO H 69 -10.39 25.79 48.67
N ALA H 70 -10.21 25.07 47.58
CA ALA H 70 -8.98 24.23 47.40
C ALA H 70 -7.73 25.15 47.30
N VAL H 71 -7.88 26.20 46.54
CA VAL H 71 -6.83 27.21 46.41
C VAL H 71 -6.55 27.87 47.77
N ALA H 72 -7.59 28.14 48.52
CA ALA H 72 -7.43 28.70 49.89
C ALA H 72 -6.60 27.72 50.72
N GLU H 73 -6.86 26.44 50.53
CA GLU H 73 -6.14 25.43 51.29
C GLU H 73 -4.67 25.39 50.84
N ALA H 74 -4.46 25.55 49.55
CA ALA H 74 -3.09 25.56 48.99
C ALA H 74 -2.28 26.68 49.63
N ILE H 75 -2.92 27.81 49.82
CA ILE H 75 -2.33 28.96 50.50
C ILE H 75 -1.93 28.60 51.95
N GLU H 76 -2.73 27.79 52.63
CA GLU H 76 -2.40 27.35 54.03
C GLU H 76 -1.27 26.37 54.05
N ARG H 77 -1.24 25.51 53.05
CA ARG H 77 -0.33 24.37 53.06
C ARG H 77 1.06 24.64 52.44
N VAL H 78 1.13 25.63 51.58
CA VAL H 78 2.37 25.97 50.87
C VAL H 78 3.42 26.43 51.87
N LYS H 79 4.65 26.00 51.61
CA LYS H 79 5.82 26.37 52.43
C LYS H 79 6.50 27.60 51.80
N GLU H 80 7.08 28.42 52.66
CA GLU H 80 7.87 29.59 52.21
C GLU H 80 8.97 29.12 51.24
N GLY H 81 9.01 29.76 50.08
CA GLY H 81 9.95 29.37 49.01
C GLY H 81 9.58 28.13 48.25
N GLY H 82 8.41 27.60 48.56
CA GLY H 82 7.90 26.37 47.90
C GLY H 82 6.62 26.61 47.11
N THR H 83 6.21 25.54 46.44
CA THR H 83 4.95 25.55 45.71
C THR H 83 3.99 24.49 46.23
N TYR H 84 2.73 24.69 45.90
CA TYR H 84 1.62 23.73 46.24
C TYR H 84 0.52 23.83 45.20
N GLY H 85 0.23 22.70 44.61
CA GLY H 85 -0.74 22.62 43.50
C GLY H 85 -2.06 21.97 43.91
N VAL H 86 -3.14 22.52 43.38
CA VAL H 86 -4.52 21.92 43.56
C VAL H 86 -5.29 21.93 42.26
N LEU H 87 -6.09 20.89 42.07
CA LEU H 87 -7.02 20.80 40.90
C LEU H 87 -8.30 21.58 41.19
N VAL H 88 -8.78 22.29 40.19
CA VAL H 88 -10.08 22.91 40.25
C VAL H 88 -10.91 22.43 39.08
N GLU H 89 -11.99 21.69 39.39
CA GLU H 89 -12.91 21.10 38.35
C GLU H 89 -13.84 22.14 37.78
N GLY H 90 -13.99 22.06 36.46
CA GLY H 90 -14.98 22.89 35.72
C GLY H 90 -14.72 24.37 35.79
N LEU H 91 -13.45 24.74 35.70
CA LEU H 91 -13.07 26.16 35.61
C LEU H 91 -12.94 26.41 34.14
N ALA H 92 -13.66 27.42 33.66
CA ALA H 92 -13.59 27.77 32.25
C ALA H 92 -12.13 28.06 31.86
N ASN H 93 -11.68 27.43 30.79
CA ASN H 93 -10.36 27.67 30.26
C ASN H 93 -10.29 27.43 28.76
N ALA H 94 -9.40 28.16 28.09
CA ALA H 94 -9.30 28.14 26.60
C ALA H 94 -8.84 26.81 25.99
N ALA H 95 -8.17 26.00 26.78
CA ALA H 95 -7.76 24.64 26.36
C ALA H 95 -8.83 23.56 26.61
N GLY H 96 -9.93 23.95 27.24
CA GLY H 96 -11.04 23.01 27.46
C GLY H 96 -10.69 21.81 28.33
N SER H 97 -9.92 22.09 29.38
CA SER H 97 -9.33 21.05 30.23
C SER H 97 -10.34 20.79 31.34
N LYS H 98 -10.61 19.52 31.63
CA LYS H 98 -11.63 19.14 32.64
C LYS H 98 -11.28 19.78 34.00
N PHE H 99 -9.98 19.72 34.27
CA PHE H 99 -9.43 20.32 35.46
C PHE H 99 -8.43 21.40 35.09
N VAL H 100 -8.41 22.44 35.89
CA VAL H 100 -7.35 23.43 35.89
C VAL H 100 -6.48 23.22 37.14
N ARG H 101 -5.18 23.14 36.93
CA ARG H 101 -4.21 23.00 38.05
C ARG H 101 -3.81 24.41 38.42
N VAL H 102 -4.00 24.73 39.67
CA VAL H 102 -3.59 26.03 40.22
C VAL H 102 -2.40 25.80 41.15
N VAL H 103 -1.27 26.41 40.80
CA VAL H 103 -0.03 26.24 41.60
C VAL H 103 0.22 27.51 42.35
N VAL H 104 0.19 27.41 43.66
CA VAL H 104 0.48 28.56 44.54
C VAL H 104 1.97 28.50 44.93
N GLY H 105 2.60 29.67 44.93
CA GLY H 105 4.01 29.82 45.38
C GLY H 105 4.16 30.97 46.34
N GLU H 106 4.82 30.70 47.46
CA GLU H 106 5.03 31.72 48.52
C GLU H 106 6.45 32.32 48.46
N VAL H 107 6.48 33.62 48.27
CA VAL H 107 7.70 34.39 48.20
C VAL H 107 8.07 34.90 49.60
N PRO H 108 9.34 34.74 50.02
CA PRO H 108 9.69 35.26 51.32
C PRO H 108 9.66 36.78 51.33
N THR H 109 9.47 37.34 52.50
CA THR H 109 9.62 38.80 52.67
C THR H 109 11.06 39.16 53.17
N LYS H 110 11.74 38.20 53.83
CA LYS H 110 13.13 38.34 54.30
C LYS H 110 14.00 38.80 53.10
N ALA H 111 14.71 39.90 53.32
CA ALA H 111 15.59 40.47 52.31
C ALA H 111 16.56 41.40 52.98
N SER H 112 17.84 41.07 52.86
CA SER H 112 18.91 41.84 53.50
C SER H 112 19.07 43.16 52.76
N ARG H 113 19.82 44.09 53.34
CA ARG H 113 20.04 45.43 52.77
C ARG H 113 20.82 45.40 51.45
N ASN H 114 21.41 44.26 51.12
CA ASN H 114 22.07 44.08 49.80
C ASN H 114 21.24 43.35 48.78
N ASN H 115 19.97 43.16 49.08
CA ASN H 115 19.08 42.37 48.20
C ASN H 115 17.91 43.21 47.68
N CYS H 116 17.24 42.65 46.69
CA CYS H 116 15.99 43.21 46.16
C CYS H 116 14.83 42.79 47.06
N PRO H 117 14.12 43.75 47.65
CA PRO H 117 13.04 43.42 48.61
C PRO H 117 11.94 42.51 48.06
N ALA H 118 11.70 42.60 46.77
CA ALA H 118 10.67 41.77 46.12
C ALA H 118 11.08 40.32 45.95
N ARG H 119 12.34 40.04 46.24
CA ARG H 119 12.91 38.68 46.11
C ARG H 119 12.55 38.00 44.81
N PRO H 120 12.87 38.65 43.68
CA PRO H 120 12.66 38.03 42.37
C PRO H 120 13.39 36.73 42.13
N ASP H 121 14.47 36.51 42.89
CA ASP H 121 15.17 35.21 42.85
C ASP H 121 14.24 34.03 43.14
N VAL H 122 13.39 34.22 44.12
CA VAL H 122 12.42 33.16 44.50
C VAL H 122 11.24 33.13 43.52
N VAL H 123 10.81 34.30 43.07
CA VAL H 123 9.74 34.38 42.04
C VAL H 123 10.12 33.49 40.84
N THR H 124 11.34 33.65 40.37
CA THR H 124 11.84 32.80 39.26
C THR H 124 11.75 31.33 39.60
N ALA H 125 12.27 30.96 40.76
CA ALA H 125 12.30 29.53 41.18
C ALA H 125 10.89 28.94 41.31
N LEU H 126 10.00 29.71 41.87
CA LEU H 126 8.59 29.27 42.02
C LEU H 126 7.90 29.03 40.67
N VAL H 127 8.04 29.98 39.78
CA VAL H 127 7.40 29.84 38.45
C VAL H 127 8.04 28.71 37.65
N THR H 128 9.35 28.58 37.78
CA THR H 128 10.06 27.47 37.15
C THR H 128 9.47 26.15 37.60
N ALA H 129 9.34 26.00 38.91
CA ALA H 129 8.77 24.76 39.49
C ALA H 129 7.33 24.51 39.00
N ALA H 130 6.55 25.56 39.05
CA ALA H 130 5.11 25.49 38.64
C ALA H 130 4.98 25.09 37.17
N LEU H 131 5.84 25.61 36.31
CA LEU H 131 5.80 25.28 34.86
C LEU H 131 6.20 23.84 34.54
N ASP H 132 6.79 23.17 35.49
CA ASP H 132 7.04 21.72 35.37
C ASP H 132 5.76 20.91 35.34
N GLU H 133 4.65 21.51 35.74
CA GLU H 133 3.31 20.84 35.71
C GLU H 133 2.54 21.04 34.41
N VAL H 134 3.14 21.73 33.47
CA VAL H 134 2.52 21.92 32.15
C VAL H 134 2.31 20.55 31.50
N LYS H 135 1.08 20.34 31.04
CA LYS H 135 0.62 19.04 30.49
C LYS H 135 0.91 18.92 28.98
N GLU H 136 0.66 19.98 28.25
CA GLU H 136 0.81 20.02 26.77
C GLU H 136 1.65 21.23 26.35
N PRO H 137 2.15 21.24 25.09
CA PRO H 137 2.99 22.35 24.66
C PRO H 137 2.18 23.38 23.86
N ASN H 138 2.84 24.46 23.50
CA ASN H 138 2.22 25.59 22.75
C ASN H 138 0.98 26.15 23.52
N THR H 139 1.03 26.13 24.86
CA THR H 139 -0.05 26.74 25.69
C THR H 139 0.41 28.06 26.28
N THR H 140 -0.58 28.83 26.71
CA THR H 140 -0.35 30.08 27.44
C THR H 140 -0.71 29.86 28.93
N VAL H 141 0.25 30.16 29.81
CA VAL H 141 0.07 29.98 31.24
C VAL H 141 -0.09 31.33 31.90
N ASP H 142 -1.18 31.47 32.66
CA ASP H 142 -1.45 32.73 33.38
C ASP H 142 -0.65 32.71 34.68
N VAL H 143 0.19 33.71 34.83
CA VAL H 143 1.00 33.85 36.02
C VAL H 143 0.55 35.09 36.78
N PHE H 144 -0.20 34.84 37.85
CA PHE H 144 -0.75 35.95 38.63
C PHE H 144 0.23 36.28 39.71
N VAL H 145 0.73 37.49 39.67
CA VAL H 145 1.72 37.91 40.64
C VAL H 145 1.07 38.94 41.53
N LEU H 146 1.33 38.85 42.82
CA LEU H 146 0.74 39.82 43.77
C LEU H 146 1.62 41.03 44.09
N SER H 147 2.85 41.01 43.58
CA SER H 147 3.76 42.17 43.70
C SER H 147 3.50 43.12 42.55
N ASN H 148 3.70 44.40 42.83
CA ASN H 148 3.69 45.43 41.79
C ASN H 148 5.10 45.93 41.40
N ALA H 149 6.10 45.19 41.80
CA ALA H 149 7.50 45.53 41.46
C ALA H 149 7.80 45.04 40.03
N VAL H 150 7.30 45.80 39.08
CA VAL H 150 7.09 45.26 37.71
C VAL H 150 8.36 44.92 36.98
N LEU H 151 9.37 45.77 37.13
CA LEU H 151 10.63 45.50 36.43
C LEU H 151 11.36 44.23 36.92
N PRO H 152 11.62 44.13 38.22
CA PRO H 152 12.24 42.87 38.68
C PRO H 152 11.46 41.63 38.43
N ILE H 153 10.13 41.74 38.54
CA ILE H 153 9.29 40.57 38.23
C ILE H 153 9.36 40.21 36.76
N ALA H 154 9.35 41.21 35.92
CA ALA H 154 9.42 40.96 34.45
C ALA H 154 10.66 40.16 34.08
N ALA H 155 11.79 40.61 34.61
CA ALA H 155 13.08 39.92 34.34
C ALA H 155 13.10 38.54 34.97
N ALA H 156 12.54 38.46 36.18
CA ALA H 156 12.46 37.17 36.92
C ALA H 156 11.68 36.10 36.18
N VAL H 157 10.58 36.52 35.58
CA VAL H 157 9.75 35.62 34.80
C VAL H 157 10.38 35.30 33.43
N ALA H 158 10.99 36.33 32.86
CA ALA H 158 11.77 36.15 31.59
C ALA H 158 12.85 35.06 31.69
N ARG H 159 13.51 35.01 32.84
CA ARG H 159 14.61 34.04 33.06
C ARG H 159 14.18 32.68 33.59
N CYS H 160 12.88 32.53 33.86
CA CYS H 160 12.39 31.30 34.51
C CYS H 160 12.05 30.23 33.49
N GLY H 161 11.87 29.04 34.00
CA GLY H 161 11.37 27.91 33.22
C GLY H 161 12.37 27.41 32.23
N LYS H 162 11.88 26.65 31.27
CA LYS H 162 12.70 26.08 30.22
C LYS H 162 13.26 27.16 29.32
N HIS H 163 14.49 26.95 28.86
CA HIS H 163 15.21 28.00 28.13
C HIS H 163 14.87 27.97 26.65
N ASN H 164 14.84 29.15 26.06
CA ASN H 164 14.58 29.26 24.61
C ASN H 164 15.64 28.61 23.76
N PHE H 165 16.87 28.56 24.28
CA PHE H 165 17.90 27.72 23.64
C PHE H 165 17.74 26.24 24.00
N SER H 166 17.67 25.41 22.98
CA SER H 166 17.62 23.96 23.19
C SER H 166 18.09 23.19 21.97
N ALA H 167 18.71 22.06 22.27
CA ALA H 167 19.15 21.09 21.25
C ALA H 167 18.48 19.74 21.46
N LYS H 168 17.52 19.71 22.37
CA LYS H 168 16.78 18.46 22.66
C LYS H 168 15.76 18.11 21.56
N ASP H 169 15.58 16.83 21.34
CA ASP H 169 14.42 16.28 20.58
C ASP H 169 14.21 16.98 19.24
N GLY H 170 15.27 17.02 18.44
CA GLY H 170 15.20 17.56 17.08
C GLY H 170 15.26 19.07 16.95
N ALA H 171 15.32 19.77 18.06
CA ALA H 171 15.36 21.25 18.05
C ALA H 171 16.55 21.82 17.25
N ALA H 172 17.61 21.05 17.14
CA ALA H 172 18.75 21.43 16.27
C ALA H 172 18.32 21.70 14.83
N ALA H 173 17.29 20.98 14.38
CA ALA H 173 16.76 21.17 13.01
C ALA H 173 15.88 22.40 12.92
N ALA H 174 15.52 22.95 14.07
CA ALA H 174 14.70 24.17 14.15
C ALA H 174 15.49 25.37 14.67
N ALA H 175 16.75 25.43 14.25
CA ALA H 175 17.69 26.51 14.64
C ALA H 175 17.83 26.67 16.19
N TYR H 176 17.67 25.56 16.89
CA TYR H 176 17.86 25.49 18.36
C TYR H 176 16.86 26.36 19.11
N ASN H 177 15.69 26.57 18.51
CA ASN H 177 14.52 27.18 19.20
C ASN H 177 13.78 26.10 19.92
N SER H 178 13.69 26.21 21.23
CA SER H 178 13.07 25.14 22.05
C SER H 178 11.59 25.00 21.66
N GLY H 179 11.14 23.77 21.58
CA GLY H 179 9.70 23.49 21.47
C GLY H 179 8.98 23.27 22.82
N LYS H 180 9.75 23.38 23.91
CA LYS H 180 9.28 23.09 25.28
C LYS H 180 8.87 24.30 26.09
N VAL H 181 8.94 25.46 25.48
CA VAL H 181 8.69 26.70 26.20
C VAL H 181 7.19 27.03 26.15
N SER H 182 6.63 27.45 27.28
CA SER H 182 5.24 27.90 27.35
C SER H 182 5.14 29.40 27.18
N ARG H 183 4.11 29.87 26.50
CA ARG H 183 3.83 31.31 26.49
C ARG H 183 3.40 31.66 27.93
N LEU H 184 3.86 32.78 28.45
CA LEU H 184 3.53 33.18 29.83
C LEU H 184 2.86 34.52 29.86
N GLN H 185 1.73 34.60 30.51
CA GLN H 185 1.00 35.87 30.67
C GLN H 185 1.05 36.28 32.13
N VAL H 186 1.84 37.30 32.39
CA VAL H 186 2.01 37.83 33.72
C VAL H 186 0.90 38.81 34.00
N VAL H 187 0.19 38.55 35.08
CA VAL H 187 -0.96 39.36 35.46
C VAL H 187 -0.70 40.10 36.77
N PHE H 188 -0.35 41.37 36.66
CA PHE H 188 -0.06 42.19 37.84
C PHE H 188 -1.38 42.63 38.50
N PRO H 189 -1.34 43.07 39.78
CA PRO H 189 -2.58 43.51 40.44
C PRO H 189 -3.13 44.79 39.84
N GLU H 190 -2.23 45.72 39.55
CA GLU H 190 -2.56 47.00 38.94
C GLU H 190 -1.92 47.14 37.59
N PRO H 191 -2.46 48.04 36.73
CA PRO H 191 -1.77 48.35 35.49
C PRO H 191 -0.32 48.70 35.79
N PRO H 192 0.62 48.12 35.04
CA PRO H 192 2.03 48.29 35.44
C PRO H 192 2.51 49.70 35.22
N ALA H 193 3.26 50.21 36.19
CA ALA H 193 3.87 51.53 36.07
C ALA H 193 4.72 51.68 34.79
N ILE H 194 5.29 50.59 34.35
CA ILE H 194 6.02 50.54 33.10
C ILE H 194 5.12 49.85 32.09
N PRO H 195 4.94 50.42 30.87
CA PRO H 195 4.00 49.82 29.93
C PRO H 195 4.33 48.38 29.55
N PRO H 196 3.31 47.55 29.31
CA PRO H 196 3.53 46.16 28.93
C PRO H 196 4.51 45.93 27.79
N LYS H 197 4.42 46.72 26.74
CA LYS H 197 5.32 46.55 25.55
C LYS H 197 6.80 46.86 25.94
N ASP H 198 6.97 47.81 26.86
CA ASP H 198 8.29 48.12 27.43
C ASP H 198 8.83 46.95 28.31
N LEU H 199 7.94 46.37 29.09
CA LEU H 199 8.30 45.16 29.86
C LEU H 199 8.66 44.03 28.92
N GLU H 200 7.94 43.90 27.84
CA GLU H 200 8.25 42.83 26.84
C GLU H 200 9.64 43.01 26.29
N ALA H 201 9.99 44.26 26.03
CA ALA H 201 11.35 44.58 25.49
C ALA H 201 12.46 44.14 26.48
N VAL H 202 12.21 44.42 27.76
CA VAL H 202 13.11 43.99 28.87
C VAL H 202 13.22 42.46 28.92
N ALA H 203 12.09 41.81 28.92
CA ALA H 203 12.06 40.34 28.96
C ALA H 203 12.78 39.73 27.78
N THR H 204 12.57 40.35 26.64
CA THR H 204 13.18 39.89 25.36
C THR H 204 14.71 39.95 25.45
N SER H 205 15.21 41.04 25.99
CA SER H 205 16.65 41.23 26.19
C SER H 205 17.24 40.24 27.23
N THR H 206 16.51 39.99 28.31
CA THR H 206 16.93 38.95 29.29
C THR H 206 17.09 37.62 28.62
N GLN H 207 16.11 37.27 27.80
CA GLN H 207 16.08 35.95 27.15
C GLN H 207 17.03 35.83 25.98
N LEU H 208 17.21 36.89 25.24
CA LEU H 208 18.24 36.89 24.15
C LEU H 208 19.64 36.70 24.78
N CYS H 209 19.88 37.43 25.85
CA CYS H 209 21.13 37.33 26.63
C CYS H 209 21.33 35.91 27.09
N GLN H 210 20.27 35.35 27.65
CA GLN H 210 20.28 33.94 28.03
C GLN H 210 20.66 33.02 26.88
N ARG H 211 20.02 33.27 25.74
CA ARG H 211 20.21 32.42 24.54
C ARG H 211 21.68 32.42 24.10
N LEU H 212 22.25 33.61 24.04
CA LEU H 212 23.66 33.80 23.60
C LEU H 212 24.64 33.09 24.55
N VAL H 213 24.35 33.20 25.83
CA VAL H 213 25.21 32.61 26.86
C VAL H 213 25.08 31.07 26.88
N ASP H 214 23.84 30.61 26.88
CA ASP H 214 23.56 29.14 26.80
C ASP H 214 24.18 28.49 25.57
N ALA H 215 24.18 29.22 24.47
CA ALA H 215 24.61 28.63 23.17
C ALA H 215 26.05 28.13 23.24
N PRO H 216 26.31 26.93 22.76
CA PRO H 216 27.64 26.43 22.83
C PRO H 216 28.53 27.16 21.83
N PRO H 217 29.85 27.10 22.00
CA PRO H 217 30.73 27.87 21.14
C PRO H 217 30.83 27.37 19.70
N ASN H 218 30.39 26.14 19.44
CA ASN H 218 30.27 25.68 18.02
C ASN H 218 29.14 26.41 17.25
N LEU H 219 28.23 27.07 17.97
CA LEU H 219 27.18 27.90 17.39
C LEU H 219 27.44 29.39 17.54
N LEU H 220 27.77 29.77 18.76
CA LEU H 220 28.06 31.19 19.04
C LEU H 220 29.58 31.40 19.02
N THR H 221 30.04 31.89 17.88
CA THR H 221 31.45 32.10 17.60
C THR H 221 31.69 33.58 17.52
N THR H 222 32.94 33.98 17.36
CA THR H 222 33.25 35.39 17.22
C THR H 222 32.50 35.94 16.01
N ALA H 223 32.40 35.10 14.98
CA ALA H 223 31.78 35.52 13.71
C ALA H 223 30.29 35.59 13.82
N THR H 224 29.68 34.57 14.43
CA THR H 224 28.19 34.58 14.51
C THR H 224 27.69 35.64 15.47
N PHE H 225 28.45 35.90 16.52
CA PHE H 225 28.08 36.97 17.46
C PHE H 225 28.09 38.29 16.70
N THR H 226 29.14 38.47 15.93
CA THR H 226 29.25 39.70 15.10
C THR H 226 28.09 39.84 14.09
N GLU H 227 27.77 38.75 13.42
CA GLU H 227 26.65 38.74 12.48
C GLU H 227 25.34 39.09 13.16
N ILE H 228 25.17 38.57 14.37
CA ILE H 228 23.96 38.86 15.13
C ILE H 228 23.85 40.34 15.42
N ALA H 229 24.95 40.91 15.84
CA ALA H 229 25.00 42.36 16.12
C ALA H 229 24.69 43.19 14.85
N GLN H 230 25.26 42.76 13.74
CA GLN H 230 25.00 43.40 12.41
C GLN H 230 23.53 43.29 12.03
N GLY H 231 22.95 42.12 12.26
CA GLY H 231 21.51 41.90 11.99
C GLY H 231 20.62 42.86 12.76
N TYR H 232 20.92 43.03 14.04
CA TYR H 232 20.16 44.00 14.87
C TYR H 232 20.40 45.41 14.40
N ALA H 233 21.62 45.69 14.00
CA ALA H 233 21.94 47.05 13.48
C ALA H 233 21.12 47.42 12.25
N LYS H 234 21.00 46.49 11.32
CA LYS H 234 20.16 46.68 10.10
C LYS H 234 18.71 46.92 10.55
N ALA H 235 18.21 46.04 11.40
CA ALA H 235 16.78 46.04 11.81
C ALA H 235 16.39 47.28 12.61
N LEU H 236 17.23 47.69 13.53
CA LEU H 236 16.90 48.82 14.44
C LEU H 236 17.50 50.13 14.06
N GLY H 237 18.39 50.11 13.08
CA GLY H 237 18.97 51.37 12.57
C GLY H 237 19.98 52.06 13.46
N PHE H 238 20.79 51.27 14.14
CA PHE H 238 21.99 51.84 14.84
C PHE H 238 23.27 51.48 14.08
N ASP H 239 24.34 52.16 14.45
CA ASP H 239 25.62 51.98 13.76
C ASP H 239 26.40 50.77 14.28
N VAL H 240 27.17 50.17 13.40
CA VAL H 240 28.06 49.09 13.77
C VAL H 240 29.43 49.26 13.11
N ASP H 241 30.48 49.14 13.92
CA ASP H 241 31.87 49.21 13.46
C ASP H 241 32.56 47.92 13.88
N VAL H 242 33.21 47.28 12.93
CA VAL H 242 33.89 46.01 13.16
C VAL H 242 35.38 46.11 12.80
N ILE H 243 36.24 45.83 13.76
CA ILE H 243 37.68 45.66 13.48
C ILE H 243 37.98 44.20 13.62
N CYS H 244 38.39 43.60 12.53
CA CYS H 244 38.47 42.14 12.44
C CYS H 244 39.90 41.59 12.23
N GLY H 245 40.22 40.54 12.98
CA GLY H 245 41.36 39.67 12.71
C GLY H 245 42.68 40.40 12.66
N ASP H 246 43.41 40.19 11.57
CA ASP H 246 44.75 40.83 11.39
C ASP H 246 44.71 42.37 11.38
N ASP H 247 43.57 42.96 11.02
CA ASP H 247 43.44 44.44 11.12
C ASP H 247 43.58 44.95 12.53
N LEU H 248 43.25 44.10 13.50
CA LEU H 248 43.46 44.46 14.94
C LEU H 248 44.92 44.67 15.21
N CYS H 249 45.71 43.76 14.68
CA CYS H 249 47.18 43.86 14.81
C CYS H 249 47.72 45.09 14.09
N GLU H 250 47.31 45.28 12.84
CA GLU H 250 47.74 46.48 12.03
C GLU H 250 47.38 47.80 12.70
N ARG H 251 46.23 47.83 13.36
CA ARG H 251 45.74 49.05 14.03
C ARG H 251 46.13 49.19 15.49
N GLY H 252 47.04 48.32 15.96
CA GLY H 252 47.65 48.50 17.32
C GLY H 252 46.86 47.89 18.48
N TYR H 253 45.83 47.12 18.14
CA TYR H 253 44.97 46.43 19.18
C TYR H 253 45.62 45.09 19.57
N GLY H 254 46.81 45.21 20.16
CA GLY H 254 47.66 44.05 20.45
C GLY H 254 47.08 43.08 21.49
N GLY H 255 46.30 43.62 22.39
CA GLY H 255 45.69 42.80 23.44
C GLY H 255 44.69 41.79 22.87
N ILE H 256 43.62 42.31 22.30
CA ILE H 256 42.56 41.45 21.73
C ILE H 256 43.06 40.62 20.56
N TYR H 257 43.95 41.20 19.76
CA TYR H 257 44.60 40.43 18.66
C TYR H 257 45.36 39.21 19.21
N SER H 258 46.23 39.46 20.18
CA SER H 258 47.10 38.38 20.73
C SER H 258 46.31 37.26 21.41
N VAL H 259 45.28 37.66 22.17
CA VAL H 259 44.37 36.69 22.86
C VAL H 259 43.64 35.81 21.88
N GLY H 260 43.14 36.45 20.82
CA GLY H 260 42.26 35.76 19.85
C GLY H 260 42.88 35.06 18.66
N LYS H 261 44.15 35.32 18.40
CA LYS H 261 44.74 34.94 17.09
C LYS H 261 44.94 33.48 16.87
N ALA H 262 44.99 32.72 17.95
CA ALA H 262 45.21 31.23 17.83
C ALA H 262 43.98 30.51 17.32
N ALA H 263 42.83 31.16 17.47
CA ALA H 263 41.53 30.51 17.23
C ALA H 263 41.23 30.32 15.75
N PHE H 264 40.34 29.39 15.48
CA PHE H 264 39.84 29.12 14.12
C PHE H 264 39.12 30.33 13.54
N GLU H 265 38.26 30.93 14.33
CA GLU H 265 37.57 32.19 13.97
C GLU H 265 38.32 33.39 14.52
N ALA H 266 38.44 34.41 13.70
CA ALA H 266 39.23 35.59 14.05
C ALA H 266 38.59 36.42 15.17
N PRO H 267 39.42 37.10 15.98
CA PRO H 267 38.86 38.01 16.93
C PRO H 267 38.30 39.26 16.28
N ARG H 268 37.36 39.90 16.96
CA ARG H 268 36.73 41.12 16.48
C ARG H 268 36.46 42.07 17.60
N LEU H 269 36.74 43.32 17.33
CA LEU H 269 36.32 44.42 18.18
C LEU H 269 35.14 45.07 17.51
N VAL H 270 33.98 44.87 18.11
CA VAL H 270 32.71 45.31 17.53
C VAL H 270 32.14 46.44 18.34
N THR H 271 32.00 47.62 17.74
CA THR H 271 31.44 48.77 18.43
C THR H 271 30.10 49.21 17.80
N LEU H 272 29.10 49.34 18.66
CA LEU H 272 27.74 49.75 18.29
C LEU H 272 27.48 51.13 18.86
N LEU H 273 26.78 51.96 18.08
CA LEU H 273 26.46 53.36 18.50
C LEU H 273 24.98 53.66 18.44
N TYR H 274 24.51 54.28 19.50
CA TYR H 274 23.16 54.76 19.57
C TYR H 274 23.20 56.16 20.13
N THR H 275 22.63 57.09 19.36
CA THR H 275 22.45 58.47 19.81
C THR H 275 20.96 58.80 19.77
N PRO H 276 20.37 59.19 20.92
CA PRO H 276 18.94 59.48 20.94
C PRO H 276 18.64 60.80 20.25
N LYS H 277 17.37 60.98 19.89
CA LYS H 277 16.87 62.26 19.34
C LYS H 277 17.00 63.23 20.50
N GLY H 278 17.51 64.41 20.24
CA GLY H 278 17.60 65.43 21.33
C GLY H 278 18.75 65.20 22.27
N THR H 279 18.79 65.98 23.35
CA THR H 279 19.97 66.01 24.26
C THR H 279 20.03 64.83 25.24
N PRO H 280 21.12 64.04 25.22
CA PRO H 280 21.18 62.85 26.08
C PRO H 280 21.41 63.25 27.51
N VAL H 281 20.82 62.50 28.43
CA VAL H 281 21.04 62.79 29.88
C VAL H 281 22.47 62.45 30.30
N LYS H 282 23.10 61.59 29.52
CA LYS H 282 24.47 61.09 29.77
C LYS H 282 25.06 60.44 28.55
N LYS H 283 26.38 60.45 28.49
CA LYS H 283 27.10 59.67 27.47
C LYS H 283 27.79 58.49 28.16
N VAL H 284 27.40 57.29 27.77
CA VAL H 284 27.87 56.10 28.41
C VAL H 284 28.46 55.14 27.41
N SER H 285 29.67 54.68 27.71
CA SER H 285 30.33 53.64 26.90
C SER H 285 30.30 52.31 27.66
N LEU H 286 29.79 51.32 26.96
CA LEU H 286 29.73 49.95 27.46
C LEU H 286 30.81 49.16 26.81
N VAL H 287 31.44 48.31 27.61
CA VAL H 287 32.49 47.39 27.09
C VAL H 287 32.28 46.00 27.68
N GLY H 288 32.19 45.00 26.82
CA GLY H 288 31.88 43.65 27.27
C GLY H 288 32.91 42.61 26.89
N LYS H 289 33.25 41.75 27.85
CA LYS H 289 34.18 40.60 27.62
C LYS H 289 33.41 39.56 26.83
N GLY H 290 33.80 39.40 25.60
CA GLY H 290 33.14 38.47 24.69
C GLY H 290 34.01 37.30 24.33
N ILE H 291 34.45 36.59 25.36
CA ILE H 291 35.25 35.38 25.14
C ILE H 291 34.30 34.21 24.90
N VAL H 292 34.14 33.89 23.64
CA VAL H 292 33.14 32.88 23.20
C VAL H 292 33.45 31.51 23.77
N TYR H 293 34.72 31.27 23.97
CA TYR H 293 35.20 30.11 24.76
C TYR H 293 36.61 30.39 25.33
N ASP H 294 36.78 30.06 26.60
CA ASP H 294 38.00 30.28 27.35
C ASP H 294 38.60 28.90 27.68
N CYS H 295 39.46 28.38 26.80
CA CYS H 295 40.17 27.10 27.10
C CYS H 295 41.35 27.31 28.05
N GLY H 296 41.67 28.58 28.28
CA GLY H 296 42.86 28.99 29.06
C GLY H 296 44.06 29.40 28.21
N GLY H 297 44.02 29.03 26.94
CA GLY H 297 45.17 29.19 26.02
C GLY H 297 46.24 28.20 26.46
N LEU H 298 47.49 28.57 26.27
CA LEU H 298 48.63 27.70 26.63
C LEU H 298 48.61 27.31 28.11
N ALA H 299 48.12 28.24 28.92
CA ALA H 299 47.77 27.99 30.35
C ALA H 299 46.42 27.24 30.42
N LEU H 300 46.45 26.02 29.92
CA LEU H 300 45.25 25.26 29.65
C LEU H 300 44.47 24.93 30.94
N LYS H 301 43.17 25.16 30.92
CA LYS H 301 42.30 24.77 32.03
C LYS H 301 42.12 23.25 32.09
N PRO H 302 42.03 22.67 33.31
CA PRO H 302 41.51 21.31 33.43
C PRO H 302 40.05 21.25 32.96
N ALA H 303 39.63 20.08 32.51
CA ALA H 303 38.30 19.91 31.85
C ALA H 303 37.12 20.38 32.73
N ASP H 304 37.19 20.09 34.03
CA ASP H 304 36.09 20.47 34.98
C ASP H 304 35.94 21.99 35.11
N TYR H 305 37.04 22.71 35.03
CA TYR H 305 37.00 24.21 35.00
C TYR H 305 36.67 24.77 33.61
N MET H 306 37.07 24.04 32.58
CA MET H 306 36.84 24.47 31.18
C MET H 306 35.36 24.34 30.76
N LYS H 307 34.68 23.35 31.33
CA LYS H 307 33.20 23.19 31.13
C LYS H 307 32.54 24.48 31.58
N LEU H 308 31.57 24.89 30.81
CA LEU H 308 30.86 26.17 31.09
C LEU H 308 31.63 27.48 30.77
N MET H 309 32.80 27.38 30.19
CA MET H 309 33.49 28.57 29.64
C MET H 309 32.86 29.11 28.31
N LYS H 310 31.84 28.44 27.78
CA LYS H 310 30.93 29.06 26.78
C LYS H 310 30.21 30.25 27.36
N HIS H 311 30.12 30.30 28.69
CA HIS H 311 29.53 31.44 29.43
C HIS H 311 30.44 32.64 29.51
N ASP H 312 31.67 32.49 28.99
CA ASP H 312 32.71 33.53 29.13
C ASP H 312 32.47 34.77 28.24
N MET H 313 31.40 34.72 27.45
CA MET H 313 30.91 35.90 26.69
C MET H 313 29.69 36.58 27.38
N GLY H 314 29.42 36.19 28.61
CA GLY H 314 28.24 36.70 29.36
C GLY H 314 28.21 38.19 29.58
N GLY H 315 29.38 38.77 29.71
CA GLY H 315 29.51 40.25 29.83
C GLY H 315 29.21 40.97 28.51
N ALA H 316 29.67 40.40 27.42
CA ALA H 316 29.37 40.91 26.06
C ALA H 316 27.87 40.80 25.75
N ALA H 317 27.31 39.67 26.08
CA ALA H 317 25.86 39.48 25.93
C ALA H 317 25.08 40.49 26.76
N ALA H 318 25.56 40.73 27.97
CA ALA H 318 24.87 41.66 28.86
C ALA H 318 24.81 43.08 28.32
N VAL H 319 25.96 43.58 27.94
CA VAL H 319 26.02 44.95 27.39
C VAL H 319 25.30 45.04 26.05
N PHE H 320 25.44 44.01 25.25
CA PHE H 320 24.77 43.96 23.94
C PHE H 320 23.27 44.09 24.12
N CYS H 321 22.72 43.28 25.02
CA CYS H 321 21.23 43.25 25.19
C CYS H 321 20.74 44.49 25.92
N GLY H 322 21.53 45.01 26.84
CA GLY H 322 21.20 46.27 27.53
C GLY H 322 21.15 47.42 26.55
N PHE H 323 22.10 47.38 25.63
CA PHE H 323 22.12 48.34 24.47
C PHE H 323 20.85 48.20 23.61
N LEU H 324 20.50 46.95 23.27
CA LEU H 324 19.27 46.70 22.46
C LEU H 324 18.03 47.27 23.14
N THR H 325 17.92 47.06 24.43
CA THR H 325 16.77 47.58 25.18
C THR H 325 16.74 49.07 25.10
N ALA H 326 17.87 49.71 25.28
CA ALA H 326 17.96 51.17 25.22
C ALA H 326 17.50 51.72 23.86
N VAL H 327 17.88 51.02 22.81
CA VAL H 327 17.47 51.40 21.45
C VAL H 327 15.96 51.18 21.28
N ARG H 328 15.50 50.02 21.68
CA ARG H 328 14.08 49.64 21.47
C ARG H 328 13.16 50.54 22.24
N LEU H 329 13.55 50.91 23.44
CA LEU H 329 12.74 51.83 24.28
C LEU H 329 13.07 53.28 24.12
N GLN H 330 14.03 53.56 23.25
CA GLN H 330 14.48 54.93 22.97
C GLN H 330 14.83 55.66 24.27
N GLN H 331 15.61 55.00 25.12
CA GLN H 331 16.07 55.67 26.37
C GLN H 331 16.95 56.83 25.97
N PRO H 332 16.88 57.94 26.72
CA PRO H 332 17.63 59.14 26.40
C PRO H 332 19.09 59.14 26.88
N VAL H 333 19.80 58.09 26.53
CA VAL H 333 21.22 57.97 26.84
C VAL H 333 21.97 57.77 25.54
N GLN H 334 23.05 58.52 25.37
CA GLN H 334 23.92 58.22 24.25
C GLN H 334 24.82 57.06 24.65
N LEU H 335 24.84 56.04 23.82
CA LEU H 335 25.56 54.81 24.12
C LEU H 335 26.55 54.38 23.04
N SER H 336 27.70 53.92 23.49
CA SER H 336 28.53 53.03 22.67
C SER H 336 28.49 51.70 23.36
N CYS H 337 28.59 50.66 22.56
CA CYS H 337 28.69 49.29 23.08
C CYS H 337 29.78 48.55 22.34
N THR H 338 30.87 48.29 23.04
CA THR H 338 32.02 47.64 22.43
C THR H 338 32.13 46.19 22.90
N LEU H 339 32.04 45.27 21.94
CA LEU H 339 32.12 43.84 22.22
C LEU H 339 33.54 43.40 21.91
N CYS H 340 34.18 42.85 22.92
CA CYS H 340 35.55 42.33 22.79
C CYS H 340 35.46 40.84 22.52
N LEU H 341 35.38 40.51 21.25
CA LEU H 341 35.14 39.13 20.82
C LEU H 341 36.42 38.39 20.44
N ALA H 342 36.61 37.26 21.10
CA ALA H 342 37.71 36.37 20.81
C ALA H 342 37.42 35.01 21.38
N GLU H 343 38.02 33.99 20.77
CA GLU H 343 38.15 32.70 21.43
C GLU H 343 39.57 32.59 21.94
N ASN H 344 39.70 32.22 23.21
CA ASN H 344 41.00 31.94 23.83
C ASN H 344 41.34 30.48 23.58
N ALA H 345 42.07 30.27 22.50
CA ALA H 345 42.32 28.95 21.92
C ALA H 345 43.74 28.50 22.16
N ILE H 346 43.97 27.24 21.90
CA ILE H 346 45.28 26.66 22.09
C ILE H 346 45.74 26.06 20.75
N GLY H 347 46.96 26.40 20.39
CA GLY H 347 47.56 25.95 19.14
C GLY H 347 48.91 26.61 18.87
N PRO H 348 49.47 26.38 17.66
CA PRO H 348 50.72 26.98 17.26
C PRO H 348 50.78 28.50 17.28
N LYS H 349 49.67 29.16 17.04
CA LYS H 349 49.63 30.65 17.07
C LYS H 349 49.28 31.25 18.43
N SER H 350 49.16 30.39 19.44
CA SER H 350 48.81 30.85 20.80
C SER H 350 49.76 31.93 21.30
N TYR H 351 49.20 33.00 21.80
CA TYR H 351 50.01 33.94 22.60
C TYR H 351 50.53 33.17 23.85
N ARG H 352 51.72 33.53 24.27
CA ARG H 352 52.47 32.70 25.21
C ARG H 352 52.58 33.27 26.58
N ASN H 353 52.83 32.37 27.53
CA ASN H 353 53.24 32.75 28.90
C ASN H 353 54.69 33.19 28.84
N ASP H 354 54.90 34.49 28.69
CA ASP H 354 56.24 35.17 28.43
C ASP H 354 56.13 36.26 27.36
N ASP H 355 55.15 36.12 26.46
CA ASP H 355 55.00 37.09 25.35
C ASP H 355 54.73 38.47 25.93
N ILE H 356 55.19 39.47 25.21
CA ILE H 356 54.97 40.87 25.57
C ILE H 356 54.06 41.50 24.53
N ILE H 357 52.95 42.03 25.00
CA ILE H 357 51.92 42.65 24.17
C ILE H 357 52.03 44.15 24.17
N VAL H 358 51.90 44.75 22.99
CA VAL H 358 51.76 46.21 22.90
C VAL H 358 50.26 46.51 22.79
N MET H 359 49.71 47.02 23.87
CA MET H 359 48.28 47.30 23.95
C MET H 359 47.95 48.52 23.10
N LYS H 360 46.69 48.68 22.79
CA LYS H 360 46.23 49.88 22.02
C LYS H 360 46.55 51.14 22.79
N SER H 361 46.51 51.04 24.10
CA SER H 361 46.85 52.17 24.98
C SER H 361 48.31 52.64 24.83
N GLY H 362 49.13 51.83 24.17
CA GLY H 362 50.60 52.07 24.08
C GLY H 362 51.41 51.42 25.21
N LYS H 363 50.72 50.99 26.25
CA LYS H 363 51.37 50.29 27.35
C LYS H 363 51.65 48.85 26.99
N THR H 364 52.75 48.35 27.51
CA THR H 364 53.16 46.98 27.24
C THR H 364 52.82 46.07 28.42
N VAL H 365 52.43 44.86 28.06
CA VAL H 365 51.95 43.88 29.02
C VAL H 365 52.71 42.59 28.85
N GLU H 366 53.36 42.19 29.91
CA GLU H 366 54.02 40.89 29.94
C GLU H 366 52.99 39.84 30.35
N VAL H 367 52.82 38.85 29.50
CA VAL H 367 51.84 37.82 29.77
C VAL H 367 52.45 36.74 30.68
N ILE H 368 52.03 36.74 31.94
CA ILE H 368 52.44 35.74 32.95
C ILE H 368 51.61 34.49 32.75
N ASN H 369 50.34 34.71 32.46
CA ASN H 369 49.35 33.61 32.34
C ASN H 369 48.30 33.94 31.27
N THR H 370 48.21 33.08 30.28
CA THR H 370 47.32 33.29 29.11
C THR H 370 45.86 33.12 29.46
N ASP H 371 45.59 32.51 30.61
CA ASP H 371 44.22 32.31 31.10
C ASP H 371 43.63 33.52 31.81
N ALA H 372 44.48 34.52 32.04
CA ALA H 372 44.06 35.87 32.41
C ALA H 372 43.92 36.77 31.13
N GLU H 373 43.06 36.31 30.24
CA GLU H 373 42.86 36.89 28.89
C GLU H 373 41.87 38.04 28.89
N GLY H 374 40.91 37.95 29.79
CA GLY H 374 39.78 38.85 29.81
C GLY H 374 40.20 40.27 30.03
N ARG H 375 41.05 40.44 31.01
CA ARG H 375 41.50 41.79 31.37
C ARG H 375 42.28 42.45 30.21
N ILE H 376 42.95 41.62 29.44
CA ILE H 376 43.75 42.10 28.31
C ILE H 376 42.83 42.60 27.18
N VAL H 377 41.87 41.76 26.87
CA VAL H 377 40.87 42.05 25.87
C VAL H 377 40.08 43.33 26.25
N LEU H 378 39.75 43.43 27.52
CA LEU H 378 39.02 44.59 28.03
C LEU H 378 39.85 45.85 28.05
N GLY H 379 41.14 45.68 28.26
CA GLY H 379 42.08 46.83 28.23
C GLY H 379 42.04 47.53 26.86
N ASP H 380 42.02 46.73 25.80
CA ASP H 380 41.87 47.27 24.47
C ASP H 380 40.46 47.87 24.25
N GLY H 381 39.45 47.19 24.76
CA GLY H 381 38.06 47.68 24.74
C GLY H 381 37.83 49.03 25.38
N VAL H 382 38.29 49.20 26.60
CA VAL H 382 38.09 50.47 27.29
C VAL H 382 38.92 51.61 26.69
N PHE H 383 40.10 51.28 26.21
CA PHE H 383 40.93 52.33 25.54
C PHE H 383 40.24 52.78 24.26
N HIS H 384 39.73 51.81 23.51
CA HIS H 384 38.94 52.11 22.31
C HIS H 384 37.76 53.03 22.60
N ALA H 385 37.01 52.67 23.62
CA ALA H 385 35.84 53.48 24.01
C ALA H 385 36.22 54.88 24.45
N THR H 386 37.31 55.00 25.19
CA THR H 386 37.67 56.29 25.81
C THR H 386 38.54 57.15 24.96
N ASN H 387 39.05 56.59 23.89
CA ASN H 387 40.00 57.33 23.03
C ASN H 387 39.61 57.44 21.55
N GLU H 388 38.90 56.45 21.03
CA GLU H 388 38.77 56.28 19.57
C GLU H 388 37.41 56.58 19.01
N LEU H 389 36.47 56.98 19.86
CA LEU H 389 35.11 57.25 19.39
C LEU H 389 34.92 58.73 19.08
N SER H 390 33.79 59.03 18.48
CA SER H 390 33.47 60.46 18.10
C SER H 390 33.04 61.30 19.29
N PHE H 391 32.82 60.65 20.42
CA PHE H 391 32.56 61.38 21.68
C PHE H 391 33.42 60.77 22.78
N THR H 392 33.53 61.50 23.88
CA THR H 392 34.19 61.00 25.09
C THR H 392 33.13 60.71 26.14
N PRO H 393 33.04 59.46 26.63
CA PRO H 393 31.97 59.15 27.55
C PRO H 393 32.14 59.76 28.91
N ASP H 394 31.01 60.01 29.56
CA ASP H 394 30.96 60.48 30.96
C ASP H 394 31.17 59.29 31.90
N VAL H 395 30.75 58.12 31.45
CA VAL H 395 30.77 56.92 32.25
C VAL H 395 31.17 55.77 31.38
N VAL H 396 32.07 54.96 31.88
CA VAL H 396 32.44 53.70 31.20
C VAL H 396 32.01 52.55 32.10
N ILE H 397 31.31 51.61 31.51
CA ILE H 397 30.88 50.43 32.21
C ILE H 397 31.41 49.25 31.47
N ASP H 398 32.23 48.46 32.15
CA ASP H 398 32.67 47.20 31.54
C ASP H 398 32.03 46.08 32.32
N MET H 399 31.63 45.05 31.61
CA MET H 399 31.02 43.88 32.20
C MET H 399 31.74 42.65 31.69
N ALA H 400 32.07 41.76 32.62
CA ALA H 400 32.89 40.63 32.30
C ALA H 400 32.77 39.47 33.28
N THR H 401 32.80 38.26 32.73
CA THR H 401 32.90 37.04 33.53
C THR H 401 34.38 36.81 33.87
N LEU H 402 34.88 37.62 34.78
CA LEU H 402 36.34 37.90 34.81
C LEU H 402 37.19 37.03 35.74
N THR H 403 36.72 36.77 36.95
CA THR H 403 37.52 36.03 37.92
C THR H 403 36.73 35.00 38.69
N GLY H 404 37.38 33.89 38.97
CA GLY H 404 36.89 32.94 39.98
C GLY H 404 36.81 33.56 41.38
N ALA H 405 37.73 34.46 41.67
CA ALA H 405 37.68 35.26 42.89
C ALA H 405 36.34 35.91 43.15
N GLN H 406 35.66 36.29 42.07
CA GLN H 406 34.36 37.00 42.20
C GLN H 406 33.33 36.14 42.98
N GLY H 407 33.26 34.88 42.63
CA GLY H 407 32.38 33.94 43.33
C GLY H 407 32.75 33.81 44.80
N ILE H 408 34.04 33.70 45.05
CA ILE H 408 34.57 33.61 46.43
C ILE H 408 34.25 34.86 47.24
N ALA H 409 34.36 36.01 46.59
CA ALA H 409 34.20 37.30 47.26
C ALA H 409 32.73 37.70 47.49
N THR H 410 31.98 37.77 46.39
CA THR H 410 30.59 38.27 46.40
C THR H 410 29.50 37.24 46.09
N GLY H 411 29.91 36.07 45.69
CA GLY H 411 29.00 34.92 45.53
C GLY H 411 28.25 34.80 44.22
N ARG H 412 27.27 33.91 44.20
CA ARG H 412 26.61 33.52 42.95
C ARG H 412 25.58 34.46 42.45
N HIS H 413 25.08 35.29 43.33
CA HIS H 413 23.94 36.20 43.00
C HIS H 413 24.29 37.65 42.88
N HIS H 414 25.48 38.01 43.34
CA HIS H 414 25.89 39.41 43.38
C HIS H 414 27.15 39.61 42.55
N ALA H 415 27.01 40.36 41.48
CA ALA H 415 28.15 40.75 40.67
C ALA H 415 29.01 41.71 41.49
N GLY H 416 30.32 41.56 41.34
CA GLY H 416 31.28 42.43 42.06
C GLY H 416 31.47 43.74 41.31
N LEU H 417 31.43 44.83 42.05
CA LEU H 417 31.70 46.16 41.51
C LEU H 417 33.04 46.78 41.96
N TYR H 418 33.87 47.13 40.98
CA TYR H 418 35.09 47.88 41.21
C TYR H 418 34.91 49.22 40.52
N VAL H 419 34.81 50.27 41.31
CA VAL H 419 34.36 51.55 40.82
C VAL H 419 35.22 52.69 41.33
N ASN H 420 35.59 53.58 40.44
CA ASN H 420 36.51 54.70 40.81
C ASN H 420 35.82 55.88 41.51
N GLU H 421 34.51 55.88 41.59
CA GLU H 421 33.75 56.96 42.27
C GLU H 421 32.64 56.39 43.10
N GLU H 422 32.50 56.89 44.31
CA GLU H 422 31.45 56.42 45.23
C GLU H 422 30.01 56.61 44.69
N GLY H 423 29.77 57.76 44.06
CA GLY H 423 28.45 58.09 43.49
C GLY H 423 27.94 57.09 42.44
N ALA H 424 28.80 56.79 41.50
CA ALA H 424 28.48 55.82 40.44
C ALA H 424 28.26 54.44 41.01
N GLU H 425 29.08 54.10 41.99
CA GLU H 425 28.98 52.80 42.66
C GLU H 425 27.59 52.64 43.32
N ALA H 426 27.24 53.66 44.09
CA ALA H 426 25.96 53.68 44.81
C ALA H 426 24.78 53.60 43.84
N ALA H 427 24.91 54.30 42.71
CA ALA H 427 23.87 54.26 41.68
C ALA H 427 23.72 52.88 41.06
N MET H 428 24.82 52.24 40.75
CA MET H 428 24.75 50.87 40.17
C MET H 428 24.20 49.88 41.20
N LEU H 429 24.58 50.06 42.45
CA LEU H 429 24.04 49.20 43.54
C LEU H 429 22.52 49.34 43.70
N ARG H 430 22.06 50.59 43.64
CA ARG H 430 20.61 50.92 43.66
C ARG H 430 19.91 50.26 42.48
N ALA H 431 20.51 50.36 41.31
CA ALA H 431 19.96 49.70 40.12
C ALA H 431 19.85 48.19 40.29
N GLY H 432 20.87 47.61 40.92
CA GLY H 432 20.88 46.15 41.19
C GLY H 432 19.75 45.71 42.13
N ARG H 433 19.55 46.51 43.17
CA ARG H 433 18.45 46.25 44.14
C ARG H 433 17.05 46.43 43.53
N GLU H 434 16.90 47.44 42.68
CA GLU H 434 15.63 47.71 41.97
C GLU H 434 15.35 46.67 40.90
N SER H 435 16.35 46.36 40.08
CA SER H 435 16.20 45.41 38.97
C SER H 435 16.16 43.97 39.39
N GLY H 436 16.68 43.69 40.59
CA GLY H 436 16.86 42.31 41.07
C GLY H 436 18.21 41.71 40.70
N GLU H 437 18.89 42.36 39.78
CA GLU H 437 20.18 41.86 39.24
C GLU H 437 21.27 42.46 40.13
N THR H 438 21.36 41.87 41.31
CA THR H 438 22.05 42.49 42.45
C THR H 438 23.58 42.49 42.29
N CYS H 439 24.17 43.51 42.87
CA CYS H 439 25.61 43.71 42.89
C CYS H 439 26.11 43.96 44.30
N PHE H 440 27.40 43.88 44.45
CA PHE H 440 28.06 44.25 45.70
C PHE H 440 29.49 44.77 45.41
N PRO H 441 29.93 45.81 46.13
CA PRO H 441 31.25 46.32 45.86
C PRO H 441 32.41 45.43 46.32
N VAL H 442 33.47 45.47 45.53
CA VAL H 442 34.75 44.97 45.97
C VAL H 442 35.68 46.12 46.22
N LEU H 443 36.74 45.84 46.97
CA LEU H 443 37.71 46.88 47.39
C LEU H 443 38.26 47.69 46.21
N TYR H 444 38.11 49.00 46.31
CA TYR H 444 38.77 49.94 45.43
C TYR H 444 39.93 50.56 46.19
N CYS H 445 41.13 50.19 45.78
CA CYS H 445 42.37 50.68 46.42
C CYS H 445 43.57 50.53 45.49
N PRO H 446 43.61 51.33 44.42
CA PRO H 446 44.65 51.22 43.37
C PRO H 446 46.06 51.27 43.89
N GLU H 447 46.29 52.06 44.92
CA GLU H 447 47.64 52.15 45.51
C GLU H 447 48.12 50.76 45.99
N TYR H 448 47.19 49.88 46.36
CA TYR H 448 47.57 48.50 46.82
C TYR H 448 47.52 47.46 45.73
N HIS H 449 46.80 47.76 44.66
CA HIS H 449 46.72 46.83 43.50
C HIS H 449 47.89 46.96 42.56
N GLU H 450 48.25 48.19 42.32
CA GLU H 450 49.34 48.55 41.38
C GLU H 450 50.66 47.75 41.53
N PRO H 451 51.20 47.61 42.75
CA PRO H 451 52.46 46.87 42.91
C PRO H 451 52.42 45.42 42.54
N GLU H 452 51.23 44.86 42.52
CA GLU H 452 51.06 43.44 42.11
C GLU H 452 51.39 43.16 40.67
N PHE H 453 51.41 44.20 39.86
CA PHE H 453 51.61 44.03 38.41
C PHE H 453 53.01 44.44 37.89
N LYS H 454 53.97 44.57 38.80
CA LYS H 454 55.35 44.99 38.43
C LYS H 454 55.96 43.94 37.50
N SER H 455 56.60 44.40 36.45
CA SER H 455 57.27 43.54 35.44
C SER H 455 58.75 43.96 35.26
N ASN H 456 59.62 43.01 35.04
CA ASN H 456 61.04 43.31 34.76
C ASN H 456 61.23 44.08 33.42
N HIS H 457 60.44 43.72 32.42
CA HIS H 457 60.68 44.19 31.06
C HIS H 457 59.57 44.95 30.38
N ALA H 458 58.36 44.80 30.87
CA ALA H 458 57.18 45.50 30.30
C ALA H 458 56.65 46.51 31.29
N ASP H 459 55.71 47.34 30.87
CA ASP H 459 55.10 48.30 31.78
C ASP H 459 54.41 47.62 32.92
N MET H 460 53.81 46.48 32.60
CA MET H 460 53.09 45.70 33.59
C MET H 460 52.98 44.24 33.18
N THR H 461 52.66 43.41 34.15
CA THR H 461 52.21 42.04 33.88
C THR H 461 50.67 42.02 33.70
N ASN H 462 50.14 40.88 33.28
CA ASN H 462 48.70 40.63 33.32
C ASN H 462 48.19 39.80 34.54
N LEU H 463 49.05 39.52 35.47
CA LEU H 463 48.69 38.71 36.62
C LEU H 463 49.42 39.14 37.87
N MET H 464 48.69 39.17 38.95
CA MET H 464 49.22 39.53 40.25
C MET H 464 50.34 38.58 40.68
N GLU H 465 51.40 39.13 41.22
CA GLU H 465 52.46 38.37 41.90
C GLU H 465 51.85 37.52 43.04
N ARG H 466 50.97 38.12 43.82
CA ARG H 466 50.26 37.44 44.92
C ARG H 466 48.77 37.41 44.62
N ARG H 467 48.22 36.20 44.47
CA ARG H 467 46.83 35.99 44.05
C ARG H 467 45.85 36.11 45.22
N ASP H 468 46.38 36.16 46.43
CA ASP H 468 45.58 36.35 47.65
C ASP H 468 45.54 37.80 48.17
N ASN H 469 45.50 38.75 47.25
CA ASN H 469 45.52 40.20 47.57
C ASN H 469 44.47 41.00 46.79
N ALA H 470 43.22 40.65 47.01
CA ALA H 470 42.04 41.30 46.41
C ALA H 470 42.03 41.08 44.89
N GLY H 471 41.78 39.83 44.55
CA GLY H 471 41.84 39.39 43.17
C GLY H 471 40.78 39.98 42.26
N VAL H 472 39.59 40.18 42.76
CA VAL H 472 38.53 40.80 41.91
C VAL H 472 38.95 42.24 41.59
N SER H 473 39.41 42.91 42.61
CA SER H 473 39.84 44.30 42.54
C SER H 473 41.06 44.50 41.60
N CYS H 474 42.06 43.65 41.76
CA CYS H 474 43.28 43.71 40.97
C CYS H 474 42.99 43.52 39.46
N ALA H 475 42.10 42.61 39.12
CA ALA H 475 41.72 42.44 37.71
C ALA H 475 41.08 43.75 37.16
N GLY H 476 40.27 44.37 37.98
CA GLY H 476 39.67 45.63 37.65
C GLY H 476 40.73 46.69 37.45
N TYR H 477 41.64 46.75 38.41
CA TYR H 477 42.73 47.73 38.35
C TYR H 477 43.48 47.63 37.00
N PHE H 478 43.79 46.42 36.61
CA PHE H 478 44.49 46.19 35.33
C PHE H 478 43.79 46.94 34.18
N ILE H 479 42.49 46.75 34.11
CA ILE H 479 41.66 47.35 33.07
C ILE H 479 41.79 48.87 33.10
N THR H 480 41.77 49.45 34.29
CA THR H 480 41.84 50.92 34.44
C THR H 480 43.14 51.52 33.88
N THR H 481 44.23 50.77 33.94
CA THR H 481 45.54 51.27 33.44
C THR H 481 45.49 51.57 31.93
N HIS H 482 44.50 51.01 31.26
CA HIS H 482 44.33 51.19 29.81
C HIS H 482 43.21 52.19 29.39
N LEU H 483 42.69 52.89 30.37
CA LEU H 483 41.79 54.00 30.12
C LEU H 483 42.60 55.12 29.50
N SER H 484 42.02 55.78 28.52
CA SER H 484 42.65 56.95 27.90
C SER H 484 42.80 58.08 28.90
N PRO H 485 43.87 58.86 28.80
CA PRO H 485 44.04 60.05 29.64
C PRO H 485 42.97 61.10 29.34
N LYS H 486 42.41 61.05 28.15
CA LYS H 486 41.27 61.94 27.77
C LYS H 486 40.02 61.73 28.63
N PHE H 487 39.95 60.58 29.29
CA PHE H 487 38.79 60.22 30.08
C PHE H 487 39.03 60.62 31.52
N THR H 488 38.06 61.33 32.07
CA THR H 488 38.12 61.77 33.47
C THR H 488 36.80 61.47 34.24
N GLY H 489 36.01 60.57 33.68
CA GLY H 489 34.69 60.27 34.27
C GLY H 489 34.67 59.06 35.18
N ALA H 490 33.48 58.51 35.36
CA ALA H 490 33.26 57.38 36.28
C ALA H 490 33.47 56.09 35.53
N HIS H 491 34.18 55.18 36.17
CA HIS H 491 34.41 53.85 35.60
C HIS H 491 33.85 52.79 36.52
N ILE H 492 32.94 52.00 35.97
CA ILE H 492 32.28 50.93 36.71
C ILE H 492 32.66 49.61 36.09
N HIS H 493 33.43 48.84 36.85
CA HIS H 493 33.81 47.48 36.41
C HIS H 493 32.88 46.48 37.09
N VAL H 494 32.22 45.69 36.29
CA VAL H 494 31.28 44.69 36.76
C VAL H 494 31.83 43.29 36.49
N ASP H 495 32.18 42.59 37.56
CA ASP H 495 32.65 41.19 37.46
C ASP H 495 31.44 40.30 37.75
N LEU H 496 30.95 39.65 36.71
CA LEU H 496 29.73 38.84 36.79
C LEU H 496 29.97 37.40 36.39
N ALA H 497 31.16 36.92 36.72
CA ALA H 497 31.55 35.51 36.45
C ALA H 497 30.48 34.47 36.83
N TYR H 498 29.93 34.59 38.02
CA TYR H 498 28.93 33.63 38.51
C TYR H 498 27.44 34.02 38.33
N PRO H 499 27.10 35.29 38.47
CA PRO H 499 25.68 35.61 38.34
C PRO H 499 25.05 35.36 36.95
N VAL H 500 25.88 35.18 35.94
CA VAL H 500 25.39 34.91 34.57
C VAL H 500 24.85 33.50 34.37
N PHE H 501 25.01 32.65 35.35
CA PHE H 501 24.52 31.29 35.22
C PHE H 501 24.08 30.66 36.57
N ASN H 502 23.31 29.60 36.45
CA ASN H 502 23.01 28.74 37.56
C ASN H 502 22.95 27.33 37.06
N SER H 503 22.44 26.40 37.86
CA SER H 503 22.53 24.97 37.48
C SER H 503 21.64 24.60 36.28
N ASN H 504 20.71 25.49 35.96
CA ASN H 504 19.88 25.34 34.74
C ASN H 504 20.46 26.00 33.48
N GLY H 505 21.57 26.72 33.65
CA GLY H 505 22.21 27.41 32.51
C GLY H 505 22.23 28.90 32.74
N ALA H 506 22.21 29.65 31.65
CA ALA H 506 22.34 31.09 31.71
C ALA H 506 21.14 31.69 32.42
N THR H 507 21.39 32.79 33.11
CA THR H 507 20.37 33.58 33.81
C THR H 507 19.91 34.82 33.06
N GLY H 508 20.64 35.24 32.05
CA GLY H 508 20.35 36.52 31.38
C GLY H 508 20.58 37.73 32.28
N PHE H 509 21.44 37.56 33.26
CA PHE H 509 21.84 38.64 34.17
C PHE H 509 22.63 39.71 33.41
N GLY H 510 22.27 40.95 33.66
CA GLY H 510 23.05 42.12 33.20
C GLY H 510 22.24 43.19 32.48
N PRO H 511 21.46 42.79 31.47
CA PRO H 511 20.75 43.80 30.69
C PRO H 511 19.77 44.64 31.50
N ALA H 512 19.01 43.99 32.36
CA ALA H 512 18.00 44.70 33.16
C ALA H 512 18.64 45.62 34.15
N LEU H 513 19.77 45.18 34.69
CA LEU H 513 20.62 46.03 35.57
C LEU H 513 20.95 47.34 34.88
N LEU H 514 21.41 47.20 33.63
CA LEU H 514 21.77 48.39 32.82
C LEU H 514 20.56 49.27 32.54
N THR H 515 19.46 48.61 32.17
CA THR H 515 18.24 49.37 31.84
C THR H 515 17.85 50.22 33.01
N GLU H 516 17.84 49.63 34.18
CA GLU H 516 17.46 50.35 35.42
C GLU H 516 18.46 51.44 35.77
N TYR H 517 19.74 51.14 35.59
CA TYR H 517 20.79 52.16 35.82
C TYR H 517 20.54 53.39 34.87
N PHE H 518 20.32 53.12 33.60
CA PHE H 518 20.07 54.17 32.59
C PHE H 518 18.84 55.00 32.95
N ARG H 519 17.81 54.33 33.42
CA ARG H 519 16.53 54.96 33.83
C ARG H 519 16.71 56.07 34.85
N LYS H 520 17.64 55.91 35.77
CA LYS H 520 17.80 56.87 36.88
C LYS H 520 18.91 57.87 36.66
N LEU H 521 19.51 57.89 35.49
CA LEU H 521 20.69 58.76 35.29
C LEU H 521 20.35 60.24 35.44
N THR I 3 51.44 18.14 1.37
CA THR I 3 51.10 18.03 2.84
C THR I 3 52.32 17.50 3.64
N LEU I 4 52.76 16.25 3.44
CA LEU I 4 53.91 15.65 4.18
C LEU I 4 55.25 15.74 3.47
N PRO I 5 56.37 15.74 4.21
CA PRO I 5 57.67 15.63 3.57
C PRO I 5 57.81 14.31 2.82
N LYS I 6 58.49 14.35 1.68
CA LYS I 6 58.59 13.20 0.76
C LYS I 6 59.10 11.99 1.52
N ALA I 7 60.11 12.18 2.35
CA ALA I 7 60.71 11.05 3.08
C ALA I 7 59.74 10.39 4.04
N GLU I 8 58.87 11.20 4.63
CA GLU I 8 57.85 10.68 5.55
C GLU I 8 56.76 9.93 4.80
N ALA I 9 56.30 10.50 3.69
CA ALA I 9 55.34 9.80 2.79
C ALA I 9 55.86 8.44 2.29
N LYS I 10 57.13 8.40 1.90
CA LYS I 10 57.73 7.15 1.44
C LYS I 10 57.69 6.11 2.58
N GLU I 11 58.06 6.56 3.76
CA GLU I 11 58.09 5.68 4.98
C GLU I 11 56.68 5.12 5.30
N LEU I 12 55.69 5.99 5.18
CA LEU I 12 54.29 5.59 5.40
C LEU I 12 53.82 4.54 4.39
N SER I 13 54.14 4.76 3.11
CA SER I 13 53.81 3.73 2.04
C SER I 13 54.44 2.40 2.31
N ALA I 14 55.70 2.43 2.66
CA ALA I 14 56.42 1.19 2.97
C ALA I 14 55.78 0.48 4.16
N PHE I 15 55.35 1.26 5.14
CA PHE I 15 54.77 0.68 6.36
C PHE I 15 53.41 0.06 6.03
N VAL I 16 52.65 0.78 5.23
CA VAL I 16 51.34 0.25 4.73
C VAL I 16 51.57 -1.12 4.08
N GLN I 17 52.55 -1.16 3.20
CA GLN I 17 52.88 -2.39 2.46
C GLN I 17 53.27 -3.52 3.41
N SER I 18 54.06 -3.18 4.41
CA SER I 18 54.50 -4.19 5.45
C SER I 18 53.32 -4.83 6.18
N CYS I 19 52.27 -4.04 6.37
CA CYS I 19 51.06 -4.54 7.04
C CYS I 19 50.17 -5.34 6.07
N VAL I 20 49.97 -4.80 4.87
CA VAL I 20 49.14 -5.47 3.84
C VAL I 20 49.71 -6.87 3.48
N GLU I 21 51.04 -6.97 3.44
CA GLU I 21 51.72 -8.21 3.04
C GLU I 21 52.21 -9.04 4.21
N TYR I 22 51.80 -8.66 5.42
CA TYR I 22 52.28 -9.36 6.61
C TYR I 22 52.00 -10.86 6.52
N LYS I 23 53.02 -11.64 6.77
CA LYS I 23 52.92 -13.10 6.85
C LYS I 23 53.47 -13.56 8.20
N THR I 24 52.84 -14.55 8.79
CA THR I 24 53.25 -15.01 10.15
C THR I 24 54.55 -15.78 10.14
N ASN I 25 55.21 -15.79 11.27
CA ASN I 25 56.44 -16.57 11.50
C ASN I 25 56.17 -17.93 12.10
N VAL I 26 54.91 -18.24 12.34
CA VAL I 26 54.51 -19.50 13.03
C VAL I 26 53.92 -20.52 12.04
N CYS I 27 54.36 -21.76 12.18
CA CYS I 27 53.70 -22.87 11.50
C CYS I 27 53.34 -23.95 12.51
N PHE I 28 52.51 -24.89 12.07
CA PHE I 28 51.98 -25.90 12.98
C PHE I 28 52.09 -27.29 12.39
N THR I 29 52.43 -28.23 13.25
CA THR I 29 52.48 -29.63 12.84
C THR I 29 52.23 -30.49 14.07
N ASP I 30 52.50 -31.79 13.94
CA ASP I 30 52.31 -32.73 15.07
C ASP I 30 53.47 -33.68 15.13
N VAL I 31 53.61 -34.38 16.25
CA VAL I 31 54.82 -35.17 16.55
C VAL I 31 55.13 -36.23 15.48
N ALA I 32 54.09 -36.96 15.08
CA ALA I 32 54.25 -38.03 14.05
C ALA I 32 54.63 -37.42 12.70
N ALA I 33 53.94 -36.35 12.32
CA ALA I 33 54.27 -35.70 11.02
C ALA I 33 55.69 -35.15 11.02
N TYR I 34 56.08 -34.63 12.17
CA TYR I 34 57.45 -34.07 12.41
C TYR I 34 58.53 -35.17 12.28
N GLU I 35 58.32 -36.29 12.99
CA GLU I 35 59.21 -37.52 12.87
C GLU I 35 59.33 -37.97 11.40
N SER I 36 58.19 -37.95 10.71
CA SER I 36 58.13 -38.29 9.25
C SER I 36 58.89 -37.30 8.37
N ASN I 37 58.71 -36.01 8.61
CA ASN I 37 59.33 -34.98 7.71
C ASN I 37 60.74 -34.59 8.04
N GLN I 38 61.12 -34.74 9.30
CA GLN I 38 62.47 -34.28 9.76
C GLN I 38 63.37 -35.40 10.29
N LYS I 39 62.78 -36.57 10.47
CA LYS I 39 63.53 -37.80 10.72
C LYS I 39 64.49 -37.61 11.91
N GLY I 40 64.01 -36.94 12.96
CA GLY I 40 64.79 -36.74 14.22
C GLY I 40 65.83 -35.62 14.19
N VAL I 41 65.87 -34.88 13.10
CA VAL I 41 66.81 -33.73 12.97
C VAL I 41 66.05 -32.46 13.40
N LEU I 42 66.51 -31.87 14.49
CA LEU I 42 65.92 -30.60 15.00
C LEU I 42 66.11 -29.48 14.01
N SER I 43 65.16 -28.57 14.01
CA SER I 43 65.17 -27.43 13.06
C SER I 43 66.34 -26.46 13.31
N SER I 44 66.78 -26.41 14.56
CA SER I 44 67.87 -25.51 14.96
C SER I 44 68.48 -25.95 16.29
N GLY I 45 69.39 -25.13 16.80
CA GLY I 45 70.07 -25.40 18.09
C GLY I 45 69.25 -25.12 19.35
N LEU I 46 68.01 -24.78 19.16
CA LEU I 46 67.11 -24.55 20.29
C LEU I 46 65.83 -25.36 20.11
N ALA I 47 65.43 -26.03 21.17
CA ALA I 47 64.11 -26.65 21.21
C ALA I 47 63.41 -26.30 22.52
N VAL I 48 62.11 -26.13 22.43
CA VAL I 48 61.28 -25.77 23.59
C VAL I 48 60.25 -26.86 23.82
N LEU I 49 60.10 -27.21 25.09
CA LEU I 49 59.09 -28.18 25.49
C LEU I 49 58.21 -27.57 26.58
N VAL I 50 56.92 -27.41 26.28
CA VAL I 50 55.99 -26.80 27.26
C VAL I 50 54.76 -27.64 27.54
N GLY I 51 54.52 -27.86 28.82
CA GLY I 51 53.34 -28.62 29.25
C GLY I 51 53.14 -28.56 30.75
N THR I 52 52.07 -29.18 31.20
CA THR I 52 51.79 -29.26 32.64
C THR I 52 52.71 -30.24 33.33
N HIS I 53 52.75 -30.18 34.65
CA HIS I 53 53.58 -31.06 35.49
C HIS I 53 53.33 -32.52 35.12
N LYS I 54 52.05 -32.87 34.99
CA LYS I 54 51.62 -34.26 34.63
C LYS I 54 51.95 -34.55 33.15
N GLN I 55 51.64 -33.64 32.24
CA GLN I 55 51.94 -33.89 30.80
C GLN I 55 53.44 -34.15 30.55
N LEU I 56 54.27 -33.39 31.25
CA LEU I 56 55.75 -33.48 31.11
C LEU I 56 56.27 -34.85 31.56
N ARG I 57 55.50 -35.53 32.38
CA ARG I 57 55.86 -36.89 32.92
C ARG I 57 55.18 -38.05 32.20
N ASP I 58 54.41 -37.73 31.17
CA ASP I 58 53.79 -38.74 30.32
C ASP I 58 54.91 -39.52 29.62
N PRO I 59 54.78 -40.87 29.55
CA PRO I 59 55.78 -41.70 28.84
C PRO I 59 56.07 -41.26 27.40
N ALA I 60 55.06 -40.74 26.71
CA ALA I 60 55.23 -40.26 25.28
C ALA I 60 56.33 -39.19 25.10
N VAL I 61 56.54 -38.43 26.17
CA VAL I 61 57.61 -37.37 26.22
C VAL I 61 59.01 -37.97 26.01
N GLN I 62 59.24 -39.11 26.61
CA GLN I 62 60.52 -39.87 26.44
C GLN I 62 60.85 -40.20 24.97
N ARG I 63 59.83 -40.30 24.16
CA ARG I 63 59.96 -40.65 22.74
C ARG I 63 60.27 -39.44 21.88
N LEU I 64 60.34 -38.27 22.49
CA LEU I 64 60.62 -37.04 21.70
C LEU I 64 62.10 -36.99 21.32
N PRO I 65 62.42 -36.49 20.11
CA PRO I 65 63.75 -36.66 19.53
C PRO I 65 64.88 -36.05 20.30
N PHE I 66 64.55 -35.09 21.17
CA PHE I 66 65.59 -34.36 21.97
C PHE I 66 65.70 -34.89 23.39
N TYR I 67 64.87 -35.85 23.75
CA TYR I 67 64.82 -36.30 25.14
C TYR I 67 66.06 -37.08 25.52
N ASN I 68 66.55 -36.82 26.71
CA ASN I 68 67.66 -37.58 27.29
C ASN I 68 67.68 -37.34 28.80
N PRO I 69 68.69 -37.83 29.53
CA PRO I 69 68.58 -37.72 31.01
C PRO I 69 68.67 -36.30 31.56
N ALA I 70 69.32 -35.44 30.81
CA ALA I 70 69.44 -34.01 31.20
C ALA I 70 68.08 -33.32 31.12
N VAL I 71 67.39 -33.60 30.04
CA VAL I 71 66.03 -33.12 29.84
C VAL I 71 65.12 -33.64 30.97
N ALA I 72 65.30 -34.90 31.34
CA ALA I 72 64.51 -35.50 32.44
C ALA I 72 64.79 -34.74 33.73
N GLU I 73 66.05 -34.40 33.94
CA GLU I 73 66.46 -33.60 35.11
C GLU I 73 65.87 -32.16 35.04
N ALA I 74 65.83 -31.59 33.85
CA ALA I 74 65.18 -30.28 33.64
C ALA I 74 63.71 -30.34 34.11
N ILE I 75 63.05 -31.42 33.77
CA ILE I 75 61.64 -31.61 34.13
C ILE I 75 61.48 -31.67 35.67
N GLU I 76 62.45 -32.27 36.33
CA GLU I 76 62.44 -32.28 37.83
C GLU I 76 62.69 -30.92 38.43
N ARG I 77 63.58 -30.17 37.81
CA ARG I 77 64.10 -28.93 38.41
C ARG I 77 63.27 -27.68 38.09
N VAL I 78 62.53 -27.72 37.00
CA VAL I 78 61.73 -26.57 36.54
C VAL I 78 60.65 -26.25 37.59
N LYS I 79 60.42 -24.95 37.76
CA LYS I 79 59.38 -24.45 38.66
C LYS I 79 58.11 -24.17 37.87
N GLU I 80 56.98 -24.37 38.52
CA GLU I 80 55.67 -24.07 37.92
C GLU I 80 55.66 -22.62 37.43
N GLY I 81 55.26 -22.43 36.18
CA GLY I 81 55.30 -21.08 35.54
C GLY I 81 56.68 -20.59 35.14
N GLY I 82 57.68 -21.42 35.33
CA GLY I 82 59.06 -21.08 35.02
C GLY I 82 59.65 -21.96 33.92
N THR I 83 60.90 -21.64 33.57
CA THR I 83 61.65 -22.40 32.57
C THR I 83 62.94 -22.93 33.14
N TYR I 84 63.48 -23.94 32.45
CA TYR I 84 64.77 -24.56 32.82
C TYR I 84 65.39 -25.13 31.58
N GLY I 85 66.62 -24.74 31.34
CA GLY I 85 67.35 -25.10 30.12
C GLY I 85 68.51 -26.06 30.37
N VAL I 86 68.69 -26.99 29.44
CA VAL I 86 69.84 -27.92 29.45
C VAL I 86 70.42 -28.12 28.08
N LEU I 87 71.74 -28.29 28.06
CA LEU I 87 72.44 -28.60 26.81
C LEU I 87 72.38 -30.09 26.53
N VAL I 88 72.19 -30.42 25.28
CA VAL I 88 72.31 -31.80 24.81
C VAL I 88 73.34 -31.86 23.68
N GLU I 89 74.41 -32.60 23.93
CA GLU I 89 75.52 -32.73 22.96
C GLU I 89 75.19 -33.76 21.87
N GLY I 90 75.57 -33.38 20.64
CA GLY I 90 75.48 -34.28 19.47
C GLY I 90 74.08 -34.71 19.13
N LEU I 91 73.18 -33.76 19.22
CA LEU I 91 71.82 -33.99 18.76
C LEU I 91 71.78 -33.44 17.36
N ALA I 92 71.35 -34.27 16.44
CA ALA I 92 71.23 -33.84 15.03
C ALA I 92 70.35 -32.61 14.95
N ASN I 93 70.82 -31.61 14.24
CA ASN I 93 70.04 -30.40 14.00
C ASN I 93 70.46 -29.67 12.73
N ALA I 94 69.51 -29.00 12.11
CA ALA I 94 69.70 -28.39 10.79
C ALA I 94 70.67 -27.23 10.77
N ALA I 95 70.90 -26.61 11.92
CA ALA I 95 71.95 -25.53 12.07
C ALA I 95 73.38 -26.07 12.36
N GLY I 96 73.51 -27.36 12.52
CA GLY I 96 74.82 -27.97 12.75
C GLY I 96 75.52 -27.49 14.02
N SER I 97 74.74 -27.37 15.09
CA SER I 97 75.19 -26.80 16.34
C SER I 97 75.73 -27.95 17.18
N LYS I 98 76.90 -27.78 17.80
CA LYS I 98 77.53 -28.88 18.60
C LYS I 98 76.60 -29.29 19.72
N PHE I 99 75.96 -28.28 20.28
CA PHE I 99 74.98 -28.49 21.33
C PHE I 99 73.64 -27.98 20.91
N VAL I 100 72.62 -28.67 21.37
CA VAL I 100 71.27 -28.16 21.28
C VAL I 100 70.84 -27.79 22.70
N ARG I 101 70.25 -26.61 22.81
CA ARG I 101 69.68 -26.16 24.10
C ARG I 101 68.23 -26.54 24.10
N VAL I 102 67.85 -27.24 25.14
CA VAL I 102 66.43 -27.63 25.33
C VAL I 102 65.89 -26.89 26.52
N VAL I 103 64.86 -26.10 26.28
CA VAL I 103 64.23 -25.31 27.37
C VAL I 103 62.89 -25.91 27.71
N VAL I 104 62.79 -26.38 28.94
CA VAL I 104 61.52 -26.94 29.46
C VAL I 104 60.72 -25.83 30.21
N GLY I 105 59.43 -25.79 29.98
CA GLY I 105 58.53 -24.86 30.68
C GLY I 105 57.31 -25.56 31.22
N GLU I 106 57.02 -25.30 32.49
CA GLU I 106 55.87 -25.96 33.20
C GLU I 106 54.68 -25.01 33.27
N VAL I 107 53.59 -25.44 32.63
CA VAL I 107 52.30 -24.74 32.64
C VAL I 107 51.49 -25.17 33.86
N PRO I 108 50.95 -24.22 34.62
CA PRO I 108 50.08 -24.63 35.72
C PRO I 108 48.80 -25.29 35.25
N THR I 109 48.23 -26.04 36.15
CA THR I 109 46.93 -26.69 35.89
C THR I 109 45.79 -25.88 36.55
N LYS I 110 46.12 -25.13 37.60
CA LYS I 110 45.17 -24.21 38.26
C LYS I 110 44.54 -23.29 37.21
N ALA I 111 43.22 -23.20 37.24
CA ALA I 111 42.47 -22.32 36.35
C ALA I 111 41.08 -22.14 36.90
N SER I 112 40.71 -20.91 37.22
CA SER I 112 39.39 -20.60 37.79
C SER I 112 38.32 -20.74 36.70
N ARG I 113 37.07 -20.72 37.10
CA ARG I 113 35.96 -20.88 36.16
C ARG I 113 35.86 -19.78 35.17
N ASN I 114 36.55 -18.67 35.41
CA ASN I 114 36.54 -17.54 34.43
C ASN I 114 37.74 -17.51 33.51
N ASN I 115 38.53 -18.58 33.58
CA ASN I 115 39.77 -18.67 32.81
C ASN I 115 39.74 -19.80 31.78
N CYS I 116 40.72 -19.76 30.89
CA CYS I 116 40.95 -20.85 29.92
C CYS I 116 41.73 -21.93 30.61
N PRO I 117 41.19 -23.18 30.69
CA PRO I 117 41.86 -24.30 31.40
C PRO I 117 43.25 -24.62 30.92
N ALA I 118 43.50 -24.38 29.65
CA ALA I 118 44.86 -24.63 29.08
C ALA I 118 45.92 -23.59 29.49
N ARG I 119 45.48 -22.54 30.15
CA ARG I 119 46.37 -21.47 30.63
C ARG I 119 47.36 -21.01 29.53
N PRO I 120 46.83 -20.60 28.37
CA PRO I 120 47.67 -20.05 27.32
C PRO I 120 48.43 -18.79 27.72
N ASP I 121 47.95 -18.08 28.73
CA ASP I 121 48.70 -16.93 29.29
C ASP I 121 50.11 -17.35 29.70
N VAL I 122 50.23 -18.49 30.36
CA VAL I 122 51.55 -18.96 30.79
C VAL I 122 52.34 -19.54 29.63
N VAL I 123 51.64 -20.20 28.72
CA VAL I 123 52.30 -20.77 27.53
C VAL I 123 53.08 -19.65 26.82
N THR I 124 52.39 -18.54 26.61
CA THR I 124 53.01 -17.36 25.97
C THR I 124 54.26 -16.93 26.72
N ALA I 125 54.14 -16.80 28.03
CA ALA I 125 55.28 -16.32 28.88
C ALA I 125 56.47 -17.29 28.84
N LEU I 126 56.17 -18.56 28.92
CA LEU I 126 57.23 -19.60 28.88
C LEU I 126 58.00 -19.58 27.53
N VAL I 127 57.26 -19.49 26.44
CA VAL I 127 57.91 -19.52 25.13
C VAL I 127 58.71 -18.23 24.94
N THR I 128 58.13 -17.12 25.39
CA THR I 128 58.80 -15.83 25.31
C THR I 128 60.16 -15.93 26.02
N ALA I 129 60.14 -16.48 27.22
CA ALA I 129 61.38 -16.63 28.01
C ALA I 129 62.39 -17.54 27.32
N ALA I 130 61.89 -18.65 26.83
CA ALA I 130 62.74 -19.63 26.12
C ALA I 130 63.39 -19.05 24.86
N LEU I 131 62.64 -18.25 24.13
CA LEU I 131 63.16 -17.61 22.90
C LEU I 131 64.23 -16.54 23.15
N ASP I 132 64.35 -16.09 24.40
CA ASP I 132 65.52 -15.22 24.82
C ASP I 132 66.84 -15.98 24.76
N GLU I 133 66.81 -17.30 24.66
CA GLU I 133 68.05 -18.13 24.52
C GLU I 133 68.47 -18.37 23.06
N VAL I 134 67.74 -17.82 22.10
CA VAL I 134 68.10 -17.93 20.69
C VAL I 134 69.48 -17.29 20.48
N LYS I 135 70.37 -18.03 19.83
CA LYS I 135 71.80 -17.65 19.63
C LYS I 135 71.99 -16.83 18.37
N GLU I 136 71.33 -17.24 17.30
CA GLU I 136 71.47 -16.61 15.97
C GLU I 136 70.09 -16.26 15.40
N PRO I 137 70.04 -15.40 14.37
CA PRO I 137 68.76 -15.04 13.81
C PRO I 137 68.41 -15.88 12.60
N ASN I 138 67.20 -15.67 12.10
CA ASN I 138 66.67 -16.40 10.92
C ASN I 138 66.70 -17.91 11.09
N THR I 139 66.49 -18.34 12.32
CA THR I 139 66.39 -19.78 12.63
C THR I 139 64.93 -20.16 12.85
N THR I 140 64.71 -21.46 12.78
CA THR I 140 63.42 -22.06 13.10
C THR I 140 63.55 -22.78 14.43
N VAL I 141 62.68 -22.42 15.36
CA VAL I 141 62.66 -23.05 16.70
C VAL I 141 61.48 -24.00 16.81
N ASP I 142 61.79 -25.22 17.22
CA ASP I 142 60.74 -26.25 17.41
C ASP I 142 60.16 -26.05 18.81
N VAL I 143 58.87 -25.80 18.84
CA VAL I 143 58.13 -25.63 20.10
C VAL I 143 57.17 -26.80 20.26
N PHE I 144 57.58 -27.72 21.11
CA PHE I 144 56.80 -28.93 21.39
C PHE I 144 55.85 -28.62 22.52
N VAL I 145 54.56 -28.65 22.20
CA VAL I 145 53.52 -28.38 23.20
C VAL I 145 52.83 -29.69 23.51
N LEU I 146 52.58 -29.92 24.78
CA LEU I 146 51.92 -31.17 25.24
C LEU I 146 50.41 -31.05 25.37
N SER I 147 49.89 -29.85 25.18
CA SER I 147 48.44 -29.61 25.14
C SER I 147 47.92 -29.81 23.71
N ASN I 148 46.68 -30.26 23.59
CA ASN I 148 45.98 -30.34 22.30
CA ASN I 148 45.98 -30.33 22.30
C ASN I 148 44.94 -29.25 22.14
N ALA I 149 45.00 -28.25 23.00
CA ALA I 149 44.06 -27.14 22.90
C ALA I 149 44.55 -26.19 21.81
N VAL I 150 44.30 -26.57 20.57
CA VAL I 150 45.07 -25.99 19.44
C VAL I 150 44.84 -24.50 19.21
N LEU I 151 43.60 -24.07 19.29
CA LEU I 151 43.28 -22.64 19.01
C LEU I 151 43.92 -21.66 20.05
N PRO I 152 43.66 -21.86 21.35
CA PRO I 152 44.32 -21.00 22.30
C PRO I 152 45.84 -21.06 22.27
N ILE I 153 46.39 -22.24 22.05
CA ILE I 153 47.87 -22.37 21.94
C ILE I 153 48.38 -21.63 20.71
N ALA I 154 47.67 -21.72 19.61
CA ALA I 154 48.09 -21.03 18.38
C ALA I 154 48.19 -19.55 18.57
N ALA I 155 47.15 -18.98 19.15
CA ALA I 155 47.13 -17.52 19.45
C ALA I 155 48.24 -17.16 20.50
N ALA I 156 48.43 -18.05 21.47
CA ALA I 156 49.40 -17.84 22.55
C ALA I 156 50.81 -17.76 22.03
N VAL I 157 51.12 -18.64 21.09
CA VAL I 157 52.45 -18.67 20.47
C VAL I 157 52.61 -17.51 19.49
N ALA I 158 51.54 -17.22 18.78
CA ALA I 158 51.53 -16.05 17.85
C ALA I 158 51.91 -14.75 18.57
N ARG I 159 51.42 -14.60 19.79
CA ARG I 159 51.63 -13.33 20.55
C ARG I 159 52.93 -13.31 21.38
N CYS I 160 53.66 -14.42 21.37
CA CYS I 160 54.81 -14.56 22.23
C CYS I 160 56.07 -14.07 21.56
N GLY I 161 57.10 -13.92 22.38
CA GLY I 161 58.44 -13.54 21.91
C GLY I 161 58.54 -12.12 21.43
N LYS I 162 59.60 -11.87 20.65
CA LYS I 162 59.83 -10.56 20.06
C LYS I 162 58.78 -10.23 19.02
N HIS I 163 58.40 -8.96 18.98
CA HIS I 163 57.28 -8.54 18.17
C HIS I 163 57.74 -8.28 16.72
N ASN I 164 56.87 -8.58 15.78
CA ASN I 164 57.14 -8.31 14.38
C ASN I 164 57.36 -6.84 14.13
N PHE I 165 56.69 -5.98 14.89
CA PHE I 165 56.93 -4.54 14.77
C PHE I 165 58.20 -4.17 15.53
N SER I 166 59.13 -3.54 14.83
CA SER I 166 60.39 -3.08 15.45
C SER I 166 61.00 -1.91 14.72
N ALA I 167 61.58 -1.03 15.52
CA ALA I 167 62.37 0.11 15.01
C ALA I 167 63.84 0.03 15.44
N LYS I 168 64.21 -1.09 16.03
CA LYS I 168 65.58 -1.29 16.54
C LYS I 168 66.57 -1.65 15.43
N ASP I 169 67.82 -1.20 15.61
CA ASP I 169 68.97 -1.61 14.78
C ASP I 169 68.71 -1.58 13.25
N GLY I 170 68.26 -0.43 12.75
CA GLY I 170 68.03 -0.20 11.32
C GLY I 170 66.72 -0.70 10.75
N ALA I 171 65.90 -1.35 11.55
CA ALA I 171 64.63 -1.91 11.08
C ALA I 171 63.71 -0.89 10.46
N ALA I 172 63.84 0.36 10.87
CA ALA I 172 63.10 1.45 10.23
C ALA I 172 63.34 1.52 8.72
N ALA I 173 64.54 1.14 8.27
CA ALA I 173 64.85 1.12 6.85
C ALA I 173 64.26 -0.12 6.14
N ALA I 174 63.80 -1.09 6.93
CA ALA I 174 63.14 -2.32 6.43
C ALA I 174 61.63 -2.33 6.72
N ALA I 175 61.05 -1.15 6.62
CA ALA I 175 59.59 -0.94 6.87
C ALA I 175 59.11 -1.43 8.26
N TYR I 176 60.02 -1.36 9.22
CA TYR I 176 59.75 -1.72 10.63
C TYR I 176 59.37 -3.18 10.79
N ASN I 177 59.88 -4.00 9.90
CA ASN I 177 59.83 -5.48 10.07
C ASN I 177 60.99 -5.91 10.91
N SER I 178 60.71 -6.51 12.04
CA SER I 178 61.79 -6.91 12.96
C SER I 178 62.70 -7.94 12.31
N GLY I 179 63.99 -7.82 12.56
CA GLY I 179 64.96 -8.85 12.16
C GLY I 179 65.28 -9.80 13.27
N LYS I 180 64.63 -9.60 14.41
CA LYS I 180 64.90 -10.37 15.67
C LYS I 180 63.91 -11.49 15.95
N VAL I 181 62.98 -11.69 15.04
CA VAL I 181 61.93 -12.70 15.21
C VAL I 181 62.46 -14.05 14.70
N SER I 182 62.22 -15.08 15.48
CA SER I 182 62.49 -16.47 15.05
C SER I 182 61.27 -17.13 14.37
N ARG I 183 61.51 -17.94 13.35
CA ARG I 183 60.43 -18.81 12.79
C ARG I 183 60.12 -19.82 13.90
N LEU I 184 58.85 -20.05 14.15
CA LEU I 184 58.42 -20.99 15.23
C LEU I 184 57.59 -22.13 14.65
N GLN I 185 58.04 -23.34 14.93
CA GLN I 185 57.29 -24.53 14.51
C GLN I 185 56.67 -25.15 15.73
N VAL I 186 55.37 -24.99 15.84
CA VAL I 186 54.62 -25.58 16.95
C VAL I 186 54.32 -27.04 16.60
N VAL I 187 54.73 -27.91 17.48
CA VAL I 187 54.53 -29.35 17.33
C VAL I 187 53.52 -29.87 18.37
N PHE I 188 52.27 -30.04 17.95
CA PHE I 188 51.23 -30.65 18.84
C PHE I 188 51.44 -32.16 18.99
N PRO I 189 50.89 -32.77 20.06
CA PRO I 189 51.00 -34.25 20.20
C PRO I 189 50.25 -35.05 19.12
N GLU I 190 49.05 -34.59 18.78
CA GLU I 190 48.16 -35.21 17.75
C GLU I 190 47.94 -34.23 16.60
N PRO I 191 47.58 -34.74 15.41
CA PRO I 191 47.27 -33.84 14.33
C PRO I 191 46.19 -32.88 14.81
N PRO I 192 46.36 -31.60 14.56
CA PRO I 192 45.44 -30.66 15.19
C PRO I 192 44.04 -30.76 14.63
N ALA I 193 43.07 -30.63 15.52
CA ALA I 193 41.64 -30.66 15.12
C ALA I 193 41.30 -29.59 14.12
N ILE I 194 42.00 -28.48 14.22
CA ILE I 194 41.87 -27.38 13.24
C ILE I 194 43.09 -27.47 12.32
N PRO I 195 42.89 -27.40 11.00
CA PRO I 195 44.03 -27.60 10.10
C PRO I 195 45.14 -26.59 10.31
N PRO I 196 46.40 -27.02 10.15
CA PRO I 196 47.55 -26.09 10.25
C PRO I 196 47.41 -24.76 9.49
N LYS I 197 46.97 -24.77 8.25
CA LYS I 197 46.86 -23.51 7.46
C LYS I 197 45.82 -22.58 8.09
N ASP I 198 44.79 -23.18 8.68
CA ASP I 198 43.75 -22.38 9.40
C ASP I 198 44.33 -21.77 10.68
N LEU I 199 45.12 -22.56 11.39
CA LEU I 199 45.84 -22.07 12.57
C LEU I 199 46.82 -20.95 12.18
N GLU I 200 47.46 -21.09 11.03
CA GLU I 200 48.32 -20.01 10.52
C GLU I 200 47.54 -18.74 10.33
N ALA I 201 46.37 -18.86 9.76
CA ALA I 201 45.56 -17.65 9.47
C ALA I 201 45.23 -16.91 10.78
N VAL I 202 44.93 -17.69 11.79
CA VAL I 202 44.60 -17.15 13.15
C VAL I 202 45.81 -16.45 13.73
N ALA I 203 46.93 -17.15 13.68
CA ALA I 203 48.20 -16.60 14.18
C ALA I 203 48.55 -15.31 13.43
N THR I 204 48.31 -15.31 12.14
CA THR I 204 48.61 -14.16 11.30
C THR I 204 47.81 -12.97 11.76
N SER I 205 46.54 -13.20 12.04
CA SER I 205 45.63 -12.12 12.47
C SER I 205 46.00 -11.58 13.87
N THR I 206 46.39 -12.48 14.77
CA THR I 206 46.87 -12.07 16.07
C THR I 206 48.08 -11.12 15.92
N GLN I 207 49.00 -11.50 15.05
CA GLN I 207 50.26 -10.75 14.85
C GLN I 207 50.07 -9.48 14.05
N LEU I 208 49.16 -9.48 13.11
CA LEU I 208 48.85 -8.25 12.38
C LEU I 208 48.23 -7.25 13.33
N CYS I 209 47.29 -7.75 14.10
CA CYS I 209 46.63 -6.93 15.16
C CYS I 209 47.71 -6.33 16.09
N GLN I 210 48.62 -7.19 16.53
CA GLN I 210 49.76 -6.77 17.37
C GLN I 210 50.59 -5.68 16.71
N ARG I 211 50.86 -5.88 15.43
CA ARG I 211 51.61 -4.91 14.65
C ARG I 211 50.95 -3.54 14.63
N LEU I 212 49.69 -3.52 14.33
CA LEU I 212 48.92 -2.27 14.17
C LEU I 212 48.88 -1.51 15.49
N VAL I 213 48.71 -2.25 16.55
CA VAL I 213 48.59 -1.68 17.91
C VAL I 213 49.96 -1.15 18.40
N ASP I 214 50.97 -1.97 18.26
CA ASP I 214 52.39 -1.59 18.57
C ASP I 214 52.83 -0.35 17.80
N ALA I 215 52.39 -0.24 16.56
CA ALA I 215 52.89 0.82 15.69
C ALA I 215 52.59 2.17 16.31
N PRO I 216 53.59 3.07 16.31
CA PRO I 216 53.31 4.40 16.80
C PRO I 216 52.41 5.18 15.85
N PRO I 217 51.75 6.25 16.36
CA PRO I 217 50.84 6.98 15.54
C PRO I 217 51.45 7.77 14.41
N ASN I 218 52.74 7.98 14.44
CA ASN I 218 53.42 8.61 13.29
C ASN I 218 53.45 7.66 12.04
N LEU I 219 53.29 6.37 12.28
CA LEU I 219 53.23 5.35 11.22
C LEU I 219 51.79 4.89 10.94
N LEU I 220 51.07 4.57 12.01
CA LEU I 220 49.66 4.19 11.90
C LEU I 220 48.77 5.37 12.18
N THR I 221 48.34 5.98 11.09
CA THR I 221 47.48 7.12 11.13
C THR I 221 46.06 6.73 10.66
N THR I 222 45.15 7.68 10.71
CA THR I 222 43.83 7.43 10.17
C THR I 222 43.94 7.04 8.69
N ALA I 223 44.88 7.68 7.99
CA ALA I 223 45.06 7.47 6.53
C ALA I 223 45.71 6.14 6.25
N THR I 224 46.75 5.79 6.99
CA THR I 224 47.46 4.53 6.69
C THR I 224 46.67 3.33 7.08
N PHE I 225 45.91 3.47 8.16
CA PHE I 225 45.02 2.39 8.59
C PHE I 225 44.00 2.13 7.45
N THR I 226 43.44 3.20 6.95
CA THR I 226 42.48 3.13 5.85
C THR I 226 43.12 2.47 4.61
N GLU I 227 44.33 2.87 4.27
CA GLU I 227 45.04 2.30 3.12
C GLU I 227 45.30 0.81 3.31
N ILE I 228 45.62 0.44 4.53
CA ILE I 228 45.86 -0.99 4.85
C ILE I 228 44.57 -1.79 4.62
N ALA I 229 43.45 -1.25 5.06
CA ALA I 229 42.15 -1.91 4.88
C ALA I 229 41.82 -2.03 3.38
N GLN I 230 42.07 -0.97 2.64
CA GLN I 230 41.90 -0.96 1.18
C GLN I 230 42.79 -2.02 0.48
N GLY I 231 44.02 -2.13 0.93
CA GLY I 231 44.97 -3.12 0.38
C GLY I 231 44.42 -4.52 0.54
N TYR I 232 43.93 -4.81 1.73
CA TYR I 232 43.37 -6.17 2.03
C TYR I 232 42.11 -6.38 1.20
N ALA I 233 41.35 -5.32 1.02
CA ALA I 233 40.14 -5.40 0.20
C ALA I 233 40.44 -5.78 -1.24
N LYS I 234 41.45 -5.16 -1.84
CA LYS I 234 41.89 -5.51 -3.23
C LYS I 234 42.36 -6.97 -3.26
N ALA I 235 43.21 -7.33 -2.32
CA ALA I 235 43.82 -8.68 -2.30
C ALA I 235 42.80 -9.80 -2.10
N LEU I 236 41.90 -9.62 -1.14
CA LEU I 236 40.96 -10.71 -0.72
C LEU I 236 39.58 -10.60 -1.36
N GLY I 237 39.34 -9.50 -2.04
CA GLY I 237 38.08 -9.31 -2.77
C GLY I 237 36.84 -9.00 -1.94
N PHE I 238 36.99 -8.29 -0.85
CA PHE I 238 35.80 -7.81 -0.10
C PHE I 238 35.56 -6.32 -0.36
N ASP I 239 34.39 -5.85 0.00
CA ASP I 239 33.97 -4.45 -0.28
C ASP I 239 34.44 -3.48 0.82
N VAL I 240 34.75 -2.27 0.39
CA VAL I 240 35.24 -1.26 1.30
C VAL I 240 34.56 0.07 0.99
N ASP I 241 34.02 0.68 2.04
CA ASP I 241 33.34 1.99 1.94
C ASP I 241 34.02 2.95 2.90
N VAL I 242 34.40 4.11 2.39
CA VAL I 242 35.11 5.11 3.18
C VAL I 242 34.41 6.42 3.19
N ILE I 243 34.07 6.90 4.38
CA ILE I 243 33.52 8.28 4.50
C ILE I 243 34.56 9.10 5.20
N CYS I 244 35.05 10.12 4.52
CA CYS I 244 36.31 10.80 4.91
C CYS I 244 36.13 12.27 5.21
N GLY I 245 36.71 12.68 6.33
CA GLY I 245 36.90 14.09 6.65
C GLY I 245 35.63 14.90 6.67
N ASP I 246 35.62 15.99 5.93
CA ASP I 246 34.48 16.90 5.94
C ASP I 246 33.19 16.24 5.43
N ASP I 247 33.31 15.19 4.63
CA ASP I 247 32.10 14.45 4.17
C ASP I 247 31.34 13.84 5.35
N LEU I 248 32.07 13.53 6.44
CA LEU I 248 31.43 13.03 7.66
C LEU I 248 30.48 14.07 8.21
N CYS I 249 30.94 15.29 8.23
CA CYS I 249 30.10 16.41 8.65
C CYS I 249 28.90 16.58 7.72
N GLU I 250 29.15 16.65 6.42
CA GLU I 250 28.05 16.87 5.41
C GLU I 250 26.99 15.77 5.50
N ARG I 251 27.42 14.57 5.82
CA ARG I 251 26.51 13.43 5.89
C ARG I 251 25.92 13.15 7.28
N GLY I 252 26.11 14.09 8.21
CA GLY I 252 25.47 14.01 9.56
C GLY I 252 26.20 13.16 10.61
N TYR I 253 27.43 12.73 10.31
CA TYR I 253 28.24 11.93 11.27
C TYR I 253 29.00 12.86 12.25
N GLY I 254 28.23 13.62 13.03
CA GLY I 254 28.74 14.70 13.86
C GLY I 254 29.68 14.22 14.96
N GLY I 255 29.50 13.00 15.41
CA GLY I 255 30.29 12.45 16.50
C GLY I 255 31.74 12.22 16.09
N ILE I 256 31.93 11.31 15.15
CA ILE I 256 33.27 11.01 14.64
C ILE I 256 33.90 12.23 13.95
N TYR I 257 33.11 13.02 13.25
CA TYR I 257 33.62 14.25 12.67
C TYR I 257 34.20 15.19 13.75
N SER I 258 33.40 15.47 14.76
CA SER I 258 33.80 16.43 15.81
C SER I 258 35.05 15.97 16.58
N VAL I 259 35.10 14.69 16.89
CA VAL I 259 36.21 14.11 17.62
C VAL I 259 37.50 14.25 16.81
N GLY I 260 37.40 13.94 15.52
CA GLY I 260 38.59 13.81 14.64
C GLY I 260 39.04 15.05 13.90
N LYS I 261 38.23 16.09 13.91
CA LYS I 261 38.45 17.24 13.01
C LYS I 261 39.66 18.14 13.33
N ALA I 262 40.12 18.08 14.58
CA ALA I 262 41.28 18.89 14.99
C ALA I 262 42.60 18.34 14.45
N ALA I 263 42.60 17.06 14.12
CA ALA I 263 43.82 16.34 13.77
C ALA I 263 44.40 16.73 12.41
N PHE I 264 45.66 16.43 12.25
CA PHE I 264 46.36 16.64 10.98
C PHE I 264 45.77 15.74 9.86
N GLU I 265 45.59 14.48 10.17
CA GLU I 265 44.93 13.55 9.26
C GLU I 265 43.44 13.51 9.58
N ALA I 266 42.64 13.51 8.53
CA ALA I 266 41.18 13.52 8.66
C ALA I 266 40.61 12.23 9.23
N PRO I 267 39.49 12.32 9.98
CA PRO I 267 38.84 11.12 10.44
C PRO I 267 38.18 10.38 9.30
N ARG I 268 38.01 9.10 9.48
CA ARG I 268 37.36 8.24 8.48
C ARG I 268 36.47 7.22 9.15
N LEU I 269 35.30 7.06 8.59
CA LEU I 269 34.41 5.92 8.90
C LEU I 269 34.55 4.90 7.76
N VAL I 270 35.20 3.79 8.08
CA VAL I 270 35.57 2.79 7.10
C VAL I 270 34.75 1.55 7.35
N THR I 271 33.90 1.20 6.40
CA THR I 271 33.10 -0.04 6.51
C THR I 271 33.50 -1.09 5.46
N LEU I 272 33.73 -2.29 5.97
CA LEU I 272 34.12 -3.44 5.15
C LEU I 272 32.96 -4.41 5.16
N LEU I 273 32.72 -5.04 4.00
CA LEU I 273 31.64 -6.07 3.85
C LEU I 273 32.13 -7.40 3.33
N TYR I 274 31.70 -8.43 4.00
CA TYR I 274 31.97 -9.79 3.58
C TYR I 274 30.65 -10.59 3.66
N THR I 275 30.28 -11.17 2.53
CA THR I 275 29.09 -12.05 2.44
C THR I 275 29.56 -13.39 1.95
N PRO I 276 29.35 -14.44 2.74
CA PRO I 276 29.81 -15.77 2.31
C PRO I 276 28.96 -16.34 1.16
N LYS I 277 29.52 -17.36 0.50
CA LYS I 277 28.80 -18.13 -0.55
C LYS I 277 27.68 -18.84 0.22
N GLY I 278 26.47 -18.79 -0.30
CA GLY I 278 25.36 -19.52 0.37
C GLY I 278 24.83 -18.79 1.60
N THR I 279 23.97 -19.45 2.33
CA THR I 279 23.23 -18.82 3.43
C THR I 279 24.07 -18.64 4.69
N PRO I 280 24.21 -17.38 5.17
CA PRO I 280 24.95 -17.19 6.42
C PRO I 280 24.25 -17.71 7.67
N VAL I 281 25.03 -18.22 8.63
CA VAL I 281 24.45 -18.70 9.91
C VAL I 281 23.98 -17.50 10.77
N LYS I 282 24.52 -16.32 10.52
CA LYS I 282 24.15 -15.07 11.25
C LYS I 282 24.67 -13.86 10.49
N LYS I 283 23.99 -12.75 10.69
CA LYS I 283 24.48 -11.47 10.17
C LYS I 283 25.02 -10.67 11.38
N VAL I 284 26.31 -10.37 11.32
CA VAL I 284 27.01 -9.70 12.42
C VAL I 284 27.69 -8.44 11.95
N SER I 285 27.41 -7.33 12.65
CA SER I 285 28.09 -6.05 12.40
C SER I 285 29.12 -5.78 13.49
N LEU I 286 30.36 -5.62 13.06
CA LEU I 286 31.49 -5.30 13.95
C LEU I 286 31.75 -3.80 13.88
N VAL I 287 31.99 -3.21 15.05
CA VAL I 287 32.31 -1.77 15.12
C VAL I 287 33.50 -1.60 16.05
N GLY I 288 34.53 -0.93 15.57
CA GLY I 288 35.80 -0.83 16.35
C GLY I 288 36.21 0.62 16.60
N LYS I 289 36.62 0.89 17.85
CA LYS I 289 37.18 2.22 18.22
C LYS I 289 38.60 2.28 17.62
N GLY I 290 38.74 3.14 16.62
CA GLY I 290 40.02 3.31 15.93
C GLY I 290 40.64 4.66 16.21
N ILE I 291 40.83 4.95 17.49
CA ILE I 291 41.49 6.20 17.89
C ILE I 291 42.99 5.95 17.81
N VAL I 292 43.57 6.40 16.70
CA VAL I 292 45.01 6.19 16.39
C VAL I 292 45.94 6.78 17.45
N TYR I 293 45.47 7.88 18.01
CA TYR I 293 46.06 8.46 19.22
C TYR I 293 45.06 9.30 19.98
N ASP I 294 45.05 9.12 21.30
CA ASP I 294 44.11 9.79 22.22
C ASP I 294 44.93 10.71 23.11
N CYS I 295 45.10 11.96 22.69
CA CYS I 295 45.77 12.97 23.53
C CYS I 295 44.84 13.51 24.63
N GLY I 296 43.55 13.19 24.49
CA GLY I 296 42.48 13.70 25.36
C GLY I 296 41.70 14.83 24.75
N GLY I 297 42.24 15.39 23.69
CA GLY I 297 41.68 16.64 23.11
C GLY I 297 41.93 17.82 24.08
N LEU I 298 41.02 18.79 24.07
CA LEU I 298 41.14 19.95 24.97
C LEU I 298 41.24 19.52 26.45
N ALA I 299 40.57 18.44 26.78
CA ALA I 299 40.71 17.73 28.08
C ALA I 299 41.99 16.89 27.99
N LEU I 300 43.09 17.60 27.93
CA LEU I 300 44.41 17.01 27.71
C LEU I 300 44.85 16.05 28.82
N LYS I 301 45.31 14.88 28.40
CA LYS I 301 45.87 13.91 29.32
C LYS I 301 47.25 14.35 29.84
N PRO I 302 47.55 14.10 31.11
CA PRO I 302 48.96 14.15 31.54
C PRO I 302 49.80 13.12 30.78
N ALA I 303 51.10 13.39 30.69
CA ALA I 303 51.98 12.62 29.81
C ALA I 303 52.04 11.13 30.15
N ASP I 304 52.04 10.82 31.44
CA ASP I 304 52.07 9.45 31.94
C ASP I 304 50.86 8.63 31.48
N TYR I 305 49.72 9.26 31.45
CA TYR I 305 48.49 8.62 30.95
C TYR I 305 48.43 8.61 29.41
N MET I 306 48.99 9.64 28.79
CA MET I 306 48.97 9.75 27.31
C MET I 306 49.86 8.73 26.62
N LYS I 307 50.96 8.38 27.29
CA LYS I 307 51.87 7.32 26.82
C LYS I 307 51.03 6.05 26.64
N LEU I 308 51.30 5.34 25.57
CA LEU I 308 50.54 4.11 25.23
C LEU I 308 49.10 4.33 24.71
N MET I 309 48.70 5.56 24.49
CA MET I 309 47.44 5.85 23.78
C MET I 309 47.50 5.60 22.25
N LYS I 310 48.67 5.24 21.76
CA LYS I 310 48.78 4.61 20.38
C LYS I 310 48.01 3.27 20.34
N HIS I 311 47.83 2.67 21.52
CA HIS I 311 47.00 1.45 21.66
C HIS I 311 45.49 1.69 21.51
N ASP I 312 45.08 2.94 21.39
CA ASP I 312 43.67 3.33 21.50
C ASP I 312 42.90 2.95 20.25
N MET I 313 43.60 2.39 19.29
CA MET I 313 42.96 1.78 18.08
C MET I 313 42.92 0.23 18.18
N GLY I 314 43.17 -0.28 19.36
CA GLY I 314 43.18 -1.74 19.62
C GLY I 314 41.87 -2.46 19.34
N GLY I 315 40.77 -1.78 19.57
CA GLY I 315 39.43 -2.31 19.21
C GLY I 315 39.17 -2.37 17.69
N ALA I 316 39.58 -1.35 16.98
CA ALA I 316 39.52 -1.34 15.51
C ALA I 316 40.42 -2.41 14.90
N ALA I 317 41.62 -2.56 15.42
CA ALA I 317 42.52 -3.61 14.96
C ALA I 317 41.91 -4.98 15.22
N ALA I 318 41.28 -5.14 16.37
CA ALA I 318 40.70 -6.43 16.75
C ALA I 318 39.59 -6.86 15.77
N VAL I 319 38.67 -5.96 15.53
CA VAL I 319 37.56 -6.26 14.61
C VAL I 319 38.08 -6.42 13.18
N PHE I 320 39.05 -5.60 12.82
CA PHE I 320 39.62 -5.64 11.46
C PHE I 320 40.22 -7.01 11.23
N CYS I 321 41.01 -7.48 12.16
CA CYS I 321 41.72 -8.72 11.98
C CYS I 321 40.82 -9.95 12.14
N GLY I 322 39.85 -9.85 13.01
CA GLY I 322 38.81 -10.91 13.14
C GLY I 322 38.04 -11.05 11.81
N PHE I 323 37.74 -9.91 11.23
CA PHE I 323 37.12 -9.83 9.92
C PHE I 323 38.01 -10.53 8.87
N LEU I 324 39.30 -10.21 8.86
CA LEU I 324 40.23 -10.82 7.91
C LEU I 324 40.23 -12.32 8.05
N THR I 325 40.26 -12.80 9.28
CA THR I 325 40.31 -14.25 9.51
C THR I 325 39.06 -14.91 8.95
N ALA I 326 37.92 -14.28 9.18
CA ALA I 326 36.63 -14.78 8.66
C ALA I 326 36.63 -14.86 7.12
N VAL I 327 37.19 -13.85 6.47
CA VAL I 327 37.31 -13.84 5.01
C VAL I 327 38.29 -14.94 4.55
N ARG I 328 39.43 -15.00 5.18
CA ARG I 328 40.45 -15.95 4.76
C ARG I 328 39.98 -17.38 4.96
N LEU I 329 39.32 -17.66 6.06
CA LEU I 329 38.85 -19.02 6.36
C LEU I 329 37.44 -19.27 5.82
N GLN I 330 36.88 -18.28 5.15
CA GLN I 330 35.52 -18.35 4.58
C GLN I 330 34.51 -18.84 5.57
N GLN I 331 34.53 -18.23 6.73
CA GLN I 331 33.56 -18.59 7.78
C GLN I 331 32.19 -18.19 7.29
N PRO I 332 31.14 -18.95 7.66
CA PRO I 332 29.81 -18.72 7.09
C PRO I 332 29.01 -17.67 7.84
N VAL I 333 29.62 -16.52 8.06
CA VAL I 333 28.97 -15.40 8.74
C VAL I 333 28.99 -14.23 7.82
N GLN I 334 27.85 -13.58 7.68
CA GLN I 334 27.81 -12.33 6.92
C GLN I 334 28.27 -11.21 7.88
N LEU I 335 29.28 -10.45 7.44
CA LEU I 335 29.96 -9.45 8.30
C LEU I 335 30.00 -8.10 7.70
N SER I 336 29.70 -7.11 8.54
CA SER I 336 30.17 -5.72 8.28
C SER I 336 31.23 -5.42 9.35
N CYS I 337 32.22 -4.64 8.98
CA CYS I 337 33.28 -4.23 9.92
C CYS I 337 33.52 -2.74 9.75
N THR I 338 33.04 -1.97 10.72
CA THR I 338 33.10 -0.52 10.66
C THR I 338 34.21 0.01 11.59
N LEU I 339 35.21 0.63 10.99
CA LEU I 339 36.36 1.16 11.72
C LEU I 339 36.12 2.66 11.93
N CYS I 340 36.08 3.05 13.20
CA CYS I 340 35.84 4.44 13.56
C CYS I 340 37.19 5.09 13.77
N LEU I 341 37.74 5.62 12.69
CA LEU I 341 39.11 6.13 12.67
C LEU I 341 39.16 7.63 12.89
N ALA I 342 39.89 8.01 13.93
CA ALA I 342 40.14 9.42 14.24
C ALA I 342 41.33 9.54 15.15
N GLU I 343 41.99 10.67 15.06
CA GLU I 343 42.94 11.05 16.10
C GLU I 343 42.25 12.08 16.93
N ASN I 344 42.31 11.89 18.24
CA ASN I 344 41.80 12.88 19.21
C ASN I 344 42.92 13.85 19.53
N ALA I 345 42.90 14.92 18.77
CA ALA I 345 43.99 15.88 18.74
C ALA I 345 43.63 17.16 19.47
N ILE I 346 44.65 17.96 19.69
CA ILE I 346 44.46 19.26 20.35
C ILE I 346 44.95 20.36 19.41
N GLY I 347 44.12 21.38 19.29
CA GLY I 347 44.42 22.52 18.44
C GLY I 347 43.23 23.42 18.27
N PRO I 348 43.34 24.40 17.35
CA PRO I 348 42.29 25.41 17.17
C PRO I 348 40.95 24.83 16.72
N LYS I 349 40.98 23.72 16.04
CA LYS I 349 39.73 23.08 15.58
C LYS I 349 39.15 22.05 16.54
N SER I 350 39.77 21.94 17.71
CA SER I 350 39.32 20.96 18.71
C SER I 350 37.85 21.12 19.04
N TYR I 351 37.14 20.01 19.06
CA TYR I 351 35.81 20.02 19.69
C TYR I 351 36.00 20.33 21.17
N ARG I 352 35.04 21.03 21.72
CA ARG I 352 35.21 21.63 23.03
C ARG I 352 34.42 20.97 24.14
N ASN I 353 34.90 21.20 25.36
CA ASN I 353 34.14 20.88 26.58
C ASN I 353 33.05 21.94 26.77
N ASP I 354 31.86 21.63 26.27
CA ASP I 354 30.70 22.56 26.12
C ASP I 354 30.01 22.42 24.76
N ASP I 355 30.77 22.01 23.75
CA ASP I 355 30.18 21.89 22.41
C ASP I 355 29.02 20.89 22.44
N ILE I 356 28.05 21.12 21.57
CA ILE I 356 26.92 20.17 21.39
C ILE I 356 27.01 19.56 20.01
N ILE I 357 27.10 18.24 20.01
CA ILE I 357 27.21 17.46 18.80
C ILE I 357 25.82 16.96 18.34
N VAL I 358 25.55 17.07 17.04
CA VAL I 358 24.44 16.32 16.41
C VAL I 358 24.95 15.00 15.85
N MET I 359 24.65 13.93 16.56
CA MET I 359 25.10 12.60 16.18
C MET I 359 24.35 12.15 14.93
N LYS I 360 24.89 11.13 14.27
CA LYS I 360 24.23 10.57 13.10
C LYS I 360 22.87 10.04 13.49
N SER I 361 22.75 9.53 14.71
CA SER I 361 21.47 9.01 15.23
C SER I 361 20.40 10.06 15.33
N GLY I 362 20.79 11.32 15.20
CA GLY I 362 19.83 12.49 15.36
C GLY I 362 19.79 13.02 16.79
N LYS I 363 20.34 12.24 17.70
CA LYS I 363 20.42 12.68 19.09
C LYS I 363 21.57 13.63 19.29
N THR I 364 21.36 14.58 20.19
CA THR I 364 22.35 15.58 20.51
C THR I 364 23.11 15.22 21.79
N VAL I 365 24.41 15.47 21.73
CA VAL I 365 25.36 15.11 22.81
C VAL I 365 26.11 16.35 23.29
N GLU I 366 25.92 16.70 24.55
CA GLU I 366 26.67 17.82 25.17
C GLU I 366 28.00 17.23 25.62
N VAL I 367 29.08 17.81 25.10
CA VAL I 367 30.43 17.29 25.42
C VAL I 367 30.90 17.88 26.75
N ILE I 368 30.88 17.06 27.77
CA ILE I 368 31.35 17.46 29.12
C ILE I 368 32.88 17.35 29.16
N ASN I 369 33.38 16.31 28.52
CA ASN I 369 34.79 16.01 28.51
C ASN I 369 35.23 15.39 27.20
N THR I 370 36.16 16.07 26.52
CA THR I 370 36.60 15.66 25.18
C THR I 370 37.42 14.38 25.19
N ASP I 371 37.88 13.99 26.37
CA ASP I 371 38.66 12.74 26.53
C ASP I 371 37.82 11.46 26.63
N ALA I 372 36.54 11.69 26.73
CA ALA I 372 35.51 10.62 26.53
C ALA I 372 35.03 10.59 25.06
N GLU I 373 35.99 10.38 24.19
CA GLU I 373 35.81 10.52 22.74
C GLU I 373 35.33 9.21 22.10
N GLY I 374 35.75 8.13 22.70
CA GLY I 374 35.53 6.78 22.15
C GLY I 374 34.06 6.46 22.02
N ARG I 375 33.31 6.74 23.07
CA ARG I 375 31.91 6.44 23.07
C ARG I 375 31.16 7.26 21.99
N ILE I 376 31.66 8.46 21.71
CA ILE I 376 31.03 9.34 20.72
C ILE I 376 31.23 8.77 19.32
N VAL I 377 32.44 8.40 19.07
CA VAL I 377 32.88 7.85 17.80
C VAL I 377 32.12 6.52 17.55
N LEU I 378 32.05 5.72 18.57
CA LEU I 378 31.34 4.44 18.50
C LEU I 378 29.82 4.62 18.33
N GLY I 379 29.30 5.70 18.88
CA GLY I 379 27.88 6.05 18.71
C GLY I 379 27.52 6.21 17.24
N ASP I 380 28.37 6.93 16.53
CA ASP I 380 28.21 7.08 15.04
C ASP I 380 28.45 5.74 14.31
N GLY I 381 29.42 4.98 14.78
CA GLY I 381 29.71 3.64 14.28
C GLY I 381 28.56 2.66 14.37
N VAL I 382 27.98 2.51 15.55
CA VAL I 382 26.88 1.54 15.74
C VAL I 382 25.62 2.00 15.01
N PHE I 383 25.39 3.30 14.95
CA PHE I 383 24.22 3.81 14.22
C PHE I 383 24.39 3.49 12.75
N HIS I 384 25.58 3.77 12.24
CA HIS I 384 25.89 3.43 10.86
C HIS I 384 25.62 1.95 10.55
N ALA I 385 26.15 1.08 11.40
CA ALA I 385 26.01 -0.37 11.19
C ALA I 385 24.53 -0.81 11.25
N THR I 386 23.75 -0.22 12.15
CA THR I 386 22.39 -0.67 12.41
C THR I 386 21.34 0.09 11.60
N ASN I 387 21.75 1.14 10.91
CA ASN I 387 20.80 1.95 10.11
C ASN I 387 21.16 2.17 8.64
N GLU I 388 22.42 2.13 8.29
CA GLU I 388 22.86 2.61 6.95
C GLU I 388 23.37 1.53 6.01
N LEU I 389 23.39 0.28 6.45
CA LEU I 389 23.91 -0.78 5.61
C LEU I 389 22.79 -1.43 4.75
N SER I 390 23.18 -2.26 3.79
CA SER I 390 22.19 -2.96 2.94
C SER I 390 21.48 -4.12 3.65
N PHE I 391 21.97 -4.48 4.83
CA PHE I 391 21.26 -5.45 5.68
C PHE I 391 21.16 -4.89 7.11
N THR I 392 20.31 -5.53 7.92
CA THR I 392 20.22 -5.21 9.34
C THR I 392 20.84 -6.37 10.10
N PRO I 393 21.86 -6.09 10.94
CA PRO I 393 22.50 -7.21 11.63
C PRO I 393 21.64 -7.84 12.72
N ASP I 394 21.89 -9.11 12.95
CA ASP I 394 21.30 -9.85 14.07
C ASP I 394 22.03 -9.54 15.37
N VAL I 395 23.33 -9.28 15.23
CA VAL I 395 24.22 -9.06 16.38
C VAL I 395 25.15 -7.91 16.04
N VAL I 396 25.28 -6.97 16.97
CA VAL I 396 26.27 -5.89 16.86
C VAL I 396 27.31 -6.09 17.92
N ILE I 397 28.56 -6.16 17.49
CA ILE I 397 29.70 -6.28 18.43
C ILE I 397 30.56 -5.05 18.27
N ASP I 398 30.68 -4.27 19.33
CA ASP I 398 31.64 -3.15 19.30
C ASP I 398 32.77 -3.50 20.23
N MET I 399 33.97 -3.17 19.77
CA MET I 399 35.19 -3.43 20.56
C MET I 399 35.96 -2.13 20.68
N ALA I 400 36.39 -1.84 21.90
CA ALA I 400 36.99 -0.54 22.18
C ALA I 400 37.87 -0.54 23.42
N THR I 401 38.96 0.18 23.33
CA THR I 401 39.84 0.44 24.48
C THR I 401 39.26 1.63 25.21
N LEU I 402 38.14 1.38 25.88
CA LEU I 402 37.20 2.48 26.19
C LEU I 402 37.40 3.20 27.53
N THR I 403 37.66 2.44 28.58
CA THR I 403 37.71 3.05 29.94
C THR I 403 38.83 2.53 30.78
N GLY I 404 39.38 3.44 31.58
CA GLY I 404 40.29 3.03 32.68
C GLY I 404 39.57 2.18 33.72
N ALA I 405 38.29 2.48 33.90
CA ALA I 405 37.40 1.68 34.77
C ALA I 405 37.43 0.19 34.45
N GLN I 406 37.64 -0.14 33.19
CA GLN I 406 37.71 -1.54 32.77
C GLN I 406 38.79 -2.31 33.51
N GLY I 407 39.97 -1.72 33.57
CA GLY I 407 41.11 -2.35 34.28
C GLY I 407 40.81 -2.53 35.76
N ILE I 408 40.25 -1.50 36.33
CA ILE I 408 39.84 -1.54 37.76
C ILE I 408 38.80 -2.66 38.02
N ALA I 409 37.86 -2.77 37.10
CA ALA I 409 36.71 -3.69 37.24
C ALA I 409 37.02 -5.15 36.96
N THR I 410 37.47 -5.39 35.75
CA THR I 410 37.78 -6.78 35.27
C THR I 410 39.26 -7.13 35.09
N GLY I 411 40.13 -6.15 35.18
CA GLY I 411 41.58 -6.39 35.18
C GLY I 411 42.29 -6.45 33.83
N ARG I 412 43.54 -6.87 33.87
CA ARG I 412 44.40 -6.81 32.69
C ARG I 412 44.23 -7.92 31.67
N HIS I 413 43.64 -9.03 32.10
CA HIS I 413 43.48 -10.20 31.23
C HIS I 413 42.04 -10.47 30.73
N HIS I 414 41.07 -9.78 31.30
CA HIS I 414 39.67 -10.01 30.97
C HIS I 414 39.01 -8.76 30.48
N ALA I 415 38.60 -8.79 29.22
CA ALA I 415 37.86 -7.69 28.62
C ALA I 415 36.46 -7.66 29.27
N GLY I 416 35.95 -6.47 29.46
CA GLY I 416 34.65 -6.29 30.09
C GLY I 416 33.54 -6.36 29.08
N LEU I 417 32.48 -7.08 29.40
CA LEU I 417 31.30 -7.23 28.49
C LEU I 417 30.06 -6.57 29.03
N TYR I 418 29.52 -5.68 28.25
CA TYR I 418 28.24 -5.01 28.54
C TYR I 418 27.31 -5.45 27.43
N VAL I 419 26.35 -6.31 27.79
CA VAL I 419 25.55 -7.05 26.79
C VAL I 419 24.07 -6.98 27.10
N ASN I 420 23.27 -6.65 26.10
CA ASN I 420 21.81 -6.51 26.32
C ASN I 420 21.02 -7.85 26.42
N GLU I 421 21.67 -8.97 26.18
CA GLU I 421 21.02 -10.30 26.23
C GLU I 421 21.90 -11.30 26.90
N GLU I 422 21.34 -12.07 27.81
CA GLU I 422 22.10 -13.09 28.56
C GLU I 422 22.77 -14.10 27.60
N GLY I 423 22.03 -14.53 26.57
CA GLY I 423 22.50 -15.61 25.66
C GLY I 423 23.77 -15.25 24.90
N ALA I 424 23.74 -14.05 24.32
CA ALA I 424 24.90 -13.51 23.58
C ALA I 424 26.09 -13.35 24.53
N GLU I 425 25.80 -12.91 25.74
CA GLU I 425 26.86 -12.71 26.74
C GLU I 425 27.54 -14.02 27.05
N ALA I 426 26.73 -15.02 27.35
CA ALA I 426 27.26 -16.38 27.70
C ALA I 426 28.09 -16.95 26.55
N ALA I 427 27.63 -16.69 25.33
CA ALA I 427 28.31 -17.19 24.12
C ALA I 427 29.68 -16.51 23.97
N MET I 428 29.73 -15.20 24.16
CA MET I 428 31.03 -14.48 24.09
C MET I 428 31.97 -14.91 25.22
N LEU I 429 31.42 -15.14 26.39
CA LEU I 429 32.24 -15.66 27.53
C LEU I 429 32.85 -17.01 27.24
N ARG I 430 32.03 -17.89 26.67
CA ARG I 430 32.46 -19.26 26.24
C ARG I 430 33.59 -19.12 25.20
N ALA I 431 33.39 -18.22 24.22
CA ALA I 431 34.41 -17.96 23.20
C ALA I 431 35.73 -17.44 23.81
N GLY I 432 35.62 -16.62 24.84
CA GLY I 432 36.80 -16.17 25.58
C GLY I 432 37.57 -17.27 26.27
N ARG I 433 36.84 -18.15 26.93
CA ARG I 433 37.48 -19.30 27.66
C ARG I 433 38.13 -20.28 26.69
N GLU I 434 37.46 -20.51 25.56
CA GLU I 434 37.96 -21.45 24.54
C GLU I 434 39.19 -20.85 23.82
N SER I 435 39.08 -19.59 23.43
CA SER I 435 40.16 -18.90 22.67
C SER I 435 41.33 -18.50 23.53
N GLY I 436 41.11 -18.39 24.84
CA GLY I 436 42.15 -17.84 25.75
C GLY I 436 42.07 -16.33 25.91
N GLU I 437 41.33 -15.69 25.02
CA GLU I 437 41.14 -14.24 25.03
C GLU I 437 39.93 -13.91 25.91
N THR I 438 40.16 -14.02 27.20
CA THR I 438 39.11 -14.11 28.21
C THR I 438 38.40 -12.80 28.44
N CYS I 439 37.12 -12.94 28.82
CA CYS I 439 36.23 -11.83 29.11
C CYS I 439 35.56 -12.03 30.45
N PHE I 440 34.91 -10.98 30.94
CA PHE I 440 34.09 -11.05 32.13
C PHE I 440 33.02 -9.99 32.07
N PRO I 441 31.80 -10.30 32.54
CA PRO I 441 30.77 -9.31 32.37
C PRO I 441 30.89 -8.14 33.33
N VAL I 442 30.38 -7.01 32.88
CA VAL I 442 30.08 -5.92 33.76
C VAL I 442 28.57 -5.68 33.83
N LEU I 443 28.16 -4.96 34.86
CA LEU I 443 26.75 -4.71 35.13
C LEU I 443 26.00 -4.18 33.93
N TYR I 444 24.91 -4.87 33.56
CA TYR I 444 23.92 -4.38 32.60
C TYR I 444 22.64 -3.96 33.32
N CYS I 445 22.39 -2.66 33.33
CA CYS I 445 21.33 -2.07 34.10
C CYS I 445 21.04 -0.66 33.63
N PRO I 446 20.57 -0.54 32.39
CA PRO I 446 20.29 0.75 31.76
C PRO I 446 19.48 1.69 32.58
N GLU I 447 18.51 1.19 33.31
CA GLU I 447 17.67 2.08 34.16
C GLU I 447 18.49 2.87 35.19
N TYR I 448 19.60 2.30 35.61
CA TYR I 448 20.51 3.01 36.53
C TYR I 448 21.62 3.83 35.83
N HIS I 449 21.94 3.49 34.58
CA HIS I 449 22.98 4.22 33.82
C HIS I 449 22.43 5.48 33.21
N GLU I 450 21.23 5.39 32.70
CA GLU I 450 20.58 6.49 31.98
C GLU I 450 20.59 7.84 32.70
N PRO I 451 20.24 7.91 34.01
CA PRO I 451 20.18 9.22 34.70
C PRO I 451 21.54 9.93 34.82
N GLU I 452 22.61 9.18 34.69
CA GLU I 452 23.97 9.76 34.74
C GLU I 452 24.29 10.70 33.57
N PHE I 453 23.49 10.62 32.50
CA PHE I 453 23.77 11.37 31.28
C PHE I 453 22.81 12.49 31.03
N LYS I 454 22.09 12.93 32.05
CA LYS I 454 21.12 14.05 31.88
C LYS I 454 21.88 15.34 31.52
N SER I 455 21.30 16.12 30.62
CA SER I 455 21.85 17.37 30.14
C SER I 455 20.80 18.45 30.19
N ASN I 456 21.21 19.67 30.49
CA ASN I 456 20.29 20.81 30.47
C ASN I 456 19.78 21.13 29.09
N HIS I 457 20.66 21.01 28.10
CA HIS I 457 20.38 21.53 26.74
C HIS I 457 20.40 20.54 25.58
N ALA I 458 21.03 19.41 25.79
CA ALA I 458 21.13 18.38 24.76
C ALA I 458 20.40 17.14 25.23
N ASP I 459 20.25 16.18 24.35
CA ASP I 459 19.53 14.94 24.70
C ASP I 459 20.28 14.23 25.78
N MET I 460 21.59 14.28 25.69
CA MET I 460 22.45 13.62 26.71
C MET I 460 23.82 14.26 26.77
N THR I 461 24.55 13.96 27.84
CA THR I 461 25.96 14.32 27.94
C THR I 461 26.76 13.13 27.46
N ASN I 462 28.05 13.32 27.33
CA ASN I 462 28.99 12.21 27.04
C ASN I 462 29.76 11.71 28.25
N LEU I 463 29.40 12.19 29.41
CA LEU I 463 30.06 11.76 30.64
C LEU I 463 29.12 11.74 31.82
N MET I 464 29.31 10.73 32.64
CA MET I 464 28.52 10.53 33.85
C MET I 464 28.70 11.68 34.84
N GLU I 465 27.60 12.14 35.41
CA GLU I 465 27.63 13.09 36.53
C GLU I 465 28.43 12.50 37.67
N ARG I 466 28.23 11.23 37.94
CA ARG I 466 28.97 10.51 39.01
C ARG I 466 29.78 9.39 38.37
N ARG I 467 31.10 9.49 38.49
CA ARG I 467 32.02 8.54 37.86
C ARG I 467 32.24 7.24 38.66
N ASP I 468 31.72 7.22 39.87
CA ASP I 468 31.77 6.02 40.72
C ASP I 468 30.45 5.22 40.73
N ASN I 469 29.82 5.12 39.56
CA ASN I 469 28.54 4.42 39.39
C ASN I 469 28.52 3.53 38.15
N ALA I 470 29.38 2.54 38.19
CA ALA I 470 29.52 1.51 37.13
C ALA I 470 30.00 2.16 35.83
N GLY I 471 31.27 2.57 35.84
CA GLY I 471 31.83 3.34 34.72
C GLY I 471 32.04 2.58 33.42
N VAL I 472 32.39 1.32 33.53
CA VAL I 472 32.47 0.48 32.32
C VAL I 472 31.08 0.37 31.66
N SER I 473 30.09 0.13 32.50
CA SER I 473 28.69 -0.06 32.06
C SER I 473 28.11 1.19 31.44
N CYS I 474 28.34 2.31 32.11
CA CYS I 474 27.78 3.60 31.65
C CYS I 474 28.31 3.99 30.27
N ALA I 475 29.59 3.71 30.03
CA ALA I 475 30.15 4.02 28.70
C ALA I 475 29.47 3.16 27.64
N GLY I 476 29.24 1.91 27.99
CA GLY I 476 28.49 0.99 27.12
C GLY I 476 27.10 1.54 26.86
N TYR I 477 26.44 1.95 27.94
CA TYR I 477 25.08 2.48 27.83
C TYR I 477 25.02 3.60 26.82
N PHE I 478 25.97 4.54 26.92
CA PHE I 478 26.01 5.71 26.01
C PHE I 478 25.92 5.24 24.57
N ILE I 479 26.72 4.24 24.27
CA ILE I 479 26.80 3.69 22.90
C ILE I 479 25.42 3.17 22.45
N THR I 480 24.74 2.49 23.35
CA THR I 480 23.42 1.86 23.02
C THR I 480 22.38 2.88 22.68
N THR I 481 22.48 4.10 23.22
CA THR I 481 21.50 5.16 22.91
C THR I 481 21.52 5.58 21.45
N HIS I 482 22.58 5.23 20.77
CA HIS I 482 22.73 5.55 19.33
C HIS I 482 22.50 4.35 18.36
N LEU I 483 22.09 3.22 18.91
CA LEU I 483 21.65 2.11 18.09
C LEU I 483 20.39 2.59 17.34
N SER I 484 20.30 2.21 16.09
CA SER I 484 19.05 2.48 15.31
C SER I 484 17.84 1.78 15.92
N PRO I 485 16.67 2.43 15.89
CA PRO I 485 15.42 1.76 16.29
C PRO I 485 15.07 0.57 15.42
N LYS I 486 15.60 0.56 14.19
CA LYS I 486 15.47 -0.62 13.30
C LYS I 486 16.09 -1.89 13.86
N PHE I 487 16.99 -1.72 14.80
CA PHE I 487 17.78 -2.87 15.30
C PHE I 487 17.12 -3.39 16.56
N THR I 488 16.92 -4.70 16.58
CA THR I 488 16.22 -5.40 17.66
C THR I 488 16.99 -6.61 18.18
N GLY I 489 18.24 -6.70 17.77
CA GLY I 489 19.06 -7.89 18.07
C GLY I 489 19.96 -7.76 19.30
N ALA I 490 20.96 -8.60 19.35
CA ALA I 490 21.86 -8.66 20.48
C ALA I 490 22.98 -7.65 20.28
N HIS I 491 23.34 -6.96 21.35
CA HIS I 491 24.47 -5.98 21.29
C HIS I 491 25.48 -6.35 22.31
N ILE I 492 26.67 -6.63 21.83
CA ILE I 492 27.80 -6.98 22.71
C ILE I 492 28.83 -5.84 22.68
N HIS I 493 28.99 -5.16 23.82
CA HIS I 493 30.04 -4.13 23.97
C HIS I 493 31.22 -4.72 24.69
N VAL I 494 32.37 -4.66 24.04
CA VAL I 494 33.62 -5.24 24.57
C VAL I 494 34.60 -4.13 24.90
N ASP I 495 34.85 -3.96 26.18
CA ASP I 495 35.81 -2.95 26.67
C ASP I 495 37.09 -3.69 26.90
N LEU I 496 38.05 -3.46 26.02
CA LEU I 496 39.35 -4.17 26.09
C LEU I 496 40.54 -3.21 26.25
N ALA I 497 40.31 -2.15 27.00
CA ALA I 497 41.35 -1.16 27.29
C ALA I 497 42.70 -1.77 27.68
N TYR I 498 42.67 -2.71 28.61
CA TYR I 498 43.92 -3.31 29.13
C TYR I 498 44.36 -4.63 28.51
N PRO I 499 43.42 -5.52 28.15
CA PRO I 499 43.87 -6.78 27.55
C PRO I 499 44.60 -6.67 26.20
N VAL I 500 44.48 -5.53 25.54
CA VAL I 500 45.22 -5.31 24.28
C VAL I 500 46.73 -5.08 24.41
N PHE I 501 47.22 -4.96 25.63
CA PHE I 501 48.68 -4.75 25.84
C PHE I 501 49.18 -5.33 27.15
N ASN I 502 50.47 -5.54 27.18
CA ASN I 502 51.17 -5.85 28.41
C ASN I 502 52.51 -5.07 28.41
N SER I 503 53.40 -5.40 29.32
CA SER I 503 54.63 -4.61 29.47
C SER I 503 55.61 -4.79 28.31
N ASN I 504 55.39 -5.82 27.49
CA ASN I 504 56.09 -5.99 26.20
C ASN I 504 55.45 -5.32 24.97
N GLY I 505 54.27 -4.76 25.15
CA GLY I 505 53.57 -4.10 24.06
C GLY I 505 52.25 -4.77 23.77
N ALA I 506 51.80 -4.68 22.52
CA ALA I 506 50.50 -5.20 22.12
C ALA I 506 50.45 -6.72 22.27
N THR I 507 49.26 -7.19 22.62
CA THR I 507 49.01 -8.64 22.78
C THR I 507 48.30 -9.29 21.57
N GLY I 508 47.72 -8.46 20.74
CA GLY I 508 46.90 -8.97 19.61
C GLY I 508 45.58 -9.61 20.09
N PHE I 509 45.13 -9.17 21.25
CA PHE I 509 43.86 -9.63 21.84
C PHE I 509 42.68 -9.14 21.01
N GLY I 510 41.76 -10.05 20.75
CA GLY I 510 40.48 -9.70 20.12
C GLY I 510 40.10 -10.55 18.92
N PRO I 511 40.99 -10.67 17.94
CA PRO I 511 40.62 -11.41 16.71
C PRO I 511 40.27 -12.86 16.94
N ALA I 512 41.07 -13.56 17.73
CA ALA I 512 40.84 -14.99 17.97
C ALA I 512 39.54 -15.18 18.76
N LEU I 513 39.27 -14.25 19.67
CA LEU I 513 38.00 -14.25 20.40
C LEU I 513 36.83 -14.27 19.39
N LEU I 514 36.89 -13.35 18.45
CA LEU I 514 35.84 -13.22 17.44
C LEU I 514 35.75 -14.49 16.58
N THR I 515 36.90 -15.00 16.18
CA THR I 515 36.93 -16.18 15.35
C THR I 515 36.19 -17.32 16.06
N GLU I 516 36.51 -17.51 17.34
CA GLU I 516 35.90 -18.59 18.15
C GLU I 516 34.41 -18.34 18.33
N TYR I 517 34.05 -17.10 18.57
CA TYR I 517 32.63 -16.72 18.70
C TYR I 517 31.87 -17.07 17.38
N PHE I 518 32.43 -16.67 16.25
CA PHE I 518 31.80 -16.93 14.94
C PHE I 518 31.65 -18.44 14.70
N ARG I 519 32.65 -19.19 15.11
CA ARG I 519 32.68 -20.65 14.95
C ARG I 519 31.45 -21.33 15.55
N LYS I 520 30.99 -20.84 16.69
CA LYS I 520 29.90 -21.52 17.43
C LYS I 520 28.54 -20.92 17.18
N LEU I 521 28.43 -20.00 16.24
CA LEU I 521 27.16 -19.29 16.06
C LEU I 521 25.97 -20.17 15.61
N THR J 3 51.55 13.29 -5.77
CA THR J 3 52.68 14.02 -5.11
C THR J 3 53.82 14.36 -6.09
N LEU J 4 54.31 15.58 -5.97
CA LEU J 4 55.41 16.10 -6.80
C LEU J 4 56.76 15.92 -6.14
N PRO J 5 57.83 15.86 -6.95
CA PRO J 5 59.16 15.91 -6.39
C PRO J 5 59.37 17.23 -5.63
N LYS J 6 60.11 17.15 -4.53
CA LYS J 6 60.35 18.32 -3.64
C LYS J 6 60.90 19.50 -4.46
N ALA J 7 61.86 19.24 -5.35
CA ALA J 7 62.48 20.32 -6.14
C ALA J 7 61.49 21.05 -7.05
N GLU J 8 60.55 20.30 -7.58
CA GLU J 8 59.51 20.87 -8.42
C GLU J 8 58.51 21.70 -7.59
N ALA J 9 58.09 21.15 -6.47
CA ALA J 9 57.21 21.90 -5.51
C ALA J 9 57.86 23.23 -5.05
N LYS J 10 59.14 23.20 -4.73
CA LYS J 10 59.85 24.41 -4.32
C LYS J 10 59.84 25.43 -5.46
N GLU J 11 60.11 24.96 -6.66
CA GLU J 11 60.06 25.83 -7.88
C GLU J 11 58.66 26.47 -8.12
N LEU J 12 57.63 25.68 -7.95
CA LEU J 12 56.26 26.15 -8.07
C LEU J 12 55.91 27.21 -7.04
N SER J 13 56.28 26.97 -5.78
CA SER J 13 56.08 27.99 -4.70
C SER J 13 56.78 29.31 -5.01
N ALA J 14 58.02 29.21 -5.45
CA ALA J 14 58.77 30.41 -5.80
C ALA J 14 58.09 31.16 -6.96
N PHE J 15 57.59 30.41 -7.92
CA PHE J 15 56.91 31.00 -9.11
C PHE J 15 55.61 31.68 -8.67
N VAL J 16 54.86 31.02 -7.81
CA VAL J 16 53.64 31.61 -7.22
C VAL J 16 53.97 32.99 -6.60
N GLN J 17 54.99 32.99 -5.74
CA GLN J 17 55.43 34.19 -5.05
C GLN J 17 55.84 35.28 -6.04
N SER J 18 56.56 34.90 -7.09
CA SER J 18 56.96 35.87 -8.13
C SER J 18 55.76 36.57 -8.76
N CYS J 19 54.67 35.85 -8.88
CA CYS J 19 53.46 36.40 -9.49
C CYS J 19 52.67 37.26 -8.48
N VAL J 20 52.52 36.74 -7.28
CA VAL J 20 51.82 37.45 -6.18
C VAL J 20 52.49 38.82 -5.84
N GLU J 21 53.80 38.85 -5.93
CA GLU J 21 54.59 40.06 -5.58
C GLU J 21 55.05 40.85 -6.78
N TYR J 22 54.54 40.49 -7.95
CA TYR J 22 54.96 41.17 -9.20
C TYR J 22 54.75 42.70 -9.07
N LYS J 23 55.82 43.44 -9.38
CA LYS J 23 55.79 44.92 -9.46
C LYS J 23 56.26 45.33 -10.87
N THR J 24 55.63 46.37 -11.43
CA THR J 24 55.97 46.80 -12.79
C THR J 24 57.31 47.50 -12.88
N ASN J 25 57.88 47.50 -14.07
CA ASN J 25 59.13 48.23 -14.37
C ASN J 25 58.89 49.64 -14.93
N VAL J 26 57.62 50.00 -15.08
CA VAL J 26 57.24 51.26 -15.75
C VAL J 26 56.77 52.31 -14.75
N CYS J 27 57.26 53.52 -14.92
CA CYS J 27 56.72 54.69 -14.18
C CYS J 27 56.39 55.80 -15.17
N PHE J 28 55.64 56.78 -14.69
CA PHE J 28 55.05 57.80 -15.55
C PHE J 28 55.22 59.17 -14.99
N THR J 29 55.53 60.09 -15.86
CA THR J 29 55.67 61.46 -15.48
C THR J 29 55.33 62.35 -16.69
N ASP J 30 55.65 63.62 -16.58
CA ASP J 30 55.48 64.56 -17.69
C ASP J 30 56.70 65.47 -17.84
N VAL J 31 56.78 66.15 -18.98
CA VAL J 31 57.98 66.90 -19.36
C VAL J 31 58.42 67.95 -18.31
N ALA J 32 57.44 68.73 -17.85
CA ALA J 32 57.71 69.81 -16.83
C ALA J 32 58.15 69.20 -15.50
N ALA J 33 57.48 68.16 -15.08
CA ALA J 33 57.86 67.49 -13.81
C ALA J 33 59.26 66.90 -13.93
N TYR J 34 59.55 66.39 -15.12
CA TYR J 34 60.86 65.75 -15.43
C TYR J 34 61.99 66.78 -15.36
N GLU J 35 61.76 67.91 -16.03
CA GLU J 35 62.70 69.07 -16.00
C GLU J 35 62.96 69.49 -14.54
N SER J 36 61.90 69.53 -13.78
CA SER J 36 61.96 69.90 -12.36
C SER J 36 62.72 68.88 -11.49
N ASN J 37 62.48 67.60 -11.72
CA ASN J 37 63.11 66.54 -10.89
C ASN J 37 64.49 66.08 -11.32
N GLN J 38 64.77 66.20 -12.60
CA GLN J 38 66.05 65.70 -13.17
C GLN J 38 66.94 66.76 -13.78
N LYS J 39 66.38 67.95 -13.95
CA LYS J 39 67.17 69.17 -14.29
C LYS J 39 68.03 68.97 -15.53
N GLY J 40 67.43 68.34 -16.52
CA GLY J 40 68.12 68.09 -17.80
C GLY J 40 69.11 66.93 -17.83
N VAL J 41 69.18 66.18 -16.74
CA VAL J 41 70.05 65.00 -16.68
C VAL J 41 69.24 63.77 -17.07
N LEU J 42 69.60 63.17 -18.19
CA LEU J 42 68.96 61.90 -18.64
C LEU J 42 69.19 60.75 -17.62
N SER J 43 68.21 59.88 -17.52
CA SER J 43 68.24 58.74 -16.59
C SER J 43 69.34 57.71 -16.95
N SER J 44 69.70 57.64 -18.22
CA SER J 44 70.73 56.71 -18.69
C SER J 44 71.21 57.12 -20.08
N GLY J 45 72.03 56.26 -20.67
CA GLY J 45 72.64 56.54 -21.98
C GLY J 45 71.75 56.26 -23.16
N LEU J 46 70.49 55.95 -22.87
CA LEU J 46 69.49 55.75 -23.92
C LEU J 46 68.27 56.60 -23.66
N ALA J 47 67.82 57.29 -24.70
CA ALA J 47 66.53 57.98 -24.64
C ALA J 47 65.74 57.64 -25.89
N VAL J 48 64.43 57.54 -25.69
CA VAL J 48 63.52 57.21 -26.79
C VAL J 48 62.51 58.36 -26.97
N LEU J 49 62.26 58.68 -28.23
CA LEU J 49 61.29 59.72 -28.59
C LEU J 49 60.31 59.18 -29.61
N VAL J 50 59.05 59.09 -29.22
CA VAL J 50 58.02 58.51 -30.12
C VAL J 50 56.83 59.42 -30.30
N GLY J 51 56.50 59.62 -31.56
CA GLY J 51 55.34 60.41 -31.92
C GLY J 51 55.05 60.36 -33.40
N THR J 52 53.96 61.00 -33.78
CA THR J 52 53.56 61.06 -35.20
C THR J 52 54.50 61.99 -35.96
N HIS J 53 54.44 61.89 -37.29
CA HIS J 53 55.24 62.74 -38.19
C HIS J 53 55.10 64.21 -37.81
N LYS J 54 53.88 64.61 -37.60
CA LYS J 54 53.59 65.98 -37.24
C LYS J 54 54.06 66.29 -35.81
N GLN J 55 53.75 65.42 -34.87
CA GLN J 55 54.08 65.70 -33.45
C GLN J 55 55.59 65.91 -33.30
N LEU J 56 56.34 65.12 -34.06
CA LEU J 56 57.82 65.14 -34.02
C LEU J 56 58.39 66.47 -34.54
N ARG J 57 57.59 67.19 -35.32
CA ARG J 57 57.95 68.50 -35.88
C ARG J 57 57.38 69.69 -35.14
N ASP J 58 56.65 69.41 -34.09
CA ASP J 58 56.14 70.49 -33.21
C ASP J 58 57.35 71.23 -32.59
N PRO J 59 57.27 72.57 -32.53
CA PRO J 59 58.31 73.36 -31.85
C PRO J 59 58.67 72.96 -30.43
N ALA J 60 57.69 72.49 -29.68
CA ALA J 60 57.95 72.00 -28.27
C ALA J 60 59.02 70.91 -28.16
N VAL J 61 59.15 70.11 -29.23
CA VAL J 61 60.12 69.00 -29.29
C VAL J 61 61.57 69.52 -29.14
N GLN J 62 61.82 70.66 -29.77
CA GLN J 62 63.12 71.37 -29.69
C GLN J 62 63.54 71.70 -28.27
N ARG J 63 62.58 71.82 -27.38
CA ARG J 63 62.83 72.13 -25.94
C ARG J 63 63.14 70.94 -25.10
N LEU J 64 63.12 69.76 -25.71
CA LEU J 64 63.43 68.52 -24.97
C LEU J 64 64.95 68.41 -24.69
N PRO J 65 65.34 67.84 -23.52
CA PRO J 65 66.69 68.00 -23.02
C PRO J 65 67.74 67.36 -23.88
N PHE J 66 67.32 66.44 -24.71
CA PHE J 66 68.25 65.67 -25.58
C PHE J 66 68.30 66.18 -27.01
N TYR J 67 67.49 67.19 -27.31
CA TYR J 67 67.33 67.63 -28.71
C TYR J 67 68.56 68.35 -29.20
N ASN J 68 68.94 68.06 -30.42
CA ASN J 68 70.04 68.77 -31.09
C ASN J 68 69.92 68.55 -32.59
N PRO J 69 70.86 69.03 -33.40
CA PRO J 69 70.68 68.87 -34.84
C PRO J 69 70.72 67.44 -35.38
N ALA J 70 71.40 66.56 -34.67
CA ALA J 70 71.42 65.13 -35.04
C ALA J 70 70.03 64.48 -34.87
N VAL J 71 69.41 64.80 -33.73
CA VAL J 71 68.05 64.38 -33.45
C VAL J 71 67.08 64.92 -34.50
N ALA J 72 67.28 66.17 -34.87
CA ALA J 72 66.47 66.78 -35.96
C ALA J 72 66.63 65.99 -37.26
N GLU J 73 67.85 65.57 -37.52
CA GLU J 73 68.13 64.76 -38.72
C GLU J 73 67.49 63.35 -38.61
N ALA J 74 67.52 62.78 -37.43
CA ALA J 74 66.86 61.50 -37.17
C ALA J 74 65.37 61.60 -37.52
N ILE J 75 64.79 62.73 -37.16
CA ILE J 75 63.36 62.98 -37.43
C ILE J 75 63.11 63.03 -38.94
N GLU J 76 64.06 63.57 -39.70
CA GLU J 76 63.94 63.60 -41.19
C GLU J 76 64.12 62.24 -41.81
N ARG J 77 65.01 61.46 -41.23
CA ARG J 77 65.42 60.17 -41.84
C ARG J 77 64.58 58.94 -41.44
N VAL J 78 63.93 59.03 -40.29
CA VAL J 78 63.09 57.91 -39.77
C VAL J 78 61.92 57.65 -40.73
N LYS J 79 61.63 56.39 -40.88
CA LYS J 79 60.50 55.90 -41.69
C LYS J 79 59.26 55.69 -40.80
N GLU J 80 58.10 55.90 -41.38
CA GLU J 80 56.84 55.65 -40.67
C GLU J 80 56.80 54.22 -40.17
N GLY J 81 56.50 54.05 -38.90
CA GLY J 81 56.49 52.74 -38.27
C GLY J 81 57.88 52.19 -37.93
N GLY J 82 58.90 52.98 -38.19
CA GLY J 82 60.31 52.57 -37.99
C GLY J 82 61.01 53.42 -36.95
N THR J 83 62.23 53.03 -36.66
CA THR J 83 63.08 53.78 -35.73
C THR J 83 64.38 54.26 -36.41
N TYR J 84 65.00 55.24 -35.78
CA TYR J 84 66.28 55.84 -36.26
C TYR J 84 67.03 56.41 -35.06
N GLY J 85 68.27 55.96 -34.91
CA GLY J 85 69.08 56.26 -33.73
C GLY J 85 70.27 57.17 -34.06
N VAL J 86 70.53 58.10 -33.16
CA VAL J 86 71.68 59.01 -33.28
C VAL J 86 72.36 59.23 -31.95
N LEU J 87 73.69 59.35 -32.03
CA LEU J 87 74.51 59.64 -30.84
C LEU J 87 74.51 61.13 -30.58
N VAL J 88 74.41 61.47 -29.31
CA VAL J 88 74.59 62.86 -28.88
C VAL J 88 75.70 62.94 -27.82
N GLU J 89 76.76 63.67 -28.16
CA GLU J 89 77.96 63.79 -27.31
C GLU J 89 77.77 64.82 -26.20
N GLY J 90 78.24 64.45 -25.03
CA GLY J 90 78.25 65.33 -23.86
C GLY J 90 76.88 65.81 -23.42
N LEU J 91 75.94 64.89 -23.41
CA LEU J 91 74.62 65.12 -22.83
C LEU J 91 74.68 64.57 -21.43
N ALA J 92 74.33 65.39 -20.48
CA ALA J 92 74.34 64.97 -19.09
C ALA J 92 73.44 63.78 -18.93
N ASN J 93 73.96 62.77 -18.24
CA ASN J 93 73.16 61.56 -17.93
C ASN J 93 73.64 60.82 -16.70
N ALA J 94 72.72 60.15 -16.03
CA ALA J 94 73.00 59.54 -14.71
C ALA J 94 73.97 58.38 -14.78
N ALA J 95 74.10 57.78 -15.94
CA ALA J 95 75.06 56.67 -16.17
C ALA J 95 76.47 57.16 -16.56
N GLY J 96 76.63 58.45 -16.73
CA GLY J 96 77.94 59.07 -17.07
C GLY J 96 78.61 58.83 -18.42
N SER J 97 77.81 58.61 -19.44
CA SER J 97 78.44 58.17 -20.72
C SER J 97 78.76 59.33 -21.61
N LYS J 98 79.85 59.17 -22.34
CA LYS J 98 80.35 60.23 -23.27
C LYS J 98 79.28 60.48 -24.31
N PHE J 99 78.60 59.42 -24.74
CA PHE J 99 77.46 59.53 -25.64
C PHE J 99 76.13 59.02 -25.08
N VAL J 100 75.09 59.73 -25.45
CA VAL J 100 73.71 59.28 -25.26
C VAL J 100 73.13 58.92 -26.61
N ARG J 101 72.50 57.74 -26.66
CA ARG J 101 71.85 57.31 -27.89
C ARG J 101 70.42 57.76 -27.79
N VAL J 102 69.99 58.44 -28.82
CA VAL J 102 68.57 58.89 -28.92
C VAL J 102 67.92 58.15 -30.09
N VAL J 103 66.87 57.41 -29.77
CA VAL J 103 66.15 56.64 -30.80
C VAL J 103 64.81 57.29 -31.03
N VAL J 104 64.62 57.71 -32.25
CA VAL J 104 63.37 58.31 -32.67
C VAL J 104 62.50 57.25 -33.33
N GLY J 105 61.20 57.29 -33.03
CA GLY J 105 60.22 56.40 -33.67
C GLY J 105 59.00 57.15 -34.14
N GLU J 106 58.61 56.91 -35.38
CA GLU J 106 57.47 57.57 -36.00
C GLU J 106 56.21 56.68 -35.99
N VAL J 107 55.19 57.20 -35.32
CA VAL J 107 53.88 56.57 -35.22
C VAL J 107 52.99 57.00 -36.37
N PRO J 108 52.34 56.06 -37.06
CA PRO J 108 51.42 56.50 -38.12
C PRO J 108 50.21 57.23 -37.54
N THR J 109 49.62 58.08 -38.37
CA THR J 109 48.34 58.72 -38.00
C THR J 109 47.16 57.96 -38.58
N LYS J 110 47.39 57.22 -39.68
CA LYS J 110 46.35 56.36 -40.26
C LYS J 110 45.77 55.48 -39.16
N ALA J 111 44.47 55.49 -39.07
CA ALA J 111 43.72 54.65 -38.12
C ALA J 111 42.28 54.55 -38.58
N SER J 112 41.84 53.35 -38.90
CA SER J 112 40.48 53.08 -39.39
C SER J 112 39.51 53.31 -38.22
N ARG J 113 38.23 53.39 -38.55
CA ARG J 113 37.15 53.56 -37.53
C ARG J 113 37.06 52.41 -36.48
N ASN J 114 37.67 51.29 -36.77
CA ASN J 114 37.72 50.17 -35.84
C ASN J 114 38.99 50.09 -34.99
N ASN J 115 39.81 51.13 -35.07
CA ASN J 115 41.09 51.14 -34.42
C ASN J 115 41.21 52.28 -33.44
N CYS J 116 42.26 52.20 -32.64
CA CYS J 116 42.61 53.25 -31.65
C CYS J 116 43.41 54.31 -32.38
N PRO J 117 42.93 55.56 -32.40
CA PRO J 117 43.58 56.63 -33.17
C PRO J 117 45.04 56.87 -32.81
N ALA J 118 45.38 56.64 -31.54
CA ALA J 118 46.75 56.82 -31.07
C ALA J 118 47.72 55.70 -31.54
N ARG J 119 47.18 54.67 -32.16
CA ARG J 119 47.98 53.55 -32.71
C ARG J 119 49.02 53.05 -31.72
N PRO J 120 48.57 52.69 -30.52
CA PRO J 120 49.46 52.10 -29.52
C PRO J 120 50.14 50.80 -29.97
N ASP J 121 49.54 50.11 -30.92
CA ASP J 121 50.18 48.95 -31.52
C ASP J 121 51.61 49.29 -32.04
N VAL J 122 51.73 50.41 -32.73
CA VAL J 122 53.03 50.84 -33.28
C VAL J 122 53.93 51.41 -32.19
N VAL J 123 53.33 52.12 -31.26
CA VAL J 123 54.07 52.61 -30.08
C VAL J 123 54.83 51.43 -29.44
N THR J 124 54.13 50.35 -29.17
CA THR J 124 54.73 49.16 -28.56
C THR J 124 55.92 48.65 -29.40
N ALA J 125 55.68 48.50 -30.67
CA ALA J 125 56.71 48.00 -31.58
C ALA J 125 57.97 48.92 -31.63
N LEU J 126 57.74 50.22 -31.70
CA LEU J 126 58.82 51.20 -31.71
C LEU J 126 59.69 51.17 -30.44
N VAL J 127 59.05 51.13 -29.30
CA VAL J 127 59.77 51.12 -28.06
C VAL J 127 60.50 49.79 -27.89
N THR J 128 59.84 48.70 -28.29
CA THR J 128 60.46 47.38 -28.27
C THR J 128 61.79 47.40 -29.08
N ALA J 129 61.71 47.96 -30.28
CA ALA J 129 62.89 48.05 -31.16
C ALA J 129 63.98 48.93 -30.52
N ALA J 130 63.56 50.08 -29.99
CA ALA J 130 64.50 51.03 -29.37
C ALA J 130 65.23 50.42 -28.18
N LEU J 131 64.51 49.64 -27.40
CA LEU J 131 65.10 49.01 -26.20
C LEU J 131 66.10 47.90 -26.51
N ASP J 132 66.11 47.43 -27.75
CA ASP J 132 67.17 46.53 -28.23
C ASP J 132 68.55 47.21 -28.27
N GLU J 133 68.60 48.52 -28.19
CA GLU J 133 69.88 49.29 -28.16
C GLU J 133 70.43 49.53 -26.75
N VAL J 134 69.73 49.03 -25.75
CA VAL J 134 70.19 49.13 -24.37
C VAL J 134 71.55 48.43 -24.28
N LYS J 135 72.51 49.12 -23.70
CA LYS J 135 73.92 48.66 -23.58
C LYS J 135 74.15 47.79 -22.35
N GLU J 136 73.59 48.20 -21.23
CA GLU J 136 73.78 47.51 -19.92
C GLU J 136 72.42 47.25 -19.28
N PRO J 137 72.39 46.38 -18.26
CA PRO J 137 71.14 46.12 -17.58
C PRO J 137 70.94 46.98 -16.31
N ASN J 138 69.76 46.84 -15.71
CA ASN J 138 69.36 47.58 -14.48
C ASN J 138 69.44 49.10 -14.71
N THR J 139 69.16 49.55 -15.93
CA THR J 139 69.13 51.00 -16.25
C THR J 139 67.70 51.47 -16.38
N THR J 140 67.54 52.78 -16.30
CA THR J 140 66.26 53.45 -16.50
C THR J 140 66.32 54.16 -17.83
N VAL J 141 65.37 53.84 -18.70
CA VAL J 141 65.27 54.45 -20.04
C VAL J 141 64.11 55.45 -20.07
N ASP J 142 64.43 56.66 -20.49
CA ASP J 142 63.43 57.72 -20.61
C ASP J 142 62.75 57.54 -21.93
N VAL J 143 61.45 57.35 -21.86
CA VAL J 143 60.62 57.22 -23.08
C VAL J 143 59.70 58.45 -23.18
N PHE J 144 60.08 59.33 -24.08
CA PHE J 144 59.33 60.57 -24.30
C PHE J 144 58.30 60.31 -25.36
N VAL J 145 57.04 60.43 -24.96
CA VAL J 145 55.93 60.19 -25.88
C VAL J 145 55.27 61.52 -26.15
N LEU J 146 54.95 61.77 -27.42
CA LEU J 146 54.33 63.03 -27.81
C LEU J 146 52.79 62.98 -27.85
N SER J 147 52.22 61.80 -27.63
CA SER J 147 50.75 61.65 -27.46
C SER J 147 50.39 61.88 -25.99
N ASN J 148 49.20 62.41 -25.79
CA ASN J 148 48.57 62.50 -24.45
C ASN J 148 47.48 61.45 -24.21
N ALA J 149 47.44 60.45 -25.07
CA ALA J 149 46.49 59.36 -24.90
C ALA J 149 47.05 58.38 -23.85
N VAL J 150 46.90 58.77 -22.60
CA VAL J 150 47.71 58.17 -21.52
C VAL J 150 47.44 56.70 -21.26
N LEU J 151 46.17 56.32 -21.28
CA LEU J 151 45.81 54.92 -20.98
C LEU J 151 46.33 53.95 -22.05
N PRO J 152 46.04 54.20 -23.32
CA PRO J 152 46.53 53.25 -24.32
C PRO J 152 48.03 53.22 -24.40
N ILE J 153 48.65 54.38 -24.19
CA ILE J 153 50.14 54.43 -24.18
C ILE J 153 50.71 53.68 -22.98
N ALA J 154 50.09 53.82 -21.82
CA ALA J 154 50.54 53.09 -20.63
C ALA J 154 50.58 51.56 -20.86
N ALA J 155 49.48 51.05 -21.37
CA ALA J 155 49.37 49.61 -21.66
C ALA J 155 50.34 49.19 -22.78
N ALA J 156 50.47 50.05 -23.78
CA ALA J 156 51.37 49.81 -24.90
C ALA J 156 52.84 49.65 -24.46
N VAL J 157 53.25 50.51 -23.56
CA VAL J 157 54.63 50.49 -23.04
C VAL J 157 54.81 49.33 -22.05
N ALA J 158 53.77 49.07 -21.28
CA ALA J 158 53.76 47.92 -20.35
C ALA J 158 54.03 46.58 -21.09
N ARG J 159 53.45 46.45 -22.27
CA ARG J 159 53.54 45.19 -23.02
C ARG J 159 54.77 45.13 -23.95
N CYS J 160 55.55 46.20 -24.00
CA CYS J 160 56.66 46.29 -24.93
C CYS J 160 57.94 45.71 -24.33
N GLY J 161 58.88 45.50 -25.22
CA GLY J 161 60.24 45.10 -24.82
C GLY J 161 60.30 43.67 -24.33
N LYS J 162 61.38 43.37 -23.63
CA LYS J 162 61.61 42.04 -23.07
C LYS J 162 60.63 41.74 -21.97
N HIS J 163 60.20 40.50 -21.91
CA HIS J 163 59.09 40.11 -21.03
C HIS J 163 59.60 39.83 -19.63
N ASN J 164 58.80 40.15 -18.64
CA ASN J 164 59.19 39.89 -17.25
C ASN J 164 59.35 38.39 -16.96
N PHE J 165 58.58 37.57 -17.68
CA PHE J 165 58.78 36.13 -17.62
C PHE J 165 59.97 35.71 -18.47
N SER J 166 60.91 35.05 -17.83
CA SER J 166 62.09 34.50 -18.54
C SER J 166 62.70 33.30 -17.85
N ALA J 167 63.17 32.38 -18.65
CA ALA J 167 63.92 31.20 -18.20
C ALA J 167 65.35 31.20 -18.74
N LYS J 168 65.73 32.30 -19.37
CA LYS J 168 67.08 32.43 -19.96
C LYS J 168 68.16 32.70 -18.90
N ASP J 169 69.35 32.17 -19.14
CA ASP J 169 70.58 32.59 -18.41
C ASP J 169 70.45 32.58 -16.90
N GLY J 170 70.00 31.47 -16.37
CA GLY J 170 69.87 31.28 -14.90
C GLY J 170 68.66 31.88 -14.24
N ALA J 171 67.82 32.57 -15.02
CA ALA J 171 66.56 33.16 -14.48
C ALA J 171 65.61 32.17 -13.79
N ALA J 172 65.66 30.91 -14.20
CA ALA J 172 64.92 29.84 -13.47
C ALA J 172 65.24 29.76 -11.97
N ALA J 173 66.48 30.10 -11.63
CA ALA J 173 66.90 30.12 -10.22
C ALA J 173 66.43 31.37 -9.49
N ALA J 174 65.96 32.36 -10.24
CA ALA J 174 65.40 33.60 -9.70
C ALA J 174 63.89 33.69 -9.89
N ALA J 175 63.23 32.55 -9.74
CA ALA J 175 61.75 32.40 -9.88
C ALA J 175 61.21 32.93 -11.25
N TYR J 176 62.06 32.80 -12.28
CA TYR J 176 61.71 33.17 -13.66
C TYR J 176 61.37 34.66 -13.81
N ASN J 177 61.98 35.48 -12.96
CA ASN J 177 62.01 36.94 -13.13
C ASN J 177 63.16 37.30 -14.05
N SER J 178 62.85 37.90 -15.17
CA SER J 178 63.86 38.27 -16.15
C SER J 178 64.85 39.27 -15.58
N GLY J 179 66.13 39.08 -15.89
CA GLY J 179 67.17 40.06 -15.57
C GLY J 179 67.47 41.01 -16.73
N LYS J 180 66.72 40.84 -17.81
CA LYS J 180 66.93 41.59 -19.08
C LYS J 180 66.00 42.78 -19.29
N VAL J 181 65.17 43.04 -18.30
CA VAL J 181 64.15 44.09 -18.42
C VAL J 181 64.76 45.43 -17.96
N SER J 182 64.50 46.47 -18.73
CA SER J 182 64.88 47.85 -18.34
C SER J 182 63.75 48.58 -17.59
N ARG J 183 64.09 49.37 -16.57
CA ARG J 183 63.11 50.27 -15.93
C ARG J 183 62.78 51.35 -17.00
N LEU J 184 61.50 51.63 -17.18
CA LEU J 184 61.04 52.58 -18.23
C LEU J 184 60.30 53.75 -17.63
N GLN J 185 60.76 54.94 -17.95
CA GLN J 185 60.12 56.18 -17.48
C GLN J 185 59.46 56.86 -18.65
N VAL J 186 58.14 56.75 -18.64
CA VAL J 186 57.35 57.35 -19.69
C VAL J 186 57.11 58.81 -19.35
N VAL J 187 57.47 59.66 -20.29
CA VAL J 187 57.37 61.09 -20.10
C VAL J 187 56.35 61.68 -21.07
N PHE J 188 55.15 61.92 -20.56
CA PHE J 188 54.09 62.55 -21.37
C PHE J 188 54.33 64.06 -21.54
N PRO J 189 53.74 64.68 -22.57
CA PRO J 189 53.90 66.14 -22.75
C PRO J 189 53.30 66.96 -21.60
N GLU J 190 52.14 66.52 -21.15
CA GLU J 190 51.42 67.17 -20.03
C GLU J 190 51.20 66.24 -18.89
N PRO J 191 50.93 66.78 -17.70
CA PRO J 191 50.57 65.90 -16.59
C PRO J 191 49.41 65.01 -17.00
N PRO J 192 49.54 63.71 -16.75
CA PRO J 192 48.56 62.81 -17.32
C PRO J 192 47.19 62.97 -16.66
N ALA J 193 46.16 62.91 -17.51
CA ALA J 193 44.76 62.99 -17.02
C ALA J 193 44.43 61.91 -15.98
N ILE J 194 45.10 60.77 -16.10
CA ILE J 194 45.00 59.69 -15.12
C ILE J 194 46.25 59.74 -14.30
N PRO J 195 46.13 59.70 -12.98
CA PRO J 195 47.35 59.84 -12.16
C PRO J 195 48.41 58.77 -12.44
N PRO J 196 49.69 59.15 -12.40
CA PRO J 196 50.77 58.16 -12.55
C PRO J 196 50.66 56.83 -11.78
N LYS J 197 50.34 56.88 -10.51
CA LYS J 197 50.21 55.64 -9.69
C LYS J 197 49.06 54.74 -10.24
N ASP J 198 48.03 55.37 -10.75
CA ASP J 198 46.90 54.63 -11.40
C ASP J 198 47.36 53.98 -12.71
N LEU J 199 48.13 54.73 -13.47
CA LEU J 199 48.74 54.20 -14.69
C LEU J 199 49.68 53.02 -14.36
N GLU J 200 50.40 53.13 -13.25
CA GLU J 200 51.27 52.01 -12.83
C GLU J 200 50.47 50.77 -12.57
N ALA J 201 49.34 50.95 -11.92
CA ALA J 201 48.46 49.80 -11.59
C ALA J 201 47.97 49.08 -12.87
N VAL J 202 47.64 49.86 -13.88
CA VAL J 202 47.21 49.36 -15.21
C VAL J 202 48.36 48.60 -15.86
N ALA J 203 49.52 49.24 -15.88
CA ALA J 203 50.73 48.61 -16.46
C ALA J 203 51.07 47.31 -15.74
N THR J 204 50.94 47.33 -14.43
CA THR J 204 51.23 46.15 -13.60
C THR J 204 50.33 44.98 -13.98
N SER J 205 49.06 45.29 -14.17
CA SER J 205 48.08 44.26 -14.57
C SER J 205 48.32 43.73 -15.98
N THR J 206 48.69 44.61 -16.89
CA THR J 206 49.07 44.18 -18.26
C THR J 206 50.21 43.16 -18.20
N GLN J 207 51.19 43.49 -17.38
CA GLN J 207 52.42 42.66 -17.26
C GLN J 207 52.22 41.39 -16.46
N LEU J 208 51.40 41.45 -15.44
CA LEU J 208 51.08 40.24 -14.68
C LEU J 208 50.31 39.26 -15.60
N CYS J 209 49.37 39.80 -16.33
CA CYS J 209 48.62 39.05 -17.31
C CYS J 209 49.59 38.39 -18.30
N GLN J 210 50.49 39.17 -18.80
CA GLN J 210 51.54 38.69 -19.74
C GLN J 210 52.36 37.54 -19.12
N ARG J 211 52.71 37.72 -17.85
CA ARG J 211 53.50 36.74 -17.10
C ARG J 211 52.78 35.40 -17.02
N LEU J 212 51.53 35.47 -16.60
CA LEU J 212 50.69 34.27 -16.45
C LEU J 212 50.52 33.51 -17.78
N VAL J 213 50.32 34.26 -18.85
CA VAL J 213 50.09 33.68 -20.17
C VAL J 213 51.39 33.06 -20.73
N ASP J 214 52.46 33.82 -20.66
CA ASP J 214 53.81 33.38 -21.08
C ASP J 214 54.26 32.13 -20.35
N ALA J 215 53.91 32.04 -19.08
CA ALA J 215 54.40 30.97 -18.23
C ALA J 215 53.97 29.62 -18.82
N PRO J 216 54.91 28.67 -18.87
CA PRO J 216 54.55 27.35 -19.36
C PRO J 216 53.66 26.62 -18.37
N PRO J 217 52.94 25.61 -18.82
CA PRO J 217 52.04 24.92 -17.93
C PRO J 217 52.69 24.11 -16.82
N ASN J 218 53.98 23.83 -16.93
CA ASN J 218 54.70 23.16 -15.84
C ASN J 218 54.89 24.10 -14.63
N LEU J 219 54.72 25.39 -14.87
CA LEU J 219 54.77 26.44 -13.79
C LEU J 219 53.41 26.99 -13.41
N LEU J 220 52.63 27.33 -14.44
CA LEU J 220 51.24 27.78 -14.24
C LEU J 220 50.23 26.68 -14.46
N THR J 221 49.83 26.11 -13.36
CA THR J 221 48.94 24.96 -13.32
C THR J 221 47.61 25.41 -12.76
N THR J 222 46.64 24.51 -12.73
CA THR J 222 45.37 24.82 -12.10
C THR J 222 45.60 25.20 -10.63
N ALA J 223 46.55 24.54 -10.00
CA ALA J 223 46.84 24.77 -8.58
C ALA J 223 47.59 26.04 -8.33
N THR J 224 48.61 26.31 -9.13
CA THR J 224 49.43 27.52 -8.88
C THR J 224 48.63 28.78 -9.23
N PHE J 225 47.80 28.69 -10.26
CA PHE J 225 46.93 29.83 -10.63
C PHE J 225 46.00 30.12 -9.44
N THR J 226 45.43 29.07 -8.89
CA THR J 226 44.56 29.19 -7.70
C THR J 226 45.32 29.82 -6.52
N GLU J 227 46.54 29.37 -6.29
CA GLU J 227 47.37 29.91 -5.19
C GLU J 227 47.67 31.37 -5.40
N ILE J 228 47.93 31.72 -6.64
CA ILE J 228 48.22 33.12 -6.99
C ILE J 228 47.03 33.99 -6.66
N ALA J 229 45.85 33.53 -7.03
CA ALA J 229 44.61 34.24 -6.73
C ALA J 229 44.42 34.39 -5.22
N GLN J 230 44.67 33.30 -4.50
CA GLN J 230 44.56 33.30 -3.02
C GLN J 230 45.55 34.29 -2.38
N GLY J 231 46.76 34.32 -2.92
CA GLY J 231 47.79 35.27 -2.47
C GLY J 231 47.32 36.73 -2.60
N TYR J 232 46.76 37.05 -3.75
CA TYR J 232 46.24 38.40 -4.00
C TYR J 232 45.04 38.69 -3.10
N ALA J 233 44.21 37.68 -2.89
CA ALA J 233 43.09 37.82 -1.95
C ALA J 233 43.57 38.21 -0.54
N LYS J 234 44.60 37.56 -0.02
CA LYS J 234 45.12 37.86 1.34
C LYS J 234 45.65 39.28 1.36
N ALA J 235 46.43 39.60 0.35
CA ALA J 235 47.11 40.90 0.26
C ALA J 235 46.16 42.09 0.10
N LEU J 236 45.18 41.96 -0.76
CA LEU J 236 44.28 43.06 -1.11
C LEU J 236 42.93 43.01 -0.39
N GLY J 237 42.67 41.92 0.30
CA GLY J 237 41.47 41.81 1.13
C GLY J 237 40.15 41.58 0.43
N PHE J 238 40.19 40.83 -0.67
CA PHE J 238 38.94 40.42 -1.33
C PHE J 238 38.63 38.96 -1.02
N ASP J 239 37.39 38.54 -1.31
CA ASP J 239 36.96 37.18 -1.03
C ASP J 239 37.34 36.19 -2.14
N VAL J 240 37.63 34.97 -1.75
CA VAL J 240 37.96 33.90 -2.70
C VAL J 240 37.21 32.63 -2.33
N ASP J 241 36.55 32.05 -3.31
CA ASP J 241 35.79 30.79 -3.16
C ASP J 241 36.37 29.79 -4.18
N VAL J 242 36.72 28.60 -3.70
CA VAL J 242 37.32 27.57 -4.54
C VAL J 242 36.52 26.29 -4.50
N ILE J 243 36.06 25.83 -5.66
CA ILE J 243 35.42 24.50 -5.77
C ILE J 243 36.36 23.60 -6.54
N CYS J 244 36.86 22.57 -5.87
CA CYS J 244 38.04 21.82 -6.34
C CYS J 244 37.78 20.37 -6.61
N GLY J 245 38.27 19.94 -7.74
CA GLY J 245 38.35 18.51 -8.11
C GLY J 245 37.05 17.78 -8.05
N ASP J 246 37.02 16.68 -7.31
CA ASP J 246 35.80 15.85 -7.23
C ASP J 246 34.57 16.59 -6.65
N ASP J 247 34.80 17.62 -5.86
CA ASP J 247 33.70 18.42 -5.32
C ASP J 247 32.90 19.06 -6.44
N LEU J 248 33.56 19.31 -7.57
CA LEU J 248 32.86 19.85 -8.75
C LEU J 248 31.82 18.88 -9.23
N CYS J 249 32.21 17.63 -9.27
CA CYS J 249 31.28 16.56 -9.64
C CYS J 249 30.14 16.46 -8.63
N GLU J 250 30.47 16.41 -7.35
CA GLU J 250 29.44 16.24 -6.28
C GLU J 250 28.43 17.37 -6.30
N ARG J 251 28.93 18.55 -6.66
CA ARG J 251 28.08 19.78 -6.68
C ARG J 251 27.41 20.09 -8.03
N GLY J 252 27.51 19.17 -8.97
CA GLY J 252 26.77 19.25 -10.25
C GLY J 252 27.47 20.04 -11.36
N TYR J 253 28.74 20.37 -11.16
CA TYR J 253 29.54 21.13 -12.16
C TYR J 253 30.17 20.17 -13.16
N GLY J 254 29.30 19.48 -13.89
CA GLY J 254 29.69 18.39 -14.77
C GLY J 254 30.59 18.80 -15.93
N GLY J 255 30.45 20.04 -16.36
CA GLY J 255 31.19 20.54 -17.49
C GLY J 255 32.66 20.71 -17.20
N ILE J 256 32.96 21.58 -16.27
CA ILE J 256 34.34 21.80 -15.84
C ILE J 256 34.97 20.53 -15.23
N TYR J 257 34.18 19.79 -14.48
CA TYR J 257 34.68 18.52 -13.91
C TYR J 257 35.12 17.56 -15.01
N SER J 258 34.24 17.36 -15.97
CA SER J 258 34.51 16.38 -17.05
C SER J 258 35.73 16.76 -17.91
N VAL J 259 35.82 18.03 -18.22
CA VAL J 259 36.93 18.54 -19.01
C VAL J 259 38.25 18.37 -18.30
N GLY J 260 38.25 18.70 -17.02
CA GLY J 260 39.49 18.73 -16.22
C GLY J 260 39.95 17.45 -15.52
N LYS J 261 39.09 16.46 -15.46
CA LYS J 261 39.31 15.30 -14.55
C LYS J 261 40.43 14.34 -14.93
N ALA J 262 40.81 14.37 -16.19
CA ALA J 262 41.90 13.50 -16.68
C ALA J 262 43.26 13.97 -16.24
N ALA J 263 43.35 15.23 -15.89
CA ALA J 263 44.66 15.90 -15.64
C ALA J 263 45.28 15.49 -14.34
N PHE J 264 46.58 15.71 -14.27
CA PHE J 264 47.35 15.47 -13.04
C PHE J 264 46.90 16.41 -11.90
N GLU J 265 46.75 17.69 -12.21
CA GLU J 265 46.24 18.70 -11.27
C GLU J 265 44.73 18.86 -11.47
N ALA J 266 44.01 18.87 -10.37
CA ALA J 266 42.53 18.88 -10.40
C ALA J 266 41.98 20.22 -10.95
N PRO J 267 40.81 20.18 -11.59
CA PRO J 267 40.18 21.40 -12.02
C PRO J 267 39.60 22.14 -10.84
N ARG J 268 39.49 23.44 -11.01
CA ARG J 268 38.98 24.33 -9.98
C ARG J 268 38.11 25.40 -10.58
N LEU J 269 37.00 25.65 -9.92
CA LEU J 269 36.19 26.81 -10.17
C LEU J 269 36.46 27.81 -9.08
N VAL J 270 37.15 28.86 -9.44
CA VAL J 270 37.64 29.85 -8.48
C VAL J 270 36.86 31.16 -8.68
N THR J 271 36.11 31.57 -7.66
CA THR J 271 35.35 32.81 -7.72
C THR J 271 35.88 33.84 -6.71
N LEU J 272 36.18 35.02 -7.23
CA LEU J 272 36.69 36.15 -6.46
C LEU J 272 35.58 37.21 -6.37
N LEU J 273 35.46 37.86 -5.21
CA LEU J 273 34.45 38.90 -4.98
C LEU J 273 35.04 40.20 -4.49
N TYR J 274 34.60 41.26 -5.13
CA TYR J 274 34.96 42.59 -4.75
C TYR J 274 33.70 43.41 -4.72
N THR J 275 33.43 43.97 -3.54
CA THR J 275 32.33 44.93 -3.38
C THR J 275 32.94 46.26 -2.93
N PRO J 276 32.74 47.33 -3.71
CA PRO J 276 33.25 48.63 -3.30
C PRO J 276 32.52 49.20 -2.07
N LYS J 277 33.17 50.20 -1.45
CA LYS J 277 32.55 51.01 -0.38
C LYS J 277 31.42 51.78 -1.06
N GLY J 278 30.26 51.81 -0.45
CA GLY J 278 29.15 52.58 -1.05
C GLY J 278 28.50 51.89 -2.23
N THR J 279 27.63 52.62 -2.92
CA THR J 279 26.75 52.02 -3.96
C THR J 279 27.46 51.79 -5.29
N PRO J 280 27.46 50.54 -5.80
CA PRO J 280 28.16 50.28 -7.06
C PRO J 280 27.39 50.82 -8.25
N VAL J 281 28.12 51.30 -9.23
CA VAL J 281 27.48 51.82 -10.45
C VAL J 281 26.83 50.68 -11.24
N LYS J 282 27.35 49.48 -11.01
CA LYS J 282 26.96 48.28 -11.73
C LYS J 282 27.43 47.03 -11.01
N LYS J 283 26.69 45.96 -11.20
CA LYS J 283 27.14 44.63 -10.76
C LYS J 283 27.55 43.82 -12.00
N VAL J 284 28.81 43.46 -12.04
CA VAL J 284 29.38 42.77 -13.18
C VAL J 284 30.01 41.46 -12.73
N SER J 285 29.64 40.39 -13.42
CA SER J 285 30.29 39.09 -13.27
C SER J 285 31.21 38.79 -14.43
N LEU J 286 32.48 38.56 -14.09
CA LEU J 286 33.51 38.17 -15.04
C LEU J 286 33.70 36.65 -15.00
N VAL J 287 33.85 36.04 -16.15
CA VAL J 287 34.08 34.61 -16.28
C VAL J 287 35.18 34.39 -17.28
N GLY J 288 36.22 33.68 -16.88
CA GLY J 288 37.41 33.48 -17.74
C GLY J 288 37.77 32.01 -18.01
N LYS J 289 38.08 31.72 -19.26
CA LYS J 289 38.52 30.37 -19.70
C LYS J 289 39.95 30.20 -19.24
N GLY J 290 40.09 29.36 -18.24
CA GLY J 290 41.41 29.12 -17.63
C GLY J 290 41.97 27.74 -17.93
N ILE J 291 42.05 27.44 -19.22
CA ILE J 291 42.60 26.15 -19.65
C ILE J 291 44.11 26.32 -19.68
N VAL J 292 44.73 25.85 -18.61
CA VAL J 292 46.21 26.01 -18.39
C VAL J 292 47.03 25.35 -19.48
N TYR J 293 46.46 24.29 -20.02
CA TYR J 293 46.93 23.67 -21.29
C TYR J 293 45.83 22.90 -21.97
N ASP J 294 45.73 23.09 -23.27
CA ASP J 294 44.72 22.47 -24.13
C ASP J 294 45.45 21.48 -25.05
N CYS J 295 45.57 20.23 -24.63
CA CYS J 295 46.12 19.18 -25.54
C CYS J 295 45.08 18.70 -26.57
N GLY J 296 43.83 19.10 -26.36
CA GLY J 296 42.68 18.61 -27.16
C GLY J 296 41.84 17.52 -26.49
N GLY J 297 42.41 16.93 -25.46
CA GLY J 297 41.85 15.71 -24.84
C GLY J 297 41.96 14.54 -25.81
N LEU J 298 40.99 13.65 -25.77
CA LEU J 298 40.98 12.46 -26.67
C LEU J 298 41.02 12.85 -28.16
N ALA J 299 40.41 13.99 -28.44
CA ALA J 299 40.51 14.70 -29.74
C ALA J 299 41.83 15.47 -29.83
N LEU J 300 42.89 14.70 -29.83
CA LEU J 300 44.24 15.21 -29.63
C LEU J 300 44.68 16.17 -30.77
N LYS J 301 45.18 17.32 -30.38
CA LYS J 301 45.75 18.27 -31.33
C LYS J 301 47.05 17.74 -31.92
N PRO J 302 47.31 18.02 -33.22
CA PRO J 302 48.67 17.84 -33.73
C PRO J 302 49.62 18.76 -33.00
N ALA J 303 50.89 18.40 -32.97
CA ALA J 303 51.91 19.15 -32.17
C ALA J 303 52.02 20.66 -32.52
N ASP J 304 51.98 20.96 -33.80
CA ASP J 304 52.09 22.38 -34.28
C ASP J 304 50.93 23.25 -33.76
N TYR J 305 49.73 22.66 -33.67
CA TYR J 305 48.56 23.38 -33.10
C TYR J 305 48.59 23.37 -31.57
N MET J 306 49.13 22.31 -31.00
CA MET J 306 49.20 22.19 -29.51
C MET J 306 50.20 23.16 -28.88
N LYS J 307 51.26 23.45 -29.61
CA LYS J 307 52.21 24.46 -29.21
C LYS J 307 51.46 25.78 -28.98
N LEU J 308 51.85 26.49 -27.94
CA LEU J 308 51.19 27.77 -27.57
C LEU J 308 49.81 27.63 -26.92
N MET J 309 49.36 26.41 -26.67
CA MET J 309 48.12 26.20 -25.90
C MET J 309 48.29 26.46 -24.38
N LYS J 310 49.51 26.77 -23.96
CA LYS J 310 49.77 27.40 -22.63
C LYS J 310 49.09 28.78 -22.54
N HIS J 311 48.84 29.37 -23.71
CA HIS J 311 48.08 30.64 -23.80
C HIS J 311 46.57 30.46 -23.59
N ASP J 312 46.10 29.22 -23.44
CA ASP J 312 44.66 28.91 -23.41
C ASP J 312 43.98 29.35 -22.11
N MET J 313 44.77 29.88 -21.20
CA MET J 313 44.26 30.51 -19.98
C MET J 313 44.25 32.06 -20.07
N GLY J 314 44.47 32.57 -21.27
CA GLY J 314 44.56 34.01 -21.51
C GLY J 314 43.32 34.82 -21.14
N GLY J 315 42.15 34.20 -21.28
CA GLY J 315 40.90 34.81 -20.85
C GLY J 315 40.78 34.88 -19.33
N ALA J 316 41.22 33.83 -18.65
CA ALA J 316 41.25 33.82 -17.18
C ALA J 316 42.22 34.84 -16.62
N ALA J 317 43.37 34.91 -17.22
CA ALA J 317 44.36 35.91 -16.84
C ALA J 317 43.81 37.35 -17.05
N ALA J 318 43.11 37.53 -18.14
CA ALA J 318 42.56 38.85 -18.49
C ALA J 318 41.56 39.31 -17.43
N VAL J 319 40.59 38.46 -17.14
CA VAL J 319 39.56 38.81 -16.14
C VAL J 319 40.16 38.91 -14.73
N PHE J 320 41.11 38.03 -14.43
CA PHE J 320 41.80 38.07 -13.15
C PHE J 320 42.50 39.41 -12.95
N CYS J 321 43.29 39.81 -13.93
CA CYS J 321 44.07 41.04 -13.79
C CYS J 321 43.20 42.32 -13.88
N GLY J 322 42.18 42.27 -14.69
CA GLY J 322 41.18 43.39 -14.75
C GLY J 322 40.53 43.56 -13.39
N PHE J 323 40.23 42.43 -12.78
CA PHE J 323 39.67 42.38 -11.40
C PHE J 323 40.65 43.01 -10.41
N LEU J 324 41.91 42.64 -10.52
CA LEU J 324 42.97 43.22 -9.64
C LEU J 324 43.06 44.72 -9.78
N THR J 325 43.03 45.19 -11.00
CA THR J 325 43.10 46.63 -11.24
C THR J 325 41.90 47.35 -10.60
N ALA J 326 40.72 46.77 -10.74
CA ALA J 326 39.53 47.32 -10.13
C ALA J 326 39.63 47.42 -8.60
N VAL J 327 40.20 46.39 -7.99
CA VAL J 327 40.42 46.38 -6.54
C VAL J 327 41.48 47.42 -6.14
N ARG J 328 42.57 47.43 -6.85
CA ARG J 328 43.67 48.34 -6.52
C ARG J 328 43.30 49.81 -6.68
N LEU J 329 42.58 50.13 -7.73
CA LEU J 329 42.12 51.52 -7.97
C LEU J 329 40.80 51.83 -7.31
N GLN J 330 40.23 50.86 -6.63
CA GLN J 330 38.91 50.99 -5.98
C GLN J 330 37.88 51.55 -6.92
N GLN J 331 37.79 50.94 -8.09
CA GLN J 331 36.73 51.29 -9.04
C GLN J 331 35.36 50.95 -8.43
N PRO J 332 34.32 51.76 -8.71
CA PRO J 332 33.03 51.60 -8.06
C PRO J 332 32.11 50.62 -8.75
N VAL J 333 32.67 49.45 -9.02
CA VAL J 333 31.93 48.35 -9.64
C VAL J 333 31.94 47.14 -8.73
N GLN J 334 30.79 46.55 -8.52
CA GLN J 334 30.75 45.31 -7.78
C GLN J 334 31.08 44.19 -8.75
N LEU J 335 32.08 43.38 -8.40
CA LEU J 335 32.63 42.36 -9.29
C LEU J 335 32.68 41.01 -8.70
N SER J 336 32.28 40.03 -9.50
CA SER J 336 32.69 38.65 -9.30
C SER J 336 33.63 38.32 -10.45
N CYS J 337 34.58 37.47 -10.15
CA CYS J 337 35.54 36.99 -11.16
C CYS J 337 35.72 35.49 -11.00
N THR J 338 35.17 34.76 -11.94
CA THR J 338 35.13 33.30 -11.89
C THR J 338 36.14 32.74 -12.90
N LEU J 339 37.14 32.07 -12.38
CA LEU J 339 38.20 31.45 -13.15
C LEU J 339 37.86 29.97 -13.34
N CYS J 340 37.70 29.59 -14.59
CA CYS J 340 37.35 28.22 -14.95
C CYS J 340 38.63 27.49 -15.25
N LEU J 341 39.20 26.91 -14.21
CA LEU J 341 40.57 26.34 -14.28
C LEU J 341 40.55 24.84 -14.49
N ALA J 342 41.18 24.42 -15.58
CA ALA J 342 41.34 23.01 -15.92
C ALA J 342 42.46 22.84 -16.89
N GLU J 343 43.08 21.68 -16.84
CA GLU J 343 43.91 21.23 -17.93
C GLU J 343 43.11 20.22 -18.72
N ASN J 344 43.06 20.43 -20.04
CA ASN J 344 42.42 19.50 -20.97
C ASN J 344 43.47 18.45 -21.36
N ALA J 345 43.45 17.37 -20.63
CA ALA J 345 44.47 16.35 -20.66
C ALA J 345 43.99 15.07 -21.34
N ILE J 346 44.94 14.21 -21.64
CA ILE J 346 44.66 12.95 -22.27
C ILE J 346 45.14 11.83 -21.35
N GLY J 347 44.27 10.87 -21.17
CA GLY J 347 44.54 9.69 -20.33
C GLY J 347 43.33 8.84 -20.08
N PRO J 348 43.43 7.86 -19.19
CA PRO J 348 42.36 6.93 -18.91
C PRO J 348 41.09 7.57 -18.38
N LYS J 349 41.23 8.69 -17.70
CA LYS J 349 40.05 9.41 -17.15
C LYS J 349 39.49 10.50 -18.08
N SER J 350 40.04 10.57 -19.29
CA SER J 350 39.59 11.56 -20.29
C SER J 350 38.07 11.46 -20.50
N TYR J 351 37.41 12.60 -20.46
CA TYR J 351 36.05 12.66 -21.01
C TYR J 351 36.12 12.36 -22.53
N ARG J 352 35.08 11.73 -23.03
CA ARG J 352 35.14 11.13 -24.34
C ARG J 352 34.33 11.84 -25.39
N ASN J 353 34.73 11.59 -26.62
CA ASN J 353 33.91 11.93 -27.78
C ASN J 353 32.76 10.92 -27.88
N ASP J 354 31.61 11.31 -27.31
CA ASP J 354 30.38 10.46 -27.10
C ASP J 354 29.79 10.63 -25.71
N ASP J 355 30.62 11.01 -24.75
CA ASP J 355 30.17 11.16 -23.38
C ASP J 355 29.08 12.21 -23.33
N ILE J 356 28.17 12.03 -22.38
CA ILE J 356 27.11 13.01 -22.14
C ILE J 356 27.35 13.63 -20.76
N ILE J 357 27.47 14.93 -20.74
CA ILE J 357 27.70 15.72 -19.54
C ILE J 357 26.37 16.30 -19.01
N VAL J 358 26.18 16.23 -17.70
CA VAL J 358 25.15 17.00 -17.03
C VAL J 358 25.78 18.30 -16.51
N MET J 359 25.46 19.40 -17.17
CA MET J 359 26.00 20.71 -16.83
C MET J 359 25.36 21.21 -15.54
N LYS J 360 26.03 22.14 -14.89
CA LYS J 360 25.48 22.76 -13.68
C LYS J 360 24.13 23.39 -13.95
N SER J 361 23.96 23.88 -15.17
CA SER J 361 22.66 24.45 -15.62
C SER J 361 21.50 23.44 -15.63
N GLY J 362 21.82 22.16 -15.53
CA GLY J 362 20.84 21.07 -15.67
C GLY J 362 20.66 20.55 -17.09
N LYS J 363 21.21 21.28 -18.04
CA LYS J 363 21.18 20.88 -19.42
C LYS J 363 22.26 19.86 -19.72
N THR J 364 21.94 18.95 -20.60
CA THR J 364 22.85 17.90 -20.97
C THR J 364 23.53 18.21 -22.31
N VAL J 365 24.80 17.87 -22.36
CA VAL J 365 25.67 18.16 -23.47
C VAL J 365 26.32 16.86 -23.97
N GLU J 366 26.04 16.53 -25.21
CA GLU J 366 26.70 15.43 -25.89
C GLU J 366 28.03 15.92 -26.46
N VAL J 367 29.12 15.28 -26.05
CA VAL J 367 30.46 15.70 -26.45
C VAL J 367 30.80 15.06 -27.77
N ILE J 368 30.77 15.88 -28.81
CA ILE J 368 31.12 15.49 -30.15
C ILE J 368 32.63 15.52 -30.31
N ASN J 369 33.23 16.50 -29.69
CA ASN J 369 34.67 16.75 -29.78
C ASN J 369 35.21 17.33 -28.48
N THR J 370 36.12 16.61 -27.87
CA THR J 370 36.70 17.01 -26.56
C THR J 370 37.60 18.24 -26.64
N ASP J 371 38.01 18.61 -27.86
CA ASP J 371 38.83 19.80 -28.08
C ASP J 371 38.04 21.12 -28.11
N ALA J 372 36.73 20.98 -28.10
CA ALA J 372 35.78 22.11 -27.85
C ALA J 372 35.40 22.15 -26.34
N GLU J 373 36.43 22.29 -25.53
CA GLU J 373 36.34 22.18 -24.07
C GLU J 373 35.98 23.49 -23.42
N GLY J 374 36.41 24.56 -24.06
CA GLY J 374 36.31 25.91 -23.48
C GLY J 374 34.89 26.33 -23.25
N ARG J 375 34.08 26.07 -24.24
CA ARG J 375 32.66 26.45 -24.15
C ARG J 375 31.95 25.71 -23.01
N ILE J 376 32.38 24.49 -22.77
CA ILE J 376 31.80 23.63 -21.75
C ILE J 376 32.13 24.16 -20.37
N VAL J 377 33.38 24.47 -20.22
CA VAL J 377 33.93 25.00 -18.98
C VAL J 377 33.28 26.36 -18.66
N LEU J 378 33.14 27.17 -19.70
CA LEU J 378 32.50 28.50 -19.58
C LEU J 378 30.99 28.40 -19.32
N GLY J 379 30.37 27.36 -19.84
CA GLY J 379 28.94 27.10 -19.55
C GLY J 379 28.68 26.94 -18.05
N ASP J 380 29.55 26.17 -17.40
CA ASP J 380 29.48 26.03 -15.94
C ASP J 380 29.81 27.35 -15.24
N GLY J 381 30.83 28.03 -15.75
CA GLY J 381 31.24 29.35 -15.22
C GLY J 381 30.12 30.40 -15.22
N VAL J 382 29.45 30.55 -16.35
CA VAL J 382 28.41 31.58 -16.47
C VAL J 382 27.17 31.20 -15.70
N PHE J 383 26.87 29.93 -15.65
CA PHE J 383 25.72 29.47 -14.82
C PHE J 383 26.03 29.77 -13.34
N HIS J 384 27.24 29.47 -12.95
CA HIS J 384 27.68 29.75 -11.57
C HIS J 384 27.52 31.23 -11.24
N ALA J 385 28.02 32.07 -12.13
CA ALA J 385 27.97 33.51 -11.94
C ALA J 385 26.52 34.03 -11.85
N THR J 386 25.66 33.50 -12.68
CA THR J 386 24.30 34.03 -12.84
C THR J 386 23.26 33.37 -11.95
N ASN J 387 23.64 32.29 -11.32
CA ASN J 387 22.72 31.52 -10.45
C ASN J 387 23.18 31.30 -9.00
N GLU J 388 24.47 31.29 -8.75
CA GLU J 388 24.97 30.77 -7.45
C GLU J 388 25.62 31.77 -6.56
N LEU J 389 25.67 33.02 -6.98
CA LEU J 389 26.31 34.06 -6.17
C LEU J 389 25.29 34.75 -5.24
N SER J 390 25.81 35.55 -4.33
CA SER J 390 24.96 36.30 -3.38
C SER J 390 24.27 37.50 -4.03
N PHE J 391 24.66 37.82 -5.25
CA PHE J 391 23.94 38.82 -6.08
C PHE J 391 23.71 38.28 -7.49
N THR J 392 22.84 38.95 -8.22
CA THR J 392 22.62 38.65 -9.63
C THR J 392 23.24 39.77 -10.44
N PRO J 393 24.17 39.45 -11.36
CA PRO J 393 24.82 40.52 -12.08
C PRO J 393 23.93 41.21 -13.11
N ASP J 394 24.24 42.47 -13.35
CA ASP J 394 23.61 43.27 -14.43
C ASP J 394 24.23 42.92 -15.79
N VAL J 395 25.51 42.59 -15.74
CA VAL J 395 26.30 42.30 -16.92
C VAL J 395 27.19 41.10 -16.65
N VAL J 396 27.22 40.19 -17.60
CA VAL J 396 28.16 39.07 -17.58
C VAL J 396 29.12 39.25 -18.72
N ILE J 397 30.41 39.21 -18.39
CA ILE J 397 31.47 39.26 -19.39
C ILE J 397 32.27 37.97 -19.27
N ASP J 398 32.28 37.19 -20.34
CA ASP J 398 33.18 36.06 -20.38
C ASP J 398 34.28 36.37 -21.41
N MET J 399 35.47 35.97 -21.06
CA MET J 399 36.66 36.15 -21.90
C MET J 399 37.36 34.80 -22.07
N ALA J 400 37.68 34.49 -23.30
CA ALA J 400 38.19 33.16 -23.63
C ALA J 400 38.96 33.13 -24.91
N THR J 401 40.01 32.32 -24.89
CA THR J 401 40.78 32.00 -26.11
C THR J 401 40.08 30.85 -26.80
N LEU J 402 38.95 31.15 -27.39
CA LEU J 402 37.95 30.12 -27.64
C LEU J 402 38.02 29.40 -28.99
N THR J 403 38.24 30.13 -30.08
CA THR J 403 38.15 29.53 -31.43
C THR J 403 39.22 30.01 -32.39
N GLY J 404 39.65 29.10 -33.23
CA GLY J 404 40.52 29.44 -34.35
C GLY J 404 39.79 30.32 -35.35
N ALA J 405 38.50 30.10 -35.43
CA ALA J 405 37.63 30.94 -36.23
C ALA J 405 37.80 32.44 -35.92
N GLN J 406 38.06 32.75 -34.67
CA GLN J 406 38.20 34.14 -34.26
C GLN J 406 39.28 34.85 -35.08
N GLY J 407 40.42 34.20 -35.23
CA GLY J 407 41.51 34.77 -36.02
C GLY J 407 41.12 34.98 -37.47
N ILE J 408 40.46 33.99 -38.01
CA ILE J 408 39.94 34.04 -39.38
C ILE J 408 38.95 35.21 -39.56
N ALA J 409 38.13 35.40 -38.55
CA ALA J 409 37.01 36.37 -38.64
C ALA J 409 37.44 37.80 -38.38
N THR J 410 38.00 38.02 -37.20
CA THR J 410 38.38 39.35 -36.74
C THR J 410 39.89 39.64 -36.61
N GLY J 411 40.69 38.61 -36.77
CA GLY J 411 42.15 38.79 -36.89
C GLY J 411 42.95 38.84 -35.60
N ARG J 412 44.21 39.18 -35.74
CA ARG J 412 45.17 39.04 -34.66
C ARG J 412 45.09 40.15 -33.62
N HIS J 413 44.50 41.28 -33.99
CA HIS J 413 44.48 42.47 -33.11
C HIS J 413 43.13 42.83 -32.53
N HIS J 414 42.09 42.20 -33.05
CA HIS J 414 40.70 42.48 -32.61
C HIS J 414 40.04 41.27 -32.06
N ALA J 415 39.72 41.33 -30.80
CA ALA J 415 38.93 40.29 -30.14
C ALA J 415 37.50 40.33 -30.66
N GLY J 416 36.93 39.16 -30.85
CA GLY J 416 35.58 39.02 -31.38
C GLY J 416 34.56 39.17 -30.26
N LEU J 417 33.55 39.99 -30.49
CA LEU J 417 32.44 40.18 -29.54
C LEU J 417 31.10 39.58 -30.00
N TYR J 418 30.59 38.68 -29.18
CA TYR J 418 29.25 38.12 -29.34
C TYR J 418 28.43 38.62 -28.16
N VAL J 419 27.48 39.48 -28.45
CA VAL J 419 26.79 40.25 -27.41
C VAL J 419 25.29 40.26 -27.64
N ASN J 420 24.53 40.00 -26.58
CA ASN J 420 23.06 39.93 -26.69
C ASN J 420 22.32 41.30 -26.76
N GLU J 421 23.03 42.38 -26.53
CA GLU J 421 22.47 43.73 -26.53
C GLU J 421 23.38 44.70 -27.28
N GLU J 422 22.80 45.51 -28.15
CA GLU J 422 23.57 46.48 -28.94
C GLU J 422 24.35 47.47 -28.02
N GLY J 423 23.70 47.92 -26.97
CA GLY J 423 24.28 48.96 -26.06
C GLY J 423 25.56 48.53 -25.37
N ALA J 424 25.53 47.34 -24.80
CA ALA J 424 26.72 46.74 -24.18
C ALA J 424 27.82 46.52 -25.20
N GLU J 425 27.43 46.10 -26.37
CA GLU J 425 28.38 45.85 -27.43
C GLU J 425 29.13 47.13 -27.79
N ALA J 426 28.36 48.18 -28.01
CA ALA J 426 28.93 49.49 -28.41
C ALA J 426 29.85 50.04 -27.32
N ALA J 427 29.47 49.83 -26.08
CA ALA J 427 30.28 50.25 -24.93
C ALA J 427 31.62 49.51 -24.86
N MET J 428 31.57 48.20 -25.08
CA MET J 428 32.82 47.41 -25.10
C MET J 428 33.70 47.80 -26.30
N LEU J 429 33.09 48.03 -27.45
CA LEU J 429 33.83 48.50 -28.63
C LEU J 429 34.54 49.84 -28.39
N ARG J 430 33.81 50.74 -27.76
CA ARG J 430 34.36 52.05 -27.35
C ARG J 430 35.55 51.85 -26.43
N ALA J 431 35.39 50.98 -25.46
CA ALA J 431 36.45 50.70 -24.49
C ALA J 431 37.70 50.14 -25.20
N GLY J 432 37.46 49.33 -26.20
CA GLY J 432 38.57 48.79 -27.02
C GLY J 432 39.34 49.85 -27.78
N ARG J 433 38.61 50.79 -28.37
CA ARG J 433 39.21 51.88 -29.14
C ARG J 433 39.98 52.86 -28.24
N GLU J 434 39.43 53.11 -27.07
CA GLU J 434 40.05 53.99 -26.06
C GLU J 434 41.27 53.34 -25.43
N SER J 435 41.14 52.09 -25.02
CA SER J 435 42.23 51.35 -24.36
C SER J 435 43.33 50.90 -25.30
N GLY J 436 43.00 50.81 -26.57
CA GLY J 436 43.92 50.18 -27.58
C GLY J 436 43.76 48.68 -27.73
N GLU J 437 43.05 48.07 -26.79
CA GLU J 437 42.79 46.64 -26.78
C GLU J 437 41.50 46.39 -27.55
N THR J 438 41.67 46.48 -28.85
CA THR J 438 40.57 46.61 -29.77
C THR J 438 39.75 45.34 -29.92
N CYS J 439 38.47 45.53 -30.19
CA CYS J 439 37.51 44.46 -30.47
C CYS J 439 36.74 44.73 -31.76
N PHE J 440 36.03 43.72 -32.19
CA PHE J 440 35.13 43.82 -33.33
C PHE J 440 34.00 42.81 -33.20
N PRO J 441 32.78 43.19 -33.58
CA PRO J 441 31.67 42.27 -33.36
C PRO J 441 31.63 41.11 -34.33
N VAL J 442 31.16 39.99 -33.84
CA VAL J 442 30.76 38.89 -34.70
C VAL J 442 29.24 38.73 -34.66
N LEU J 443 28.71 38.05 -35.68
CA LEU J 443 27.26 37.91 -35.86
C LEU J 443 26.56 37.41 -34.59
N TYR J 444 25.58 38.17 -34.14
CA TYR J 444 24.64 37.73 -33.09
C TYR J 444 23.30 37.38 -33.75
N CYS J 445 23.02 36.09 -33.78
CA CYS J 445 21.83 35.55 -34.47
C CYS J 445 21.48 34.15 -33.95
N PRO J 446 21.11 34.07 -32.67
CA PRO J 446 20.78 32.79 -32.01
C PRO J 446 19.83 31.87 -32.76
N GLU J 447 18.85 32.44 -33.44
CA GLU J 447 17.94 31.61 -34.26
C GLU J 447 18.66 30.79 -35.35
N TYR J 448 19.79 31.29 -35.83
CA TYR J 448 20.60 30.55 -36.80
C TYR J 448 21.72 29.68 -36.19
N HIS J 449 22.13 29.99 -34.98
CA HIS J 449 23.16 29.20 -34.29
C HIS J 449 22.60 27.95 -33.62
N GLU J 450 21.44 28.13 -33.02
CA GLU J 450 20.74 27.06 -32.26
C GLU J 450 20.59 25.70 -32.99
N PRO J 451 20.12 25.66 -34.26
CA PRO J 451 20.04 24.36 -34.99
C PRO J 451 21.35 23.60 -35.18
N GLU J 452 22.47 24.30 -35.13
CA GLU J 452 23.81 23.64 -35.27
C GLU J 452 24.17 22.71 -34.12
N PHE J 453 23.47 22.84 -33.02
CA PHE J 453 23.77 22.04 -31.81
C PHE J 453 22.75 20.93 -31.48
N LYS J 454 21.92 20.55 -32.44
CA LYS J 454 20.93 19.49 -32.24
C LYS J 454 21.64 18.16 -31.91
N SER J 455 21.11 17.45 -30.94
CA SER J 455 21.61 16.13 -30.50
C SER J 455 20.50 15.09 -30.49
N ASN J 456 20.83 13.86 -30.83
CA ASN J 456 19.86 12.78 -30.76
C ASN J 456 19.39 12.48 -29.33
N HIS J 457 20.33 12.56 -28.40
CA HIS J 457 20.09 12.04 -27.05
C HIS J 457 20.23 13.02 -25.90
N ALA J 458 20.94 14.12 -26.14
CA ALA J 458 21.18 15.12 -25.11
C ALA J 458 20.43 16.40 -25.52
N ASP J 459 20.36 17.37 -24.62
CA ASP J 459 19.75 18.67 -24.97
C ASP J 459 20.48 19.36 -26.11
N MET J 460 21.79 19.20 -26.14
CA MET J 460 22.61 19.80 -27.16
C MET J 460 23.95 19.08 -27.30
N THR J 461 24.61 19.33 -28.42
CA THR J 461 25.99 18.93 -28.61
C THR J 461 26.89 20.08 -28.19
N ASN J 462 28.18 19.82 -28.16
CA ASN J 462 29.16 20.88 -27.93
C ASN J 462 29.87 21.36 -29.20
N LEU J 463 29.41 20.89 -30.34
CA LEU J 463 30.04 21.26 -31.62
C LEU J 463 29.04 21.34 -32.74
N MET J 464 29.21 22.34 -33.57
CA MET J 464 28.34 22.60 -34.71
C MET J 464 28.40 21.45 -35.68
N GLU J 465 27.23 21.06 -36.16
CA GLU J 465 27.12 20.11 -37.28
C GLU J 465 27.89 20.65 -38.51
N ARG J 466 27.73 21.92 -38.78
CA ARG J 466 28.43 22.60 -39.90
C ARG J 466 29.34 23.67 -39.34
N ARG J 467 30.63 23.49 -39.55
CA ARG J 467 31.63 24.38 -38.96
C ARG J 467 31.86 25.68 -39.74
N ASP J 468 31.27 25.72 -40.92
CA ASP J 468 31.32 26.91 -41.78
C ASP J 468 30.04 27.78 -41.69
N ASN J 469 29.51 27.88 -40.48
CA ASN J 469 28.31 28.66 -40.22
C ASN J 469 28.46 29.54 -38.96
N ALA J 470 29.38 30.50 -39.05
CA ALA J 470 29.61 31.54 -38.02
C ALA J 470 30.12 30.86 -36.76
N GLY J 471 31.33 30.38 -36.85
CA GLY J 471 31.94 29.58 -35.77
C GLY J 471 32.25 30.33 -34.50
N VAL J 472 32.63 31.60 -34.63
CA VAL J 472 32.90 32.43 -33.41
C VAL J 472 31.56 32.64 -32.66
N SER J 473 30.54 32.90 -33.44
CA SER J 473 29.18 33.16 -32.93
C SER J 473 28.53 31.94 -32.27
N CYS J 474 28.65 30.82 -32.93
CA CYS J 474 28.12 29.55 -32.42
C CYS J 474 28.73 29.12 -31.09
N ALA J 475 30.02 29.32 -30.93
CA ALA J 475 30.70 29.00 -29.67
C ALA J 475 30.14 29.90 -28.55
N GLY J 476 29.92 31.15 -28.89
CA GLY J 476 29.27 32.09 -27.97
C GLY J 476 27.85 31.67 -27.62
N TYR J 477 27.10 31.31 -28.64
CA TYR J 477 25.72 30.82 -28.45
C TYR J 477 25.68 29.68 -27.43
N PHE J 478 26.57 28.70 -27.60
CA PHE J 478 26.64 27.52 -26.72
C PHE J 478 26.67 27.99 -25.24
N ILE J 479 27.56 28.94 -24.99
CA ILE J 479 27.74 29.49 -23.65
C ILE J 479 26.44 30.10 -23.10
N THR J 480 25.72 30.82 -23.95
CA THR J 480 24.47 31.49 -23.53
C THR J 480 23.37 30.52 -23.08
N THR J 481 23.36 29.34 -23.67
CA THR J 481 22.36 28.33 -23.30
C THR J 481 22.48 27.93 -21.81
N HIS J 482 23.61 28.23 -21.20
CA HIS J 482 23.85 27.89 -19.79
C HIS J 482 23.75 29.06 -18.81
N LEU J 483 23.32 30.20 -19.32
CA LEU J 483 22.98 31.31 -18.46
C LEU J 483 21.75 30.94 -17.63
N SER J 484 21.76 31.32 -16.36
CA SER J 484 20.58 31.11 -15.50
C SER J 484 19.37 31.90 -16.03
N PRO J 485 18.16 31.33 -15.91
CA PRO J 485 16.93 32.08 -16.20
C PRO J 485 16.73 33.32 -15.31
N LYS J 486 17.34 33.30 -14.14
CA LYS J 486 17.35 34.45 -13.21
C LYS J 486 18.03 35.69 -13.79
N PHE J 487 18.85 35.46 -14.81
CA PHE J 487 19.64 36.55 -15.41
C PHE J 487 18.91 37.09 -16.64
N THR J 488 18.78 38.41 -16.66
CA THR J 488 18.08 39.10 -17.74
C THR J 488 18.86 40.29 -18.27
N GLY J 489 20.14 40.30 -17.94
CA GLY J 489 20.99 41.45 -18.28
C GLY J 489 21.77 41.27 -19.56
N ALA J 490 22.86 42.04 -19.66
CA ALA J 490 23.69 42.04 -20.87
C ALA J 490 24.76 40.97 -20.74
N HIS J 491 24.97 40.25 -21.82
CA HIS J 491 26.03 39.25 -21.85
C HIS J 491 27.00 39.57 -22.98
N ILE J 492 28.26 39.76 -22.61
CA ILE J 492 29.33 40.06 -23.52
C ILE J 492 30.31 38.88 -23.55
N HIS J 493 30.34 38.19 -24.69
CA HIS J 493 31.30 37.11 -24.91
C HIS J 493 32.48 37.67 -25.74
N VAL J 494 33.67 37.56 -25.18
CA VAL J 494 34.91 38.06 -25.78
C VAL J 494 35.79 36.87 -26.17
N ASP J 495 35.90 36.65 -27.46
CA ASP J 495 36.77 35.62 -28.02
C ASP J 495 38.11 36.31 -28.36
N LEU J 496 39.12 36.02 -27.57
CA LEU J 496 40.44 36.67 -27.71
C LEU J 496 41.57 35.66 -27.96
N ALA J 497 41.21 34.63 -28.70
CA ALA J 497 42.17 33.54 -29.05
C ALA J 497 43.53 34.07 -29.54
N TYR J 498 43.49 35.01 -30.47
CA TYR J 498 44.73 35.57 -31.06
C TYR J 498 45.29 36.86 -30.43
N PRO J 499 44.42 37.77 -29.96
CA PRO J 499 44.96 39.02 -29.45
C PRO J 499 45.78 38.89 -28.17
N VAL J 500 45.66 37.75 -27.49
CA VAL J 500 46.47 37.48 -26.27
C VAL J 500 47.97 37.18 -26.52
N PHE J 501 48.36 37.05 -27.77
CA PHE J 501 49.76 36.78 -28.09
C PHE J 501 50.21 37.35 -29.41
N ASN J 502 51.51 37.44 -29.55
CA ASN J 502 52.13 37.71 -30.83
C ASN J 502 53.42 36.88 -30.91
N SER J 503 54.27 37.17 -31.88
CA SER J 503 55.46 36.33 -32.11
C SER J 503 56.48 36.45 -30.99
N ASN J 504 56.37 37.48 -30.16
CA ASN J 504 57.21 37.63 -28.94
C ASN J 504 56.63 37.03 -27.67
N GLY J 505 55.41 36.55 -27.77
CA GLY J 505 54.75 35.89 -26.63
C GLY J 505 53.48 36.61 -26.27
N ALA J 506 53.12 36.54 -25.02
CA ALA J 506 51.87 37.10 -24.54
C ALA J 506 51.90 38.61 -24.72
N THR J 507 50.72 39.15 -24.95
CA THR J 507 50.52 40.63 -25.07
C THR J 507 49.95 41.32 -23.80
N GLY J 508 49.42 40.52 -22.90
CA GLY J 508 48.68 41.08 -21.75
C GLY J 508 47.36 41.78 -22.16
N PHE J 509 46.81 41.40 -23.29
CA PHE J 509 45.54 41.90 -23.78
C PHE J 509 44.40 41.44 -22.87
N GLY J 510 43.53 42.39 -22.55
CA GLY J 510 42.27 42.11 -21.84
C GLY J 510 42.02 42.96 -20.59
N PRO J 511 42.98 43.01 -19.68
CA PRO J 511 42.75 43.79 -18.45
C PRO J 511 42.48 45.27 -18.63
N ALA J 512 43.25 45.92 -19.50
CA ALA J 512 43.05 47.37 -19.75
C ALA J 512 41.70 47.65 -20.43
N LEU J 513 41.32 46.76 -21.33
CA LEU J 513 40.01 46.80 -21.94
C LEU J 513 38.93 46.87 -20.85
N LEU J 514 39.02 45.95 -19.91
CA LEU J 514 38.04 45.88 -18.81
C LEU J 514 38.06 47.12 -17.95
N THR J 515 39.25 47.58 -17.65
CA THR J 515 39.41 48.78 -16.82
C THR J 515 38.70 49.97 -17.46
N GLU J 516 38.93 50.15 -18.74
CA GLU J 516 38.32 51.22 -19.52
C GLU J 516 36.78 51.03 -19.60
N TYR J 517 36.36 49.81 -19.82
CA TYR J 517 34.92 49.53 -19.85
C TYR J 517 34.27 49.91 -18.48
N PHE J 518 34.89 49.47 -17.39
CA PHE J 518 34.38 49.75 -16.02
C PHE J 518 34.30 51.25 -15.76
N ARG J 519 35.30 51.94 -16.26
CA ARG J 519 35.38 53.40 -16.12
C ARG J 519 34.18 54.17 -16.63
N LYS J 520 33.61 53.70 -17.73
CA LYS J 520 32.53 54.43 -18.40
C LYS J 520 31.16 53.89 -18.06
N LEU J 521 31.06 52.97 -17.12
CA LEU J 521 29.76 52.35 -16.83
C LEU J 521 28.66 53.32 -16.29
N THR K 3 52.56 -3.53 -7.90
CA THR K 3 52.45 -2.77 -9.18
C THR K 3 52.03 -3.69 -10.33
N LEU K 4 52.84 -4.68 -10.71
CA LEU K 4 52.52 -5.59 -11.84
C LEU K 4 51.83 -6.88 -11.42
N PRO K 5 51.04 -7.47 -12.32
CA PRO K 5 50.58 -8.85 -12.06
C PRO K 5 51.76 -9.85 -11.90
N LYS K 6 51.60 -10.81 -10.98
CA LYS K 6 52.65 -11.76 -10.60
C LYS K 6 53.17 -12.48 -11.84
N ALA K 7 52.27 -12.91 -12.71
CA ALA K 7 52.68 -13.63 -13.95
C ALA K 7 53.57 -12.77 -14.86
N GLU K 8 53.30 -11.47 -14.90
CA GLU K 8 54.07 -10.53 -15.73
C GLU K 8 55.42 -10.28 -15.12
N ALA K 9 55.46 -10.07 -13.82
CA ALA K 9 56.75 -9.96 -13.10
C ALA K 9 57.65 -11.19 -13.28
N LYS K 10 57.07 -12.37 -13.20
CA LYS K 10 57.86 -13.64 -13.39
C LYS K 10 58.45 -13.69 -14.80
N GLU K 11 57.63 -13.35 -15.77
CA GLU K 11 58.07 -13.27 -17.17
C GLU K 11 59.22 -12.29 -17.38
N LEU K 12 59.11 -11.13 -16.75
CA LEU K 12 60.16 -10.11 -16.83
C LEU K 12 61.48 -10.60 -16.23
N SER K 13 61.41 -11.21 -15.06
CA SER K 13 62.62 -11.79 -14.42
C SER K 13 63.29 -12.79 -15.31
N ALA K 14 62.48 -13.66 -15.86
CA ALA K 14 63.00 -14.70 -16.74
C ALA K 14 63.70 -14.06 -17.98
N PHE K 15 63.08 -13.01 -18.49
CA PHE K 15 63.62 -12.34 -19.68
C PHE K 15 64.94 -11.66 -19.34
N VAL K 16 64.99 -11.05 -18.17
CA VAL K 16 66.26 -10.43 -17.66
C VAL K 16 67.37 -11.46 -17.64
N GLN K 17 67.06 -12.58 -17.01
CA GLN K 17 68.02 -13.70 -16.91
C GLN K 17 68.48 -14.19 -18.30
N SER K 18 67.55 -14.30 -19.24
CA SER K 18 67.89 -14.72 -20.64
C SER K 18 68.91 -13.78 -21.30
N CYS K 19 68.83 -12.51 -20.95
CA CYS K 19 69.77 -11.52 -21.49
C CYS K 19 71.11 -11.53 -20.76
N VAL K 20 71.04 -11.59 -19.44
CA VAL K 20 72.27 -11.61 -18.60
C VAL K 20 73.15 -12.84 -18.91
N GLU K 21 72.50 -13.95 -19.19
CA GLU K 21 73.20 -15.23 -19.45
C GLU K 21 73.38 -15.55 -20.92
N TYR K 22 73.02 -14.61 -21.78
CA TYR K 22 73.02 -14.86 -23.22
C TYR K 22 74.41 -15.36 -23.65
N LYS K 23 74.41 -16.46 -24.37
CA LYS K 23 75.62 -17.04 -24.98
C LYS K 23 75.38 -17.18 -26.49
N THR K 24 76.41 -16.91 -27.28
CA THR K 24 76.26 -16.93 -28.76
C THR K 24 76.13 -18.35 -29.30
N ASN K 25 75.52 -18.45 -30.45
CA ASN K 25 75.42 -19.72 -31.21
C ASN K 25 76.58 -19.92 -32.23
N VAL K 26 77.50 -18.98 -32.29
CA VAL K 26 78.55 -18.99 -33.29
C VAL K 26 79.88 -19.35 -32.67
N CYS K 27 80.61 -20.21 -33.36
CA CYS K 27 82.04 -20.45 -33.01
C CYS K 27 82.89 -20.28 -34.26
N PHE K 28 84.20 -20.20 -34.05
CA PHE K 28 85.12 -19.88 -35.12
C PHE K 28 86.31 -20.84 -35.13
N THR K 29 86.69 -21.25 -36.32
CA THR K 29 87.88 -22.07 -36.48
C THR K 29 88.50 -21.79 -37.84
N ASP K 30 89.42 -22.64 -38.25
CA ASP K 30 90.04 -22.54 -39.58
C ASP K 30 90.16 -23.90 -40.23
N VAL K 31 90.43 -23.91 -41.53
CA VAL K 31 90.31 -25.14 -42.36
C VAL K 31 91.20 -26.28 -41.84
N ALA K 32 92.43 -25.95 -41.54
CA ALA K 32 93.42 -26.94 -41.05
C ALA K 32 93.03 -27.45 -39.68
N ALA K 33 92.63 -26.55 -38.79
CA ALA K 33 92.16 -27.00 -37.44
C ALA K 33 90.89 -27.89 -37.55
N TYR K 34 90.03 -27.53 -38.49
CA TYR K 34 88.79 -28.28 -38.78
C TYR K 34 89.09 -29.72 -39.29
N GLU K 35 89.99 -29.82 -40.28
CA GLU K 35 90.50 -31.14 -40.84
C GLU K 35 91.06 -31.98 -39.72
N SER K 36 91.80 -31.33 -38.85
CA SER K 36 92.40 -31.99 -37.66
C SER K 36 91.37 -32.47 -36.63
N ASN K 37 90.38 -31.65 -36.34
CA ASN K 37 89.37 -32.00 -35.26
C ASN K 37 88.18 -32.84 -35.72
N GLN K 38 87.85 -32.73 -36.99
CA GLN K 38 86.66 -33.40 -37.53
C GLN K 38 86.94 -34.41 -38.64
N LYS K 39 88.17 -34.38 -39.14
CA LYS K 39 88.70 -35.45 -40.00
C LYS K 39 87.80 -35.71 -41.20
N GLY K 40 87.30 -34.63 -41.78
CA GLY K 40 86.46 -34.70 -42.98
C GLY K 40 85.00 -35.04 -42.74
N VAL K 41 84.60 -35.12 -41.48
CA VAL K 41 83.19 -35.38 -41.13
C VAL K 41 82.47 -34.03 -40.89
N LEU K 42 81.52 -33.73 -41.75
CA LEU K 42 80.72 -32.51 -41.61
C LEU K 42 79.91 -32.54 -40.32
N SER K 43 79.70 -31.36 -39.77
CA SER K 43 78.96 -31.20 -38.50
C SER K 43 77.49 -31.59 -38.63
N SER K 44 76.95 -31.46 -39.82
CA SER K 44 75.55 -31.78 -40.09
C SER K 44 75.30 -31.97 -41.58
N GLY K 45 74.01 -32.10 -41.94
CA GLY K 45 73.59 -32.26 -43.34
C GLY K 45 73.54 -31.02 -44.19
N LEU K 46 74.02 -29.92 -43.64
CA LEU K 46 74.10 -28.66 -44.39
C LEU K 46 75.48 -28.05 -44.25
N ALA K 47 76.02 -27.61 -45.37
CA ALA K 47 77.28 -26.85 -45.36
C ALA K 47 77.13 -25.67 -46.26
N VAL K 48 77.76 -24.59 -45.85
CA VAL K 48 77.69 -23.34 -46.59
C VAL K 48 79.10 -22.93 -47.00
N LEU K 49 79.19 -22.47 -48.23
CA LEU K 49 80.44 -21.97 -48.77
C LEU K 49 80.24 -20.58 -49.34
N VAL K 50 80.91 -19.59 -48.74
CA VAL K 50 80.73 -18.17 -49.20
C VAL K 50 82.04 -17.49 -49.52
N GLY K 51 82.09 -16.93 -50.71
CA GLY K 51 83.25 -16.15 -51.13
C GLY K 51 83.00 -15.40 -52.41
N THR K 52 83.99 -14.63 -52.81
CA THR K 52 83.91 -13.89 -54.07
C THR K 52 84.04 -14.81 -55.25
N HIS K 53 83.69 -14.30 -56.41
CA HIS K 53 83.80 -15.08 -57.70
C HIS K 53 85.18 -15.71 -57.87
N LYS K 54 86.19 -14.90 -57.59
CA LYS K 54 87.57 -15.36 -57.67
C LYS K 54 87.96 -16.30 -56.56
N GLN K 55 87.61 -15.96 -55.32
CA GLN K 55 87.95 -16.86 -54.18
C GLN K 55 87.39 -18.26 -54.37
N LEU K 56 86.17 -18.30 -54.87
CA LEU K 56 85.45 -19.57 -55.10
C LEU K 56 86.19 -20.48 -56.12
N ARG K 57 87.01 -19.86 -56.96
CA ARG K 57 87.77 -20.57 -58.03
C ARG K 57 89.23 -20.84 -57.65
N ASP K 58 89.60 -20.46 -56.46
CA ASP K 58 90.95 -20.74 -55.96
C ASP K 58 91.10 -22.25 -55.85
N PRO K 59 92.27 -22.78 -56.24
CA PRO K 59 92.54 -24.23 -56.12
C PRO K 59 92.32 -24.84 -54.71
N ALA K 60 92.58 -24.06 -53.69
CA ALA K 60 92.38 -24.51 -52.28
C ALA K 60 90.94 -24.99 -51.99
N VAL K 61 89.98 -24.40 -52.71
CA VAL K 61 88.54 -24.73 -52.56
C VAL K 61 88.28 -26.20 -52.89
N GLN K 62 88.96 -26.70 -53.92
CA GLN K 62 88.91 -28.16 -54.32
C GLN K 62 89.30 -29.11 -53.20
N ARG K 63 90.12 -28.64 -52.27
CA ARG K 63 90.58 -29.49 -51.13
C ARG K 63 89.64 -29.44 -49.93
N LEU K 64 88.53 -28.74 -50.06
CA LEU K 64 87.55 -28.70 -48.96
C LEU K 64 86.78 -30.03 -48.90
N PRO K 65 86.48 -30.51 -47.69
CA PRO K 65 85.92 -31.85 -47.50
C PRO K 65 84.63 -32.19 -48.22
N PHE K 66 83.88 -31.17 -48.59
CA PHE K 66 82.57 -31.37 -49.25
C PHE K 66 82.62 -31.17 -50.75
N TYR K 67 83.79 -30.82 -51.25
CA TYR K 67 83.88 -30.43 -52.66
C TYR K 67 83.72 -31.66 -53.55
N ASN K 68 83.01 -31.48 -54.64
CA ASN K 68 82.89 -32.50 -55.68
C ASN K 68 82.40 -31.82 -56.97
N PRO K 69 82.13 -32.57 -58.04
CA PRO K 69 81.79 -31.88 -59.30
C PRO K 69 80.47 -31.09 -59.27
N ALA K 70 79.56 -31.51 -58.41
CA ALA K 70 78.24 -30.81 -58.25
C ALA K 70 78.48 -29.41 -57.65
N VAL K 71 79.33 -29.39 -56.64
CA VAL K 71 79.74 -28.15 -55.99
C VAL K 71 80.45 -27.24 -56.98
N ALA K 72 81.27 -27.82 -57.82
CA ALA K 72 81.94 -27.05 -58.90
C ALA K 72 80.92 -26.43 -59.80
N GLU K 73 79.89 -27.20 -60.10
CA GLU K 73 78.83 -26.71 -60.99
C GLU K 73 78.03 -25.59 -60.29
N ALA K 74 77.84 -25.74 -58.98
CA ALA K 74 77.12 -24.70 -58.16
C ALA K 74 77.87 -23.39 -58.28
N ILE K 75 79.18 -23.49 -58.23
CA ILE K 75 80.07 -22.33 -58.38
C ILE K 75 79.87 -21.65 -59.75
N GLU K 76 79.68 -22.45 -60.79
CA GLU K 76 79.41 -21.89 -62.17
C GLU K 76 78.04 -21.27 -62.28
N ARG K 77 77.08 -21.86 -61.61
CA ARG K 77 75.66 -21.47 -61.77
C ARG K 77 75.19 -20.33 -60.85
N VAL K 78 75.86 -20.17 -59.72
CA VAL K 78 75.48 -19.17 -58.72
C VAL K 78 75.63 -17.77 -59.29
N LYS K 79 74.67 -16.94 -58.94
CA LYS K 79 74.64 -15.52 -59.35
C LYS K 79 75.27 -14.66 -58.26
N GLU K 80 75.91 -13.58 -58.67
CA GLU K 80 76.50 -12.61 -57.73
C GLU K 80 75.44 -12.11 -56.74
N GLY K 81 75.76 -12.18 -55.46
CA GLY K 81 74.79 -11.86 -54.40
C GLY K 81 73.72 -12.90 -54.13
N GLY K 82 73.81 -14.02 -54.83
CA GLY K 82 72.81 -15.10 -54.73
C GLY K 82 73.41 -16.38 -54.17
N THR K 83 72.53 -17.35 -53.96
CA THR K 83 72.94 -18.69 -53.52
C THR K 83 72.54 -19.75 -54.52
N TYR K 84 73.17 -20.91 -54.37
CA TYR K 84 72.88 -22.09 -55.21
C TYR K 84 73.25 -23.33 -54.43
N GLY K 85 72.29 -24.22 -54.33
CA GLY K 85 72.43 -25.43 -53.51
C GLY K 85 72.52 -26.70 -54.35
N VAL K 86 73.36 -27.61 -53.90
CA VAL K 86 73.46 -28.95 -54.51
C VAL K 86 73.56 -30.04 -53.44
N LEU K 87 73.00 -31.20 -53.78
CA LEU K 87 73.12 -32.39 -52.91
C LEU K 87 74.41 -33.13 -53.21
N VAL K 88 75.03 -33.60 -52.16
CA VAL K 88 76.17 -34.50 -52.26
C VAL K 88 75.89 -35.78 -51.48
N GLU K 89 75.81 -36.90 -52.21
CA GLU K 89 75.50 -38.23 -51.63
C GLU K 89 76.71 -38.82 -50.95
N GLY K 90 76.46 -39.42 -49.79
CA GLY K 90 77.46 -40.21 -49.05
C GLY K 90 78.67 -39.41 -48.62
N LEU K 91 78.40 -38.20 -48.13
CA LEU K 91 79.43 -37.37 -47.51
C LEU K 91 79.31 -37.59 -46.04
N ALA K 92 80.40 -37.96 -45.44
CA ALA K 92 80.39 -38.23 -44.01
C ALA K 92 79.89 -36.99 -43.29
N ASN K 93 78.92 -37.19 -42.40
CA ASN K 93 78.44 -36.10 -41.54
C ASN K 93 77.90 -36.58 -40.20
N ALA K 94 78.02 -35.75 -39.18
CA ALA K 94 77.68 -36.13 -37.79
C ALA K 94 76.21 -36.43 -37.56
N ALA K 95 75.35 -35.90 -38.42
CA ALA K 95 73.90 -36.19 -38.34
C ALA K 95 73.50 -37.47 -39.09
N GLY K 96 74.44 -38.08 -39.77
CA GLY K 96 74.15 -39.31 -40.52
C GLY K 96 73.13 -39.18 -41.63
N SER K 97 73.23 -38.10 -42.36
CA SER K 97 72.25 -37.72 -43.38
C SER K 97 72.71 -38.35 -44.70
N LYS K 98 71.80 -38.96 -45.44
CA LYS K 98 72.16 -39.68 -46.68
C LYS K 98 72.79 -38.70 -47.66
N PHE K 99 72.20 -37.51 -47.68
CA PHE K 99 72.70 -36.42 -48.49
C PHE K 99 73.10 -35.25 -47.63
N VAL K 100 74.16 -34.59 -48.06
CA VAL K 100 74.54 -33.30 -47.51
C VAL K 100 74.20 -32.23 -48.55
N ARG K 101 73.52 -31.17 -48.10
CA ARG K 101 73.20 -30.02 -48.97
C ARG K 101 74.31 -29.04 -48.80
N VAL K 102 74.90 -28.67 -49.92
CA VAL K 102 75.98 -27.66 -49.95
C VAL K 102 75.46 -26.43 -50.65
N VAL K 103 75.42 -25.31 -49.93
CA VAL K 103 74.90 -24.04 -50.46
C VAL K 103 76.05 -23.10 -50.70
N VAL K 104 76.23 -22.76 -51.95
CA VAL K 104 77.29 -21.83 -52.36
C VAL K 104 76.68 -20.43 -52.44
N GLY K 105 77.42 -19.45 -51.95
CA GLY K 105 77.03 -18.03 -52.07
C GLY K 105 78.16 -17.14 -52.55
N GLU K 106 77.86 -16.33 -53.54
CA GLU K 106 78.87 -15.45 -54.18
C GLU K 106 78.76 -14.01 -53.65
N VAL K 107 79.85 -13.57 -53.03
CA VAL K 107 79.99 -12.23 -52.51
C VAL K 107 80.55 -11.30 -53.60
N PRO K 108 79.95 -10.11 -53.80
CA PRO K 108 80.51 -9.20 -54.76
C PRO K 108 81.82 -8.64 -54.31
N THR K 109 82.65 -8.25 -55.27
CA THR K 109 83.89 -7.54 -54.95
C THR K 109 83.68 -6.02 -55.01
N LYS K 110 82.68 -5.57 -55.78
CA LYS K 110 82.32 -4.15 -55.88
C LYS K 110 82.12 -3.59 -54.46
N ALA K 111 82.80 -2.50 -54.18
CA ALA K 111 82.69 -1.82 -52.90
C ALA K 111 83.20 -0.40 -53.02
N SER K 112 82.34 0.57 -52.80
CA SER K 112 82.66 1.99 -52.94
C SER K 112 83.57 2.37 -51.80
N ARG K 113 84.18 3.54 -51.91
CA ARG K 113 85.12 4.05 -50.90
C ARG K 113 84.48 4.28 -49.52
N ASN K 114 83.16 4.31 -49.48
CA ASN K 114 82.45 4.45 -48.19
C ASN K 114 81.98 3.13 -47.58
N ASN K 115 82.44 2.04 -48.18
CA ASN K 115 81.99 0.70 -47.79
C ASN K 115 83.11 -0.20 -47.33
N CYS K 116 82.72 -1.31 -46.72
CA CYS K 116 83.67 -2.33 -46.25
C CYS K 116 83.99 -3.24 -47.42
N PRO K 117 85.28 -3.32 -47.82
CA PRO K 117 85.67 -4.09 -49.03
C PRO K 117 85.25 -5.58 -49.03
N ALA K 118 85.16 -6.14 -47.83
CA ALA K 118 84.73 -7.54 -47.68
C ALA K 118 83.24 -7.74 -47.86
N ARG K 119 82.51 -6.66 -48.01
CA ARG K 119 81.03 -6.71 -48.23
C ARG K 119 80.30 -7.69 -47.28
N PRO K 120 80.50 -7.52 -45.97
CA PRO K 120 79.83 -8.36 -45.01
C PRO K 120 78.32 -8.28 -45.07
N ASP K 121 77.81 -7.19 -45.63
CA ASP K 121 76.37 -7.04 -45.82
C ASP K 121 75.83 -8.21 -46.63
N VAL K 122 76.55 -8.57 -47.68
CA VAL K 122 76.12 -9.68 -48.54
C VAL K 122 76.39 -11.03 -47.87
N VAL K 123 77.51 -11.12 -47.18
CA VAL K 123 77.83 -12.34 -46.41
C VAL K 123 76.63 -12.69 -45.53
N THR K 124 76.15 -11.71 -44.79
CA THR K 124 75.00 -11.89 -43.89
C THR K 124 73.78 -12.43 -44.66
N ALA K 125 73.47 -11.77 -45.75
CA ALA K 125 72.31 -12.16 -46.58
C ALA K 125 72.45 -13.58 -47.15
N LEU K 126 73.64 -13.90 -47.62
CA LEU K 126 73.89 -15.25 -48.19
C LEU K 126 73.72 -16.36 -47.15
N VAL K 127 74.31 -16.16 -45.98
CA VAL K 127 74.23 -17.16 -44.93
C VAL K 127 72.75 -17.27 -44.42
N THR K 128 72.09 -16.14 -44.32
CA THR K 128 70.68 -16.11 -43.94
C THR K 128 69.86 -16.98 -44.89
N ALA K 129 70.05 -16.75 -46.17
CA ALA K 129 69.33 -17.52 -47.21
C ALA K 129 69.66 -19.03 -47.13
N ALA K 130 70.94 -19.33 -46.99
CA ALA K 130 71.40 -20.71 -46.90
C ALA K 130 70.81 -21.45 -45.70
N LEU K 131 70.73 -20.77 -44.57
CA LEU K 131 70.20 -21.37 -43.34
C LEU K 131 68.69 -21.68 -43.42
N ASP K 132 68.03 -21.10 -44.40
CA ASP K 132 66.63 -21.43 -44.66
C ASP K 132 66.47 -22.87 -45.17
N GLU K 133 67.56 -23.48 -45.60
CA GLU K 133 67.56 -24.88 -46.08
C GLU K 133 67.83 -25.88 -44.94
N VAL K 134 67.98 -25.40 -43.72
CA VAL K 134 68.15 -26.27 -42.54
C VAL K 134 66.89 -27.16 -42.43
N LYS K 135 67.11 -28.48 -42.32
CA LYS K 135 66.03 -29.49 -42.29
C LYS K 135 65.50 -29.75 -40.88
N GLU K 136 66.41 -29.84 -39.93
CA GLU K 136 66.06 -30.10 -38.53
C GLU K 136 66.64 -28.97 -37.70
N PRO K 137 65.92 -28.48 -36.71
CA PRO K 137 66.71 -27.61 -35.79
C PRO K 137 67.72 -28.33 -34.77
N ASN K 138 68.32 -27.48 -33.93
CA ASN K 138 69.38 -27.90 -32.93
C ASN K 138 70.62 -28.59 -33.58
N THR K 139 70.96 -28.19 -34.80
CA THR K 139 72.14 -28.72 -35.54
C THR K 139 73.24 -27.68 -35.62
N THR K 140 74.44 -28.14 -35.98
CA THR K 140 75.59 -27.27 -36.21
C THR K 140 75.86 -27.22 -37.69
N VAL K 141 75.88 -26.01 -38.23
CA VAL K 141 76.10 -25.78 -39.67
C VAL K 141 77.49 -25.22 -39.87
N ASP K 142 78.23 -25.88 -40.75
CA ASP K 142 79.59 -25.43 -41.08
C ASP K 142 79.46 -24.34 -42.13
N VAL K 143 79.99 -23.19 -41.80
CA VAL K 143 80.02 -22.06 -42.73
C VAL K 143 81.47 -21.78 -43.11
N PHE K 144 81.81 -22.21 -44.30
CA PHE K 144 83.17 -22.02 -44.82
C PHE K 144 83.21 -20.69 -45.53
N VAL K 145 84.03 -19.81 -45.00
CA VAL K 145 84.18 -18.47 -45.58
C VAL K 145 85.55 -18.39 -46.21
N LEU K 146 85.63 -17.82 -47.41
CA LEU K 146 86.90 -17.69 -48.14
C LEU K 146 87.64 -16.37 -47.87
N SER K 147 87.00 -15.47 -47.14
CA SER K 147 87.63 -14.21 -46.73
C SER K 147 88.35 -14.43 -45.43
N ASN K 148 89.44 -13.69 -45.26
CA ASN K 148 90.15 -13.64 -43.95
C ASN K 148 89.90 -12.34 -43.17
N ALA K 149 88.87 -11.61 -43.57
CA ALA K 149 88.48 -10.37 -42.89
C ALA K 149 87.67 -10.75 -41.66
N VAL K 150 88.38 -11.20 -40.64
CA VAL K 150 87.75 -11.97 -39.55
C VAL K 150 86.73 -11.20 -38.71
N LEU K 151 87.03 -9.96 -38.39
CA LEU K 151 86.12 -9.15 -37.55
C LEU K 151 84.78 -8.86 -38.27
N PRO K 152 84.84 -8.30 -39.50
CA PRO K 152 83.54 -8.01 -40.13
C PRO K 152 82.74 -9.25 -40.42
N ILE K 153 83.43 -10.33 -40.77
CA ILE K 153 82.73 -11.60 -41.03
C ILE K 153 82.10 -12.13 -39.74
N ALA K 154 82.82 -12.05 -38.64
CA ALA K 154 82.30 -12.51 -37.33
C ALA K 154 80.98 -11.83 -36.95
N ALA K 155 80.98 -10.50 -37.07
CA ALA K 155 79.77 -9.71 -36.84
C ALA K 155 78.67 -10.04 -37.87
N ALA K 156 79.07 -10.19 -39.12
CA ALA K 156 78.10 -10.49 -40.20
C ALA K 156 77.35 -11.78 -39.96
N VAL K 157 78.07 -12.77 -39.49
CA VAL K 157 77.48 -14.10 -39.25
C VAL K 157 76.69 -14.06 -37.98
N ALA K 158 77.20 -13.35 -37.01
CA ALA K 158 76.46 -13.14 -35.74
C ALA K 158 75.06 -12.58 -35.96
N ARG K 159 74.95 -11.68 -36.93
CA ARG K 159 73.65 -10.98 -37.17
C ARG K 159 72.77 -11.67 -38.18
N CYS K 160 73.25 -12.75 -38.73
CA CYS K 160 72.51 -13.45 -39.82
C CYS K 160 71.51 -14.46 -39.27
N GLY K 161 70.64 -14.90 -40.16
CA GLY K 161 69.73 -15.99 -39.87
C GLY K 161 68.64 -15.59 -38.90
N LYS K 162 68.00 -16.60 -38.34
CA LYS K 162 66.92 -16.40 -37.36
C LYS K 162 67.46 -15.82 -36.07
N HIS K 163 66.65 -14.97 -35.45
CA HIS K 163 67.14 -14.18 -34.31
C HIS K 163 66.96 -14.92 -33.00
N ASN K 164 67.90 -14.72 -32.10
CA ASN K 164 67.84 -15.37 -30.80
C ASN K 164 66.63 -14.94 -30.00
N PHE K 165 66.14 -13.73 -30.24
CA PHE K 165 64.85 -13.34 -29.69
C PHE K 165 63.71 -13.92 -30.50
N SER K 166 62.83 -14.62 -29.82
CA SER K 166 61.60 -15.15 -30.46
C SER K 166 60.46 -15.37 -29.47
N ALA K 167 59.25 -15.17 -29.97
CA ALA K 167 58.03 -15.50 -29.23
C ALA K 167 57.18 -16.56 -29.94
N LYS K 168 57.73 -17.13 -30.99
CA LYS K 168 57.01 -18.15 -31.79
C LYS K 168 56.97 -19.49 -31.09
N ASP K 169 55.88 -20.21 -31.32
CA ASP K 169 55.80 -21.67 -31.00
C ASP K 169 56.27 -22.00 -29.58
N GLY K 170 55.68 -21.33 -28.60
CA GLY K 170 55.94 -21.61 -27.18
C GLY K 170 57.16 -21.00 -26.59
N ALA K 171 57.95 -20.32 -27.39
CA ALA K 171 59.22 -19.72 -26.93
C ALA K 171 59.03 -18.74 -25.78
N ALA K 172 57.85 -18.15 -25.70
CA ALA K 172 57.50 -17.26 -24.57
C ALA K 172 57.63 -17.96 -23.21
N ALA K 173 57.38 -19.26 -23.22
CA ALA K 173 57.57 -20.08 -21.96
C ALA K 173 59.02 -20.40 -21.69
N ALA K 174 59.88 -20.15 -22.66
CA ALA K 174 61.34 -20.39 -22.54
C ALA K 174 62.14 -19.10 -22.52
N ALA K 175 61.56 -18.13 -21.84
CA ALA K 175 62.17 -16.79 -21.70
C ALA K 175 62.54 -16.13 -23.07
N TYR K 176 61.74 -16.45 -24.08
CA TYR K 176 61.88 -15.87 -25.44
C TYR K 176 63.24 -16.16 -26.08
N ASN K 177 63.83 -17.29 -25.68
CA ASN K 177 65.00 -17.86 -26.38
C ASN K 177 64.48 -18.68 -27.55
N SER K 178 64.86 -18.29 -28.74
CA SER K 178 64.38 -18.99 -29.96
C SER K 178 64.84 -20.43 -29.96
N GLY K 179 63.95 -21.31 -30.38
CA GLY K 179 64.32 -22.72 -30.66
C GLY K 179 64.68 -22.99 -32.11
N LYS K 180 64.65 -21.94 -32.93
CA LYS K 180 64.87 -22.02 -34.40
C LYS K 180 66.26 -21.62 -34.86
N VAL K 181 67.12 -21.31 -33.93
CA VAL K 181 68.47 -20.89 -34.25
C VAL K 181 69.40 -22.12 -34.42
N SER K 182 70.24 -22.10 -35.45
CA SER K 182 71.25 -23.13 -35.66
C SER K 182 72.57 -22.73 -35.04
N ARG K 183 73.29 -23.68 -34.46
CA ARG K 183 74.71 -23.44 -34.09
C ARG K 183 75.48 -23.25 -35.40
N LEU K 184 76.36 -22.27 -35.45
CA LEU K 184 77.13 -21.95 -36.67
C LEU K 184 78.61 -22.01 -36.43
N GLN K 185 79.29 -22.81 -37.23
CA GLN K 185 80.75 -22.94 -37.11
C GLN K 185 81.37 -22.31 -38.31
N VAL K 186 81.96 -21.16 -38.06
CA VAL K 186 82.59 -20.40 -39.12
C VAL K 186 84.01 -20.93 -39.31
N VAL K 187 84.32 -21.31 -40.54
CA VAL K 187 85.62 -21.89 -40.87
C VAL K 187 86.39 -20.97 -41.79
N PHE K 188 87.31 -20.23 -41.22
CA PHE K 188 88.18 -19.34 -42.03
C PHE K 188 89.23 -20.13 -42.78
N PRO K 189 89.80 -19.57 -43.85
CA PRO K 189 90.91 -20.27 -44.55
C PRO K 189 92.16 -20.45 -43.70
N GLU K 190 92.52 -19.40 -42.97
CA GLU K 190 93.71 -19.40 -42.10
C GLU K 190 93.29 -19.22 -40.65
N PRO K 191 94.15 -19.64 -39.70
CA PRO K 191 93.89 -19.30 -38.29
C PRO K 191 93.64 -17.80 -38.13
N PRO K 192 92.55 -17.43 -37.44
CA PRO K 192 92.16 -16.02 -37.51
C PRO K 192 93.15 -15.14 -36.76
N ALA K 193 93.44 -13.99 -37.34
CA ALA K 193 94.32 -13.00 -36.69
C ALA K 193 93.84 -12.60 -35.29
N ILE K 194 92.53 -12.60 -35.13
CA ILE K 194 91.92 -12.35 -33.82
C ILE K 194 91.51 -13.73 -33.28
N PRO K 195 91.87 -14.04 -32.03
CA PRO K 195 91.54 -15.37 -31.50
C PRO K 195 90.07 -15.72 -31.53
N PRO K 196 89.74 -17.00 -31.79
CA PRO K 196 88.34 -17.43 -31.81
C PRO K 196 87.49 -16.99 -30.61
N LYS K 197 88.03 -17.12 -29.40
CA LYS K 197 87.27 -16.75 -28.18
C LYS K 197 86.96 -15.21 -28.14
N ASP K 198 87.89 -14.43 -28.68
CA ASP K 198 87.68 -12.98 -28.86
C ASP K 198 86.59 -12.68 -29.91
N LEU K 199 86.60 -13.47 -30.99
CA LEU K 199 85.54 -13.36 -32.04
C LEU K 199 84.22 -13.75 -31.46
N GLU K 200 84.21 -14.75 -30.62
CA GLU K 200 82.96 -15.15 -29.93
C GLU K 200 82.39 -14.00 -29.10
N ALA K 201 83.28 -13.30 -28.41
CA ALA K 201 82.84 -12.20 -27.54
C ALA K 201 82.18 -11.08 -28.38
N VAL K 202 82.75 -10.80 -29.53
CA VAL K 202 82.20 -9.83 -30.47
C VAL K 202 80.84 -10.28 -30.97
N ALA K 203 80.78 -11.52 -31.40
CA ALA K 203 79.52 -12.07 -31.92
C ALA K 203 78.44 -12.06 -30.86
N THR K 204 78.85 -12.36 -29.64
CA THR K 204 77.94 -12.37 -28.50
C THR K 204 77.33 -10.99 -28.28
N SER K 205 78.16 -9.97 -28.37
CA SER K 205 77.72 -8.59 -28.18
C SER K 205 76.80 -8.11 -29.32
N THR K 206 77.12 -8.50 -30.55
CA THR K 206 76.22 -8.24 -31.69
C THR K 206 74.82 -8.81 -31.45
N GLN K 207 74.81 -10.03 -30.98
CA GLN K 207 73.55 -10.75 -30.76
C GLN K 207 72.78 -10.33 -29.53
N LEU K 208 73.50 -9.98 -28.49
CA LEU K 208 72.85 -9.43 -27.28
C LEU K 208 72.21 -8.09 -27.62
N CYS K 209 72.95 -7.28 -28.34
CA CYS K 209 72.43 -6.00 -28.86
C CYS K 209 71.16 -6.22 -29.71
N GLN K 210 71.23 -7.19 -30.61
CA GLN K 210 70.08 -7.61 -31.42
C GLN K 210 68.88 -8.02 -30.57
N ARG K 211 69.18 -8.82 -29.56
CA ARG K 211 68.13 -9.29 -28.61
C ARG K 211 67.40 -8.16 -27.89
N LEU K 212 68.18 -7.23 -27.35
CA LEU K 212 67.63 -6.08 -26.63
C LEU K 212 66.75 -5.21 -27.55
N VAL K 213 67.22 -5.02 -28.78
CA VAL K 213 66.53 -4.16 -29.74
C VAL K 213 65.24 -4.81 -30.24
N ASP K 214 65.36 -6.07 -30.59
CA ASP K 214 64.19 -6.90 -31.04
C ASP K 214 63.11 -6.99 -29.97
N ALA K 215 63.54 -7.04 -28.73
CA ALA K 215 62.60 -7.30 -27.60
C ALA K 215 61.54 -6.21 -27.57
N PRO K 216 60.25 -6.60 -27.46
CA PRO K 216 59.21 -5.61 -27.38
C PRO K 216 59.27 -4.86 -26.04
N PRO K 217 58.69 -3.67 -25.96
CA PRO K 217 58.82 -2.90 -24.76
C PRO K 217 58.09 -3.45 -23.54
N ASN K 218 57.15 -4.36 -23.76
CA ASN K 218 56.51 -5.06 -22.62
C ASN K 218 57.50 -5.99 -21.88
N LEU K 219 58.59 -6.32 -22.55
CA LEU K 219 59.70 -7.12 -21.95
C LEU K 219 60.94 -6.31 -21.59
N LEU K 220 61.38 -5.51 -22.54
CA LEU K 220 62.50 -4.60 -22.32
C LEU K 220 61.98 -3.21 -21.93
N THR K 221 61.96 -2.99 -20.64
CA THR K 221 61.50 -1.75 -20.02
C THR K 221 62.69 -1.00 -19.48
N THR K 222 62.44 0.20 -18.99
CA THR K 222 63.51 0.94 -18.32
C THR K 222 64.09 0.14 -17.16
N ALA K 223 63.20 -0.57 -16.48
CA ALA K 223 63.58 -1.36 -15.30
C ALA K 223 64.35 -2.62 -15.67
N THR K 224 63.85 -3.36 -16.66
CA THR K 224 64.51 -4.62 -17.02
C THR K 224 65.87 -4.35 -17.69
N PHE K 225 65.95 -3.28 -18.45
CA PHE K 225 67.24 -2.90 -19.07
C PHE K 225 68.26 -2.60 -17.94
N THR K 226 67.80 -1.88 -16.93
CA THR K 226 68.65 -1.56 -15.78
C THR K 226 69.11 -2.84 -15.05
N GLU K 227 68.17 -3.76 -14.87
CA GLU K 227 68.48 -5.01 -14.20
C GLU K 227 69.51 -5.81 -14.98
N ILE K 228 69.39 -5.77 -16.29
CA ILE K 228 70.29 -6.51 -17.15
C ILE K 228 71.69 -5.95 -16.97
N ALA K 229 71.79 -4.64 -16.96
CA ALA K 229 73.08 -3.99 -16.77
C ALA K 229 73.67 -4.38 -15.40
N GLN K 230 72.83 -4.38 -14.39
CA GLN K 230 73.25 -4.74 -13.01
C GLN K 230 73.75 -6.18 -12.93
N GLY K 231 73.03 -7.05 -13.63
CA GLY K 231 73.42 -8.47 -13.75
C GLY K 231 74.83 -8.62 -14.35
N TYR K 232 75.09 -7.93 -15.45
CA TYR K 232 76.42 -7.96 -16.08
C TYR K 232 77.48 -7.33 -15.17
N ALA K 233 77.12 -6.28 -14.47
CA ALA K 233 78.03 -5.67 -13.48
C ALA K 233 78.46 -6.66 -12.37
N LYS K 234 77.52 -7.40 -11.81
CA LYS K 234 77.86 -8.43 -10.77
C LYS K 234 78.80 -9.49 -11.40
N ALA K 235 78.42 -9.97 -12.59
CA ALA K 235 79.13 -11.07 -13.24
C ALA K 235 80.54 -10.70 -13.67
N LEU K 236 80.71 -9.53 -14.24
CA LEU K 236 82.01 -9.13 -14.82
C LEU K 236 82.84 -8.22 -13.93
N GLY K 237 82.25 -7.79 -12.85
CA GLY K 237 82.95 -6.95 -11.85
C GLY K 237 83.21 -5.51 -12.22
N PHE K 238 82.30 -4.90 -12.97
CA PHE K 238 82.43 -3.43 -13.22
C PHE K 238 81.44 -2.66 -12.35
N ASP K 239 81.64 -1.35 -12.25
CA ASP K 239 80.78 -0.49 -11.41
C ASP K 239 79.50 -0.05 -12.14
N VAL K 240 78.45 0.09 -11.37
CA VAL K 240 77.18 0.55 -11.88
C VAL K 240 76.61 1.62 -10.92
N ASP K 241 76.20 2.72 -11.51
CA ASP K 241 75.49 3.83 -10.81
C ASP K 241 74.13 4.06 -11.46
N VAL K 242 73.09 4.09 -10.66
CA VAL K 242 71.73 4.28 -11.13
C VAL K 242 71.09 5.48 -10.48
N ILE K 243 70.64 6.42 -11.31
CA ILE K 243 69.80 7.52 -10.81
C ILE K 243 68.41 7.30 -11.34
N CYS K 244 67.47 7.11 -10.43
CA CYS K 244 66.14 6.58 -10.77
C CYS K 244 64.99 7.53 -10.47
N GLY K 245 64.08 7.64 -11.44
CA GLY K 245 62.75 8.26 -11.24
C GLY K 245 62.78 9.67 -10.71
N ASP K 246 62.06 9.88 -9.61
CA ASP K 246 61.98 11.22 -9.01
C ASP K 246 63.36 11.77 -8.52
N ASP K 247 64.30 10.90 -8.23
CA ASP K 247 65.68 11.36 -7.88
C ASP K 247 66.32 12.14 -9.01
N LEU K 248 65.91 11.83 -10.25
CA LEU K 248 66.44 12.57 -11.42
C LEU K 248 66.01 14.03 -11.36
N CYS K 249 64.76 14.22 -11.01
CA CYS K 249 64.22 15.59 -10.78
C CYS K 249 64.94 16.30 -9.61
N GLU K 250 65.03 15.63 -8.46
CA GLU K 250 65.70 16.22 -7.24
C GLU K 250 67.15 16.61 -7.53
N ARG K 251 67.80 15.84 -8.37
CA ARG K 251 69.24 16.06 -8.71
C ARG K 251 69.50 16.89 -9.95
N GLY K 252 68.44 17.49 -10.48
CA GLY K 252 68.58 18.49 -11.57
C GLY K 252 68.62 17.94 -12.99
N TYR K 253 68.31 16.65 -13.14
CA TYR K 253 68.31 15.98 -14.46
C TYR K 253 66.93 16.15 -15.11
N GLY K 254 66.63 17.40 -15.37
CA GLY K 254 65.29 17.80 -15.86
C GLY K 254 64.90 17.24 -17.21
N GLY K 255 65.89 17.03 -18.05
CA GLY K 255 65.67 16.52 -19.40
C GLY K 255 65.14 15.09 -19.41
N ILE K 256 65.95 14.19 -18.87
CA ILE K 256 65.56 12.76 -18.83
C ILE K 256 64.36 12.54 -17.91
N TYR K 257 64.32 13.28 -16.82
CA TYR K 257 63.16 13.21 -15.92
C TYR K 257 61.86 13.60 -16.67
N SER K 258 61.88 14.74 -17.34
CA SER K 258 60.67 15.27 -17.99
C SER K 258 60.17 14.35 -19.12
N VAL K 259 61.10 13.84 -19.88
CA VAL K 259 60.77 12.92 -20.98
C VAL K 259 60.14 11.65 -20.46
N GLY K 260 60.73 11.10 -19.40
CA GLY K 260 60.34 9.78 -18.91
C GLY K 260 59.20 9.69 -17.91
N LYS K 261 58.82 10.83 -17.36
CA LYS K 261 57.98 10.83 -16.09
C LYS K 261 56.53 10.36 -16.29
N ALA K 262 56.05 10.42 -17.51
CA ALA K 262 54.66 10.03 -17.81
C ALA K 262 54.48 8.54 -17.79
N ALA K 263 55.60 7.82 -17.97
CA ALA K 263 55.56 6.37 -18.20
C ALA K 263 55.23 5.60 -16.93
N PHE K 264 54.78 4.39 -17.15
CA PHE K 264 54.51 3.45 -16.08
C PHE K 264 55.79 3.11 -15.31
N GLU K 265 56.86 2.80 -16.03
CA GLU K 265 58.17 2.52 -15.43
C GLU K 265 59.00 3.78 -15.42
N ALA K 266 59.68 4.01 -14.31
CA ALA K 266 60.42 5.27 -14.11
C ALA K 266 61.65 5.38 -15.03
N PRO K 267 62.02 6.60 -15.42
CA PRO K 267 63.26 6.74 -16.14
C PRO K 267 64.47 6.52 -15.25
N ARG K 268 65.58 6.16 -15.88
CA ARG K 268 66.83 5.93 -15.19
C ARG K 268 67.98 6.43 -15.99
N LEU K 269 68.88 7.07 -15.29
CA LEU K 269 70.22 7.35 -15.82
C LEU K 269 71.21 6.33 -15.21
N VAL K 270 71.67 5.42 -16.05
CA VAL K 270 72.50 4.29 -15.63
C VAL K 270 73.91 4.47 -16.17
N THR K 271 74.87 4.62 -15.26
CA THR K 271 76.27 4.80 -15.65
C THR K 271 77.16 3.60 -15.19
N LEU K 272 77.89 3.05 -16.16
CA LEU K 272 78.75 1.89 -15.95
C LEU K 272 80.17 2.35 -16.11
N LEU K 273 81.06 1.83 -15.27
CA LEU K 273 82.48 2.19 -15.30
C LEU K 273 83.40 1.00 -15.45
N TYR K 274 84.37 1.15 -16.32
CA TYR K 274 85.40 0.17 -16.53
C TYR K 274 86.73 0.86 -16.63
N THR K 275 87.64 0.47 -15.76
CA THR K 275 89.02 1.01 -15.77
C THR K 275 89.97 -0.18 -15.92
N PRO K 276 90.76 -0.20 -16.98
CA PRO K 276 91.65 -1.32 -17.20
C PRO K 276 92.81 -1.33 -16.21
N LYS K 277 93.45 -2.49 -16.09
CA LYS K 277 94.62 -2.66 -15.18
C LYS K 277 95.79 -1.72 -15.53
N GLY K 278 96.08 -1.49 -16.79
CA GLY K 278 97.23 -0.60 -17.10
C GLY K 278 96.90 0.89 -17.11
N THR K 279 97.85 1.68 -17.59
CA THR K 279 97.60 3.07 -18.03
C THR K 279 96.71 3.00 -19.30
N PRO K 280 95.51 3.62 -19.28
CA PRO K 280 94.63 3.50 -20.44
C PRO K 280 95.14 4.30 -21.59
N VAL K 281 94.91 3.82 -22.78
CA VAL K 281 95.34 4.54 -24.00
C VAL K 281 94.52 5.82 -24.20
N LYS K 282 93.33 5.82 -23.60
CA LYS K 282 92.33 6.89 -23.76
C LYS K 282 91.25 6.77 -22.72
N LYS K 283 90.66 7.90 -22.39
CA LYS K 283 89.45 7.92 -21.56
C LYS K 283 88.26 8.28 -22.46
N VAL K 284 87.32 7.37 -22.55
CA VAL K 284 86.17 7.51 -23.44
C VAL K 284 84.87 7.36 -22.66
N SER K 285 83.99 8.35 -22.84
CA SER K 285 82.63 8.28 -22.27
C SER K 285 81.60 8.01 -23.35
N LEU K 286 80.85 6.95 -23.15
CA LEU K 286 79.79 6.52 -24.06
C LEU K 286 78.47 6.94 -23.49
N VAL K 287 77.60 7.42 -24.37
CA VAL K 287 76.25 7.84 -23.96
C VAL K 287 75.27 7.31 -24.97
N GLY K 288 74.27 6.60 -24.50
CA GLY K 288 73.31 5.96 -25.38
C GLY K 288 71.86 6.36 -25.14
N LYS K 289 71.14 6.62 -26.25
CA LYS K 289 69.69 6.90 -26.21
C LYS K 289 68.99 5.60 -25.94
N GLY K 290 68.42 5.49 -24.75
CA GLY K 290 67.70 4.32 -24.33
C GLY K 290 66.22 4.49 -24.20
N ILE K 291 65.61 4.95 -25.27
CA ILE K 291 64.15 5.13 -25.30
C ILE K 291 63.53 3.78 -25.62
N VAL K 292 63.06 3.11 -24.57
CA VAL K 292 62.53 1.75 -24.66
C VAL K 292 61.30 1.68 -25.57
N TYR K 293 60.54 2.76 -25.58
CA TYR K 293 59.50 2.99 -26.57
C TYR K 293 59.23 4.48 -26.72
N ASP K 294 59.11 4.90 -28.00
CA ASP K 294 58.89 6.31 -28.39
C ASP K 294 57.49 6.40 -29.01
N CYS K 295 56.48 6.65 -28.18
CA CYS K 295 55.11 6.88 -28.72
C CYS K 295 54.96 8.31 -29.31
N GLY K 296 55.96 9.15 -29.04
CA GLY K 296 55.94 10.57 -29.41
C GLY K 296 55.62 11.52 -28.28
N GLY K 297 55.09 10.94 -27.21
CA GLY K 297 54.51 11.74 -26.11
C GLY K 297 53.23 12.42 -26.58
N LEU K 298 52.97 13.60 -26.04
CA LEU K 298 51.79 14.39 -26.42
C LEU K 298 51.76 14.68 -27.95
N ALA K 299 52.96 14.81 -28.54
CA ALA K 299 53.16 14.87 -30.00
C ALA K 299 53.12 13.44 -30.55
N LEU K 300 51.94 12.86 -30.44
CA LEU K 300 51.73 11.44 -30.70
C LEU K 300 52.03 11.02 -32.15
N LYS K 301 52.78 9.95 -32.29
CA LYS K 301 53.08 9.39 -33.63
C LYS K 301 51.86 8.67 -34.18
N PRO K 302 51.65 8.75 -35.50
CA PRO K 302 50.69 7.84 -36.15
C PRO K 302 51.21 6.41 -36.03
N ALA K 303 50.28 5.47 -36.09
CA ALA K 303 50.59 4.05 -35.76
C ALA K 303 51.68 3.42 -36.64
N ASP K 304 51.68 3.78 -37.92
CA ASP K 304 52.68 3.26 -38.90
C ASP K 304 54.10 3.74 -38.60
N TYR K 305 54.23 4.96 -38.09
CA TYR K 305 55.54 5.45 -37.59
C TYR K 305 55.88 4.92 -36.20
N MET K 306 54.87 4.71 -35.38
CA MET K 306 55.08 4.25 -33.97
C MET K 306 55.53 2.80 -33.90
N LYS K 307 55.10 2.01 -34.88
CA LYS K 307 55.56 0.61 -35.03
C LYS K 307 57.09 0.65 -35.18
N LEU K 308 57.73 -0.28 -34.53
CA LEU K 308 59.21 -0.35 -34.53
C LEU K 308 59.97 0.68 -33.67
N MET K 309 59.24 1.47 -32.91
CA MET K 309 59.87 2.38 -31.91
C MET K 309 60.35 1.65 -30.64
N LYS K 310 60.09 0.35 -30.57
CA LYS K 310 60.85 -0.52 -29.62
C LYS K 310 62.35 -0.53 -29.93
N HIS K 311 62.68 -0.21 -31.17
CA HIS K 311 64.08 -0.04 -31.62
C HIS K 311 64.76 1.25 -31.14
N ASP K 312 64.00 2.09 -30.45
CA ASP K 312 64.48 3.43 -30.08
C ASP K 312 65.51 3.43 -28.94
N MET K 313 65.79 2.24 -28.43
CA MET K 313 66.86 2.05 -27.44
C MET K 313 68.12 1.43 -28.11
N GLY K 314 68.13 1.42 -29.43
CA GLY K 314 69.22 0.82 -30.19
C GLY K 314 70.60 1.42 -29.89
N GLY K 315 70.62 2.70 -29.60
CA GLY K 315 71.86 3.38 -29.28
C GLY K 315 72.37 2.98 -27.90
N ALA K 316 71.46 2.84 -26.96
CA ALA K 316 71.81 2.38 -25.58
C ALA K 316 72.32 0.94 -25.61
N ALA K 317 71.66 0.13 -26.39
CA ALA K 317 72.10 -1.27 -26.59
C ALA K 317 73.50 -1.31 -27.19
N ALA K 318 73.73 -0.44 -28.16
CA ALA K 318 75.01 -0.41 -28.89
C ALA K 318 76.16 -0.09 -27.96
N VAL K 319 76.00 1.00 -27.22
CA VAL K 319 77.04 1.41 -26.26
C VAL K 319 77.19 0.37 -25.11
N PHE K 320 76.08 -0.17 -24.67
CA PHE K 320 76.09 -1.16 -23.61
C PHE K 320 76.90 -2.36 -24.01
N CYS K 321 76.61 -2.88 -25.18
CA CYS K 321 77.26 -4.10 -25.67
C CYS K 321 78.72 -3.86 -26.12
N GLY K 322 79.00 -2.69 -26.66
CA GLY K 322 80.39 -2.28 -26.96
C GLY K 322 81.22 -2.23 -25.66
N PHE K 323 80.60 -1.69 -24.64
CA PHE K 323 81.19 -1.65 -23.30
C PHE K 323 81.46 -3.06 -22.76
N LEU K 324 80.49 -3.95 -22.92
CA LEU K 324 80.67 -5.36 -22.49
C LEU K 324 81.86 -6.01 -23.18
N THR K 325 81.97 -5.78 -24.47
CA THR K 325 83.04 -6.38 -25.24
C THR K 325 84.38 -5.88 -24.72
N ALA K 326 84.46 -4.59 -24.47
CA ALA K 326 85.68 -3.99 -23.94
C ALA K 326 86.07 -4.62 -22.60
N VAL K 327 85.09 -4.86 -21.75
CA VAL K 327 85.35 -5.49 -20.45
C VAL K 327 85.78 -6.95 -20.65
N ARG K 328 85.03 -7.67 -21.45
CA ARG K 328 85.32 -9.10 -21.66
C ARG K 328 86.67 -9.34 -22.31
N LEU K 329 87.04 -8.51 -23.26
CA LEU K 329 88.36 -8.59 -23.93
C LEU K 329 89.46 -7.77 -23.26
N GLN K 330 89.10 -7.10 -22.17
CA GLN K 330 90.06 -6.26 -21.42
C GLN K 330 90.80 -5.30 -22.30
N GLN K 331 90.05 -4.59 -23.13
CA GLN K 331 90.65 -3.58 -24.01
C GLN K 331 91.17 -2.47 -23.14
N PRO K 332 92.29 -1.83 -23.55
CA PRO K 332 92.97 -0.89 -22.67
C PRO K 332 92.44 0.54 -22.79
N VAL K 333 91.12 0.64 -22.68
CA VAL K 333 90.43 1.93 -22.71
C VAL K 333 89.67 2.12 -21.42
N GLN K 334 89.81 3.27 -20.82
CA GLN K 334 88.99 3.58 -19.66
C GLN K 334 87.64 4.08 -20.18
N LEU K 335 86.58 3.47 -19.70
CA LEU K 335 85.24 3.71 -20.23
C LEU K 335 84.25 4.07 -19.17
N SER K 336 83.43 5.07 -19.48
CA SER K 336 82.09 5.19 -18.85
C SER K 336 81.07 4.86 -19.94
N CYS K 337 79.98 4.30 -19.51
CA CYS K 337 78.86 4.02 -20.38
C CYS K 337 77.59 4.46 -19.67
N THR K 338 77.01 5.54 -20.18
CA THR K 338 75.78 6.10 -19.60
C THR K 338 74.57 5.76 -20.49
N LEU K 339 73.65 5.02 -19.90
CA LEU K 339 72.42 4.67 -20.58
C LEU K 339 71.33 5.66 -20.16
N CYS K 340 70.78 6.35 -21.15
CA CYS K 340 69.68 7.31 -20.91
C CYS K 340 68.33 6.60 -21.12
N LEU K 341 67.82 6.02 -20.05
CA LEU K 341 66.65 5.15 -20.12
C LEU K 341 65.37 5.85 -19.77
N ALA K 342 64.45 5.79 -20.70
CA ALA K 342 63.09 6.32 -20.50
C ALA K 342 62.14 5.72 -21.50
N GLU K 343 60.89 5.64 -21.13
CA GLU K 343 59.82 5.47 -22.11
C GLU K 343 59.19 6.85 -22.34
N ASN K 344 59.08 7.23 -23.61
CA ASN K 344 58.36 8.46 -24.02
C ASN K 344 56.86 8.12 -24.17
N ALA K 345 56.16 8.33 -23.08
CA ALA K 345 54.78 7.88 -22.91
C ALA K 345 53.79 9.05 -22.97
N ILE K 346 52.53 8.69 -23.09
CA ILE K 346 51.47 9.67 -23.19
C ILE K 346 50.51 9.43 -22.04
N GLY K 347 50.19 10.53 -21.37
CA GLY K 347 49.28 10.50 -20.22
C GLY K 347 49.23 11.83 -19.48
N PRO K 348 48.58 11.86 -18.32
CA PRO K 348 48.42 13.08 -17.55
C PRO K 348 49.72 13.72 -17.10
N LYS K 349 50.74 12.92 -16.91
CA LYS K 349 52.06 13.45 -16.47
C LYS K 349 53.02 13.77 -17.61
N SER K 350 52.54 13.65 -18.83
CA SER K 350 53.34 13.95 -20.01
C SER K 350 53.96 15.34 -19.96
N TYR K 351 55.24 15.43 -20.24
CA TYR K 351 55.83 16.70 -20.52
C TYR K 351 55.17 17.25 -21.80
N ARG K 352 55.04 18.56 -21.86
CA ARG K 352 54.19 19.19 -22.85
C ARG K 352 54.92 19.93 -23.93
N ASN K 353 54.22 20.08 -25.02
CA ASN K 353 54.62 21.01 -26.09
C ASN K 353 54.32 22.44 -25.64
N ASP K 354 55.33 23.06 -25.04
CA ASP K 354 55.27 24.39 -24.31
C ASP K 354 56.04 24.39 -22.99
N ASP K 355 56.20 23.21 -22.40
CA ASP K 355 56.89 23.09 -21.13
C ASP K 355 58.35 23.58 -21.32
N ILE K 356 58.89 24.13 -20.24
CA ILE K 356 60.31 24.57 -20.21
C ILE K 356 61.06 23.72 -19.20
N ILE K 357 62.08 23.08 -19.70
CA ILE K 357 62.89 22.16 -18.93
C ILE K 357 64.16 22.85 -18.44
N VAL K 358 64.50 22.61 -17.20
CA VAL K 358 65.84 22.95 -16.69
C VAL K 358 66.74 21.73 -16.77
N MET K 359 67.63 21.76 -17.73
CA MET K 359 68.53 20.63 -17.99
C MET K 359 69.57 20.55 -16.85
N LYS K 360 70.20 19.40 -16.72
CA LYS K 360 71.31 19.24 -15.78
C LYS K 360 72.43 20.22 -16.07
N SER K 361 72.63 20.55 -17.32
CA SER K 361 73.63 21.54 -17.72
C SER K 361 73.38 22.95 -17.15
N GLY K 362 72.17 23.19 -16.66
CA GLY K 362 71.71 24.53 -16.22
C GLY K 362 71.02 25.35 -17.31
N LYS K 363 71.14 24.88 -18.54
CA LYS K 363 70.47 25.52 -19.65
C LYS K 363 69.00 25.11 -19.71
N THR K 364 68.16 26.05 -20.12
CA THR K 364 66.72 25.81 -20.22
C THR K 364 66.32 25.53 -21.66
N VAL K 365 65.38 24.61 -21.79
CA VAL K 365 64.92 24.09 -23.08
C VAL K 365 63.42 24.20 -23.17
N GLU K 366 62.99 24.95 -24.16
CA GLU K 366 61.57 25.08 -24.44
C GLU K 366 61.18 23.92 -25.34
N VAL K 367 60.21 23.14 -24.91
CA VAL K 367 59.79 21.96 -25.67
C VAL K 367 58.78 22.36 -26.70
N ILE K 368 59.22 22.35 -27.93
CA ILE K 368 58.36 22.65 -29.09
C ILE K 368 57.59 21.40 -29.48
N ASN K 369 58.27 20.28 -29.39
CA ASN K 369 57.74 19.00 -29.80
C ASN K 369 58.30 17.87 -28.93
N THR K 370 57.40 17.16 -28.27
CA THR K 370 57.75 16.12 -27.33
C THR K 370 58.32 14.89 -27.97
N ASP K 371 58.12 14.78 -29.27
CA ASP K 371 58.65 13.65 -30.04
C ASP K 371 60.13 13.79 -30.46
N ALA K 372 60.66 14.96 -30.20
CA ALA K 372 62.12 15.21 -30.21
C ALA K 372 62.68 15.07 -28.77
N GLU K 373 62.48 13.87 -28.25
CA GLU K 373 62.82 13.50 -26.86
C GLU K 373 64.27 13.04 -26.69
N GLY K 374 64.80 12.42 -27.72
CA GLY K 374 66.11 11.82 -27.69
C GLY K 374 67.23 12.79 -27.42
N ARG K 375 67.19 13.93 -28.09
CA ARG K 375 68.20 14.94 -27.92
C ARG K 375 68.20 15.50 -26.50
N ILE K 376 67.03 15.52 -25.89
CA ILE K 376 66.87 16.05 -24.54
C ILE K 376 67.50 15.11 -23.52
N VAL K 377 67.14 13.86 -23.67
CA VAL K 377 67.62 12.78 -22.82
C VAL K 377 69.19 12.68 -22.94
N LEU K 378 69.67 12.81 -24.16
CA LEU K 378 71.10 12.77 -24.43
C LEU K 378 71.84 13.99 -23.87
N GLY K 379 71.15 15.11 -23.87
CA GLY K 379 71.72 16.35 -23.31
C GLY K 379 72.11 16.14 -21.85
N ASP K 380 71.20 15.53 -21.12
CA ASP K 380 71.47 15.18 -19.70
C ASP K 380 72.59 14.10 -19.59
N GLY K 381 72.56 13.14 -20.50
CA GLY K 381 73.58 12.09 -20.60
C GLY K 381 75.00 12.59 -20.82
N VAL K 382 75.16 13.45 -21.81
CA VAL K 382 76.50 13.98 -22.13
C VAL K 382 77.02 14.96 -21.07
N PHE K 383 76.11 15.71 -20.46
CA PHE K 383 76.54 16.60 -19.37
C PHE K 383 76.99 15.75 -18.20
N HIS K 384 76.23 14.73 -17.90
CA HIS K 384 76.59 13.82 -16.82
C HIS K 384 77.99 13.27 -17.04
N ALA K 385 78.23 12.81 -18.26
CA ALA K 385 79.51 12.15 -18.59
C ALA K 385 80.66 13.13 -18.51
N THR K 386 80.41 14.36 -18.94
CA THR K 386 81.49 15.35 -19.05
C THR K 386 81.67 16.19 -17.80
N ASN K 387 80.74 16.07 -16.87
CA ASN K 387 80.80 16.90 -15.65
C ASN K 387 80.79 16.17 -14.32
N GLU K 388 80.15 15.02 -14.28
CA GLU K 388 79.79 14.41 -12.99
C GLU K 388 80.55 13.15 -12.64
N LEU K 389 81.48 12.76 -13.49
CA LEU K 389 82.21 11.51 -13.26
C LEU K 389 83.52 11.82 -12.54
N SER K 390 84.19 10.77 -12.09
CA SER K 390 85.48 10.91 -11.37
C SER K 390 86.62 11.24 -12.28
N PHE K 391 86.38 11.15 -13.58
CA PHE K 391 87.36 11.59 -14.58
C PHE K 391 86.65 12.45 -15.61
N THR K 392 87.44 13.14 -16.41
CA THR K 392 86.96 13.89 -17.57
C THR K 392 87.40 13.18 -18.85
N PRO K 393 86.45 12.87 -19.76
CA PRO K 393 86.84 12.03 -20.89
C PRO K 393 87.56 12.80 -21.92
N ASP K 394 88.39 12.09 -22.66
CA ASP K 394 89.09 12.66 -23.82
C ASP K 394 88.14 12.71 -25.01
N VAL K 395 87.25 11.74 -25.04
CA VAL K 395 86.34 11.54 -26.16
C VAL K 395 85.00 11.20 -25.62
N VAL K 396 83.99 11.85 -26.17
CA VAL K 396 82.57 11.49 -25.88
C VAL K 396 81.94 10.97 -27.14
N ILE K 397 81.34 9.80 -27.02
CA ILE K 397 80.61 9.19 -28.11
C ILE K 397 79.19 9.02 -27.63
N ASP K 398 78.27 9.65 -28.34
CA ASP K 398 76.87 9.35 -28.11
C ASP K 398 76.33 8.59 -29.32
N MET K 399 75.49 7.63 -29.04
CA MET K 399 74.84 6.80 -30.07
C MET K 399 73.33 6.81 -29.84
N ALA K 400 72.59 7.05 -30.91
CA ALA K 400 71.14 7.30 -30.80
C ALA K 400 70.39 7.08 -32.10
N THR K 401 69.23 6.49 -31.96
CA THR K 401 68.30 6.32 -33.06
C THR K 401 67.51 7.63 -33.14
N LEU K 402 68.17 8.66 -33.64
CA LEU K 402 67.75 10.02 -33.32
C LEU K 402 66.77 10.70 -34.28
N THR K 403 67.00 10.56 -35.58
CA THR K 403 66.22 11.31 -36.57
C THR K 403 65.83 10.47 -37.76
N GLY K 404 64.64 10.74 -38.25
CA GLY K 404 64.20 10.23 -39.57
C GLY K 404 65.05 10.83 -40.69
N ALA K 405 65.48 12.07 -40.50
CA ALA K 405 66.43 12.72 -41.40
C ALA K 405 67.69 11.87 -41.69
N GLN K 406 68.12 11.10 -40.70
CA GLN K 406 69.32 10.23 -40.87
C GLN K 406 69.18 9.26 -42.04
N GLY K 407 68.02 8.63 -42.13
CA GLY K 407 67.71 7.71 -43.24
C GLY K 407 67.72 8.43 -44.59
N ILE K 408 67.09 9.59 -44.60
CA ILE K 408 67.06 10.43 -45.82
C ILE K 408 68.49 10.85 -46.26
N ALA K 409 69.32 11.16 -45.28
CA ALA K 409 70.65 11.74 -45.53
C ALA K 409 71.70 10.70 -45.88
N THR K 410 71.89 9.76 -44.98
CA THR K 410 72.92 8.70 -45.10
C THR K 410 72.44 7.25 -45.30
N GLY K 411 71.15 7.04 -45.19
CA GLY K 411 70.53 5.77 -45.63
C GLY K 411 70.51 4.69 -44.60
N ARG K 412 70.15 3.52 -45.06
CA ARG K 412 69.85 2.41 -44.14
C ARG K 412 71.04 1.69 -43.59
N HIS K 413 72.16 1.84 -44.25
CA HIS K 413 73.39 1.06 -43.91
C HIS K 413 74.50 1.88 -43.32
N HIS K 414 74.35 3.19 -43.37
CA HIS K 414 75.38 4.11 -42.87
C HIS K 414 74.87 5.03 -41.82
N ALA K 415 75.40 4.88 -40.63
CA ALA K 415 75.06 5.77 -39.51
C ALA K 415 75.65 7.13 -39.78
N GLY K 416 74.91 8.17 -39.43
CA GLY K 416 75.35 9.54 -39.62
C GLY K 416 76.27 10.00 -38.50
N LEU K 417 77.39 10.60 -38.85
CA LEU K 417 78.35 11.17 -37.89
C LEU K 417 78.40 12.70 -37.89
N TYR K 418 78.13 13.24 -36.72
CA TYR K 418 78.27 14.66 -36.46
C TYR K 418 79.39 14.80 -35.44
N VAL K 419 80.50 15.38 -35.87
CA VAL K 419 81.76 15.31 -35.11
C VAL K 419 82.46 16.64 -35.08
N ASN K 420 82.86 17.04 -33.89
CA ASN K 420 83.54 18.36 -33.75
C ASN K 420 85.02 18.43 -34.19
N GLU K 421 85.62 17.30 -34.51
CA GLU K 421 87.04 17.22 -34.93
C GLU K 421 87.20 16.31 -36.09
N GLU K 422 87.92 16.75 -37.08
CA GLU K 422 88.16 15.95 -38.31
C GLU K 422 88.83 14.56 -38.01
N GLY K 423 89.79 14.58 -37.08
CA GLY K 423 90.57 13.37 -36.71
C GLY K 423 89.74 12.23 -36.13
N ALA K 424 88.90 12.58 -35.18
CA ALA K 424 87.97 11.64 -34.55
C ALA K 424 86.95 11.11 -35.55
N GLU K 425 86.50 11.99 -36.41
CA GLU K 425 85.56 11.60 -37.47
C GLU K 425 86.18 10.54 -38.39
N ALA K 426 87.38 10.83 -38.86
CA ALA K 426 88.12 9.93 -39.78
C ALA K 426 88.39 8.56 -39.15
N ALA K 427 88.69 8.59 -37.86
CA ALA K 427 88.94 7.37 -37.10
C ALA K 427 87.67 6.52 -36.96
N MET K 428 86.55 7.15 -36.66
CA MET K 428 85.26 6.41 -36.59
C MET K 428 84.84 5.87 -37.96
N LEU K 429 85.06 6.67 -39.00
CA LEU K 429 84.76 6.20 -40.39
C LEU K 429 85.57 4.96 -40.74
N ARG K 430 86.85 5.01 -40.38
CA ARG K 430 87.73 3.87 -40.64
C ARG K 430 87.27 2.65 -39.89
N ALA K 431 86.88 2.86 -38.65
CA ALA K 431 86.34 1.77 -37.82
C ALA K 431 85.08 1.17 -38.44
N GLY K 432 84.28 2.00 -39.04
CA GLY K 432 83.06 1.54 -39.75
C GLY K 432 83.36 0.69 -40.96
N ARG K 433 84.34 1.12 -41.73
CA ARG K 433 84.80 0.37 -42.92
C ARG K 433 85.44 -0.98 -42.57
N GLU K 434 86.20 -1.00 -41.49
CA GLU K 434 86.90 -2.22 -41.02
C GLU K 434 85.93 -3.20 -40.39
N SER K 435 85.07 -2.68 -39.53
CA SER K 435 84.06 -3.50 -38.80
C SER K 435 82.91 -3.97 -39.68
N GLY K 436 82.68 -3.27 -40.78
CA GLY K 436 81.47 -3.48 -41.61
C GLY K 436 80.26 -2.64 -41.18
N GLU K 437 80.33 -2.08 -39.98
CA GLU K 437 79.26 -1.26 -39.39
C GLU K 437 79.50 0.20 -39.81
N THR K 438 79.19 0.43 -41.07
CA THR K 438 79.61 1.61 -41.82
C THR K 438 78.88 2.88 -41.38
N CYS K 439 79.61 3.96 -41.50
CA CYS K 439 79.17 5.32 -41.16
C CYS K 439 79.46 6.29 -42.29
N PHE K 440 78.87 7.46 -42.18
CA PHE K 440 79.09 8.54 -43.14
C PHE K 440 78.86 9.89 -42.43
N PRO K 441 79.72 10.88 -42.70
CA PRO K 441 79.51 12.14 -42.03
C PRO K 441 78.31 12.94 -42.49
N VAL K 442 77.76 13.66 -41.55
CA VAL K 442 76.83 14.76 -41.87
C VAL K 442 77.48 16.10 -41.54
N LEU K 443 76.91 17.15 -42.14
CA LEU K 443 77.44 18.53 -42.01
C LEU K 443 77.68 18.91 -40.55
N TYR K 444 78.92 19.30 -40.25
CA TYR K 444 79.27 19.98 -38.99
C TYR K 444 79.47 21.46 -39.28
N CYS K 445 78.55 22.26 -38.79
CA CYS K 445 78.54 23.71 -39.01
C CYS K 445 77.68 24.42 -37.95
N PRO K 446 78.15 24.43 -36.69
CA PRO K 446 77.41 24.97 -35.54
C PRO K 446 76.92 26.40 -35.69
N GLU K 447 77.69 27.21 -36.37
CA GLU K 447 77.28 28.58 -36.66
C GLU K 447 75.95 28.65 -37.45
N TYR K 448 75.67 27.64 -38.26
CA TYR K 448 74.39 27.58 -39.02
C TYR K 448 73.27 26.81 -38.31
N HIS K 449 73.64 25.96 -37.37
CA HIS K 449 72.64 25.14 -36.62
C HIS K 449 72.06 25.92 -35.49
N GLU K 450 72.93 26.63 -34.82
CA GLU K 450 72.58 27.43 -33.62
C GLU K 450 71.32 28.33 -33.74
N PRO K 451 71.21 29.16 -34.79
CA PRO K 451 70.01 30.00 -34.91
C PRO K 451 68.66 29.28 -35.01
N GLU K 452 68.69 28.02 -35.42
CA GLU K 452 67.45 27.23 -35.56
C GLU K 452 66.78 26.95 -34.23
N PHE K 453 67.53 27.13 -33.14
CA PHE K 453 67.04 26.79 -31.81
C PHE K 453 66.76 28.01 -30.93
N LYS K 454 66.59 29.18 -31.56
CA LYS K 454 66.21 30.43 -30.84
C LYS K 454 64.83 30.27 -30.16
N SER K 455 64.76 30.70 -28.91
CA SER K 455 63.54 30.65 -28.10
C SER K 455 63.25 32.02 -27.53
N ASN K 456 61.99 32.37 -27.45
CA ASN K 456 61.60 33.63 -26.81
C ASN K 456 61.93 33.67 -25.30
N HIS K 457 61.76 32.54 -24.64
CA HIS K 457 61.75 32.51 -23.16
C HIS K 457 62.77 31.62 -22.50
N ALA K 458 63.27 30.66 -23.24
CA ALA K 458 64.27 29.70 -22.72
C ALA K 458 65.57 29.91 -23.45
N ASP K 459 66.62 29.27 -22.96
CA ASP K 459 67.93 29.39 -23.65
C ASP K 459 67.84 28.86 -25.06
N MET K 460 67.05 27.83 -25.24
CA MET K 460 66.88 27.20 -26.53
C MET K 460 65.59 26.42 -26.61
N THR K 461 65.20 26.11 -27.83
CA THR K 461 64.14 25.14 -28.09
C THR K 461 64.76 23.75 -28.28
N ASN K 462 63.92 22.74 -28.37
CA ASN K 462 64.38 21.40 -28.74
C ASN K 462 64.13 21.02 -30.18
N LEU K 463 63.70 21.97 -30.98
CA LEU K 463 63.37 21.70 -32.35
C LEU K 463 63.65 22.87 -33.22
N MET K 464 64.19 22.57 -34.36
CA MET K 464 64.51 23.57 -35.38
C MET K 464 63.27 24.33 -35.86
N GLU K 465 63.40 25.63 -35.98
CA GLU K 465 62.37 26.49 -36.64
C GLU K 465 62.12 26.01 -38.08
N ARG K 466 63.21 25.70 -38.79
CA ARG K 466 63.13 25.16 -40.16
C ARG K 466 63.71 23.74 -40.20
N ARG K 467 62.87 22.78 -40.54
CA ARG K 467 63.23 21.33 -40.48
C ARG K 467 64.02 20.87 -41.73
N ASP K 468 64.05 21.74 -42.72
CA ASP K 468 64.81 21.50 -43.95
C ASP K 468 66.19 22.19 -44.01
N ASN K 469 66.84 22.22 -42.86
CA ASN K 469 68.17 22.88 -42.69
C ASN K 469 69.19 22.01 -41.91
N ALA K 470 69.48 20.86 -42.50
CA ALA K 470 70.45 19.88 -41.96
C ALA K 470 69.95 19.34 -40.62
N GLY K 471 68.94 18.53 -40.73
CA GLY K 471 68.25 17.97 -39.57
C GLY K 471 69.05 16.98 -38.73
N VAL K 472 69.86 16.18 -39.38
CA VAL K 472 70.72 15.22 -38.61
C VAL K 472 71.73 16.02 -37.79
N SER K 473 72.28 17.00 -38.45
CA SER K 473 73.29 17.89 -37.87
C SER K 473 72.73 18.72 -36.69
N CYS K 474 71.57 19.30 -36.91
CA CYS K 474 70.93 20.17 -35.90
C CYS K 474 70.62 19.40 -34.61
N ALA K 475 70.19 18.17 -34.76
CA ALA K 475 69.92 17.33 -33.56
C ALA K 475 71.22 17.07 -32.78
N GLY K 476 72.28 16.82 -33.53
CA GLY K 476 73.61 16.70 -32.94
C GLY K 476 74.04 17.99 -32.23
N TYR K 477 73.87 19.11 -32.91
CA TYR K 477 74.19 20.40 -32.34
C TYR K 477 73.53 20.60 -30.98
N PHE K 478 72.25 20.31 -30.91
CA PHE K 478 71.49 20.45 -29.66
C PHE K 478 72.21 19.77 -28.52
N ILE K 479 72.62 18.53 -28.79
CA ILE K 479 73.31 17.72 -27.79
C ILE K 479 74.58 18.40 -27.31
N THR K 480 75.32 18.96 -28.23
CA THR K 480 76.61 19.63 -27.91
C THR K 480 76.46 20.82 -26.95
N THR K 481 75.32 21.50 -27.02
CA THR K 481 75.08 22.65 -26.14
C THR K 481 75.06 22.27 -24.65
N HIS K 482 74.90 20.99 -24.38
CA HIS K 482 74.85 20.49 -23.02
C HIS K 482 76.13 19.75 -22.54
N LEU K 483 77.16 19.82 -23.37
CA LEU K 483 78.51 19.37 -22.95
C LEU K 483 79.02 20.32 -21.87
N SER K 484 79.63 19.75 -20.85
CA SER K 484 80.26 20.56 -19.79
C SER K 484 81.38 21.44 -20.34
N PRO K 485 81.53 22.67 -19.81
CA PRO K 485 82.70 23.50 -20.15
C PRO K 485 84.04 22.89 -19.75
N LYS K 486 84.02 22.00 -18.76
CA LYS K 486 85.19 21.20 -18.38
C LYS K 486 85.72 20.28 -19.50
N PHE K 487 84.88 19.98 -20.47
CA PHE K 487 85.25 19.09 -21.57
C PHE K 487 85.75 19.87 -22.76
N THR K 488 86.91 19.46 -23.26
CA THR K 488 87.57 20.12 -24.41
C THR K 488 88.04 19.13 -25.45
N GLY K 489 87.51 17.93 -25.38
CA GLY K 489 87.92 16.85 -26.27
C GLY K 489 87.07 16.66 -27.51
N ALA K 490 87.17 15.47 -28.07
CA ALA K 490 86.45 15.11 -29.32
C ALA K 490 85.06 14.56 -28.99
N HIS K 491 84.09 15.03 -29.72
CA HIS K 491 82.71 14.59 -29.54
C HIS K 491 82.21 13.97 -30.82
N ILE K 492 81.85 12.70 -30.74
CA ILE K 492 81.32 11.98 -31.87
C ILE K 492 79.86 11.64 -31.62
N HIS K 493 79.00 12.25 -32.39
CA HIS K 493 77.57 11.92 -32.35
C HIS K 493 77.23 10.96 -33.48
N VAL K 494 76.70 9.81 -33.11
CA VAL K 494 76.32 8.75 -34.06
C VAL K 494 74.79 8.62 -34.12
N ASP K 495 74.23 8.98 -35.27
CA ASP K 495 72.79 8.87 -35.51
C ASP K 495 72.59 7.55 -36.28
N LEU K 496 72.06 6.56 -35.59
CA LEU K 496 71.92 5.22 -36.17
C LEU K 496 70.45 4.76 -36.20
N ALA K 497 69.59 5.72 -36.45
CA ALA K 497 68.12 5.46 -36.54
C ALA K 497 67.77 4.23 -37.40
N TYR K 498 68.33 4.18 -38.60
CA TYR K 498 68.03 3.08 -39.54
C TYR K 498 68.97 1.86 -39.53
N PRO K 499 70.27 2.06 -39.35
CA PRO K 499 71.15 0.92 -39.40
C PRO K 499 70.96 -0.12 -38.33
N VAL K 500 70.25 0.24 -37.27
CA VAL K 500 69.94 -0.72 -36.17
C VAL K 500 68.88 -1.77 -36.50
N PHE K 501 68.25 -1.66 -37.66
CA PHE K 501 67.25 -2.64 -38.05
C PHE K 501 67.17 -2.84 -39.58
N ASN K 502 66.60 -3.97 -39.94
CA ASN K 502 66.21 -4.20 -41.33
C ASN K 502 64.88 -4.92 -41.31
N SER K 503 64.46 -5.46 -42.44
CA SER K 503 63.10 -6.02 -42.53
C SER K 503 62.95 -7.33 -41.72
N ASN K 504 64.07 -7.90 -41.31
CA ASN K 504 64.06 -9.06 -40.38
C ASN K 504 64.13 -8.70 -38.90
N GLY K 505 64.26 -7.42 -38.59
CA GLY K 505 64.38 -6.96 -37.20
C GLY K 505 65.73 -6.33 -36.94
N ALA K 506 66.18 -6.42 -35.71
CA ALA K 506 67.40 -5.74 -35.27
C ALA K 506 68.61 -6.33 -35.98
N THR K 507 69.60 -5.47 -36.22
CA THR K 507 70.88 -5.86 -36.85
C THR K 507 72.04 -6.04 -35.87
N GLY K 508 71.88 -5.51 -34.64
CA GLY K 508 72.99 -5.50 -33.68
C GLY K 508 74.12 -4.55 -34.07
N PHE K 509 73.77 -3.55 -34.87
CA PHE K 509 74.71 -2.53 -35.34
C PHE K 509 75.13 -1.66 -34.16
N GLY K 510 76.43 -1.42 -34.07
CA GLY K 510 77.02 -0.48 -33.14
C GLY K 510 78.17 -1.01 -32.30
N PRO K 511 77.96 -2.15 -31.64
CA PRO K 511 79.01 -2.65 -30.74
C PRO K 511 80.35 -2.95 -31.42
N ALA K 512 80.31 -3.61 -32.56
CA ALA K 512 81.52 -3.98 -33.28
C ALA K 512 82.22 -2.73 -33.78
N LEU K 513 81.44 -1.75 -34.18
CA LEU K 513 81.99 -0.44 -34.59
C LEU K 513 82.86 0.13 -33.48
N LEU K 514 82.29 0.14 -32.29
CA LEU K 514 83.00 0.65 -31.09
C LEU K 514 84.23 -0.17 -30.75
N THR K 515 84.08 -1.47 -30.80
CA THR K 515 85.23 -2.38 -30.55
C THR K 515 86.40 -2.04 -31.48
N GLU K 516 86.11 -1.91 -32.76
CA GLU K 516 87.12 -1.60 -33.75
C GLU K 516 87.70 -0.20 -33.53
N TYR K 517 86.84 0.74 -33.17
CA TYR K 517 87.30 2.12 -32.87
C TYR K 517 88.29 2.10 -31.69
N PHE K 518 87.91 1.42 -30.64
CA PHE K 518 88.75 1.30 -29.42
C PHE K 518 90.10 0.67 -29.76
N ARG K 519 90.07 -0.32 -30.64
CA ARG K 519 91.27 -1.04 -31.07
C ARG K 519 92.35 -0.14 -31.61
N LYS K 520 91.97 0.88 -32.38
CA LYS K 520 92.92 1.74 -33.09
C LYS K 520 93.22 3.04 -32.35
N LEU K 521 92.75 3.19 -31.13
CA LEU K 521 92.98 4.46 -30.40
C LEU K 521 94.43 4.82 -30.10
N THR L 3 38.55 5.49 -6.27
CA THR L 3 37.11 5.92 -6.07
C THR L 3 36.58 6.81 -7.22
N LEU L 4 35.33 6.58 -7.52
CA LEU L 4 34.51 7.53 -8.24
C LEU L 4 33.91 8.51 -7.28
N PRO L 5 33.63 9.74 -7.73
CA PRO L 5 32.80 10.61 -6.91
C PRO L 5 31.44 9.96 -6.58
N LYS L 6 30.95 10.22 -5.38
CA LYS L 6 29.65 9.61 -4.88
C LYS L 6 28.53 9.89 -5.87
N ALA L 7 28.42 11.12 -6.36
CA ALA L 7 27.30 11.48 -7.27
C ALA L 7 27.35 10.64 -8.54
N GLU L 8 28.56 10.37 -9.01
CA GLU L 8 28.73 9.58 -10.25
C GLU L 8 28.35 8.14 -9.99
N ALA L 9 28.83 7.62 -8.88
CA ALA L 9 28.46 6.22 -8.47
C ALA L 9 26.95 6.01 -8.32
N LYS L 10 26.26 7.00 -7.73
CA LYS L 10 24.78 6.94 -7.59
C LYS L 10 24.14 6.88 -8.97
N GLU L 11 24.63 7.73 -9.87
CA GLU L 11 24.13 7.78 -11.25
C GLU L 11 24.32 6.47 -11.99
N LEU L 12 25.48 5.89 -11.83
CA LEU L 12 25.77 4.59 -12.45
C LEU L 12 24.85 3.48 -11.91
N SER L 13 24.64 3.43 -10.60
CA SER L 13 23.69 2.44 -9.99
C SER L 13 22.30 2.58 -10.54
N ALA L 14 21.84 3.82 -10.62
CA ALA L 14 20.52 4.08 -11.14
C ALA L 14 20.40 3.63 -12.59
N PHE L 15 21.46 3.84 -13.34
CA PHE L 15 21.47 3.48 -14.78
C PHE L 15 21.45 1.97 -14.93
N VAL L 16 22.24 1.30 -14.10
CA VAL L 16 22.24 -0.17 -14.05
C VAL L 16 20.82 -0.67 -13.85
N GLN L 17 20.19 -0.13 -12.82
CA GLN L 17 18.83 -0.52 -12.46
C GLN L 17 17.85 -0.28 -13.63
N SER L 18 18.00 0.84 -14.30
CA SER L 18 17.15 1.17 -15.48
C SER L 18 17.26 0.14 -16.56
N CYS L 19 18.44 -0.42 -16.70
CA CYS L 19 18.66 -1.47 -17.74
C CYS L 19 18.14 -2.83 -17.28
N VAL L 20 18.43 -3.15 -16.02
CA VAL L 20 18.01 -4.48 -15.47
C VAL L 20 16.47 -4.60 -15.47
N GLU L 21 15.81 -3.48 -15.22
CA GLU L 21 14.34 -3.43 -15.06
C GLU L 21 13.62 -2.94 -16.31
N TYR L 22 14.39 -2.80 -17.39
CA TYR L 22 13.80 -2.28 -18.64
C TYR L 22 12.59 -3.11 -19.06
N LYS L 23 11.51 -2.41 -19.34
CA LYS L 23 10.27 -2.98 -19.90
C LYS L 23 9.94 -2.26 -21.21
N THR L 24 9.44 -3.00 -22.21
CA THR L 24 9.14 -2.41 -23.51
C THR L 24 7.89 -1.59 -23.49
N ASN L 25 7.82 -0.68 -24.43
CA ASN L 25 6.63 0.21 -24.62
C ASN L 25 5.67 -0.33 -25.65
N VAL L 26 5.99 -1.48 -26.21
CA VAL L 26 5.20 -2.07 -27.29
C VAL L 26 4.38 -3.25 -26.82
N CYS L 27 3.13 -3.27 -27.23
CA CYS L 27 2.29 -4.48 -27.05
C CYS L 27 1.69 -4.86 -28.38
N PHE L 28 1.15 -6.07 -28.43
CA PHE L 28 0.67 -6.63 -29.70
C PHE L 28 -0.73 -7.22 -29.53
N THR L 29 -1.56 -6.97 -30.53
CA THR L 29 -2.87 -7.58 -30.58
C THR L 29 -3.26 -7.76 -32.05
N ASP L 30 -4.54 -8.05 -32.28
CA ASP L 30 -5.06 -8.23 -33.66
C ASP L 30 -6.40 -7.54 -33.79
N VAL L 31 -6.85 -7.35 -35.02
CA VAL L 31 -8.00 -6.47 -35.29
C VAL L 31 -9.27 -6.91 -34.53
N ALA L 32 -9.54 -8.22 -34.58
CA ALA L 32 -10.78 -8.78 -33.95
C ALA L 32 -10.66 -8.63 -32.43
N ALA L 33 -9.50 -8.93 -31.87
CA ALA L 33 -9.33 -8.79 -30.40
C ALA L 33 -9.48 -7.34 -30.00
N TYR L 34 -9.00 -6.47 -30.87
CA TYR L 34 -9.05 -5.00 -30.63
C TYR L 34 -10.48 -4.48 -30.65
N GLU L 35 -11.22 -4.86 -31.68
CA GLU L 35 -12.71 -4.58 -31.79
C GLU L 35 -13.43 -5.04 -30.50
N SER L 36 -13.08 -6.23 -30.08
CA SER L 36 -13.68 -6.84 -28.88
C SER L 36 -13.32 -6.07 -27.60
N ASN L 37 -12.07 -5.67 -27.46
CA ASN L 37 -11.61 -5.04 -26.18
C ASN L 37 -11.83 -3.53 -26.11
N GLN L 38 -11.86 -2.89 -27.25
CA GLN L 38 -11.93 -1.41 -27.30
C GLN L 38 -13.17 -0.90 -27.96
N LYS L 39 -13.90 -1.79 -28.62
CA LYS L 39 -15.30 -1.51 -29.09
C LYS L 39 -15.32 -0.23 -29.96
N GLY L 40 -14.29 -0.08 -30.82
CA GLY L 40 -14.20 1.07 -31.75
C GLY L 40 -13.68 2.38 -31.14
N VAL L 41 -13.24 2.34 -29.90
CA VAL L 41 -12.66 3.53 -29.25
C VAL L 41 -11.14 3.46 -29.43
N LEU L 42 -10.61 4.42 -30.18
CA LEU L 42 -9.12 4.53 -30.35
C LEU L 42 -8.42 4.82 -29.02
N SER L 43 -7.20 4.30 -28.92
CA SER L 43 -6.40 4.43 -27.68
C SER L 43 -6.03 5.88 -27.41
N SER L 44 -5.93 6.66 -28.48
CA SER L 44 -5.52 8.10 -28.36
C SER L 44 -5.90 8.85 -29.62
N GLY L 45 -5.47 10.10 -29.66
CA GLY L 45 -5.72 11.00 -30.82
C GLY L 45 -4.88 10.78 -32.06
N LEU L 46 -4.11 9.69 -32.05
CA LEU L 46 -3.27 9.35 -33.19
C LEU L 46 -3.43 7.90 -33.49
N ALA L 47 -3.61 7.62 -34.77
CA ALA L 47 -3.60 6.25 -35.24
C ALA L 47 -2.75 6.16 -36.48
N VAL L 48 -2.08 5.03 -36.59
CA VAL L 48 -1.17 4.79 -37.72
C VAL L 48 -1.62 3.57 -38.49
N LEU L 49 -1.62 3.69 -39.80
CA LEU L 49 -1.97 2.58 -40.68
C LEU L 49 -0.83 2.36 -41.68
N VAL L 50 -0.25 1.18 -41.65
CA VAL L 50 0.87 0.87 -42.50
C VAL L 50 0.72 -0.41 -43.27
N GLY L 51 0.95 -0.32 -44.57
CA GLY L 51 0.92 -1.51 -45.42
C GLY L 51 1.35 -1.20 -46.83
N THR L 52 1.41 -2.24 -47.64
CA THR L 52 1.75 -2.09 -49.07
C THR L 52 0.62 -1.40 -49.82
N HIS L 53 0.92 -0.95 -51.02
CA HIS L 53 -0.07 -0.28 -51.94
C HIS L 53 -1.34 -1.15 -52.07
N LYS L 54 -1.12 -2.44 -52.27
CA LYS L 54 -2.17 -3.37 -52.44
C LYS L 54 -2.89 -3.64 -51.12
N GLN L 55 -2.14 -3.89 -50.06
CA GLN L 55 -2.78 -4.19 -48.74
C GLN L 55 -3.68 -3.05 -48.30
N LEU L 56 -3.23 -1.84 -48.54
CA LEU L 56 -4.01 -0.61 -48.18
C LEU L 56 -5.37 -0.52 -48.91
N ARG L 57 -5.46 -1.20 -50.03
CA ARG L 57 -6.69 -1.20 -50.89
C ARG L 57 -7.57 -2.44 -50.72
N ASP L 58 -7.14 -3.33 -49.84
CA ASP L 58 -7.96 -4.50 -49.48
C ASP L 58 -9.27 -3.99 -48.85
N PRO L 59 -10.41 -4.62 -49.22
CA PRO L 59 -11.70 -4.25 -48.63
C PRO L 59 -11.74 -4.27 -47.09
N ALA L 60 -10.98 -5.17 -46.48
CA ALA L 60 -10.92 -5.27 -45.00
C ALA L 60 -10.53 -3.96 -44.29
N VAL L 61 -9.74 -3.16 -45.00
CA VAL L 61 -9.24 -1.85 -44.48
C VAL L 61 -10.39 -0.88 -44.21
N GLN L 62 -11.38 -0.90 -45.11
CA GLN L 62 -12.67 -0.11 -44.92
C GLN L 62 -13.38 -0.42 -43.59
N ARG L 63 -13.19 -1.62 -43.06
CA ARG L 63 -13.89 -2.06 -41.84
C ARG L 63 -13.11 -1.61 -40.56
N LEU L 64 -11.97 -0.91 -40.74
CA LEU L 64 -11.17 -0.47 -39.56
C LEU L 64 -11.84 0.72 -38.91
N PRO L 65 -11.76 0.85 -37.59
CA PRO L 65 -12.61 1.78 -36.83
C PRO L 65 -12.42 3.22 -37.14
N PHE L 66 -11.28 3.56 -37.73
CA PHE L 66 -10.94 4.98 -38.03
C PHE L 66 -11.14 5.31 -39.50
N TYR L 67 -11.54 4.32 -40.29
CA TYR L 67 -11.63 4.53 -41.74
C TYR L 67 -12.78 5.46 -42.08
N ASN L 68 -12.53 6.36 -43.00
CA ASN L 68 -13.57 7.24 -43.55
C ASN L 68 -13.07 7.78 -44.88
N PRO L 69 -13.81 8.69 -45.53
CA PRO L 69 -13.38 9.09 -46.89
C PRO L 69 -12.04 9.87 -46.94
N ALA L 70 -11.71 10.51 -45.84
CA ALA L 70 -10.45 11.24 -45.75
C ALA L 70 -9.30 10.27 -45.77
N VAL L 71 -9.47 9.21 -45.00
CA VAL L 71 -8.45 8.14 -44.91
C VAL L 71 -8.29 7.49 -46.25
N ALA L 72 -9.41 7.32 -46.93
CA ALA L 72 -9.36 6.76 -48.33
C ALA L 72 -8.52 7.67 -49.24
N GLU L 73 -8.71 8.97 -49.06
CA GLU L 73 -7.98 9.98 -49.87
C GLU L 73 -6.48 9.99 -49.48
N ALA L 74 -6.20 9.81 -48.19
CA ALA L 74 -4.81 9.63 -47.73
C ALA L 74 -4.14 8.47 -48.46
N ILE L 75 -4.87 7.40 -48.62
CA ILE L 75 -4.36 6.18 -49.27
C ILE L 75 -4.04 6.48 -50.77
N GLU L 76 -4.86 7.34 -51.39
CA GLU L 76 -4.57 7.78 -52.78
C GLU L 76 -3.37 8.71 -52.89
N ARG L 77 -3.22 9.58 -51.90
CA ARG L 77 -2.23 10.66 -51.95
C ARG L 77 -0.84 10.28 -51.41
N VAL L 78 -0.77 9.27 -50.57
CA VAL L 78 0.51 8.84 -49.96
C VAL L 78 1.47 8.31 -51.02
N LYS L 79 2.75 8.61 -50.83
CA LYS L 79 3.83 8.15 -51.74
C LYS L 79 4.46 6.91 -51.17
N GLU L 80 4.91 6.05 -52.06
CA GLU L 80 5.64 4.83 -51.65
C GLU L 80 6.83 5.21 -50.75
N GLY L 81 6.93 4.56 -49.61
CA GLY L 81 7.95 4.89 -48.59
C GLY L 81 7.69 6.15 -47.80
N GLY L 82 6.57 6.79 -48.04
CA GLY L 82 6.20 8.05 -47.38
C GLY L 82 4.94 7.90 -46.49
N THR L 83 4.60 9.01 -45.83
CA THR L 83 3.41 9.07 -44.99
C THR L 83 2.51 10.19 -45.42
N TYR L 84 1.25 10.09 -44.98
CA TYR L 84 0.20 11.11 -45.27
C TYR L 84 -0.84 11.08 -44.20
N GLY L 85 -1.05 12.24 -43.59
CA GLY L 85 -1.91 12.37 -42.41
C GLY L 85 -3.20 13.13 -42.73
N VAL L 86 -4.30 12.64 -42.15
CA VAL L 86 -5.62 13.33 -42.22
C VAL L 86 -6.32 13.35 -40.87
N LEU L 87 -7.05 14.44 -40.64
CA LEU L 87 -7.86 14.58 -39.42
C LEU L 87 -9.20 13.92 -39.63
N VAL L 88 -9.66 13.25 -38.58
CA VAL L 88 -11.03 12.68 -38.55
C VAL L 88 -11.72 13.23 -37.32
N GLU L 89 -12.73 14.06 -37.56
CA GLU L 89 -13.54 14.67 -36.48
C GLU L 89 -14.51 13.68 -35.83
N GLY L 90 -14.60 13.78 -34.50
CA GLY L 90 -15.58 13.01 -33.69
C GLY L 90 -15.42 11.50 -33.76
N LEU L 91 -14.18 11.06 -33.78
CA LEU L 91 -13.88 9.64 -33.73
C LEU L 91 -13.66 9.38 -32.25
N ALA L 92 -14.39 8.43 -31.73
CA ALA L 92 -14.24 8.07 -30.34
C ALA L 92 -12.79 7.72 -30.07
N ASN L 93 -12.27 8.31 -28.99
CA ASN L 93 -10.91 7.95 -28.54
C ASN L 93 -10.69 8.21 -27.06
N ALA L 94 -9.83 7.40 -26.45
CA ALA L 94 -9.66 7.38 -24.99
C ALA L 94 -9.07 8.68 -24.42
N ALA L 95 -8.39 9.47 -25.26
CA ALA L 95 -7.85 10.77 -24.84
C ALA L 95 -8.86 11.91 -24.99
N GLY L 96 -10.01 11.61 -25.54
CA GLY L 96 -11.09 12.64 -25.67
C GLY L 96 -10.69 13.81 -26.56
N SER L 97 -10.05 13.49 -27.66
CA SER L 97 -9.50 14.48 -28.59
C SER L 97 -10.57 14.81 -29.61
N LYS L 98 -10.78 16.08 -29.91
CA LYS L 98 -11.86 16.51 -30.84
C LYS L 98 -11.61 15.88 -32.21
N PHE L 99 -10.33 15.85 -32.56
CA PHE L 99 -9.92 15.18 -33.80
C PHE L 99 -8.98 14.05 -33.48
N VAL L 100 -9.04 13.04 -34.32
CA VAL L 100 -8.04 12.01 -34.38
C VAL L 100 -7.25 12.19 -35.69
N ARG L 101 -5.92 12.16 -35.56
CA ARG L 101 -5.05 12.20 -36.72
C ARG L 101 -4.76 10.78 -37.11
N VAL L 102 -5.00 10.49 -38.36
CA VAL L 102 -4.69 9.16 -38.91
C VAL L 102 -3.57 9.31 -39.93
N VAL L 103 -2.46 8.61 -39.68
CA VAL L 103 -1.30 8.68 -40.55
C VAL L 103 -1.19 7.38 -41.29
N VAL L 104 -1.30 7.49 -42.60
CA VAL L 104 -1.11 6.35 -43.51
C VAL L 104 0.34 6.30 -44.03
N GLY L 105 0.91 5.10 -44.06
CA GLY L 105 2.25 4.88 -44.59
C GLY L 105 2.29 3.69 -45.54
N GLU L 106 2.88 3.91 -46.73
CA GLU L 106 2.96 2.89 -47.79
C GLU L 106 4.32 2.19 -47.82
N VAL L 107 4.28 0.89 -47.61
CA VAL L 107 5.46 0.04 -47.61
C VAL L 107 5.69 -0.48 -49.02
N PRO L 108 6.93 -0.38 -49.53
CA PRO L 108 7.16 -0.95 -50.84
C PRO L 108 7.06 -2.45 -50.85
N THR L 109 6.80 -2.97 -52.02
CA THR L 109 6.73 -4.41 -52.23
C THR L 109 8.09 -4.93 -52.83
N LYS L 110 8.81 -4.05 -53.53
CA LYS L 110 10.19 -4.31 -54.03
C LYS L 110 11.08 -4.83 -52.89
N ALA L 111 11.70 -5.96 -53.14
CA ALA L 111 12.63 -6.58 -52.17
C ALA L 111 13.51 -7.57 -52.88
N SER L 112 14.81 -7.33 -52.88
CA SER L 112 15.80 -8.18 -53.58
C SER L 112 15.95 -9.48 -52.85
N ARG L 113 16.60 -10.44 -53.47
CA ARG L 113 16.75 -11.77 -52.88
C ARG L 113 17.57 -11.76 -51.61
N ASN L 114 18.27 -10.66 -51.35
CA ASN L 114 19.07 -10.56 -50.09
C ASN L 114 18.39 -9.77 -49.01
N ASN L 115 17.14 -9.44 -49.26
CA ASN L 115 16.38 -8.62 -48.29
C ASN L 115 15.18 -9.41 -47.69
N CYS L 116 14.58 -8.80 -46.67
CA CYS L 116 13.34 -9.31 -46.05
C CYS L 116 12.14 -8.82 -46.84
N PRO L 117 11.29 -9.74 -47.38
CA PRO L 117 10.17 -9.35 -48.31
C PRO L 117 9.19 -8.40 -47.70
N ALA L 118 9.05 -8.45 -46.38
CA ALA L 118 8.12 -7.53 -45.65
C ALA L 118 8.65 -6.12 -45.52
N ARG L 119 9.90 -5.91 -45.91
CA ARG L 119 10.55 -4.58 -45.84
C ARG L 119 10.31 -3.87 -44.50
N PRO L 120 10.67 -4.54 -43.40
CA PRO L 120 10.56 -3.92 -42.09
C PRO L 120 11.38 -2.65 -41.92
N ASP L 121 12.41 -2.49 -42.74
CA ASP L 121 13.19 -1.25 -42.74
C ASP L 121 12.30 -0.06 -42.97
N VAL L 122 11.40 -0.18 -43.90
CA VAL L 122 10.49 0.96 -44.24
C VAL L 122 9.41 1.06 -43.16
N VAL L 123 8.97 -0.08 -42.66
CA VAL L 123 7.93 -0.07 -41.60
C VAL L 123 8.46 0.81 -40.45
N THR L 124 9.69 0.56 -40.05
CA THR L 124 10.32 1.35 -38.95
C THR L 124 10.26 2.82 -39.30
N ALA L 125 10.65 3.15 -40.51
CA ALA L 125 10.76 4.57 -40.91
C ALA L 125 9.42 5.24 -40.92
N LEU L 126 8.45 4.54 -41.47
CA LEU L 126 7.06 5.09 -41.53
C LEU L 126 6.48 5.37 -40.16
N VAL L 127 6.64 4.43 -39.27
CA VAL L 127 6.08 4.62 -37.90
C VAL L 127 6.84 5.72 -37.16
N THR L 128 8.14 5.76 -37.38
CA THR L 128 8.98 6.82 -36.78
C THR L 128 8.47 8.17 -37.20
N ALA L 129 8.22 8.31 -38.49
CA ALA L 129 7.71 9.58 -39.02
C ALA L 129 6.35 9.92 -38.43
N ALA L 130 5.49 8.92 -38.42
CA ALA L 130 4.10 9.10 -37.92
C ALA L 130 4.10 9.54 -36.46
N LEU L 131 4.99 8.95 -35.68
CA LEU L 131 5.03 9.26 -34.22
C LEU L 131 5.50 10.68 -33.93
N ASP L 132 6.07 11.33 -34.94
CA ASP L 132 6.45 12.73 -34.81
C ASP L 132 5.22 13.62 -34.70
N GLU L 133 4.05 13.09 -35.03
CA GLU L 133 2.77 13.86 -34.93
C GLU L 133 2.07 13.70 -33.58
N VAL L 134 2.68 12.97 -32.67
CA VAL L 134 2.14 12.82 -31.32
C VAL L 134 2.04 14.20 -30.71
N LYS L 135 0.86 14.51 -30.18
CA LYS L 135 0.55 15.84 -29.58
C LYS L 135 0.95 15.90 -28.08
N GLU L 136 0.70 14.83 -27.34
CA GLU L 136 0.90 14.79 -25.87
C GLU L 136 1.68 13.54 -25.49
N PRO L 137 2.23 13.51 -24.25
CA PRO L 137 3.03 12.34 -23.89
C PRO L 137 2.21 11.36 -23.07
N ASN L 138 2.83 10.22 -22.79
CA ASN L 138 2.20 9.13 -22.01
C ASN L 138 0.90 8.66 -22.63
N THR L 139 0.85 8.68 -23.95
CA THR L 139 -0.31 8.17 -24.69
C THR L 139 0.02 6.82 -25.30
N THR L 140 -1.02 6.13 -25.70
CA THR L 140 -0.91 4.86 -26.44
C THR L 140 -1.34 5.11 -27.86
N VAL L 141 -0.49 4.72 -28.79
CA VAL L 141 -0.76 4.91 -30.21
C VAL L 141 -1.03 3.57 -30.87
N ASP L 142 -2.15 3.52 -31.57
CA ASP L 142 -2.53 2.30 -32.24
C ASP L 142 -1.83 2.27 -33.56
N VAL L 143 -1.09 1.21 -33.77
CA VAL L 143 -0.38 1.02 -35.02
C VAL L 143 -0.96 -0.21 -35.74
N PHE L 144 -1.74 0.08 -36.76
CA PHE L 144 -2.39 -0.96 -37.52
C PHE L 144 -1.49 -1.35 -38.64
N VAL L 145 -1.05 -2.59 -38.61
CA VAL L 145 -0.16 -3.09 -39.66
C VAL L 145 -0.92 -4.10 -40.50
N LEU L 146 -0.78 -4.03 -41.81
CA LEU L 146 -1.50 -4.92 -42.71
C LEU L 146 -0.73 -6.17 -43.06
N SER L 147 0.50 -6.25 -42.62
CA SER L 147 1.34 -7.45 -42.83
C SER L 147 1.12 -8.39 -41.68
N ASN L 148 1.27 -9.70 -41.95
CA ASN L 148 1.26 -10.71 -40.90
C ASN L 148 2.61 -11.29 -40.62
N ALA L 149 3.63 -10.59 -41.08
CA ALA L 149 5.01 -11.03 -40.85
C ALA L 149 5.40 -10.55 -39.44
N VAL L 150 4.94 -11.29 -38.45
CA VAL L 150 4.89 -10.77 -37.07
C VAL L 150 6.26 -10.51 -36.44
N LEU L 151 7.21 -11.40 -36.63
CA LEU L 151 8.54 -11.23 -36.01
C LEU L 151 9.28 -10.00 -36.56
N PRO L 152 9.41 -9.86 -37.88
CA PRO L 152 10.17 -8.71 -38.36
C PRO L 152 9.46 -7.43 -38.08
N ILE L 153 8.13 -7.45 -38.11
CA ILE L 153 7.36 -6.24 -37.75
C ILE L 153 7.57 -5.90 -36.29
N ALA L 154 7.59 -6.89 -35.45
CA ALA L 154 7.74 -6.63 -33.98
C ALA L 154 9.04 -5.90 -33.70
N ALA L 155 10.12 -6.41 -34.29
CA ALA L 155 11.46 -5.83 -34.12
C ALA L 155 11.49 -4.45 -34.75
N ALA L 156 10.83 -4.31 -35.89
CA ALA L 156 10.81 -3.04 -36.62
C ALA L 156 10.16 -1.95 -35.83
N VAL L 157 9.06 -2.29 -35.17
CA VAL L 157 8.32 -1.30 -34.34
C VAL L 157 9.06 -1.04 -33.04
N ALA L 158 9.64 -2.10 -32.49
CA ALA L 158 10.48 -1.96 -31.31
C ALA L 158 11.62 -0.92 -31.51
N ARG L 159 12.20 -0.91 -32.71
CA ARG L 159 13.39 -0.04 -32.98
C ARG L 159 13.00 1.33 -33.50
N CYS L 160 11.71 1.57 -33.66
CA CYS L 160 11.23 2.83 -34.28
C CYS L 160 10.97 3.92 -33.25
N GLY L 161 10.81 5.12 -33.76
CA GLY L 161 10.50 6.29 -32.94
C GLY L 161 11.61 6.73 -32.00
N LYS L 162 11.22 7.50 -31.00
CA LYS L 162 12.15 8.03 -30.00
C LYS L 162 12.69 6.89 -29.18
N HIS L 163 13.95 7.01 -28.80
CA HIS L 163 14.65 5.92 -28.12
C HIS L 163 14.41 5.99 -26.61
N ASN L 164 14.38 4.82 -26.01
CA ASN L 164 14.16 4.73 -24.56
C ASN L 164 15.30 5.35 -23.79
N PHE L 165 16.51 5.32 -24.39
CA PHE L 165 17.64 6.05 -23.77
C PHE L 165 17.53 7.53 -24.12
N SER L 166 17.48 8.36 -23.10
CA SER L 166 17.51 9.83 -23.29
C SER L 166 18.15 10.56 -22.12
N ALA L 167 18.82 11.65 -22.46
CA ALA L 167 19.35 12.60 -21.49
C ALA L 167 18.73 14.01 -21.63
N LYS L 168 17.69 14.11 -22.44
CA LYS L 168 17.04 15.38 -22.68
C LYS L 168 16.09 15.77 -21.56
N ASP L 169 16.00 17.08 -21.31
CA ASP L 169 14.95 17.67 -20.49
C ASP L 169 14.77 16.98 -19.13
N GLY L 170 15.87 16.87 -18.39
CA GLY L 170 15.86 16.32 -17.03
C GLY L 170 15.85 14.79 -16.92
N ALA L 171 15.79 14.10 -18.02
CA ALA L 171 15.79 12.62 -18.02
C ALA L 171 16.97 12.01 -17.30
N ALA L 172 18.08 12.70 -17.27
CA ALA L 172 19.27 12.26 -16.47
C ALA L 172 18.92 12.01 -15.00
N ALA L 173 17.96 12.77 -14.48
CA ALA L 173 17.52 12.60 -13.09
C ALA L 173 16.56 11.40 -12.93
N ALA L 174 16.09 10.88 -14.06
CA ALA L 174 15.20 9.72 -14.10
C ALA L 174 15.91 8.50 -14.70
N ALA L 175 17.18 8.37 -14.38
CA ALA L 175 18.03 7.25 -14.81
C ALA L 175 18.04 7.08 -16.34
N TYR L 176 17.91 8.21 -17.03
CA TYR L 176 18.03 8.27 -18.50
C TYR L 176 16.95 7.46 -19.21
N ASN L 177 15.80 7.33 -18.55
CA ASN L 177 14.58 6.78 -19.16
C ASN L 177 13.86 7.92 -19.82
N SER L 178 13.66 7.81 -21.11
CA SER L 178 13.04 8.91 -21.86
C SER L 178 11.62 9.11 -21.39
N GLY L 179 11.22 10.37 -21.32
CA GLY L 179 9.80 10.73 -21.13
C GLY L 179 9.03 11.02 -22.42
N LYS L 180 9.71 10.87 -23.54
CA LYS L 180 9.18 11.21 -24.88
C LYS L 180 8.67 10.01 -25.67
N VAL L 181 8.73 8.84 -25.06
CA VAL L 181 8.35 7.63 -25.75
C VAL L 181 6.85 7.43 -25.60
N SER L 182 6.20 7.05 -26.70
CA SER L 182 4.78 6.68 -26.70
C SER L 182 4.61 5.15 -26.53
N ARG L 183 3.59 4.75 -25.77
CA ARG L 183 3.22 3.31 -25.70
C ARG L 183 2.66 3.00 -27.12
N LEU L 184 3.03 1.88 -27.66
CA LEU L 184 2.62 1.51 -29.04
C LEU L 184 1.87 0.18 -29.04
N GLN L 185 0.66 0.20 -29.59
CA GLN L 185 -0.12 -1.02 -29.69
C GLN L 185 -0.18 -1.43 -31.14
N VAL L 186 0.52 -2.49 -31.43
CA VAL L 186 0.57 -3.01 -32.80
C VAL L 186 -0.64 -3.91 -32.98
N VAL L 187 -1.41 -3.60 -33.99
CA VAL L 187 -2.61 -4.34 -34.30
C VAL L 187 -2.44 -5.10 -35.65
N PHE L 188 -2.15 -6.39 -35.55
CA PHE L 188 -2.05 -7.24 -36.75
C PHE L 188 -3.43 -7.54 -37.33
N PRO L 189 -3.52 -7.90 -38.60
CA PRO L 189 -4.81 -8.34 -39.16
C PRO L 189 -5.40 -9.60 -38.49
N GLU L 190 -4.53 -10.58 -38.25
CA GLU L 190 -4.91 -11.87 -37.67
C GLU L 190 -4.20 -12.07 -36.37
N PRO L 191 -4.73 -12.95 -35.50
CA PRO L 191 -3.98 -13.26 -34.28
C PRO L 191 -2.58 -13.73 -34.65
N PRO L 192 -1.56 -13.17 -34.00
CA PRO L 192 -0.23 -13.47 -34.47
C PRO L 192 0.20 -14.92 -34.25
N ALA L 193 0.91 -15.46 -35.25
CA ALA L 193 1.42 -16.83 -35.17
C ALA L 193 2.30 -17.03 -33.94
N ILE L 194 2.99 -15.97 -33.56
CA ILE L 194 3.83 -16.01 -32.36
C ILE L 194 3.03 -15.27 -31.32
N PRO L 195 2.92 -15.82 -30.11
CA PRO L 195 2.11 -15.16 -29.11
C PRO L 195 2.54 -13.75 -28.76
N PRO L 196 1.59 -12.85 -28.47
CA PRO L 196 1.93 -11.46 -28.08
C PRO L 196 2.99 -11.32 -27.00
N LYS L 197 2.92 -12.12 -25.94
CA LYS L 197 3.91 -12.01 -24.85
C LYS L 197 5.34 -12.36 -25.37
N ASP L 198 5.39 -13.31 -26.28
CA ASP L 198 6.66 -13.71 -26.91
C ASP L 198 7.19 -12.57 -27.78
N LEU L 199 6.27 -11.92 -28.50
CA LEU L 199 6.64 -10.77 -29.32
C LEU L 199 7.15 -9.64 -28.40
N GLU L 200 6.52 -9.49 -27.27
CA GLU L 200 6.98 -8.47 -26.32
C GLU L 200 8.40 -8.73 -25.87
N ALA L 201 8.70 -10.00 -25.61
CA ALA L 201 10.04 -10.36 -25.17
C ALA L 201 11.12 -9.96 -26.24
N VAL L 202 10.78 -10.20 -27.50
CA VAL L 202 11.65 -9.88 -28.63
C VAL L 202 11.82 -8.38 -28.73
N ALA L 203 10.71 -7.65 -28.68
CA ALA L 203 10.75 -6.21 -28.68
C ALA L 203 11.57 -5.65 -27.52
N THR L 204 11.41 -6.24 -26.36
CA THR L 204 12.13 -5.82 -25.16
C THR L 204 13.65 -5.96 -25.38
N SER L 205 14.05 -7.07 -25.95
CA SER L 205 15.46 -7.33 -26.20
C SER L 205 16.04 -6.38 -27.29
N THR L 206 15.25 -6.09 -28.31
CA THR L 206 15.65 -5.12 -29.32
C THR L 206 15.94 -3.76 -28.66
N GLN L 207 15.05 -3.35 -27.78
CA GLN L 207 15.13 -2.06 -27.13
C GLN L 207 16.17 -2.00 -26.02
N LEU L 208 16.35 -3.08 -25.29
CA LEU L 208 17.42 -3.12 -24.30
C LEU L 208 18.77 -2.99 -25.01
N CYS L 209 18.90 -3.75 -26.09
CA CYS L 209 20.12 -3.72 -26.94
C CYS L 209 20.37 -2.29 -27.41
N GLN L 210 19.32 -1.68 -27.91
CA GLN L 210 19.36 -0.27 -28.33
C GLN L 210 19.82 0.65 -27.18
N ARG L 211 19.26 0.42 -26.01
CA ARG L 211 19.60 1.21 -24.82
C ARG L 211 21.09 1.13 -24.49
N LEU L 212 21.61 -0.09 -24.44
CA LEU L 212 23.00 -0.32 -24.07
C LEU L 212 23.94 0.36 -25.10
N VAL L 213 23.58 0.25 -26.37
CA VAL L 213 24.41 0.76 -27.46
C VAL L 213 24.38 2.29 -27.48
N ASP L 214 23.17 2.84 -27.38
CA ASP L 214 22.98 4.32 -27.28
C ASP L 214 23.73 4.92 -26.09
N ALA L 215 23.78 4.21 -25.01
CA ALA L 215 24.28 4.76 -23.75
C ALA L 215 25.73 5.18 -23.96
N PRO L 216 26.08 6.34 -23.45
CA PRO L 216 27.46 6.76 -23.59
C PRO L 216 28.35 5.98 -22.67
N PRO L 217 29.66 5.92 -22.95
CA PRO L 217 30.55 5.16 -22.12
C PRO L 217 30.75 5.66 -20.71
N ASN L 218 30.37 6.89 -20.41
CA ASN L 218 30.41 7.35 -19.01
C ASN L 218 29.30 6.68 -18.14
N LEU L 219 28.29 6.12 -18.81
CA LEU L 219 27.23 5.35 -18.15
C LEU L 219 27.41 3.84 -18.30
N LEU L 220 27.70 3.43 -19.54
CA LEU L 220 27.92 2.01 -19.82
C LEU L 220 29.39 1.75 -19.90
N THR L 221 29.90 1.25 -18.79
CA THR L 221 31.28 0.93 -18.61
C THR L 221 31.46 -0.58 -18.57
N THR L 222 32.69 -1.04 -18.50
CA THR L 222 32.95 -2.47 -18.36
C THR L 222 32.25 -2.96 -17.08
N ALA L 223 32.27 -2.13 -16.06
CA ALA L 223 31.70 -2.51 -14.73
C ALA L 223 30.19 -2.51 -14.75
N THR L 224 29.59 -1.48 -15.35
CA THR L 224 28.13 -1.41 -15.31
C THR L 224 27.51 -2.44 -16.21
N PHE L 225 28.16 -2.73 -17.31
CA PHE L 225 27.67 -3.77 -18.23
C PHE L 225 27.67 -5.10 -17.44
N THR L 226 28.75 -5.34 -16.75
CA THR L 226 28.88 -6.55 -15.95
C THR L 226 27.76 -6.60 -14.87
N GLU L 227 27.54 -5.50 -14.19
CA GLU L 227 26.49 -5.42 -13.16
C GLU L 227 25.09 -5.65 -13.74
N ILE L 228 24.87 -5.14 -14.92
CA ILE L 228 23.61 -5.40 -15.63
C ILE L 228 23.43 -6.91 -15.88
N ALA L 229 24.47 -7.55 -16.37
CA ALA L 229 24.41 -8.97 -16.66
C ALA L 229 24.13 -9.75 -15.37
N GLN L 230 24.82 -9.37 -14.31
CA GLN L 230 24.62 -10.00 -12.98
C GLN L 230 23.16 -9.82 -12.46
N GLY L 231 22.61 -8.64 -12.67
CA GLY L 231 21.21 -8.33 -12.32
C GLY L 231 20.21 -9.21 -13.05
N TYR L 232 20.40 -9.38 -14.34
CA TYR L 232 19.57 -10.30 -15.10
C TYR L 232 19.79 -11.74 -14.63
N ALA L 233 21.01 -12.09 -14.32
CA ALA L 233 21.30 -13.46 -13.82
C ALA L 233 20.50 -13.75 -12.52
N LYS L 234 20.48 -12.80 -11.57
CA LYS L 234 19.73 -13.01 -10.26
C LYS L 234 18.25 -13.12 -10.58
N ALA L 235 17.76 -12.25 -11.44
CA ALA L 235 16.31 -12.22 -11.77
C ALA L 235 15.83 -13.46 -12.50
N LEU L 236 16.57 -13.87 -13.52
CA LEU L 236 16.11 -14.97 -14.42
C LEU L 236 16.68 -16.33 -14.05
N GLY L 237 17.61 -16.34 -13.12
CA GLY L 237 18.20 -17.60 -12.63
C GLY L 237 19.21 -18.33 -13.52
N PHE L 238 19.98 -17.60 -14.33
CA PHE L 238 21.03 -18.23 -15.13
C PHE L 238 22.37 -17.96 -14.50
N ASP L 239 23.36 -18.72 -14.91
CA ASP L 239 24.70 -18.61 -14.29
C ASP L 239 25.52 -17.47 -14.88
N VAL L 240 26.39 -16.91 -14.05
CA VAL L 240 27.30 -15.87 -14.50
C VAL L 240 28.69 -16.10 -13.92
N ASP L 241 29.68 -16.03 -14.82
CA ASP L 241 31.12 -16.18 -14.44
C ASP L 241 31.85 -14.93 -14.91
N VAL L 242 32.60 -14.33 -14.02
CA VAL L 242 33.32 -13.09 -14.30
C VAL L 242 34.82 -13.26 -14.04
N ILE L 243 35.62 -13.02 -15.07
CA ILE L 243 37.09 -12.96 -14.87
C ILE L 243 37.49 -11.52 -15.06
N CYS L 244 38.00 -10.92 -13.98
CA CYS L 244 38.14 -9.48 -13.89
C CYS L 244 39.58 -9.00 -13.77
N GLY L 245 39.89 -7.98 -14.55
CA GLY L 245 41.13 -7.17 -14.37
C GLY L 245 42.41 -7.97 -14.39
N ASP L 246 43.22 -7.79 -13.35
CA ASP L 246 44.50 -8.49 -13.27
C ASP L 246 44.38 -10.02 -13.26
N ASP L 247 43.26 -10.55 -12.83
CA ASP L 247 43.03 -12.00 -12.90
C ASP L 247 43.08 -12.52 -14.32
N LEU L 248 42.71 -11.67 -15.28
CA LEU L 248 42.79 -12.06 -16.69
C LEU L 248 44.25 -12.37 -17.05
N CYS L 249 45.13 -11.50 -16.59
CA CYS L 249 46.57 -11.67 -16.83
C CYS L 249 47.08 -12.94 -16.13
N GLU L 250 46.76 -13.10 -14.85
CA GLU L 250 47.19 -14.31 -14.07
C GLU L 250 46.70 -15.60 -14.71
N ARG L 251 45.53 -15.57 -15.29
CA ARG L 251 44.93 -16.75 -15.91
C ARG L 251 45.22 -16.94 -17.43
N GLY L 252 46.11 -16.11 -17.97
CA GLY L 252 46.60 -16.30 -19.36
C GLY L 252 45.78 -15.66 -20.46
N TYR L 253 44.82 -14.82 -20.08
CA TYR L 253 43.95 -14.11 -21.03
C TYR L 253 44.62 -12.82 -21.48
N GLY L 254 45.75 -12.99 -22.13
CA GLY L 254 46.65 -11.86 -22.50
C GLY L 254 46.06 -10.87 -23.47
N GLY L 255 45.17 -11.36 -24.30
CA GLY L 255 44.56 -10.52 -25.34
C GLY L 255 43.63 -9.47 -24.76
N ILE L 256 42.55 -9.94 -24.12
CA ILE L 256 41.61 -9.02 -23.46
C ILE L 256 42.28 -8.21 -22.34
N TYR L 257 43.19 -8.83 -21.61
CA TYR L 257 43.91 -8.12 -20.52
C TYR L 257 44.69 -6.94 -21.14
N SER L 258 45.49 -7.23 -22.17
CA SER L 258 46.37 -6.19 -22.77
C SER L 258 45.58 -5.04 -23.39
N VAL L 259 44.50 -5.36 -24.07
CA VAL L 259 43.66 -4.37 -24.69
C VAL L 259 43.06 -3.43 -23.63
N GLY L 260 42.57 -4.03 -22.54
CA GLY L 260 41.76 -3.31 -21.55
C GLY L 260 42.48 -2.67 -20.40
N LYS L 261 43.73 -3.00 -20.24
CA LYS L 261 44.44 -2.66 -18.99
C LYS L 261 44.77 -1.17 -18.78
N ALA L 262 44.78 -0.42 -19.87
CA ALA L 262 45.07 1.04 -19.78
C ALA L 262 43.91 1.83 -19.20
N ALA L 263 42.73 1.23 -19.25
CA ALA L 263 41.48 1.93 -18.92
C ALA L 263 41.29 2.13 -17.42
N PHE L 264 40.43 3.08 -17.12
CA PHE L 264 40.06 3.38 -15.73
C PHE L 264 39.32 2.19 -15.10
N GLU L 265 38.36 1.66 -15.83
CA GLU L 265 37.60 0.49 -15.38
C GLU L 265 38.26 -0.78 -15.99
N ALA L 266 38.41 -1.81 -15.15
CA ALA L 266 39.10 -3.05 -15.56
C ALA L 266 38.34 -3.85 -16.59
N PRO L 267 39.06 -4.57 -17.46
CA PRO L 267 38.41 -5.40 -18.41
C PRO L 267 37.83 -6.60 -17.71
N ARG L 268 36.82 -7.17 -18.32
CA ARG L 268 36.15 -8.37 -17.80
C ARG L 268 35.80 -9.30 -18.92
N LEU L 269 36.04 -10.57 -18.67
CA LEU L 269 35.48 -11.67 -19.49
C LEU L 269 34.30 -12.27 -18.72
N VAL L 270 33.12 -12.02 -19.24
CA VAL L 270 31.86 -12.36 -18.56
C VAL L 270 31.17 -13.45 -19.33
N THR L 271 31.04 -14.61 -18.71
CA THR L 271 30.36 -15.74 -19.36
C THR L 271 29.05 -16.09 -18.65
N LEU L 272 28.00 -16.16 -19.43
CA LEU L 272 26.66 -16.49 -18.96
C LEU L 272 26.30 -17.86 -19.52
N LEU L 273 25.62 -18.66 -18.69
CA LEU L 273 25.17 -20.03 -19.09
C LEU L 273 23.68 -20.22 -18.91
N TYR L 274 23.09 -20.79 -19.94
CA TYR L 274 21.71 -21.21 -19.93
C TYR L 274 21.63 -22.62 -20.48
N THR L 275 21.09 -23.53 -19.67
CA THR L 275 20.80 -24.91 -20.11
C THR L 275 19.30 -25.12 -19.98
N PRO L 276 18.62 -25.44 -21.09
CA PRO L 276 17.18 -25.67 -21.02
C PRO L 276 16.81 -26.96 -20.29
N LYS L 277 15.55 -27.06 -19.90
CA LYS L 277 15.03 -28.26 -19.18
C LYS L 277 15.15 -29.54 -20.00
N GLY L 278 14.88 -29.50 -21.30
CA GLY L 278 14.96 -30.74 -22.08
C GLY L 278 16.37 -31.09 -22.59
N THR L 279 16.41 -32.07 -23.51
CA THR L 279 17.60 -32.31 -24.35
C THR L 279 17.67 -31.13 -25.33
N PRO L 280 18.78 -30.36 -25.31
CA PRO L 280 18.87 -29.21 -26.24
C PRO L 280 18.98 -29.62 -27.69
N VAL L 281 18.39 -28.82 -28.56
CA VAL L 281 18.48 -29.13 -30.03
C VAL L 281 19.90 -28.88 -30.53
N LYS L 282 20.66 -28.08 -29.79
CA LYS L 282 22.04 -27.66 -30.17
C LYS L 282 22.73 -27.03 -28.97
N LYS L 283 24.05 -27.14 -28.96
CA LYS L 283 24.88 -26.36 -28.02
C LYS L 283 25.59 -25.23 -28.79
N VAL L 284 25.29 -24.00 -28.39
CA VAL L 284 25.77 -22.81 -29.09
C VAL L 284 26.47 -21.88 -28.11
N SER L 285 27.71 -21.48 -28.47
CA SER L 285 28.48 -20.50 -27.68
C SER L 285 28.53 -19.18 -28.41
N LEU L 286 28.05 -18.15 -27.72
CA LEU L 286 27.98 -16.79 -28.26
C LEU L 286 29.15 -16.03 -27.69
N VAL L 287 29.78 -15.22 -28.54
CA VAL L 287 30.92 -14.39 -28.10
C VAL L 287 30.75 -13.02 -28.68
N GLY L 288 30.78 -12.02 -27.82
CA GLY L 288 30.49 -10.65 -28.26
C GLY L 288 31.62 -9.69 -27.97
N LYS L 289 31.93 -8.84 -28.96
CA LYS L 289 32.90 -7.74 -28.78
C LYS L 289 32.22 -6.67 -27.92
N GLY L 290 32.70 -6.54 -26.71
CA GLY L 290 32.17 -5.54 -25.77
C GLY L 290 33.14 -4.39 -25.47
N ILE L 291 33.53 -3.69 -26.52
CA ILE L 291 34.42 -2.56 -26.36
C ILE L 291 33.55 -1.37 -26.08
N VAL L 292 33.47 -1.05 -24.79
CA VAL L 292 32.57 0.01 -24.30
C VAL L 292 32.90 1.36 -24.94
N TYR L 293 34.18 1.51 -25.23
CA TYR L 293 34.65 2.63 -26.05
C TYR L 293 35.98 2.26 -26.71
N ASP L 294 36.08 2.61 -27.98
CA ASP L 294 37.28 2.35 -28.80
C ASP L 294 37.89 3.72 -29.14
N CYS L 295 38.81 4.20 -28.30
CA CYS L 295 39.59 5.43 -28.66
C CYS L 295 40.70 5.14 -29.70
N GLY L 296 40.95 3.85 -29.93
CA GLY L 296 42.07 3.37 -30.80
C GLY L 296 43.30 2.93 -30.04
N GLY L 297 43.34 3.27 -28.77
CA GLY L 297 44.54 3.07 -27.95
C GLY L 297 45.65 4.00 -28.45
N LEU L 298 46.90 3.55 -28.34
CA LEU L 298 48.05 4.35 -28.79
C LEU L 298 47.95 4.76 -30.28
N ALA L 299 47.32 3.87 -31.05
CA ALA L 299 46.88 4.13 -32.44
C ALA L 299 45.58 4.93 -32.40
N LEU L 300 45.71 6.15 -31.89
CA LEU L 300 44.57 7.00 -31.59
C LEU L 300 43.74 7.35 -32.83
N LYS L 301 42.44 7.20 -32.70
CA LYS L 301 41.53 7.62 -33.77
C LYS L 301 41.39 9.13 -33.82
N PRO L 302 41.24 9.68 -35.03
CA PRO L 302 40.81 11.08 -35.13
C PRO L 302 39.40 11.23 -34.59
N ALA L 303 39.07 12.43 -34.16
CA ALA L 303 37.82 12.67 -33.41
C ALA L 303 36.56 12.27 -34.17
N ASP L 304 36.54 12.53 -35.46
CA ASP L 304 35.37 12.22 -36.33
C ASP L 304 35.12 10.71 -36.44
N TYR L 305 36.18 9.93 -36.44
CA TYR L 305 36.05 8.47 -36.40
C TYR L 305 35.78 7.96 -34.99
N MET L 306 36.28 8.67 -33.98
CA MET L 306 36.14 8.21 -32.57
C MET L 306 34.72 8.40 -32.05
N LYS L 307 34.08 9.42 -32.57
CA LYS L 307 32.70 9.66 -32.30
C LYS L 307 31.93 8.39 -32.66
N LEU L 308 30.96 8.05 -31.83
CA LEU L 308 30.12 6.84 -32.06
C LEU L 308 30.81 5.49 -31.78
N MET L 309 32.02 5.53 -31.28
CA MET L 309 32.67 4.31 -30.78
C MET L 309 32.13 3.81 -29.42
N LYS L 310 31.20 4.55 -28.82
CA LYS L 310 30.32 4.00 -27.75
C LYS L 310 29.47 2.83 -28.30
N HIS L 311 29.27 2.80 -29.63
CA HIS L 311 28.60 1.68 -30.30
C HIS L 311 29.45 0.41 -30.40
N ASP L 312 30.71 0.45 -29.95
CA ASP L 312 31.68 -0.63 -30.21
C ASP L 312 31.43 -1.83 -29.33
N MET L 313 30.40 -1.72 -28.49
CA MET L 313 29.93 -2.87 -27.66
C MET L 313 28.66 -3.48 -28.23
N GLY L 314 28.33 -3.08 -29.45
CA GLY L 314 27.10 -3.50 -30.11
C GLY L 314 26.98 -5.00 -30.27
N GLY L 315 28.09 -5.65 -30.48
CA GLY L 315 28.13 -7.12 -30.64
C GLY L 315 27.87 -7.80 -29.32
N ALA L 316 28.44 -7.26 -28.27
CA ALA L 316 28.19 -7.78 -26.92
C ALA L 316 26.72 -7.60 -26.51
N ALA L 317 26.18 -6.46 -26.79
CA ALA L 317 24.78 -6.20 -26.52
C ALA L 317 23.91 -7.16 -27.29
N ALA L 318 24.28 -7.40 -28.54
CA ALA L 318 23.47 -8.27 -29.41
C ALA L 318 23.41 -9.69 -28.86
N VAL L 319 24.57 -10.24 -28.55
CA VAL L 319 24.60 -11.61 -27.98
C VAL L 319 23.99 -11.68 -26.57
N PHE L 320 24.21 -10.65 -25.77
CA PHE L 320 23.60 -10.56 -24.45
C PHE L 320 22.09 -10.61 -24.53
N CYS L 321 21.53 -9.76 -25.38
CA CYS L 321 20.08 -9.65 -25.49
C CYS L 321 19.43 -10.86 -26.19
N GLY L 322 20.11 -11.42 -27.17
CA GLY L 322 19.68 -12.68 -27.83
C GLY L 322 19.64 -13.82 -26.80
N PHE L 323 20.64 -13.84 -25.95
CA PHE L 323 20.70 -14.78 -24.81
C PHE L 323 19.50 -14.56 -23.89
N LEU L 324 19.21 -13.31 -23.54
CA LEU L 324 18.07 -13.02 -22.64
C LEU L 324 16.77 -13.51 -23.25
N THR L 325 16.57 -13.27 -24.53
CA THR L 325 15.36 -13.71 -25.18
C THR L 325 15.22 -15.20 -25.11
N ALA L 326 16.31 -15.89 -25.35
CA ALA L 326 16.32 -17.35 -25.28
C ALA L 326 15.91 -17.84 -23.87
N VAL L 327 16.45 -17.18 -22.84
CA VAL L 327 16.11 -17.55 -21.45
C VAL L 327 14.63 -17.22 -21.17
N ARG L 328 14.20 -16.04 -21.56
CA ARG L 328 12.81 -15.61 -21.30
C ARG L 328 11.78 -16.44 -22.03
N LEU L 329 12.05 -16.79 -23.27
CA LEU L 329 11.14 -17.68 -24.05
C LEU L 329 11.44 -19.17 -23.86
N GLN L 330 12.42 -19.49 -23.04
CA GLN L 330 12.84 -20.89 -22.80
C GLN L 330 13.04 -21.65 -24.11
N GLN L 331 13.81 -21.04 -25.00
CA GLN L 331 14.17 -21.73 -26.27
C GLN L 331 15.02 -22.93 -25.93
N PRO L 332 14.85 -24.04 -26.70
CA PRO L 332 15.55 -25.31 -26.38
C PRO L 332 16.97 -25.40 -26.92
N VAL L 333 17.75 -24.37 -26.65
CA VAL L 333 19.16 -24.33 -27.06
C VAL L 333 20.02 -24.15 -25.83
N GLN L 334 21.06 -24.95 -25.72
CA GLN L 334 21.99 -24.75 -24.62
C GLN L 334 22.97 -23.65 -25.06
N LEU L 335 23.12 -22.62 -24.22
CA LEU L 335 23.87 -21.39 -24.60
C LEU L 335 24.89 -21.03 -23.61
N SER L 336 26.06 -20.66 -24.13
CA SER L 336 27.01 -19.82 -23.38
C SER L 336 27.02 -18.48 -24.08
N CYS L 337 27.19 -17.43 -23.29
CA CYS L 337 27.28 -16.05 -23.84
C CYS L 337 28.45 -15.36 -23.17
N THR L 338 29.52 -15.19 -23.92
CA THR L 338 30.78 -14.63 -23.37
C THR L 338 30.93 -13.18 -23.86
N LEU L 339 30.91 -12.27 -22.92
CA LEU L 339 31.04 -10.84 -23.20
C LEU L 339 32.50 -10.44 -23.00
N CYS L 340 33.12 -9.95 -24.06
CA CYS L 340 34.55 -9.53 -24.03
C CYS L 340 34.60 -8.02 -23.76
N LEU L 341 34.64 -7.68 -22.48
CA LEU L 341 34.43 -6.30 -22.04
C LEU L 341 35.72 -5.63 -21.74
N ALA L 342 35.93 -4.54 -22.43
CA ALA L 342 37.10 -3.70 -22.22
C ALA L 342 36.84 -2.32 -22.78
N GLU L 343 37.53 -1.35 -22.23
CA GLU L 343 37.70 -0.06 -22.90
C GLU L 343 39.07 -0.01 -23.51
N ASN L 344 39.13 0.34 -24.79
CA ASN L 344 40.43 0.56 -25.49
C ASN L 344 40.87 1.98 -25.27
N ALA L 345 41.67 2.15 -24.24
CA ALA L 345 42.00 3.45 -23.67
C ALA L 345 43.44 3.82 -23.99
N ILE L 346 43.76 5.07 -23.73
CA ILE L 346 45.08 5.59 -24.01
C ILE L 346 45.66 6.15 -22.73
N GLY L 347 46.89 5.77 -22.47
CA GLY L 347 47.57 6.16 -21.25
C GLY L 347 48.87 5.40 -21.05
N PRO L 348 49.51 5.59 -19.88
CA PRO L 348 50.80 4.96 -19.60
C PRO L 348 50.78 3.44 -19.65
N LYS L 349 49.65 2.83 -19.35
CA LYS L 349 49.54 1.37 -19.33
C LYS L 349 49.07 0.79 -20.65
N SER L 350 48.95 1.66 -21.65
CA SER L 350 48.49 1.22 -22.98
C SER L 350 49.33 0.11 -23.53
N TYR L 351 48.69 -0.94 -23.99
CA TYR L 351 49.39 -1.90 -24.83
C TYR L 351 49.88 -1.17 -26.11
N ARG L 352 51.02 -1.60 -26.62
CA ARG L 352 51.73 -0.82 -27.62
C ARG L 352 51.70 -1.39 -28.99
N ASN L 353 51.91 -0.50 -29.96
CA ASN L 353 52.23 -0.90 -31.35
C ASN L 353 53.68 -1.39 -31.39
N ASP L 354 53.85 -2.70 -31.23
CA ASP L 354 55.14 -3.44 -31.04
C ASP L 354 55.06 -4.51 -29.97
N ASP L 355 54.14 -4.35 -29.01
CA ASP L 355 54.02 -5.29 -27.92
C ASP L 355 53.66 -6.65 -28.48
N ILE L 356 54.12 -7.67 -27.79
CA ILE L 356 53.75 -9.07 -28.15
C ILE L 356 52.88 -9.65 -27.03
N ILE L 357 51.70 -10.09 -27.42
CA ILE L 357 50.72 -10.66 -26.50
C ILE L 357 50.77 -12.19 -26.51
N VAL L 358 50.67 -12.77 -25.31
CA VAL L 358 50.45 -14.24 -25.20
C VAL L 358 48.96 -14.44 -25.00
N MET L 359 48.31 -14.89 -26.05
CA MET L 359 46.87 -15.12 -26.02
C MET L 359 46.54 -16.35 -25.16
N LYS L 360 45.28 -16.45 -24.74
CA LYS L 360 44.84 -17.58 -23.93
C LYS L 360 45.06 -18.88 -24.72
N SER L 361 44.95 -18.78 -26.04
CA SER L 361 45.17 -19.93 -26.93
C SER L 361 46.59 -20.46 -26.91
N GLY L 362 47.50 -19.70 -26.32
CA GLY L 362 48.94 -20.04 -26.31
C GLY L 362 49.71 -19.48 -27.51
N LYS L 363 48.98 -19.02 -28.49
CA LYS L 363 49.58 -18.34 -29.62
C LYS L 363 49.98 -16.89 -29.25
N THR L 364 51.10 -16.44 -29.84
CA THR L 364 51.58 -15.08 -29.64
C THR L 364 51.19 -14.15 -30.81
N VAL L 365 50.86 -12.92 -30.44
CA VAL L 365 50.34 -11.91 -31.37
C VAL L 365 51.17 -10.67 -31.24
N GLU L 366 51.79 -10.30 -32.35
CA GLU L 366 52.53 -9.04 -32.43
C GLU L 366 51.55 -7.95 -32.78
N VAL L 367 51.49 -6.95 -31.93
CA VAL L 367 50.52 -5.86 -32.13
C VAL L 367 51.08 -4.80 -33.07
N ILE L 368 50.58 -4.78 -34.28
CA ILE L 368 50.98 -3.82 -35.31
C ILE L 368 50.23 -2.54 -35.09
N ASN L 369 48.98 -2.68 -34.70
CA ASN L 369 48.08 -1.55 -34.53
C ASN L 369 47.06 -1.80 -33.41
N THR L 370 47.09 -0.94 -32.41
CA THR L 370 46.30 -1.15 -31.20
C THR L 370 44.83 -0.91 -31.45
N ASP L 371 44.52 -0.27 -32.56
CA ASP L 371 43.11 0.00 -32.93
C ASP L 371 42.39 -1.19 -33.60
N ALA L 372 43.16 -2.22 -33.84
CA ALA L 372 42.65 -3.57 -34.19
C ALA L 372 42.57 -4.45 -32.94
N GLU L 373 41.79 -3.94 -32.01
CA GLU L 373 41.67 -4.50 -30.62
C GLU L 373 40.60 -5.56 -30.52
N GLY L 374 39.58 -5.42 -31.33
CA GLY L 374 38.42 -6.28 -31.31
C GLY L 374 38.79 -7.72 -31.57
N ARG L 375 39.59 -7.94 -32.59
CA ARG L 375 39.91 -9.30 -32.99
C ARG L 375 40.71 -10.00 -31.90
N ILE L 376 41.49 -9.23 -31.19
CA ILE L 376 42.33 -9.74 -30.09
C ILE L 376 41.47 -10.20 -28.92
N VAL L 377 40.59 -9.35 -28.58
CA VAL L 377 39.64 -9.56 -27.46
C VAL L 377 38.76 -10.78 -27.79
N LEU L 378 38.30 -10.84 -29.03
CA LEU L 378 37.48 -11.97 -29.48
C LEU L 378 38.27 -13.27 -29.54
N GLY L 379 39.54 -13.18 -29.82
CA GLY L 379 40.41 -14.36 -29.86
C GLY L 379 40.39 -15.06 -28.51
N ASP L 380 40.53 -14.26 -27.45
CA ASP L 380 40.46 -14.79 -26.08
C ASP L 380 39.04 -15.30 -25.76
N GLY L 381 38.06 -14.58 -26.24
CA GLY L 381 36.63 -14.98 -26.09
C GLY L 381 36.32 -16.33 -26.71
N VAL L 382 36.68 -16.53 -27.98
CA VAL L 382 36.35 -17.79 -28.68
C VAL L 382 37.15 -18.96 -28.11
N PHE L 383 38.37 -18.71 -27.70
CA PHE L 383 39.17 -19.78 -27.12
C PHE L 383 38.54 -20.19 -25.78
N HIS L 384 38.17 -19.19 -25.00
CA HIS L 384 37.45 -19.45 -23.75
C HIS L 384 36.21 -20.34 -23.97
N ALA L 385 35.39 -19.94 -24.92
CA ALA L 385 34.14 -20.66 -25.20
C ALA L 385 34.43 -22.09 -25.65
N THR L 386 35.45 -22.27 -26.49
CA THR L 386 35.71 -23.56 -27.16
C THR L 386 36.62 -24.46 -26.35
N ASN L 387 37.21 -23.94 -25.30
CA ASN L 387 38.18 -24.72 -24.50
C ASN L 387 37.92 -24.78 -23.01
N GLU L 388 37.26 -23.76 -22.46
CA GLU L 388 37.25 -23.62 -20.97
C GLU L 388 35.89 -23.87 -20.33
N LEU L 389 34.89 -24.19 -21.12
CA LEU L 389 33.54 -24.39 -20.55
C LEU L 389 33.31 -25.85 -20.21
N SER L 390 32.22 -26.10 -19.50
CA SER L 390 31.87 -27.52 -19.11
C SER L 390 31.35 -28.33 -20.29
N PHE L 391 31.03 -27.66 -21.40
CA PHE L 391 30.65 -28.36 -22.62
C PHE L 391 31.47 -27.81 -23.79
N THR L 392 31.43 -28.52 -24.91
CA THR L 392 32.04 -28.05 -26.15
C THR L 392 30.91 -27.69 -27.11
N PRO L 393 30.87 -26.45 -27.64
CA PRO L 393 29.76 -26.08 -28.47
C PRO L 393 29.81 -26.72 -29.84
N ASP L 394 28.63 -26.88 -30.41
CA ASP L 394 28.48 -27.34 -31.78
C ASP L 394 28.67 -26.21 -32.74
N VAL L 395 28.28 -25.03 -32.28
CA VAL L 395 28.31 -23.81 -33.09
C VAL L 395 28.85 -22.67 -32.24
N VAL L 396 29.79 -21.91 -32.81
CA VAL L 396 30.30 -20.68 -32.17
C VAL L 396 29.87 -19.52 -33.03
N ILE L 397 29.19 -18.57 -32.40
CA ILE L 397 28.77 -17.34 -33.08
C ILE L 397 29.46 -16.20 -32.38
N ASP L 398 30.31 -15.48 -33.11
CA ASP L 398 30.86 -14.22 -32.56
C ASP L 398 30.25 -13.06 -33.29
N MET L 399 29.91 -12.03 -32.54
CA MET L 399 29.28 -10.83 -33.10
C MET L 399 30.10 -9.64 -32.66
N ALA L 400 30.40 -8.76 -33.60
CA ALA L 400 31.36 -7.67 -33.35
C ALA L 400 31.23 -6.52 -34.32
N THR L 401 31.36 -5.31 -33.79
CA THR L 401 31.42 -4.11 -34.60
C THR L 401 32.89 -3.96 -35.05
N LEU L 402 33.28 -4.81 -35.98
CA LEU L 402 34.72 -5.15 -36.10
C LEU L 402 35.54 -4.32 -37.09
N THR L 403 34.97 -4.02 -38.25
CA THR L 403 35.76 -3.34 -39.31
C THR L 403 34.98 -2.29 -40.06
N GLY L 404 35.69 -1.21 -40.41
CA GLY L 404 35.16 -0.21 -41.35
C GLY L 404 34.94 -0.83 -42.73
N ALA L 405 35.78 -1.81 -43.04
CA ALA L 405 35.64 -2.60 -44.28
C ALA L 405 34.25 -3.22 -44.44
N GLN L 406 33.61 -3.54 -43.32
CA GLN L 406 32.27 -4.13 -43.36
C GLN L 406 31.29 -3.24 -44.08
N GLY L 407 31.29 -1.98 -43.73
CA GLY L 407 30.38 -1.00 -44.36
C GLY L 407 30.65 -0.87 -45.85
N ILE L 408 31.93 -0.84 -46.19
CA ILE L 408 32.36 -0.74 -47.59
C ILE L 408 31.91 -1.99 -48.38
N ALA L 409 32.04 -3.14 -47.73
CA ALA L 409 31.76 -4.44 -48.39
C ALA L 409 30.25 -4.79 -48.50
N THR L 410 29.58 -4.84 -47.35
CA THR L 410 28.15 -5.23 -47.27
C THR L 410 27.15 -4.13 -46.88
N GLY L 411 27.64 -2.99 -46.49
CA GLY L 411 26.80 -1.79 -46.32
C GLY L 411 26.20 -1.60 -44.96
N ARG L 412 25.31 -0.63 -44.89
CA ARG L 412 24.71 -0.23 -43.61
C ARG L 412 23.61 -1.12 -43.05
N HIS L 413 23.00 -1.93 -43.90
CA HIS L 413 21.85 -2.77 -43.50
C HIS L 413 22.15 -4.25 -43.43
N HIS L 414 23.30 -4.68 -43.91
CA HIS L 414 23.63 -6.09 -43.92
C HIS L 414 24.91 -6.34 -43.19
N ALA L 415 24.81 -7.09 -42.11
CA ALA L 415 25.98 -7.54 -41.40
C ALA L 415 26.74 -8.53 -42.27
N GLY L 416 28.06 -8.48 -42.19
CA GLY L 416 28.92 -9.41 -42.95
C GLY L 416 29.16 -10.68 -42.24
N LEU L 417 29.09 -11.79 -42.98
CA LEU L 417 29.29 -13.14 -42.42
C LEU L 417 30.50 -13.82 -42.96
N TYR L 418 31.35 -14.23 -42.05
CA TYR L 418 32.50 -15.04 -42.36
C TYR L 418 32.33 -16.36 -41.65
N VAL L 419 32.13 -17.42 -42.43
CA VAL L 419 31.62 -18.69 -41.90
C VAL L 419 32.38 -19.86 -42.48
N ASN L 420 32.79 -20.77 -41.62
CA ASN L 420 33.58 -21.92 -42.06
C ASN L 420 32.80 -23.06 -42.72
N GLU L 421 31.47 -22.99 -42.68
CA GLU L 421 30.59 -24.04 -43.28
C GLU L 421 29.48 -23.40 -44.05
N GLU L 422 29.24 -23.88 -45.25
CA GLU L 422 28.17 -23.36 -46.11
C GLU L 422 26.77 -23.44 -45.41
N GLY L 423 26.54 -24.55 -44.73
CA GLY L 423 25.19 -24.84 -44.12
C GLY L 423 24.82 -23.84 -43.06
N ALA L 424 25.77 -23.58 -42.17
CA ALA L 424 25.56 -22.62 -41.07
C ALA L 424 25.36 -21.23 -41.65
N GLU L 425 26.10 -20.95 -42.70
CA GLU L 425 26.01 -19.64 -43.34
C GLU L 425 24.62 -19.43 -43.91
N ALA L 426 24.16 -20.41 -44.66
CA ALA L 426 22.82 -20.35 -45.32
C ALA L 426 21.70 -20.22 -44.27
N ALA L 427 21.88 -20.91 -43.15
CA ALA L 427 20.92 -20.82 -42.03
C ALA L 427 20.90 -19.45 -41.41
N MET L 428 22.07 -18.86 -41.18
CA MET L 428 22.10 -17.47 -40.64
C MET L 428 21.51 -16.46 -41.62
N LEU L 429 21.81 -16.64 -42.90
CA LEU L 429 21.25 -15.75 -43.94
C LEU L 429 19.74 -15.81 -43.98
N ARG L 430 19.23 -17.03 -43.88
CA ARG L 430 17.74 -17.26 -43.81
C ARG L 430 17.16 -16.55 -42.60
N ALA L 431 17.83 -16.70 -41.46
CA ALA L 431 17.39 -16.01 -40.23
C ALA L 431 17.38 -14.52 -40.38
N GLY L 432 18.36 -14.02 -41.12
CA GLY L 432 18.39 -12.55 -41.40
C GLY L 432 17.23 -12.07 -42.23
N ARG L 433 16.92 -12.84 -43.25
CA ARG L 433 15.77 -12.49 -44.19
C ARG L 433 14.41 -12.60 -43.51
N GLU L 434 14.28 -13.59 -42.63
CA GLU L 434 13.03 -13.78 -41.83
C GLU L 434 12.88 -12.74 -40.74
N SER L 435 13.96 -12.49 -39.99
CA SER L 435 13.95 -11.53 -38.86
C SER L 435 13.94 -10.08 -39.32
N GLY L 436 14.40 -9.83 -40.54
CA GLY L 436 14.60 -8.44 -41.02
C GLY L 436 16.01 -7.90 -40.72
N GLU L 437 16.72 -8.59 -39.83
CA GLU L 437 18.07 -8.21 -39.42
C GLU L 437 19.03 -8.90 -40.41
N THR L 438 19.06 -8.34 -41.60
CA THR L 438 19.69 -8.96 -42.76
C THR L 438 21.22 -9.05 -42.68
N CYS L 439 21.74 -10.12 -43.27
CA CYS L 439 23.16 -10.37 -43.39
C CYS L 439 23.54 -10.64 -44.83
N PHE L 440 24.85 -10.65 -45.07
CA PHE L 440 25.39 -11.02 -46.40
C PHE L 440 26.77 -11.60 -46.25
N PRO L 441 27.11 -12.64 -47.01
CA PRO L 441 28.41 -13.24 -46.76
C PRO L 441 29.59 -12.41 -47.28
N VAL L 442 30.71 -12.57 -46.59
CA VAL L 442 32.01 -12.13 -47.11
C VAL L 442 32.89 -13.34 -47.39
N LEU L 443 33.88 -13.12 -48.25
CA LEU L 443 34.75 -14.21 -48.71
C LEU L 443 35.29 -15.03 -47.58
N TYR L 444 35.10 -16.33 -47.66
CA TYR L 444 35.80 -17.30 -46.80
C TYR L 444 36.85 -18.01 -47.61
N CYS L 445 38.10 -17.73 -47.29
CA CYS L 445 39.26 -18.26 -48.04
C CYS L 445 40.53 -18.19 -47.20
N PRO L 446 40.59 -18.97 -46.11
CA PRO L 446 41.70 -18.90 -45.16
C PRO L 446 43.05 -19.00 -45.79
N GLU L 447 43.18 -19.80 -46.83
CA GLU L 447 44.50 -19.97 -47.48
C GLU L 447 45.03 -18.63 -48.02
N TYR L 448 44.13 -17.72 -48.36
CA TYR L 448 44.53 -16.38 -48.82
C TYR L 448 44.63 -15.31 -47.69
N HIS L 449 43.95 -15.54 -46.59
CA HIS L 449 43.99 -14.59 -45.43
C HIS L 449 45.19 -14.79 -44.57
N GLU L 450 45.51 -16.05 -44.36
CA GLU L 450 46.63 -16.47 -43.51
C GLU L 450 47.96 -15.70 -43.77
N PRO L 451 48.44 -15.61 -45.02
CA PRO L 451 49.75 -14.97 -45.25
C PRO L 451 49.80 -13.50 -44.85
N GLU L 452 48.63 -12.87 -44.75
CA GLU L 452 48.57 -11.43 -44.36
C GLU L 452 49.04 -11.17 -42.94
N PHE L 453 49.11 -12.23 -42.14
CA PHE L 453 49.38 -12.08 -40.70
C PHE L 453 50.73 -12.61 -40.31
N LYS L 454 51.63 -12.75 -41.27
CA LYS L 454 53.00 -13.19 -40.96
C LYS L 454 53.72 -12.17 -40.07
N SER L 455 54.46 -12.67 -39.12
CA SER L 455 55.25 -11.87 -38.19
C SER L 455 56.68 -12.37 -38.14
N ASN L 456 57.61 -11.46 -37.94
CA ASN L 456 59.04 -11.85 -37.75
C ASN L 456 59.28 -12.61 -36.44
N HIS L 457 58.56 -12.20 -35.39
CA HIS L 457 58.90 -12.67 -34.02
C HIS L 457 57.81 -13.38 -33.23
N ALA L 458 56.58 -13.22 -33.66
CA ALA L 458 55.43 -13.83 -32.98
C ALA L 458 54.77 -14.76 -33.95
N ASP L 459 53.80 -15.54 -33.44
CA ASP L 459 53.09 -16.49 -34.30
C ASP L 459 52.37 -15.76 -35.39
N MET L 460 51.85 -14.60 -35.05
CA MET L 460 51.09 -13.78 -36.01
C MET L 460 51.08 -12.33 -35.60
N THR L 461 50.70 -11.49 -36.54
CA THR L 461 50.37 -10.11 -36.24
C THR L 461 48.87 -10.00 -36.00
N ASN L 462 48.43 -8.82 -35.56
CA ASN L 462 46.99 -8.52 -35.47
C ASN L 462 46.45 -7.67 -36.61
N LEU L 463 47.28 -7.43 -37.61
CA LEU L 463 46.86 -6.61 -38.75
C LEU L 463 47.48 -7.08 -40.03
N MET L 464 46.69 -7.05 -41.07
CA MET L 464 47.10 -7.45 -42.43
C MET L 464 48.22 -6.57 -42.94
N GLU L 465 49.22 -7.20 -43.54
CA GLU L 465 50.26 -6.48 -44.29
C GLU L 465 49.62 -5.60 -45.37
N ARG L 466 48.64 -6.15 -46.06
CA ARG L 466 47.90 -5.44 -47.13
C ARG L 466 46.43 -5.33 -46.74
N ARG L 467 46.00 -4.10 -46.53
CA ARG L 467 44.65 -3.81 -45.99
C ARG L 467 43.56 -3.86 -47.11
N ASP L 468 43.99 -3.96 -48.36
CA ASP L 468 43.08 -4.11 -49.53
C ASP L 468 42.98 -5.56 -50.06
N ASN L 469 42.99 -6.50 -49.13
CA ASN L 469 42.87 -7.93 -49.46
C ASN L 469 41.83 -8.69 -48.59
N ALA L 470 40.59 -8.29 -48.75
CA ALA L 470 39.40 -8.88 -48.06
C ALA L 470 39.48 -8.63 -46.54
N GLY L 471 39.28 -7.38 -46.17
CA GLY L 471 39.52 -6.94 -44.80
C GLY L 471 38.52 -7.46 -43.80
N VAL L 472 37.28 -7.60 -44.23
CA VAL L 472 36.23 -8.16 -43.32
C VAL L 472 36.60 -9.61 -43.04
N SER L 473 37.00 -10.30 -44.10
CA SER L 473 37.36 -11.73 -44.02
C SER L 473 38.59 -11.96 -43.15
N CYS L 474 39.61 -11.17 -43.39
CA CYS L 474 40.89 -11.32 -42.66
C CYS L 474 40.74 -11.13 -41.15
N ALA L 475 39.91 -10.18 -40.78
CA ALA L 475 39.62 -9.97 -39.33
C ALA L 475 38.94 -11.20 -38.73
N GLY L 476 38.04 -11.77 -39.51
CA GLY L 476 37.41 -13.05 -39.13
C GLY L 476 38.45 -14.15 -38.99
N TYR L 477 39.30 -14.24 -40.01
CA TYR L 477 40.35 -15.30 -40.02
C TYR L 477 41.17 -15.25 -38.75
N PHE L 478 41.57 -14.04 -38.38
CA PHE L 478 42.39 -13.86 -37.15
C PHE L 478 41.74 -14.57 -35.93
N ILE L 479 40.46 -14.31 -35.78
CA ILE L 479 39.67 -14.86 -34.69
C ILE L 479 39.71 -16.37 -34.71
N THR L 480 39.60 -16.95 -35.90
CA THR L 480 39.59 -18.43 -36.04
C THR L 480 40.88 -19.08 -35.58
N THR L 481 41.98 -18.40 -35.70
CA THR L 481 43.28 -18.95 -35.28
C THR L 481 43.34 -19.21 -33.79
N HIS L 482 42.42 -18.61 -33.06
CA HIS L 482 42.35 -18.82 -31.58
C HIS L 482 41.21 -19.75 -31.11
N LEU L 483 40.52 -20.38 -32.05
CA LEU L 483 39.59 -21.46 -31.72
C LEU L 483 40.39 -22.63 -31.14
N SER L 484 39.84 -23.27 -30.10
CA SER L 484 40.46 -24.47 -29.53
C SER L 484 40.50 -25.60 -30.56
N PRO L 485 41.57 -26.41 -30.56
CA PRO L 485 41.56 -27.63 -31.37
C PRO L 485 40.46 -28.63 -30.98
N LYS L 486 40.01 -28.57 -29.73
CA LYS L 486 38.86 -29.37 -29.23
C LYS L 486 37.55 -29.08 -30.00
N PHE L 487 37.50 -27.94 -30.68
CA PHE L 487 36.30 -27.52 -31.42
C PHE L 487 36.40 -27.92 -32.89
N THR L 488 35.34 -28.56 -33.39
CA THR L 488 35.29 -29.04 -34.77
C THR L 488 33.99 -28.68 -35.46
N GLY L 489 33.29 -27.74 -34.87
CA GLY L 489 31.95 -27.37 -35.35
C GLY L 489 31.93 -26.16 -36.27
N ALA L 490 30.75 -25.56 -36.36
CA ALA L 490 30.52 -24.44 -37.28
C ALA L 490 30.86 -23.13 -36.55
N HIS L 491 31.56 -22.25 -37.24
CA HIS L 491 31.92 -20.94 -36.67
C HIS L 491 31.36 -19.84 -37.54
N ILE L 492 30.52 -19.03 -36.95
CA ILE L 492 29.86 -17.93 -37.65
C ILE L 492 30.37 -16.63 -37.06
N HIS L 493 31.12 -15.90 -37.87
CA HIS L 493 31.59 -14.57 -37.48
C HIS L 493 30.68 -13.52 -38.11
N VAL L 494 30.10 -12.69 -37.25
CA VAL L 494 29.17 -11.64 -37.71
C VAL L 494 29.76 -10.24 -37.48
N ASP L 495 30.04 -9.55 -38.56
CA ASP L 495 30.64 -8.22 -38.48
C ASP L 495 29.49 -7.29 -38.67
N LEU L 496 29.13 -6.61 -37.60
CA LEU L 496 27.94 -5.73 -37.65
C LEU L 496 28.29 -4.29 -37.29
N ALA L 497 29.46 -3.86 -37.73
CA ALA L 497 29.95 -2.49 -37.46
C ALA L 497 28.92 -1.42 -37.75
N TYR L 498 28.30 -1.49 -38.91
CA TYR L 498 27.31 -0.48 -39.33
C TYR L 498 25.83 -0.78 -39.07
N PRO L 499 25.40 -2.04 -39.18
CA PRO L 499 23.97 -2.31 -38.93
C PRO L 499 23.46 -2.04 -37.50
N VAL L 500 24.38 -1.90 -36.54
CA VAL L 500 24.00 -1.56 -35.16
C VAL L 500 23.59 -0.12 -34.94
N PHE L 501 23.69 0.73 -35.93
CA PHE L 501 23.27 2.13 -35.78
C PHE L 501 22.81 2.77 -37.08
N ASN L 502 22.11 3.88 -36.91
CA ASN L 502 21.75 4.75 -38.02
C ASN L 502 21.81 6.17 -37.51
N SER L 503 21.29 7.12 -38.27
CA SER L 503 21.48 8.52 -37.91
C SER L 503 20.70 8.93 -36.69
N ASN L 504 19.73 8.12 -36.29
CA ASN L 504 19.01 8.32 -35.01
C ASN L 504 19.62 7.60 -33.82
N GLY L 505 20.65 6.79 -34.05
CA GLY L 505 21.34 6.10 -32.95
C GLY L 505 21.30 4.62 -33.15
N ALA L 506 21.32 3.88 -32.06
CA ALA L 506 21.35 2.44 -32.11
C ALA L 506 20.07 1.87 -32.71
N THR L 507 20.22 0.73 -33.38
CA THR L 507 19.10 0.03 -34.04
C THR L 507 18.59 -1.19 -33.28
N GLY L 508 19.38 -1.66 -32.34
CA GLY L 508 19.11 -2.90 -31.63
C GLY L 508 19.23 -4.12 -32.53
N PHE L 509 20.06 -4.01 -33.56
CA PHE L 509 20.30 -5.11 -34.51
C PHE L 509 21.06 -6.18 -33.82
N GLY L 510 20.63 -7.42 -34.05
CA GLY L 510 21.36 -8.60 -33.61
C GLY L 510 20.54 -9.63 -32.84
N PRO L 511 19.89 -9.20 -31.76
CA PRO L 511 19.16 -10.17 -30.94
C PRO L 511 18.09 -10.94 -31.69
N ALA L 512 17.29 -10.27 -32.48
CA ALA L 512 16.16 -10.92 -33.20
C ALA L 512 16.70 -11.87 -34.22
N LEU L 513 17.82 -11.49 -34.81
CA LEU L 513 18.55 -12.40 -35.75
C LEU L 513 18.84 -13.71 -35.08
N LEU L 514 19.43 -13.61 -33.91
CA LEU L 514 19.80 -14.80 -33.12
C LEU L 514 18.57 -15.62 -32.72
N THR L 515 17.54 -14.91 -32.30
CA THR L 515 16.29 -15.58 -31.86
C THR L 515 15.75 -16.43 -33.03
N GLU L 516 15.68 -15.83 -34.20
CA GLU L 516 15.19 -16.51 -35.40
C GLU L 516 16.11 -17.66 -35.78
N TYR L 517 17.40 -17.44 -35.68
CA TYR L 517 18.38 -18.52 -35.99
C TYR L 517 18.15 -19.73 -35.03
N PHE L 518 18.03 -19.43 -33.75
CA PHE L 518 17.81 -20.48 -32.73
C PHE L 518 16.50 -21.25 -32.99
N ARG L 519 15.48 -20.52 -33.41
CA ARG L 519 14.16 -21.08 -33.71
C ARG L 519 14.24 -22.22 -34.71
N LYS L 520 15.09 -22.09 -35.72
CA LYS L 520 15.11 -23.07 -36.85
C LYS L 520 16.17 -24.13 -36.69
N LEU L 521 16.84 -24.18 -35.55
CA LEU L 521 17.99 -25.10 -35.42
C LEU L 521 17.58 -26.57 -35.57
N1 EPE M . 9.58 -2.33 -10.69
C2 EPE M . 10.32 -1.62 -9.64
C3 EPE M . 10.49 -0.13 -9.96
N4 EPE M . 11.08 0.10 -11.30
C5 EPE M . 10.26 -0.60 -12.31
C6 EPE M . 10.20 -2.08 -12.01
C7 EPE M . 11.30 1.53 -11.69
C8 EPE M . 11.39 2.58 -10.57
O8 EPE M . 12.61 2.43 -9.84
C9 EPE M . 9.52 -3.79 -10.35
C10 EPE M . 8.31 -4.52 -10.97
S EPE M . 8.45 -6.18 -10.83
O1S EPE M . 8.64 -6.52 -9.40
O2S EPE M . 9.53 -6.73 -11.63
O3S EPE M . 7.29 -6.80 -11.46
S SO4 N . -14.94 -37.37 15.57
O1 SO4 N . -14.61 -36.59 16.80
O2 SO4 N . -15.77 -36.55 14.69
O3 SO4 N . -13.73 -37.79 14.82
O4 SO4 N . -15.67 -38.56 16.04
MN MN O . -37.78 -30.15 -10.00
MN MN P . -34.77 -30.95 -10.72
N2 BES Q . -33.94 -30.17 -9.05
C1 BES Q . -34.69 -29.90 -7.85
C6 BES Q . -33.93 -30.08 -6.53
C7 BES Q . -33.06 -28.95 -5.97
C8 BES Q . -31.79 -28.73 -6.45
C12 BES Q . -33.50 -28.17 -4.90
C9 BES Q . -31.00 -27.73 -5.89
C11 BES Q . -32.71 -27.15 -4.38
C10 BES Q . -31.44 -26.91 -4.87
C2 BES Q . -35.85 -30.89 -7.95
O2 BES Q . -36.17 -31.09 -9.35
C3 BES Q . -37.04 -30.28 -7.32
O3 BES Q . -37.72 -29.61 -8.10
N1 BES Q . -37.23 -30.57 -6.04
C4 BES Q . -38.34 -30.14 -5.22
C13 BES Q . -39.55 -31.08 -5.35
C14 BES Q . -40.87 -30.52 -4.84
C15 BES Q . -41.21 -29.09 -5.29
C16 BES Q . -42.00 -31.41 -5.28
C5 BES Q . -37.94 -30.07 -3.78
O1 BES Q . -37.01 -30.81 -3.43
O4 BES Q . -38.53 -29.30 -2.99
C BCT R . -37.22 -34.67 -8.01
O1 BCT R . -36.70 -34.00 -8.99
O2 BCT R . -37.63 -35.82 -8.09
O3 BCT R . -37.38 -34.17 -6.76
S SO4 S . -42.85 24.84 -2.32
O1 SO4 S . -41.43 24.85 -1.92
O2 SO4 S . -43.10 25.86 -3.35
O3 SO4 S . -43.21 23.53 -2.89
O4 SO4 S . -43.64 25.09 -1.09
MN MN T . -41.16 -7.37 -16.12
MN MN U . -42.06 -4.81 -17.85
N2 BES V . -42.93 -3.73 -16.37
C1 BES V . -42.61 -3.99 -15.00
C6 BES V . -42.60 -2.76 -14.08
C7 BES V . -43.90 -2.33 -13.46
C8 BES V . -44.79 -1.51 -14.15
C12 BES V . -44.21 -2.69 -12.15
C9 BES V . -45.98 -1.11 -13.54
C11 BES V . -45.41 -2.28 -11.54
C10 BES V . -46.30 -1.49 -12.24
C2 BES V . -41.22 -4.63 -15.09
O2 BES V . -41.06 -5.38 -16.31
C3 BES V . -41.03 -5.63 -14.00
O3 BES V . -41.39 -6.78 -14.28
N1 BES V . -40.52 -5.16 -12.87
C4 BES V . -40.30 -5.86 -11.64
C13 BES V . -38.94 -6.56 -11.76
C14 BES V . -38.63 -7.54 -10.65
C15 BES V . -39.75 -8.53 -10.37
C16 BES V . -37.38 -8.32 -11.02
C5 BES V . -40.39 -4.92 -10.45
O1 BES V . -40.69 -5.35 -9.33
O4 BES V . -40.20 -3.69 -10.60
C BCT W . -37.25 -4.14 -15.84
O1 BCT W . -36.11 -4.04 -16.21
O2 BCT W . -37.42 -3.93 -14.61
O3 BCT W . -38.26 -4.44 -16.70
S SO4 X . -84.45 -30.53 9.70
O1 SO4 X . -85.53 -29.54 9.59
O2 SO4 X . -83.33 -30.19 8.81
O3 SO4 X . -84.93 -31.89 9.36
O4 SO4 X . -84.04 -30.59 11.10
MN MN Y . -59.90 -21.85 -13.38
MN MN Z . -61.81 -24.29 -13.96
N2 BES AA . -62.05 -24.76 -11.99
C1 BES AA . -61.84 -23.88 -10.87
C6 BES AA . -62.78 -24.05 -9.66
C7 BES AA . -62.45 -25.11 -8.62
C8 BES AA . -62.82 -26.45 -8.77
C12 BES AA . -61.81 -24.75 -7.44
C9 BES AA . -62.52 -27.40 -7.79
C11 BES AA . -61.51 -25.69 -6.44
C10 BES AA . -61.87 -27.02 -6.62
C2 BES AA . -62.01 -22.54 -11.55
O2 BES AA . -61.68 -22.64 -12.97
C3 BES AA . -61.06 -21.60 -10.89
O3 BES AA . -59.95 -21.51 -11.44
N1 BES AA . -61.58 -20.94 -9.85
C4 BES AA . -60.97 -19.90 -9.05
C13 BES AA . -61.12 -18.52 -9.74
C14 BES AA . -60.12 -17.47 -9.27
C15 BES AA . -58.72 -17.97 -8.91
C16 BES AA . -59.98 -16.37 -10.33
C5 BES AA . -61.61 -19.82 -7.69
O1 BES AA . -62.77 -20.21 -7.55
O4 BES AA . -60.99 -19.39 -6.72
C BCT BA . -64.57 -19.77 -13.51
O1 BCT BA . -65.22 -19.05 -14.36
O2 BCT BA . -63.85 -20.83 -13.81
O3 BCT BA . -64.77 -19.24 -12.44
S SO4 CA . -22.18 13.76 -12.57
O1 SO4 CA . -20.94 14.36 -12.04
O2 SO4 CA . -23.15 14.79 -13.01
O3 SO4 CA . -22.82 13.11 -11.41
O4 SO4 CA . -21.78 12.90 -13.74
MN MN DA . -42.76 0.07 12.31
MN MN EA . -40.14 1.72 13.09
N2 BES FA . -39.02 1.26 11.48
C1 BES FA . -39.65 0.84 10.27
C6 BES FA . -38.87 1.32 9.03
C7 BES FA . -37.79 0.42 8.49
C8 BES FA . -36.45 0.63 8.83
C12 BES FA . -38.07 -0.63 7.64
C9 BES FA . -35.45 -0.20 8.33
C11 BES FA . -37.07 -1.47 7.13
C10 BES FA . -35.75 -1.25 7.49
C2 BES FA . -41.08 1.38 10.38
O2 BES FA . -41.51 1.49 11.74
C3 BES FA . -42.01 0.42 9.70
O3 BES FA . -42.50 -0.42 10.44
N1 BES FA . -42.21 0.65 8.38
C4 BES FA . -43.02 -0.10 7.48
C13 BES FA . -44.45 0.44 7.47
C14 BES FA . -45.56 -0.52 7.02
C15 BES FA . -45.41 -1.99 7.38
C16 BES FA . -46.89 -0.01 7.55
C5 BES FA . -42.48 -0.05 6.08
O1 BES FA . -42.78 -0.98 5.33
O4 BES FA . -41.76 0.87 5.68
C BCT GA . -43.51 4.61 10.27
O1 BCT GA . -44.33 5.63 10.35
O2 BCT GA . -43.50 4.06 9.14
O3 BCT GA . -42.82 4.24 11.25
N1 EPE HA . -31.36 -56.11 1.60
C2 EPE HA . -31.97 -55.24 0.54
C3 EPE HA . -31.97 -55.92 -0.84
N4 EPE HA . -30.62 -56.44 -1.28
C5 EPE HA . -29.68 -56.47 -0.14
C6 EPE HA . -30.38 -57.08 1.07
C7 EPE HA . -30.75 -57.74 -1.99
C8 EPE HA . -29.41 -58.32 -2.47
O8 EPE HA . -29.65 -59.43 -3.32
C9 EPE HA . -30.70 -55.35 2.68
C10 EPE HA . -31.51 -54.19 3.27
S EPE HA . -30.89 -53.81 4.77
O1S EPE HA . -31.29 -52.50 5.27
O2S EPE HA . -29.44 -53.89 4.73
O3S EPE HA . -31.42 -54.78 5.73
MN MN IA . -39.42 -22.78 18.47
MN MN JA . -39.56 -25.42 20.18
N2 BES KA . -40.05 -26.74 18.73
C1 BES KA . -39.72 -26.38 17.36
C6 BES KA . -39.39 -27.60 16.45
C7 BES KA . -40.54 -28.40 15.79
C8 BES KA . -41.22 -29.40 16.48
C12 BES KA . -40.88 -28.17 14.47
C9 BES KA . -42.22 -30.16 15.87
C11 BES KA . -41.91 -28.92 13.86
C10 BES KA . -42.59 -29.91 14.57
C2 BES KA . -38.56 -25.37 17.48
O2 BES KA . -38.65 -24.57 18.71
C3 BES KA . -38.63 -24.40 16.36
O3 BES KA . -39.27 -23.37 16.61
N1 BES KA . -37.97 -24.76 15.27
C4 BES KA . -37.92 -23.98 14.06
C13 BES KA . -36.75 -22.98 14.07
C14 BES KA . -36.90 -21.92 13.00
C15 BES KA . -38.32 -21.40 12.72
C16 BES KA . -36.08 -20.72 13.41
C5 BES KA . -37.79 -24.84 12.83
O1 BES KA . -37.35 -25.99 12.94
O4 BES KA . -38.12 -24.39 11.73
C BCT LA . -34.75 -24.62 18.28
O1 BCT LA . -33.64 -24.39 18.70
O2 BCT LA . -34.83 -24.82 17.03
O3 BCT LA . -35.84 -24.63 19.11
S SO4 MA . -86.91 -13.50 -9.01
O1 SO4 MA . -85.93 -13.43 -7.96
O2 SO4 MA . -86.31 -13.17 -10.32
O3 SO4 MA . -87.46 -14.86 -9.14
O4 SO4 MA . -88.01 -12.56 -8.68
MN MN NA . -61.52 -14.45 15.08
MN MN OA . -64.11 -12.63 15.51
N2 BES PA . -64.45 -12.14 13.56
C1 BES PA . -63.98 -13.01 12.51
C6 BES PA . -64.87 -13.13 11.25
C7 BES PA . -64.80 -12.03 10.20
C8 BES PA . -65.57 -10.88 10.26
C12 BES PA . -64.00 -12.19 9.06
C9 BES PA . -65.53 -9.89 9.26
C11 BES PA . -63.96 -11.21 8.05
C10 BES PA . -64.73 -10.04 8.14
C2 BES PA . -63.80 -14.37 13.21
O2 BES PA . -63.46 -14.25 14.62
C3 BES PA . -62.60 -14.98 12.57
O3 BES PA . -61.54 -14.69 13.13
N1 BES PA . -62.83 -15.76 11.53
C4 BES PA . -61.85 -16.48 10.80
C13 BES PA . -61.70 -17.83 11.49
C14 BES PA . -60.54 -18.67 10.99
C15 BES PA . -59.23 -17.88 10.85
C16 BES PA . -60.36 -19.81 11.94
C5 BES PA . -62.29 -16.71 9.38
O1 BES PA . -63.50 -16.94 9.17
O4 BES PA . -61.43 -16.66 8.50
C BCT QA . -65.31 -17.79 14.80
O1 BCT QA . -65.09 -16.62 15.46
O2 BCT QA . -65.05 -17.98 13.59
O3 BCT QA . -65.80 -18.71 15.41
S SO4 RA . 87.34 25.41 50.56
O1 SO4 RA . 86.59 25.53 51.83
O2 SO4 RA . 88.27 26.57 50.47
O3 SO4 RA . 88.09 24.13 50.61
O4 SO4 RA . 86.47 25.38 49.40
MN MN SA . 60.94 20.61 27.85
MN MN TA . 63.29 22.70 27.25
N2 BES UA . 63.69 23.34 29.13
C1 BES UA . 63.32 22.40 30.19
C6 BES UA . 64.30 22.41 31.39
C7 BES UA . 64.13 23.49 32.43
C8 BES UA . 64.69 24.74 32.25
C12 BES UA . 63.44 23.23 33.61
C9 BES UA . 64.55 25.73 33.21
C11 BES UA . 63.29 24.23 34.58
C10 BES UA . 63.83 25.49 34.39
C2 BES UA . 63.23 21.00 29.54
O2 BES UA . 62.84 21.03 28.12
C3 BES UA . 62.17 20.23 30.26
O3 BES UA . 61.01 20.38 29.80
N1 BES UA . 62.65 19.45 31.25
C4 BES UA . 61.86 18.60 32.10
C13 BES UA . 61.76 17.18 31.54
C14 BES UA . 60.66 16.33 32.15
C15 BES UA . 59.28 16.98 32.31
C16 BES UA . 60.45 15.10 31.32
C5 BES UA . 62.47 18.49 33.45
O1 BES UA . 61.71 18.51 34.42
O4 BES UA . 63.69 18.38 33.58
C BCT VA . 65.09 17.76 27.96
O1 BCT VA . 64.66 18.85 27.28
O2 BCT VA . 65.69 16.82 27.43
O3 BCT VA . 64.84 17.66 29.18
S SO4 WA . 20.16 44.26 57.02
O1 SO4 WA . 21.30 45.07 57.48
O2 SO4 WA . 19.03 45.20 56.72
O3 SO4 WA . 19.67 43.36 58.12
O4 SO4 WA . 20.56 43.38 55.92
MN MN XA . 40.73 32.73 31.37
MN MN YA . 37.89 34.02 30.71
N2 BES ZA . 36.87 33.39 32.36
C1 BES ZA . 37.66 33.13 33.54
C6 BES ZA . 36.91 33.51 34.85
C7 BES ZA . 35.94 32.51 35.44
C8 BES ZA . 34.58 32.52 35.08
C12 BES ZA . 36.36 31.58 36.39
C9 BES ZA . 33.68 31.61 35.65
C11 BES ZA . 35.46 30.67 36.96
C10 BES ZA . 34.11 30.68 36.58
C2 BES ZA . 38.99 33.90 33.35
O2 BES ZA . 39.40 34.08 31.95
C3 BES ZA . 40.03 33.05 34.00
O3 BES ZA . 40.52 32.18 33.27
N1 BES ZA . 40.27 33.38 35.28
C4 BES ZA . 41.21 32.72 36.14
C13 BES ZA . 42.52 33.50 36.10
C14 BES ZA . 43.76 32.74 36.58
C15 BES ZA . 43.92 31.29 36.14
C16 BES ZA . 44.97 33.50 36.10
C5 BES ZA . 40.73 32.63 37.58
O1 BES ZA . 40.92 31.58 38.22
O4 BES ZA . 40.14 33.58 38.10
C BCT AB . 41.00 37.39 33.34
O1 BCT AB . 41.52 38.48 33.24
O2 BCT AB . 41.10 36.77 34.43
O3 BCT AB . 40.32 36.87 32.31
S SO4 BB . 36.31 -22.06 40.36
O1 SO4 BB . 37.51 -21.84 41.15
O2 SO4 BB . 35.94 -20.86 39.60
O3 SO4 BB . 36.63 -23.12 39.37
O4 SO4 BB . 35.24 -22.45 41.28
MN MN CB . 39.94 9.52 25.79
MN MN DB . 40.43 6.86 24.05
N2 BES EB . 41.16 5.66 25.49
C1 BES EB . 40.92 5.94 26.90
C6 BES EB . 40.69 4.73 27.83
C7 BES EB . 41.95 4.07 28.38
C8 BES EB . 42.58 3.04 27.67
C12 BES EB . 42.50 4.45 29.60
C9 BES EB . 43.75 2.43 28.18
C11 BES EB . 43.65 3.84 30.09
C10 BES EB . 44.29 2.83 29.40
C2 BES EB . 39.69 6.79 26.84
O2 BES EB . 39.77 7.60 25.68
C3 BES EB . 39.61 7.77 27.93
O3 BES EB . 40.05 8.89 27.60
N1 BES EB . 39.02 7.38 29.07
C4 BES EB . 38.84 8.17 30.26
C13 BES EB . 37.58 9.03 30.14
C14 BES EB . 37.57 10.27 31.03
C15 BES EB . 38.91 10.97 31.22
C16 BES EB . 36.57 11.28 30.48
C5 BES EB . 38.76 7.27 31.45
O1 BES EB . 38.39 6.10 31.28
O4 BES EB . 39.06 7.68 32.56
C BCT FB . 35.39 7.29 26.12
O1 BCT FB . 36.45 7.41 25.44
O2 BCT FB . 35.31 7.06 27.32
O3 BCT FB . 34.20 7.44 25.62
S SO4 GB . 37.36 54.68 -41.61
O1 SO4 GB . 37.85 55.62 -40.56
O2 SO4 GB . 38.03 55.03 -42.88
O3 SO4 GB . 37.61 53.28 -41.24
O4 SO4 GB . 35.93 54.90 -41.90
MN MN HB . 40.36 22.92 -27.39
MN MN IB . 41.03 25.55 -25.73
N2 BES JB . 41.70 26.73 -27.26
C1 BES JB . 41.22 26.44 -28.60
C6 BES JB . 41.01 27.69 -29.49
C7 BES JB . 42.26 28.28 -30.15
C8 BES JB . 43.07 29.20 -29.49
C12 BES JB . 42.63 27.93 -31.47
C9 BES JB . 44.22 29.76 -30.13
C11 BES JB . 43.77 28.48 -32.09
C10 BES JB . 44.60 29.39 -31.43
C2 BES JB . 39.97 25.57 -28.45
O2 BES JB . 39.96 24.83 -27.16
C3 BES JB . 39.97 24.56 -29.55
O3 BES JB . 40.53 23.49 -29.30
N1 BES JB . 39.27 24.95 -30.63
C4 BES JB . 39.01 24.18 -31.81
C13 BES JB . 37.72 23.37 -31.70
C14 BES JB . 37.51 22.24 -32.73
C15 BES JB . 38.71 21.35 -33.10
C16 BES JB . 36.41 21.34 -32.21
C5 BES JB . 38.94 25.12 -32.98
O1 BES JB . 39.20 24.65 -34.10
O4 BES JB . 38.68 26.32 -32.80
C BCT KB . 36.08 25.51 -27.45
O1 BCT KB . 37.10 25.52 -26.64
O2 BCT KB . 36.18 25.51 -28.70
O3 BCT KB . 34.83 25.53 -27.04
S SO4 LB . 85.01 4.77 -55.16
O1 SO4 LB . 85.80 6.01 -55.25
O2 SO4 LB . 83.95 4.99 -54.17
O3 SO4 LB . 85.90 3.66 -54.77
O4 SO4 LB . 84.40 4.52 -56.49
MN MN MB . 60.62 10.83 -30.83
MN MN NB . 62.87 8.61 -30.34
N2 BES OB . 63.17 8.12 -32.30
C1 BES OB . 62.78 9.01 -33.34
C6 BES OB . 63.63 8.91 -34.63
C7 BES OB . 63.31 7.81 -35.66
C8 BES OB . 63.86 6.52 -35.55
C12 BES OB . 62.50 8.06 -36.77
C9 BES OB . 63.60 5.53 -36.50
C11 BES OB . 62.24 7.06 -37.72
C10 BES OB . 62.79 5.79 -37.60
C2 BES OB . 62.79 10.38 -32.66
O2 BES OB . 62.50 10.31 -31.24
C3 BES OB . 61.71 11.20 -33.32
O3 BES OB . 60.61 11.11 -32.78
N1 BES OB . 62.10 11.91 -34.36
C4 BES OB . 61.29 12.82 -35.15
C13 BES OB . 61.45 14.23 -34.58
C14 BES OB . 60.34 15.19 -35.00
C15 BES OB . 58.92 14.62 -35.10
C16 BES OB . 60.29 16.31 -33.97
C5 BES OB . 61.69 12.89 -36.62
O1 BES OB . 60.87 13.25 -37.46
O4 BES OB . 62.85 12.63 -36.98
C BCT PB . 64.93 13.36 -31.10
O1 BCT PB . 65.62 14.33 -30.66
O2 BCT PB . 64.60 12.27 -30.50
O3 BCT PB . 64.52 13.52 -32.36
N1 EPE QB . 10.06 -7.49 -18.08
C2 EPE QB . 9.12 -6.38 -18.01
C3 EPE QB . 9.69 -5.46 -16.94
N4 EPE QB . 10.11 -6.12 -15.68
C5 EPE QB . 10.63 -7.51 -15.81
C6 EPE QB . 9.95 -8.34 -16.89
C7 EPE QB . 11.11 -5.22 -15.02
C8 EPE QB . 11.51 -5.60 -13.60
O8 EPE QB . 12.82 -6.21 -13.53
C9 EPE QB . 10.13 -8.20 -19.35
C10 EPE QB . 8.82 -8.73 -19.92
S EPE QB . 9.18 -9.67 -21.27
O1S EPE QB . 8.26 -9.31 -22.38
O2S EPE QB . 10.56 -9.47 -21.74
O3S EPE QB . 9.04 -11.10 -20.90
S SO4 RB . 16.40 -10.77 -57.11
O1 SO4 RB . 16.97 -10.04 -55.97
O2 SO4 RB . 16.15 -9.86 -58.26
O3 SO4 RB . 17.31 -11.85 -57.53
O4 SO4 RB . 15.12 -11.39 -56.68
MN MN SB . 39.61 -0.24 -32.91
MN MN TB . 36.76 -1.41 -32.04
N2 BES UB . 35.68 -0.71 -33.61
C1 BES UB . 36.33 -0.45 -34.86
C6 BES UB . 35.46 -0.78 -36.10
C7 BES UB . 34.47 0.24 -36.63
C8 BES UB . 33.15 0.28 -36.18
C12 BES UB . 34.84 1.13 -37.64
C9 BES UB . 32.23 1.18 -36.71
C11 BES UB . 33.92 2.04 -38.15
C10 BES UB . 32.60 2.09 -37.68
C2 BES UB . 37.60 -1.29 -34.80
O2 BES UB . 38.08 -1.37 -33.44
C3 BES UB . 38.71 -0.61 -35.52
O3 BES UB . 39.37 0.18 -34.81
N1 BES UB . 38.85 -0.95 -36.81
C4 BES UB . 39.79 -0.37 -37.75
C13 BES UB . 41.10 -1.18 -37.77
C14 BES UB . 42.31 -0.37 -38.24
C15 BES UB . 42.39 1.09 -37.76
C16 BES UB . 43.55 -1.11 -37.83
C5 BES UB . 39.24 -0.32 -39.14
O1 BES UB . 38.56 -1.25 -39.59
O4 BES UB . 39.51 0.68 -39.82
C BCT VB . 39.50 -4.88 -34.86
O1 BCT VB . 39.41 -4.38 -36.10
O2 BCT VB . 40.13 -5.94 -34.81
O3 BCT VB . 39.00 -4.29 -33.83
#